data_2JXM
#
_entry.id   2JXM
#
_cell.length_a   1.000
_cell.length_b   1.000
_cell.length_c   1.000
_cell.angle_alpha   90.00
_cell.angle_beta   90.00
_cell.angle_gamma   90.00
#
_symmetry.space_group_name_H-M   'P 1'
#
loop_
_entity.id
_entity.type
_entity.pdbx_description
1 polymer Plastocyanin
2 polymer 'Cytochrome f'
3 non-polymer 'COPPER (II) ION'
4 non-polymer 'HEME C'
#
loop_
_entity_poly.entity_id
_entity_poly.type
_entity_poly.pdbx_seq_one_letter_code
_entity_poly.pdbx_strand_id
1 'polypeptide(L)'
;ASVQIKMGTDKYAPLYEPKALSISAGDTVEFVMNKVGPHNVIFDKVPAGESAPALSNTKLAIAPGSFYSVTLGTPGTYSF
YCTPHRGAGMVGTITVE
;
A
2 'polypeptide(L)'
;YPFYAQYNYDSPREATGKIVCANCHLAKKTVEIEVPQAVLPDTVFKAVVKVPYDLDIQQVQADGSPSGLNVGAVLMLPEG
FKLAPPERVDEELMEEVGDFYYLVTPYSETDENILLAGPLPGEDYQEMIFPILSPNPATDAGVYFGKYSIHLGGNRGRGQ
VYPTGELSNNNAFSASIAGTIAAIEDNGFGFDVTIQPEDGDAVVTSILPGPELIVAVGDTVEAGQLLTTNPNVGGFGQMD
SEIVLQSSS
;
B
#
loop_
_chem_comp.id
_chem_comp.type
_chem_comp.name
_chem_comp.formula
CU non-polymer 'COPPER (II) ION' 'Cu 2'
HEC non-polymer 'HEME C' 'C34 H34 Fe N4 O4'
#
# COMPACT_ATOMS: atom_id res chain seq x y z
N ALA A 1 -7.56 -18.78 -26.98
CA ALA A 1 -7.05 -17.58 -27.64
C ALA A 1 -6.36 -16.69 -26.59
N SER A 2 -5.54 -15.78 -27.10
CA SER A 2 -4.81 -14.87 -26.22
C SER A 2 -5.80 -14.09 -25.35
N VAL A 3 -5.55 -14.15 -24.05
CA VAL A 3 -6.40 -13.45 -23.09
C VAL A 3 -5.55 -12.48 -22.27
N GLN A 4 -6.22 -11.73 -21.41
CA GLN A 4 -5.55 -10.77 -20.57
C GLN A 4 -6.19 -10.74 -19.17
N ILE A 5 -5.38 -10.41 -18.18
CA ILE A 5 -5.85 -10.34 -16.82
C ILE A 5 -5.75 -8.90 -16.32
N LYS A 6 -6.91 -8.30 -16.11
CA LYS A 6 -6.96 -6.92 -15.63
C LYS A 6 -7.04 -6.92 -14.10
N MET A 7 -6.22 -6.07 -13.50
CA MET A 7 -6.19 -5.96 -12.05
C MET A 7 -6.87 -4.67 -11.59
N GLY A 8 -8.12 -4.81 -11.21
CA GLY A 8 -8.90 -3.67 -10.74
C GLY A 8 -10.10 -3.41 -11.65
N THR A 9 -11.19 -2.98 -11.03
CA THR A 9 -12.41 -2.70 -11.76
C THR A 9 -12.65 -1.19 -11.83
N ASP A 10 -13.48 -0.80 -12.79
CA ASP A 10 -13.81 0.60 -12.96
C ASP A 10 -14.45 1.14 -11.69
N LYS A 11 -14.88 0.22 -10.85
CA LYS A 11 -15.52 0.58 -9.59
C LYS A 11 -14.45 0.69 -8.50
N TYR A 12 -13.31 1.25 -8.88
CA TYR A 12 -12.21 1.41 -7.96
C TYR A 12 -12.09 0.21 -7.02
N ALA A 13 -12.50 -0.94 -7.53
CA ALA A 13 -12.45 -2.16 -6.75
C ALA A 13 -11.29 -3.03 -7.24
N PRO A 14 -10.33 -3.27 -6.32
CA PRO A 14 -9.16 -4.08 -6.64
C PRO A 14 -9.51 -5.56 -6.71
N LEU A 15 -9.75 -6.03 -7.93
CA LEU A 15 -10.09 -7.42 -8.13
C LEU A 15 -9.61 -7.87 -9.51
N TYR A 16 -9.31 -9.15 -9.61
CA TYR A 16 -8.83 -9.72 -10.87
C TYR A 16 -9.99 -9.91 -11.86
N GLU A 17 -9.81 -9.35 -13.04
CA GLU A 17 -10.83 -9.46 -14.08
C GLU A 17 -10.20 -9.91 -15.40
N PRO A 18 -10.87 -10.89 -16.05
CA PRO A 18 -12.10 -11.44 -15.51
C PRO A 18 -11.81 -12.38 -14.34
N LYS A 19 -12.67 -12.31 -13.33
CA LYS A 19 -12.52 -13.14 -12.16
C LYS A 19 -12.10 -14.54 -12.58
N ALA A 20 -12.69 -15.00 -13.67
CA ALA A 20 -12.38 -16.33 -14.19
C ALA A 20 -11.85 -16.19 -15.62
N LEU A 21 -10.93 -17.08 -15.96
CA LEU A 21 -10.32 -17.08 -17.28
C LEU A 21 -10.08 -18.52 -17.73
N SER A 22 -10.32 -18.75 -19.01
CA SER A 22 -10.14 -20.07 -19.58
C SER A 22 -9.28 -19.99 -20.85
N ILE A 23 -8.45 -20.99 -21.04
CA ILE A 23 -7.58 -21.05 -22.19
C ILE A 23 -7.22 -22.50 -22.50
N SER A 24 -6.39 -22.67 -23.51
CA SER A 24 -5.96 -24.00 -23.91
C SER A 24 -4.43 -24.12 -23.81
N ALA A 25 -3.97 -25.36 -23.70
CA ALA A 25 -2.54 -25.61 -23.60
C ALA A 25 -1.83 -25.03 -24.82
N GLY A 26 -1.15 -23.91 -24.59
CA GLY A 26 -0.42 -23.24 -25.65
C GLY A 26 -0.87 -21.79 -25.79
N ASP A 27 -1.91 -21.44 -25.05
CA ASP A 27 -2.43 -20.09 -25.07
C ASP A 27 -1.60 -19.21 -24.15
N THR A 28 -1.91 -17.92 -24.17
CA THR A 28 -1.19 -16.95 -23.35
C THR A 28 -2.17 -16.19 -22.45
N VAL A 29 -1.65 -15.71 -21.34
CA VAL A 29 -2.47 -14.96 -20.40
C VAL A 29 -1.74 -13.67 -20.01
N GLU A 30 -2.18 -12.57 -20.61
CA GLU A 30 -1.59 -11.28 -20.33
C GLU A 30 -2.09 -10.72 -19.00
N PHE A 31 -1.46 -9.65 -18.56
CA PHE A 31 -1.83 -9.03 -17.30
C PHE A 31 -1.60 -7.50 -17.36
N VAL A 32 -2.68 -6.77 -17.15
CA VAL A 32 -2.61 -5.32 -17.18
C VAL A 32 -3.16 -4.76 -15.86
N MET A 33 -2.71 -3.57 -15.53
CA MET A 33 -3.15 -2.91 -14.31
C MET A 33 -4.27 -1.91 -14.59
N ASN A 34 -5.42 -2.17 -13.98
CA ASN A 34 -6.58 -1.30 -14.16
C ASN A 34 -6.41 -0.06 -13.27
N LYS A 35 -6.44 -0.29 -11.97
CA LYS A 35 -6.30 0.79 -11.01
C LYS A 35 -6.10 0.20 -9.62
N VAL A 36 -6.22 1.08 -8.62
CA VAL A 36 -6.04 0.66 -7.24
C VAL A 36 -4.79 -0.21 -7.12
N GLY A 37 -3.68 0.34 -7.59
CA GLY A 37 -2.42 -0.38 -7.54
C GLY A 37 -1.64 -0.04 -6.27
N PRO A 38 -0.38 -0.53 -6.22
CA PRO A 38 0.16 -1.33 -7.31
C PRO A 38 -0.43 -2.74 -7.31
N HIS A 39 0.17 -3.60 -8.13
CA HIS A 39 -0.29 -4.97 -8.23
C HIS A 39 0.91 -5.89 -8.44
N ASN A 40 0.61 -7.14 -8.74
CA ASN A 40 1.65 -8.13 -8.96
C ASN A 40 1.01 -9.52 -9.15
N VAL A 41 1.82 -10.45 -9.63
CA VAL A 41 1.34 -11.80 -9.85
C VAL A 41 1.87 -12.72 -8.74
N ILE A 42 0.93 -13.22 -7.94
CA ILE A 42 1.28 -14.10 -6.84
C ILE A 42 0.37 -15.32 -6.86
N PHE A 43 0.65 -16.22 -7.79
CA PHE A 43 -0.14 -17.43 -7.94
C PHE A 43 -0.35 -18.11 -6.57
N ASP A 44 -1.36 -18.97 -6.53
CA ASP A 44 -1.67 -19.68 -5.30
C ASP A 44 -1.03 -21.07 -5.35
N LYS A 45 -1.27 -21.75 -6.46
CA LYS A 45 -0.72 -23.09 -6.64
C LYS A 45 -1.41 -23.76 -7.83
N VAL A 46 -0.62 -24.53 -8.57
CA VAL A 46 -1.13 -25.23 -9.74
C VAL A 46 -0.76 -26.71 -9.65
N PRO A 47 -1.55 -27.54 -10.39
CA PRO A 47 -1.31 -28.97 -10.40
C PRO A 47 -0.08 -29.33 -11.24
N ALA A 48 0.40 -30.55 -11.03
CA ALA A 48 1.57 -31.02 -11.76
C ALA A 48 1.48 -30.54 -13.21
N GLY A 49 2.61 -30.05 -13.71
CA GLY A 49 2.68 -29.55 -15.07
C GLY A 49 3.39 -28.20 -15.13
N GLU A 50 2.85 -27.26 -14.37
CA GLU A 50 3.42 -25.92 -14.34
C GLU A 50 4.06 -25.66 -12.96
N SER A 51 4.48 -24.42 -12.77
CA SER A 51 5.10 -24.02 -11.51
C SER A 51 4.50 -22.70 -11.03
N ALA A 52 3.31 -22.80 -10.46
CA ALA A 52 2.61 -21.63 -9.95
C ALA A 52 3.54 -20.88 -8.99
N PRO A 53 4.09 -21.63 -8.01
CA PRO A 53 4.99 -21.05 -7.03
C PRO A 53 6.37 -20.78 -7.65
N ALA A 54 6.35 -20.10 -8.79
CA ALA A 54 7.58 -19.77 -9.48
C ALA A 54 7.35 -18.57 -10.40
N LEU A 55 6.23 -18.63 -11.12
CA LEU A 55 5.87 -17.55 -12.03
C LEU A 55 5.57 -16.29 -11.23
N SER A 56 5.13 -16.50 -9.99
CA SER A 56 4.80 -15.39 -9.12
C SER A 56 5.91 -14.34 -9.16
N ASN A 57 5.55 -13.17 -9.67
CA ASN A 57 6.51 -12.08 -9.77
C ASN A 57 6.16 -11.00 -8.74
N THR A 58 7.10 -10.79 -7.82
CA THR A 58 6.91 -9.80 -6.77
C THR A 58 7.43 -8.44 -7.23
N LYS A 59 7.51 -8.28 -8.54
CA LYS A 59 7.98 -7.04 -9.12
C LYS A 59 6.80 -6.06 -9.24
N LEU A 60 6.27 -5.68 -8.10
CA LEU A 60 5.15 -4.76 -8.06
C LEU A 60 5.37 -3.66 -9.11
N ALA A 61 4.66 -3.81 -10.23
CA ALA A 61 4.76 -2.83 -11.31
C ALA A 61 3.94 -1.60 -10.96
N ILE A 62 4.63 -0.58 -10.46
CA ILE A 62 3.98 0.66 -10.09
C ILE A 62 3.49 1.37 -11.34
N ALA A 63 4.37 1.43 -12.34
CA ALA A 63 4.04 2.08 -13.59
C ALA A 63 2.86 1.35 -14.25
N PRO A 64 1.70 2.04 -14.29
CA PRO A 64 0.51 1.46 -14.89
C PRO A 64 0.60 1.46 -16.42
N GLY A 65 0.15 0.36 -17.00
CA GLY A 65 0.18 0.21 -18.45
C GLY A 65 -0.14 -1.22 -18.86
N SER A 66 0.78 -2.12 -18.53
CA SER A 66 0.61 -3.52 -18.86
C SER A 66 1.80 -4.33 -18.34
N PHE A 67 1.61 -4.93 -17.17
CA PHE A 67 2.65 -5.73 -16.55
C PHE A 67 3.42 -6.53 -17.60
N TYR A 68 2.89 -7.70 -17.91
CA TYR A 68 3.52 -8.57 -18.89
C TYR A 68 2.63 -9.76 -19.23
N SER A 69 3.08 -10.54 -20.19
CA SER A 69 2.32 -11.72 -20.61
C SER A 69 3.16 -12.98 -20.40
N VAL A 70 2.47 -14.12 -20.37
CA VAL A 70 3.13 -15.39 -20.17
C VAL A 70 2.29 -16.50 -20.80
N THR A 71 2.97 -17.42 -21.47
CA THR A 71 2.30 -18.53 -22.13
C THR A 71 2.28 -19.75 -21.21
N LEU A 72 1.21 -20.52 -21.32
CA LEU A 72 1.06 -21.72 -20.51
C LEU A 72 0.84 -22.92 -21.43
N GLY A 73 0.83 -24.09 -20.82
CA GLY A 73 0.63 -25.32 -21.56
C GLY A 73 0.01 -26.41 -20.68
N THR A 74 0.54 -26.51 -19.46
CA THR A 74 0.05 -27.50 -18.52
C THR A 74 -1.47 -27.37 -18.35
N PRO A 75 -2.18 -28.50 -18.60
CA PRO A 75 -3.61 -28.52 -18.47
C PRO A 75 -4.05 -28.53 -17.00
N GLY A 76 -5.11 -27.80 -16.72
CA GLY A 76 -5.63 -27.72 -15.36
C GLY A 76 -6.11 -26.30 -15.04
N THR A 77 -6.57 -26.14 -13.81
CA THR A 77 -7.06 -24.84 -13.37
C THR A 77 -6.03 -24.18 -12.44
N TYR A 78 -5.57 -23.01 -12.86
CA TYR A 78 -4.59 -22.27 -12.08
C TYR A 78 -5.28 -21.20 -11.21
N SER A 79 -4.77 -21.06 -9.99
CA SER A 79 -5.32 -20.09 -9.07
C SER A 79 -4.22 -19.13 -8.60
N PHE A 80 -4.61 -17.88 -8.40
CA PHE A 80 -3.67 -16.87 -7.95
C PHE A 80 -4.36 -15.85 -7.03
N TYR A 81 -3.62 -14.80 -6.71
CA TYR A 81 -4.15 -13.76 -5.85
C TYR A 81 -3.20 -12.55 -5.80
N CYS A 82 -3.72 -11.45 -5.29
CA CYS A 82 -2.93 -10.23 -5.18
C CYS A 82 -2.30 -10.19 -3.79
N THR A 83 -0.98 -10.10 -3.78
CA THR A 83 -0.24 -10.06 -2.53
C THR A 83 -0.82 -8.97 -1.61
N PRO A 84 -0.95 -7.76 -2.19
CA PRO A 84 -1.49 -6.62 -1.44
C PRO A 84 -3.00 -6.75 -1.26
N HIS A 85 -3.70 -6.74 -2.39
CA HIS A 85 -5.15 -6.85 -2.37
C HIS A 85 -5.55 -8.30 -2.06
N ARG A 86 -5.08 -8.78 -0.93
CA ARG A 86 -5.38 -10.14 -0.50
C ARG A 86 -6.68 -10.18 0.28
N GLY A 87 -6.88 -9.15 1.10
CA GLY A 87 -8.09 -9.06 1.91
C GLY A 87 -9.19 -8.32 1.15
N ALA A 88 -8.78 -7.50 0.20
CA ALA A 88 -9.72 -6.74 -0.60
C ALA A 88 -10.56 -7.70 -1.45
N GLY A 89 -10.09 -8.93 -1.54
CA GLY A 89 -10.79 -9.95 -2.30
C GLY A 89 -10.46 -9.83 -3.79
N MET A 90 -9.18 -10.03 -4.10
CA MET A 90 -8.73 -9.95 -5.48
C MET A 90 -8.08 -11.27 -5.92
N VAL A 91 -8.93 -12.25 -6.17
CA VAL A 91 -8.46 -13.56 -6.59
C VAL A 91 -9.13 -13.94 -7.91
N GLY A 92 -8.44 -14.77 -8.68
CA GLY A 92 -8.96 -15.21 -9.96
C GLY A 92 -8.50 -16.64 -10.26
N THR A 93 -8.84 -17.09 -11.48
CA THR A 93 -8.47 -18.43 -11.90
C THR A 93 -8.14 -18.43 -13.39
N ILE A 94 -7.45 -19.49 -13.80
CA ILE A 94 -7.05 -19.62 -15.19
C ILE A 94 -7.05 -21.10 -15.57
N THR A 95 -7.83 -21.42 -16.59
CA THR A 95 -7.94 -22.79 -17.07
C THR A 95 -7.16 -22.96 -18.38
N VAL A 96 -6.57 -24.13 -18.52
CA VAL A 96 -5.79 -24.44 -19.72
C VAL A 96 -6.28 -25.77 -20.31
N GLU A 97 -7.45 -25.72 -20.92
CA GLU A 97 -8.03 -26.91 -21.52
C GLU A 97 -7.54 -27.07 -22.96
N TYR B 1 -2.66 0.48 1.80
CA TYR B 1 -2.75 1.42 0.66
C TYR B 1 -3.79 2.46 0.93
N PRO B 2 -3.77 3.55 0.23
CA PRO B 2 -4.76 4.56 0.46
C PRO B 2 -6.11 4.02 0.15
N PHE B 3 -6.17 3.06 -0.78
CA PHE B 3 -7.39 2.45 -1.23
C PHE B 3 -8.03 1.77 -0.05
N TYR B 4 -7.21 1.10 0.77
CA TYR B 4 -7.68 0.37 1.92
C TYR B 4 -8.27 1.33 2.91
N ALA B 5 -7.69 2.54 3.06
CA ALA B 5 -8.27 3.50 3.97
C ALA B 5 -9.64 3.85 3.48
N GLN B 6 -9.81 4.06 2.16
CA GLN B 6 -11.09 4.47 1.65
C GLN B 6 -12.14 3.44 1.95
N TYR B 7 -11.84 2.14 1.76
CA TYR B 7 -12.86 1.16 2.04
C TYR B 7 -13.20 1.09 3.49
N ASN B 8 -12.20 1.14 4.37
CA ASN B 8 -12.42 0.99 5.78
C ASN B 8 -13.03 2.19 6.45
N TYR B 9 -12.59 3.43 6.10
CA TYR B 9 -13.08 4.53 6.90
C TYR B 9 -13.62 5.63 6.03
N ASP B 10 -14.84 6.09 6.36
CA ASP B 10 -15.41 7.16 5.60
C ASP B 10 -14.59 8.39 5.88
N SER B 11 -14.20 8.61 7.16
CA SER B 11 -13.41 9.75 7.51
C SER B 11 -12.03 9.27 7.89
N PRO B 12 -11.05 9.76 7.18
CA PRO B 12 -9.67 9.40 7.37
C PRO B 12 -9.04 9.96 8.61
N ARG B 13 -9.66 10.97 9.26
CA ARG B 13 -9.06 11.57 10.41
C ARG B 13 -9.97 11.33 11.57
N GLU B 14 -9.41 10.73 12.64
CA GLU B 14 -10.16 10.41 13.83
C GLU B 14 -10.30 11.68 14.63
N ALA B 15 -11.22 11.66 15.62
CA ALA B 15 -11.51 12.81 16.42
C ALA B 15 -10.26 13.23 17.12
N THR B 16 -9.45 12.24 17.53
CA THR B 16 -8.22 12.48 18.22
C THR B 16 -7.32 13.23 17.29
N GLY B 17 -7.49 13.01 15.97
CA GLY B 17 -6.64 13.66 15.02
C GLY B 17 -5.75 12.62 14.44
N LYS B 18 -5.87 11.38 14.94
CA LYS B 18 -5.07 10.33 14.40
C LYS B 18 -5.62 9.98 13.04
N ILE B 19 -4.72 9.77 12.07
CA ILE B 19 -5.06 9.42 10.72
C ILE B 19 -5.12 7.93 10.65
N VAL B 20 -6.12 7.40 9.92
CA VAL B 20 -6.51 6.01 9.86
C VAL B 20 -5.41 5.10 9.39
N CYS B 21 -4.45 5.60 8.60
CA CYS B 21 -3.42 4.74 8.07
C CYS B 21 -2.71 4.08 9.22
N ALA B 22 -2.71 4.74 10.39
CA ALA B 22 -2.03 4.30 11.57
C ALA B 22 -2.55 2.97 12.01
N ASN B 23 -3.83 2.65 11.72
CA ASN B 23 -4.36 1.41 12.19
C ASN B 23 -3.54 0.26 11.63
N CYS B 24 -3.22 0.31 10.32
CA CYS B 24 -2.41 -0.69 9.64
C CYS B 24 -0.92 -0.52 9.76
N HIS B 25 -0.43 0.74 9.62
CA HIS B 25 0.99 0.99 9.60
C HIS B 25 1.35 1.45 10.96
N LEU B 26 1.84 0.49 11.75
CA LEU B 26 2.09 0.60 13.16
C LEU B 26 3.23 1.52 13.56
N ALA B 27 4.33 1.59 12.78
CA ALA B 27 5.48 2.34 13.22
C ALA B 27 5.37 3.79 12.86
N LYS B 28 6.02 4.66 13.67
CA LYS B 28 5.96 6.07 13.43
C LYS B 28 7.23 6.51 12.76
N LYS B 29 7.09 7.36 11.72
CA LYS B 29 8.19 7.95 11.00
C LYS B 29 7.75 9.34 10.67
N THR B 30 8.71 10.21 10.30
CA THR B 30 8.40 11.60 10.10
C THR B 30 7.65 11.86 8.84
N VAL B 31 6.89 12.98 8.84
CA VAL B 31 6.21 13.43 7.65
C VAL B 31 6.43 14.92 7.62
N GLU B 32 6.69 15.48 6.41
CA GLU B 32 6.90 16.90 6.35
C GLU B 32 6.02 17.50 5.30
N ILE B 33 5.52 18.72 5.56
CA ILE B 33 4.71 19.40 4.59
C ILE B 33 5.02 20.87 4.64
N GLU B 34 5.17 21.52 3.47
CA GLU B 34 5.40 22.94 3.46
C GLU B 34 4.43 23.59 2.52
N VAL B 35 3.85 24.72 2.95
CA VAL B 35 2.91 25.46 2.15
C VAL B 35 3.16 26.92 2.44
N PRO B 36 2.62 27.78 1.62
CA PRO B 36 2.82 29.19 1.81
C PRO B 36 2.10 29.68 3.04
N GLN B 37 2.53 30.83 3.57
CA GLN B 37 1.95 31.40 4.75
C GLN B 37 0.51 31.72 4.45
N ALA B 38 0.24 32.34 3.29
CA ALA B 38 -1.09 32.72 2.98
C ALA B 38 -1.30 32.60 1.50
N VAL B 39 -2.57 32.50 1.08
CA VAL B 39 -2.88 32.41 -0.33
C VAL B 39 -4.12 33.21 -0.62
N LEU B 40 -4.21 33.76 -1.85
CA LEU B 40 -5.33 34.56 -2.27
C LEU B 40 -6.43 33.62 -2.71
N PRO B 41 -7.66 34.07 -2.72
CA PRO B 41 -8.81 33.22 -2.98
C PRO B 41 -8.73 32.19 -4.05
N ASP B 42 -9.19 32.38 -5.28
CA ASP B 42 -9.12 31.26 -6.18
C ASP B 42 -7.77 31.27 -6.81
N THR B 43 -6.76 30.77 -6.05
CA THR B 43 -5.41 30.79 -6.54
C THR B 43 -4.80 29.43 -6.35
N VAL B 44 -3.72 29.13 -7.10
CA VAL B 44 -3.10 27.85 -7.00
C VAL B 44 -1.78 28.01 -6.30
N PHE B 45 -1.45 27.08 -5.38
CA PHE B 45 -0.22 27.14 -4.66
C PHE B 45 0.29 25.74 -4.50
N LYS B 46 1.57 25.58 -4.09
CA LYS B 46 2.12 24.25 -3.99
C LYS B 46 2.23 23.82 -2.57
N ALA B 47 1.91 22.53 -2.32
CA ALA B 47 2.07 21.92 -1.04
C ALA B 47 3.13 20.88 -1.27
N VAL B 48 4.25 20.98 -0.52
CA VAL B 48 5.35 20.08 -0.72
C VAL B 48 5.35 19.05 0.37
N VAL B 49 5.39 17.76 -0.02
CA VAL B 49 5.33 16.68 0.93
C VAL B 49 6.59 15.86 0.82
N LYS B 50 7.17 15.45 1.98
CA LYS B 50 8.34 14.62 1.97
C LYS B 50 8.15 13.53 2.99
N VAL B 51 8.63 12.30 2.68
CA VAL B 51 8.50 11.18 3.57
C VAL B 51 9.85 10.50 3.68
N PRO B 52 10.64 10.91 4.62
CA PRO B 52 11.99 10.40 4.71
C PRO B 52 12.20 9.02 5.22
N TYR B 53 13.18 8.31 4.61
CA TYR B 53 13.64 7.03 5.08
C TYR B 53 14.98 6.82 4.46
N ASP B 54 15.77 5.86 5.00
CA ASP B 54 17.07 5.63 4.45
C ASP B 54 16.89 4.77 3.22
N LEU B 55 17.28 5.31 2.06
CA LEU B 55 17.14 4.65 0.79
C LEU B 55 17.97 3.41 0.76
N ASP B 56 19.06 3.38 1.54
CA ASP B 56 19.93 2.23 1.57
C ASP B 56 19.25 1.02 2.16
N ILE B 57 18.23 1.19 3.04
CA ILE B 57 17.68 0.04 3.69
C ILE B 57 16.51 -0.52 2.94
N GLN B 58 16.51 -1.86 2.75
CA GLN B 58 15.50 -2.59 2.04
C GLN B 58 14.49 -3.13 3.00
N GLN B 59 13.29 -3.45 2.48
CA GLN B 59 12.16 -3.90 3.24
C GLN B 59 11.78 -5.28 2.80
N VAL B 60 11.08 -6.03 3.69
CA VAL B 60 10.62 -7.34 3.37
C VAL B 60 9.43 -7.15 2.47
N GLN B 61 9.40 -7.88 1.34
CA GLN B 61 8.31 -7.76 0.41
C GLN B 61 7.38 -8.93 0.59
N ALA B 62 6.32 -8.99 -0.24
CA ALA B 62 5.30 -9.98 -0.10
C ALA B 62 5.88 -11.37 -0.20
N ASP B 63 6.84 -11.59 -1.11
CA ASP B 63 7.42 -12.90 -1.29
C ASP B 63 8.35 -13.25 -0.16
N GLY B 64 8.79 -12.26 0.63
CA GLY B 64 9.68 -12.50 1.74
C GLY B 64 11.04 -11.98 1.42
N SER B 65 11.30 -11.66 0.13
CA SER B 65 12.58 -11.14 -0.30
C SER B 65 12.66 -9.66 -0.04
N PRO B 66 13.88 -9.17 -0.03
CA PRO B 66 14.08 -7.74 0.15
C PRO B 66 13.84 -6.92 -1.09
N SER B 67 13.34 -5.68 -0.94
CA SER B 67 13.11 -4.83 -2.08
C SER B 67 12.96 -3.41 -1.60
N GLY B 68 12.65 -2.48 -2.53
CA GLY B 68 12.54 -1.07 -2.23
C GLY B 68 11.23 -0.78 -1.57
N LEU B 69 11.07 0.46 -1.07
CA LEU B 69 9.88 0.88 -0.39
C LEU B 69 9.09 1.77 -1.29
N ASN B 70 7.76 1.80 -1.07
CA ASN B 70 6.85 2.64 -1.82
C ASN B 70 6.30 3.61 -0.82
N VAL B 71 5.84 4.78 -1.29
CA VAL B 71 5.36 5.79 -0.38
C VAL B 71 3.99 6.23 -0.81
N GLY B 72 3.25 6.89 0.10
CA GLY B 72 1.93 7.36 -0.21
C GLY B 72 1.53 8.30 0.87
N ALA B 73 0.43 9.07 0.66
CA ALA B 73 0.05 9.99 1.69
C ALA B 73 -1.38 10.41 1.50
N VAL B 74 -1.95 11.00 2.57
CA VAL B 74 -3.26 11.58 2.53
C VAL B 74 -3.04 13.00 2.95
N LEU B 75 -3.51 13.97 2.13
CA LEU B 75 -3.33 15.35 2.47
C LEU B 75 -4.68 15.94 2.68
N MET B 76 -4.99 16.38 3.92
CA MET B 76 -6.31 16.89 4.16
C MET B 76 -6.26 18.38 4.16
N LEU B 77 -6.92 18.97 3.15
CA LEU B 77 -6.98 20.40 3.00
C LEU B 77 -8.26 20.88 3.60
N PRO B 78 -8.35 22.17 3.78
CA PRO B 78 -9.53 22.76 4.36
C PRO B 78 -10.67 22.69 3.41
N GLU B 79 -11.91 22.92 3.91
CA GLU B 79 -13.08 22.85 3.07
C GLU B 79 -12.91 23.81 1.94
N GLY B 80 -13.33 23.37 0.74
CA GLY B 80 -13.35 24.20 -0.43
C GLY B 80 -12.07 24.08 -1.21
N PHE B 81 -10.99 23.60 -0.57
CA PHE B 81 -9.73 23.45 -1.26
C PHE B 81 -9.77 22.18 -2.06
N LYS B 82 -9.13 22.19 -3.25
CA LYS B 82 -9.09 21.01 -4.06
C LYS B 82 -7.80 21.01 -4.83
N LEU B 83 -7.47 19.86 -5.47
CA LEU B 83 -6.29 19.80 -6.28
C LEU B 83 -6.60 20.69 -7.44
N ALA B 84 -5.59 21.42 -7.97
CA ALA B 84 -5.86 22.37 -9.02
C ALA B 84 -6.03 21.67 -10.32
N PRO B 85 -6.93 22.18 -11.13
CA PRO B 85 -7.13 21.65 -12.45
C PRO B 85 -5.97 22.10 -13.29
N PRO B 86 -5.64 21.33 -14.28
CA PRO B 86 -4.49 21.62 -15.11
C PRO B 86 -4.56 22.99 -15.69
N GLU B 87 -5.76 23.45 -16.08
CA GLU B 87 -5.95 24.70 -16.77
C GLU B 87 -5.55 25.81 -15.87
N ARG B 88 -5.81 25.63 -14.57
CA ARG B 88 -5.56 26.59 -13.53
C ARG B 88 -4.10 26.74 -13.20
N VAL B 89 -3.25 25.74 -13.45
CA VAL B 89 -1.87 25.86 -13.04
C VAL B 89 -1.13 26.81 -13.92
N ASP B 90 -0.45 27.81 -13.31
CA ASP B 90 0.24 28.77 -14.11
C ASP B 90 1.46 28.15 -14.73
N GLU B 91 1.99 28.82 -15.78
CA GLU B 91 3.00 28.28 -16.65
C GLU B 91 4.28 27.94 -15.96
N GLU B 92 4.83 28.82 -15.11
CA GLU B 92 6.11 28.52 -14.54
C GLU B 92 6.00 27.28 -13.71
N LEU B 93 4.88 27.15 -12.99
CA LEU B 93 4.60 26.12 -12.03
C LEU B 93 4.37 24.74 -12.57
N MET B 94 3.83 24.58 -13.79
CA MET B 94 3.37 23.29 -14.24
C MET B 94 4.44 22.25 -14.16
N GLU B 95 5.68 22.57 -14.54
CA GLU B 95 6.72 21.59 -14.49
C GLU B 95 7.08 21.22 -13.07
N GLU B 96 6.96 22.19 -12.14
CA GLU B 96 7.33 22.08 -10.75
C GLU B 96 6.45 21.14 -9.98
N VAL B 97 5.20 20.93 -10.42
CA VAL B 97 4.28 20.17 -9.64
C VAL B 97 4.17 18.77 -10.16
N GLY B 98 3.71 17.84 -9.31
CA GLY B 98 3.57 16.48 -9.73
C GLY B 98 2.59 16.52 -10.83
N ASP B 99 2.58 15.46 -11.69
CA ASP B 99 1.62 15.39 -12.75
C ASP B 99 0.34 15.53 -12.03
N PHE B 100 -0.24 16.72 -12.23
CA PHE B 100 -1.34 17.17 -11.44
C PHE B 100 -2.42 16.19 -11.53
N TYR B 101 -2.80 15.79 -12.74
CA TYR B 101 -3.93 14.95 -12.65
C TYR B 101 -3.67 13.61 -12.07
N TYR B 102 -2.72 12.91 -12.70
CA TYR B 102 -2.53 11.49 -12.52
C TYR B 102 -2.22 11.08 -11.13
N LEU B 103 -1.29 11.76 -10.46
CA LEU B 103 -0.88 11.32 -9.15
C LEU B 103 -1.97 11.43 -8.12
N VAL B 104 -2.86 12.44 -8.25
CA VAL B 104 -3.80 12.75 -7.19
C VAL B 104 -5.18 12.20 -7.38
N THR B 105 -5.72 11.58 -6.30
CA THR B 105 -7.05 11.04 -6.31
C THR B 105 -7.81 11.56 -5.12
N PRO B 106 -9.06 11.91 -5.31
CA PRO B 106 -9.86 12.39 -4.21
C PRO B 106 -10.26 11.25 -3.33
N TYR B 107 -10.46 11.52 -2.03
CA TYR B 107 -10.80 10.50 -1.08
C TYR B 107 -12.15 9.95 -1.44
N SER B 108 -13.08 10.86 -1.80
CA SER B 108 -14.42 10.50 -2.19
C SER B 108 -14.94 11.63 -3.01
N GLU B 109 -16.14 11.46 -3.60
CA GLU B 109 -16.69 12.48 -4.45
C GLU B 109 -16.92 13.73 -3.66
N THR B 110 -17.47 13.58 -2.43
CA THR B 110 -17.78 14.67 -1.54
C THR B 110 -16.53 15.27 -0.95
N ASP B 111 -15.49 14.43 -0.78
CA ASP B 111 -14.20 14.54 -0.15
C ASP B 111 -13.06 15.14 -0.95
N GLU B 112 -13.32 15.92 -2.02
CA GLU B 112 -12.29 16.40 -2.90
C GLU B 112 -11.18 17.13 -2.19
N ASN B 113 -11.45 17.70 -0.99
CA ASN B 113 -10.46 18.39 -0.20
C ASN B 113 -9.44 17.42 0.35
N ILE B 114 -9.76 16.11 0.42
CA ILE B 114 -8.82 15.14 0.92
C ILE B 114 -8.21 14.43 -0.26
N LEU B 115 -6.88 14.57 -0.42
CA LEU B 115 -6.14 14.09 -1.56
C LEU B 115 -5.28 12.92 -1.18
N LEU B 116 -5.28 11.87 -2.03
CA LEU B 116 -4.50 10.68 -1.79
C LEU B 116 -3.50 10.55 -2.90
N ALA B 117 -2.28 10.06 -2.57
CA ALA B 117 -1.28 9.83 -3.58
C ALA B 117 -0.60 8.53 -3.21
N GLY B 118 -0.12 7.78 -4.21
CA GLY B 118 0.60 6.57 -3.94
C GLY B 118 -0.29 5.38 -4.07
N PRO B 119 0.30 4.20 -4.00
CA PRO B 119 1.72 4.11 -3.79
C PRO B 119 2.56 4.50 -4.96
N LEU B 120 3.73 5.11 -4.67
CA LEU B 120 4.68 5.54 -5.67
C LEU B 120 6.01 5.00 -5.23
N PRO B 121 6.93 4.83 -6.14
CA PRO B 121 8.23 4.34 -5.77
C PRO B 121 8.94 5.37 -4.94
N GLY B 122 9.49 4.98 -3.79
CA GLY B 122 10.11 5.88 -2.86
C GLY B 122 11.33 6.51 -3.46
N GLU B 123 12.10 5.75 -4.25
CA GLU B 123 13.33 6.28 -4.78
C GLU B 123 13.03 7.42 -5.71
N ASP B 124 11.93 7.31 -6.49
CA ASP B 124 11.55 8.28 -7.47
C ASP B 124 11.04 9.56 -6.86
N TYR B 125 10.23 9.49 -5.77
CA TYR B 125 9.63 10.71 -5.31
C TYR B 125 10.18 11.15 -3.99
N GLN B 126 11.23 11.98 -4.03
CA GLN B 126 11.78 12.54 -2.82
C GLN B 126 10.82 13.55 -2.30
N GLU B 127 10.17 14.27 -3.22
CA GLU B 127 9.25 15.31 -2.85
C GLU B 127 8.02 15.09 -3.69
N MET B 128 6.82 15.25 -3.09
CA MET B 128 5.61 15.12 -3.85
C MET B 128 5.00 16.47 -3.80
N ILE B 129 4.79 17.12 -4.95
CA ILE B 129 4.28 18.47 -4.89
C ILE B 129 2.88 18.52 -5.40
N PHE B 130 1.94 18.92 -4.52
CA PHE B 130 0.55 18.95 -4.91
C PHE B 130 0.18 20.35 -5.31
N PRO B 131 -0.36 20.53 -6.49
CA PRO B 131 -0.85 21.79 -6.97
C PRO B 131 -2.16 21.98 -6.27
N ILE B 132 -2.39 23.08 -5.54
CA ILE B 132 -3.65 23.15 -4.85
C ILE B 132 -4.37 24.42 -5.20
N LEU B 133 -5.69 24.32 -5.40
CA LEU B 133 -6.46 25.49 -5.74
C LEU B 133 -7.31 25.88 -4.55
N SER B 134 -7.17 27.13 -4.08
CA SER B 134 -7.94 27.62 -2.96
C SER B 134 -9.34 27.97 -3.41
N PRO B 135 -10.28 27.95 -2.48
CA PRO B 135 -11.66 28.30 -2.74
C PRO B 135 -11.86 29.78 -2.79
N ASN B 136 -13.08 30.24 -3.16
CA ASN B 136 -13.37 31.66 -3.15
C ASN B 136 -14.58 31.87 -2.30
N PRO B 137 -14.40 32.48 -1.16
CA PRO B 137 -15.50 32.67 -0.25
C PRO B 137 -16.57 33.57 -0.77
N ALA B 138 -16.26 34.50 -1.69
CA ALA B 138 -17.29 35.36 -2.14
C ALA B 138 -18.34 34.52 -2.81
N THR B 139 -17.87 33.59 -3.67
CA THR B 139 -18.74 32.69 -4.37
C THR B 139 -19.24 31.59 -3.48
N ASP B 140 -18.40 31.10 -2.55
CA ASP B 140 -18.77 29.93 -1.77
C ASP B 140 -19.04 30.31 -0.34
N ALA B 141 -20.31 30.12 0.08
CA ALA B 141 -20.83 30.42 1.39
C ALA B 141 -20.20 29.56 2.44
N GLY B 142 -19.91 28.28 2.08
CA GLY B 142 -19.41 27.30 2.99
C GLY B 142 -18.08 27.72 3.55
N VAL B 143 -17.26 28.47 2.79
CA VAL B 143 -15.96 28.81 3.29
C VAL B 143 -15.82 30.29 3.51
N TYR B 144 -14.99 30.65 4.51
CA TYR B 144 -14.75 32.03 4.81
C TYR B 144 -13.26 32.24 4.85
N PHE B 145 -12.82 33.51 4.85
CA PHE B 145 -11.41 33.80 4.92
C PHE B 145 -11.01 33.57 6.34
N GLY B 146 -9.75 33.15 6.56
CA GLY B 146 -9.30 32.91 7.91
C GLY B 146 -8.11 32.00 7.84
N LYS B 147 -7.63 31.56 9.03
CA LYS B 147 -6.50 30.69 9.09
C LYS B 147 -7.01 29.28 9.18
N TYR B 148 -6.39 28.35 8.43
CA TYR B 148 -6.89 27.00 8.45
C TYR B 148 -5.76 26.03 8.64
N SER B 149 -6.09 24.80 9.06
CA SER B 149 -5.10 23.80 9.30
C SER B 149 -5.15 22.78 8.21
N ILE B 150 -3.98 22.21 7.87
CA ILE B 150 -3.87 21.20 6.86
C ILE B 150 -3.26 20.02 7.58
N HIS B 151 -3.79 18.80 7.34
CA HIS B 151 -3.28 17.66 8.04
C HIS B 151 -2.66 16.72 7.06
N LEU B 152 -1.44 16.25 7.35
CA LEU B 152 -0.77 15.35 6.47
C LEU B 152 -0.55 14.03 7.16
N GLY B 153 -0.77 12.93 6.42
CA GLY B 153 -0.49 11.60 6.89
C GLY B 153 0.36 11.00 5.81
N GLY B 154 1.60 10.55 6.15
CA GLY B 154 2.45 10.06 5.10
C GLY B 154 3.08 8.75 5.51
N ASN B 155 3.13 7.80 4.57
CA ASN B 155 3.64 6.50 4.91
C ASN B 155 4.64 6.02 3.89
N ARG B 156 5.56 5.13 4.36
CA ARG B 156 6.50 4.48 3.49
C ARG B 156 6.56 3.06 3.99
N GLY B 157 6.63 2.07 3.09
CA GLY B 157 6.80 0.72 3.52
C GLY B 157 5.48 0.02 3.72
N ARG B 158 5.52 -1.32 3.69
CA ARG B 158 4.37 -2.17 3.78
C ARG B 158 3.82 -2.18 5.17
N GLY B 159 2.47 -2.30 5.27
CA GLY B 159 1.78 -2.27 6.53
C GLY B 159 1.87 -3.60 7.22
N GLN B 160 1.54 -3.59 8.52
CA GLN B 160 1.51 -4.70 9.43
C GLN B 160 0.26 -5.53 9.33
N VAL B 161 -0.91 -4.92 9.03
CA VAL B 161 -2.14 -5.65 9.06
C VAL B 161 -2.88 -5.45 7.78
N TYR B 162 -3.78 -6.40 7.45
CA TYR B 162 -4.53 -6.35 6.22
C TYR B 162 -5.94 -6.01 6.60
N PRO B 163 -6.72 -5.56 5.65
CA PRO B 163 -8.10 -5.27 5.92
C PRO B 163 -8.80 -6.52 6.32
N THR B 164 -8.16 -7.67 6.05
CA THR B 164 -8.65 -8.95 6.46
C THR B 164 -8.61 -8.95 7.95
N GLY B 165 -7.60 -8.28 8.53
CA GLY B 165 -7.44 -8.26 9.95
C GLY B 165 -6.30 -9.16 10.30
N GLU B 166 -5.79 -9.92 9.30
CA GLU B 166 -4.69 -10.79 9.55
C GLU B 166 -3.41 -10.03 9.38
N LEU B 167 -2.35 -10.49 10.09
CA LEU B 167 -1.07 -9.83 10.07
C LEU B 167 -0.34 -10.17 8.81
N SER B 168 0.48 -9.20 8.34
CA SER B 168 1.29 -9.36 7.17
C SER B 168 2.59 -9.97 7.59
N ASN B 169 3.47 -10.26 6.61
CA ASN B 169 4.78 -10.81 6.84
C ASN B 169 5.70 -9.75 7.39
N ASN B 170 5.32 -8.46 7.31
CA ASN B 170 6.18 -7.42 7.81
C ASN B 170 5.75 -7.07 9.21
N ASN B 171 5.78 -8.05 10.14
CA ASN B 171 5.35 -7.80 11.50
C ASN B 171 5.98 -8.81 12.41
N ALA B 172 5.93 -8.57 13.74
CA ALA B 172 6.49 -9.51 14.67
C ALA B 172 5.50 -10.62 14.92
N PHE B 173 6.02 -11.86 15.12
CA PHE B 173 5.16 -12.99 15.40
C PHE B 173 5.51 -13.47 16.78
N SER B 174 4.49 -13.85 17.60
CA SER B 174 4.76 -14.19 18.98
C SER B 174 4.34 -15.60 19.30
N ALA B 175 4.97 -16.18 20.35
CA ALA B 175 4.69 -17.52 20.77
C ALA B 175 3.28 -17.60 21.25
N SER B 176 2.52 -18.56 20.69
CA SER B 176 1.15 -18.76 21.03
C SER B 176 1.07 -19.31 22.42
N ILE B 177 2.12 -20.03 22.87
CA ILE B 177 2.09 -20.60 24.19
C ILE B 177 3.49 -20.73 24.70
N ALA B 178 3.65 -20.85 26.05
CA ALA B 178 4.93 -21.00 26.66
C ALA B 178 5.37 -22.43 26.57
N GLY B 179 6.69 -22.67 26.48
CA GLY B 179 7.18 -24.02 26.40
C GLY B 179 8.57 -24.00 25.84
N THR B 180 9.04 -25.17 25.34
CA THR B 180 10.36 -25.24 24.79
C THR B 180 10.26 -25.52 23.32
N ILE B 181 11.21 -24.99 22.53
CA ILE B 181 11.13 -25.13 21.10
C ILE B 181 11.83 -26.39 20.70
N ALA B 182 11.04 -27.41 20.34
CA ALA B 182 11.53 -28.68 19.90
C ALA B 182 12.18 -28.58 18.55
N ALA B 183 11.57 -27.82 17.61
CA ALA B 183 12.17 -27.77 16.31
C ALA B 183 11.57 -26.65 15.51
N ILE B 184 12.24 -26.27 14.40
CA ILE B 184 11.75 -25.27 13.49
C ILE B 184 12.07 -25.70 12.06
N GLU B 185 11.15 -25.52 11.09
CA GLU B 185 11.31 -25.96 9.70
C GLU B 185 11.37 -24.74 8.78
N ASP B 186 11.97 -24.80 7.53
CA ASP B 186 12.13 -23.53 6.82
C ASP B 186 12.15 -23.45 5.27
N ASN B 187 11.15 -22.77 4.62
CA ASN B 187 11.17 -22.42 3.20
C ASN B 187 11.17 -20.93 3.17
N GLY B 188 11.95 -20.37 4.10
CA GLY B 188 11.92 -18.95 4.29
C GLY B 188 10.88 -18.81 5.34
N PHE B 189 9.76 -19.55 5.13
CA PHE B 189 8.66 -19.62 6.05
C PHE B 189 9.14 -20.53 7.10
N GLY B 190 8.78 -20.23 8.34
CA GLY B 190 9.01 -21.24 9.29
C GLY B 190 7.64 -21.73 9.31
N PHE B 191 7.47 -22.87 8.64
CA PHE B 191 6.20 -23.48 8.52
C PHE B 191 5.84 -23.64 9.93
N ASP B 192 6.85 -23.97 10.76
CA ASP B 192 6.43 -24.07 12.10
C ASP B 192 7.55 -23.95 13.07
N VAL B 193 7.21 -23.31 14.19
CA VAL B 193 8.05 -23.38 15.35
C VAL B 193 7.23 -24.28 16.22
N THR B 194 7.79 -25.43 16.61
CA THR B 194 7.02 -26.33 17.42
C THR B 194 7.40 -26.09 18.84
N ILE B 195 6.38 -25.89 19.70
CA ILE B 195 6.66 -25.62 21.07
C ILE B 195 6.05 -26.68 21.91
N GLN B 196 6.79 -27.16 22.92
CA GLN B 196 6.30 -28.19 23.80
C GLN B 196 5.87 -27.51 25.07
N PRO B 197 4.59 -27.48 25.30
CA PRO B 197 4.12 -26.91 26.53
C PRO B 197 4.43 -27.70 27.76
N GLU B 198 4.12 -27.07 28.90
CA GLU B 198 4.45 -27.50 30.23
C GLU B 198 3.90 -28.87 30.50
N ASP B 199 2.78 -29.27 29.86
CA ASP B 199 2.27 -30.55 30.24
C ASP B 199 2.09 -31.50 29.08
N GLY B 200 3.12 -31.68 28.22
CA GLY B 200 3.07 -32.73 27.24
C GLY B 200 2.59 -32.27 25.89
N ASP B 201 1.74 -31.24 25.81
CA ASP B 201 1.18 -30.86 24.53
C ASP B 201 2.25 -30.25 23.67
N ALA B 202 2.02 -30.25 22.34
CA ALA B 202 2.93 -29.61 21.43
C ALA B 202 2.10 -28.78 20.49
N VAL B 203 2.49 -27.50 20.30
CA VAL B 203 1.74 -26.60 19.48
C VAL B 203 2.63 -26.10 18.39
N VAL B 204 2.03 -25.62 17.28
CA VAL B 204 2.88 -25.19 16.21
C VAL B 204 2.49 -23.80 15.81
N THR B 205 3.48 -22.89 15.70
CA THR B 205 3.18 -21.53 15.33
C THR B 205 3.80 -21.31 13.98
N SER B 206 3.00 -20.84 13.01
CA SER B 206 3.51 -20.68 11.68
C SER B 206 3.86 -19.25 11.47
N ILE B 207 5.06 -19.02 10.88
CA ILE B 207 5.46 -17.67 10.60
C ILE B 207 5.81 -17.65 9.14
N LEU B 208 5.45 -16.56 8.44
CA LEU B 208 5.69 -16.44 7.02
C LEU B 208 7.12 -16.03 6.79
N PRO B 209 7.62 -16.17 5.57
CA PRO B 209 8.96 -15.79 5.23
C PRO B 209 9.07 -14.31 5.45
N GLY B 210 10.26 -13.81 5.84
CA GLY B 210 10.46 -12.39 6.00
C GLY B 210 10.92 -12.04 7.39
N PRO B 211 10.18 -12.35 8.42
CA PRO B 211 10.64 -12.00 9.74
C PRO B 211 11.80 -12.88 10.08
N GLU B 212 12.73 -12.44 10.95
CA GLU B 212 13.85 -13.27 11.25
C GLU B 212 13.69 -13.85 12.63
N LEU B 213 13.87 -15.18 12.74
CA LEU B 213 13.69 -15.86 13.98
C LEU B 213 14.77 -15.47 14.94
N ILE B 214 14.32 -15.03 16.13
CA ILE B 214 15.07 -14.66 17.30
C ILE B 214 15.50 -15.88 18.06
N VAL B 215 14.70 -16.97 18.01
CA VAL B 215 14.89 -18.11 18.86
C VAL B 215 15.51 -19.26 18.17
N ALA B 216 16.04 -20.21 18.97
CA ALA B 216 16.70 -21.39 18.48
C ALA B 216 16.07 -22.58 19.13
N VAL B 217 16.25 -23.75 18.52
CA VAL B 217 15.66 -24.95 19.04
C VAL B 217 16.30 -25.22 20.37
N GLY B 218 15.48 -25.75 21.31
CA GLY B 218 15.93 -26.10 22.62
C GLY B 218 15.79 -24.90 23.51
N ASP B 219 15.21 -23.81 22.99
CA ASP B 219 15.09 -22.61 23.78
C ASP B 219 13.71 -22.54 24.36
N THR B 220 13.61 -22.05 25.61
CA THR B 220 12.33 -21.90 26.25
C THR B 220 11.80 -20.54 25.92
N VAL B 221 10.47 -20.42 25.79
CA VAL B 221 9.88 -19.14 25.49
C VAL B 221 8.62 -18.98 26.28
N GLU B 222 8.33 -17.74 26.70
CA GLU B 222 7.12 -17.47 27.44
C GLU B 222 6.03 -17.20 26.44
N ALA B 223 4.76 -17.31 26.87
CA ALA B 223 3.69 -17.08 25.95
C ALA B 223 3.71 -15.64 25.56
N GLY B 224 3.50 -15.37 24.26
CA GLY B 224 3.42 -14.04 23.76
C GLY B 224 4.79 -13.49 23.50
N GLN B 225 5.85 -14.26 23.83
CA GLN B 225 7.15 -13.69 23.61
C GLN B 225 7.44 -13.69 22.15
N LEU B 226 8.35 -12.78 21.71
CA LEU B 226 8.61 -12.64 20.31
C LEU B 226 9.47 -13.75 19.79
N LEU B 227 8.95 -14.42 18.74
CA LEU B 227 9.59 -15.46 17.98
C LEU B 227 10.53 -14.87 16.99
N THR B 228 10.25 -13.64 16.54
CA THR B 228 11.01 -13.04 15.48
C THR B 228 11.31 -11.60 15.82
N THR B 229 12.18 -10.97 15.02
CA THR B 229 12.48 -9.58 15.23
C THR B 229 11.35 -8.84 14.60
N ASN B 230 11.45 -7.50 14.57
CA ASN B 230 10.46 -6.74 13.87
C ASN B 230 11.13 -6.31 12.61
N PRO B 231 10.74 -6.88 11.50
CA PRO B 231 11.36 -6.60 10.24
C PRO B 231 10.99 -5.25 9.66
N ASN B 232 9.99 -4.57 10.22
CA ASN B 232 9.48 -3.33 9.68
C ASN B 232 10.53 -2.27 9.61
N VAL B 233 10.81 -1.79 8.36
CA VAL B 233 11.69 -0.71 7.98
C VAL B 233 11.01 0.63 7.84
N GLY B 234 9.69 0.65 7.59
CA GLY B 234 9.02 1.89 7.25
C GLY B 234 8.24 2.45 8.39
N GLY B 235 7.23 3.29 8.06
CA GLY B 235 6.42 3.84 9.11
C GLY B 235 5.53 4.91 8.56
N PHE B 236 4.58 5.36 9.41
CA PHE B 236 3.60 6.35 9.06
C PHE B 236 3.71 7.48 10.03
N GLY B 237 3.61 8.74 9.56
CA GLY B 237 3.74 9.86 10.44
C GLY B 237 2.75 10.92 10.03
N GLN B 238 2.49 11.89 10.94
CA GLN B 238 1.56 12.92 10.63
C GLN B 238 2.16 14.25 10.98
N MET B 239 1.75 15.31 10.26
CA MET B 239 2.19 16.62 10.60
C MET B 239 1.15 17.59 10.15
N ASP B 240 0.96 18.66 10.94
CA ASP B 240 -0.05 19.65 10.67
C ASP B 240 0.64 20.94 10.35
N SER B 241 -0.01 21.77 9.52
CA SER B 241 0.51 23.07 9.18
C SER B 241 -0.68 23.97 9.05
N GLU B 242 -0.46 25.30 8.97
CA GLU B 242 -1.57 26.19 8.85
C GLU B 242 -1.35 27.05 7.66
N ILE B 243 -2.44 27.56 7.05
CA ILE B 243 -2.35 28.45 5.93
C ILE B 243 -3.43 29.48 6.10
N VAL B 244 -3.18 30.72 5.62
CA VAL B 244 -4.15 31.77 5.79
C VAL B 244 -4.82 32.02 4.48
N LEU B 245 -6.17 31.93 4.46
CA LEU B 245 -6.91 32.21 3.25
C LEU B 245 -7.11 33.69 3.33
N GLN B 246 -6.42 34.44 2.45
CA GLN B 246 -6.34 35.88 2.55
C GLN B 246 -7.28 36.58 1.62
N SER B 247 -7.59 37.85 1.97
CA SER B 247 -8.45 38.67 1.16
C SER B 247 -7.56 39.47 0.27
N SER B 248 -7.96 39.62 -1.00
CA SER B 248 -7.16 40.32 -1.96
C SER B 248 -7.07 41.74 -1.57
N SER B 249 -6.02 42.39 -2.07
CA SER B 249 -5.82 43.77 -1.77
C SER B 249 -5.75 43.91 -0.26
CU CU C . -4.31 -5.84 -6.92
FE HEC D . -1.23 0.87 3.40
CHA HEC D . 1.05 -0.95 1.67
CHB HEC D . 0.09 3.77 2.17
CHC HEC D . -3.78 2.62 4.79
CHD HEC D . -2.21 -1.90 5.03
NA HEC D . 0.18 1.32 2.10
C1A HEC D . 1.01 0.45 1.45
C2A HEC D . 1.93 1.15 0.56
C3A HEC D . 1.69 2.47 0.74
C4A HEC D . 0.59 2.58 1.68
CMA HEC D . 2.44 3.61 0.08
CAA HEC D . 2.98 0.47 -0.32
CBA HEC D . 4.28 0.43 0.54
CGA HEC D . 5.39 -0.40 -0.08
O1A HEC D . 6.58 -0.12 0.23
O2A HEC D . 5.09 -1.33 -0.86
NB HEC D . -1.73 2.78 3.49
C1B HEC D . -0.99 3.88 3.01
C2B HEC D . -1.66 5.15 3.38
C3B HEC D . -2.78 4.84 4.12
C4B HEC D . -2.81 3.36 4.13
CMB HEC D . -1.14 6.54 3.12
CAB HEC D . -3.70 5.73 4.78
CBB HEC D . -4.33 6.82 3.90
NC HEC D . -2.75 0.45 4.55
C1C HEC D . -3.74 1.26 5.02
C2C HEC D . -4.68 0.54 5.85
C3C HEC D . -4.26 -0.72 5.93
C4C HEC D . -3.03 -0.78 5.14
CMC HEC D . -5.95 1.16 6.42
CAC HEC D . -4.83 -1.80 6.71
CBC HEC D . -6.32 -2.18 6.43
ND HEC D . -0.71 -1.03 3.33
C1D HEC D . -1.15 -2.03 4.18
C2D HEC D . -0.43 -3.28 3.98
C3D HEC D . 0.43 -3.03 2.97
C4D HEC D . 0.25 -1.64 2.58
CMD HEC D . -0.56 -4.63 4.76
CAD HEC D . 1.36 -4.02 2.31
CBD HEC D . 0.73 -4.78 1.14
CGD HEC D . 1.70 -5.77 0.54
O1D HEC D . 1.52 -6.99 0.77
O2D HEC D . 2.66 -5.30 -0.14
HHA HEC D . 1.76 -1.53 1.10
HHB HEC D . 0.58 4.68 1.86
HHC HEC D . -4.65 3.14 5.16
HHD HEC D . -2.44 -2.73 5.68
HMA1 HEC D . 2.04 3.77 -0.92
HMA2 HEC D . 3.48 3.37 0.01
HMA3 HEC D . 2.31 4.51 0.65
HAA1 HEC D . 3.14 1.05 -1.23
HAA2 HEC D . 2.65 -0.52 -0.59
HBA1 HEC D . 4.03 0.00 1.50
HBA2 HEC D . 4.63 1.44 0.67
HMB1 HEC D . -1.48 6.87 2.14
HMB2 HEC D . -0.06 6.54 3.14
HMB3 HEC D . -1.51 7.22 3.87
HAB HEC D . -4.54 5.16 5.16
HBB1 HEC D . -5.31 6.51 3.57
HBB2 HEC D . -4.42 7.74 4.48
HBB3 HEC D . -3.70 7.01 3.04
HMC1 HEC D . -5.85 1.24 7.50
HMC2 HEC D . -6.79 0.53 6.19
HMC3 HEC D . -6.09 2.14 6.00
HAC HEC D . -5.45 -1.53 7.52
HBC1 HEC D . -6.74 -2.68 7.30
HBC2 HEC D . -6.89 -1.29 6.22
HBC3 HEC D . -6.37 -2.85 5.57
HMD1 HEC D . 0.13 -4.64 5.58
HMD2 HEC D . -0.34 -5.44 4.09
HMD3 HEC D . -1.57 -4.73 5.13
HAD1 HEC D . 1.66 -4.75 3.05
HAD2 HEC D . 2.22 -3.49 1.94
HBD1 HEC D . 0.43 -4.07 0.38
HBD2 HEC D . -0.15 -5.31 1.49
N ALA A 1 -2.72 -12.97 -31.57
CA ALA A 1 -2.53 -11.59 -31.98
C ALA A 1 -1.97 -10.78 -30.81
N SER A 2 -1.40 -9.63 -31.13
CA SER A 2 -0.83 -8.75 -30.12
C SER A 2 -1.90 -8.39 -29.09
N VAL A 3 -1.56 -8.62 -27.83
CA VAL A 3 -2.49 -8.32 -26.75
C VAL A 3 -1.81 -7.35 -25.78
N GLN A 4 -2.57 -6.95 -24.77
CA GLN A 4 -2.07 -6.04 -23.77
C GLN A 4 -2.62 -6.40 -22.38
N ILE A 5 -1.83 -6.09 -21.36
CA ILE A 5 -2.22 -6.37 -20.00
C ILE A 5 -2.40 -5.05 -19.23
N LYS A 6 -3.65 -4.78 -18.89
CA LYS A 6 -3.96 -3.56 -18.16
C LYS A 6 -3.95 -3.85 -16.65
N MET A 7 -3.29 -2.97 -15.92
CA MET A 7 -3.19 -3.11 -14.48
C MET A 7 -4.11 -2.11 -13.76
N GLY A 8 -5.28 -2.60 -13.39
CA GLY A 8 -6.25 -1.76 -12.69
C GLY A 8 -7.53 -1.63 -13.51
N THR A 9 -8.65 -1.56 -12.80
CA THR A 9 -9.94 -1.43 -13.44
C THR A 9 -10.51 -0.03 -13.22
N ASP A 10 -11.46 0.34 -14.06
CA ASP A 10 -12.08 1.65 -13.96
C ASP A 10 -12.75 1.79 -12.59
N LYS A 11 -12.92 0.65 -11.93
CA LYS A 11 -13.53 0.64 -10.61
C LYS A 11 -12.45 0.77 -9.54
N TYR A 12 -11.48 1.63 -9.84
CA TYR A 12 -10.38 1.86 -8.91
C TYR A 12 -9.96 0.56 -8.23
N ALA A 13 -10.15 -0.54 -8.94
CA ALA A 13 -9.78 -1.85 -8.42
C ALA A 13 -8.50 -2.32 -9.09
N PRO A 14 -7.46 -2.51 -8.25
CA PRO A 14 -6.16 -2.96 -8.75
C PRO A 14 -6.20 -4.45 -9.08
N LEU A 15 -6.40 -4.73 -10.36
CA LEU A 15 -6.46 -6.11 -10.84
C LEU A 15 -5.96 -6.17 -12.28
N TYR A 16 -5.41 -7.32 -12.64
CA TYR A 16 -4.90 -7.52 -13.98
C TYR A 16 -6.05 -7.78 -14.97
N GLU A 17 -6.07 -6.99 -16.02
CA GLU A 17 -7.10 -7.13 -17.04
C GLU A 17 -6.47 -7.19 -18.43
N PRO A 18 -6.97 -8.15 -19.25
CA PRO A 18 -8.01 -9.04 -18.81
C PRO A 18 -7.46 -10.09 -17.85
N LYS A 19 -8.25 -10.39 -16.83
CA LYS A 19 -7.85 -11.38 -15.83
C LYS A 19 -7.17 -12.55 -16.52
N ALA A 20 -7.71 -12.93 -17.68
CA ALA A 20 -7.16 -14.03 -18.44
C ALA A 20 -6.75 -13.52 -19.83
N LEU A 21 -5.68 -14.11 -20.35
CA LEU A 21 -5.18 -13.73 -21.66
C LEU A 21 -4.67 -14.98 -22.38
N SER A 22 -4.93 -15.01 -23.69
CA SER A 22 -4.50 -16.13 -24.49
C SER A 22 -3.76 -15.62 -25.74
N ILE A 23 -2.75 -16.38 -26.14
CA ILE A 23 -1.96 -16.02 -27.31
C ILE A 23 -1.32 -17.28 -27.88
N SER A 24 -0.53 -17.08 -28.93
CA SER A 24 0.14 -18.18 -29.59
C SER A 24 1.67 -17.97 -29.54
N ALA A 25 2.38 -19.07 -29.68
CA ALA A 25 3.83 -19.03 -29.65
C ALA A 25 4.33 -18.08 -30.75
N GLY A 26 4.77 -16.91 -30.32
CA GLY A 26 5.27 -15.91 -31.25
C GLY A 26 4.52 -14.59 -31.10
N ASP A 27 3.48 -14.63 -30.28
CA ASP A 27 2.67 -13.45 -30.04
C ASP A 27 3.35 -12.58 -28.97
N THR A 28 2.78 -11.41 -28.75
CA THR A 28 3.32 -10.49 -27.77
C THR A 28 2.26 -10.13 -26.73
N VAL A 29 2.73 -9.76 -25.54
CA VAL A 29 1.84 -9.39 -24.47
C VAL A 29 2.29 -8.07 -23.85
N GLU A 30 1.59 -7.01 -24.22
CA GLU A 30 1.91 -5.68 -23.71
C GLU A 30 1.38 -5.51 -22.29
N PHE A 31 1.81 -4.42 -21.66
CA PHE A 31 1.38 -4.13 -20.31
C PHE A 31 1.28 -2.62 -20.07
N VAL A 32 0.08 -2.19 -19.71
CA VAL A 32 -0.16 -0.77 -19.45
C VAL A 32 -0.73 -0.61 -18.04
N MET A 33 -0.53 0.58 -17.50
CA MET A 33 -1.02 0.88 -16.16
C MET A 33 -2.35 1.65 -16.23
N ASN A 34 -3.37 1.04 -15.65
CA ASN A 34 -4.69 1.64 -15.63
C ASN A 34 -4.74 2.71 -14.54
N LYS A 35 -4.64 2.23 -13.30
CA LYS A 35 -4.68 3.13 -12.16
C LYS A 35 -4.27 2.36 -10.90
N VAL A 36 -4.51 2.98 -9.75
CA VAL A 36 -4.17 2.38 -8.48
C VAL A 36 -2.76 1.79 -8.56
N GLY A 37 -1.82 2.65 -8.94
CA GLY A 37 -0.43 2.23 -9.05
C GLY A 37 0.33 2.50 -7.75
N PRO A 38 1.67 2.29 -7.82
CA PRO A 38 2.30 1.85 -9.06
C PRO A 38 2.02 0.37 -9.32
N HIS A 39 2.74 -0.17 -10.30
CA HIS A 39 2.58 -1.57 -10.66
C HIS A 39 3.94 -2.15 -11.05
N ASN A 40 3.89 -3.36 -11.59
CA ASN A 40 5.10 -4.04 -12.02
C ASN A 40 4.76 -5.46 -12.46
N VAL A 41 5.72 -6.10 -13.12
CA VAL A 41 5.53 -7.46 -13.59
C VAL A 41 6.30 -8.42 -12.68
N ILE A 42 5.54 -9.26 -11.98
CA ILE A 42 6.14 -10.22 -11.09
C ILE A 42 5.50 -11.59 -11.32
N PHE A 43 5.92 -12.23 -12.41
CA PHE A 43 5.40 -13.53 -12.77
C PHE A 43 5.42 -14.47 -11.56
N ASP A 44 4.63 -15.53 -11.66
CA ASP A 44 4.55 -16.50 -10.58
C ASP A 44 5.46 -17.69 -10.91
N LYS A 45 5.31 -18.19 -12.12
CA LYS A 45 6.11 -19.33 -12.57
C LYS A 45 5.52 -19.89 -13.86
N VAL A 46 6.40 -20.33 -14.74
CA VAL A 46 5.98 -20.89 -16.02
C VAL A 46 6.66 -22.25 -16.21
N PRO A 47 6.03 -23.08 -17.09
CA PRO A 47 6.56 -24.40 -17.37
C PRO A 47 7.78 -24.31 -18.29
N ALA A 48 8.52 -25.41 -18.34
CA ALA A 48 9.73 -25.47 -19.17
C ALA A 48 9.45 -24.76 -20.49
N GLY A 49 10.41 -23.96 -20.91
CA GLY A 49 10.29 -23.22 -22.15
C GLY A 49 10.69 -21.75 -21.96
N GLU A 50 10.01 -21.10 -21.02
CA GLU A 50 10.28 -19.70 -20.74
C GLU A 50 10.93 -19.56 -19.36
N SER A 51 11.09 -18.32 -18.94
CA SER A 51 11.69 -18.03 -17.65
C SER A 51 10.85 -16.99 -16.90
N ALA A 52 9.75 -17.45 -16.33
CA ALA A 52 8.85 -16.58 -15.60
C ALA A 52 9.65 -15.83 -14.54
N PRO A 53 10.42 -16.61 -13.73
CA PRO A 53 11.23 -16.03 -12.68
C PRO A 53 12.48 -15.35 -13.25
N ALA A 54 12.24 -14.50 -14.23
CA ALA A 54 13.34 -13.78 -14.88
C ALA A 54 12.79 -12.51 -15.54
N LEU A 55 11.67 -12.69 -16.24
CA LEU A 55 11.04 -11.57 -16.92
C LEU A 55 10.52 -10.57 -15.89
N SER A 56 10.21 -11.10 -14.71
CA SER A 56 9.70 -10.27 -13.63
C SER A 56 10.57 -9.01 -13.50
N ASN A 57 9.93 -7.87 -13.76
CA ASN A 57 10.63 -6.60 -13.66
C ASN A 57 10.13 -5.84 -12.44
N THR A 58 11.06 -5.58 -11.52
CA THR A 58 10.72 -4.88 -10.29
C THR A 58 10.91 -3.38 -10.49
N LYS A 59 10.87 -2.97 -11.75
CA LYS A 59 11.03 -1.56 -12.08
C LYS A 59 9.67 -0.86 -12.00
N LEU A 60 9.13 -0.83 -10.79
CA LEU A 60 7.84 -0.19 -10.56
C LEU A 60 7.76 1.09 -11.38
N ALA A 61 7.03 1.00 -12.48
CA ALA A 61 6.86 2.15 -13.36
C ALA A 61 5.83 3.10 -12.77
N ILE A 62 6.32 4.13 -12.09
CA ILE A 62 5.43 5.11 -11.47
C ILE A 62 4.72 5.90 -12.56
N ALA A 63 5.51 6.35 -13.54
CA ALA A 63 4.96 7.12 -14.64
C ALA A 63 3.94 6.27 -15.41
N PRO A 64 2.65 6.69 -15.29
CA PRO A 64 1.57 5.98 -15.96
C PRO A 64 1.58 6.28 -17.46
N GLY A 65 1.33 5.23 -18.24
CA GLY A 65 1.30 5.37 -19.69
C GLY A 65 1.28 4.00 -20.36
N SER A 66 2.38 3.29 -20.23
CA SER A 66 2.50 1.96 -20.82
C SER A 66 3.87 1.36 -20.48
N PHE A 67 3.88 0.53 -19.45
CA PHE A 67 5.10 -0.13 -19.02
C PHE A 67 5.96 -0.53 -20.22
N TYR A 68 5.67 -1.71 -20.74
CA TYR A 68 6.41 -2.22 -21.88
C TYR A 68 5.76 -3.51 -22.42
N SER A 69 6.31 -3.99 -23.53
CA SER A 69 5.80 -5.20 -24.15
C SER A 69 6.90 -6.26 -24.19
N VAL A 70 6.47 -7.50 -24.38
CA VAL A 70 7.39 -8.61 -24.44
C VAL A 70 6.78 -9.75 -25.26
N THR A 71 7.59 -10.34 -26.10
CA THR A 71 7.14 -11.44 -26.94
C THR A 71 7.44 -12.78 -26.28
N LEU A 72 6.55 -13.73 -26.52
CA LEU A 72 6.71 -15.06 -25.95
C LEU A 72 6.69 -16.10 -27.08
N GLY A 73 6.97 -17.33 -26.70
CA GLY A 73 7.00 -18.43 -27.66
C GLY A 73 6.67 -19.76 -26.99
N THR A 74 7.28 -19.97 -25.83
CA THR A 74 7.08 -21.19 -25.09
C THR A 74 5.58 -21.43 -24.86
N PRO A 75 5.11 -22.63 -25.31
CA PRO A 75 3.72 -22.99 -25.16
C PRO A 75 3.39 -23.37 -23.72
N GLY A 76 2.22 -22.96 -23.28
CA GLY A 76 1.78 -23.24 -21.92
C GLY A 76 1.03 -22.04 -21.32
N THR A 77 0.63 -22.21 -20.07
CA THR A 77 -0.10 -21.16 -19.38
C THR A 77 0.81 -20.47 -18.36
N TYR A 78 0.99 -19.17 -18.55
CA TYR A 78 1.83 -18.39 -17.67
C TYR A 78 0.99 -17.68 -16.60
N SER A 79 1.53 -17.65 -15.39
CA SER A 79 0.85 -17.01 -14.28
C SER A 79 1.74 -15.94 -13.66
N PHE A 80 1.10 -14.86 -13.21
CA PHE A 80 1.83 -13.76 -12.60
C PHE A 80 1.01 -13.12 -11.48
N TYR A 81 1.51 -12.00 -10.99
CA TYR A 81 0.83 -11.28 -9.92
C TYR A 81 1.50 -9.92 -9.67
N CYS A 82 0.79 -9.08 -8.94
CA CYS A 82 1.31 -7.76 -8.63
C CYS A 82 2.01 -7.83 -7.26
N THR A 83 3.28 -7.46 -7.26
CA THR A 83 4.06 -7.48 -6.04
C THR A 83 3.32 -6.73 -4.92
N PRO A 84 2.90 -5.49 -5.25
CA PRO A 84 2.19 -4.66 -4.28
C PRO A 84 0.75 -5.15 -4.11
N HIS A 85 -0.01 -5.09 -5.19
CA HIS A 85 -1.40 -5.53 -5.17
C HIS A 85 -1.45 -7.05 -5.14
N ARG A 86 -0.83 -7.62 -4.12
CA ARG A 86 -0.81 -9.06 -3.97
C ARG A 86 -2.03 -9.53 -3.18
N GLY A 87 -2.39 -8.74 -2.17
CA GLY A 87 -3.53 -9.07 -1.34
C GLY A 87 -4.82 -8.46 -1.91
N ALA A 88 -4.64 -7.41 -2.70
CA ALA A 88 -5.77 -6.75 -3.32
C ALA A 88 -6.44 -7.70 -4.32
N GLY A 89 -5.72 -8.75 -4.64
CA GLY A 89 -6.24 -9.74 -5.59
C GLY A 89 -6.02 -9.28 -7.03
N MET A 90 -4.76 -9.14 -7.40
CA MET A 90 -4.41 -8.71 -8.74
C MET A 90 -3.53 -9.74 -9.44
N VAL A 91 -4.17 -10.84 -9.85
CA VAL A 91 -3.46 -11.90 -10.53
C VAL A 91 -4.11 -12.17 -11.89
N GLY A 92 -3.31 -12.68 -12.80
CA GLY A 92 -3.80 -12.99 -14.14
C GLY A 92 -3.08 -14.19 -14.74
N THR A 93 -3.38 -14.47 -15.99
CA THR A 93 -2.76 -15.60 -16.68
C THR A 93 -2.52 -15.25 -18.15
N ILE A 94 -1.65 -16.04 -18.77
CA ILE A 94 -1.32 -15.82 -20.17
C ILE A 94 -1.03 -17.18 -20.82
N THR A 95 -1.79 -17.47 -21.88
CA THR A 95 -1.63 -18.70 -22.60
C THR A 95 -0.92 -18.46 -23.93
N VAL A 96 -0.09 -19.43 -24.31
CA VAL A 96 0.64 -19.33 -25.56
C VAL A 96 0.43 -20.61 -26.39
N GLU A 97 -0.76 -20.70 -26.95
CA GLU A 97 -1.12 -21.86 -27.76
C GLU A 97 -0.69 -21.63 -29.21
N TYR B 1 -2.66 0.48 1.80
CA TYR B 1 -2.75 1.42 0.66
C TYR B 1 -3.79 2.46 0.93
N PRO B 2 -3.77 3.55 0.23
CA PRO B 2 -4.76 4.56 0.46
C PRO B 2 -6.11 4.02 0.15
N PHE B 3 -6.17 3.06 -0.78
CA PHE B 3 -7.39 2.45 -1.23
C PHE B 3 -8.03 1.77 -0.05
N TYR B 4 -7.21 1.10 0.77
CA TYR B 4 -7.68 0.37 1.92
C TYR B 4 -8.27 1.33 2.91
N ALA B 5 -7.69 2.54 3.06
CA ALA B 5 -8.27 3.50 3.97
C ALA B 5 -9.64 3.85 3.48
N GLN B 6 -9.81 4.06 2.16
CA GLN B 6 -11.09 4.47 1.65
C GLN B 6 -12.14 3.44 1.95
N TYR B 7 -11.84 2.14 1.76
CA TYR B 7 -12.86 1.16 2.04
C TYR B 7 -13.20 1.09 3.49
N ASN B 8 -12.20 1.14 4.37
CA ASN B 8 -12.42 0.99 5.78
C ASN B 8 -13.03 2.19 6.45
N TYR B 9 -12.59 3.43 6.10
CA TYR B 9 -13.08 4.53 6.90
C TYR B 9 -13.62 5.63 6.03
N ASP B 10 -14.84 6.09 6.36
CA ASP B 10 -15.41 7.16 5.60
C ASP B 10 -14.59 8.39 5.88
N SER B 11 -14.20 8.61 7.16
CA SER B 11 -13.41 9.75 7.51
C SER B 11 -12.03 9.27 7.89
N PRO B 12 -11.05 9.76 7.18
CA PRO B 12 -9.67 9.40 7.37
C PRO B 12 -9.04 9.96 8.61
N ARG B 13 -9.66 10.97 9.26
CA ARG B 13 -9.06 11.57 10.41
C ARG B 13 -9.97 11.33 11.57
N GLU B 14 -9.41 10.73 12.64
CA GLU B 14 -10.16 10.41 13.83
C GLU B 14 -10.30 11.68 14.63
N ALA B 15 -11.22 11.66 15.62
CA ALA B 15 -11.51 12.81 16.42
C ALA B 15 -10.26 13.23 17.12
N THR B 16 -9.45 12.24 17.53
CA THR B 16 -8.22 12.48 18.22
C THR B 16 -7.32 13.23 17.29
N GLY B 17 -7.49 13.01 15.97
CA GLY B 17 -6.64 13.66 15.02
C GLY B 17 -5.75 12.62 14.44
N LYS B 18 -5.87 11.38 14.94
CA LYS B 18 -5.07 10.33 14.40
C LYS B 18 -5.62 9.98 13.04
N ILE B 19 -4.72 9.77 12.07
CA ILE B 19 -5.06 9.42 10.72
C ILE B 19 -5.12 7.93 10.65
N VAL B 20 -6.12 7.40 9.92
CA VAL B 20 -6.51 6.01 9.86
C VAL B 20 -5.41 5.10 9.39
N CYS B 21 -4.45 5.60 8.60
CA CYS B 21 -3.42 4.74 8.07
C CYS B 21 -2.71 4.08 9.22
N ALA B 22 -2.71 4.74 10.39
CA ALA B 22 -2.03 4.30 11.57
C ALA B 22 -2.55 2.97 12.01
N ASN B 23 -3.83 2.65 11.72
CA ASN B 23 -4.36 1.41 12.19
C ASN B 23 -3.54 0.26 11.63
N CYS B 24 -3.22 0.31 10.32
CA CYS B 24 -2.41 -0.69 9.64
C CYS B 24 -0.92 -0.52 9.76
N HIS B 25 -0.43 0.74 9.62
CA HIS B 25 0.99 0.99 9.60
C HIS B 25 1.35 1.45 10.96
N LEU B 26 1.84 0.49 11.75
CA LEU B 26 2.09 0.60 13.16
C LEU B 26 3.23 1.52 13.56
N ALA B 27 4.33 1.59 12.78
CA ALA B 27 5.48 2.34 13.22
C ALA B 27 5.37 3.79 12.86
N LYS B 28 6.02 4.66 13.67
CA LYS B 28 5.96 6.07 13.43
C LYS B 28 7.23 6.51 12.76
N LYS B 29 7.09 7.36 11.72
CA LYS B 29 8.19 7.95 11.00
C LYS B 29 7.75 9.34 10.67
N THR B 30 8.71 10.21 10.30
CA THR B 30 8.40 11.60 10.10
C THR B 30 7.65 11.86 8.84
N VAL B 31 6.89 12.98 8.84
CA VAL B 31 6.21 13.43 7.65
C VAL B 31 6.43 14.92 7.62
N GLU B 32 6.69 15.48 6.41
CA GLU B 32 6.90 16.90 6.35
C GLU B 32 6.02 17.50 5.30
N ILE B 33 5.52 18.72 5.56
CA ILE B 33 4.71 19.40 4.59
C ILE B 33 5.02 20.87 4.64
N GLU B 34 5.17 21.52 3.47
CA GLU B 34 5.40 22.94 3.46
C GLU B 34 4.43 23.59 2.52
N VAL B 35 3.85 24.72 2.95
CA VAL B 35 2.91 25.46 2.15
C VAL B 35 3.16 26.92 2.44
N PRO B 36 2.62 27.78 1.62
CA PRO B 36 2.82 29.19 1.81
C PRO B 36 2.10 29.68 3.04
N GLN B 37 2.53 30.83 3.57
CA GLN B 37 1.95 31.40 4.75
C GLN B 37 0.51 31.72 4.45
N ALA B 38 0.24 32.34 3.29
CA ALA B 38 -1.09 32.72 2.98
C ALA B 38 -1.30 32.60 1.50
N VAL B 39 -2.57 32.50 1.08
CA VAL B 39 -2.88 32.41 -0.33
C VAL B 39 -4.12 33.21 -0.62
N LEU B 40 -4.21 33.76 -1.85
CA LEU B 40 -5.33 34.56 -2.27
C LEU B 40 -6.43 33.62 -2.71
N PRO B 41 -7.66 34.07 -2.72
CA PRO B 41 -8.81 33.22 -2.98
C PRO B 41 -8.73 32.19 -4.05
N ASP B 42 -9.19 32.38 -5.28
CA ASP B 42 -9.12 31.26 -6.18
C ASP B 42 -7.77 31.27 -6.81
N THR B 43 -6.76 30.77 -6.05
CA THR B 43 -5.41 30.79 -6.54
C THR B 43 -4.80 29.43 -6.35
N VAL B 44 -3.72 29.13 -7.10
CA VAL B 44 -3.10 27.85 -7.00
C VAL B 44 -1.78 28.01 -6.30
N PHE B 45 -1.45 27.08 -5.38
CA PHE B 45 -0.22 27.14 -4.66
C PHE B 45 0.29 25.74 -4.50
N LYS B 46 1.57 25.58 -4.09
CA LYS B 46 2.12 24.25 -3.99
C LYS B 46 2.23 23.82 -2.57
N ALA B 47 1.91 22.53 -2.32
CA ALA B 47 2.07 21.92 -1.04
C ALA B 47 3.13 20.88 -1.27
N VAL B 48 4.25 20.98 -0.52
CA VAL B 48 5.35 20.08 -0.72
C VAL B 48 5.35 19.05 0.37
N VAL B 49 5.39 17.76 -0.02
CA VAL B 49 5.33 16.68 0.93
C VAL B 49 6.59 15.86 0.82
N LYS B 50 7.17 15.45 1.98
CA LYS B 50 8.34 14.62 1.97
C LYS B 50 8.15 13.53 2.99
N VAL B 51 8.63 12.30 2.68
CA VAL B 51 8.50 11.18 3.57
C VAL B 51 9.85 10.50 3.68
N PRO B 52 10.64 10.91 4.62
CA PRO B 52 11.99 10.40 4.71
C PRO B 52 12.20 9.02 5.22
N TYR B 53 13.18 8.31 4.61
CA TYR B 53 13.64 7.03 5.08
C TYR B 53 14.98 6.82 4.46
N ASP B 54 15.77 5.86 5.00
CA ASP B 54 17.07 5.63 4.45
C ASP B 54 16.89 4.77 3.22
N LEU B 55 17.28 5.31 2.06
CA LEU B 55 17.14 4.65 0.79
C LEU B 55 17.97 3.41 0.76
N ASP B 56 19.06 3.38 1.54
CA ASP B 56 19.93 2.23 1.57
C ASP B 56 19.25 1.02 2.16
N ILE B 57 18.23 1.19 3.04
CA ILE B 57 17.68 0.04 3.69
C ILE B 57 16.51 -0.52 2.94
N GLN B 58 16.51 -1.86 2.75
CA GLN B 58 15.50 -2.59 2.04
C GLN B 58 14.49 -3.13 3.00
N GLN B 59 13.29 -3.45 2.48
CA GLN B 59 12.16 -3.90 3.24
C GLN B 59 11.78 -5.28 2.80
N VAL B 60 11.08 -6.03 3.69
CA VAL B 60 10.62 -7.34 3.37
C VAL B 60 9.43 -7.15 2.47
N GLN B 61 9.40 -7.88 1.34
CA GLN B 61 8.31 -7.76 0.41
C GLN B 61 7.38 -8.93 0.59
N ALA B 62 6.32 -8.99 -0.24
CA ALA B 62 5.30 -9.98 -0.10
C ALA B 62 5.88 -11.37 -0.20
N ASP B 63 6.84 -11.59 -1.11
CA ASP B 63 7.42 -12.90 -1.29
C ASP B 63 8.35 -13.25 -0.16
N GLY B 64 8.79 -12.26 0.63
CA GLY B 64 9.68 -12.50 1.74
C GLY B 64 11.04 -11.98 1.42
N SER B 65 11.30 -11.66 0.13
CA SER B 65 12.58 -11.14 -0.30
C SER B 65 12.66 -9.66 -0.04
N PRO B 66 13.88 -9.17 -0.03
CA PRO B 66 14.08 -7.74 0.15
C PRO B 66 13.84 -6.92 -1.09
N SER B 67 13.34 -5.68 -0.94
CA SER B 67 13.11 -4.83 -2.08
C SER B 67 12.96 -3.41 -1.60
N GLY B 68 12.65 -2.48 -2.53
CA GLY B 68 12.54 -1.07 -2.23
C GLY B 68 11.23 -0.78 -1.57
N LEU B 69 11.07 0.46 -1.07
CA LEU B 69 9.88 0.88 -0.39
C LEU B 69 9.09 1.77 -1.29
N ASN B 70 7.76 1.80 -1.07
CA ASN B 70 6.85 2.64 -1.82
C ASN B 70 6.30 3.61 -0.82
N VAL B 71 5.84 4.78 -1.29
CA VAL B 71 5.36 5.79 -0.38
C VAL B 71 3.99 6.23 -0.81
N GLY B 72 3.25 6.89 0.10
CA GLY B 72 1.93 7.36 -0.21
C GLY B 72 1.53 8.30 0.87
N ALA B 73 0.43 9.07 0.66
CA ALA B 73 0.05 9.99 1.69
C ALA B 73 -1.38 10.41 1.50
N VAL B 74 -1.95 11.00 2.57
CA VAL B 74 -3.26 11.58 2.53
C VAL B 74 -3.04 13.00 2.95
N LEU B 75 -3.51 13.97 2.13
CA LEU B 75 -3.33 15.35 2.47
C LEU B 75 -4.68 15.94 2.68
N MET B 76 -4.99 16.38 3.92
CA MET B 76 -6.31 16.89 4.16
C MET B 76 -6.26 18.38 4.16
N LEU B 77 -6.92 18.97 3.15
CA LEU B 77 -6.98 20.40 3.00
C LEU B 77 -8.26 20.88 3.60
N PRO B 78 -8.35 22.17 3.78
CA PRO B 78 -9.53 22.76 4.36
C PRO B 78 -10.67 22.69 3.41
N GLU B 79 -11.91 22.92 3.91
CA GLU B 79 -13.08 22.85 3.07
C GLU B 79 -12.91 23.81 1.94
N GLY B 80 -13.33 23.37 0.74
CA GLY B 80 -13.35 24.20 -0.43
C GLY B 80 -12.07 24.08 -1.21
N PHE B 81 -10.99 23.60 -0.57
CA PHE B 81 -9.73 23.45 -1.26
C PHE B 81 -9.77 22.18 -2.06
N LYS B 82 -9.13 22.19 -3.25
CA LYS B 82 -9.09 21.01 -4.06
C LYS B 82 -7.80 21.01 -4.83
N LEU B 83 -7.47 19.86 -5.47
CA LEU B 83 -6.29 19.80 -6.28
C LEU B 83 -6.60 20.69 -7.44
N ALA B 84 -5.59 21.42 -7.97
CA ALA B 84 -5.86 22.37 -9.02
C ALA B 84 -6.03 21.67 -10.32
N PRO B 85 -6.93 22.18 -11.13
CA PRO B 85 -7.13 21.65 -12.45
C PRO B 85 -5.97 22.10 -13.29
N PRO B 86 -5.64 21.33 -14.28
CA PRO B 86 -4.49 21.62 -15.11
C PRO B 86 -4.56 22.99 -15.69
N GLU B 87 -5.76 23.45 -16.08
CA GLU B 87 -5.95 24.70 -16.77
C GLU B 87 -5.55 25.81 -15.87
N ARG B 88 -5.81 25.63 -14.57
CA ARG B 88 -5.56 26.59 -13.53
C ARG B 88 -4.10 26.74 -13.20
N VAL B 89 -3.25 25.74 -13.45
CA VAL B 89 -1.87 25.86 -13.04
C VAL B 89 -1.13 26.81 -13.92
N ASP B 90 -0.45 27.81 -13.31
CA ASP B 90 0.24 28.77 -14.11
C ASP B 90 1.46 28.15 -14.73
N GLU B 91 1.99 28.82 -15.78
CA GLU B 91 3.00 28.28 -16.65
C GLU B 91 4.28 27.94 -15.96
N GLU B 92 4.83 28.82 -15.11
CA GLU B 92 6.11 28.52 -14.54
C GLU B 92 6.00 27.28 -13.71
N LEU B 93 4.88 27.15 -12.99
CA LEU B 93 4.60 26.12 -12.03
C LEU B 93 4.37 24.74 -12.57
N MET B 94 3.83 24.58 -13.79
CA MET B 94 3.37 23.29 -14.24
C MET B 94 4.44 22.25 -14.16
N GLU B 95 5.68 22.57 -14.54
CA GLU B 95 6.72 21.59 -14.49
C GLU B 95 7.08 21.22 -13.07
N GLU B 96 6.96 22.19 -12.14
CA GLU B 96 7.33 22.08 -10.75
C GLU B 96 6.45 21.14 -9.98
N VAL B 97 5.20 20.93 -10.42
CA VAL B 97 4.28 20.17 -9.64
C VAL B 97 4.17 18.77 -10.16
N GLY B 98 3.71 17.84 -9.31
CA GLY B 98 3.57 16.48 -9.73
C GLY B 98 2.59 16.52 -10.83
N ASP B 99 2.58 15.46 -11.69
CA ASP B 99 1.62 15.39 -12.75
C ASP B 99 0.34 15.53 -12.03
N PHE B 100 -0.24 16.72 -12.23
CA PHE B 100 -1.34 17.17 -11.44
C PHE B 100 -2.42 16.19 -11.53
N TYR B 101 -2.80 15.79 -12.74
CA TYR B 101 -3.93 14.95 -12.65
C TYR B 101 -3.67 13.61 -12.07
N TYR B 102 -2.72 12.91 -12.70
CA TYR B 102 -2.53 11.49 -12.52
C TYR B 102 -2.22 11.08 -11.13
N LEU B 103 -1.29 11.76 -10.46
CA LEU B 103 -0.88 11.32 -9.15
C LEU B 103 -1.97 11.43 -8.12
N VAL B 104 -2.86 12.44 -8.25
CA VAL B 104 -3.80 12.75 -7.19
C VAL B 104 -5.18 12.20 -7.38
N THR B 105 -5.72 11.58 -6.30
CA THR B 105 -7.05 11.04 -6.31
C THR B 105 -7.81 11.56 -5.12
N PRO B 106 -9.06 11.91 -5.31
CA PRO B 106 -9.86 12.39 -4.21
C PRO B 106 -10.26 11.25 -3.33
N TYR B 107 -10.46 11.52 -2.03
CA TYR B 107 -10.80 10.50 -1.08
C TYR B 107 -12.15 9.95 -1.44
N SER B 108 -13.08 10.86 -1.80
CA SER B 108 -14.42 10.50 -2.19
C SER B 108 -14.94 11.63 -3.01
N GLU B 109 -16.14 11.46 -3.60
CA GLU B 109 -16.69 12.48 -4.45
C GLU B 109 -16.92 13.73 -3.66
N THR B 110 -17.47 13.58 -2.43
CA THR B 110 -17.78 14.67 -1.54
C THR B 110 -16.53 15.27 -0.95
N ASP B 111 -15.49 14.43 -0.78
CA ASP B 111 -14.20 14.54 -0.15
C ASP B 111 -13.06 15.14 -0.95
N GLU B 112 -13.32 15.92 -2.02
CA GLU B 112 -12.29 16.40 -2.90
C GLU B 112 -11.18 17.13 -2.19
N ASN B 113 -11.45 17.70 -0.99
CA ASN B 113 -10.46 18.39 -0.20
C ASN B 113 -9.44 17.42 0.35
N ILE B 114 -9.76 16.11 0.42
CA ILE B 114 -8.82 15.14 0.92
C ILE B 114 -8.21 14.43 -0.26
N LEU B 115 -6.88 14.57 -0.42
CA LEU B 115 -6.14 14.09 -1.56
C LEU B 115 -5.28 12.92 -1.18
N LEU B 116 -5.28 11.87 -2.03
CA LEU B 116 -4.50 10.68 -1.79
C LEU B 116 -3.50 10.55 -2.90
N ALA B 117 -2.28 10.06 -2.57
CA ALA B 117 -1.28 9.83 -3.58
C ALA B 117 -0.60 8.53 -3.21
N GLY B 118 -0.12 7.78 -4.21
CA GLY B 118 0.60 6.57 -3.94
C GLY B 118 -0.29 5.38 -4.07
N PRO B 119 0.30 4.20 -4.00
CA PRO B 119 1.72 4.11 -3.79
C PRO B 119 2.56 4.50 -4.96
N LEU B 120 3.73 5.11 -4.67
CA LEU B 120 4.68 5.54 -5.67
C LEU B 120 6.01 5.00 -5.23
N PRO B 121 6.93 4.83 -6.14
CA PRO B 121 8.23 4.34 -5.77
C PRO B 121 8.94 5.37 -4.94
N GLY B 122 9.49 4.98 -3.79
CA GLY B 122 10.11 5.88 -2.86
C GLY B 122 11.33 6.51 -3.46
N GLU B 123 12.10 5.75 -4.25
CA GLU B 123 13.33 6.28 -4.78
C GLU B 123 13.03 7.42 -5.71
N ASP B 124 11.93 7.31 -6.49
CA ASP B 124 11.55 8.28 -7.47
C ASP B 124 11.04 9.56 -6.86
N TYR B 125 10.23 9.49 -5.77
CA TYR B 125 9.63 10.71 -5.31
C TYR B 125 10.18 11.15 -3.99
N GLN B 126 11.23 11.98 -4.03
CA GLN B 126 11.78 12.54 -2.82
C GLN B 126 10.82 13.55 -2.30
N GLU B 127 10.17 14.27 -3.22
CA GLU B 127 9.25 15.31 -2.85
C GLU B 127 8.02 15.09 -3.69
N MET B 128 6.82 15.25 -3.09
CA MET B 128 5.61 15.12 -3.85
C MET B 128 5.00 16.47 -3.80
N ILE B 129 4.79 17.12 -4.95
CA ILE B 129 4.28 18.47 -4.89
C ILE B 129 2.88 18.52 -5.40
N PHE B 130 1.94 18.92 -4.52
CA PHE B 130 0.55 18.95 -4.91
C PHE B 130 0.18 20.35 -5.31
N PRO B 131 -0.36 20.53 -6.49
CA PRO B 131 -0.85 21.79 -6.97
C PRO B 131 -2.16 21.98 -6.27
N ILE B 132 -2.39 23.08 -5.54
CA ILE B 132 -3.65 23.15 -4.85
C ILE B 132 -4.37 24.42 -5.20
N LEU B 133 -5.69 24.32 -5.40
CA LEU B 133 -6.46 25.49 -5.74
C LEU B 133 -7.31 25.88 -4.55
N SER B 134 -7.17 27.13 -4.08
CA SER B 134 -7.94 27.62 -2.96
C SER B 134 -9.34 27.97 -3.41
N PRO B 135 -10.28 27.95 -2.48
CA PRO B 135 -11.66 28.30 -2.74
C PRO B 135 -11.86 29.78 -2.79
N ASN B 136 -13.08 30.24 -3.16
CA ASN B 136 -13.37 31.66 -3.15
C ASN B 136 -14.58 31.87 -2.30
N PRO B 137 -14.40 32.48 -1.16
CA PRO B 137 -15.50 32.67 -0.25
C PRO B 137 -16.57 33.57 -0.77
N ALA B 138 -16.26 34.50 -1.69
CA ALA B 138 -17.29 35.36 -2.14
C ALA B 138 -18.34 34.52 -2.81
N THR B 139 -17.87 33.59 -3.67
CA THR B 139 -18.74 32.69 -4.37
C THR B 139 -19.24 31.59 -3.48
N ASP B 140 -18.40 31.10 -2.55
CA ASP B 140 -18.77 29.93 -1.77
C ASP B 140 -19.04 30.31 -0.34
N ALA B 141 -20.31 30.12 0.08
CA ALA B 141 -20.83 30.42 1.39
C ALA B 141 -20.20 29.56 2.44
N GLY B 142 -19.91 28.28 2.08
CA GLY B 142 -19.41 27.30 2.99
C GLY B 142 -18.08 27.72 3.55
N VAL B 143 -17.26 28.47 2.79
CA VAL B 143 -15.96 28.81 3.29
C VAL B 143 -15.82 30.29 3.51
N TYR B 144 -14.99 30.65 4.51
CA TYR B 144 -14.75 32.03 4.81
C TYR B 144 -13.26 32.24 4.85
N PHE B 145 -12.82 33.51 4.85
CA PHE B 145 -11.41 33.80 4.92
C PHE B 145 -11.01 33.57 6.34
N GLY B 146 -9.75 33.15 6.56
CA GLY B 146 -9.30 32.91 7.91
C GLY B 146 -8.11 32.00 7.84
N LYS B 147 -7.63 31.56 9.03
CA LYS B 147 -6.50 30.69 9.09
C LYS B 147 -7.01 29.28 9.18
N TYR B 148 -6.39 28.35 8.43
CA TYR B 148 -6.89 27.00 8.45
C TYR B 148 -5.76 26.03 8.64
N SER B 149 -6.09 24.80 9.06
CA SER B 149 -5.10 23.80 9.30
C SER B 149 -5.15 22.78 8.21
N ILE B 150 -3.98 22.21 7.87
CA ILE B 150 -3.87 21.20 6.86
C ILE B 150 -3.26 20.02 7.58
N HIS B 151 -3.79 18.80 7.34
CA HIS B 151 -3.28 17.66 8.04
C HIS B 151 -2.66 16.72 7.06
N LEU B 152 -1.44 16.25 7.35
CA LEU B 152 -0.77 15.35 6.47
C LEU B 152 -0.55 14.03 7.16
N GLY B 153 -0.77 12.93 6.42
CA GLY B 153 -0.49 11.60 6.89
C GLY B 153 0.36 11.00 5.81
N GLY B 154 1.60 10.55 6.15
CA GLY B 154 2.45 10.06 5.10
C GLY B 154 3.08 8.75 5.51
N ASN B 155 3.13 7.80 4.57
CA ASN B 155 3.64 6.50 4.91
C ASN B 155 4.64 6.02 3.89
N ARG B 156 5.56 5.13 4.36
CA ARG B 156 6.50 4.48 3.49
C ARG B 156 6.56 3.06 3.99
N GLY B 157 6.63 2.07 3.09
CA GLY B 157 6.80 0.72 3.52
C GLY B 157 5.48 0.02 3.72
N ARG B 158 5.52 -1.32 3.69
CA ARG B 158 4.37 -2.17 3.78
C ARG B 158 3.82 -2.18 5.17
N GLY B 159 2.47 -2.30 5.27
CA GLY B 159 1.78 -2.27 6.53
C GLY B 159 1.87 -3.60 7.22
N GLN B 160 1.54 -3.59 8.52
CA GLN B 160 1.51 -4.70 9.43
C GLN B 160 0.26 -5.53 9.33
N VAL B 161 -0.91 -4.92 9.03
CA VAL B 161 -2.14 -5.65 9.06
C VAL B 161 -2.88 -5.45 7.78
N TYR B 162 -3.78 -6.40 7.45
CA TYR B 162 -4.53 -6.35 6.22
C TYR B 162 -5.94 -6.01 6.60
N PRO B 163 -6.72 -5.56 5.65
CA PRO B 163 -8.10 -5.27 5.92
C PRO B 163 -8.80 -6.52 6.32
N THR B 164 -8.16 -7.67 6.05
CA THR B 164 -8.65 -8.95 6.46
C THR B 164 -8.61 -8.95 7.95
N GLY B 165 -7.60 -8.28 8.53
CA GLY B 165 -7.44 -8.26 9.95
C GLY B 165 -6.30 -9.16 10.30
N GLU B 166 -5.79 -9.92 9.30
CA GLU B 166 -4.69 -10.79 9.55
C GLU B 166 -3.41 -10.03 9.38
N LEU B 167 -2.35 -10.49 10.09
CA LEU B 167 -1.07 -9.83 10.07
C LEU B 167 -0.34 -10.17 8.81
N SER B 168 0.48 -9.20 8.34
CA SER B 168 1.29 -9.36 7.17
C SER B 168 2.59 -9.97 7.59
N ASN B 169 3.47 -10.26 6.61
CA ASN B 169 4.78 -10.81 6.84
C ASN B 169 5.70 -9.75 7.39
N ASN B 170 5.32 -8.46 7.31
CA ASN B 170 6.18 -7.42 7.81
C ASN B 170 5.75 -7.07 9.21
N ASN B 171 5.78 -8.05 10.14
CA ASN B 171 5.35 -7.80 11.50
C ASN B 171 5.98 -8.81 12.41
N ALA B 172 5.93 -8.57 13.74
CA ALA B 172 6.49 -9.51 14.67
C ALA B 172 5.50 -10.62 14.92
N PHE B 173 6.02 -11.86 15.12
CA PHE B 173 5.16 -12.99 15.40
C PHE B 173 5.51 -13.47 16.78
N SER B 174 4.49 -13.85 17.60
CA SER B 174 4.76 -14.19 18.98
C SER B 174 4.34 -15.60 19.30
N ALA B 175 4.97 -16.18 20.35
CA ALA B 175 4.69 -17.52 20.77
C ALA B 175 3.28 -17.60 21.25
N SER B 176 2.52 -18.56 20.69
CA SER B 176 1.15 -18.76 21.03
C SER B 176 1.07 -19.31 22.42
N ILE B 177 2.12 -20.03 22.87
CA ILE B 177 2.09 -20.60 24.19
C ILE B 177 3.49 -20.73 24.70
N ALA B 178 3.65 -20.85 26.05
CA ALA B 178 4.93 -21.00 26.66
C ALA B 178 5.37 -22.43 26.57
N GLY B 179 6.69 -22.67 26.48
CA GLY B 179 7.18 -24.02 26.40
C GLY B 179 8.57 -24.00 25.84
N THR B 180 9.04 -25.17 25.34
CA THR B 180 10.36 -25.24 24.79
C THR B 180 10.26 -25.52 23.32
N ILE B 181 11.21 -24.99 22.53
CA ILE B 181 11.13 -25.13 21.10
C ILE B 181 11.83 -26.39 20.70
N ALA B 182 11.04 -27.41 20.34
CA ALA B 182 11.53 -28.68 19.90
C ALA B 182 12.18 -28.58 18.55
N ALA B 183 11.57 -27.82 17.61
CA ALA B 183 12.17 -27.77 16.31
C ALA B 183 11.57 -26.65 15.51
N ILE B 184 12.24 -26.27 14.40
CA ILE B 184 11.75 -25.27 13.49
C ILE B 184 12.07 -25.70 12.06
N GLU B 185 11.15 -25.52 11.09
CA GLU B 185 11.31 -25.96 9.70
C GLU B 185 11.37 -24.74 8.78
N ASP B 186 11.97 -24.80 7.53
CA ASP B 186 12.13 -23.53 6.82
C ASP B 186 12.15 -23.45 5.27
N ASN B 187 11.15 -22.77 4.62
CA ASN B 187 11.17 -22.42 3.20
C ASN B 187 11.17 -20.93 3.17
N GLY B 188 11.95 -20.37 4.10
CA GLY B 188 11.92 -18.95 4.29
C GLY B 188 10.88 -18.81 5.34
N PHE B 189 9.76 -19.55 5.13
CA PHE B 189 8.66 -19.62 6.05
C PHE B 189 9.14 -20.53 7.10
N GLY B 190 8.78 -20.23 8.34
CA GLY B 190 9.01 -21.24 9.29
C GLY B 190 7.64 -21.73 9.31
N PHE B 191 7.47 -22.87 8.64
CA PHE B 191 6.20 -23.48 8.52
C PHE B 191 5.84 -23.64 9.93
N ASP B 192 6.85 -23.97 10.76
CA ASP B 192 6.43 -24.07 12.10
C ASP B 192 7.55 -23.95 13.07
N VAL B 193 7.21 -23.31 14.19
CA VAL B 193 8.05 -23.38 15.35
C VAL B 193 7.23 -24.28 16.22
N THR B 194 7.79 -25.43 16.61
CA THR B 194 7.02 -26.33 17.42
C THR B 194 7.40 -26.09 18.84
N ILE B 195 6.38 -25.89 19.70
CA ILE B 195 6.66 -25.62 21.07
C ILE B 195 6.05 -26.68 21.91
N GLN B 196 6.79 -27.16 22.92
CA GLN B 196 6.30 -28.19 23.80
C GLN B 196 5.87 -27.51 25.07
N PRO B 197 4.59 -27.48 25.30
CA PRO B 197 4.12 -26.91 26.53
C PRO B 197 4.43 -27.70 27.76
N GLU B 198 4.12 -27.07 28.90
CA GLU B 198 4.45 -27.50 30.23
C GLU B 198 3.90 -28.87 30.50
N ASP B 199 2.78 -29.27 29.86
CA ASP B 199 2.27 -30.55 30.24
C ASP B 199 2.09 -31.50 29.08
N GLY B 200 3.12 -31.68 28.22
CA GLY B 200 3.07 -32.73 27.24
C GLY B 200 2.59 -32.27 25.89
N ASP B 201 1.74 -31.24 25.81
CA ASP B 201 1.18 -30.86 24.53
C ASP B 201 2.25 -30.25 23.67
N ALA B 202 2.02 -30.25 22.34
CA ALA B 202 2.93 -29.61 21.43
C ALA B 202 2.10 -28.78 20.49
N VAL B 203 2.49 -27.50 20.30
CA VAL B 203 1.74 -26.60 19.48
C VAL B 203 2.63 -26.10 18.39
N VAL B 204 2.03 -25.62 17.28
CA VAL B 204 2.88 -25.19 16.21
C VAL B 204 2.49 -23.80 15.81
N THR B 205 3.48 -22.89 15.70
CA THR B 205 3.18 -21.53 15.33
C THR B 205 3.80 -21.31 13.98
N SER B 206 3.00 -20.84 13.01
CA SER B 206 3.51 -20.68 11.68
C SER B 206 3.86 -19.25 11.47
N ILE B 207 5.06 -19.02 10.88
CA ILE B 207 5.46 -17.67 10.60
C ILE B 207 5.81 -17.65 9.14
N LEU B 208 5.45 -16.56 8.44
CA LEU B 208 5.69 -16.44 7.02
C LEU B 208 7.12 -16.03 6.79
N PRO B 209 7.62 -16.17 5.57
CA PRO B 209 8.96 -15.79 5.23
C PRO B 209 9.07 -14.31 5.45
N GLY B 210 10.26 -13.81 5.84
CA GLY B 210 10.46 -12.39 6.00
C GLY B 210 10.92 -12.04 7.39
N PRO B 211 10.18 -12.35 8.42
CA PRO B 211 10.64 -12.00 9.74
C PRO B 211 11.80 -12.88 10.08
N GLU B 212 12.73 -12.44 10.95
CA GLU B 212 13.85 -13.27 11.25
C GLU B 212 13.69 -13.85 12.63
N LEU B 213 13.87 -15.18 12.74
CA LEU B 213 13.69 -15.86 13.98
C LEU B 213 14.77 -15.47 14.94
N ILE B 214 14.32 -15.03 16.13
CA ILE B 214 15.07 -14.66 17.30
C ILE B 214 15.50 -15.88 18.06
N VAL B 215 14.70 -16.97 18.01
CA VAL B 215 14.89 -18.11 18.86
C VAL B 215 15.51 -19.26 18.17
N ALA B 216 16.04 -20.21 18.97
CA ALA B 216 16.70 -21.39 18.48
C ALA B 216 16.07 -22.58 19.13
N VAL B 217 16.25 -23.75 18.52
CA VAL B 217 15.66 -24.95 19.04
C VAL B 217 16.30 -25.22 20.37
N GLY B 218 15.48 -25.75 21.31
CA GLY B 218 15.93 -26.10 22.62
C GLY B 218 15.79 -24.90 23.51
N ASP B 219 15.21 -23.81 22.99
CA ASP B 219 15.09 -22.61 23.78
C ASP B 219 13.71 -22.54 24.36
N THR B 220 13.61 -22.05 25.61
CA THR B 220 12.33 -21.90 26.25
C THR B 220 11.80 -20.54 25.92
N VAL B 221 10.47 -20.42 25.79
CA VAL B 221 9.88 -19.14 25.49
C VAL B 221 8.62 -18.98 26.28
N GLU B 222 8.33 -17.74 26.70
CA GLU B 222 7.12 -17.47 27.44
C GLU B 222 6.03 -17.20 26.44
N ALA B 223 4.76 -17.31 26.87
CA ALA B 223 3.69 -17.08 25.95
C ALA B 223 3.71 -15.64 25.56
N GLY B 224 3.50 -15.37 24.26
CA GLY B 224 3.42 -14.04 23.76
C GLY B 224 4.79 -13.49 23.50
N GLN B 225 5.85 -14.26 23.83
CA GLN B 225 7.15 -13.69 23.61
C GLN B 225 7.44 -13.69 22.15
N LEU B 226 8.35 -12.78 21.71
CA LEU B 226 8.61 -12.64 20.31
C LEU B 226 9.47 -13.75 19.79
N LEU B 227 8.95 -14.42 18.74
CA LEU B 227 9.59 -15.46 17.98
C LEU B 227 10.53 -14.87 16.99
N THR B 228 10.25 -13.64 16.54
CA THR B 228 11.01 -13.04 15.48
C THR B 228 11.31 -11.60 15.82
N THR B 229 12.18 -10.97 15.02
CA THR B 229 12.48 -9.58 15.23
C THR B 229 11.35 -8.84 14.60
N ASN B 230 11.45 -7.50 14.57
CA ASN B 230 10.46 -6.74 13.87
C ASN B 230 11.13 -6.31 12.61
N PRO B 231 10.74 -6.88 11.50
CA PRO B 231 11.36 -6.60 10.24
C PRO B 231 10.99 -5.25 9.66
N ASN B 232 9.99 -4.57 10.22
CA ASN B 232 9.48 -3.33 9.68
C ASN B 232 10.53 -2.27 9.61
N VAL B 233 10.81 -1.79 8.36
CA VAL B 233 11.69 -0.71 7.98
C VAL B 233 11.01 0.63 7.84
N GLY B 234 9.69 0.65 7.59
CA GLY B 234 9.02 1.89 7.25
C GLY B 234 8.24 2.45 8.39
N GLY B 235 7.23 3.29 8.06
CA GLY B 235 6.42 3.84 9.11
C GLY B 235 5.53 4.91 8.56
N PHE B 236 4.58 5.36 9.41
CA PHE B 236 3.60 6.35 9.06
C PHE B 236 3.71 7.48 10.03
N GLY B 237 3.61 8.74 9.56
CA GLY B 237 3.74 9.86 10.44
C GLY B 237 2.75 10.92 10.03
N GLN B 238 2.49 11.89 10.94
CA GLN B 238 1.56 12.92 10.63
C GLN B 238 2.16 14.25 10.98
N MET B 239 1.75 15.31 10.26
CA MET B 239 2.19 16.62 10.60
C MET B 239 1.15 17.59 10.15
N ASP B 240 0.96 18.66 10.94
CA ASP B 240 -0.05 19.65 10.67
C ASP B 240 0.64 20.94 10.35
N SER B 241 -0.01 21.77 9.52
CA SER B 241 0.51 23.07 9.18
C SER B 241 -0.68 23.97 9.05
N GLU B 242 -0.46 25.30 8.97
CA GLU B 242 -1.57 26.19 8.85
C GLU B 242 -1.35 27.05 7.66
N ILE B 243 -2.44 27.56 7.05
CA ILE B 243 -2.35 28.45 5.93
C ILE B 243 -3.43 29.48 6.10
N VAL B 244 -3.18 30.72 5.62
CA VAL B 244 -4.15 31.77 5.79
C VAL B 244 -4.82 32.02 4.48
N LEU B 245 -6.17 31.93 4.46
CA LEU B 245 -6.91 32.21 3.25
C LEU B 245 -7.11 33.69 3.33
N GLN B 246 -6.42 34.44 2.45
CA GLN B 246 -6.34 35.88 2.55
C GLN B 246 -7.28 36.58 1.62
N SER B 247 -7.59 37.85 1.97
CA SER B 247 -8.45 38.67 1.16
C SER B 247 -7.56 39.47 0.27
N SER B 248 -7.96 39.62 -1.00
CA SER B 248 -7.16 40.32 -1.96
C SER B 248 -7.07 41.74 -1.57
N SER B 249 -6.02 42.39 -2.07
CA SER B 249 -5.82 43.77 -1.77
C SER B 249 -5.75 43.91 -0.26
CU CU C . -1.07 -3.53 -9.46
FE HEC D . -1.23 0.87 3.40
CHA HEC D . 1.05 -0.95 1.67
CHB HEC D . 0.09 3.77 2.17
CHC HEC D . -3.78 2.62 4.79
CHD HEC D . -2.21 -1.90 5.03
NA HEC D . 0.18 1.32 2.10
C1A HEC D . 1.01 0.45 1.45
C2A HEC D . 1.93 1.15 0.56
C3A HEC D . 1.69 2.47 0.74
C4A HEC D . 0.59 2.58 1.68
CMA HEC D . 2.44 3.61 0.08
CAA HEC D . 2.98 0.47 -0.32
CBA HEC D . 4.28 0.43 0.54
CGA HEC D . 5.39 -0.40 -0.08
O1A HEC D . 6.58 -0.12 0.23
O2A HEC D . 5.09 -1.33 -0.86
NB HEC D . -1.73 2.78 3.49
C1B HEC D . -0.99 3.88 3.01
C2B HEC D . -1.66 5.15 3.38
C3B HEC D . -2.78 4.84 4.12
C4B HEC D . -2.81 3.36 4.13
CMB HEC D . -1.14 6.54 3.12
CAB HEC D . -3.70 5.73 4.78
CBB HEC D . -4.33 6.82 3.90
NC HEC D . -2.75 0.45 4.55
C1C HEC D . -3.74 1.26 5.02
C2C HEC D . -4.68 0.54 5.85
C3C HEC D . -4.26 -0.72 5.93
C4C HEC D . -3.03 -0.78 5.14
CMC HEC D . -5.95 1.16 6.42
CAC HEC D . -4.83 -1.80 6.71
CBC HEC D . -6.32 -2.18 6.43
ND HEC D . -0.71 -1.03 3.33
C1D HEC D . -1.15 -2.03 4.18
C2D HEC D . -0.43 -3.28 3.98
C3D HEC D . 0.43 -3.03 2.97
C4D HEC D . 0.25 -1.64 2.58
CMD HEC D . -0.56 -4.63 4.76
CAD HEC D . 1.36 -4.02 2.31
CBD HEC D . 0.73 -4.78 1.14
CGD HEC D . 1.70 -5.77 0.54
O1D HEC D . 1.52 -6.99 0.77
O2D HEC D . 2.66 -5.30 -0.14
HHA HEC D . 1.76 -1.53 1.10
HHB HEC D . 0.58 4.68 1.86
HHC HEC D . -4.65 3.14 5.16
HHD HEC D . -2.44 -2.73 5.68
HMA1 HEC D . 2.04 3.77 -0.92
HMA2 HEC D . 3.48 3.37 0.01
HMA3 HEC D . 2.31 4.51 0.65
HAA1 HEC D . 3.14 1.05 -1.23
HAA2 HEC D . 2.65 -0.52 -0.59
HBA1 HEC D . 4.03 0.00 1.50
HBA2 HEC D . 4.63 1.44 0.67
HMB1 HEC D . -1.48 6.87 2.14
HMB2 HEC D . -0.06 6.54 3.14
HMB3 HEC D . -1.51 7.22 3.87
HAB HEC D . -4.54 5.16 5.16
HBB1 HEC D . -5.31 6.51 3.57
HBB2 HEC D . -4.42 7.74 4.48
HBB3 HEC D . -3.70 7.01 3.04
HMC1 HEC D . -5.85 1.24 7.50
HMC2 HEC D . -6.79 0.53 6.19
HMC3 HEC D . -6.09 2.14 6.00
HAC HEC D . -5.45 -1.53 7.52
HBC1 HEC D . -6.74 -2.68 7.30
HBC2 HEC D . -6.89 -1.29 6.22
HBC3 HEC D . -6.37 -2.85 5.57
HMD1 HEC D . 0.13 -4.64 5.58
HMD2 HEC D . -0.34 -5.44 4.09
HMD3 HEC D . -1.57 -4.73 5.13
HAD1 HEC D . 1.66 -4.75 3.05
HAD2 HEC D . 2.22 -3.49 1.94
HBD1 HEC D . 0.43 -4.07 0.38
HBD2 HEC D . -0.15 -5.31 1.49
N ALA A 1 -7.64 -18.14 -27.10
CA ALA A 1 -7.15 -16.90 -27.69
C ALA A 1 -6.48 -16.06 -26.62
N SER A 2 -5.68 -15.10 -27.08
CA SER A 2 -4.97 -14.21 -26.17
C SER A 2 -5.96 -13.49 -25.26
N VAL A 3 -5.73 -13.59 -23.97
CA VAL A 3 -6.59 -12.95 -22.99
C VAL A 3 -5.76 -11.99 -22.13
N GLN A 4 -6.45 -11.30 -21.23
CA GLN A 4 -5.79 -10.36 -20.35
C GLN A 4 -6.44 -10.39 -18.96
N ILE A 5 -5.64 -10.09 -17.95
CA ILE A 5 -6.12 -10.08 -16.58
C ILE A 5 -6.05 -8.66 -16.03
N LYS A 6 -7.22 -8.09 -15.80
CA LYS A 6 -7.30 -6.74 -15.27
C LYS A 6 -7.39 -6.79 -13.74
N MET A 7 -6.58 -5.95 -13.11
CA MET A 7 -6.56 -5.89 -11.65
C MET A 7 -7.26 -4.64 -11.15
N GLY A 8 -8.53 -4.82 -10.77
CA GLY A 8 -9.32 -3.71 -10.26
C GLY A 8 -10.53 -3.44 -11.17
N THR A 9 -11.62 -3.05 -10.54
CA THR A 9 -12.84 -2.77 -11.27
C THR A 9 -13.12 -1.26 -11.28
N ASP A 10 -13.95 -0.84 -12.23
CA ASP A 10 -14.29 0.56 -12.36
C ASP A 10 -14.95 1.03 -11.05
N LYS A 11 -15.37 0.07 -10.26
CA LYS A 11 -16.01 0.37 -8.99
C LYS A 11 -14.96 0.46 -7.88
N TYR A 12 -13.82 1.05 -8.24
CA TYR A 12 -12.73 1.20 -7.30
C TYR A 12 -12.60 -0.04 -6.41
N ALA A 13 -12.99 -1.18 -6.97
CA ALA A 13 -12.91 -2.43 -6.24
C ALA A 13 -11.74 -3.26 -6.76
N PRO A 14 -10.78 -3.51 -5.85
CA PRO A 14 -9.59 -4.28 -6.19
C PRO A 14 -9.92 -5.77 -6.32
N LEU A 15 -10.13 -6.20 -7.55
CA LEU A 15 -10.46 -7.59 -7.82
C LEU A 15 -9.96 -7.97 -9.21
N TYR A 16 -9.64 -9.25 -9.36
CA TYR A 16 -9.14 -9.74 -10.63
C TYR A 16 -10.29 -9.92 -11.63
N GLU A 17 -10.12 -9.31 -12.80
CA GLU A 17 -11.13 -9.40 -13.84
C GLU A 17 -10.49 -9.78 -15.18
N PRO A 18 -11.14 -10.74 -15.87
CA PRO A 18 -12.37 -11.34 -15.36
C PRO A 18 -12.06 -12.32 -14.23
N LYS A 19 -12.93 -12.30 -13.23
CA LYS A 19 -12.76 -13.18 -12.08
C LYS A 19 -12.31 -14.55 -12.56
N ALA A 20 -12.89 -14.99 -13.67
CA ALA A 20 -12.56 -16.28 -14.23
C ALA A 20 -12.02 -16.08 -15.65
N LEU A 21 -11.08 -16.94 -16.02
CA LEU A 21 -10.47 -16.87 -17.33
C LEU A 21 -10.21 -18.29 -17.85
N SER A 22 -10.44 -18.47 -19.14
CA SER A 22 -10.22 -19.77 -19.76
C SER A 22 -9.37 -19.61 -21.02
N ILE A 23 -8.52 -20.61 -21.25
CA ILE A 23 -7.63 -20.59 -22.40
C ILE A 23 -7.26 -22.03 -22.76
N SER A 24 -6.41 -22.14 -23.78
CA SER A 24 -5.95 -23.45 -24.22
C SER A 24 -4.43 -23.54 -24.12
N ALA A 25 -3.95 -24.77 -24.06
CA ALA A 25 -2.52 -25.02 -23.96
C ALA A 25 -1.80 -24.36 -25.15
N GLY A 26 -1.15 -23.24 -24.86
CA GLY A 26 -0.43 -22.53 -25.90
C GLY A 26 -0.89 -21.07 -25.98
N ASP A 27 -1.95 -20.77 -25.22
CA ASP A 27 -2.50 -19.43 -25.20
C ASP A 27 -1.68 -18.57 -24.23
N THR A 28 -2.01 -17.29 -24.22
CA THR A 28 -1.33 -16.35 -23.35
C THR A 28 -2.32 -15.63 -22.44
N VAL A 29 -1.81 -15.19 -21.30
CA VAL A 29 -2.65 -14.49 -20.33
C VAL A 29 -1.95 -13.20 -19.89
N GLU A 30 -2.40 -12.10 -20.44
CA GLU A 30 -1.82 -10.80 -20.12
C GLU A 30 -2.35 -10.31 -18.77
N PHE A 31 -1.73 -9.25 -18.27
CA PHE A 31 -2.13 -8.68 -17.01
C PHE A 31 -1.92 -7.15 -17.00
N VAL A 32 -3.02 -6.45 -16.76
CA VAL A 32 -2.97 -4.99 -16.73
C VAL A 32 -3.53 -4.50 -15.40
N MET A 33 -3.11 -3.30 -15.01
CA MET A 33 -3.57 -2.71 -13.77
C MET A 33 -4.70 -1.72 -14.02
N ASN A 34 -5.85 -2.02 -13.43
CA ASN A 34 -7.02 -1.17 -13.57
C ASN A 34 -6.89 0.04 -12.65
N LYS A 35 -6.92 -0.25 -11.35
CA LYS A 35 -6.80 0.80 -10.35
C LYS A 35 -6.60 0.17 -8.97
N VAL A 36 -6.73 1.00 -7.95
CA VAL A 36 -6.56 0.53 -6.59
C VAL A 36 -5.29 -0.32 -6.50
N GLY A 37 -4.19 0.26 -6.94
CA GLY A 37 -2.91 -0.43 -6.91
C GLY A 37 -2.15 -0.13 -5.62
N PRO A 38 -0.87 -0.61 -5.58
CA PRO A 38 -0.31 -1.35 -6.71
C PRO A 38 -0.89 -2.77 -6.76
N HIS A 39 -0.27 -3.58 -7.61
CA HIS A 39 -0.70 -4.95 -7.77
C HIS A 39 0.52 -5.85 -8.00
N ASN A 40 0.24 -7.10 -8.36
CA ASN A 40 1.30 -8.05 -8.62
C ASN A 40 0.69 -9.44 -8.86
N VAL A 41 1.51 -10.34 -9.37
CA VAL A 41 1.07 -11.69 -9.65
C VAL A 41 1.59 -12.63 -8.57
N ILE A 42 0.67 -13.19 -7.81
CA ILE A 42 1.03 -14.11 -6.74
C ILE A 42 0.13 -15.35 -6.81
N PHE A 43 0.44 -16.20 -7.78
CA PHE A 43 -0.33 -17.43 -7.97
C PHE A 43 -0.53 -18.15 -6.64
N ASP A 44 -1.52 -19.03 -6.63
CA ASP A 44 -1.84 -19.79 -5.44
C ASP A 44 -1.17 -21.17 -5.54
N LYS A 45 -1.39 -21.82 -6.67
CA LYS A 45 -0.83 -23.14 -6.90
C LYS A 45 -1.48 -23.77 -8.13
N VAL A 46 -0.68 -24.50 -8.88
CA VAL A 46 -1.18 -25.15 -10.09
C VAL A 46 -0.78 -26.63 -10.05
N PRO A 47 -1.55 -27.45 -10.83
CA PRO A 47 -1.28 -28.87 -10.89
C PRO A 47 -0.05 -29.17 -11.73
N ALA A 48 0.46 -30.39 -11.59
CA ALA A 48 1.63 -30.81 -12.32
C ALA A 48 1.55 -30.27 -13.76
N GLY A 49 2.67 -29.74 -14.22
CA GLY A 49 2.74 -29.19 -15.57
C GLY A 49 3.42 -27.83 -15.56
N GLU A 50 2.86 -26.93 -14.77
CA GLU A 50 3.41 -25.58 -14.68
C GLU A 50 4.03 -25.36 -13.29
N SER A 51 4.43 -24.12 -13.05
CA SER A 51 5.04 -23.76 -11.78
C SER A 51 4.42 -22.48 -11.24
N ALA A 52 3.22 -22.62 -10.68
CA ALA A 52 2.50 -21.49 -10.13
C ALA A 52 3.42 -20.76 -9.14
N PRO A 53 3.98 -21.53 -8.19
CA PRO A 53 4.86 -20.98 -7.18
C PRO A 53 6.24 -20.66 -7.77
N ALA A 54 6.21 -19.94 -8.89
CA ALA A 54 7.44 -19.56 -9.57
C ALA A 54 7.18 -18.32 -10.43
N LEU A 55 6.08 -18.37 -11.16
CA LEU A 55 5.71 -17.27 -12.03
C LEU A 55 5.37 -16.04 -11.18
N SER A 56 4.93 -16.32 -9.97
CA SER A 56 4.57 -15.24 -9.05
C SER A 56 5.67 -14.17 -9.04
N ASN A 57 5.30 -12.99 -9.50
CA ASN A 57 6.23 -11.87 -9.55
C ASN A 57 5.87 -10.86 -8.48
N THR A 58 6.80 -10.66 -7.55
CA THR A 58 6.59 -9.72 -6.47
C THR A 58 7.08 -8.33 -6.87
N LYS A 59 7.16 -8.11 -8.17
CA LYS A 59 7.61 -6.84 -8.70
C LYS A 59 6.42 -5.88 -8.79
N LEU A 60 5.88 -5.55 -7.63
CA LEU A 60 4.73 -4.66 -7.57
C LEU A 60 4.93 -3.51 -8.56
N ALA A 61 4.24 -3.63 -9.69
CA ALA A 61 4.34 -2.61 -10.73
C ALA A 61 3.48 -1.40 -10.34
N ILE A 62 4.16 -0.41 -9.80
CA ILE A 62 3.48 0.82 -9.37
C ILE A 62 2.98 1.57 -10.61
N ALA A 63 3.86 1.68 -11.59
CA ALA A 63 3.52 2.38 -12.83
C ALA A 63 2.37 1.64 -13.51
N PRO A 64 1.19 2.32 -13.54
CA PRO A 64 0.02 1.74 -14.16
C PRO A 64 0.12 1.80 -15.69
N GLY A 65 -0.31 0.72 -16.32
CA GLY A 65 -0.28 0.63 -17.77
C GLY A 65 -0.56 -0.80 -18.24
N SER A 66 0.37 -1.69 -17.94
CA SER A 66 0.23 -3.08 -18.32
C SER A 66 1.43 -3.88 -17.82
N PHE A 67 1.24 -4.53 -16.68
CA PHE A 67 2.30 -5.33 -16.10
C PHE A 67 3.09 -6.08 -17.18
N TYR A 68 2.58 -7.25 -17.53
CA TYR A 68 3.22 -8.06 -18.55
C TYR A 68 2.35 -9.26 -18.93
N SER A 69 2.82 -10.00 -19.92
CA SER A 69 2.09 -11.16 -20.39
C SER A 69 2.94 -12.41 -20.22
N VAL A 70 2.28 -13.56 -20.24
CA VAL A 70 2.96 -14.84 -20.09
C VAL A 70 2.14 -15.93 -20.77
N THR A 71 2.85 -16.80 -21.48
CA THR A 71 2.20 -17.90 -22.18
C THR A 71 2.20 -19.16 -21.31
N LEU A 72 1.14 -19.94 -21.46
CA LEU A 72 1.00 -21.17 -20.70
C LEU A 72 0.81 -22.34 -21.66
N GLY A 73 0.82 -23.55 -21.10
CA GLY A 73 0.65 -24.75 -21.89
C GLY A 73 0.03 -25.87 -21.05
N THR A 74 0.56 -26.02 -19.85
CA THR A 74 0.09 -27.05 -18.94
C THR A 74 -1.43 -26.95 -18.78
N PRO A 75 -2.11 -28.09 -19.07
CA PRO A 75 -3.56 -28.14 -18.95
C PRO A 75 -4.00 -28.22 -17.48
N GLY A 76 -5.07 -27.52 -17.18
CA GLY A 76 -5.60 -27.50 -15.83
C GLY A 76 -6.11 -26.11 -15.45
N THR A 77 -6.58 -25.99 -14.21
CA THR A 77 -7.09 -24.73 -13.73
C THR A 77 -6.08 -24.08 -12.77
N TYR A 78 -5.64 -22.89 -13.14
CA TYR A 78 -4.68 -22.16 -12.32
C TYR A 78 -5.38 -21.15 -11.42
N SER A 79 -4.89 -21.04 -10.20
CA SER A 79 -5.46 -20.12 -9.23
C SER A 79 -4.38 -19.16 -8.73
N PHE A 80 -4.79 -17.92 -8.47
CA PHE A 80 -3.87 -16.92 -7.98
C PHE A 80 -4.58 -15.96 -7.02
N TYR A 81 -3.87 -14.90 -6.66
CA TYR A 81 -4.41 -13.90 -5.76
C TYR A 81 -3.49 -12.68 -5.66
N CYS A 82 -4.03 -11.61 -5.10
CA CYS A 82 -3.26 -10.38 -4.95
C CYS A 82 -2.64 -10.38 -3.55
N THR A 83 -1.31 -10.28 -3.53
CA THR A 83 -0.59 -10.26 -2.27
C THR A 83 -1.18 -9.23 -1.32
N PRO A 84 -1.34 -7.98 -1.85
CA PRO A 84 -1.90 -6.91 -1.06
C PRO A 84 -3.41 -7.06 -0.89
N HIS A 85 -4.11 -7.02 -2.02
CA HIS A 85 -5.55 -7.15 -2.01
C HIS A 85 -5.92 -8.62 -1.76
N ARG A 86 -5.45 -9.14 -0.64
CA ARG A 86 -5.74 -10.52 -0.29
C ARG A 86 -7.05 -10.61 0.49
N GLY A 87 -7.26 -9.62 1.35
CA GLY A 87 -8.47 -9.58 2.16
C GLY A 87 -9.59 -8.83 1.43
N ALA A 88 -9.18 -7.97 0.50
CA ALA A 88 -10.13 -7.19 -0.26
C ALA A 88 -10.95 -8.13 -1.15
N GLY A 89 -10.46 -9.35 -1.29
CA GLY A 89 -11.13 -10.35 -2.10
C GLY A 89 -10.80 -10.16 -3.58
N MET A 90 -9.52 -10.33 -3.89
CA MET A 90 -9.06 -10.19 -5.26
C MET A 90 -8.39 -11.48 -5.75
N VAL A 91 -9.22 -12.47 -6.04
CA VAL A 91 -8.72 -13.75 -6.52
C VAL A 91 -9.38 -14.08 -7.85
N GLY A 92 -8.67 -14.88 -8.64
CA GLY A 92 -9.18 -15.27 -9.95
C GLY A 92 -8.70 -16.68 -10.31
N THR A 93 -9.02 -17.08 -11.53
CA THR A 93 -8.63 -18.40 -12.01
C THR A 93 -8.28 -18.34 -13.50
N ILE A 94 -7.57 -19.36 -13.95
CA ILE A 94 -7.17 -19.44 -15.34
C ILE A 94 -7.14 -20.91 -15.79
N THR A 95 -7.91 -21.19 -16.82
CA THR A 95 -7.99 -22.54 -17.35
C THR A 95 -7.21 -22.65 -18.66
N VAL A 96 -6.60 -23.81 -18.85
CA VAL A 96 -5.81 -24.05 -20.05
C VAL A 96 -6.26 -25.37 -20.69
N GLU A 97 -7.44 -25.31 -21.31
CA GLU A 97 -7.99 -26.48 -21.96
C GLU A 97 -7.49 -26.57 -23.40
N TYR B 1 -2.66 0.48 1.80
CA TYR B 1 -2.75 1.42 0.66
C TYR B 1 -3.79 2.46 0.93
N PRO B 2 -3.77 3.55 0.23
CA PRO B 2 -4.76 4.56 0.46
C PRO B 2 -6.11 4.02 0.15
N PHE B 3 -6.17 3.06 -0.78
CA PHE B 3 -7.39 2.45 -1.23
C PHE B 3 -8.03 1.77 -0.05
N TYR B 4 -7.21 1.10 0.77
CA TYR B 4 -7.68 0.37 1.92
C TYR B 4 -8.27 1.33 2.91
N ALA B 5 -7.69 2.54 3.06
CA ALA B 5 -8.27 3.50 3.97
C ALA B 5 -9.64 3.85 3.48
N GLN B 6 -9.81 4.06 2.16
CA GLN B 6 -11.09 4.47 1.65
C GLN B 6 -12.14 3.44 1.95
N TYR B 7 -11.84 2.14 1.76
CA TYR B 7 -12.86 1.16 2.04
C TYR B 7 -13.20 1.09 3.49
N ASN B 8 -12.20 1.14 4.37
CA ASN B 8 -12.42 0.99 5.78
C ASN B 8 -13.03 2.19 6.45
N TYR B 9 -12.59 3.43 6.10
CA TYR B 9 -13.08 4.53 6.90
C TYR B 9 -13.62 5.63 6.03
N ASP B 10 -14.84 6.09 6.36
CA ASP B 10 -15.41 7.16 5.60
C ASP B 10 -14.59 8.39 5.88
N SER B 11 -14.20 8.61 7.16
CA SER B 11 -13.41 9.75 7.51
C SER B 11 -12.03 9.27 7.89
N PRO B 12 -11.05 9.76 7.18
CA PRO B 12 -9.67 9.40 7.37
C PRO B 12 -9.04 9.96 8.61
N ARG B 13 -9.66 10.97 9.26
CA ARG B 13 -9.06 11.57 10.41
C ARG B 13 -9.97 11.33 11.57
N GLU B 14 -9.41 10.73 12.64
CA GLU B 14 -10.16 10.41 13.83
C GLU B 14 -10.30 11.68 14.63
N ALA B 15 -11.22 11.66 15.62
CA ALA B 15 -11.51 12.81 16.42
C ALA B 15 -10.26 13.23 17.12
N THR B 16 -9.45 12.24 17.53
CA THR B 16 -8.22 12.48 18.22
C THR B 16 -7.32 13.23 17.29
N GLY B 17 -7.49 13.01 15.97
CA GLY B 17 -6.64 13.66 15.02
C GLY B 17 -5.75 12.62 14.44
N LYS B 18 -5.87 11.38 14.94
CA LYS B 18 -5.07 10.33 14.40
C LYS B 18 -5.62 9.98 13.04
N ILE B 19 -4.72 9.77 12.07
CA ILE B 19 -5.06 9.42 10.72
C ILE B 19 -5.12 7.93 10.65
N VAL B 20 -6.12 7.40 9.92
CA VAL B 20 -6.51 6.01 9.86
C VAL B 20 -5.41 5.10 9.39
N CYS B 21 -4.45 5.60 8.60
CA CYS B 21 -3.42 4.74 8.07
C CYS B 21 -2.71 4.08 9.22
N ALA B 22 -2.71 4.74 10.39
CA ALA B 22 -2.03 4.30 11.57
C ALA B 22 -2.55 2.97 12.01
N ASN B 23 -3.83 2.65 11.72
CA ASN B 23 -4.36 1.41 12.19
C ASN B 23 -3.54 0.26 11.63
N CYS B 24 -3.22 0.31 10.32
CA CYS B 24 -2.41 -0.69 9.64
C CYS B 24 -0.92 -0.52 9.76
N HIS B 25 -0.43 0.74 9.62
CA HIS B 25 0.99 0.99 9.60
C HIS B 25 1.35 1.45 10.96
N LEU B 26 1.84 0.49 11.75
CA LEU B 26 2.09 0.60 13.16
C LEU B 26 3.23 1.52 13.56
N ALA B 27 4.33 1.59 12.78
CA ALA B 27 5.48 2.34 13.22
C ALA B 27 5.37 3.79 12.86
N LYS B 28 6.02 4.66 13.67
CA LYS B 28 5.96 6.07 13.43
C LYS B 28 7.23 6.51 12.76
N LYS B 29 7.09 7.36 11.72
CA LYS B 29 8.19 7.95 11.00
C LYS B 29 7.75 9.34 10.67
N THR B 30 8.71 10.21 10.30
CA THR B 30 8.40 11.60 10.10
C THR B 30 7.65 11.86 8.84
N VAL B 31 6.89 12.98 8.84
CA VAL B 31 6.21 13.43 7.65
C VAL B 31 6.43 14.92 7.62
N GLU B 32 6.69 15.48 6.41
CA GLU B 32 6.90 16.90 6.35
C GLU B 32 6.02 17.50 5.30
N ILE B 33 5.52 18.72 5.56
CA ILE B 33 4.71 19.40 4.59
C ILE B 33 5.02 20.87 4.64
N GLU B 34 5.17 21.52 3.47
CA GLU B 34 5.40 22.94 3.46
C GLU B 34 4.43 23.59 2.52
N VAL B 35 3.85 24.72 2.95
CA VAL B 35 2.91 25.46 2.15
C VAL B 35 3.16 26.92 2.44
N PRO B 36 2.62 27.78 1.62
CA PRO B 36 2.82 29.19 1.81
C PRO B 36 2.10 29.68 3.04
N GLN B 37 2.53 30.83 3.57
CA GLN B 37 1.95 31.40 4.75
C GLN B 37 0.51 31.72 4.45
N ALA B 38 0.24 32.34 3.29
CA ALA B 38 -1.09 32.72 2.98
C ALA B 38 -1.30 32.60 1.50
N VAL B 39 -2.57 32.50 1.08
CA VAL B 39 -2.88 32.41 -0.33
C VAL B 39 -4.12 33.21 -0.62
N LEU B 40 -4.21 33.76 -1.85
CA LEU B 40 -5.33 34.56 -2.27
C LEU B 40 -6.43 33.62 -2.71
N PRO B 41 -7.66 34.07 -2.72
CA PRO B 41 -8.81 33.22 -2.98
C PRO B 41 -8.73 32.19 -4.05
N ASP B 42 -9.19 32.38 -5.28
CA ASP B 42 -9.12 31.26 -6.18
C ASP B 42 -7.77 31.27 -6.81
N THR B 43 -6.76 30.77 -6.05
CA THR B 43 -5.41 30.79 -6.54
C THR B 43 -4.80 29.43 -6.35
N VAL B 44 -3.72 29.13 -7.10
CA VAL B 44 -3.10 27.85 -7.00
C VAL B 44 -1.78 28.01 -6.30
N PHE B 45 -1.45 27.08 -5.38
CA PHE B 45 -0.22 27.14 -4.66
C PHE B 45 0.29 25.74 -4.50
N LYS B 46 1.57 25.58 -4.09
CA LYS B 46 2.12 24.25 -3.99
C LYS B 46 2.23 23.82 -2.57
N ALA B 47 1.91 22.53 -2.32
CA ALA B 47 2.07 21.92 -1.04
C ALA B 47 3.13 20.88 -1.27
N VAL B 48 4.25 20.98 -0.52
CA VAL B 48 5.35 20.08 -0.72
C VAL B 48 5.35 19.05 0.37
N VAL B 49 5.39 17.76 -0.02
CA VAL B 49 5.33 16.68 0.93
C VAL B 49 6.59 15.86 0.82
N LYS B 50 7.17 15.45 1.98
CA LYS B 50 8.34 14.62 1.97
C LYS B 50 8.15 13.53 2.99
N VAL B 51 8.63 12.30 2.68
CA VAL B 51 8.50 11.18 3.57
C VAL B 51 9.85 10.50 3.68
N PRO B 52 10.64 10.91 4.62
CA PRO B 52 11.99 10.40 4.71
C PRO B 52 12.20 9.02 5.22
N TYR B 53 13.18 8.31 4.61
CA TYR B 53 13.64 7.03 5.08
C TYR B 53 14.98 6.82 4.46
N ASP B 54 15.77 5.86 5.00
CA ASP B 54 17.07 5.63 4.45
C ASP B 54 16.89 4.77 3.22
N LEU B 55 17.28 5.31 2.06
CA LEU B 55 17.14 4.65 0.79
C LEU B 55 17.97 3.41 0.76
N ASP B 56 19.06 3.38 1.54
CA ASP B 56 19.93 2.23 1.57
C ASP B 56 19.25 1.02 2.16
N ILE B 57 18.23 1.19 3.04
CA ILE B 57 17.68 0.04 3.69
C ILE B 57 16.51 -0.52 2.94
N GLN B 58 16.51 -1.86 2.75
CA GLN B 58 15.50 -2.59 2.04
C GLN B 58 14.49 -3.13 3.00
N GLN B 59 13.29 -3.45 2.48
CA GLN B 59 12.16 -3.90 3.24
C GLN B 59 11.78 -5.28 2.80
N VAL B 60 11.08 -6.03 3.69
CA VAL B 60 10.62 -7.34 3.37
C VAL B 60 9.43 -7.15 2.47
N GLN B 61 9.40 -7.88 1.34
CA GLN B 61 8.31 -7.76 0.41
C GLN B 61 7.38 -8.93 0.59
N ALA B 62 6.32 -8.99 -0.24
CA ALA B 62 5.30 -9.98 -0.10
C ALA B 62 5.88 -11.37 -0.20
N ASP B 63 6.84 -11.59 -1.11
CA ASP B 63 7.42 -12.90 -1.29
C ASP B 63 8.35 -13.25 -0.16
N GLY B 64 8.79 -12.26 0.63
CA GLY B 64 9.68 -12.50 1.74
C GLY B 64 11.04 -11.98 1.42
N SER B 65 11.30 -11.66 0.13
CA SER B 65 12.58 -11.14 -0.30
C SER B 65 12.66 -9.66 -0.04
N PRO B 66 13.88 -9.17 -0.03
CA PRO B 66 14.08 -7.74 0.15
C PRO B 66 13.84 -6.92 -1.09
N SER B 67 13.34 -5.68 -0.94
CA SER B 67 13.11 -4.83 -2.08
C SER B 67 12.96 -3.41 -1.60
N GLY B 68 12.65 -2.48 -2.53
CA GLY B 68 12.54 -1.07 -2.23
C GLY B 68 11.23 -0.78 -1.57
N LEU B 69 11.07 0.46 -1.07
CA LEU B 69 9.88 0.88 -0.39
C LEU B 69 9.09 1.77 -1.29
N ASN B 70 7.76 1.80 -1.07
CA ASN B 70 6.85 2.64 -1.82
C ASN B 70 6.30 3.61 -0.82
N VAL B 71 5.84 4.78 -1.29
CA VAL B 71 5.36 5.79 -0.38
C VAL B 71 3.99 6.23 -0.81
N GLY B 72 3.25 6.89 0.10
CA GLY B 72 1.93 7.36 -0.21
C GLY B 72 1.53 8.30 0.87
N ALA B 73 0.43 9.07 0.66
CA ALA B 73 0.05 9.99 1.69
C ALA B 73 -1.38 10.41 1.50
N VAL B 74 -1.95 11.00 2.57
CA VAL B 74 -3.26 11.58 2.53
C VAL B 74 -3.04 13.00 2.95
N LEU B 75 -3.51 13.97 2.13
CA LEU B 75 -3.33 15.35 2.47
C LEU B 75 -4.68 15.94 2.68
N MET B 76 -4.99 16.38 3.92
CA MET B 76 -6.31 16.89 4.16
C MET B 76 -6.26 18.38 4.16
N LEU B 77 -6.92 18.97 3.15
CA LEU B 77 -6.98 20.40 3.00
C LEU B 77 -8.26 20.88 3.60
N PRO B 78 -8.35 22.17 3.78
CA PRO B 78 -9.53 22.76 4.36
C PRO B 78 -10.67 22.69 3.41
N GLU B 79 -11.91 22.92 3.91
CA GLU B 79 -13.08 22.85 3.07
C GLU B 79 -12.91 23.81 1.94
N GLY B 80 -13.33 23.37 0.74
CA GLY B 80 -13.35 24.20 -0.43
C GLY B 80 -12.07 24.08 -1.21
N PHE B 81 -10.99 23.60 -0.57
CA PHE B 81 -9.73 23.45 -1.26
C PHE B 81 -9.77 22.18 -2.06
N LYS B 82 -9.13 22.19 -3.25
CA LYS B 82 -9.09 21.01 -4.06
C LYS B 82 -7.80 21.01 -4.83
N LEU B 83 -7.47 19.86 -5.47
CA LEU B 83 -6.29 19.80 -6.28
C LEU B 83 -6.60 20.69 -7.44
N ALA B 84 -5.59 21.42 -7.97
CA ALA B 84 -5.86 22.37 -9.02
C ALA B 84 -6.03 21.67 -10.32
N PRO B 85 -6.93 22.18 -11.13
CA PRO B 85 -7.13 21.65 -12.45
C PRO B 85 -5.97 22.10 -13.29
N PRO B 86 -5.64 21.33 -14.28
CA PRO B 86 -4.49 21.62 -15.11
C PRO B 86 -4.56 22.99 -15.69
N GLU B 87 -5.76 23.45 -16.08
CA GLU B 87 -5.95 24.70 -16.77
C GLU B 87 -5.55 25.81 -15.87
N ARG B 88 -5.81 25.63 -14.57
CA ARG B 88 -5.56 26.59 -13.53
C ARG B 88 -4.10 26.74 -13.20
N VAL B 89 -3.25 25.74 -13.45
CA VAL B 89 -1.87 25.86 -13.04
C VAL B 89 -1.13 26.81 -13.92
N ASP B 90 -0.45 27.81 -13.31
CA ASP B 90 0.24 28.77 -14.11
C ASP B 90 1.46 28.15 -14.73
N GLU B 91 1.99 28.82 -15.78
CA GLU B 91 3.00 28.28 -16.65
C GLU B 91 4.28 27.94 -15.96
N GLU B 92 4.83 28.82 -15.11
CA GLU B 92 6.11 28.52 -14.54
C GLU B 92 6.00 27.28 -13.71
N LEU B 93 4.88 27.15 -12.99
CA LEU B 93 4.60 26.12 -12.03
C LEU B 93 4.37 24.74 -12.57
N MET B 94 3.83 24.58 -13.79
CA MET B 94 3.37 23.29 -14.24
C MET B 94 4.44 22.25 -14.16
N GLU B 95 5.68 22.57 -14.54
CA GLU B 95 6.72 21.59 -14.49
C GLU B 95 7.08 21.22 -13.07
N GLU B 96 6.96 22.19 -12.14
CA GLU B 96 7.33 22.08 -10.75
C GLU B 96 6.45 21.14 -9.98
N VAL B 97 5.20 20.93 -10.42
CA VAL B 97 4.28 20.17 -9.64
C VAL B 97 4.17 18.77 -10.16
N GLY B 98 3.71 17.84 -9.31
CA GLY B 98 3.57 16.48 -9.73
C GLY B 98 2.59 16.52 -10.83
N ASP B 99 2.58 15.46 -11.69
CA ASP B 99 1.62 15.39 -12.75
C ASP B 99 0.34 15.53 -12.03
N PHE B 100 -0.24 16.72 -12.23
CA PHE B 100 -1.34 17.17 -11.44
C PHE B 100 -2.42 16.19 -11.53
N TYR B 101 -2.80 15.79 -12.74
CA TYR B 101 -3.93 14.95 -12.65
C TYR B 101 -3.67 13.61 -12.07
N TYR B 102 -2.72 12.91 -12.70
CA TYR B 102 -2.53 11.49 -12.52
C TYR B 102 -2.22 11.08 -11.13
N LEU B 103 -1.29 11.76 -10.46
CA LEU B 103 -0.88 11.32 -9.15
C LEU B 103 -1.97 11.43 -8.12
N VAL B 104 -2.86 12.44 -8.25
CA VAL B 104 -3.80 12.75 -7.19
C VAL B 104 -5.18 12.20 -7.38
N THR B 105 -5.72 11.58 -6.30
CA THR B 105 -7.05 11.04 -6.31
C THR B 105 -7.81 11.56 -5.12
N PRO B 106 -9.06 11.91 -5.31
CA PRO B 106 -9.86 12.39 -4.21
C PRO B 106 -10.26 11.25 -3.33
N TYR B 107 -10.46 11.52 -2.03
CA TYR B 107 -10.80 10.50 -1.08
C TYR B 107 -12.15 9.95 -1.44
N SER B 108 -13.08 10.86 -1.80
CA SER B 108 -14.42 10.50 -2.19
C SER B 108 -14.94 11.63 -3.01
N GLU B 109 -16.14 11.46 -3.60
CA GLU B 109 -16.69 12.48 -4.45
C GLU B 109 -16.92 13.73 -3.66
N THR B 110 -17.47 13.58 -2.43
CA THR B 110 -17.78 14.67 -1.54
C THR B 110 -16.53 15.27 -0.95
N ASP B 111 -15.49 14.43 -0.78
CA ASP B 111 -14.20 14.54 -0.15
C ASP B 111 -13.06 15.14 -0.95
N GLU B 112 -13.32 15.92 -2.02
CA GLU B 112 -12.29 16.40 -2.90
C GLU B 112 -11.18 17.13 -2.19
N ASN B 113 -11.45 17.70 -0.99
CA ASN B 113 -10.46 18.39 -0.20
C ASN B 113 -9.44 17.42 0.35
N ILE B 114 -9.76 16.11 0.42
CA ILE B 114 -8.82 15.14 0.92
C ILE B 114 -8.21 14.43 -0.26
N LEU B 115 -6.88 14.57 -0.42
CA LEU B 115 -6.14 14.09 -1.56
C LEU B 115 -5.28 12.92 -1.18
N LEU B 116 -5.28 11.87 -2.03
CA LEU B 116 -4.50 10.68 -1.79
C LEU B 116 -3.50 10.55 -2.90
N ALA B 117 -2.28 10.06 -2.57
CA ALA B 117 -1.28 9.83 -3.58
C ALA B 117 -0.60 8.53 -3.21
N GLY B 118 -0.12 7.78 -4.21
CA GLY B 118 0.60 6.57 -3.94
C GLY B 118 -0.29 5.38 -4.07
N PRO B 119 0.30 4.20 -4.00
CA PRO B 119 1.72 4.11 -3.79
C PRO B 119 2.56 4.50 -4.96
N LEU B 120 3.73 5.11 -4.67
CA LEU B 120 4.68 5.54 -5.67
C LEU B 120 6.01 5.00 -5.23
N PRO B 121 6.93 4.83 -6.14
CA PRO B 121 8.23 4.34 -5.77
C PRO B 121 8.94 5.37 -4.94
N GLY B 122 9.49 4.98 -3.79
CA GLY B 122 10.11 5.88 -2.86
C GLY B 122 11.33 6.51 -3.46
N GLU B 123 12.10 5.75 -4.25
CA GLU B 123 13.33 6.28 -4.78
C GLU B 123 13.03 7.42 -5.71
N ASP B 124 11.93 7.31 -6.49
CA ASP B 124 11.55 8.28 -7.47
C ASP B 124 11.04 9.56 -6.86
N TYR B 125 10.23 9.49 -5.77
CA TYR B 125 9.63 10.71 -5.31
C TYR B 125 10.18 11.15 -3.99
N GLN B 126 11.23 11.98 -4.03
CA GLN B 126 11.78 12.54 -2.82
C GLN B 126 10.82 13.55 -2.30
N GLU B 127 10.17 14.27 -3.22
CA GLU B 127 9.25 15.31 -2.85
C GLU B 127 8.02 15.09 -3.69
N MET B 128 6.82 15.25 -3.09
CA MET B 128 5.61 15.12 -3.85
C MET B 128 5.00 16.47 -3.80
N ILE B 129 4.79 17.12 -4.95
CA ILE B 129 4.28 18.47 -4.89
C ILE B 129 2.88 18.52 -5.40
N PHE B 130 1.94 18.92 -4.52
CA PHE B 130 0.55 18.95 -4.91
C PHE B 130 0.18 20.35 -5.31
N PRO B 131 -0.36 20.53 -6.49
CA PRO B 131 -0.85 21.79 -6.97
C PRO B 131 -2.16 21.98 -6.27
N ILE B 132 -2.39 23.08 -5.54
CA ILE B 132 -3.65 23.15 -4.85
C ILE B 132 -4.37 24.42 -5.20
N LEU B 133 -5.69 24.32 -5.40
CA LEU B 133 -6.46 25.49 -5.74
C LEU B 133 -7.31 25.88 -4.55
N SER B 134 -7.17 27.13 -4.08
CA SER B 134 -7.94 27.62 -2.96
C SER B 134 -9.34 27.97 -3.41
N PRO B 135 -10.28 27.95 -2.48
CA PRO B 135 -11.66 28.30 -2.74
C PRO B 135 -11.86 29.78 -2.79
N ASN B 136 -13.08 30.24 -3.16
CA ASN B 136 -13.37 31.66 -3.15
C ASN B 136 -14.58 31.87 -2.30
N PRO B 137 -14.40 32.48 -1.16
CA PRO B 137 -15.50 32.67 -0.25
C PRO B 137 -16.57 33.57 -0.77
N ALA B 138 -16.26 34.50 -1.69
CA ALA B 138 -17.29 35.36 -2.14
C ALA B 138 -18.34 34.52 -2.81
N THR B 139 -17.87 33.59 -3.67
CA THR B 139 -18.74 32.69 -4.37
C THR B 139 -19.24 31.59 -3.48
N ASP B 140 -18.40 31.10 -2.55
CA ASP B 140 -18.77 29.93 -1.77
C ASP B 140 -19.04 30.31 -0.34
N ALA B 141 -20.31 30.12 0.08
CA ALA B 141 -20.83 30.42 1.39
C ALA B 141 -20.20 29.56 2.44
N GLY B 142 -19.91 28.28 2.08
CA GLY B 142 -19.41 27.30 2.99
C GLY B 142 -18.08 27.72 3.55
N VAL B 143 -17.26 28.47 2.79
CA VAL B 143 -15.96 28.81 3.29
C VAL B 143 -15.82 30.29 3.51
N TYR B 144 -14.99 30.65 4.51
CA TYR B 144 -14.75 32.03 4.81
C TYR B 144 -13.26 32.24 4.85
N PHE B 145 -12.82 33.51 4.85
CA PHE B 145 -11.41 33.80 4.92
C PHE B 145 -11.01 33.57 6.34
N GLY B 146 -9.75 33.15 6.56
CA GLY B 146 -9.30 32.91 7.91
C GLY B 146 -8.11 32.00 7.84
N LYS B 147 -7.63 31.56 9.03
CA LYS B 147 -6.50 30.69 9.09
C LYS B 147 -7.01 29.28 9.18
N TYR B 148 -6.39 28.35 8.43
CA TYR B 148 -6.89 27.00 8.45
C TYR B 148 -5.76 26.03 8.64
N SER B 149 -6.09 24.80 9.06
CA SER B 149 -5.10 23.80 9.30
C SER B 149 -5.15 22.78 8.21
N ILE B 150 -3.98 22.21 7.87
CA ILE B 150 -3.87 21.20 6.86
C ILE B 150 -3.26 20.02 7.58
N HIS B 151 -3.79 18.80 7.34
CA HIS B 151 -3.28 17.66 8.04
C HIS B 151 -2.66 16.72 7.06
N LEU B 152 -1.44 16.25 7.35
CA LEU B 152 -0.77 15.35 6.47
C LEU B 152 -0.55 14.03 7.16
N GLY B 153 -0.77 12.93 6.42
CA GLY B 153 -0.49 11.60 6.89
C GLY B 153 0.36 11.00 5.81
N GLY B 154 1.60 10.55 6.15
CA GLY B 154 2.45 10.06 5.10
C GLY B 154 3.08 8.75 5.51
N ASN B 155 3.13 7.80 4.57
CA ASN B 155 3.64 6.50 4.91
C ASN B 155 4.64 6.02 3.89
N ARG B 156 5.56 5.13 4.36
CA ARG B 156 6.50 4.48 3.49
C ARG B 156 6.56 3.06 3.99
N GLY B 157 6.63 2.07 3.09
CA GLY B 157 6.80 0.72 3.52
C GLY B 157 5.48 0.02 3.72
N ARG B 158 5.52 -1.32 3.69
CA ARG B 158 4.37 -2.17 3.78
C ARG B 158 3.82 -2.18 5.17
N GLY B 159 2.47 -2.30 5.27
CA GLY B 159 1.78 -2.27 6.53
C GLY B 159 1.87 -3.60 7.22
N GLN B 160 1.54 -3.59 8.52
CA GLN B 160 1.51 -4.70 9.43
C GLN B 160 0.26 -5.53 9.33
N VAL B 161 -0.91 -4.92 9.03
CA VAL B 161 -2.14 -5.65 9.06
C VAL B 161 -2.88 -5.45 7.78
N TYR B 162 -3.78 -6.40 7.45
CA TYR B 162 -4.53 -6.35 6.22
C TYR B 162 -5.94 -6.01 6.60
N PRO B 163 -6.72 -5.56 5.65
CA PRO B 163 -8.10 -5.27 5.92
C PRO B 163 -8.80 -6.52 6.32
N THR B 164 -8.16 -7.67 6.05
CA THR B 164 -8.65 -8.95 6.46
C THR B 164 -8.61 -8.95 7.95
N GLY B 165 -7.60 -8.28 8.53
CA GLY B 165 -7.44 -8.26 9.95
C GLY B 165 -6.30 -9.16 10.30
N GLU B 166 -5.79 -9.92 9.30
CA GLU B 166 -4.69 -10.79 9.55
C GLU B 166 -3.41 -10.03 9.38
N LEU B 167 -2.35 -10.49 10.09
CA LEU B 167 -1.07 -9.83 10.07
C LEU B 167 -0.34 -10.17 8.81
N SER B 168 0.48 -9.20 8.34
CA SER B 168 1.29 -9.36 7.17
C SER B 168 2.59 -9.97 7.59
N ASN B 169 3.47 -10.26 6.61
CA ASN B 169 4.78 -10.81 6.84
C ASN B 169 5.70 -9.75 7.39
N ASN B 170 5.32 -8.46 7.31
CA ASN B 170 6.18 -7.42 7.81
C ASN B 170 5.75 -7.07 9.21
N ASN B 171 5.78 -8.05 10.14
CA ASN B 171 5.35 -7.80 11.50
C ASN B 171 5.98 -8.81 12.41
N ALA B 172 5.93 -8.57 13.74
CA ALA B 172 6.49 -9.51 14.67
C ALA B 172 5.50 -10.62 14.92
N PHE B 173 6.02 -11.86 15.12
CA PHE B 173 5.16 -12.99 15.40
C PHE B 173 5.51 -13.47 16.78
N SER B 174 4.49 -13.85 17.60
CA SER B 174 4.76 -14.19 18.98
C SER B 174 4.34 -15.60 19.30
N ALA B 175 4.97 -16.18 20.35
CA ALA B 175 4.69 -17.52 20.77
C ALA B 175 3.28 -17.60 21.25
N SER B 176 2.52 -18.56 20.69
CA SER B 176 1.15 -18.76 21.03
C SER B 176 1.07 -19.31 22.42
N ILE B 177 2.12 -20.03 22.87
CA ILE B 177 2.09 -20.60 24.19
C ILE B 177 3.49 -20.73 24.70
N ALA B 178 3.65 -20.85 26.05
CA ALA B 178 4.93 -21.00 26.66
C ALA B 178 5.37 -22.43 26.57
N GLY B 179 6.69 -22.67 26.48
CA GLY B 179 7.18 -24.02 26.40
C GLY B 179 8.57 -24.00 25.84
N THR B 180 9.04 -25.17 25.34
CA THR B 180 10.36 -25.24 24.79
C THR B 180 10.26 -25.52 23.32
N ILE B 181 11.21 -24.99 22.53
CA ILE B 181 11.13 -25.13 21.10
C ILE B 181 11.83 -26.39 20.70
N ALA B 182 11.04 -27.41 20.34
CA ALA B 182 11.53 -28.68 19.90
C ALA B 182 12.18 -28.58 18.55
N ALA B 183 11.57 -27.82 17.61
CA ALA B 183 12.17 -27.77 16.31
C ALA B 183 11.57 -26.65 15.51
N ILE B 184 12.24 -26.27 14.40
CA ILE B 184 11.75 -25.27 13.49
C ILE B 184 12.07 -25.70 12.06
N GLU B 185 11.15 -25.52 11.09
CA GLU B 185 11.31 -25.96 9.70
C GLU B 185 11.37 -24.74 8.78
N ASP B 186 11.97 -24.80 7.53
CA ASP B 186 12.13 -23.53 6.82
C ASP B 186 12.15 -23.45 5.27
N ASN B 187 11.15 -22.77 4.62
CA ASN B 187 11.17 -22.42 3.20
C ASN B 187 11.17 -20.93 3.17
N GLY B 188 11.95 -20.37 4.10
CA GLY B 188 11.92 -18.95 4.29
C GLY B 188 10.88 -18.81 5.34
N PHE B 189 9.76 -19.55 5.13
CA PHE B 189 8.66 -19.62 6.05
C PHE B 189 9.14 -20.53 7.10
N GLY B 190 8.78 -20.23 8.34
CA GLY B 190 9.01 -21.24 9.29
C GLY B 190 7.64 -21.73 9.31
N PHE B 191 7.47 -22.87 8.64
CA PHE B 191 6.20 -23.48 8.52
C PHE B 191 5.84 -23.64 9.93
N ASP B 192 6.85 -23.97 10.76
CA ASP B 192 6.43 -24.07 12.10
C ASP B 192 7.55 -23.95 13.07
N VAL B 193 7.21 -23.31 14.19
CA VAL B 193 8.05 -23.38 15.35
C VAL B 193 7.23 -24.28 16.22
N THR B 194 7.79 -25.43 16.61
CA THR B 194 7.02 -26.33 17.42
C THR B 194 7.40 -26.09 18.84
N ILE B 195 6.38 -25.89 19.70
CA ILE B 195 6.66 -25.62 21.07
C ILE B 195 6.05 -26.68 21.91
N GLN B 196 6.79 -27.16 22.92
CA GLN B 196 6.30 -28.19 23.80
C GLN B 196 5.87 -27.51 25.07
N PRO B 197 4.59 -27.48 25.30
CA PRO B 197 4.12 -26.91 26.53
C PRO B 197 4.43 -27.70 27.76
N GLU B 198 4.12 -27.07 28.90
CA GLU B 198 4.45 -27.50 30.23
C GLU B 198 3.90 -28.87 30.50
N ASP B 199 2.78 -29.27 29.86
CA ASP B 199 2.27 -30.55 30.24
C ASP B 199 2.09 -31.50 29.08
N GLY B 200 3.12 -31.68 28.22
CA GLY B 200 3.07 -32.73 27.24
C GLY B 200 2.59 -32.27 25.89
N ASP B 201 1.74 -31.24 25.81
CA ASP B 201 1.18 -30.86 24.53
C ASP B 201 2.25 -30.25 23.67
N ALA B 202 2.02 -30.25 22.34
CA ALA B 202 2.93 -29.61 21.43
C ALA B 202 2.10 -28.78 20.49
N VAL B 203 2.49 -27.50 20.30
CA VAL B 203 1.74 -26.60 19.48
C VAL B 203 2.63 -26.10 18.39
N VAL B 204 2.03 -25.62 17.28
CA VAL B 204 2.88 -25.19 16.21
C VAL B 204 2.49 -23.80 15.81
N THR B 205 3.48 -22.89 15.70
CA THR B 205 3.18 -21.53 15.33
C THR B 205 3.80 -21.31 13.98
N SER B 206 3.00 -20.84 13.01
CA SER B 206 3.51 -20.68 11.68
C SER B 206 3.86 -19.25 11.47
N ILE B 207 5.06 -19.02 10.88
CA ILE B 207 5.46 -17.67 10.60
C ILE B 207 5.81 -17.65 9.14
N LEU B 208 5.45 -16.56 8.44
CA LEU B 208 5.69 -16.44 7.02
C LEU B 208 7.12 -16.03 6.79
N PRO B 209 7.62 -16.17 5.57
CA PRO B 209 8.96 -15.79 5.23
C PRO B 209 9.07 -14.31 5.45
N GLY B 210 10.26 -13.81 5.84
CA GLY B 210 10.46 -12.39 6.00
C GLY B 210 10.92 -12.04 7.39
N PRO B 211 10.18 -12.35 8.42
CA PRO B 211 10.64 -12.00 9.74
C PRO B 211 11.80 -12.88 10.08
N GLU B 212 12.73 -12.44 10.95
CA GLU B 212 13.85 -13.27 11.25
C GLU B 212 13.69 -13.85 12.63
N LEU B 213 13.87 -15.18 12.74
CA LEU B 213 13.69 -15.86 13.98
C LEU B 213 14.77 -15.47 14.94
N ILE B 214 14.32 -15.03 16.13
CA ILE B 214 15.07 -14.66 17.30
C ILE B 214 15.50 -15.88 18.06
N VAL B 215 14.70 -16.97 18.01
CA VAL B 215 14.89 -18.11 18.86
C VAL B 215 15.51 -19.26 18.17
N ALA B 216 16.04 -20.21 18.97
CA ALA B 216 16.70 -21.39 18.48
C ALA B 216 16.07 -22.58 19.13
N VAL B 217 16.25 -23.75 18.52
CA VAL B 217 15.66 -24.95 19.04
C VAL B 217 16.30 -25.22 20.37
N GLY B 218 15.48 -25.75 21.31
CA GLY B 218 15.93 -26.10 22.62
C GLY B 218 15.79 -24.90 23.51
N ASP B 219 15.21 -23.81 22.99
CA ASP B 219 15.09 -22.61 23.78
C ASP B 219 13.71 -22.54 24.36
N THR B 220 13.61 -22.05 25.61
CA THR B 220 12.33 -21.90 26.25
C THR B 220 11.80 -20.54 25.92
N VAL B 221 10.47 -20.42 25.79
CA VAL B 221 9.88 -19.14 25.49
C VAL B 221 8.62 -18.98 26.28
N GLU B 222 8.33 -17.74 26.70
CA GLU B 222 7.12 -17.47 27.44
C GLU B 222 6.03 -17.20 26.44
N ALA B 223 4.76 -17.31 26.87
CA ALA B 223 3.69 -17.08 25.95
C ALA B 223 3.71 -15.64 25.56
N GLY B 224 3.50 -15.37 24.26
CA GLY B 224 3.42 -14.04 23.76
C GLY B 224 4.79 -13.49 23.50
N GLN B 225 5.85 -14.26 23.83
CA GLN B 225 7.15 -13.69 23.61
C GLN B 225 7.44 -13.69 22.15
N LEU B 226 8.35 -12.78 21.71
CA LEU B 226 8.61 -12.64 20.31
C LEU B 226 9.47 -13.75 19.79
N LEU B 227 8.95 -14.42 18.74
CA LEU B 227 9.59 -15.46 17.98
C LEU B 227 10.53 -14.87 16.99
N THR B 228 10.25 -13.64 16.54
CA THR B 228 11.01 -13.04 15.48
C THR B 228 11.31 -11.60 15.82
N THR B 229 12.18 -10.97 15.02
CA THR B 229 12.48 -9.58 15.23
C THR B 229 11.35 -8.84 14.60
N ASN B 230 11.45 -7.50 14.57
CA ASN B 230 10.46 -6.74 13.87
C ASN B 230 11.13 -6.31 12.61
N PRO B 231 10.74 -6.88 11.50
CA PRO B 231 11.36 -6.60 10.24
C PRO B 231 10.99 -5.25 9.66
N ASN B 232 9.99 -4.57 10.22
CA ASN B 232 9.48 -3.33 9.68
C ASN B 232 10.53 -2.27 9.61
N VAL B 233 10.81 -1.79 8.36
CA VAL B 233 11.69 -0.71 7.98
C VAL B 233 11.01 0.63 7.84
N GLY B 234 9.69 0.65 7.59
CA GLY B 234 9.02 1.89 7.25
C GLY B 234 8.24 2.45 8.39
N GLY B 235 7.23 3.29 8.06
CA GLY B 235 6.42 3.84 9.11
C GLY B 235 5.53 4.91 8.56
N PHE B 236 4.58 5.36 9.41
CA PHE B 236 3.60 6.35 9.06
C PHE B 236 3.71 7.48 10.03
N GLY B 237 3.61 8.74 9.56
CA GLY B 237 3.74 9.86 10.44
C GLY B 237 2.75 10.92 10.03
N GLN B 238 2.49 11.89 10.94
CA GLN B 238 1.56 12.92 10.63
C GLN B 238 2.16 14.25 10.98
N MET B 239 1.75 15.31 10.26
CA MET B 239 2.19 16.62 10.60
C MET B 239 1.15 17.59 10.15
N ASP B 240 0.96 18.66 10.94
CA ASP B 240 -0.05 19.65 10.67
C ASP B 240 0.64 20.94 10.35
N SER B 241 -0.01 21.77 9.52
CA SER B 241 0.51 23.07 9.18
C SER B 241 -0.68 23.97 9.05
N GLU B 242 -0.46 25.30 8.97
CA GLU B 242 -1.57 26.19 8.85
C GLU B 242 -1.35 27.05 7.66
N ILE B 243 -2.44 27.56 7.05
CA ILE B 243 -2.35 28.45 5.93
C ILE B 243 -3.43 29.48 6.10
N VAL B 244 -3.18 30.72 5.62
CA VAL B 244 -4.15 31.77 5.79
C VAL B 244 -4.82 32.02 4.48
N LEU B 245 -6.17 31.93 4.46
CA LEU B 245 -6.91 32.21 3.25
C LEU B 245 -7.11 33.69 3.33
N GLN B 246 -6.42 34.44 2.45
CA GLN B 246 -6.34 35.88 2.55
C GLN B 246 -7.28 36.58 1.62
N SER B 247 -7.59 37.85 1.97
CA SER B 247 -8.45 38.67 1.16
C SER B 247 -7.56 39.47 0.27
N SER B 248 -7.96 39.62 -1.00
CA SER B 248 -7.16 40.32 -1.96
C SER B 248 -7.07 41.74 -1.57
N SER B 249 -6.02 42.39 -2.07
CA SER B 249 -5.82 43.77 -1.77
C SER B 249 -5.75 43.91 -0.26
CU CU C . -4.70 -5.95 -6.52
FE HEC D . -1.23 0.87 3.40
CHA HEC D . 1.05 -0.95 1.67
CHB HEC D . 0.09 3.77 2.17
CHC HEC D . -3.78 2.62 4.79
CHD HEC D . -2.21 -1.90 5.03
NA HEC D . 0.18 1.32 2.10
C1A HEC D . 1.01 0.45 1.45
C2A HEC D . 1.93 1.15 0.56
C3A HEC D . 1.69 2.47 0.74
C4A HEC D . 0.59 2.58 1.68
CMA HEC D . 2.44 3.61 0.08
CAA HEC D . 2.98 0.47 -0.32
CBA HEC D . 4.28 0.43 0.54
CGA HEC D . 5.39 -0.40 -0.08
O1A HEC D . 6.58 -0.12 0.23
O2A HEC D . 5.09 -1.33 -0.86
NB HEC D . -1.73 2.78 3.49
C1B HEC D . -0.99 3.88 3.01
C2B HEC D . -1.66 5.15 3.38
C3B HEC D . -2.78 4.84 4.12
C4B HEC D . -2.81 3.36 4.13
CMB HEC D . -1.14 6.54 3.12
CAB HEC D . -3.70 5.73 4.78
CBB HEC D . -4.33 6.82 3.90
NC HEC D . -2.75 0.45 4.55
C1C HEC D . -3.74 1.26 5.02
C2C HEC D . -4.68 0.54 5.85
C3C HEC D . -4.26 -0.72 5.93
C4C HEC D . -3.03 -0.78 5.14
CMC HEC D . -5.95 1.16 6.42
CAC HEC D . -4.83 -1.80 6.71
CBC HEC D . -6.32 -2.18 6.43
ND HEC D . -0.71 -1.03 3.33
C1D HEC D . -1.15 -2.03 4.18
C2D HEC D . -0.43 -3.28 3.98
C3D HEC D . 0.43 -3.03 2.97
C4D HEC D . 0.25 -1.64 2.58
CMD HEC D . -0.56 -4.63 4.76
CAD HEC D . 1.36 -4.02 2.31
CBD HEC D . 0.73 -4.78 1.14
CGD HEC D . 1.70 -5.77 0.54
O1D HEC D . 1.52 -6.99 0.77
O2D HEC D . 2.66 -5.30 -0.14
HHA HEC D . 1.76 -1.53 1.10
HHB HEC D . 0.58 4.68 1.86
HHC HEC D . -4.65 3.14 5.16
HHD HEC D . -2.44 -2.73 5.68
HMA1 HEC D . 2.04 3.77 -0.92
HMA2 HEC D . 3.48 3.37 0.01
HMA3 HEC D . 2.31 4.51 0.65
HAA1 HEC D . 3.14 1.05 -1.23
HAA2 HEC D . 2.65 -0.52 -0.59
HBA1 HEC D . 4.03 0.00 1.50
HBA2 HEC D . 4.63 1.44 0.67
HMB1 HEC D . -1.48 6.87 2.14
HMB2 HEC D . -0.06 6.54 3.14
HMB3 HEC D . -1.51 7.22 3.87
HAB HEC D . -4.54 5.16 5.16
HBB1 HEC D . -5.31 6.51 3.57
HBB2 HEC D . -4.42 7.74 4.48
HBB3 HEC D . -3.70 7.01 3.04
HMC1 HEC D . -5.85 1.24 7.50
HMC2 HEC D . -6.79 0.53 6.19
HMC3 HEC D . -6.09 2.14 6.00
HAC HEC D . -5.45 -1.53 7.52
HBC1 HEC D . -6.74 -2.68 7.30
HBC2 HEC D . -6.89 -1.29 6.22
HBC3 HEC D . -6.37 -2.85 5.57
HMD1 HEC D . 0.13 -4.64 5.58
HMD2 HEC D . -0.34 -5.44 4.09
HMD3 HEC D . -1.57 -4.73 5.13
HAD1 HEC D . 1.66 -4.75 3.05
HAD2 HEC D . 2.22 -3.49 1.94
HBD1 HEC D . 0.43 -4.07 0.38
HBD2 HEC D . -0.15 -5.31 1.49
N ALA A 1 -6.81 -18.17 -27.57
CA ALA A 1 -6.25 -16.98 -28.15
C ALA A 1 -5.59 -16.13 -27.06
N SER A 2 -4.73 -15.23 -27.50
CA SER A 2 -4.03 -14.35 -26.56
C SER A 2 -5.04 -13.57 -25.73
N VAL A 3 -4.88 -13.65 -24.42
CA VAL A 3 -5.77 -12.95 -23.51
C VAL A 3 -4.94 -12.02 -22.62
N GLN A 4 -5.65 -11.28 -21.77
CA GLN A 4 -5.00 -10.34 -20.87
C GLN A 4 -5.72 -10.32 -19.52
N ILE A 5 -4.96 -10.03 -18.48
CA ILE A 5 -5.51 -9.97 -17.14
C ILE A 5 -5.41 -8.54 -16.62
N LYS A 6 -6.56 -7.91 -16.46
CA LYS A 6 -6.61 -6.55 -15.95
C LYS A 6 -6.78 -6.57 -14.44
N MET A 7 -5.98 -5.75 -13.77
CA MET A 7 -6.02 -5.66 -12.33
C MET A 7 -6.70 -4.37 -11.88
N GLY A 8 -7.98 -4.48 -11.57
CA GLY A 8 -8.75 -3.34 -11.13
C GLY A 8 -9.89 -3.03 -12.10
N THR A 9 -11.01 -2.58 -11.54
CA THR A 9 -12.18 -2.25 -12.34
C THR A 9 -12.37 -0.73 -12.39
N ASP A 10 -13.14 -0.31 -13.39
CA ASP A 10 -13.41 1.11 -13.56
C ASP A 10 -14.12 1.64 -12.31
N LYS A 11 -14.62 0.71 -11.52
CA LYS A 11 -15.32 1.07 -10.29
C LYS A 11 -14.32 1.13 -9.14
N TYR A 12 -13.15 1.66 -9.45
CA TYR A 12 -12.09 1.79 -8.44
C TYR A 12 -12.06 0.56 -7.53
N ALA A 13 -12.47 -0.57 -8.08
CA ALA A 13 -12.50 -1.81 -7.34
C ALA A 13 -11.34 -2.69 -7.77
N PRO A 14 -10.43 -2.98 -6.79
CA PRO A 14 -9.27 -3.81 -7.06
C PRO A 14 -9.66 -5.28 -7.17
N LEU A 15 -9.83 -5.72 -8.41
CA LEU A 15 -10.19 -7.10 -8.68
C LEU A 15 -9.64 -7.53 -10.03
N TYR A 16 -9.37 -8.83 -10.14
CA TYR A 16 -8.83 -9.37 -11.38
C TYR A 16 -9.92 -9.53 -12.43
N GLU A 17 -9.67 -8.95 -13.59
CA GLU A 17 -10.62 -9.01 -14.69
C GLU A 17 -9.93 -9.45 -15.97
N PRO A 18 -10.58 -10.40 -16.69
CA PRO A 18 -11.86 -10.93 -16.24
C PRO A 18 -11.67 -11.90 -15.06
N LYS A 19 -12.58 -11.82 -14.11
CA LYS A 19 -12.52 -12.68 -12.94
C LYS A 19 -12.10 -14.09 -13.37
N ALA A 20 -12.65 -14.51 -14.51
CA ALA A 20 -12.34 -15.82 -15.03
C ALA A 20 -11.72 -15.68 -16.42
N LEU A 21 -10.80 -16.60 -16.71
CA LEU A 21 -10.12 -16.58 -18.00
C LEU A 21 -9.89 -18.02 -18.47
N SER A 22 -10.05 -18.22 -19.76
CA SER A 22 -9.87 -19.53 -20.36
C SER A 22 -8.94 -19.45 -21.57
N ILE A 23 -8.13 -20.48 -21.72
CA ILE A 23 -7.19 -20.53 -22.83
C ILE A 23 -6.85 -21.98 -23.14
N SER A 24 -5.95 -22.16 -24.10
CA SER A 24 -5.54 -23.50 -24.50
C SER A 24 -4.03 -23.65 -24.31
N ALA A 25 -3.60 -24.90 -24.20
CA ALA A 25 -2.19 -25.19 -24.02
C ALA A 25 -1.40 -24.61 -25.18
N GLY A 26 -0.70 -23.51 -24.88
CA GLY A 26 0.11 -22.85 -25.89
C GLY A 26 -0.29 -21.38 -26.03
N ASP A 27 -1.37 -21.03 -25.34
CA ASP A 27 -1.85 -19.65 -25.37
C ASP A 27 -1.05 -18.81 -24.37
N THR A 28 -1.32 -17.51 -24.40
CA THR A 28 -0.64 -16.59 -23.52
C THR A 28 -1.65 -15.80 -22.67
N VAL A 29 -1.20 -15.36 -21.51
CA VAL A 29 -2.04 -14.60 -20.61
C VAL A 29 -1.30 -13.34 -20.16
N GLU A 30 -1.69 -12.23 -20.75
CA GLU A 30 -1.07 -10.95 -20.42
C GLU A 30 -1.65 -10.41 -19.11
N PHE A 31 -1.01 -9.37 -18.61
CA PHE A 31 -1.44 -8.75 -17.36
C PHE A 31 -1.17 -7.24 -17.38
N VAL A 32 -2.23 -6.48 -17.22
CA VAL A 32 -2.13 -5.03 -17.21
C VAL A 32 -2.75 -4.48 -15.92
N MET A 33 -2.29 -3.30 -15.53
CA MET A 33 -2.78 -2.66 -14.33
C MET A 33 -3.86 -1.62 -14.66
N ASN A 34 -5.05 -1.86 -14.12
CA ASN A 34 -6.16 -0.97 -14.35
C ASN A 34 -6.03 0.26 -13.44
N LYS A 35 -6.14 0.00 -12.15
CA LYS A 35 -6.03 1.06 -11.16
C LYS A 35 -5.93 0.45 -9.77
N VAL A 36 -6.08 1.30 -8.77
CA VAL A 36 -6.01 0.86 -7.38
C VAL A 36 -4.78 -0.05 -7.21
N GLY A 37 -3.63 0.48 -7.60
CA GLY A 37 -2.39 -0.26 -7.49
C GLY A 37 -1.69 0.03 -6.16
N PRO A 38 -0.44 -0.50 -6.05
CA PRO A 38 0.14 -1.29 -7.12
C PRO A 38 -0.48 -2.68 -7.18
N HIS A 39 0.14 -3.54 -7.98
CA HIS A 39 -0.35 -4.90 -8.13
C HIS A 39 0.84 -5.86 -8.29
N ASN A 40 0.53 -7.10 -8.64
CA ASN A 40 1.56 -8.10 -8.82
C ASN A 40 0.90 -9.46 -9.06
N VAL A 41 1.71 -10.41 -9.51
CA VAL A 41 1.22 -11.74 -9.80
C VAL A 41 1.64 -12.69 -8.67
N ILE A 42 0.65 -13.19 -7.94
CA ILE A 42 0.91 -14.09 -6.84
C ILE A 42 -0.04 -15.30 -6.95
N PHE A 43 0.28 -16.18 -7.87
CA PHE A 43 -0.53 -17.38 -8.08
C PHE A 43 -0.84 -18.07 -6.75
N ASP A 44 -1.86 -18.90 -6.78
CA ASP A 44 -2.27 -19.63 -5.60
C ASP A 44 -1.66 -21.03 -5.63
N LYS A 45 -1.86 -21.69 -6.76
CA LYS A 45 -1.34 -23.04 -6.93
C LYS A 45 -1.95 -23.66 -8.18
N VAL A 46 -1.15 -24.44 -8.89
CA VAL A 46 -1.60 -25.10 -10.09
C VAL A 46 -1.28 -26.59 -10.01
N PRO A 47 -2.04 -27.40 -10.81
CA PRO A 47 -1.84 -28.83 -10.83
C PRO A 47 -0.57 -29.21 -11.60
N ALA A 48 -0.13 -30.44 -11.40
CA ALA A 48 1.06 -30.93 -12.07
C ALA A 48 1.08 -30.41 -13.51
N GLY A 49 2.25 -29.95 -13.92
CA GLY A 49 2.41 -29.43 -15.27
C GLY A 49 3.16 -28.09 -15.26
N GLU A 50 2.60 -27.15 -14.52
CA GLU A 50 3.19 -25.83 -14.42
C GLU A 50 3.75 -25.61 -13.01
N SER A 51 4.20 -24.38 -12.77
CA SER A 51 4.75 -24.02 -11.48
C SER A 51 4.16 -22.70 -10.99
N ALA A 52 2.92 -22.78 -10.50
CA ALA A 52 2.24 -21.60 -10.01
C ALA A 52 3.13 -20.89 -8.98
N PRO A 53 3.60 -21.67 -7.99
CA PRO A 53 4.45 -21.14 -6.95
C PRO A 53 5.87 -20.89 -7.47
N ALA A 54 5.93 -20.19 -8.59
CA ALA A 54 7.21 -19.88 -9.21
C ALA A 54 7.06 -18.66 -10.11
N LEU A 55 5.99 -18.68 -10.90
CA LEU A 55 5.71 -17.57 -11.81
C LEU A 55 5.39 -16.31 -11.00
N SER A 56 4.88 -16.53 -9.80
CA SER A 56 4.52 -15.43 -8.92
C SER A 56 5.67 -14.42 -8.89
N ASN A 57 5.37 -13.23 -9.39
CA ASN A 57 6.36 -12.16 -9.41
C ASN A 57 5.98 -11.10 -8.37
N THR A 58 6.86 -10.92 -7.40
CA THR A 58 6.63 -9.95 -6.35
C THR A 58 7.21 -8.59 -6.75
N LYS A 59 7.37 -8.42 -8.05
CA LYS A 59 7.91 -7.17 -8.58
C LYS A 59 6.77 -6.16 -8.75
N LEU A 60 6.17 -5.79 -7.63
CA LEU A 60 5.07 -4.84 -7.65
C LEU A 60 5.39 -3.73 -8.66
N ALA A 61 4.75 -3.83 -9.82
CA ALA A 61 4.94 -2.85 -10.87
C ALA A 61 4.13 -1.59 -10.55
N ILE A 62 4.81 -0.61 -9.99
CA ILE A 62 4.17 0.65 -9.62
C ILE A 62 3.77 1.40 -10.90
N ALA A 63 4.71 1.44 -11.83
CA ALA A 63 4.48 2.12 -13.09
C ALA A 63 3.32 1.43 -13.83
N PRO A 64 2.18 2.16 -13.94
CA PRO A 64 1.01 1.63 -14.61
C PRO A 64 1.20 1.64 -16.13
N GLY A 65 0.75 0.57 -16.76
CA GLY A 65 0.87 0.45 -18.20
C GLY A 65 0.54 -0.97 -18.66
N SER A 66 1.41 -1.90 -18.29
CA SER A 66 1.23 -3.29 -18.66
C SER A 66 2.37 -4.14 -18.09
N PHE A 67 2.08 -4.75 -16.95
CA PHE A 67 3.07 -5.58 -16.28
C PHE A 67 3.88 -6.39 -17.30
N TYR A 68 3.35 -7.54 -17.66
CA TYR A 68 4.01 -8.41 -18.62
C TYR A 68 3.10 -9.57 -19.03
N SER A 69 3.59 -10.36 -19.99
CA SER A 69 2.84 -11.49 -20.47
C SER A 69 3.63 -12.78 -20.23
N VAL A 70 2.90 -13.90 -20.27
CA VAL A 70 3.52 -15.20 -20.06
C VAL A 70 2.69 -16.26 -20.76
N THR A 71 3.40 -17.19 -21.41
CA THR A 71 2.74 -18.26 -22.12
C THR A 71 2.63 -19.51 -21.23
N LEU A 72 1.54 -20.25 -21.42
CA LEU A 72 1.31 -21.45 -20.65
C LEU A 72 1.12 -22.63 -21.60
N GLY A 73 1.05 -23.82 -21.00
CA GLY A 73 0.86 -25.03 -21.79
C GLY A 73 0.16 -26.11 -20.97
N THR A 74 0.61 -26.25 -19.73
CA THR A 74 0.05 -27.24 -18.83
C THR A 74 -1.47 -27.08 -18.74
N PRO A 75 -2.19 -28.18 -19.05
CA PRO A 75 -3.65 -28.17 -19.02
C PRO A 75 -4.16 -28.20 -17.57
N GLY A 76 -5.23 -27.44 -17.34
CA GLY A 76 -5.82 -27.38 -16.02
C GLY A 76 -6.28 -25.96 -15.70
N THR A 77 -6.81 -25.79 -14.50
CA THR A 77 -7.29 -24.49 -14.05
C THR A 77 -6.30 -23.88 -13.06
N TYR A 78 -5.79 -22.71 -13.42
CA TYR A 78 -4.85 -22.01 -12.58
C TYR A 78 -5.55 -20.95 -11.73
N SER A 79 -5.12 -20.83 -10.49
CA SER A 79 -5.69 -19.86 -9.57
C SER A 79 -4.60 -18.95 -9.02
N PHE A 80 -4.97 -17.69 -8.82
CA PHE A 80 -4.03 -16.71 -8.29
C PHE A 80 -4.75 -15.70 -7.40
N TYR A 81 -4.01 -14.67 -7.02
CA TYR A 81 -4.56 -13.63 -6.16
C TYR A 81 -3.58 -12.45 -6.04
N CYS A 82 -4.10 -11.34 -5.54
CA CYS A 82 -3.30 -10.15 -5.36
C CYS A 82 -2.75 -10.15 -3.93
N THR A 83 -1.43 -10.10 -3.84
CA THR A 83 -0.76 -10.10 -2.54
C THR A 83 -1.36 -9.00 -1.65
N PRO A 84 -1.44 -7.77 -2.21
CA PRO A 84 -1.99 -6.65 -1.47
C PRO A 84 -3.51 -6.73 -1.38
N HIS A 85 -4.14 -6.69 -2.54
CA HIS A 85 -5.59 -6.76 -2.62
C HIS A 85 -6.04 -8.20 -2.37
N ARG A 86 -5.66 -8.72 -1.21
CA ARG A 86 -6.01 -10.07 -0.84
C ARG A 86 -7.37 -10.10 -0.13
N GLY A 87 -7.59 -9.08 0.69
CA GLY A 87 -8.83 -8.97 1.43
C GLY A 87 -9.88 -8.18 0.63
N ALA A 88 -9.38 -7.37 -0.28
CA ALA A 88 -10.26 -6.56 -1.12
C ALA A 88 -11.08 -7.48 -2.03
N GLY A 89 -10.62 -8.72 -2.12
CA GLY A 89 -11.31 -9.70 -2.94
C GLY A 89 -10.87 -9.57 -4.41
N MET A 90 -9.60 -9.81 -4.65
CA MET A 90 -9.05 -9.71 -5.99
C MET A 90 -8.42 -11.03 -6.42
N VAL A 91 -9.28 -11.99 -6.73
CA VAL A 91 -8.81 -13.30 -7.15
C VAL A 91 -9.41 -13.64 -8.52
N GLY A 92 -8.70 -14.47 -9.25
CA GLY A 92 -9.15 -14.88 -10.58
C GLY A 92 -8.72 -16.31 -10.89
N THR A 93 -8.99 -16.73 -12.11
CA THR A 93 -8.64 -18.07 -12.55
C THR A 93 -8.20 -18.06 -14.02
N ILE A 94 -7.52 -19.12 -14.41
CA ILE A 94 -7.04 -19.25 -15.78
C ILE A 94 -7.06 -20.72 -16.18
N THR A 95 -7.79 -20.99 -17.26
CA THR A 95 -7.90 -22.35 -17.77
C THR A 95 -7.05 -22.52 -19.03
N VAL A 96 -6.48 -23.70 -19.16
CA VAL A 96 -5.64 -24.01 -20.31
C VAL A 96 -6.12 -25.32 -20.95
N GLU A 97 -7.25 -25.22 -21.63
CA GLU A 97 -7.83 -26.39 -22.29
C GLU A 97 -7.26 -26.53 -23.70
N TYR B 1 -2.66 0.48 1.80
CA TYR B 1 -2.75 1.42 0.66
C TYR B 1 -3.79 2.46 0.93
N PRO B 2 -3.77 3.55 0.23
CA PRO B 2 -4.76 4.56 0.46
C PRO B 2 -6.11 4.02 0.15
N PHE B 3 -6.17 3.06 -0.78
CA PHE B 3 -7.39 2.45 -1.23
C PHE B 3 -8.03 1.77 -0.05
N TYR B 4 -7.21 1.10 0.77
CA TYR B 4 -7.68 0.37 1.92
C TYR B 4 -8.27 1.33 2.91
N ALA B 5 -7.69 2.54 3.06
CA ALA B 5 -8.27 3.50 3.97
C ALA B 5 -9.64 3.85 3.48
N GLN B 6 -9.81 4.06 2.16
CA GLN B 6 -11.09 4.47 1.65
C GLN B 6 -12.14 3.44 1.95
N TYR B 7 -11.84 2.14 1.76
CA TYR B 7 -12.86 1.16 2.04
C TYR B 7 -13.20 1.09 3.49
N ASN B 8 -12.20 1.14 4.37
CA ASN B 8 -12.42 0.99 5.78
C ASN B 8 -13.03 2.19 6.45
N TYR B 9 -12.59 3.43 6.10
CA TYR B 9 -13.08 4.53 6.90
C TYR B 9 -13.62 5.63 6.03
N ASP B 10 -14.84 6.09 6.36
CA ASP B 10 -15.41 7.16 5.60
C ASP B 10 -14.59 8.39 5.88
N SER B 11 -14.20 8.61 7.16
CA SER B 11 -13.41 9.75 7.51
C SER B 11 -12.03 9.27 7.89
N PRO B 12 -11.05 9.76 7.18
CA PRO B 12 -9.67 9.40 7.37
C PRO B 12 -9.04 9.96 8.61
N ARG B 13 -9.66 10.97 9.26
CA ARG B 13 -9.06 11.57 10.41
C ARG B 13 -9.97 11.33 11.57
N GLU B 14 -9.41 10.73 12.64
CA GLU B 14 -10.16 10.41 13.83
C GLU B 14 -10.30 11.68 14.63
N ALA B 15 -11.22 11.66 15.62
CA ALA B 15 -11.51 12.81 16.42
C ALA B 15 -10.26 13.23 17.12
N THR B 16 -9.45 12.24 17.53
CA THR B 16 -8.22 12.48 18.22
C THR B 16 -7.32 13.23 17.29
N GLY B 17 -7.49 13.01 15.97
CA GLY B 17 -6.64 13.66 15.02
C GLY B 17 -5.75 12.62 14.44
N LYS B 18 -5.87 11.38 14.94
CA LYS B 18 -5.07 10.33 14.40
C LYS B 18 -5.62 9.98 13.04
N ILE B 19 -4.72 9.77 12.07
CA ILE B 19 -5.06 9.42 10.72
C ILE B 19 -5.12 7.93 10.65
N VAL B 20 -6.12 7.40 9.92
CA VAL B 20 -6.51 6.01 9.86
C VAL B 20 -5.41 5.10 9.39
N CYS B 21 -4.45 5.60 8.60
CA CYS B 21 -3.42 4.74 8.07
C CYS B 21 -2.71 4.08 9.22
N ALA B 22 -2.71 4.74 10.39
CA ALA B 22 -2.03 4.30 11.57
C ALA B 22 -2.55 2.97 12.01
N ASN B 23 -3.83 2.65 11.72
CA ASN B 23 -4.36 1.41 12.19
C ASN B 23 -3.54 0.26 11.63
N CYS B 24 -3.22 0.31 10.32
CA CYS B 24 -2.41 -0.69 9.64
C CYS B 24 -0.92 -0.52 9.76
N HIS B 25 -0.43 0.74 9.62
CA HIS B 25 0.99 0.99 9.60
C HIS B 25 1.35 1.45 10.96
N LEU B 26 1.84 0.49 11.75
CA LEU B 26 2.09 0.60 13.16
C LEU B 26 3.23 1.52 13.56
N ALA B 27 4.33 1.59 12.78
CA ALA B 27 5.48 2.34 13.22
C ALA B 27 5.37 3.79 12.86
N LYS B 28 6.02 4.66 13.67
CA LYS B 28 5.96 6.07 13.43
C LYS B 28 7.23 6.51 12.76
N LYS B 29 7.09 7.36 11.72
CA LYS B 29 8.19 7.95 11.00
C LYS B 29 7.75 9.34 10.67
N THR B 30 8.71 10.21 10.30
CA THR B 30 8.40 11.60 10.10
C THR B 30 7.65 11.86 8.84
N VAL B 31 6.89 12.98 8.84
CA VAL B 31 6.21 13.43 7.65
C VAL B 31 6.43 14.92 7.62
N GLU B 32 6.69 15.48 6.41
CA GLU B 32 6.90 16.90 6.35
C GLU B 32 6.02 17.50 5.30
N ILE B 33 5.52 18.72 5.56
CA ILE B 33 4.71 19.40 4.59
C ILE B 33 5.02 20.87 4.64
N GLU B 34 5.17 21.52 3.47
CA GLU B 34 5.40 22.94 3.46
C GLU B 34 4.43 23.59 2.52
N VAL B 35 3.85 24.72 2.95
CA VAL B 35 2.91 25.46 2.15
C VAL B 35 3.16 26.92 2.44
N PRO B 36 2.62 27.78 1.62
CA PRO B 36 2.82 29.19 1.81
C PRO B 36 2.10 29.68 3.04
N GLN B 37 2.53 30.83 3.57
CA GLN B 37 1.95 31.40 4.75
C GLN B 37 0.51 31.72 4.45
N ALA B 38 0.24 32.34 3.29
CA ALA B 38 -1.09 32.72 2.98
C ALA B 38 -1.30 32.60 1.50
N VAL B 39 -2.57 32.50 1.08
CA VAL B 39 -2.88 32.41 -0.33
C VAL B 39 -4.12 33.21 -0.62
N LEU B 40 -4.21 33.76 -1.85
CA LEU B 40 -5.33 34.56 -2.27
C LEU B 40 -6.43 33.62 -2.71
N PRO B 41 -7.66 34.07 -2.72
CA PRO B 41 -8.81 33.22 -2.98
C PRO B 41 -8.73 32.19 -4.05
N ASP B 42 -9.19 32.38 -5.28
CA ASP B 42 -9.12 31.26 -6.18
C ASP B 42 -7.77 31.27 -6.81
N THR B 43 -6.76 30.77 -6.05
CA THR B 43 -5.41 30.79 -6.54
C THR B 43 -4.80 29.43 -6.35
N VAL B 44 -3.72 29.13 -7.10
CA VAL B 44 -3.10 27.85 -7.00
C VAL B 44 -1.78 28.01 -6.30
N PHE B 45 -1.45 27.08 -5.38
CA PHE B 45 -0.22 27.14 -4.66
C PHE B 45 0.29 25.74 -4.50
N LYS B 46 1.57 25.58 -4.09
CA LYS B 46 2.12 24.25 -3.99
C LYS B 46 2.23 23.82 -2.57
N ALA B 47 1.91 22.53 -2.32
CA ALA B 47 2.07 21.92 -1.04
C ALA B 47 3.13 20.88 -1.27
N VAL B 48 4.25 20.98 -0.52
CA VAL B 48 5.35 20.08 -0.72
C VAL B 48 5.35 19.05 0.37
N VAL B 49 5.39 17.76 -0.02
CA VAL B 49 5.33 16.68 0.93
C VAL B 49 6.59 15.86 0.82
N LYS B 50 7.17 15.45 1.98
CA LYS B 50 8.34 14.62 1.97
C LYS B 50 8.15 13.53 2.99
N VAL B 51 8.63 12.30 2.68
CA VAL B 51 8.50 11.18 3.57
C VAL B 51 9.85 10.50 3.68
N PRO B 52 10.64 10.91 4.62
CA PRO B 52 11.99 10.40 4.71
C PRO B 52 12.20 9.02 5.22
N TYR B 53 13.18 8.31 4.61
CA TYR B 53 13.64 7.03 5.08
C TYR B 53 14.98 6.82 4.46
N ASP B 54 15.77 5.86 5.00
CA ASP B 54 17.07 5.63 4.45
C ASP B 54 16.89 4.77 3.22
N LEU B 55 17.28 5.31 2.06
CA LEU B 55 17.14 4.65 0.79
C LEU B 55 17.97 3.41 0.76
N ASP B 56 19.06 3.38 1.54
CA ASP B 56 19.93 2.23 1.57
C ASP B 56 19.25 1.02 2.16
N ILE B 57 18.23 1.19 3.04
CA ILE B 57 17.68 0.04 3.69
C ILE B 57 16.51 -0.52 2.94
N GLN B 58 16.51 -1.86 2.75
CA GLN B 58 15.50 -2.59 2.04
C GLN B 58 14.49 -3.13 3.00
N GLN B 59 13.29 -3.45 2.48
CA GLN B 59 12.16 -3.90 3.24
C GLN B 59 11.78 -5.28 2.80
N VAL B 60 11.08 -6.03 3.69
CA VAL B 60 10.62 -7.34 3.37
C VAL B 60 9.43 -7.15 2.47
N GLN B 61 9.40 -7.88 1.34
CA GLN B 61 8.31 -7.76 0.41
C GLN B 61 7.38 -8.93 0.59
N ALA B 62 6.32 -8.99 -0.24
CA ALA B 62 5.30 -9.98 -0.10
C ALA B 62 5.88 -11.37 -0.20
N ASP B 63 6.84 -11.59 -1.11
CA ASP B 63 7.42 -12.90 -1.29
C ASP B 63 8.35 -13.25 -0.16
N GLY B 64 8.79 -12.26 0.63
CA GLY B 64 9.68 -12.50 1.74
C GLY B 64 11.04 -11.98 1.42
N SER B 65 11.30 -11.66 0.13
CA SER B 65 12.58 -11.14 -0.30
C SER B 65 12.66 -9.66 -0.04
N PRO B 66 13.88 -9.17 -0.03
CA PRO B 66 14.08 -7.74 0.15
C PRO B 66 13.84 -6.92 -1.09
N SER B 67 13.34 -5.68 -0.94
CA SER B 67 13.11 -4.83 -2.08
C SER B 67 12.96 -3.41 -1.60
N GLY B 68 12.65 -2.48 -2.53
CA GLY B 68 12.54 -1.07 -2.23
C GLY B 68 11.23 -0.78 -1.57
N LEU B 69 11.07 0.46 -1.07
CA LEU B 69 9.88 0.88 -0.39
C LEU B 69 9.09 1.77 -1.29
N ASN B 70 7.76 1.80 -1.07
CA ASN B 70 6.85 2.64 -1.82
C ASN B 70 6.30 3.61 -0.82
N VAL B 71 5.84 4.78 -1.29
CA VAL B 71 5.36 5.79 -0.38
C VAL B 71 3.99 6.23 -0.81
N GLY B 72 3.25 6.89 0.10
CA GLY B 72 1.93 7.36 -0.21
C GLY B 72 1.53 8.30 0.87
N ALA B 73 0.43 9.07 0.66
CA ALA B 73 0.05 9.99 1.69
C ALA B 73 -1.38 10.41 1.50
N VAL B 74 -1.95 11.00 2.57
CA VAL B 74 -3.26 11.58 2.53
C VAL B 74 -3.04 13.00 2.95
N LEU B 75 -3.51 13.97 2.13
CA LEU B 75 -3.33 15.35 2.47
C LEU B 75 -4.68 15.94 2.68
N MET B 76 -4.99 16.38 3.92
CA MET B 76 -6.31 16.89 4.16
C MET B 76 -6.26 18.38 4.16
N LEU B 77 -6.92 18.97 3.15
CA LEU B 77 -6.98 20.40 3.00
C LEU B 77 -8.26 20.88 3.60
N PRO B 78 -8.35 22.17 3.78
CA PRO B 78 -9.53 22.76 4.36
C PRO B 78 -10.67 22.69 3.41
N GLU B 79 -11.91 22.92 3.91
CA GLU B 79 -13.08 22.85 3.07
C GLU B 79 -12.91 23.81 1.94
N GLY B 80 -13.33 23.37 0.74
CA GLY B 80 -13.35 24.20 -0.43
C GLY B 80 -12.07 24.08 -1.21
N PHE B 81 -10.99 23.60 -0.57
CA PHE B 81 -9.73 23.45 -1.26
C PHE B 81 -9.77 22.18 -2.06
N LYS B 82 -9.13 22.19 -3.25
CA LYS B 82 -9.09 21.01 -4.06
C LYS B 82 -7.80 21.01 -4.83
N LEU B 83 -7.47 19.86 -5.47
CA LEU B 83 -6.29 19.80 -6.28
C LEU B 83 -6.60 20.69 -7.44
N ALA B 84 -5.59 21.42 -7.97
CA ALA B 84 -5.86 22.37 -9.02
C ALA B 84 -6.03 21.67 -10.32
N PRO B 85 -6.93 22.18 -11.13
CA PRO B 85 -7.13 21.65 -12.45
C PRO B 85 -5.97 22.10 -13.29
N PRO B 86 -5.64 21.33 -14.28
CA PRO B 86 -4.49 21.62 -15.11
C PRO B 86 -4.56 22.99 -15.69
N GLU B 87 -5.76 23.45 -16.08
CA GLU B 87 -5.95 24.70 -16.77
C GLU B 87 -5.55 25.81 -15.87
N ARG B 88 -5.81 25.63 -14.57
CA ARG B 88 -5.56 26.59 -13.53
C ARG B 88 -4.10 26.74 -13.20
N VAL B 89 -3.25 25.74 -13.45
CA VAL B 89 -1.87 25.86 -13.04
C VAL B 89 -1.13 26.81 -13.92
N ASP B 90 -0.45 27.81 -13.31
CA ASP B 90 0.24 28.77 -14.11
C ASP B 90 1.46 28.15 -14.73
N GLU B 91 1.99 28.82 -15.78
CA GLU B 91 3.00 28.28 -16.65
C GLU B 91 4.28 27.94 -15.96
N GLU B 92 4.83 28.82 -15.11
CA GLU B 92 6.11 28.52 -14.54
C GLU B 92 6.00 27.28 -13.71
N LEU B 93 4.88 27.15 -12.99
CA LEU B 93 4.60 26.12 -12.03
C LEU B 93 4.37 24.74 -12.57
N MET B 94 3.83 24.58 -13.79
CA MET B 94 3.37 23.29 -14.24
C MET B 94 4.44 22.25 -14.16
N GLU B 95 5.68 22.57 -14.54
CA GLU B 95 6.72 21.59 -14.49
C GLU B 95 7.08 21.22 -13.07
N GLU B 96 6.96 22.19 -12.14
CA GLU B 96 7.33 22.08 -10.75
C GLU B 96 6.45 21.14 -9.98
N VAL B 97 5.20 20.93 -10.42
CA VAL B 97 4.28 20.17 -9.64
C VAL B 97 4.17 18.77 -10.16
N GLY B 98 3.71 17.84 -9.31
CA GLY B 98 3.57 16.48 -9.73
C GLY B 98 2.59 16.52 -10.83
N ASP B 99 2.58 15.46 -11.69
CA ASP B 99 1.62 15.39 -12.75
C ASP B 99 0.34 15.53 -12.03
N PHE B 100 -0.24 16.72 -12.23
CA PHE B 100 -1.34 17.17 -11.44
C PHE B 100 -2.42 16.19 -11.53
N TYR B 101 -2.80 15.79 -12.74
CA TYR B 101 -3.93 14.95 -12.65
C TYR B 101 -3.67 13.61 -12.07
N TYR B 102 -2.72 12.91 -12.70
CA TYR B 102 -2.53 11.49 -12.52
C TYR B 102 -2.22 11.08 -11.13
N LEU B 103 -1.29 11.76 -10.46
CA LEU B 103 -0.88 11.32 -9.15
C LEU B 103 -1.97 11.43 -8.12
N VAL B 104 -2.86 12.44 -8.25
CA VAL B 104 -3.80 12.75 -7.19
C VAL B 104 -5.18 12.20 -7.38
N THR B 105 -5.72 11.58 -6.30
CA THR B 105 -7.05 11.04 -6.31
C THR B 105 -7.81 11.56 -5.12
N PRO B 106 -9.06 11.91 -5.31
CA PRO B 106 -9.86 12.39 -4.21
C PRO B 106 -10.26 11.25 -3.33
N TYR B 107 -10.46 11.52 -2.03
CA TYR B 107 -10.80 10.50 -1.08
C TYR B 107 -12.15 9.95 -1.44
N SER B 108 -13.08 10.86 -1.80
CA SER B 108 -14.42 10.50 -2.19
C SER B 108 -14.94 11.63 -3.01
N GLU B 109 -16.14 11.46 -3.60
CA GLU B 109 -16.69 12.48 -4.45
C GLU B 109 -16.92 13.73 -3.66
N THR B 110 -17.47 13.58 -2.43
CA THR B 110 -17.78 14.67 -1.54
C THR B 110 -16.53 15.27 -0.95
N ASP B 111 -15.49 14.43 -0.78
CA ASP B 111 -14.20 14.54 -0.15
C ASP B 111 -13.06 15.14 -0.95
N GLU B 112 -13.32 15.92 -2.02
CA GLU B 112 -12.29 16.40 -2.90
C GLU B 112 -11.18 17.13 -2.19
N ASN B 113 -11.45 17.70 -0.99
CA ASN B 113 -10.46 18.39 -0.20
C ASN B 113 -9.44 17.42 0.35
N ILE B 114 -9.76 16.11 0.42
CA ILE B 114 -8.82 15.14 0.92
C ILE B 114 -8.21 14.43 -0.26
N LEU B 115 -6.88 14.57 -0.42
CA LEU B 115 -6.14 14.09 -1.56
C LEU B 115 -5.28 12.92 -1.18
N LEU B 116 -5.28 11.87 -2.03
CA LEU B 116 -4.50 10.68 -1.79
C LEU B 116 -3.50 10.55 -2.90
N ALA B 117 -2.28 10.06 -2.57
CA ALA B 117 -1.28 9.83 -3.58
C ALA B 117 -0.60 8.53 -3.21
N GLY B 118 -0.12 7.78 -4.21
CA GLY B 118 0.60 6.57 -3.94
C GLY B 118 -0.29 5.38 -4.07
N PRO B 119 0.30 4.20 -4.00
CA PRO B 119 1.72 4.11 -3.79
C PRO B 119 2.56 4.50 -4.96
N LEU B 120 3.73 5.11 -4.67
CA LEU B 120 4.68 5.54 -5.67
C LEU B 120 6.01 5.00 -5.23
N PRO B 121 6.93 4.83 -6.14
CA PRO B 121 8.23 4.34 -5.77
C PRO B 121 8.94 5.37 -4.94
N GLY B 122 9.49 4.98 -3.79
CA GLY B 122 10.11 5.88 -2.86
C GLY B 122 11.33 6.51 -3.46
N GLU B 123 12.10 5.75 -4.25
CA GLU B 123 13.33 6.28 -4.78
C GLU B 123 13.03 7.42 -5.71
N ASP B 124 11.93 7.31 -6.49
CA ASP B 124 11.55 8.28 -7.47
C ASP B 124 11.04 9.56 -6.86
N TYR B 125 10.23 9.49 -5.77
CA TYR B 125 9.63 10.71 -5.31
C TYR B 125 10.18 11.15 -3.99
N GLN B 126 11.23 11.98 -4.03
CA GLN B 126 11.78 12.54 -2.82
C GLN B 126 10.82 13.55 -2.30
N GLU B 127 10.17 14.27 -3.22
CA GLU B 127 9.25 15.31 -2.85
C GLU B 127 8.02 15.09 -3.69
N MET B 128 6.82 15.25 -3.09
CA MET B 128 5.61 15.12 -3.85
C MET B 128 5.00 16.47 -3.80
N ILE B 129 4.79 17.12 -4.95
CA ILE B 129 4.28 18.47 -4.89
C ILE B 129 2.88 18.52 -5.40
N PHE B 130 1.94 18.92 -4.52
CA PHE B 130 0.55 18.95 -4.91
C PHE B 130 0.18 20.35 -5.31
N PRO B 131 -0.36 20.53 -6.49
CA PRO B 131 -0.85 21.79 -6.97
C PRO B 131 -2.16 21.98 -6.27
N ILE B 132 -2.39 23.08 -5.54
CA ILE B 132 -3.65 23.15 -4.85
C ILE B 132 -4.37 24.42 -5.20
N LEU B 133 -5.69 24.32 -5.40
CA LEU B 133 -6.46 25.49 -5.74
C LEU B 133 -7.31 25.88 -4.55
N SER B 134 -7.17 27.13 -4.08
CA SER B 134 -7.94 27.62 -2.96
C SER B 134 -9.34 27.97 -3.41
N PRO B 135 -10.28 27.95 -2.48
CA PRO B 135 -11.66 28.30 -2.74
C PRO B 135 -11.86 29.78 -2.79
N ASN B 136 -13.08 30.24 -3.16
CA ASN B 136 -13.37 31.66 -3.15
C ASN B 136 -14.58 31.87 -2.30
N PRO B 137 -14.40 32.48 -1.16
CA PRO B 137 -15.50 32.67 -0.25
C PRO B 137 -16.57 33.57 -0.77
N ALA B 138 -16.26 34.50 -1.69
CA ALA B 138 -17.29 35.36 -2.14
C ALA B 138 -18.34 34.52 -2.81
N THR B 139 -17.87 33.59 -3.67
CA THR B 139 -18.74 32.69 -4.37
C THR B 139 -19.24 31.59 -3.48
N ASP B 140 -18.40 31.10 -2.55
CA ASP B 140 -18.77 29.93 -1.77
C ASP B 140 -19.04 30.31 -0.34
N ALA B 141 -20.31 30.12 0.08
CA ALA B 141 -20.83 30.42 1.39
C ALA B 141 -20.20 29.56 2.44
N GLY B 142 -19.91 28.28 2.08
CA GLY B 142 -19.41 27.30 2.99
C GLY B 142 -18.08 27.72 3.55
N VAL B 143 -17.26 28.47 2.79
CA VAL B 143 -15.96 28.81 3.29
C VAL B 143 -15.82 30.29 3.51
N TYR B 144 -14.99 30.65 4.51
CA TYR B 144 -14.75 32.03 4.81
C TYR B 144 -13.26 32.24 4.85
N PHE B 145 -12.82 33.51 4.85
CA PHE B 145 -11.41 33.80 4.92
C PHE B 145 -11.01 33.57 6.34
N GLY B 146 -9.75 33.15 6.56
CA GLY B 146 -9.30 32.91 7.91
C GLY B 146 -8.11 32.00 7.84
N LYS B 147 -7.63 31.56 9.03
CA LYS B 147 -6.50 30.69 9.09
C LYS B 147 -7.01 29.28 9.18
N TYR B 148 -6.39 28.35 8.43
CA TYR B 148 -6.89 27.00 8.45
C TYR B 148 -5.76 26.03 8.64
N SER B 149 -6.09 24.80 9.06
CA SER B 149 -5.10 23.80 9.30
C SER B 149 -5.15 22.78 8.21
N ILE B 150 -3.98 22.21 7.87
CA ILE B 150 -3.87 21.20 6.86
C ILE B 150 -3.26 20.02 7.58
N HIS B 151 -3.79 18.80 7.34
CA HIS B 151 -3.28 17.66 8.04
C HIS B 151 -2.66 16.72 7.06
N LEU B 152 -1.44 16.25 7.35
CA LEU B 152 -0.77 15.35 6.47
C LEU B 152 -0.55 14.03 7.16
N GLY B 153 -0.77 12.93 6.42
CA GLY B 153 -0.49 11.60 6.89
C GLY B 153 0.36 11.00 5.81
N GLY B 154 1.60 10.55 6.15
CA GLY B 154 2.45 10.06 5.10
C GLY B 154 3.08 8.75 5.51
N ASN B 155 3.13 7.80 4.57
CA ASN B 155 3.64 6.50 4.91
C ASN B 155 4.64 6.02 3.89
N ARG B 156 5.56 5.13 4.36
CA ARG B 156 6.50 4.48 3.49
C ARG B 156 6.56 3.06 3.99
N GLY B 157 6.63 2.07 3.09
CA GLY B 157 6.80 0.72 3.52
C GLY B 157 5.48 0.02 3.72
N ARG B 158 5.52 -1.32 3.69
CA ARG B 158 4.37 -2.17 3.78
C ARG B 158 3.82 -2.18 5.17
N GLY B 159 2.47 -2.30 5.27
CA GLY B 159 1.78 -2.27 6.53
C GLY B 159 1.87 -3.60 7.22
N GLN B 160 1.54 -3.59 8.52
CA GLN B 160 1.51 -4.70 9.43
C GLN B 160 0.26 -5.53 9.33
N VAL B 161 -0.91 -4.92 9.03
CA VAL B 161 -2.14 -5.65 9.06
C VAL B 161 -2.88 -5.45 7.78
N TYR B 162 -3.78 -6.40 7.45
CA TYR B 162 -4.53 -6.35 6.22
C TYR B 162 -5.94 -6.01 6.60
N PRO B 163 -6.72 -5.56 5.65
CA PRO B 163 -8.10 -5.27 5.92
C PRO B 163 -8.80 -6.52 6.32
N THR B 164 -8.16 -7.67 6.05
CA THR B 164 -8.65 -8.95 6.46
C THR B 164 -8.61 -8.95 7.95
N GLY B 165 -7.60 -8.28 8.53
CA GLY B 165 -7.44 -8.26 9.95
C GLY B 165 -6.30 -9.16 10.30
N GLU B 166 -5.79 -9.92 9.30
CA GLU B 166 -4.69 -10.79 9.55
C GLU B 166 -3.41 -10.03 9.38
N LEU B 167 -2.35 -10.49 10.09
CA LEU B 167 -1.07 -9.83 10.07
C LEU B 167 -0.34 -10.17 8.81
N SER B 168 0.48 -9.20 8.34
CA SER B 168 1.29 -9.36 7.17
C SER B 168 2.59 -9.97 7.59
N ASN B 169 3.47 -10.26 6.61
CA ASN B 169 4.78 -10.81 6.84
C ASN B 169 5.70 -9.75 7.39
N ASN B 170 5.32 -8.46 7.31
CA ASN B 170 6.18 -7.42 7.81
C ASN B 170 5.75 -7.07 9.21
N ASN B 171 5.78 -8.05 10.14
CA ASN B 171 5.35 -7.80 11.50
C ASN B 171 5.98 -8.81 12.41
N ALA B 172 5.93 -8.57 13.74
CA ALA B 172 6.49 -9.51 14.67
C ALA B 172 5.50 -10.62 14.92
N PHE B 173 6.02 -11.86 15.12
CA PHE B 173 5.16 -12.99 15.40
C PHE B 173 5.51 -13.47 16.78
N SER B 174 4.49 -13.85 17.60
CA SER B 174 4.76 -14.19 18.98
C SER B 174 4.34 -15.60 19.30
N ALA B 175 4.97 -16.18 20.35
CA ALA B 175 4.69 -17.52 20.77
C ALA B 175 3.28 -17.60 21.25
N SER B 176 2.52 -18.56 20.69
CA SER B 176 1.15 -18.76 21.03
C SER B 176 1.07 -19.31 22.42
N ILE B 177 2.12 -20.03 22.87
CA ILE B 177 2.09 -20.60 24.19
C ILE B 177 3.49 -20.73 24.70
N ALA B 178 3.65 -20.85 26.05
CA ALA B 178 4.93 -21.00 26.66
C ALA B 178 5.37 -22.43 26.57
N GLY B 179 6.69 -22.67 26.48
CA GLY B 179 7.18 -24.02 26.40
C GLY B 179 8.57 -24.00 25.84
N THR B 180 9.04 -25.17 25.34
CA THR B 180 10.36 -25.24 24.79
C THR B 180 10.26 -25.52 23.32
N ILE B 181 11.21 -24.99 22.53
CA ILE B 181 11.13 -25.13 21.10
C ILE B 181 11.83 -26.39 20.70
N ALA B 182 11.04 -27.41 20.34
CA ALA B 182 11.53 -28.68 19.90
C ALA B 182 12.18 -28.58 18.55
N ALA B 183 11.57 -27.82 17.61
CA ALA B 183 12.17 -27.77 16.31
C ALA B 183 11.57 -26.65 15.51
N ILE B 184 12.24 -26.27 14.40
CA ILE B 184 11.75 -25.27 13.49
C ILE B 184 12.07 -25.70 12.06
N GLU B 185 11.15 -25.52 11.09
CA GLU B 185 11.31 -25.96 9.70
C GLU B 185 11.37 -24.74 8.78
N ASP B 186 11.97 -24.80 7.53
CA ASP B 186 12.13 -23.53 6.82
C ASP B 186 12.15 -23.45 5.27
N ASN B 187 11.15 -22.77 4.62
CA ASN B 187 11.17 -22.42 3.20
C ASN B 187 11.17 -20.93 3.17
N GLY B 188 11.95 -20.37 4.10
CA GLY B 188 11.92 -18.95 4.29
C GLY B 188 10.88 -18.81 5.34
N PHE B 189 9.76 -19.55 5.13
CA PHE B 189 8.66 -19.62 6.05
C PHE B 189 9.14 -20.53 7.10
N GLY B 190 8.78 -20.23 8.34
CA GLY B 190 9.01 -21.24 9.29
C GLY B 190 7.64 -21.73 9.31
N PHE B 191 7.47 -22.87 8.64
CA PHE B 191 6.20 -23.48 8.52
C PHE B 191 5.84 -23.64 9.93
N ASP B 192 6.85 -23.97 10.76
CA ASP B 192 6.43 -24.07 12.10
C ASP B 192 7.55 -23.95 13.07
N VAL B 193 7.21 -23.31 14.19
CA VAL B 193 8.05 -23.38 15.35
C VAL B 193 7.23 -24.28 16.22
N THR B 194 7.79 -25.43 16.61
CA THR B 194 7.02 -26.33 17.42
C THR B 194 7.40 -26.09 18.84
N ILE B 195 6.38 -25.89 19.70
CA ILE B 195 6.66 -25.62 21.07
C ILE B 195 6.05 -26.68 21.91
N GLN B 196 6.79 -27.16 22.92
CA GLN B 196 6.30 -28.19 23.80
C GLN B 196 5.87 -27.51 25.07
N PRO B 197 4.59 -27.48 25.30
CA PRO B 197 4.12 -26.91 26.53
C PRO B 197 4.43 -27.70 27.76
N GLU B 198 4.12 -27.07 28.90
CA GLU B 198 4.45 -27.50 30.23
C GLU B 198 3.90 -28.87 30.50
N ASP B 199 2.78 -29.27 29.86
CA ASP B 199 2.27 -30.55 30.24
C ASP B 199 2.09 -31.50 29.08
N GLY B 200 3.12 -31.68 28.22
CA GLY B 200 3.07 -32.73 27.24
C GLY B 200 2.59 -32.27 25.89
N ASP B 201 1.74 -31.24 25.81
CA ASP B 201 1.18 -30.86 24.53
C ASP B 201 2.25 -30.25 23.67
N ALA B 202 2.02 -30.25 22.34
CA ALA B 202 2.93 -29.61 21.43
C ALA B 202 2.10 -28.78 20.49
N VAL B 203 2.49 -27.50 20.30
CA VAL B 203 1.74 -26.60 19.48
C VAL B 203 2.63 -26.10 18.39
N VAL B 204 2.03 -25.62 17.28
CA VAL B 204 2.88 -25.19 16.21
C VAL B 204 2.49 -23.80 15.81
N THR B 205 3.48 -22.89 15.70
CA THR B 205 3.18 -21.53 15.33
C THR B 205 3.80 -21.31 13.98
N SER B 206 3.00 -20.84 13.01
CA SER B 206 3.51 -20.68 11.68
C SER B 206 3.86 -19.25 11.47
N ILE B 207 5.06 -19.02 10.88
CA ILE B 207 5.46 -17.67 10.60
C ILE B 207 5.81 -17.65 9.14
N LEU B 208 5.45 -16.56 8.44
CA LEU B 208 5.69 -16.44 7.02
C LEU B 208 7.12 -16.03 6.79
N PRO B 209 7.62 -16.17 5.57
CA PRO B 209 8.96 -15.79 5.23
C PRO B 209 9.07 -14.31 5.45
N GLY B 210 10.26 -13.81 5.84
CA GLY B 210 10.46 -12.39 6.00
C GLY B 210 10.92 -12.04 7.39
N PRO B 211 10.18 -12.35 8.42
CA PRO B 211 10.64 -12.00 9.74
C PRO B 211 11.80 -12.88 10.08
N GLU B 212 12.73 -12.44 10.95
CA GLU B 212 13.85 -13.27 11.25
C GLU B 212 13.69 -13.85 12.63
N LEU B 213 13.87 -15.18 12.74
CA LEU B 213 13.69 -15.86 13.98
C LEU B 213 14.77 -15.47 14.94
N ILE B 214 14.32 -15.03 16.13
CA ILE B 214 15.07 -14.66 17.30
C ILE B 214 15.50 -15.88 18.06
N VAL B 215 14.70 -16.97 18.01
CA VAL B 215 14.89 -18.11 18.86
C VAL B 215 15.51 -19.26 18.17
N ALA B 216 16.04 -20.21 18.97
CA ALA B 216 16.70 -21.39 18.48
C ALA B 216 16.07 -22.58 19.13
N VAL B 217 16.25 -23.75 18.52
CA VAL B 217 15.66 -24.95 19.04
C VAL B 217 16.30 -25.22 20.37
N GLY B 218 15.48 -25.75 21.31
CA GLY B 218 15.93 -26.10 22.62
C GLY B 218 15.79 -24.90 23.51
N ASP B 219 15.21 -23.81 22.99
CA ASP B 219 15.09 -22.61 23.78
C ASP B 219 13.71 -22.54 24.36
N THR B 220 13.61 -22.05 25.61
CA THR B 220 12.33 -21.90 26.25
C THR B 220 11.80 -20.54 25.92
N VAL B 221 10.47 -20.42 25.79
CA VAL B 221 9.88 -19.14 25.49
C VAL B 221 8.62 -18.98 26.28
N GLU B 222 8.33 -17.74 26.70
CA GLU B 222 7.12 -17.47 27.44
C GLU B 222 6.03 -17.20 26.44
N ALA B 223 4.76 -17.31 26.87
CA ALA B 223 3.69 -17.08 25.95
C ALA B 223 3.71 -15.64 25.56
N GLY B 224 3.50 -15.37 24.26
CA GLY B 224 3.42 -14.04 23.76
C GLY B 224 4.79 -13.49 23.50
N GLN B 225 5.85 -14.26 23.83
CA GLN B 225 7.15 -13.69 23.61
C GLN B 225 7.44 -13.69 22.15
N LEU B 226 8.35 -12.78 21.71
CA LEU B 226 8.61 -12.64 20.31
C LEU B 226 9.47 -13.75 19.79
N LEU B 227 8.95 -14.42 18.74
CA LEU B 227 9.59 -15.46 17.98
C LEU B 227 10.53 -14.87 16.99
N THR B 228 10.25 -13.64 16.54
CA THR B 228 11.01 -13.04 15.48
C THR B 228 11.31 -11.60 15.82
N THR B 229 12.18 -10.97 15.02
CA THR B 229 12.48 -9.58 15.23
C THR B 229 11.35 -8.84 14.60
N ASN B 230 11.45 -7.50 14.57
CA ASN B 230 10.46 -6.74 13.87
C ASN B 230 11.13 -6.31 12.61
N PRO B 231 10.74 -6.88 11.50
CA PRO B 231 11.36 -6.60 10.24
C PRO B 231 10.99 -5.25 9.66
N ASN B 232 9.99 -4.57 10.22
CA ASN B 232 9.48 -3.33 9.68
C ASN B 232 10.53 -2.27 9.61
N VAL B 233 10.81 -1.79 8.36
CA VAL B 233 11.69 -0.71 7.98
C VAL B 233 11.01 0.63 7.84
N GLY B 234 9.69 0.65 7.59
CA GLY B 234 9.02 1.89 7.25
C GLY B 234 8.24 2.45 8.39
N GLY B 235 7.23 3.29 8.06
CA GLY B 235 6.42 3.84 9.11
C GLY B 235 5.53 4.91 8.56
N PHE B 236 4.58 5.36 9.41
CA PHE B 236 3.60 6.35 9.06
C PHE B 236 3.71 7.48 10.03
N GLY B 237 3.61 8.74 9.56
CA GLY B 237 3.74 9.86 10.44
C GLY B 237 2.75 10.92 10.03
N GLN B 238 2.49 11.89 10.94
CA GLN B 238 1.56 12.92 10.63
C GLN B 238 2.16 14.25 10.98
N MET B 239 1.75 15.31 10.26
CA MET B 239 2.19 16.62 10.60
C MET B 239 1.15 17.59 10.15
N ASP B 240 0.96 18.66 10.94
CA ASP B 240 -0.05 19.65 10.67
C ASP B 240 0.64 20.94 10.35
N SER B 241 -0.01 21.77 9.52
CA SER B 241 0.51 23.07 9.18
C SER B 241 -0.68 23.97 9.05
N GLU B 242 -0.46 25.30 8.97
CA GLU B 242 -1.57 26.19 8.85
C GLU B 242 -1.35 27.05 7.66
N ILE B 243 -2.44 27.56 7.05
CA ILE B 243 -2.35 28.45 5.93
C ILE B 243 -3.43 29.48 6.10
N VAL B 244 -3.18 30.72 5.62
CA VAL B 244 -4.15 31.77 5.79
C VAL B 244 -4.82 32.02 4.48
N LEU B 245 -6.17 31.93 4.46
CA LEU B 245 -6.91 32.21 3.25
C LEU B 245 -7.11 33.69 3.33
N GLN B 246 -6.42 34.44 2.45
CA GLN B 246 -6.34 35.88 2.55
C GLN B 246 -7.28 36.58 1.62
N SER B 247 -7.59 37.85 1.97
CA SER B 247 -8.45 38.67 1.16
C SER B 247 -7.56 39.47 0.27
N SER B 248 -7.96 39.62 -1.00
CA SER B 248 -7.16 40.32 -1.96
C SER B 248 -7.07 41.74 -1.57
N SER B 249 -6.02 42.39 -2.07
CA SER B 249 -5.82 43.77 -1.77
C SER B 249 -5.75 43.91 -0.26
CU CU C . -4.45 -5.69 -7.08
FE HEC D . -1.23 0.87 3.40
CHA HEC D . 1.05 -0.95 1.67
CHB HEC D . 0.09 3.77 2.17
CHC HEC D . -3.78 2.62 4.79
CHD HEC D . -2.21 -1.90 5.03
NA HEC D . 0.18 1.32 2.10
C1A HEC D . 1.01 0.45 1.45
C2A HEC D . 1.93 1.15 0.56
C3A HEC D . 1.69 2.47 0.74
C4A HEC D . 0.59 2.58 1.68
CMA HEC D . 2.44 3.61 0.08
CAA HEC D . 2.98 0.47 -0.32
CBA HEC D . 4.28 0.43 0.54
CGA HEC D . 5.39 -0.40 -0.08
O1A HEC D . 6.58 -0.12 0.23
O2A HEC D . 5.09 -1.33 -0.86
NB HEC D . -1.73 2.78 3.49
C1B HEC D . -0.99 3.88 3.01
C2B HEC D . -1.66 5.15 3.38
C3B HEC D . -2.78 4.84 4.12
C4B HEC D . -2.81 3.36 4.13
CMB HEC D . -1.14 6.54 3.12
CAB HEC D . -3.70 5.73 4.78
CBB HEC D . -4.33 6.82 3.90
NC HEC D . -2.75 0.45 4.55
C1C HEC D . -3.74 1.26 5.02
C2C HEC D . -4.68 0.54 5.85
C3C HEC D . -4.26 -0.72 5.93
C4C HEC D . -3.03 -0.78 5.14
CMC HEC D . -5.95 1.16 6.42
CAC HEC D . -4.83 -1.80 6.71
CBC HEC D . -6.32 -2.18 6.43
ND HEC D . -0.71 -1.03 3.33
C1D HEC D . -1.15 -2.03 4.18
C2D HEC D . -0.43 -3.28 3.98
C3D HEC D . 0.43 -3.03 2.97
C4D HEC D . 0.25 -1.64 2.58
CMD HEC D . -0.56 -4.63 4.76
CAD HEC D . 1.36 -4.02 2.31
CBD HEC D . 0.73 -4.78 1.14
CGD HEC D . 1.70 -5.77 0.54
O1D HEC D . 1.52 -6.99 0.77
O2D HEC D . 2.66 -5.30 -0.14
HHA HEC D . 1.76 -1.53 1.10
HHB HEC D . 0.58 4.68 1.86
HHC HEC D . -4.65 3.14 5.16
HHD HEC D . -2.44 -2.73 5.68
HMA1 HEC D . 2.04 3.77 -0.92
HMA2 HEC D . 3.48 3.37 0.01
HMA3 HEC D . 2.31 4.51 0.65
HAA1 HEC D . 3.14 1.05 -1.23
HAA2 HEC D . 2.65 -0.52 -0.59
HBA1 HEC D . 4.03 0.00 1.50
HBA2 HEC D . 4.63 1.44 0.67
HMB1 HEC D . -1.48 6.87 2.14
HMB2 HEC D . -0.06 6.54 3.14
HMB3 HEC D . -1.51 7.22 3.87
HAB HEC D . -4.54 5.16 5.16
HBB1 HEC D . -5.31 6.51 3.57
HBB2 HEC D . -4.42 7.74 4.48
HBB3 HEC D . -3.70 7.01 3.04
HMC1 HEC D . -5.85 1.24 7.50
HMC2 HEC D . -6.79 0.53 6.19
HMC3 HEC D . -6.09 2.14 6.00
HAC HEC D . -5.45 -1.53 7.52
HBC1 HEC D . -6.74 -2.68 7.30
HBC2 HEC D . -6.89 -1.29 6.22
HBC3 HEC D . -6.37 -2.85 5.57
HMD1 HEC D . 0.13 -4.64 5.58
HMD2 HEC D . -0.34 -5.44 4.09
HMD3 HEC D . -1.57 -4.73 5.13
HAD1 HEC D . 1.66 -4.75 3.05
HAD2 HEC D . 2.22 -3.49 1.94
HBD1 HEC D . 0.43 -4.07 0.38
HBD2 HEC D . -0.15 -5.31 1.49
N ALA A 1 -4.64 -14.25 -30.15
CA ALA A 1 -3.96 -13.01 -30.47
C ALA A 1 -3.38 -12.41 -29.19
N SER A 2 -2.44 -11.49 -29.38
CA SER A 2 -1.80 -10.84 -28.25
C SER A 2 -2.84 -10.15 -27.39
N VAL A 3 -2.81 -10.46 -26.10
CA VAL A 3 -3.75 -9.87 -25.17
C VAL A 3 -2.97 -9.16 -24.05
N GLN A 4 -3.72 -8.54 -23.16
CA GLN A 4 -3.12 -7.80 -22.06
C GLN A 4 -3.97 -7.97 -20.80
N ILE A 5 -3.30 -7.90 -19.65
CA ILE A 5 -3.97 -8.04 -18.38
C ILE A 5 -3.86 -6.73 -17.60
N LYS A 6 -4.99 -6.07 -17.43
CA LYS A 6 -5.03 -4.81 -16.72
C LYS A 6 -5.35 -5.08 -15.24
N MET A 7 -4.57 -4.44 -14.37
CA MET A 7 -4.76 -4.60 -12.95
C MET A 7 -5.41 -3.36 -12.33
N GLY A 8 -6.72 -3.45 -12.16
CA GLY A 8 -7.48 -2.34 -11.60
C GLY A 8 -8.51 -1.81 -12.60
N THR A 9 -9.65 -1.40 -12.06
CA THR A 9 -10.72 -0.87 -12.90
C THR A 9 -10.85 0.64 -12.70
N ASP A 10 -11.49 1.28 -13.67
CA ASP A 10 -11.68 2.72 -13.61
C ASP A 10 -12.48 3.08 -12.35
N LYS A 11 -13.10 2.05 -11.78
CA LYS A 11 -13.89 2.24 -10.58
C LYS A 11 -13.00 2.05 -9.34
N TYR A 12 -11.78 2.55 -9.45
CA TYR A 12 -10.83 2.43 -8.36
C TYR A 12 -10.95 1.07 -7.67
N ALA A 13 -11.36 0.08 -8.45
CA ALA A 13 -11.51 -1.27 -7.93
C ALA A 13 -10.34 -2.13 -8.42
N PRO A 14 -9.55 -2.63 -7.43
CA PRO A 14 -8.40 -3.47 -7.74
C PRO A 14 -8.85 -4.87 -8.14
N LEU A 15 -8.91 -5.09 -9.45
CA LEU A 15 -9.32 -6.38 -9.98
C LEU A 15 -8.66 -6.61 -11.33
N TYR A 16 -8.44 -7.88 -11.65
CA TYR A 16 -7.81 -8.24 -12.91
C TYR A 16 -8.80 -8.15 -14.06
N GLU A 17 -8.41 -7.39 -15.07
CA GLU A 17 -9.25 -7.21 -16.25
C GLU A 17 -8.45 -7.47 -17.52
N PRO A 18 -9.09 -8.24 -18.45
CA PRO A 18 -10.42 -8.76 -18.21
C PRO A 18 -10.38 -9.92 -17.22
N LYS A 19 -11.38 -9.94 -16.34
CA LYS A 19 -11.47 -11.00 -15.34
C LYS A 19 -11.08 -12.33 -15.98
N ALA A 20 -11.53 -12.52 -17.20
CA ALA A 20 -11.23 -13.75 -17.93
C ALA A 20 -10.47 -13.41 -19.21
N LEU A 21 -9.57 -14.32 -19.58
CA LEU A 21 -8.77 -14.12 -20.79
C LEU A 21 -8.56 -15.46 -21.47
N SER A 22 -8.61 -15.43 -22.79
CA SER A 22 -8.43 -16.64 -23.58
C SER A 22 -7.38 -16.41 -24.67
N ILE A 23 -6.61 -17.43 -24.94
CA ILE A 23 -5.56 -17.36 -25.95
C ILE A 23 -5.26 -18.75 -26.48
N SER A 24 -4.29 -18.82 -27.38
CA SER A 24 -3.90 -20.09 -27.97
C SER A 24 -2.42 -20.37 -27.68
N ALA A 25 -2.06 -21.64 -27.75
CA ALA A 25 -0.69 -22.05 -27.50
C ALA A 25 0.24 -21.32 -28.47
N GLY A 26 0.95 -20.34 -27.93
CA GLY A 26 1.88 -19.56 -28.73
C GLY A 26 1.56 -18.07 -28.64
N ASP A 27 0.44 -17.77 -27.99
CA ASP A 27 0.01 -16.39 -27.82
C ASP A 27 0.76 -15.77 -26.63
N THR A 28 0.55 -14.48 -26.46
CA THR A 28 1.18 -13.76 -25.37
C THR A 28 0.13 -13.08 -24.49
N VAL A 29 0.50 -12.86 -23.24
CA VAL A 29 -0.40 -12.23 -22.29
C VAL A 29 0.34 -11.11 -21.55
N GLU A 30 0.07 -9.88 -21.97
CA GLU A 30 0.71 -8.72 -21.38
C GLU A 30 0.03 -8.38 -20.05
N PHE A 31 0.68 -7.48 -19.31
CA PHE A 31 0.15 -7.06 -18.03
C PHE A 31 0.49 -5.59 -17.75
N VAL A 32 -0.56 -4.80 -17.55
CA VAL A 32 -0.38 -3.38 -17.28
C VAL A 32 -1.10 -3.03 -15.98
N MET A 33 -0.62 -1.95 -15.35
CA MET A 33 -1.20 -1.51 -14.11
C MET A 33 -2.20 -0.36 -14.33
N ASN A 34 -3.44 -0.62 -13.96
CA ASN A 34 -4.49 0.38 -14.12
C ASN A 34 -4.39 1.41 -13.00
N LYS A 35 -4.64 0.95 -11.78
CA LYS A 35 -4.58 1.82 -10.62
C LYS A 35 -4.63 0.97 -9.35
N VAL A 36 -4.84 1.66 -8.23
CA VAL A 36 -4.92 0.98 -6.95
C VAL A 36 -3.77 -0.03 -6.83
N GLY A 37 -2.56 0.49 -7.02
CA GLY A 37 -1.37 -0.34 -6.94
C GLY A 37 -0.78 -0.32 -5.52
N PRO A 38 0.42 -0.94 -5.39
CA PRO A 38 1.07 -1.56 -6.53
C PRO A 38 0.39 -2.88 -6.89
N HIS A 39 1.05 -3.63 -7.77
CA HIS A 39 0.53 -4.91 -8.21
C HIS A 39 1.68 -5.89 -8.42
N ASN A 40 1.34 -7.03 -9.01
CA ASN A 40 2.33 -8.06 -9.27
C ASN A 40 1.64 -9.31 -9.81
N VAL A 41 2.45 -10.22 -10.34
CA VAL A 41 1.92 -11.45 -10.89
C VAL A 41 2.20 -12.60 -9.92
N ILE A 42 1.12 -13.15 -9.39
CA ILE A 42 1.23 -14.25 -8.44
C ILE A 42 0.25 -15.35 -8.83
N PHE A 43 0.62 -16.09 -9.87
CA PHE A 43 -0.22 -17.17 -10.35
C PHE A 43 -0.69 -18.07 -9.20
N ASP A 44 -1.75 -18.81 -9.46
CA ASP A 44 -2.30 -19.71 -8.47
C ASP A 44 -1.76 -21.12 -8.69
N LYS A 45 -1.86 -21.56 -9.93
CA LYS A 45 -1.39 -22.88 -10.29
C LYS A 45 -1.92 -23.25 -11.69
N VAL A 46 -1.07 -23.95 -12.44
CA VAL A 46 -1.45 -24.37 -13.78
C VAL A 46 -1.21 -25.87 -13.92
N PRO A 47 -1.91 -26.47 -14.92
CA PRO A 47 -1.78 -27.89 -15.18
C PRO A 47 -0.46 -28.20 -15.89
N ALA A 48 -0.09 -29.48 -15.87
CA ALA A 48 1.13 -29.92 -16.50
C ALA A 48 1.31 -29.17 -17.83
N GLY A 49 2.54 -28.71 -18.05
CA GLY A 49 2.86 -27.98 -19.27
C GLY A 49 3.65 -26.72 -18.96
N GLU A 50 3.06 -25.88 -18.12
CA GLU A 50 3.71 -24.64 -17.72
C GLU A 50 4.14 -24.69 -16.26
N SER A 51 4.61 -23.56 -15.77
CA SER A 51 5.05 -23.46 -14.39
C SER A 51 4.47 -22.20 -13.74
N ALA A 52 3.20 -22.29 -13.38
CA ALA A 52 2.52 -21.17 -12.75
C ALA A 52 3.34 -20.70 -11.54
N PRO A 53 3.67 -21.68 -10.65
CA PRO A 53 4.45 -21.37 -9.47
C PRO A 53 5.92 -21.12 -9.82
N ALA A 54 6.12 -20.25 -10.79
CA ALA A 54 7.47 -19.92 -11.23
C ALA A 54 7.46 -18.55 -11.91
N LEU A 55 6.47 -18.37 -12.79
CA LEU A 55 6.33 -17.12 -13.50
C LEU A 55 6.00 -15.99 -12.52
N SER A 56 5.35 -16.40 -11.43
CA SER A 56 4.96 -15.43 -10.40
C SER A 56 6.14 -14.50 -10.09
N ASN A 57 5.95 -13.23 -10.39
CA ASN A 57 6.98 -12.24 -10.15
C ASN A 57 6.55 -11.35 -8.98
N THR A 58 7.34 -11.40 -7.92
CA THR A 58 7.07 -10.60 -6.73
C THR A 58 7.73 -9.24 -6.83
N LYS A 59 8.03 -8.85 -8.06
CA LYS A 59 8.67 -7.56 -8.31
C LYS A 59 7.59 -6.47 -8.41
N LEU A 60 6.91 -6.26 -7.30
CA LEU A 60 5.87 -5.26 -7.25
C LEU A 60 6.32 -4.01 -8.02
N ALA A 61 5.79 -3.87 -9.22
CA ALA A 61 6.13 -2.75 -10.06
C ALA A 61 5.35 -1.51 -9.59
N ILE A 62 6.02 -0.69 -8.81
CA ILE A 62 5.40 0.52 -8.30
C ILE A 62 5.16 1.50 -9.45
N ALA A 63 6.19 1.65 -10.28
CA ALA A 63 6.10 2.55 -11.42
C ALA A 63 5.00 2.07 -12.36
N PRO A 64 3.91 2.87 -12.43
CA PRO A 64 2.79 2.53 -13.29
C PRO A 64 3.12 2.79 -14.76
N GLY A 65 2.69 1.88 -15.61
CA GLY A 65 2.94 1.99 -17.03
C GLY A 65 2.59 0.70 -17.77
N SER A 66 3.38 -0.33 -17.49
CA SER A 66 3.18 -1.62 -18.11
C SER A 66 4.21 -2.62 -17.59
N PHE A 67 3.79 -3.41 -16.61
CA PHE A 67 4.68 -4.41 -16.02
C PHE A 67 5.54 -5.06 -17.08
N TYR A 68 4.99 -6.11 -17.69
CA TYR A 68 5.70 -6.84 -18.73
C TYR A 68 4.79 -7.85 -19.41
N SER A 69 5.32 -8.49 -20.44
CA SER A 69 4.57 -9.48 -21.18
C SER A 69 5.28 -10.84 -21.10
N VAL A 70 4.52 -11.88 -21.39
CA VAL A 70 5.05 -13.23 -21.37
C VAL A 70 4.25 -14.12 -22.31
N THR A 71 4.96 -14.96 -23.05
CA THR A 71 4.34 -15.86 -23.99
C THR A 71 4.09 -17.22 -23.35
N LEU A 72 3.00 -17.85 -23.76
CA LEU A 72 2.63 -19.15 -23.23
C LEU A 72 2.48 -20.15 -24.39
N GLY A 73 2.30 -21.41 -24.02
CA GLY A 73 2.13 -22.45 -25.02
C GLY A 73 1.31 -23.61 -24.46
N THR A 74 1.63 -23.99 -23.23
CA THR A 74 0.93 -25.08 -22.58
C THR A 74 -0.57 -24.84 -22.60
N PRO A 75 -1.31 -25.84 -23.15
CA PRO A 75 -2.75 -25.74 -23.25
C PRO A 75 -3.41 -25.98 -21.88
N GLY A 76 -4.46 -25.21 -21.62
CA GLY A 76 -5.17 -25.33 -20.36
C GLY A 76 -5.59 -23.96 -19.83
N THR A 77 -6.23 -23.98 -18.67
CA THR A 77 -6.69 -22.75 -18.06
C THR A 77 -5.78 -22.37 -16.88
N TYR A 78 -5.18 -21.19 -16.99
CA TYR A 78 -4.29 -20.71 -15.95
C TYR A 78 -5.03 -19.75 -15.00
N SER A 79 -4.71 -19.89 -13.72
CA SER A 79 -5.33 -19.05 -12.70
C SER A 79 -4.25 -18.31 -11.91
N PHE A 80 -4.59 -17.10 -11.51
CA PHE A 80 -3.66 -16.27 -10.75
C PHE A 80 -4.42 -15.39 -9.75
N TYR A 81 -3.67 -14.48 -9.14
CA TYR A 81 -4.25 -13.57 -8.16
C TYR A 81 -3.24 -12.49 -7.75
N CYS A 82 -3.76 -11.46 -7.11
CA CYS A 82 -2.92 -10.36 -6.66
C CYS A 82 -2.51 -10.64 -5.21
N THR A 83 -1.20 -10.69 -4.99
CA THR A 83 -0.67 -10.95 -3.67
C THR A 83 -1.31 -9.99 -2.65
N PRO A 84 -1.27 -8.68 -3.00
CA PRO A 84 -1.83 -7.66 -2.12
C PRO A 84 -3.36 -7.67 -2.18
N HIS A 85 -3.87 -7.39 -3.37
CA HIS A 85 -5.31 -7.36 -3.57
C HIS A 85 -5.85 -8.79 -3.63
N ARG A 86 -5.61 -9.52 -2.54
CA ARG A 86 -6.05 -10.90 -2.45
C ARG A 86 -7.47 -10.95 -1.88
N GLY A 87 -7.73 -10.08 -0.92
CA GLY A 87 -9.02 -10.02 -0.27
C GLY A 87 -9.96 -9.05 -1.02
N ALA A 88 -9.34 -8.12 -1.72
CA ALA A 88 -10.09 -7.13 -2.48
C ALA A 88 -10.85 -7.84 -3.61
N GLY A 89 -10.45 -9.07 -3.88
CA GLY A 89 -11.09 -9.85 -4.91
C GLY A 89 -10.52 -9.50 -6.29
N MET A 90 -9.23 -9.76 -6.45
CA MET A 90 -8.56 -9.47 -7.71
C MET A 90 -7.95 -10.74 -8.30
N VAL A 91 -8.81 -11.58 -8.85
CA VAL A 91 -8.37 -12.82 -9.46
C VAL A 91 -8.85 -12.88 -10.91
N GLY A 92 -8.11 -13.63 -11.71
CA GLY A 92 -8.44 -13.77 -13.13
C GLY A 92 -8.05 -15.15 -13.64
N THR A 93 -8.23 -15.34 -14.94
CA THR A 93 -7.89 -16.60 -15.57
C THR A 93 -7.32 -16.37 -16.97
N ILE A 94 -6.64 -17.40 -17.48
CA ILE A 94 -6.05 -17.31 -18.80
C ILE A 94 -6.09 -18.68 -19.46
N THR A 95 -6.72 -18.73 -20.62
CA THR A 95 -6.85 -19.97 -21.37
C THR A 95 -5.89 -19.97 -22.56
N VAL A 96 -5.36 -21.15 -22.85
CA VAL A 96 -4.43 -21.31 -23.97
C VAL A 96 -4.90 -22.45 -24.86
N GLU A 97 -5.96 -22.18 -25.61
CA GLU A 97 -6.52 -23.17 -26.51
C GLU A 97 -5.82 -23.11 -27.87
N TYR B 1 -2.66 0.48 1.80
CA TYR B 1 -2.75 1.42 0.66
C TYR B 1 -3.79 2.46 0.93
N PRO B 2 -3.77 3.55 0.23
CA PRO B 2 -4.76 4.56 0.46
C PRO B 2 -6.11 4.02 0.15
N PHE B 3 -6.17 3.06 -0.78
CA PHE B 3 -7.39 2.45 -1.23
C PHE B 3 -8.03 1.77 -0.05
N TYR B 4 -7.21 1.10 0.77
CA TYR B 4 -7.68 0.37 1.92
C TYR B 4 -8.27 1.33 2.91
N ALA B 5 -7.69 2.54 3.06
CA ALA B 5 -8.27 3.50 3.97
C ALA B 5 -9.64 3.85 3.48
N GLN B 6 -9.81 4.06 2.16
CA GLN B 6 -11.09 4.47 1.65
C GLN B 6 -12.14 3.44 1.95
N TYR B 7 -11.84 2.14 1.76
CA TYR B 7 -12.86 1.16 2.04
C TYR B 7 -13.20 1.09 3.49
N ASN B 8 -12.20 1.14 4.37
CA ASN B 8 -12.42 0.99 5.78
C ASN B 8 -13.03 2.19 6.45
N TYR B 9 -12.59 3.43 6.10
CA TYR B 9 -13.08 4.53 6.90
C TYR B 9 -13.62 5.63 6.03
N ASP B 10 -14.84 6.09 6.36
CA ASP B 10 -15.41 7.16 5.60
C ASP B 10 -14.59 8.39 5.88
N SER B 11 -14.20 8.61 7.16
CA SER B 11 -13.41 9.75 7.51
C SER B 11 -12.03 9.27 7.89
N PRO B 12 -11.05 9.76 7.18
CA PRO B 12 -9.67 9.40 7.37
C PRO B 12 -9.04 9.96 8.61
N ARG B 13 -9.66 10.97 9.26
CA ARG B 13 -9.06 11.57 10.41
C ARG B 13 -9.97 11.33 11.57
N GLU B 14 -9.41 10.73 12.64
CA GLU B 14 -10.16 10.41 13.83
C GLU B 14 -10.30 11.68 14.63
N ALA B 15 -11.22 11.66 15.62
CA ALA B 15 -11.51 12.81 16.42
C ALA B 15 -10.26 13.23 17.12
N THR B 16 -9.45 12.24 17.53
CA THR B 16 -8.22 12.48 18.22
C THR B 16 -7.32 13.23 17.29
N GLY B 17 -7.49 13.01 15.97
CA GLY B 17 -6.64 13.66 15.02
C GLY B 17 -5.75 12.62 14.44
N LYS B 18 -5.87 11.38 14.94
CA LYS B 18 -5.07 10.33 14.40
C LYS B 18 -5.62 9.98 13.04
N ILE B 19 -4.72 9.77 12.07
CA ILE B 19 -5.06 9.42 10.72
C ILE B 19 -5.12 7.93 10.65
N VAL B 20 -6.12 7.40 9.92
CA VAL B 20 -6.51 6.01 9.86
C VAL B 20 -5.41 5.10 9.39
N CYS B 21 -4.45 5.60 8.60
CA CYS B 21 -3.42 4.74 8.07
C CYS B 21 -2.71 4.08 9.22
N ALA B 22 -2.71 4.74 10.39
CA ALA B 22 -2.03 4.30 11.57
C ALA B 22 -2.55 2.97 12.01
N ASN B 23 -3.83 2.65 11.72
CA ASN B 23 -4.36 1.41 12.19
C ASN B 23 -3.54 0.26 11.63
N CYS B 24 -3.22 0.31 10.32
CA CYS B 24 -2.41 -0.69 9.64
C CYS B 24 -0.92 -0.52 9.76
N HIS B 25 -0.43 0.74 9.62
CA HIS B 25 0.99 0.99 9.60
C HIS B 25 1.35 1.45 10.96
N LEU B 26 1.84 0.49 11.75
CA LEU B 26 2.09 0.60 13.16
C LEU B 26 3.23 1.52 13.56
N ALA B 27 4.33 1.59 12.78
CA ALA B 27 5.48 2.34 13.22
C ALA B 27 5.37 3.79 12.86
N LYS B 28 6.02 4.66 13.67
CA LYS B 28 5.96 6.07 13.43
C LYS B 28 7.23 6.51 12.76
N LYS B 29 7.09 7.36 11.72
CA LYS B 29 8.19 7.95 11.00
C LYS B 29 7.75 9.34 10.67
N THR B 30 8.71 10.21 10.30
CA THR B 30 8.40 11.60 10.10
C THR B 30 7.65 11.86 8.84
N VAL B 31 6.89 12.98 8.84
CA VAL B 31 6.21 13.43 7.65
C VAL B 31 6.43 14.92 7.62
N GLU B 32 6.69 15.48 6.41
CA GLU B 32 6.90 16.90 6.35
C GLU B 32 6.02 17.50 5.30
N ILE B 33 5.52 18.72 5.56
CA ILE B 33 4.71 19.40 4.59
C ILE B 33 5.02 20.87 4.64
N GLU B 34 5.17 21.52 3.47
CA GLU B 34 5.40 22.94 3.46
C GLU B 34 4.43 23.59 2.52
N VAL B 35 3.85 24.72 2.95
CA VAL B 35 2.91 25.46 2.15
C VAL B 35 3.16 26.92 2.44
N PRO B 36 2.62 27.78 1.62
CA PRO B 36 2.82 29.19 1.81
C PRO B 36 2.10 29.68 3.04
N GLN B 37 2.53 30.83 3.57
CA GLN B 37 1.95 31.40 4.75
C GLN B 37 0.51 31.72 4.45
N ALA B 38 0.24 32.34 3.29
CA ALA B 38 -1.09 32.72 2.98
C ALA B 38 -1.30 32.60 1.50
N VAL B 39 -2.57 32.50 1.08
CA VAL B 39 -2.88 32.41 -0.33
C VAL B 39 -4.12 33.21 -0.62
N LEU B 40 -4.21 33.76 -1.85
CA LEU B 40 -5.33 34.56 -2.27
C LEU B 40 -6.43 33.62 -2.71
N PRO B 41 -7.66 34.07 -2.72
CA PRO B 41 -8.81 33.22 -2.98
C PRO B 41 -8.73 32.19 -4.05
N ASP B 42 -9.19 32.38 -5.28
CA ASP B 42 -9.12 31.26 -6.18
C ASP B 42 -7.77 31.27 -6.81
N THR B 43 -6.76 30.77 -6.05
CA THR B 43 -5.41 30.79 -6.54
C THR B 43 -4.80 29.43 -6.35
N VAL B 44 -3.72 29.13 -7.10
CA VAL B 44 -3.10 27.85 -7.00
C VAL B 44 -1.78 28.01 -6.30
N PHE B 45 -1.45 27.08 -5.38
CA PHE B 45 -0.22 27.14 -4.66
C PHE B 45 0.29 25.74 -4.50
N LYS B 46 1.57 25.58 -4.09
CA LYS B 46 2.12 24.25 -3.99
C LYS B 46 2.23 23.82 -2.57
N ALA B 47 1.91 22.53 -2.32
CA ALA B 47 2.07 21.92 -1.04
C ALA B 47 3.13 20.88 -1.27
N VAL B 48 4.25 20.98 -0.52
CA VAL B 48 5.35 20.08 -0.72
C VAL B 48 5.35 19.05 0.37
N VAL B 49 5.39 17.76 -0.02
CA VAL B 49 5.33 16.68 0.93
C VAL B 49 6.59 15.86 0.82
N LYS B 50 7.17 15.45 1.98
CA LYS B 50 8.34 14.62 1.97
C LYS B 50 8.15 13.53 2.99
N VAL B 51 8.63 12.30 2.68
CA VAL B 51 8.50 11.18 3.57
C VAL B 51 9.85 10.50 3.68
N PRO B 52 10.64 10.91 4.62
CA PRO B 52 11.99 10.40 4.71
C PRO B 52 12.20 9.02 5.22
N TYR B 53 13.18 8.31 4.61
CA TYR B 53 13.64 7.03 5.08
C TYR B 53 14.98 6.82 4.46
N ASP B 54 15.77 5.86 5.00
CA ASP B 54 17.07 5.63 4.45
C ASP B 54 16.89 4.77 3.22
N LEU B 55 17.28 5.31 2.06
CA LEU B 55 17.14 4.65 0.79
C LEU B 55 17.97 3.41 0.76
N ASP B 56 19.06 3.38 1.54
CA ASP B 56 19.93 2.23 1.57
C ASP B 56 19.25 1.02 2.16
N ILE B 57 18.23 1.19 3.04
CA ILE B 57 17.68 0.04 3.69
C ILE B 57 16.51 -0.52 2.94
N GLN B 58 16.51 -1.86 2.75
CA GLN B 58 15.50 -2.59 2.04
C GLN B 58 14.49 -3.13 3.00
N GLN B 59 13.29 -3.45 2.48
CA GLN B 59 12.16 -3.90 3.24
C GLN B 59 11.78 -5.28 2.80
N VAL B 60 11.08 -6.03 3.69
CA VAL B 60 10.62 -7.34 3.37
C VAL B 60 9.43 -7.15 2.47
N GLN B 61 9.40 -7.88 1.34
CA GLN B 61 8.31 -7.76 0.41
C GLN B 61 7.38 -8.93 0.59
N ALA B 62 6.32 -8.99 -0.24
CA ALA B 62 5.30 -9.98 -0.10
C ALA B 62 5.88 -11.37 -0.20
N ASP B 63 6.84 -11.59 -1.11
CA ASP B 63 7.42 -12.90 -1.29
C ASP B 63 8.35 -13.25 -0.16
N GLY B 64 8.79 -12.26 0.63
CA GLY B 64 9.68 -12.50 1.74
C GLY B 64 11.04 -11.98 1.42
N SER B 65 11.30 -11.66 0.13
CA SER B 65 12.58 -11.14 -0.30
C SER B 65 12.66 -9.66 -0.04
N PRO B 66 13.88 -9.17 -0.03
CA PRO B 66 14.08 -7.74 0.15
C PRO B 66 13.84 -6.92 -1.09
N SER B 67 13.34 -5.68 -0.94
CA SER B 67 13.11 -4.83 -2.08
C SER B 67 12.96 -3.41 -1.60
N GLY B 68 12.65 -2.48 -2.53
CA GLY B 68 12.54 -1.07 -2.23
C GLY B 68 11.23 -0.78 -1.57
N LEU B 69 11.07 0.46 -1.07
CA LEU B 69 9.88 0.88 -0.39
C LEU B 69 9.09 1.77 -1.29
N ASN B 70 7.76 1.80 -1.07
CA ASN B 70 6.85 2.64 -1.82
C ASN B 70 6.30 3.61 -0.82
N VAL B 71 5.84 4.78 -1.29
CA VAL B 71 5.36 5.79 -0.38
C VAL B 71 3.99 6.23 -0.81
N GLY B 72 3.25 6.89 0.10
CA GLY B 72 1.93 7.36 -0.21
C GLY B 72 1.53 8.30 0.87
N ALA B 73 0.43 9.07 0.66
CA ALA B 73 0.05 9.99 1.69
C ALA B 73 -1.38 10.41 1.50
N VAL B 74 -1.95 11.00 2.57
CA VAL B 74 -3.26 11.58 2.53
C VAL B 74 -3.04 13.00 2.95
N LEU B 75 -3.51 13.97 2.13
CA LEU B 75 -3.33 15.35 2.47
C LEU B 75 -4.68 15.94 2.68
N MET B 76 -4.99 16.38 3.92
CA MET B 76 -6.31 16.89 4.16
C MET B 76 -6.26 18.38 4.16
N LEU B 77 -6.92 18.97 3.15
CA LEU B 77 -6.98 20.40 3.00
C LEU B 77 -8.26 20.88 3.60
N PRO B 78 -8.35 22.17 3.78
CA PRO B 78 -9.53 22.76 4.36
C PRO B 78 -10.67 22.69 3.41
N GLU B 79 -11.91 22.92 3.91
CA GLU B 79 -13.08 22.85 3.07
C GLU B 79 -12.91 23.81 1.94
N GLY B 80 -13.33 23.37 0.74
CA GLY B 80 -13.35 24.20 -0.43
C GLY B 80 -12.07 24.08 -1.21
N PHE B 81 -10.99 23.60 -0.57
CA PHE B 81 -9.73 23.45 -1.26
C PHE B 81 -9.77 22.18 -2.06
N LYS B 82 -9.13 22.19 -3.25
CA LYS B 82 -9.09 21.01 -4.06
C LYS B 82 -7.80 21.01 -4.83
N LEU B 83 -7.47 19.86 -5.47
CA LEU B 83 -6.29 19.80 -6.28
C LEU B 83 -6.60 20.69 -7.44
N ALA B 84 -5.59 21.42 -7.97
CA ALA B 84 -5.86 22.37 -9.02
C ALA B 84 -6.03 21.67 -10.32
N PRO B 85 -6.93 22.18 -11.13
CA PRO B 85 -7.13 21.65 -12.45
C PRO B 85 -5.97 22.10 -13.29
N PRO B 86 -5.64 21.33 -14.28
CA PRO B 86 -4.49 21.62 -15.11
C PRO B 86 -4.56 22.99 -15.69
N GLU B 87 -5.76 23.45 -16.08
CA GLU B 87 -5.95 24.70 -16.77
C GLU B 87 -5.55 25.81 -15.87
N ARG B 88 -5.81 25.63 -14.57
CA ARG B 88 -5.56 26.59 -13.53
C ARG B 88 -4.10 26.74 -13.20
N VAL B 89 -3.25 25.74 -13.45
CA VAL B 89 -1.87 25.86 -13.04
C VAL B 89 -1.13 26.81 -13.92
N ASP B 90 -0.45 27.81 -13.31
CA ASP B 90 0.24 28.77 -14.11
C ASP B 90 1.46 28.15 -14.73
N GLU B 91 1.99 28.82 -15.78
CA GLU B 91 3.00 28.28 -16.65
C GLU B 91 4.28 27.94 -15.96
N GLU B 92 4.83 28.82 -15.11
CA GLU B 92 6.11 28.52 -14.54
C GLU B 92 6.00 27.28 -13.71
N LEU B 93 4.88 27.15 -12.99
CA LEU B 93 4.60 26.12 -12.03
C LEU B 93 4.37 24.74 -12.57
N MET B 94 3.83 24.58 -13.79
CA MET B 94 3.37 23.29 -14.24
C MET B 94 4.44 22.25 -14.16
N GLU B 95 5.68 22.57 -14.54
CA GLU B 95 6.72 21.59 -14.49
C GLU B 95 7.08 21.22 -13.07
N GLU B 96 6.96 22.19 -12.14
CA GLU B 96 7.33 22.08 -10.75
C GLU B 96 6.45 21.14 -9.98
N VAL B 97 5.20 20.93 -10.42
CA VAL B 97 4.28 20.17 -9.64
C VAL B 97 4.17 18.77 -10.16
N GLY B 98 3.71 17.84 -9.31
CA GLY B 98 3.57 16.48 -9.73
C GLY B 98 2.59 16.52 -10.83
N ASP B 99 2.58 15.46 -11.69
CA ASP B 99 1.62 15.39 -12.75
C ASP B 99 0.34 15.53 -12.03
N PHE B 100 -0.24 16.72 -12.23
CA PHE B 100 -1.34 17.17 -11.44
C PHE B 100 -2.42 16.19 -11.53
N TYR B 101 -2.80 15.79 -12.74
CA TYR B 101 -3.93 14.95 -12.65
C TYR B 101 -3.67 13.61 -12.07
N TYR B 102 -2.72 12.91 -12.70
CA TYR B 102 -2.53 11.49 -12.52
C TYR B 102 -2.22 11.08 -11.13
N LEU B 103 -1.29 11.76 -10.46
CA LEU B 103 -0.88 11.32 -9.15
C LEU B 103 -1.97 11.43 -8.12
N VAL B 104 -2.86 12.44 -8.25
CA VAL B 104 -3.80 12.75 -7.19
C VAL B 104 -5.18 12.20 -7.38
N THR B 105 -5.72 11.58 -6.30
CA THR B 105 -7.05 11.04 -6.31
C THR B 105 -7.81 11.56 -5.12
N PRO B 106 -9.06 11.91 -5.31
CA PRO B 106 -9.86 12.39 -4.21
C PRO B 106 -10.26 11.25 -3.33
N TYR B 107 -10.46 11.52 -2.03
CA TYR B 107 -10.80 10.50 -1.08
C TYR B 107 -12.15 9.95 -1.44
N SER B 108 -13.08 10.86 -1.80
CA SER B 108 -14.42 10.50 -2.19
C SER B 108 -14.94 11.63 -3.01
N GLU B 109 -16.14 11.46 -3.60
CA GLU B 109 -16.69 12.48 -4.45
C GLU B 109 -16.92 13.73 -3.66
N THR B 110 -17.47 13.58 -2.43
CA THR B 110 -17.78 14.67 -1.54
C THR B 110 -16.53 15.27 -0.95
N ASP B 111 -15.49 14.43 -0.78
CA ASP B 111 -14.20 14.54 -0.15
C ASP B 111 -13.06 15.14 -0.95
N GLU B 112 -13.32 15.92 -2.02
CA GLU B 112 -12.29 16.40 -2.90
C GLU B 112 -11.18 17.13 -2.19
N ASN B 113 -11.45 17.70 -0.99
CA ASN B 113 -10.46 18.39 -0.20
C ASN B 113 -9.44 17.42 0.35
N ILE B 114 -9.76 16.11 0.42
CA ILE B 114 -8.82 15.14 0.92
C ILE B 114 -8.21 14.43 -0.26
N LEU B 115 -6.88 14.57 -0.42
CA LEU B 115 -6.14 14.09 -1.56
C LEU B 115 -5.28 12.92 -1.18
N LEU B 116 -5.28 11.87 -2.03
CA LEU B 116 -4.50 10.68 -1.79
C LEU B 116 -3.50 10.55 -2.90
N ALA B 117 -2.28 10.06 -2.57
CA ALA B 117 -1.28 9.83 -3.58
C ALA B 117 -0.60 8.53 -3.21
N GLY B 118 -0.12 7.78 -4.21
CA GLY B 118 0.60 6.57 -3.94
C GLY B 118 -0.29 5.38 -4.07
N PRO B 119 0.30 4.20 -4.00
CA PRO B 119 1.72 4.11 -3.79
C PRO B 119 2.56 4.50 -4.96
N LEU B 120 3.73 5.11 -4.67
CA LEU B 120 4.68 5.54 -5.67
C LEU B 120 6.01 5.00 -5.23
N PRO B 121 6.93 4.83 -6.14
CA PRO B 121 8.23 4.34 -5.77
C PRO B 121 8.94 5.37 -4.94
N GLY B 122 9.49 4.98 -3.79
CA GLY B 122 10.11 5.88 -2.86
C GLY B 122 11.33 6.51 -3.46
N GLU B 123 12.10 5.75 -4.25
CA GLU B 123 13.33 6.28 -4.78
C GLU B 123 13.03 7.42 -5.71
N ASP B 124 11.93 7.31 -6.49
CA ASP B 124 11.55 8.28 -7.47
C ASP B 124 11.04 9.56 -6.86
N TYR B 125 10.23 9.49 -5.77
CA TYR B 125 9.63 10.71 -5.31
C TYR B 125 10.18 11.15 -3.99
N GLN B 126 11.23 11.98 -4.03
CA GLN B 126 11.78 12.54 -2.82
C GLN B 126 10.82 13.55 -2.30
N GLU B 127 10.17 14.27 -3.22
CA GLU B 127 9.25 15.31 -2.85
C GLU B 127 8.02 15.09 -3.69
N MET B 128 6.82 15.25 -3.09
CA MET B 128 5.61 15.12 -3.85
C MET B 128 5.00 16.47 -3.80
N ILE B 129 4.79 17.12 -4.95
CA ILE B 129 4.28 18.47 -4.89
C ILE B 129 2.88 18.52 -5.40
N PHE B 130 1.94 18.92 -4.52
CA PHE B 130 0.55 18.95 -4.91
C PHE B 130 0.18 20.35 -5.31
N PRO B 131 -0.36 20.53 -6.49
CA PRO B 131 -0.85 21.79 -6.97
C PRO B 131 -2.16 21.98 -6.27
N ILE B 132 -2.39 23.08 -5.54
CA ILE B 132 -3.65 23.15 -4.85
C ILE B 132 -4.37 24.42 -5.20
N LEU B 133 -5.69 24.32 -5.40
CA LEU B 133 -6.46 25.49 -5.74
C LEU B 133 -7.31 25.88 -4.55
N SER B 134 -7.17 27.13 -4.08
CA SER B 134 -7.94 27.62 -2.96
C SER B 134 -9.34 27.97 -3.41
N PRO B 135 -10.28 27.95 -2.48
CA PRO B 135 -11.66 28.30 -2.74
C PRO B 135 -11.86 29.78 -2.79
N ASN B 136 -13.08 30.24 -3.16
CA ASN B 136 -13.37 31.66 -3.15
C ASN B 136 -14.58 31.87 -2.30
N PRO B 137 -14.40 32.48 -1.16
CA PRO B 137 -15.50 32.67 -0.25
C PRO B 137 -16.57 33.57 -0.77
N ALA B 138 -16.26 34.50 -1.69
CA ALA B 138 -17.29 35.36 -2.14
C ALA B 138 -18.34 34.52 -2.81
N THR B 139 -17.87 33.59 -3.67
CA THR B 139 -18.74 32.69 -4.37
C THR B 139 -19.24 31.59 -3.48
N ASP B 140 -18.40 31.10 -2.55
CA ASP B 140 -18.77 29.93 -1.77
C ASP B 140 -19.04 30.31 -0.34
N ALA B 141 -20.31 30.12 0.08
CA ALA B 141 -20.83 30.42 1.39
C ALA B 141 -20.20 29.56 2.44
N GLY B 142 -19.91 28.28 2.08
CA GLY B 142 -19.41 27.30 2.99
C GLY B 142 -18.08 27.72 3.55
N VAL B 143 -17.26 28.47 2.79
CA VAL B 143 -15.96 28.81 3.29
C VAL B 143 -15.82 30.29 3.51
N TYR B 144 -14.99 30.65 4.51
CA TYR B 144 -14.75 32.03 4.81
C TYR B 144 -13.26 32.24 4.85
N PHE B 145 -12.82 33.51 4.85
CA PHE B 145 -11.41 33.80 4.92
C PHE B 145 -11.01 33.57 6.34
N GLY B 146 -9.75 33.15 6.56
CA GLY B 146 -9.30 32.91 7.91
C GLY B 146 -8.11 32.00 7.84
N LYS B 147 -7.63 31.56 9.03
CA LYS B 147 -6.50 30.69 9.09
C LYS B 147 -7.01 29.28 9.18
N TYR B 148 -6.39 28.35 8.43
CA TYR B 148 -6.89 27.00 8.45
C TYR B 148 -5.76 26.03 8.64
N SER B 149 -6.09 24.80 9.06
CA SER B 149 -5.10 23.80 9.30
C SER B 149 -5.15 22.78 8.21
N ILE B 150 -3.98 22.21 7.87
CA ILE B 150 -3.87 21.20 6.86
C ILE B 150 -3.26 20.02 7.58
N HIS B 151 -3.79 18.80 7.34
CA HIS B 151 -3.28 17.66 8.04
C HIS B 151 -2.66 16.72 7.06
N LEU B 152 -1.44 16.25 7.35
CA LEU B 152 -0.77 15.35 6.47
C LEU B 152 -0.55 14.03 7.16
N GLY B 153 -0.77 12.93 6.42
CA GLY B 153 -0.49 11.60 6.89
C GLY B 153 0.36 11.00 5.81
N GLY B 154 1.60 10.55 6.15
CA GLY B 154 2.45 10.06 5.10
C GLY B 154 3.08 8.75 5.51
N ASN B 155 3.13 7.80 4.57
CA ASN B 155 3.64 6.50 4.91
C ASN B 155 4.64 6.02 3.89
N ARG B 156 5.56 5.13 4.36
CA ARG B 156 6.50 4.48 3.49
C ARG B 156 6.56 3.06 3.99
N GLY B 157 6.63 2.07 3.09
CA GLY B 157 6.80 0.72 3.52
C GLY B 157 5.48 0.02 3.72
N ARG B 158 5.52 -1.32 3.69
CA ARG B 158 4.37 -2.17 3.78
C ARG B 158 3.82 -2.18 5.17
N GLY B 159 2.47 -2.30 5.27
CA GLY B 159 1.78 -2.27 6.53
C GLY B 159 1.87 -3.60 7.22
N GLN B 160 1.54 -3.59 8.52
CA GLN B 160 1.51 -4.70 9.43
C GLN B 160 0.26 -5.53 9.33
N VAL B 161 -0.91 -4.92 9.03
CA VAL B 161 -2.14 -5.65 9.06
C VAL B 161 -2.88 -5.45 7.78
N TYR B 162 -3.78 -6.40 7.45
CA TYR B 162 -4.53 -6.35 6.22
C TYR B 162 -5.94 -6.01 6.60
N PRO B 163 -6.72 -5.56 5.65
CA PRO B 163 -8.10 -5.27 5.92
C PRO B 163 -8.80 -6.52 6.32
N THR B 164 -8.16 -7.67 6.05
CA THR B 164 -8.65 -8.95 6.46
C THR B 164 -8.61 -8.95 7.95
N GLY B 165 -7.60 -8.28 8.53
CA GLY B 165 -7.44 -8.26 9.95
C GLY B 165 -6.30 -9.16 10.30
N GLU B 166 -5.79 -9.92 9.30
CA GLU B 166 -4.69 -10.79 9.55
C GLU B 166 -3.41 -10.03 9.38
N LEU B 167 -2.35 -10.49 10.09
CA LEU B 167 -1.07 -9.83 10.07
C LEU B 167 -0.34 -10.17 8.81
N SER B 168 0.48 -9.20 8.34
CA SER B 168 1.29 -9.36 7.17
C SER B 168 2.59 -9.97 7.59
N ASN B 169 3.47 -10.26 6.61
CA ASN B 169 4.78 -10.81 6.84
C ASN B 169 5.70 -9.75 7.39
N ASN B 170 5.32 -8.46 7.31
CA ASN B 170 6.18 -7.42 7.81
C ASN B 170 5.75 -7.07 9.21
N ASN B 171 5.78 -8.05 10.14
CA ASN B 171 5.35 -7.80 11.50
C ASN B 171 5.98 -8.81 12.41
N ALA B 172 5.93 -8.57 13.74
CA ALA B 172 6.49 -9.51 14.67
C ALA B 172 5.50 -10.62 14.92
N PHE B 173 6.02 -11.86 15.12
CA PHE B 173 5.16 -12.99 15.40
C PHE B 173 5.51 -13.47 16.78
N SER B 174 4.49 -13.85 17.60
CA SER B 174 4.76 -14.19 18.98
C SER B 174 4.34 -15.60 19.30
N ALA B 175 4.97 -16.18 20.35
CA ALA B 175 4.69 -17.52 20.77
C ALA B 175 3.28 -17.60 21.25
N SER B 176 2.52 -18.56 20.69
CA SER B 176 1.15 -18.76 21.03
C SER B 176 1.07 -19.31 22.42
N ILE B 177 2.12 -20.03 22.87
CA ILE B 177 2.09 -20.60 24.19
C ILE B 177 3.49 -20.73 24.70
N ALA B 178 3.65 -20.85 26.05
CA ALA B 178 4.93 -21.00 26.66
C ALA B 178 5.37 -22.43 26.57
N GLY B 179 6.69 -22.67 26.48
CA GLY B 179 7.18 -24.02 26.40
C GLY B 179 8.57 -24.00 25.84
N THR B 180 9.04 -25.17 25.34
CA THR B 180 10.36 -25.24 24.79
C THR B 180 10.26 -25.52 23.32
N ILE B 181 11.21 -24.99 22.53
CA ILE B 181 11.13 -25.13 21.10
C ILE B 181 11.83 -26.39 20.70
N ALA B 182 11.04 -27.41 20.34
CA ALA B 182 11.53 -28.68 19.90
C ALA B 182 12.18 -28.58 18.55
N ALA B 183 11.57 -27.82 17.61
CA ALA B 183 12.17 -27.77 16.31
C ALA B 183 11.57 -26.65 15.51
N ILE B 184 12.24 -26.27 14.40
CA ILE B 184 11.75 -25.27 13.49
C ILE B 184 12.07 -25.70 12.06
N GLU B 185 11.15 -25.52 11.09
CA GLU B 185 11.31 -25.96 9.70
C GLU B 185 11.37 -24.74 8.78
N ASP B 186 11.97 -24.80 7.53
CA ASP B 186 12.13 -23.53 6.82
C ASP B 186 12.15 -23.45 5.27
N ASN B 187 11.15 -22.77 4.62
CA ASN B 187 11.17 -22.42 3.20
C ASN B 187 11.17 -20.93 3.17
N GLY B 188 11.95 -20.37 4.10
CA GLY B 188 11.92 -18.95 4.29
C GLY B 188 10.88 -18.81 5.34
N PHE B 189 9.76 -19.55 5.13
CA PHE B 189 8.66 -19.62 6.05
C PHE B 189 9.14 -20.53 7.10
N GLY B 190 8.78 -20.23 8.34
CA GLY B 190 9.01 -21.24 9.29
C GLY B 190 7.64 -21.73 9.31
N PHE B 191 7.47 -22.87 8.64
CA PHE B 191 6.20 -23.48 8.52
C PHE B 191 5.84 -23.64 9.93
N ASP B 192 6.85 -23.97 10.76
CA ASP B 192 6.43 -24.07 12.10
C ASP B 192 7.55 -23.95 13.07
N VAL B 193 7.21 -23.31 14.19
CA VAL B 193 8.05 -23.38 15.35
C VAL B 193 7.23 -24.28 16.22
N THR B 194 7.79 -25.43 16.61
CA THR B 194 7.02 -26.33 17.42
C THR B 194 7.40 -26.09 18.84
N ILE B 195 6.38 -25.89 19.70
CA ILE B 195 6.66 -25.62 21.07
C ILE B 195 6.05 -26.68 21.91
N GLN B 196 6.79 -27.16 22.92
CA GLN B 196 6.30 -28.19 23.80
C GLN B 196 5.87 -27.51 25.07
N PRO B 197 4.59 -27.48 25.30
CA PRO B 197 4.12 -26.91 26.53
C PRO B 197 4.43 -27.70 27.76
N GLU B 198 4.12 -27.07 28.90
CA GLU B 198 4.45 -27.50 30.23
C GLU B 198 3.90 -28.87 30.50
N ASP B 199 2.78 -29.27 29.86
CA ASP B 199 2.27 -30.55 30.24
C ASP B 199 2.09 -31.50 29.08
N GLY B 200 3.12 -31.68 28.22
CA GLY B 200 3.07 -32.73 27.24
C GLY B 200 2.59 -32.27 25.89
N ASP B 201 1.74 -31.24 25.81
CA ASP B 201 1.18 -30.86 24.53
C ASP B 201 2.25 -30.25 23.67
N ALA B 202 2.02 -30.25 22.34
CA ALA B 202 2.93 -29.61 21.43
C ALA B 202 2.10 -28.78 20.49
N VAL B 203 2.49 -27.50 20.30
CA VAL B 203 1.74 -26.60 19.48
C VAL B 203 2.63 -26.10 18.39
N VAL B 204 2.03 -25.62 17.28
CA VAL B 204 2.88 -25.19 16.21
C VAL B 204 2.49 -23.80 15.81
N THR B 205 3.48 -22.89 15.70
CA THR B 205 3.18 -21.53 15.33
C THR B 205 3.80 -21.31 13.98
N SER B 206 3.00 -20.84 13.01
CA SER B 206 3.51 -20.68 11.68
C SER B 206 3.86 -19.25 11.47
N ILE B 207 5.06 -19.02 10.88
CA ILE B 207 5.46 -17.67 10.60
C ILE B 207 5.81 -17.65 9.14
N LEU B 208 5.45 -16.56 8.44
CA LEU B 208 5.69 -16.44 7.02
C LEU B 208 7.12 -16.03 6.79
N PRO B 209 7.62 -16.17 5.57
CA PRO B 209 8.96 -15.79 5.23
C PRO B 209 9.07 -14.31 5.45
N GLY B 210 10.26 -13.81 5.84
CA GLY B 210 10.46 -12.39 6.00
C GLY B 210 10.92 -12.04 7.39
N PRO B 211 10.18 -12.35 8.42
CA PRO B 211 10.64 -12.00 9.74
C PRO B 211 11.80 -12.88 10.08
N GLU B 212 12.73 -12.44 10.95
CA GLU B 212 13.85 -13.27 11.25
C GLU B 212 13.69 -13.85 12.63
N LEU B 213 13.87 -15.18 12.74
CA LEU B 213 13.69 -15.86 13.98
C LEU B 213 14.77 -15.47 14.94
N ILE B 214 14.32 -15.03 16.13
CA ILE B 214 15.07 -14.66 17.30
C ILE B 214 15.50 -15.88 18.06
N VAL B 215 14.70 -16.97 18.01
CA VAL B 215 14.89 -18.11 18.86
C VAL B 215 15.51 -19.26 18.17
N ALA B 216 16.04 -20.21 18.97
CA ALA B 216 16.70 -21.39 18.48
C ALA B 216 16.07 -22.58 19.13
N VAL B 217 16.25 -23.75 18.52
CA VAL B 217 15.66 -24.95 19.04
C VAL B 217 16.30 -25.22 20.37
N GLY B 218 15.48 -25.75 21.31
CA GLY B 218 15.93 -26.10 22.62
C GLY B 218 15.79 -24.90 23.51
N ASP B 219 15.21 -23.81 22.99
CA ASP B 219 15.09 -22.61 23.78
C ASP B 219 13.71 -22.54 24.36
N THR B 220 13.61 -22.05 25.61
CA THR B 220 12.33 -21.90 26.25
C THR B 220 11.80 -20.54 25.92
N VAL B 221 10.47 -20.42 25.79
CA VAL B 221 9.88 -19.14 25.49
C VAL B 221 8.62 -18.98 26.28
N GLU B 222 8.33 -17.74 26.70
CA GLU B 222 7.12 -17.47 27.44
C GLU B 222 6.03 -17.20 26.44
N ALA B 223 4.76 -17.31 26.87
CA ALA B 223 3.69 -17.08 25.95
C ALA B 223 3.71 -15.64 25.56
N GLY B 224 3.50 -15.37 24.26
CA GLY B 224 3.42 -14.04 23.76
C GLY B 224 4.79 -13.49 23.50
N GLN B 225 5.85 -14.26 23.83
CA GLN B 225 7.15 -13.69 23.61
C GLN B 225 7.44 -13.69 22.15
N LEU B 226 8.35 -12.78 21.71
CA LEU B 226 8.61 -12.64 20.31
C LEU B 226 9.47 -13.75 19.79
N LEU B 227 8.95 -14.42 18.74
CA LEU B 227 9.59 -15.46 17.98
C LEU B 227 10.53 -14.87 16.99
N THR B 228 10.25 -13.64 16.54
CA THR B 228 11.01 -13.04 15.48
C THR B 228 11.31 -11.60 15.82
N THR B 229 12.18 -10.97 15.02
CA THR B 229 12.48 -9.58 15.23
C THR B 229 11.35 -8.84 14.60
N ASN B 230 11.45 -7.50 14.57
CA ASN B 230 10.46 -6.74 13.87
C ASN B 230 11.13 -6.31 12.61
N PRO B 231 10.74 -6.88 11.50
CA PRO B 231 11.36 -6.60 10.24
C PRO B 231 10.99 -5.25 9.66
N ASN B 232 9.99 -4.57 10.22
CA ASN B 232 9.48 -3.33 9.68
C ASN B 232 10.53 -2.27 9.61
N VAL B 233 10.81 -1.79 8.36
CA VAL B 233 11.69 -0.71 7.98
C VAL B 233 11.01 0.63 7.84
N GLY B 234 9.69 0.65 7.59
CA GLY B 234 9.02 1.89 7.25
C GLY B 234 8.24 2.45 8.39
N GLY B 235 7.23 3.29 8.06
CA GLY B 235 6.42 3.84 9.11
C GLY B 235 5.53 4.91 8.56
N PHE B 236 4.58 5.36 9.41
CA PHE B 236 3.60 6.35 9.06
C PHE B 236 3.71 7.48 10.03
N GLY B 237 3.61 8.74 9.56
CA GLY B 237 3.74 9.86 10.44
C GLY B 237 2.75 10.92 10.03
N GLN B 238 2.49 11.89 10.94
CA GLN B 238 1.56 12.92 10.63
C GLN B 238 2.16 14.25 10.98
N MET B 239 1.75 15.31 10.26
CA MET B 239 2.19 16.62 10.60
C MET B 239 1.15 17.59 10.15
N ASP B 240 0.96 18.66 10.94
CA ASP B 240 -0.05 19.65 10.67
C ASP B 240 0.64 20.94 10.35
N SER B 241 -0.01 21.77 9.52
CA SER B 241 0.51 23.07 9.18
C SER B 241 -0.68 23.97 9.05
N GLU B 242 -0.46 25.30 8.97
CA GLU B 242 -1.57 26.19 8.85
C GLU B 242 -1.35 27.05 7.66
N ILE B 243 -2.44 27.56 7.05
CA ILE B 243 -2.35 28.45 5.93
C ILE B 243 -3.43 29.48 6.10
N VAL B 244 -3.18 30.72 5.62
CA VAL B 244 -4.15 31.77 5.79
C VAL B 244 -4.82 32.02 4.48
N LEU B 245 -6.17 31.93 4.46
CA LEU B 245 -6.91 32.21 3.25
C LEU B 245 -7.11 33.69 3.33
N GLN B 246 -6.42 34.44 2.45
CA GLN B 246 -6.34 35.88 2.55
C GLN B 246 -7.28 36.58 1.62
N SER B 247 -7.59 37.85 1.97
CA SER B 247 -8.45 38.67 1.16
C SER B 247 -7.56 39.47 0.27
N SER B 248 -7.96 39.62 -1.00
CA SER B 248 -7.16 40.32 -1.96
C SER B 248 -7.07 41.74 -1.57
N SER B 249 -6.02 42.39 -2.07
CA SER B 249 -5.82 43.77 -1.77
C SER B 249 -5.75 43.91 -0.26
CU CU C . -3.70 -5.61 -7.68
FE HEC D . -1.23 0.87 3.40
CHA HEC D . 1.05 -0.95 1.67
CHB HEC D . 0.09 3.77 2.17
CHC HEC D . -3.78 2.62 4.79
CHD HEC D . -2.21 -1.90 5.03
NA HEC D . 0.18 1.32 2.10
C1A HEC D . 1.01 0.45 1.45
C2A HEC D . 1.93 1.15 0.56
C3A HEC D . 1.69 2.47 0.74
C4A HEC D . 0.59 2.58 1.68
CMA HEC D . 2.44 3.61 0.08
CAA HEC D . 2.98 0.47 -0.32
CBA HEC D . 4.28 0.43 0.54
CGA HEC D . 5.39 -0.40 -0.08
O1A HEC D . 6.58 -0.12 0.23
O2A HEC D . 5.09 -1.33 -0.86
NB HEC D . -1.73 2.78 3.49
C1B HEC D . -0.99 3.88 3.01
C2B HEC D . -1.66 5.15 3.38
C3B HEC D . -2.78 4.84 4.12
C4B HEC D . -2.81 3.36 4.13
CMB HEC D . -1.14 6.54 3.12
CAB HEC D . -3.70 5.73 4.78
CBB HEC D . -4.33 6.82 3.90
NC HEC D . -2.75 0.45 4.55
C1C HEC D . -3.74 1.26 5.02
C2C HEC D . -4.68 0.54 5.85
C3C HEC D . -4.26 -0.72 5.93
C4C HEC D . -3.03 -0.78 5.14
CMC HEC D . -5.95 1.16 6.42
CAC HEC D . -4.83 -1.80 6.71
CBC HEC D . -6.32 -2.18 6.43
ND HEC D . -0.71 -1.03 3.33
C1D HEC D . -1.15 -2.03 4.18
C2D HEC D . -0.43 -3.28 3.98
C3D HEC D . 0.43 -3.03 2.97
C4D HEC D . 0.25 -1.64 2.58
CMD HEC D . -0.56 -4.63 4.76
CAD HEC D . 1.36 -4.02 2.31
CBD HEC D . 0.73 -4.78 1.14
CGD HEC D . 1.70 -5.77 0.54
O1D HEC D . 1.52 -6.99 0.77
O2D HEC D . 2.66 -5.30 -0.14
HHA HEC D . 1.76 -1.53 1.10
HHB HEC D . 0.58 4.68 1.86
HHC HEC D . -4.65 3.14 5.16
HHD HEC D . -2.44 -2.73 5.68
HMA1 HEC D . 2.04 3.77 -0.92
HMA2 HEC D . 3.48 3.37 0.01
HMA3 HEC D . 2.31 4.51 0.65
HAA1 HEC D . 3.14 1.05 -1.23
HAA2 HEC D . 2.65 -0.52 -0.59
HBA1 HEC D . 4.03 0.00 1.50
HBA2 HEC D . 4.63 1.44 0.67
HMB1 HEC D . -1.48 6.87 2.14
HMB2 HEC D . -0.06 6.54 3.14
HMB3 HEC D . -1.51 7.22 3.87
HAB HEC D . -4.54 5.16 5.16
HBB1 HEC D . -5.31 6.51 3.57
HBB2 HEC D . -4.42 7.74 4.48
HBB3 HEC D . -3.70 7.01 3.04
HMC1 HEC D . -5.85 1.24 7.50
HMC2 HEC D . -6.79 0.53 6.19
HMC3 HEC D . -6.09 2.14 6.00
HAC HEC D . -5.45 -1.53 7.52
HBC1 HEC D . -6.74 -2.68 7.30
HBC2 HEC D . -6.89 -1.29 6.22
HBC3 HEC D . -6.37 -2.85 5.57
HMD1 HEC D . 0.13 -4.64 5.58
HMD2 HEC D . -0.34 -5.44 4.09
HMD3 HEC D . -1.57 -4.73 5.13
HAD1 HEC D . 1.66 -4.75 3.05
HAD2 HEC D . 2.22 -3.49 1.94
HBD1 HEC D . 0.43 -4.07 0.38
HBD2 HEC D . -0.15 -5.31 1.49
N ALA A 1 -7.73 -17.99 -27.36
CA ALA A 1 -7.21 -16.76 -27.92
C ALA A 1 -6.56 -15.92 -26.82
N SER A 2 -5.73 -14.98 -27.25
CA SER A 2 -5.04 -14.12 -26.30
C SER A 2 -6.05 -13.39 -25.42
N VAL A 3 -5.85 -13.51 -24.12
CA VAL A 3 -6.73 -12.87 -23.16
C VAL A 3 -5.92 -11.94 -22.25
N GLN A 4 -6.63 -11.25 -21.38
CA GLN A 4 -5.98 -10.33 -20.46
C GLN A 4 -6.67 -10.37 -19.09
N ILE A 5 -5.89 -10.10 -18.06
CA ILE A 5 -6.41 -10.09 -16.70
C ILE A 5 -6.34 -8.68 -16.12
N LYS A 6 -7.50 -8.10 -15.92
CA LYS A 6 -7.58 -6.75 -15.38
C LYS A 6 -7.71 -6.83 -13.85
N MET A 7 -6.92 -6.01 -13.18
CA MET A 7 -6.93 -5.97 -11.73
C MET A 7 -7.64 -4.71 -11.22
N GLY A 8 -8.90 -4.87 -10.89
CA GLY A 8 -9.70 -3.77 -10.39
C GLY A 8 -10.87 -3.46 -11.32
N THR A 9 -11.99 -3.08 -10.72
CA THR A 9 -13.18 -2.75 -11.48
C THR A 9 -13.42 -1.24 -11.48
N ASP A 10 -14.23 -0.80 -12.44
CA ASP A 10 -14.55 0.61 -12.56
C ASP A 10 -15.24 1.08 -11.27
N LYS A 11 -15.70 0.10 -10.50
CA LYS A 11 -16.36 0.40 -9.25
C LYS A 11 -15.34 0.46 -8.11
N TYR A 12 -14.19 1.04 -8.43
CA TYR A 12 -13.13 1.16 -7.46
C TYR A 12 -13.04 -0.09 -6.58
N ALA A 13 -13.42 -1.22 -7.17
CA ALA A 13 -13.39 -2.49 -6.46
C ALA A 13 -12.21 -3.32 -6.95
N PRO A 14 -11.28 -3.61 -6.00
CA PRO A 14 -10.09 -4.38 -6.33
C PRO A 14 -10.44 -5.87 -6.48
N LEU A 15 -10.64 -6.27 -7.73
CA LEU A 15 -10.96 -7.65 -8.03
C LEU A 15 -10.43 -8.02 -9.41
N TYR A 16 -10.13 -9.30 -9.58
CA TYR A 16 -9.60 -9.80 -10.84
C TYR A 16 -10.72 -9.95 -11.87
N GLU A 17 -10.51 -9.32 -13.02
CA GLU A 17 -11.49 -9.38 -14.10
C GLU A 17 -10.81 -9.75 -15.41
N PRO A 18 -11.46 -10.69 -16.15
CA PRO A 18 -12.71 -11.28 -15.68
C PRO A 18 -12.46 -12.28 -14.55
N LYS A 19 -13.35 -12.26 -13.57
CA LYS A 19 -13.23 -13.15 -12.43
C LYS A 19 -12.79 -14.54 -12.92
N ALA A 20 -13.34 -14.93 -14.05
CA ALA A 20 -13.01 -16.23 -14.63
C ALA A 20 -12.42 -16.02 -16.02
N LEU A 21 -11.49 -16.89 -16.37
CA LEU A 21 -10.84 -16.81 -17.68
C LEU A 21 -10.58 -18.22 -18.19
N SER A 22 -10.76 -18.39 -19.50
CA SER A 22 -10.56 -19.67 -20.12
C SER A 22 -9.66 -19.52 -21.36
N ILE A 23 -8.83 -20.52 -21.57
CA ILE A 23 -7.91 -20.50 -22.70
C ILE A 23 -7.54 -21.94 -23.07
N SER A 24 -6.67 -22.06 -24.06
CA SER A 24 -6.22 -23.36 -24.52
C SER A 24 -4.70 -23.48 -24.37
N ALA A 25 -4.24 -24.72 -24.32
CA ALA A 25 -2.82 -24.98 -24.17
C ALA A 25 -2.06 -24.33 -25.33
N GLY A 26 -1.39 -23.22 -25.02
CA GLY A 26 -0.64 -22.50 -26.01
C GLY A 26 -1.07 -21.03 -26.09
N ASP A 27 -2.14 -20.74 -25.37
CA ASP A 27 -2.67 -19.38 -25.34
C ASP A 27 -1.87 -18.54 -24.33
N THR A 28 -2.19 -17.26 -24.32
CA THR A 28 -1.51 -16.34 -23.41
C THR A 28 -2.52 -15.63 -22.52
N VAL A 29 -2.04 -15.20 -21.36
CA VAL A 29 -2.89 -14.51 -20.40
C VAL A 29 -2.18 -13.24 -19.92
N GLU A 30 -2.62 -12.11 -20.48
CA GLU A 30 -2.02 -10.83 -20.12
C GLU A 30 -2.58 -10.35 -18.77
N PHE A 31 -1.96 -9.31 -18.25
CA PHE A 31 -2.39 -8.74 -16.98
C PHE A 31 -2.16 -7.23 -16.95
N VAL A 32 -3.25 -6.51 -16.75
CA VAL A 32 -3.19 -5.06 -16.69
C VAL A 32 -3.78 -4.57 -15.36
N MET A 33 -3.35 -3.39 -14.95
CA MET A 33 -3.84 -2.81 -13.71
C MET A 33 -4.95 -1.80 -13.99
N ASN A 34 -6.11 -2.08 -13.42
CA ASN A 34 -7.26 -1.22 -13.60
C ASN A 34 -7.14 -0.02 -12.65
N LYS A 35 -7.22 -0.32 -11.36
CA LYS A 35 -7.11 0.71 -10.34
C LYS A 35 -6.95 0.06 -8.97
N VAL A 36 -7.10 0.87 -7.93
CA VAL A 36 -6.98 0.39 -6.57
C VAL A 36 -5.73 -0.49 -6.46
N GLY A 37 -4.61 0.09 -6.86
CA GLY A 37 -3.34 -0.63 -6.80
C GLY A 37 -2.62 -0.35 -5.49
N PRO A 38 -1.35 -0.85 -5.42
CA PRO A 38 -0.77 -1.59 -6.54
C PRO A 38 -1.36 -2.99 -6.63
N HIS A 39 -0.73 -3.81 -7.47
CA HIS A 39 -1.18 -5.17 -7.66
C HIS A 39 0.04 -6.09 -7.87
N ASN A 40 -0.25 -7.32 -8.25
CA ASN A 40 0.81 -8.29 -8.50
C ASN A 40 0.18 -9.66 -8.77
N VAL A 41 1.01 -10.57 -9.28
CA VAL A 41 0.55 -11.91 -9.58
C VAL A 41 1.03 -12.87 -8.50
N ILE A 42 0.08 -13.43 -7.78
CA ILE A 42 0.39 -14.37 -6.71
C ILE A 42 -0.52 -15.59 -6.83
N PHE A 43 -0.20 -16.44 -7.79
CA PHE A 43 -0.98 -17.64 -8.02
C PHE A 43 -1.24 -18.39 -6.71
N ASP A 44 -2.24 -19.25 -6.75
CA ASP A 44 -2.59 -20.03 -5.57
C ASP A 44 -1.94 -21.41 -5.67
N LYS A 45 -2.14 -22.04 -6.81
CA LYS A 45 -1.59 -23.36 -7.05
C LYS A 45 -2.23 -23.96 -8.30
N VAL A 46 -1.41 -24.69 -9.05
CA VAL A 46 -1.88 -25.33 -10.27
C VAL A 46 -1.51 -26.81 -10.25
N PRO A 47 -2.26 -27.60 -11.05
CA PRO A 47 -2.02 -29.04 -11.13
C PRO A 47 -0.76 -29.34 -11.94
N ALA A 48 -0.29 -30.57 -11.80
CA ALA A 48 0.91 -30.99 -12.50
C ALA A 48 0.88 -30.44 -13.93
N GLY A 49 2.02 -29.92 -14.36
CA GLY A 49 2.13 -29.36 -15.69
C GLY A 49 2.84 -28.00 -15.65
N GLU A 50 2.27 -27.10 -14.86
CA GLU A 50 2.83 -25.76 -14.73
C GLU A 50 3.41 -25.57 -13.33
N SER A 51 3.83 -24.34 -13.05
CA SER A 51 4.40 -24.02 -11.76
C SER A 51 3.78 -22.72 -11.22
N ALA A 52 2.57 -22.85 -10.71
CA ALA A 52 1.86 -21.72 -10.16
C ALA A 52 2.75 -21.01 -9.14
N PRO A 53 3.28 -21.82 -8.18
CA PRO A 53 4.14 -21.28 -7.13
C PRO A 53 5.53 -20.97 -7.69
N ALA A 54 5.54 -20.24 -8.79
CA ALA A 54 6.80 -19.88 -9.42
C ALA A 54 6.59 -18.62 -10.28
N LEU A 55 5.50 -18.65 -11.04
CA LEU A 55 5.17 -17.53 -11.90
C LEU A 55 4.83 -16.30 -11.05
N SER A 56 4.35 -16.59 -9.84
CA SER A 56 3.99 -15.53 -8.92
C SER A 56 5.10 -14.47 -8.87
N ASN A 57 4.76 -13.27 -9.33
CA ASN A 57 5.70 -12.17 -9.33
C ASN A 57 5.33 -11.16 -8.26
N THR A 58 6.23 -10.99 -7.30
CA THR A 58 6.00 -10.06 -6.21
C THR A 58 6.52 -8.68 -6.58
N LYS A 59 6.65 -8.44 -7.88
CA LYS A 59 7.13 -7.17 -8.37
C LYS A 59 5.96 -6.19 -8.49
N LEU A 60 5.37 -5.87 -7.34
CA LEU A 60 4.25 -4.96 -7.30
C LEU A 60 4.50 -3.81 -8.28
N ALA A 61 3.84 -3.88 -9.42
CA ALA A 61 3.97 -2.87 -10.44
C ALA A 61 3.13 -1.65 -10.06
N ILE A 62 3.81 -0.66 -9.49
CA ILE A 62 3.13 0.56 -9.06
C ILE A 62 2.68 1.33 -10.30
N ALA A 63 3.59 1.45 -11.26
CA ALA A 63 3.30 2.16 -12.48
C ALA A 63 2.16 1.46 -13.22
N PRO A 64 0.99 2.15 -13.27
CA PRO A 64 -0.18 1.60 -13.94
C PRO A 64 -0.03 1.68 -15.45
N GLY A 65 -0.46 0.61 -16.12
CA GLY A 65 -0.38 0.54 -17.57
C GLY A 65 -0.68 -0.87 -18.06
N SER A 66 0.24 -1.78 -17.75
CA SER A 66 0.08 -3.17 -18.16
C SER A 66 1.26 -4.00 -17.63
N PHE A 67 1.03 -4.65 -16.51
CA PHE A 67 2.06 -5.48 -15.90
C PHE A 67 2.86 -6.22 -16.97
N TYR A 68 2.35 -7.38 -17.36
CA TYR A 68 3.02 -8.20 -18.36
C TYR A 68 2.14 -9.37 -18.78
N SER A 69 2.62 -10.11 -19.77
CA SER A 69 1.89 -11.25 -20.28
C SER A 69 2.72 -12.52 -20.10
N VAL A 70 2.04 -13.66 -20.16
CA VAL A 70 2.70 -14.93 -20.01
C VAL A 70 1.88 -16.02 -20.73
N THR A 71 2.60 -16.89 -21.43
CA THR A 71 1.95 -17.97 -22.16
C THR A 71 1.91 -19.24 -21.31
N LEU A 72 0.84 -20.00 -21.50
CA LEU A 72 0.67 -21.24 -20.76
C LEU A 72 0.49 -22.40 -21.75
N GLY A 73 0.46 -23.60 -21.20
CA GLY A 73 0.29 -24.79 -22.01
C GLY A 73 -0.36 -25.92 -21.21
N THR A 74 0.13 -26.09 -19.99
CA THR A 74 -0.39 -27.12 -19.11
C THR A 74 -1.91 -27.00 -18.98
N PRO A 75 -2.60 -28.13 -19.32
CA PRO A 75 -4.06 -28.16 -19.24
C PRO A 75 -4.52 -28.25 -17.79
N GLY A 76 -5.60 -27.54 -17.51
CA GLY A 76 -6.17 -27.53 -16.16
C GLY A 76 -6.66 -26.14 -15.79
N THR A 77 -7.17 -26.03 -14.56
CA THR A 77 -7.67 -24.76 -14.07
C THR A 77 -6.69 -24.15 -13.08
N TYR A 78 -6.22 -22.96 -13.41
CA TYR A 78 -5.28 -22.26 -12.56
C TYR A 78 -5.99 -21.24 -11.67
N SER A 79 -5.52 -21.16 -10.43
CA SER A 79 -6.11 -20.24 -9.47
C SER A 79 -5.02 -19.31 -8.92
N PHE A 80 -5.43 -18.07 -8.66
CA PHE A 80 -4.51 -17.08 -8.12
C PHE A 80 -5.23 -16.12 -7.17
N TYR A 81 -4.52 -15.07 -6.78
CA TYR A 81 -5.07 -14.08 -5.88
C TYR A 81 -4.13 -12.89 -5.74
N CYS A 82 -4.67 -11.80 -5.19
CA CYS A 82 -3.90 -10.60 -4.99
C CYS A 82 -3.31 -10.63 -3.58
N THR A 83 -2.00 -10.54 -3.51
CA THR A 83 -1.29 -10.56 -2.23
C THR A 83 -1.91 -9.53 -1.29
N PRO A 84 -2.03 -8.27 -1.80
CA PRO A 84 -2.60 -7.19 -1.02
C PRO A 84 -4.11 -7.33 -0.90
N HIS A 85 -4.77 -7.26 -2.04
CA HIS A 85 -6.23 -7.38 -2.08
C HIS A 85 -6.63 -8.85 -1.87
N ARG A 86 -6.19 -9.38 -0.74
CA ARG A 86 -6.50 -10.76 -0.40
C ARG A 86 -7.84 -10.84 0.34
N GLY A 87 -8.07 -9.86 1.21
CA GLY A 87 -9.30 -9.81 1.97
C GLY A 87 -10.39 -9.04 1.22
N ALA A 88 -9.93 -8.17 0.33
CA ALA A 88 -10.86 -7.37 -0.46
C ALA A 88 -11.67 -8.28 -1.38
N GLY A 89 -11.18 -9.51 -1.53
CA GLY A 89 -11.85 -10.48 -2.37
C GLY A 89 -11.47 -10.28 -3.83
N MET A 90 -10.19 -10.47 -4.11
CA MET A 90 -9.68 -10.32 -5.47
C MET A 90 -9.01 -11.61 -5.95
N VAL A 91 -9.85 -12.58 -6.28
CA VAL A 91 -9.36 -13.86 -6.76
C VAL A 91 -9.98 -14.17 -8.12
N GLY A 92 -9.26 -14.95 -8.90
CA GLY A 92 -9.73 -15.33 -10.23
C GLY A 92 -9.26 -16.74 -10.60
N THR A 93 -9.55 -17.12 -11.83
CA THR A 93 -9.18 -18.44 -12.32
C THR A 93 -8.78 -18.36 -13.79
N ILE A 94 -8.07 -19.39 -14.24
CA ILE A 94 -7.62 -19.46 -15.62
C ILE A 94 -7.62 -20.92 -16.08
N THR A 95 -8.36 -21.18 -17.14
CA THR A 95 -8.44 -22.51 -17.69
C THR A 95 -7.62 -22.62 -18.98
N VAL A 96 -7.02 -23.78 -19.17
CA VAL A 96 -6.20 -24.02 -20.34
C VAL A 96 -6.66 -25.32 -21.02
N GLU A 97 -7.81 -25.24 -21.66
CA GLU A 97 -8.36 -26.39 -22.35
C GLU A 97 -7.81 -26.47 -23.79
N TYR B 1 -2.66 0.48 1.80
CA TYR B 1 -2.75 1.42 0.66
C TYR B 1 -3.79 2.46 0.93
N PRO B 2 -3.77 3.55 0.23
CA PRO B 2 -4.76 4.56 0.46
C PRO B 2 -6.11 4.02 0.15
N PHE B 3 -6.17 3.06 -0.78
CA PHE B 3 -7.39 2.45 -1.23
C PHE B 3 -8.03 1.77 -0.05
N TYR B 4 -7.21 1.10 0.77
CA TYR B 4 -7.68 0.37 1.92
C TYR B 4 -8.27 1.33 2.91
N ALA B 5 -7.69 2.54 3.06
CA ALA B 5 -8.27 3.50 3.97
C ALA B 5 -9.64 3.85 3.48
N GLN B 6 -9.81 4.06 2.16
CA GLN B 6 -11.09 4.47 1.65
C GLN B 6 -12.14 3.44 1.95
N TYR B 7 -11.84 2.14 1.76
CA TYR B 7 -12.86 1.16 2.04
C TYR B 7 -13.20 1.09 3.49
N ASN B 8 -12.20 1.14 4.37
CA ASN B 8 -12.42 0.99 5.78
C ASN B 8 -13.03 2.19 6.45
N TYR B 9 -12.59 3.43 6.10
CA TYR B 9 -13.08 4.53 6.90
C TYR B 9 -13.62 5.63 6.03
N ASP B 10 -14.84 6.09 6.36
CA ASP B 10 -15.41 7.16 5.60
C ASP B 10 -14.59 8.39 5.88
N SER B 11 -14.20 8.61 7.16
CA SER B 11 -13.41 9.75 7.51
C SER B 11 -12.03 9.27 7.89
N PRO B 12 -11.05 9.76 7.18
CA PRO B 12 -9.67 9.40 7.37
C PRO B 12 -9.04 9.96 8.61
N ARG B 13 -9.66 10.97 9.26
CA ARG B 13 -9.06 11.57 10.41
C ARG B 13 -9.97 11.33 11.57
N GLU B 14 -9.41 10.73 12.64
CA GLU B 14 -10.16 10.41 13.83
C GLU B 14 -10.30 11.68 14.63
N ALA B 15 -11.22 11.66 15.62
CA ALA B 15 -11.51 12.81 16.42
C ALA B 15 -10.26 13.23 17.12
N THR B 16 -9.45 12.24 17.53
CA THR B 16 -8.22 12.48 18.22
C THR B 16 -7.32 13.23 17.29
N GLY B 17 -7.49 13.01 15.97
CA GLY B 17 -6.64 13.66 15.02
C GLY B 17 -5.75 12.62 14.44
N LYS B 18 -5.87 11.38 14.94
CA LYS B 18 -5.07 10.33 14.40
C LYS B 18 -5.62 9.98 13.04
N ILE B 19 -4.72 9.77 12.07
CA ILE B 19 -5.06 9.42 10.72
C ILE B 19 -5.12 7.93 10.65
N VAL B 20 -6.12 7.40 9.92
CA VAL B 20 -6.51 6.01 9.86
C VAL B 20 -5.41 5.10 9.39
N CYS B 21 -4.45 5.60 8.60
CA CYS B 21 -3.42 4.74 8.07
C CYS B 21 -2.71 4.08 9.22
N ALA B 22 -2.71 4.74 10.39
CA ALA B 22 -2.03 4.30 11.57
C ALA B 22 -2.55 2.97 12.01
N ASN B 23 -3.83 2.65 11.72
CA ASN B 23 -4.36 1.41 12.19
C ASN B 23 -3.54 0.26 11.63
N CYS B 24 -3.22 0.31 10.32
CA CYS B 24 -2.41 -0.69 9.64
C CYS B 24 -0.92 -0.52 9.76
N HIS B 25 -0.43 0.74 9.62
CA HIS B 25 0.99 0.99 9.60
C HIS B 25 1.35 1.45 10.96
N LEU B 26 1.84 0.49 11.75
CA LEU B 26 2.09 0.60 13.16
C LEU B 26 3.23 1.52 13.56
N ALA B 27 4.33 1.59 12.78
CA ALA B 27 5.48 2.34 13.22
C ALA B 27 5.37 3.79 12.86
N LYS B 28 6.02 4.66 13.67
CA LYS B 28 5.96 6.07 13.43
C LYS B 28 7.23 6.51 12.76
N LYS B 29 7.09 7.36 11.72
CA LYS B 29 8.19 7.95 11.00
C LYS B 29 7.75 9.34 10.67
N THR B 30 8.71 10.21 10.30
CA THR B 30 8.40 11.60 10.10
C THR B 30 7.65 11.86 8.84
N VAL B 31 6.89 12.98 8.84
CA VAL B 31 6.21 13.43 7.65
C VAL B 31 6.43 14.92 7.62
N GLU B 32 6.69 15.48 6.41
CA GLU B 32 6.90 16.90 6.35
C GLU B 32 6.02 17.50 5.30
N ILE B 33 5.52 18.72 5.56
CA ILE B 33 4.71 19.40 4.59
C ILE B 33 5.02 20.87 4.64
N GLU B 34 5.17 21.52 3.47
CA GLU B 34 5.40 22.94 3.46
C GLU B 34 4.43 23.59 2.52
N VAL B 35 3.85 24.72 2.95
CA VAL B 35 2.91 25.46 2.15
C VAL B 35 3.16 26.92 2.44
N PRO B 36 2.62 27.78 1.62
CA PRO B 36 2.82 29.19 1.81
C PRO B 36 2.10 29.68 3.04
N GLN B 37 2.53 30.83 3.57
CA GLN B 37 1.95 31.40 4.75
C GLN B 37 0.51 31.72 4.45
N ALA B 38 0.24 32.34 3.29
CA ALA B 38 -1.09 32.72 2.98
C ALA B 38 -1.30 32.60 1.50
N VAL B 39 -2.57 32.50 1.08
CA VAL B 39 -2.88 32.41 -0.33
C VAL B 39 -4.12 33.21 -0.62
N LEU B 40 -4.21 33.76 -1.85
CA LEU B 40 -5.33 34.56 -2.27
C LEU B 40 -6.43 33.62 -2.71
N PRO B 41 -7.66 34.07 -2.72
CA PRO B 41 -8.81 33.22 -2.98
C PRO B 41 -8.73 32.19 -4.05
N ASP B 42 -9.19 32.38 -5.28
CA ASP B 42 -9.12 31.26 -6.18
C ASP B 42 -7.77 31.27 -6.81
N THR B 43 -6.76 30.77 -6.05
CA THR B 43 -5.41 30.79 -6.54
C THR B 43 -4.80 29.43 -6.35
N VAL B 44 -3.72 29.13 -7.10
CA VAL B 44 -3.10 27.85 -7.00
C VAL B 44 -1.78 28.01 -6.30
N PHE B 45 -1.45 27.08 -5.38
CA PHE B 45 -0.22 27.14 -4.66
C PHE B 45 0.29 25.74 -4.50
N LYS B 46 1.57 25.58 -4.09
CA LYS B 46 2.12 24.25 -3.99
C LYS B 46 2.23 23.82 -2.57
N ALA B 47 1.91 22.53 -2.32
CA ALA B 47 2.07 21.92 -1.04
C ALA B 47 3.13 20.88 -1.27
N VAL B 48 4.25 20.98 -0.52
CA VAL B 48 5.35 20.08 -0.72
C VAL B 48 5.35 19.05 0.37
N VAL B 49 5.39 17.76 -0.02
CA VAL B 49 5.33 16.68 0.93
C VAL B 49 6.59 15.86 0.82
N LYS B 50 7.17 15.45 1.98
CA LYS B 50 8.34 14.62 1.97
C LYS B 50 8.15 13.53 2.99
N VAL B 51 8.63 12.30 2.68
CA VAL B 51 8.50 11.18 3.57
C VAL B 51 9.85 10.50 3.68
N PRO B 52 10.64 10.91 4.62
CA PRO B 52 11.99 10.40 4.71
C PRO B 52 12.20 9.02 5.22
N TYR B 53 13.18 8.31 4.61
CA TYR B 53 13.64 7.03 5.08
C TYR B 53 14.98 6.82 4.46
N ASP B 54 15.77 5.86 5.00
CA ASP B 54 17.07 5.63 4.45
C ASP B 54 16.89 4.77 3.22
N LEU B 55 17.28 5.31 2.06
CA LEU B 55 17.14 4.65 0.79
C LEU B 55 17.97 3.41 0.76
N ASP B 56 19.06 3.38 1.54
CA ASP B 56 19.93 2.23 1.57
C ASP B 56 19.25 1.02 2.16
N ILE B 57 18.23 1.19 3.04
CA ILE B 57 17.68 0.04 3.69
C ILE B 57 16.51 -0.52 2.94
N GLN B 58 16.51 -1.86 2.75
CA GLN B 58 15.50 -2.59 2.04
C GLN B 58 14.49 -3.13 3.00
N GLN B 59 13.29 -3.45 2.48
CA GLN B 59 12.16 -3.90 3.24
C GLN B 59 11.78 -5.28 2.80
N VAL B 60 11.08 -6.03 3.69
CA VAL B 60 10.62 -7.34 3.37
C VAL B 60 9.43 -7.15 2.47
N GLN B 61 9.40 -7.88 1.34
CA GLN B 61 8.31 -7.76 0.41
C GLN B 61 7.38 -8.93 0.59
N ALA B 62 6.32 -8.99 -0.24
CA ALA B 62 5.30 -9.98 -0.10
C ALA B 62 5.88 -11.37 -0.20
N ASP B 63 6.84 -11.59 -1.11
CA ASP B 63 7.42 -12.90 -1.29
C ASP B 63 8.35 -13.25 -0.16
N GLY B 64 8.79 -12.26 0.63
CA GLY B 64 9.68 -12.50 1.74
C GLY B 64 11.04 -11.98 1.42
N SER B 65 11.30 -11.66 0.13
CA SER B 65 12.58 -11.14 -0.30
C SER B 65 12.66 -9.66 -0.04
N PRO B 66 13.88 -9.17 -0.03
CA PRO B 66 14.08 -7.74 0.15
C PRO B 66 13.84 -6.92 -1.09
N SER B 67 13.34 -5.68 -0.94
CA SER B 67 13.11 -4.83 -2.08
C SER B 67 12.96 -3.41 -1.60
N GLY B 68 12.65 -2.48 -2.53
CA GLY B 68 12.54 -1.07 -2.23
C GLY B 68 11.23 -0.78 -1.57
N LEU B 69 11.07 0.46 -1.07
CA LEU B 69 9.88 0.88 -0.39
C LEU B 69 9.09 1.77 -1.29
N ASN B 70 7.76 1.80 -1.07
CA ASN B 70 6.85 2.64 -1.82
C ASN B 70 6.30 3.61 -0.82
N VAL B 71 5.84 4.78 -1.29
CA VAL B 71 5.36 5.79 -0.38
C VAL B 71 3.99 6.23 -0.81
N GLY B 72 3.25 6.89 0.10
CA GLY B 72 1.93 7.36 -0.21
C GLY B 72 1.53 8.30 0.87
N ALA B 73 0.43 9.07 0.66
CA ALA B 73 0.05 9.99 1.69
C ALA B 73 -1.38 10.41 1.50
N VAL B 74 -1.95 11.00 2.57
CA VAL B 74 -3.26 11.58 2.53
C VAL B 74 -3.04 13.00 2.95
N LEU B 75 -3.51 13.97 2.13
CA LEU B 75 -3.33 15.35 2.47
C LEU B 75 -4.68 15.94 2.68
N MET B 76 -4.99 16.38 3.92
CA MET B 76 -6.31 16.89 4.16
C MET B 76 -6.26 18.38 4.16
N LEU B 77 -6.92 18.97 3.15
CA LEU B 77 -6.98 20.40 3.00
C LEU B 77 -8.26 20.88 3.60
N PRO B 78 -8.35 22.17 3.78
CA PRO B 78 -9.53 22.76 4.36
C PRO B 78 -10.67 22.69 3.41
N GLU B 79 -11.91 22.92 3.91
CA GLU B 79 -13.08 22.85 3.07
C GLU B 79 -12.91 23.81 1.94
N GLY B 80 -13.33 23.37 0.74
CA GLY B 80 -13.35 24.20 -0.43
C GLY B 80 -12.07 24.08 -1.21
N PHE B 81 -10.99 23.60 -0.57
CA PHE B 81 -9.73 23.45 -1.26
C PHE B 81 -9.77 22.18 -2.06
N LYS B 82 -9.13 22.19 -3.25
CA LYS B 82 -9.09 21.01 -4.06
C LYS B 82 -7.80 21.01 -4.83
N LEU B 83 -7.47 19.86 -5.47
CA LEU B 83 -6.29 19.80 -6.28
C LEU B 83 -6.60 20.69 -7.44
N ALA B 84 -5.59 21.42 -7.97
CA ALA B 84 -5.86 22.37 -9.02
C ALA B 84 -6.03 21.67 -10.32
N PRO B 85 -6.93 22.18 -11.13
CA PRO B 85 -7.13 21.65 -12.45
C PRO B 85 -5.97 22.10 -13.29
N PRO B 86 -5.64 21.33 -14.28
CA PRO B 86 -4.49 21.62 -15.11
C PRO B 86 -4.56 22.99 -15.69
N GLU B 87 -5.76 23.45 -16.08
CA GLU B 87 -5.95 24.70 -16.77
C GLU B 87 -5.55 25.81 -15.87
N ARG B 88 -5.81 25.63 -14.57
CA ARG B 88 -5.56 26.59 -13.53
C ARG B 88 -4.10 26.74 -13.20
N VAL B 89 -3.25 25.74 -13.45
CA VAL B 89 -1.87 25.86 -13.04
C VAL B 89 -1.13 26.81 -13.92
N ASP B 90 -0.45 27.81 -13.31
CA ASP B 90 0.24 28.77 -14.11
C ASP B 90 1.46 28.15 -14.73
N GLU B 91 1.99 28.82 -15.78
CA GLU B 91 3.00 28.28 -16.65
C GLU B 91 4.28 27.94 -15.96
N GLU B 92 4.83 28.82 -15.11
CA GLU B 92 6.11 28.52 -14.54
C GLU B 92 6.00 27.28 -13.71
N LEU B 93 4.88 27.15 -12.99
CA LEU B 93 4.60 26.12 -12.03
C LEU B 93 4.37 24.74 -12.57
N MET B 94 3.83 24.58 -13.79
CA MET B 94 3.37 23.29 -14.24
C MET B 94 4.44 22.25 -14.16
N GLU B 95 5.68 22.57 -14.54
CA GLU B 95 6.72 21.59 -14.49
C GLU B 95 7.08 21.22 -13.07
N GLU B 96 6.96 22.19 -12.14
CA GLU B 96 7.33 22.08 -10.75
C GLU B 96 6.45 21.14 -9.98
N VAL B 97 5.20 20.93 -10.42
CA VAL B 97 4.28 20.17 -9.64
C VAL B 97 4.17 18.77 -10.16
N GLY B 98 3.71 17.84 -9.31
CA GLY B 98 3.57 16.48 -9.73
C GLY B 98 2.59 16.52 -10.83
N ASP B 99 2.58 15.46 -11.69
CA ASP B 99 1.62 15.39 -12.75
C ASP B 99 0.34 15.53 -12.03
N PHE B 100 -0.24 16.72 -12.23
CA PHE B 100 -1.34 17.17 -11.44
C PHE B 100 -2.42 16.19 -11.53
N TYR B 101 -2.80 15.79 -12.74
CA TYR B 101 -3.93 14.95 -12.65
C TYR B 101 -3.67 13.61 -12.07
N TYR B 102 -2.72 12.91 -12.70
CA TYR B 102 -2.53 11.49 -12.52
C TYR B 102 -2.22 11.08 -11.13
N LEU B 103 -1.29 11.76 -10.46
CA LEU B 103 -0.88 11.32 -9.15
C LEU B 103 -1.97 11.43 -8.12
N VAL B 104 -2.86 12.44 -8.25
CA VAL B 104 -3.80 12.75 -7.19
C VAL B 104 -5.18 12.20 -7.38
N THR B 105 -5.72 11.58 -6.30
CA THR B 105 -7.05 11.04 -6.31
C THR B 105 -7.81 11.56 -5.12
N PRO B 106 -9.06 11.91 -5.31
CA PRO B 106 -9.86 12.39 -4.21
C PRO B 106 -10.26 11.25 -3.33
N TYR B 107 -10.46 11.52 -2.03
CA TYR B 107 -10.80 10.50 -1.08
C TYR B 107 -12.15 9.95 -1.44
N SER B 108 -13.08 10.86 -1.80
CA SER B 108 -14.42 10.50 -2.19
C SER B 108 -14.94 11.63 -3.01
N GLU B 109 -16.14 11.46 -3.60
CA GLU B 109 -16.69 12.48 -4.45
C GLU B 109 -16.92 13.73 -3.66
N THR B 110 -17.47 13.58 -2.43
CA THR B 110 -17.78 14.67 -1.54
C THR B 110 -16.53 15.27 -0.95
N ASP B 111 -15.49 14.43 -0.78
CA ASP B 111 -14.20 14.54 -0.15
C ASP B 111 -13.06 15.14 -0.95
N GLU B 112 -13.32 15.92 -2.02
CA GLU B 112 -12.29 16.40 -2.90
C GLU B 112 -11.18 17.13 -2.19
N ASN B 113 -11.45 17.70 -0.99
CA ASN B 113 -10.46 18.39 -0.20
C ASN B 113 -9.44 17.42 0.35
N ILE B 114 -9.76 16.11 0.42
CA ILE B 114 -8.82 15.14 0.92
C ILE B 114 -8.21 14.43 -0.26
N LEU B 115 -6.88 14.57 -0.42
CA LEU B 115 -6.14 14.09 -1.56
C LEU B 115 -5.28 12.92 -1.18
N LEU B 116 -5.28 11.87 -2.03
CA LEU B 116 -4.50 10.68 -1.79
C LEU B 116 -3.50 10.55 -2.90
N ALA B 117 -2.28 10.06 -2.57
CA ALA B 117 -1.28 9.83 -3.58
C ALA B 117 -0.60 8.53 -3.21
N GLY B 118 -0.12 7.78 -4.21
CA GLY B 118 0.60 6.57 -3.94
C GLY B 118 -0.29 5.38 -4.07
N PRO B 119 0.30 4.20 -4.00
CA PRO B 119 1.72 4.11 -3.79
C PRO B 119 2.56 4.50 -4.96
N LEU B 120 3.73 5.11 -4.67
CA LEU B 120 4.68 5.54 -5.67
C LEU B 120 6.01 5.00 -5.23
N PRO B 121 6.93 4.83 -6.14
CA PRO B 121 8.23 4.34 -5.77
C PRO B 121 8.94 5.37 -4.94
N GLY B 122 9.49 4.98 -3.79
CA GLY B 122 10.11 5.88 -2.86
C GLY B 122 11.33 6.51 -3.46
N GLU B 123 12.10 5.75 -4.25
CA GLU B 123 13.33 6.28 -4.78
C GLU B 123 13.03 7.42 -5.71
N ASP B 124 11.93 7.31 -6.49
CA ASP B 124 11.55 8.28 -7.47
C ASP B 124 11.04 9.56 -6.86
N TYR B 125 10.23 9.49 -5.77
CA TYR B 125 9.63 10.71 -5.31
C TYR B 125 10.18 11.15 -3.99
N GLN B 126 11.23 11.98 -4.03
CA GLN B 126 11.78 12.54 -2.82
C GLN B 126 10.82 13.55 -2.30
N GLU B 127 10.17 14.27 -3.22
CA GLU B 127 9.25 15.31 -2.85
C GLU B 127 8.02 15.09 -3.69
N MET B 128 6.82 15.25 -3.09
CA MET B 128 5.61 15.12 -3.85
C MET B 128 5.00 16.47 -3.80
N ILE B 129 4.79 17.12 -4.95
CA ILE B 129 4.28 18.47 -4.89
C ILE B 129 2.88 18.52 -5.40
N PHE B 130 1.94 18.92 -4.52
CA PHE B 130 0.55 18.95 -4.91
C PHE B 130 0.18 20.35 -5.31
N PRO B 131 -0.36 20.53 -6.49
CA PRO B 131 -0.85 21.79 -6.97
C PRO B 131 -2.16 21.98 -6.27
N ILE B 132 -2.39 23.08 -5.54
CA ILE B 132 -3.65 23.15 -4.85
C ILE B 132 -4.37 24.42 -5.20
N LEU B 133 -5.69 24.32 -5.40
CA LEU B 133 -6.46 25.49 -5.74
C LEU B 133 -7.31 25.88 -4.55
N SER B 134 -7.17 27.13 -4.08
CA SER B 134 -7.94 27.62 -2.96
C SER B 134 -9.34 27.97 -3.41
N PRO B 135 -10.28 27.95 -2.48
CA PRO B 135 -11.66 28.30 -2.74
C PRO B 135 -11.86 29.78 -2.79
N ASN B 136 -13.08 30.24 -3.16
CA ASN B 136 -13.37 31.66 -3.15
C ASN B 136 -14.58 31.87 -2.30
N PRO B 137 -14.40 32.48 -1.16
CA PRO B 137 -15.50 32.67 -0.25
C PRO B 137 -16.57 33.57 -0.77
N ALA B 138 -16.26 34.50 -1.69
CA ALA B 138 -17.29 35.36 -2.14
C ALA B 138 -18.34 34.52 -2.81
N THR B 139 -17.87 33.59 -3.67
CA THR B 139 -18.74 32.69 -4.37
C THR B 139 -19.24 31.59 -3.48
N ASP B 140 -18.40 31.10 -2.55
CA ASP B 140 -18.77 29.93 -1.77
C ASP B 140 -19.04 30.31 -0.34
N ALA B 141 -20.31 30.12 0.08
CA ALA B 141 -20.83 30.42 1.39
C ALA B 141 -20.20 29.56 2.44
N GLY B 142 -19.91 28.28 2.08
CA GLY B 142 -19.41 27.30 2.99
C GLY B 142 -18.08 27.72 3.55
N VAL B 143 -17.26 28.47 2.79
CA VAL B 143 -15.96 28.81 3.29
C VAL B 143 -15.82 30.29 3.51
N TYR B 144 -14.99 30.65 4.51
CA TYR B 144 -14.75 32.03 4.81
C TYR B 144 -13.26 32.24 4.85
N PHE B 145 -12.82 33.51 4.85
CA PHE B 145 -11.41 33.80 4.92
C PHE B 145 -11.01 33.57 6.34
N GLY B 146 -9.75 33.15 6.56
CA GLY B 146 -9.30 32.91 7.91
C GLY B 146 -8.11 32.00 7.84
N LYS B 147 -7.63 31.56 9.03
CA LYS B 147 -6.50 30.69 9.09
C LYS B 147 -7.01 29.28 9.18
N TYR B 148 -6.39 28.35 8.43
CA TYR B 148 -6.89 27.00 8.45
C TYR B 148 -5.76 26.03 8.64
N SER B 149 -6.09 24.80 9.06
CA SER B 149 -5.10 23.80 9.30
C SER B 149 -5.15 22.78 8.21
N ILE B 150 -3.98 22.21 7.87
CA ILE B 150 -3.87 21.20 6.86
C ILE B 150 -3.26 20.02 7.58
N HIS B 151 -3.79 18.80 7.34
CA HIS B 151 -3.28 17.66 8.04
C HIS B 151 -2.66 16.72 7.06
N LEU B 152 -1.44 16.25 7.35
CA LEU B 152 -0.77 15.35 6.47
C LEU B 152 -0.55 14.03 7.16
N GLY B 153 -0.77 12.93 6.42
CA GLY B 153 -0.49 11.60 6.89
C GLY B 153 0.36 11.00 5.81
N GLY B 154 1.60 10.55 6.15
CA GLY B 154 2.45 10.06 5.10
C GLY B 154 3.08 8.75 5.51
N ASN B 155 3.13 7.80 4.57
CA ASN B 155 3.64 6.50 4.91
C ASN B 155 4.64 6.02 3.89
N ARG B 156 5.56 5.13 4.36
CA ARG B 156 6.50 4.48 3.49
C ARG B 156 6.56 3.06 3.99
N GLY B 157 6.63 2.07 3.09
CA GLY B 157 6.80 0.72 3.52
C GLY B 157 5.48 0.02 3.72
N ARG B 158 5.52 -1.32 3.69
CA ARG B 158 4.37 -2.17 3.78
C ARG B 158 3.82 -2.18 5.17
N GLY B 159 2.47 -2.30 5.27
CA GLY B 159 1.78 -2.27 6.53
C GLY B 159 1.87 -3.60 7.22
N GLN B 160 1.54 -3.59 8.52
CA GLN B 160 1.51 -4.70 9.43
C GLN B 160 0.26 -5.53 9.33
N VAL B 161 -0.91 -4.92 9.03
CA VAL B 161 -2.14 -5.65 9.06
C VAL B 161 -2.88 -5.45 7.78
N TYR B 162 -3.78 -6.40 7.45
CA TYR B 162 -4.53 -6.35 6.22
C TYR B 162 -5.94 -6.01 6.60
N PRO B 163 -6.72 -5.56 5.65
CA PRO B 163 -8.10 -5.27 5.92
C PRO B 163 -8.80 -6.52 6.32
N THR B 164 -8.16 -7.67 6.05
CA THR B 164 -8.65 -8.95 6.46
C THR B 164 -8.61 -8.95 7.95
N GLY B 165 -7.60 -8.28 8.53
CA GLY B 165 -7.44 -8.26 9.95
C GLY B 165 -6.30 -9.16 10.30
N GLU B 166 -5.79 -9.92 9.30
CA GLU B 166 -4.69 -10.79 9.55
C GLU B 166 -3.41 -10.03 9.38
N LEU B 167 -2.35 -10.49 10.09
CA LEU B 167 -1.07 -9.83 10.07
C LEU B 167 -0.34 -10.17 8.81
N SER B 168 0.48 -9.20 8.34
CA SER B 168 1.29 -9.36 7.17
C SER B 168 2.59 -9.97 7.59
N ASN B 169 3.47 -10.26 6.61
CA ASN B 169 4.78 -10.81 6.84
C ASN B 169 5.70 -9.75 7.39
N ASN B 170 5.32 -8.46 7.31
CA ASN B 170 6.18 -7.42 7.81
C ASN B 170 5.75 -7.07 9.21
N ASN B 171 5.78 -8.05 10.14
CA ASN B 171 5.35 -7.80 11.50
C ASN B 171 5.98 -8.81 12.41
N ALA B 172 5.93 -8.57 13.74
CA ALA B 172 6.49 -9.51 14.67
C ALA B 172 5.50 -10.62 14.92
N PHE B 173 6.02 -11.86 15.12
CA PHE B 173 5.16 -12.99 15.40
C PHE B 173 5.51 -13.47 16.78
N SER B 174 4.49 -13.85 17.60
CA SER B 174 4.76 -14.19 18.98
C SER B 174 4.34 -15.60 19.30
N ALA B 175 4.97 -16.18 20.35
CA ALA B 175 4.69 -17.52 20.77
C ALA B 175 3.28 -17.60 21.25
N SER B 176 2.52 -18.56 20.69
CA SER B 176 1.15 -18.76 21.03
C SER B 176 1.07 -19.31 22.42
N ILE B 177 2.12 -20.03 22.87
CA ILE B 177 2.09 -20.60 24.19
C ILE B 177 3.49 -20.73 24.70
N ALA B 178 3.65 -20.85 26.05
CA ALA B 178 4.93 -21.00 26.66
C ALA B 178 5.37 -22.43 26.57
N GLY B 179 6.69 -22.67 26.48
CA GLY B 179 7.18 -24.02 26.40
C GLY B 179 8.57 -24.00 25.84
N THR B 180 9.04 -25.17 25.34
CA THR B 180 10.36 -25.24 24.79
C THR B 180 10.26 -25.52 23.32
N ILE B 181 11.21 -24.99 22.53
CA ILE B 181 11.13 -25.13 21.10
C ILE B 181 11.83 -26.39 20.70
N ALA B 182 11.04 -27.41 20.34
CA ALA B 182 11.53 -28.68 19.90
C ALA B 182 12.18 -28.58 18.55
N ALA B 183 11.57 -27.82 17.61
CA ALA B 183 12.17 -27.77 16.31
C ALA B 183 11.57 -26.65 15.51
N ILE B 184 12.24 -26.27 14.40
CA ILE B 184 11.75 -25.27 13.49
C ILE B 184 12.07 -25.70 12.06
N GLU B 185 11.15 -25.52 11.09
CA GLU B 185 11.31 -25.96 9.70
C GLU B 185 11.37 -24.74 8.78
N ASP B 186 11.97 -24.80 7.53
CA ASP B 186 12.13 -23.53 6.82
C ASP B 186 12.15 -23.45 5.27
N ASN B 187 11.15 -22.77 4.62
CA ASN B 187 11.17 -22.42 3.20
C ASN B 187 11.17 -20.93 3.17
N GLY B 188 11.95 -20.37 4.10
CA GLY B 188 11.92 -18.95 4.29
C GLY B 188 10.88 -18.81 5.34
N PHE B 189 9.76 -19.55 5.13
CA PHE B 189 8.66 -19.62 6.05
C PHE B 189 9.14 -20.53 7.10
N GLY B 190 8.78 -20.23 8.34
CA GLY B 190 9.01 -21.24 9.29
C GLY B 190 7.64 -21.73 9.31
N PHE B 191 7.47 -22.87 8.64
CA PHE B 191 6.20 -23.48 8.52
C PHE B 191 5.84 -23.64 9.93
N ASP B 192 6.85 -23.97 10.76
CA ASP B 192 6.43 -24.07 12.10
C ASP B 192 7.55 -23.95 13.07
N VAL B 193 7.21 -23.31 14.19
CA VAL B 193 8.05 -23.38 15.35
C VAL B 193 7.23 -24.28 16.22
N THR B 194 7.79 -25.43 16.61
CA THR B 194 7.02 -26.33 17.42
C THR B 194 7.40 -26.09 18.84
N ILE B 195 6.38 -25.89 19.70
CA ILE B 195 6.66 -25.62 21.07
C ILE B 195 6.05 -26.68 21.91
N GLN B 196 6.79 -27.16 22.92
CA GLN B 196 6.30 -28.19 23.80
C GLN B 196 5.87 -27.51 25.07
N PRO B 197 4.59 -27.48 25.30
CA PRO B 197 4.12 -26.91 26.53
C PRO B 197 4.43 -27.70 27.76
N GLU B 198 4.12 -27.07 28.90
CA GLU B 198 4.45 -27.50 30.23
C GLU B 198 3.90 -28.87 30.50
N ASP B 199 2.78 -29.27 29.86
CA ASP B 199 2.27 -30.55 30.24
C ASP B 199 2.09 -31.50 29.08
N GLY B 200 3.12 -31.68 28.22
CA GLY B 200 3.07 -32.73 27.24
C GLY B 200 2.59 -32.27 25.89
N ASP B 201 1.74 -31.24 25.81
CA ASP B 201 1.18 -30.86 24.53
C ASP B 201 2.25 -30.25 23.67
N ALA B 202 2.02 -30.25 22.34
CA ALA B 202 2.93 -29.61 21.43
C ALA B 202 2.10 -28.78 20.49
N VAL B 203 2.49 -27.50 20.30
CA VAL B 203 1.74 -26.60 19.48
C VAL B 203 2.63 -26.10 18.39
N VAL B 204 2.03 -25.62 17.28
CA VAL B 204 2.88 -25.19 16.21
C VAL B 204 2.49 -23.80 15.81
N THR B 205 3.48 -22.89 15.70
CA THR B 205 3.18 -21.53 15.33
C THR B 205 3.80 -21.31 13.98
N SER B 206 3.00 -20.84 13.01
CA SER B 206 3.51 -20.68 11.68
C SER B 206 3.86 -19.25 11.47
N ILE B 207 5.06 -19.02 10.88
CA ILE B 207 5.46 -17.67 10.60
C ILE B 207 5.81 -17.65 9.14
N LEU B 208 5.45 -16.56 8.44
CA LEU B 208 5.69 -16.44 7.02
C LEU B 208 7.12 -16.03 6.79
N PRO B 209 7.62 -16.17 5.57
CA PRO B 209 8.96 -15.79 5.23
C PRO B 209 9.07 -14.31 5.45
N GLY B 210 10.26 -13.81 5.84
CA GLY B 210 10.46 -12.39 6.00
C GLY B 210 10.92 -12.04 7.39
N PRO B 211 10.18 -12.35 8.42
CA PRO B 211 10.64 -12.00 9.74
C PRO B 211 11.80 -12.88 10.08
N GLU B 212 12.73 -12.44 10.95
CA GLU B 212 13.85 -13.27 11.25
C GLU B 212 13.69 -13.85 12.63
N LEU B 213 13.87 -15.18 12.74
CA LEU B 213 13.69 -15.86 13.98
C LEU B 213 14.77 -15.47 14.94
N ILE B 214 14.32 -15.03 16.13
CA ILE B 214 15.07 -14.66 17.30
C ILE B 214 15.50 -15.88 18.06
N VAL B 215 14.70 -16.97 18.01
CA VAL B 215 14.89 -18.11 18.86
C VAL B 215 15.51 -19.26 18.17
N ALA B 216 16.04 -20.21 18.97
CA ALA B 216 16.70 -21.39 18.48
C ALA B 216 16.07 -22.58 19.13
N VAL B 217 16.25 -23.75 18.52
CA VAL B 217 15.66 -24.95 19.04
C VAL B 217 16.30 -25.22 20.37
N GLY B 218 15.48 -25.75 21.31
CA GLY B 218 15.93 -26.10 22.62
C GLY B 218 15.79 -24.90 23.51
N ASP B 219 15.21 -23.81 22.99
CA ASP B 219 15.09 -22.61 23.78
C ASP B 219 13.71 -22.54 24.36
N THR B 220 13.61 -22.05 25.61
CA THR B 220 12.33 -21.90 26.25
C THR B 220 11.80 -20.54 25.92
N VAL B 221 10.47 -20.42 25.79
CA VAL B 221 9.88 -19.14 25.49
C VAL B 221 8.62 -18.98 26.28
N GLU B 222 8.33 -17.74 26.70
CA GLU B 222 7.12 -17.47 27.44
C GLU B 222 6.03 -17.20 26.44
N ALA B 223 4.76 -17.31 26.87
CA ALA B 223 3.69 -17.08 25.95
C ALA B 223 3.71 -15.64 25.56
N GLY B 224 3.50 -15.37 24.26
CA GLY B 224 3.42 -14.04 23.76
C GLY B 224 4.79 -13.49 23.50
N GLN B 225 5.85 -14.26 23.83
CA GLN B 225 7.15 -13.69 23.61
C GLN B 225 7.44 -13.69 22.15
N LEU B 226 8.35 -12.78 21.71
CA LEU B 226 8.61 -12.64 20.31
C LEU B 226 9.47 -13.75 19.79
N LEU B 227 8.95 -14.42 18.74
CA LEU B 227 9.59 -15.46 17.98
C LEU B 227 10.53 -14.87 16.99
N THR B 228 10.25 -13.64 16.54
CA THR B 228 11.01 -13.04 15.48
C THR B 228 11.31 -11.60 15.82
N THR B 229 12.18 -10.97 15.02
CA THR B 229 12.48 -9.58 15.23
C THR B 229 11.35 -8.84 14.60
N ASN B 230 11.45 -7.50 14.57
CA ASN B 230 10.46 -6.74 13.87
C ASN B 230 11.13 -6.31 12.61
N PRO B 231 10.74 -6.88 11.50
CA PRO B 231 11.36 -6.60 10.24
C PRO B 231 10.99 -5.25 9.66
N ASN B 232 9.99 -4.57 10.22
CA ASN B 232 9.48 -3.33 9.68
C ASN B 232 10.53 -2.27 9.61
N VAL B 233 10.81 -1.79 8.36
CA VAL B 233 11.69 -0.71 7.98
C VAL B 233 11.01 0.63 7.84
N GLY B 234 9.69 0.65 7.59
CA GLY B 234 9.02 1.89 7.25
C GLY B 234 8.24 2.45 8.39
N GLY B 235 7.23 3.29 8.06
CA GLY B 235 6.42 3.84 9.11
C GLY B 235 5.53 4.91 8.56
N PHE B 236 4.58 5.36 9.41
CA PHE B 236 3.60 6.35 9.06
C PHE B 236 3.71 7.48 10.03
N GLY B 237 3.61 8.74 9.56
CA GLY B 237 3.74 9.86 10.44
C GLY B 237 2.75 10.92 10.03
N GLN B 238 2.49 11.89 10.94
CA GLN B 238 1.56 12.92 10.63
C GLN B 238 2.16 14.25 10.98
N MET B 239 1.75 15.31 10.26
CA MET B 239 2.19 16.62 10.60
C MET B 239 1.15 17.59 10.15
N ASP B 240 0.96 18.66 10.94
CA ASP B 240 -0.05 19.65 10.67
C ASP B 240 0.64 20.94 10.35
N SER B 241 -0.01 21.77 9.52
CA SER B 241 0.51 23.07 9.18
C SER B 241 -0.68 23.97 9.05
N GLU B 242 -0.46 25.30 8.97
CA GLU B 242 -1.57 26.19 8.85
C GLU B 242 -1.35 27.05 7.66
N ILE B 243 -2.44 27.56 7.05
CA ILE B 243 -2.35 28.45 5.93
C ILE B 243 -3.43 29.48 6.10
N VAL B 244 -3.18 30.72 5.62
CA VAL B 244 -4.15 31.77 5.79
C VAL B 244 -4.82 32.02 4.48
N LEU B 245 -6.17 31.93 4.46
CA LEU B 245 -6.91 32.21 3.25
C LEU B 245 -7.11 33.69 3.33
N GLN B 246 -6.42 34.44 2.45
CA GLN B 246 -6.34 35.88 2.55
C GLN B 246 -7.28 36.58 1.62
N SER B 247 -7.59 37.85 1.97
CA SER B 247 -8.45 38.67 1.16
C SER B 247 -7.56 39.47 0.27
N SER B 248 -7.96 39.62 -1.00
CA SER B 248 -7.16 40.32 -1.96
C SER B 248 -7.07 41.74 -1.57
N SER B 249 -6.02 42.39 -2.07
CA SER B 249 -5.82 43.77 -1.77
C SER B 249 -5.75 43.91 -0.26
CU CU C . -5.23 -6.12 -6.54
FE HEC D . -1.23 0.87 3.40
CHA HEC D . 1.05 -0.95 1.67
CHB HEC D . 0.09 3.77 2.17
CHC HEC D . -3.78 2.62 4.79
CHD HEC D . -2.21 -1.90 5.03
NA HEC D . 0.18 1.32 2.10
C1A HEC D . 1.01 0.45 1.45
C2A HEC D . 1.93 1.15 0.56
C3A HEC D . 1.69 2.47 0.74
C4A HEC D . 0.59 2.58 1.68
CMA HEC D . 2.44 3.61 0.08
CAA HEC D . 2.98 0.47 -0.32
CBA HEC D . 4.28 0.43 0.54
CGA HEC D . 5.39 -0.40 -0.08
O1A HEC D . 6.58 -0.12 0.23
O2A HEC D . 5.09 -1.33 -0.86
NB HEC D . -1.73 2.78 3.49
C1B HEC D . -0.99 3.88 3.01
C2B HEC D . -1.66 5.15 3.38
C3B HEC D . -2.78 4.84 4.12
C4B HEC D . -2.81 3.36 4.13
CMB HEC D . -1.14 6.54 3.12
CAB HEC D . -3.70 5.73 4.78
CBB HEC D . -4.33 6.82 3.90
NC HEC D . -2.75 0.45 4.55
C1C HEC D . -3.74 1.26 5.02
C2C HEC D . -4.68 0.54 5.85
C3C HEC D . -4.26 -0.72 5.93
C4C HEC D . -3.03 -0.78 5.14
CMC HEC D . -5.95 1.16 6.42
CAC HEC D . -4.83 -1.80 6.71
CBC HEC D . -6.32 -2.18 6.43
ND HEC D . -0.71 -1.03 3.33
C1D HEC D . -1.15 -2.03 4.18
C2D HEC D . -0.43 -3.28 3.98
C3D HEC D . 0.43 -3.03 2.97
C4D HEC D . 0.25 -1.64 2.58
CMD HEC D . -0.56 -4.63 4.76
CAD HEC D . 1.36 -4.02 2.31
CBD HEC D . 0.73 -4.78 1.14
CGD HEC D . 1.70 -5.77 0.54
O1D HEC D . 1.52 -6.99 0.77
O2D HEC D . 2.66 -5.30 -0.14
HHA HEC D . 1.76 -1.53 1.10
HHB HEC D . 0.58 4.68 1.86
HHC HEC D . -4.65 3.14 5.16
HHD HEC D . -2.44 -2.73 5.68
HMA1 HEC D . 2.04 3.77 -0.92
HMA2 HEC D . 3.48 3.37 0.01
HMA3 HEC D . 2.31 4.51 0.65
HAA1 HEC D . 3.14 1.05 -1.23
HAA2 HEC D . 2.65 -0.52 -0.59
HBA1 HEC D . 4.03 0.00 1.50
HBA2 HEC D . 4.63 1.44 0.67
HMB1 HEC D . -1.48 6.87 2.14
HMB2 HEC D . -0.06 6.54 3.14
HMB3 HEC D . -1.51 7.22 3.87
HAB HEC D . -4.54 5.16 5.16
HBB1 HEC D . -5.31 6.51 3.57
HBB2 HEC D . -4.42 7.74 4.48
HBB3 HEC D . -3.70 7.01 3.04
HMC1 HEC D . -5.85 1.24 7.50
HMC2 HEC D . -6.79 0.53 6.19
HMC3 HEC D . -6.09 2.14 6.00
HAC HEC D . -5.45 -1.53 7.52
HBC1 HEC D . -6.74 -2.68 7.30
HBC2 HEC D . -6.89 -1.29 6.22
HBC3 HEC D . -6.37 -2.85 5.57
HMD1 HEC D . 0.13 -4.64 5.58
HMD2 HEC D . -0.34 -5.44 4.09
HMD3 HEC D . -1.57 -4.73 5.13
HAD1 HEC D . 1.66 -4.75 3.05
HAD2 HEC D . 2.22 -3.49 1.94
HBD1 HEC D . 0.43 -4.07 0.38
HBD2 HEC D . -0.15 -5.31 1.49
N ALA A 1 -5.22 -14.38 -30.51
CA ALA A 1 -4.41 -13.22 -30.85
C ALA A 1 -3.73 -12.68 -29.58
N SER A 2 -2.70 -11.88 -29.81
CA SER A 2 -1.96 -11.31 -28.69
C SER A 2 -2.91 -10.49 -27.80
N VAL A 3 -2.88 -10.81 -26.52
CA VAL A 3 -3.73 -10.11 -25.56
C VAL A 3 -2.86 -9.49 -24.47
N GLN A 4 -3.51 -8.78 -23.57
CA GLN A 4 -2.81 -8.13 -22.48
C GLN A 4 -3.65 -8.19 -21.20
N ILE A 5 -2.94 -8.20 -20.08
CA ILE A 5 -3.59 -8.26 -18.78
C ILE A 5 -3.32 -6.97 -18.01
N LYS A 6 -4.37 -6.19 -17.82
CA LYS A 6 -4.25 -4.92 -17.11
C LYS A 6 -4.57 -5.15 -15.63
N MET A 7 -3.70 -4.60 -14.78
CA MET A 7 -3.87 -4.74 -13.35
C MET A 7 -4.37 -3.42 -12.73
N GLY A 8 -5.68 -3.37 -12.54
CA GLY A 8 -6.30 -2.18 -11.96
C GLY A 8 -7.27 -1.54 -12.94
N THR A 9 -8.36 -1.00 -12.38
CA THR A 9 -9.37 -0.36 -13.19
C THR A 9 -9.32 1.16 -13.00
N ASP A 10 -9.91 1.87 -13.95
CA ASP A 10 -9.93 3.32 -13.90
C ASP A 10 -10.66 3.76 -12.63
N LYS A 11 -11.38 2.82 -12.04
CA LYS A 11 -12.12 3.11 -10.82
C LYS A 11 -11.23 2.81 -9.61
N TYR A 12 -9.97 3.17 -9.74
CA TYR A 12 -9.01 2.94 -8.67
C TYR A 12 -9.27 1.61 -7.98
N ALA A 13 -9.80 0.68 -8.74
CA ALA A 13 -10.09 -0.65 -8.22
C ALA A 13 -9.04 -1.64 -8.72
N PRO A 14 -8.30 -2.22 -7.75
CA PRO A 14 -7.26 -3.19 -8.07
C PRO A 14 -7.86 -4.54 -8.46
N LEU A 15 -7.98 -4.74 -9.76
CA LEU A 15 -8.55 -5.98 -10.28
C LEU A 15 -7.93 -6.29 -11.65
N TYR A 16 -7.86 -7.57 -11.96
CA TYR A 16 -7.31 -8.01 -13.23
C TYR A 16 -8.32 -7.80 -14.37
N GLU A 17 -7.86 -7.10 -15.40
CA GLU A 17 -8.70 -6.83 -16.55
C GLU A 17 -7.97 -7.18 -17.84
N PRO A 18 -8.70 -7.87 -18.75
CA PRO A 18 -10.09 -8.23 -18.48
C PRO A 18 -10.15 -9.40 -17.48
N LYS A 19 -11.14 -9.30 -16.59
CA LYS A 19 -11.32 -10.34 -15.58
C LYS A 19 -11.10 -11.71 -16.21
N ALA A 20 -11.59 -11.85 -17.44
CA ALA A 20 -11.45 -13.10 -18.16
C ALA A 20 -10.68 -12.85 -19.46
N LEU A 21 -9.89 -13.86 -19.84
CA LEU A 21 -9.10 -13.75 -21.06
C LEU A 21 -9.06 -15.12 -21.75
N SER A 22 -9.14 -15.08 -23.07
CA SER A 22 -9.11 -16.30 -23.86
C SER A 22 -8.07 -16.18 -24.97
N ILE A 23 -7.42 -17.30 -25.24
CA ILE A 23 -6.40 -17.35 -26.28
C ILE A 23 -6.27 -18.77 -26.81
N SER A 24 -5.33 -18.95 -27.73
CA SER A 24 -5.10 -20.26 -28.32
C SER A 24 -3.66 -20.70 -28.06
N ALA A 25 -3.45 -22.00 -28.14
CA ALA A 25 -2.13 -22.56 -27.91
C ALA A 25 -1.14 -21.94 -28.90
N GLY A 26 -0.32 -21.05 -28.38
CA GLY A 26 0.69 -20.39 -29.20
C GLY A 26 0.55 -18.87 -29.11
N ASP A 27 -0.52 -18.44 -28.45
CA ASP A 27 -0.79 -17.02 -28.28
C ASP A 27 0.04 -16.50 -27.10
N THR A 28 -0.01 -15.18 -26.92
CA THR A 28 0.73 -14.54 -25.85
C THR A 28 -0.23 -13.74 -24.96
N VAL A 29 0.19 -13.57 -23.72
CA VAL A 29 -0.61 -12.83 -22.75
C VAL A 29 0.27 -11.80 -22.04
N GLU A 30 0.13 -10.55 -22.47
CA GLU A 30 0.91 -9.47 -21.87
C GLU A 30 0.31 -9.04 -20.53
N PHE A 31 1.06 -8.23 -19.82
CA PHE A 31 0.61 -7.74 -18.52
C PHE A 31 1.12 -6.32 -18.26
N VAL A 32 0.18 -5.42 -18.04
CA VAL A 32 0.52 -4.03 -17.78
C VAL A 32 -0.12 -3.60 -16.47
N MET A 33 0.48 -2.59 -15.85
CA MET A 33 -0.02 -2.06 -14.59
C MET A 33 -0.88 -0.82 -14.82
N ASN A 34 -2.14 -0.93 -14.41
CA ASN A 34 -3.07 0.18 -14.56
C ASN A 34 -2.82 1.20 -13.44
N LYS A 35 -3.10 0.76 -12.22
CA LYS A 35 -2.92 1.62 -11.07
C LYS A 35 -3.04 0.79 -9.79
N VAL A 36 -3.15 1.49 -8.66
CA VAL A 36 -3.27 0.83 -7.38
C VAL A 36 -2.24 -0.29 -7.28
N GLY A 37 -0.99 0.08 -7.50
CA GLY A 37 0.10 -0.88 -7.43
C GLY A 37 0.72 -0.92 -6.03
N PRO A 38 1.85 -1.67 -5.93
CA PRO A 38 2.40 -2.37 -7.08
C PRO A 38 1.57 -3.60 -7.42
N HIS A 39 2.12 -4.41 -8.31
CA HIS A 39 1.44 -5.63 -8.72
C HIS A 39 2.46 -6.75 -8.96
N ASN A 40 1.99 -7.84 -9.53
CA ASN A 40 2.86 -8.97 -9.81
C ASN A 40 2.01 -10.14 -10.34
N VAL A 41 2.70 -11.13 -10.87
CA VAL A 41 2.03 -12.30 -11.41
C VAL A 41 2.20 -13.47 -10.44
N ILE A 42 1.07 -13.89 -9.88
CA ILE A 42 1.07 -15.00 -8.93
C ILE A 42 -0.04 -15.98 -9.30
N PHE A 43 0.23 -16.76 -10.34
CA PHE A 43 -0.74 -17.75 -10.81
C PHE A 43 -1.28 -18.57 -9.64
N ASP A 44 -2.42 -19.20 -9.87
CA ASP A 44 -3.04 -20.02 -8.86
C ASP A 44 -2.67 -21.48 -9.09
N LYS A 45 -2.86 -21.91 -10.32
CA LYS A 45 -2.55 -23.29 -10.69
C LYS A 45 -3.14 -23.59 -12.07
N VAL A 46 -2.40 -24.38 -12.84
CA VAL A 46 -2.85 -24.75 -14.17
C VAL A 46 -2.78 -26.28 -14.32
N PRO A 47 -3.57 -26.79 -15.29
CA PRO A 47 -3.60 -28.22 -15.55
C PRO A 47 -2.34 -28.68 -16.28
N ALA A 48 -2.12 -29.99 -16.26
CA ALA A 48 -0.97 -30.57 -16.93
C ALA A 48 -0.74 -29.85 -18.25
N GLY A 49 0.53 -29.53 -18.51
CA GLY A 49 0.90 -28.85 -19.74
C GLY A 49 1.85 -27.68 -19.45
N GLU A 50 1.37 -26.78 -18.59
CA GLU A 50 2.17 -25.62 -18.22
C GLU A 50 2.61 -25.72 -16.76
N SER A 51 3.22 -24.64 -16.29
CA SER A 51 3.70 -24.59 -14.92
C SER A 51 3.28 -23.27 -14.26
N ALA A 52 2.01 -23.22 -13.87
CA ALA A 52 1.48 -22.04 -13.23
C ALA A 52 2.37 -21.64 -12.05
N PRO A 53 2.61 -22.66 -11.17
CA PRO A 53 3.44 -22.44 -10.00
C PRO A 53 4.92 -22.36 -10.37
N ALA A 54 5.20 -21.52 -11.36
CA ALA A 54 6.57 -21.35 -11.83
C ALA A 54 6.70 -19.98 -12.51
N LEU A 55 5.73 -19.69 -13.37
CA LEU A 55 5.71 -18.43 -14.09
C LEU A 55 5.52 -17.28 -13.10
N SER A 56 4.86 -17.59 -12.00
CA SER A 56 4.62 -16.60 -10.97
C SER A 56 5.89 -15.82 -10.68
N ASN A 57 5.84 -14.52 -10.99
CA ASN A 57 6.98 -13.65 -10.77
C ASN A 57 6.68 -12.71 -9.59
N THR A 58 7.49 -12.86 -8.54
CA THR A 58 7.32 -12.03 -7.36
C THR A 58 8.14 -10.75 -7.48
N LYS A 59 8.45 -10.40 -8.72
CA LYS A 59 9.23 -9.20 -8.99
C LYS A 59 8.29 -7.99 -9.07
N LEU A 60 7.66 -7.71 -7.94
CA LEU A 60 6.73 -6.59 -7.88
C LEU A 60 7.30 -5.40 -8.65
N ALA A 61 6.77 -5.21 -9.85
CA ALA A 61 7.21 -4.12 -10.71
C ALA A 61 6.59 -2.81 -10.23
N ILE A 62 7.37 -2.06 -9.46
CA ILE A 62 6.90 -0.80 -8.94
C ILE A 62 6.75 0.21 -10.09
N ALA A 63 7.77 0.24 -10.94
CA ALA A 63 7.76 1.14 -12.08
C ALA A 63 6.59 0.78 -13.00
N PRO A 64 5.60 1.71 -13.05
CA PRO A 64 4.42 1.49 -13.89
C PRO A 64 4.75 1.71 -15.36
N GLY A 65 4.20 0.84 -16.20
CA GLY A 65 4.43 0.94 -17.63
C GLY A 65 3.92 -0.32 -18.34
N SER A 66 4.60 -1.42 -18.08
CA SER A 66 4.23 -2.70 -18.69
C SER A 66 5.16 -3.80 -18.19
N PHE A 67 4.68 -4.53 -17.19
CA PHE A 67 5.45 -5.62 -16.62
C PHE A 67 6.22 -6.37 -17.70
N TYR A 68 5.54 -7.35 -18.29
CA TYR A 68 6.15 -8.16 -19.34
C TYR A 68 5.10 -9.06 -20.00
N SER A 69 5.54 -9.76 -21.04
CA SER A 69 4.67 -10.67 -21.76
C SER A 69 5.21 -12.10 -21.69
N VAL A 70 4.33 -13.05 -21.96
CA VAL A 70 4.71 -14.45 -21.94
C VAL A 70 3.79 -15.24 -22.87
N THR A 71 4.40 -16.15 -23.61
CA THR A 71 3.65 -16.98 -24.54
C THR A 71 3.25 -18.30 -23.88
N LEU A 72 2.10 -18.80 -24.27
CA LEU A 72 1.60 -20.06 -23.72
C LEU A 72 1.32 -21.02 -24.88
N GLY A 73 0.99 -22.25 -24.50
CA GLY A 73 0.69 -23.28 -25.49
C GLY A 73 -0.25 -24.34 -24.91
N THR A 74 0.05 -24.75 -23.69
CA THR A 74 -0.75 -25.75 -23.01
C THR A 74 -2.22 -25.34 -23.00
N PRO A 75 -3.07 -26.24 -23.54
CA PRO A 75 -4.51 -25.99 -23.60
C PRO A 75 -5.14 -26.15 -22.23
N GLY A 76 -6.09 -25.27 -21.94
CA GLY A 76 -6.80 -25.31 -20.66
C GLY A 76 -7.05 -23.89 -20.14
N THR A 77 -7.65 -23.84 -18.96
CA THR A 77 -7.96 -22.56 -18.34
C THR A 77 -6.99 -22.29 -17.18
N TYR A 78 -6.26 -21.18 -17.32
CA TYR A 78 -5.30 -20.80 -16.30
C TYR A 78 -5.90 -19.77 -15.34
N SER A 79 -5.57 -19.94 -14.06
CA SER A 79 -6.07 -19.04 -13.04
C SER A 79 -4.90 -18.42 -12.27
N PHE A 80 -5.09 -17.17 -11.87
CA PHE A 80 -4.07 -16.45 -11.14
C PHE A 80 -4.69 -15.49 -10.13
N TYR A 81 -3.83 -14.67 -9.53
CA TYR A 81 -4.28 -13.70 -8.54
C TYR A 81 -3.15 -12.74 -8.15
N CYS A 82 -3.53 -11.65 -7.52
CA CYS A 82 -2.57 -10.66 -7.08
C CYS A 82 -2.16 -10.98 -5.64
N THR A 83 -0.86 -11.17 -5.45
CA THR A 83 -0.34 -11.49 -4.14
C THR A 83 -0.83 -10.47 -3.10
N PRO A 84 -0.65 -9.17 -3.46
CA PRO A 84 -1.08 -8.10 -2.57
C PRO A 84 -2.61 -7.93 -2.60
N HIS A 85 -3.10 -7.59 -3.78
CA HIS A 85 -4.54 -7.40 -3.96
C HIS A 85 -5.23 -8.77 -3.99
N ARG A 86 -5.05 -9.51 -2.91
CA ARG A 86 -5.65 -10.83 -2.80
C ARG A 86 -7.06 -10.72 -2.20
N GLY A 87 -7.18 -9.82 -1.23
CA GLY A 87 -8.46 -9.61 -0.57
C GLY A 87 -9.28 -8.55 -1.30
N ALA A 88 -8.58 -7.70 -2.02
CA ALA A 88 -9.23 -6.63 -2.77
C ALA A 88 -10.10 -7.24 -3.87
N GLY A 89 -9.84 -8.51 -4.14
CA GLY A 89 -10.58 -9.23 -5.17
C GLY A 89 -10.01 -8.94 -6.55
N MET A 90 -8.76 -9.35 -6.75
CA MET A 90 -8.09 -9.14 -8.02
C MET A 90 -7.64 -10.47 -8.61
N VAL A 91 -8.60 -11.20 -9.15
CA VAL A 91 -8.32 -12.49 -9.75
C VAL A 91 -8.83 -12.50 -11.20
N GLY A 92 -8.19 -13.33 -12.02
CA GLY A 92 -8.58 -13.44 -13.41
C GLY A 92 -8.36 -14.85 -13.93
N THR A 93 -8.58 -15.02 -15.22
CA THR A 93 -8.40 -16.32 -15.86
C THR A 93 -7.83 -16.15 -17.27
N ILE A 94 -7.29 -17.25 -17.79
CA ILE A 94 -6.72 -17.23 -19.12
C ILE A 94 -6.93 -18.59 -19.78
N THR A 95 -7.59 -18.57 -20.92
CA THR A 95 -7.86 -19.79 -21.66
C THR A 95 -6.94 -19.90 -22.87
N VAL A 96 -6.55 -21.13 -23.17
CA VAL A 96 -5.68 -21.39 -24.30
C VAL A 96 -6.29 -22.47 -25.18
N GLU A 97 -7.33 -22.09 -25.91
CA GLU A 97 -8.01 -23.01 -26.79
C GLU A 97 -7.34 -23.03 -28.17
N TYR B 1 -2.66 0.48 1.80
CA TYR B 1 -2.75 1.42 0.66
C TYR B 1 -3.79 2.46 0.93
N PRO B 2 -3.77 3.55 0.23
CA PRO B 2 -4.76 4.56 0.46
C PRO B 2 -6.11 4.02 0.15
N PHE B 3 -6.17 3.06 -0.78
CA PHE B 3 -7.39 2.45 -1.23
C PHE B 3 -8.03 1.77 -0.05
N TYR B 4 -7.21 1.10 0.77
CA TYR B 4 -7.68 0.37 1.92
C TYR B 4 -8.27 1.33 2.91
N ALA B 5 -7.69 2.54 3.06
CA ALA B 5 -8.27 3.50 3.97
C ALA B 5 -9.64 3.85 3.48
N GLN B 6 -9.81 4.06 2.16
CA GLN B 6 -11.09 4.47 1.65
C GLN B 6 -12.14 3.44 1.95
N TYR B 7 -11.84 2.14 1.76
CA TYR B 7 -12.86 1.16 2.04
C TYR B 7 -13.20 1.09 3.49
N ASN B 8 -12.20 1.14 4.37
CA ASN B 8 -12.42 0.99 5.78
C ASN B 8 -13.03 2.19 6.45
N TYR B 9 -12.59 3.43 6.10
CA TYR B 9 -13.08 4.53 6.90
C TYR B 9 -13.62 5.63 6.03
N ASP B 10 -14.84 6.09 6.36
CA ASP B 10 -15.41 7.16 5.60
C ASP B 10 -14.59 8.39 5.88
N SER B 11 -14.20 8.61 7.16
CA SER B 11 -13.41 9.75 7.51
C SER B 11 -12.03 9.27 7.89
N PRO B 12 -11.05 9.76 7.18
CA PRO B 12 -9.67 9.40 7.37
C PRO B 12 -9.04 9.96 8.61
N ARG B 13 -9.66 10.97 9.26
CA ARG B 13 -9.06 11.57 10.41
C ARG B 13 -9.97 11.33 11.57
N GLU B 14 -9.41 10.73 12.64
CA GLU B 14 -10.16 10.41 13.83
C GLU B 14 -10.30 11.68 14.63
N ALA B 15 -11.22 11.66 15.62
CA ALA B 15 -11.51 12.81 16.42
C ALA B 15 -10.26 13.23 17.12
N THR B 16 -9.45 12.24 17.53
CA THR B 16 -8.22 12.48 18.22
C THR B 16 -7.32 13.23 17.29
N GLY B 17 -7.49 13.01 15.97
CA GLY B 17 -6.64 13.66 15.02
C GLY B 17 -5.75 12.62 14.44
N LYS B 18 -5.87 11.38 14.94
CA LYS B 18 -5.07 10.33 14.40
C LYS B 18 -5.62 9.98 13.04
N ILE B 19 -4.72 9.77 12.07
CA ILE B 19 -5.06 9.42 10.72
C ILE B 19 -5.12 7.93 10.65
N VAL B 20 -6.12 7.40 9.92
CA VAL B 20 -6.51 6.01 9.86
C VAL B 20 -5.41 5.10 9.39
N CYS B 21 -4.45 5.60 8.60
CA CYS B 21 -3.42 4.74 8.07
C CYS B 21 -2.71 4.08 9.22
N ALA B 22 -2.71 4.74 10.39
CA ALA B 22 -2.03 4.30 11.57
C ALA B 22 -2.55 2.97 12.01
N ASN B 23 -3.83 2.65 11.72
CA ASN B 23 -4.36 1.41 12.19
C ASN B 23 -3.54 0.26 11.63
N CYS B 24 -3.22 0.31 10.32
CA CYS B 24 -2.41 -0.69 9.64
C CYS B 24 -0.92 -0.52 9.76
N HIS B 25 -0.43 0.74 9.62
CA HIS B 25 0.99 0.99 9.60
C HIS B 25 1.35 1.45 10.96
N LEU B 26 1.84 0.49 11.75
CA LEU B 26 2.09 0.60 13.16
C LEU B 26 3.23 1.52 13.56
N ALA B 27 4.33 1.59 12.78
CA ALA B 27 5.48 2.34 13.22
C ALA B 27 5.37 3.79 12.86
N LYS B 28 6.02 4.66 13.67
CA LYS B 28 5.96 6.07 13.43
C LYS B 28 7.23 6.51 12.76
N LYS B 29 7.09 7.36 11.72
CA LYS B 29 8.19 7.95 11.00
C LYS B 29 7.75 9.34 10.67
N THR B 30 8.71 10.21 10.30
CA THR B 30 8.40 11.60 10.10
C THR B 30 7.65 11.86 8.84
N VAL B 31 6.89 12.98 8.84
CA VAL B 31 6.21 13.43 7.65
C VAL B 31 6.43 14.92 7.62
N GLU B 32 6.69 15.48 6.41
CA GLU B 32 6.90 16.90 6.35
C GLU B 32 6.02 17.50 5.30
N ILE B 33 5.52 18.72 5.56
CA ILE B 33 4.71 19.40 4.59
C ILE B 33 5.02 20.87 4.64
N GLU B 34 5.17 21.52 3.47
CA GLU B 34 5.40 22.94 3.46
C GLU B 34 4.43 23.59 2.52
N VAL B 35 3.85 24.72 2.95
CA VAL B 35 2.91 25.46 2.15
C VAL B 35 3.16 26.92 2.44
N PRO B 36 2.62 27.78 1.62
CA PRO B 36 2.82 29.19 1.81
C PRO B 36 2.10 29.68 3.04
N GLN B 37 2.53 30.83 3.57
CA GLN B 37 1.95 31.40 4.75
C GLN B 37 0.51 31.72 4.45
N ALA B 38 0.24 32.34 3.29
CA ALA B 38 -1.09 32.72 2.98
C ALA B 38 -1.30 32.60 1.50
N VAL B 39 -2.57 32.50 1.08
CA VAL B 39 -2.88 32.41 -0.33
C VAL B 39 -4.12 33.21 -0.62
N LEU B 40 -4.21 33.76 -1.85
CA LEU B 40 -5.33 34.56 -2.27
C LEU B 40 -6.43 33.62 -2.71
N PRO B 41 -7.66 34.07 -2.72
CA PRO B 41 -8.81 33.22 -2.98
C PRO B 41 -8.73 32.19 -4.05
N ASP B 42 -9.19 32.38 -5.28
CA ASP B 42 -9.12 31.26 -6.18
C ASP B 42 -7.77 31.27 -6.81
N THR B 43 -6.76 30.77 -6.05
CA THR B 43 -5.41 30.79 -6.54
C THR B 43 -4.80 29.43 -6.35
N VAL B 44 -3.72 29.13 -7.10
CA VAL B 44 -3.10 27.85 -7.00
C VAL B 44 -1.78 28.01 -6.30
N PHE B 45 -1.45 27.08 -5.38
CA PHE B 45 -0.22 27.14 -4.66
C PHE B 45 0.29 25.74 -4.50
N LYS B 46 1.57 25.58 -4.09
CA LYS B 46 2.12 24.25 -3.99
C LYS B 46 2.23 23.82 -2.57
N ALA B 47 1.91 22.53 -2.32
CA ALA B 47 2.07 21.92 -1.04
C ALA B 47 3.13 20.88 -1.27
N VAL B 48 4.25 20.98 -0.52
CA VAL B 48 5.35 20.08 -0.72
C VAL B 48 5.35 19.05 0.37
N VAL B 49 5.39 17.76 -0.02
CA VAL B 49 5.33 16.68 0.93
C VAL B 49 6.59 15.86 0.82
N LYS B 50 7.17 15.45 1.98
CA LYS B 50 8.34 14.62 1.97
C LYS B 50 8.15 13.53 2.99
N VAL B 51 8.63 12.30 2.68
CA VAL B 51 8.50 11.18 3.57
C VAL B 51 9.85 10.50 3.68
N PRO B 52 10.64 10.91 4.62
CA PRO B 52 11.99 10.40 4.71
C PRO B 52 12.20 9.02 5.22
N TYR B 53 13.18 8.31 4.61
CA TYR B 53 13.64 7.03 5.08
C TYR B 53 14.98 6.82 4.46
N ASP B 54 15.77 5.86 5.00
CA ASP B 54 17.07 5.63 4.45
C ASP B 54 16.89 4.77 3.22
N LEU B 55 17.28 5.31 2.06
CA LEU B 55 17.14 4.65 0.79
C LEU B 55 17.97 3.41 0.76
N ASP B 56 19.06 3.38 1.54
CA ASP B 56 19.93 2.23 1.57
C ASP B 56 19.25 1.02 2.16
N ILE B 57 18.23 1.19 3.04
CA ILE B 57 17.68 0.04 3.69
C ILE B 57 16.51 -0.52 2.94
N GLN B 58 16.51 -1.86 2.75
CA GLN B 58 15.50 -2.59 2.04
C GLN B 58 14.49 -3.13 3.00
N GLN B 59 13.29 -3.45 2.48
CA GLN B 59 12.16 -3.90 3.24
C GLN B 59 11.78 -5.28 2.80
N VAL B 60 11.08 -6.03 3.69
CA VAL B 60 10.62 -7.34 3.37
C VAL B 60 9.43 -7.15 2.47
N GLN B 61 9.40 -7.88 1.34
CA GLN B 61 8.31 -7.76 0.41
C GLN B 61 7.38 -8.93 0.59
N ALA B 62 6.32 -8.99 -0.24
CA ALA B 62 5.30 -9.98 -0.10
C ALA B 62 5.88 -11.37 -0.20
N ASP B 63 6.84 -11.59 -1.11
CA ASP B 63 7.42 -12.90 -1.29
C ASP B 63 8.35 -13.25 -0.16
N GLY B 64 8.79 -12.26 0.63
CA GLY B 64 9.68 -12.50 1.74
C GLY B 64 11.04 -11.98 1.42
N SER B 65 11.30 -11.66 0.13
CA SER B 65 12.58 -11.14 -0.30
C SER B 65 12.66 -9.66 -0.04
N PRO B 66 13.88 -9.17 -0.03
CA PRO B 66 14.08 -7.74 0.15
C PRO B 66 13.84 -6.92 -1.09
N SER B 67 13.34 -5.68 -0.94
CA SER B 67 13.11 -4.83 -2.08
C SER B 67 12.96 -3.41 -1.60
N GLY B 68 12.65 -2.48 -2.53
CA GLY B 68 12.54 -1.07 -2.23
C GLY B 68 11.23 -0.78 -1.57
N LEU B 69 11.07 0.46 -1.07
CA LEU B 69 9.88 0.88 -0.39
C LEU B 69 9.09 1.77 -1.29
N ASN B 70 7.76 1.80 -1.07
CA ASN B 70 6.85 2.64 -1.82
C ASN B 70 6.30 3.61 -0.82
N VAL B 71 5.84 4.78 -1.29
CA VAL B 71 5.36 5.79 -0.38
C VAL B 71 3.99 6.23 -0.81
N GLY B 72 3.25 6.89 0.10
CA GLY B 72 1.93 7.36 -0.21
C GLY B 72 1.53 8.30 0.87
N ALA B 73 0.43 9.07 0.66
CA ALA B 73 0.05 9.99 1.69
C ALA B 73 -1.38 10.41 1.50
N VAL B 74 -1.95 11.00 2.57
CA VAL B 74 -3.26 11.58 2.53
C VAL B 74 -3.04 13.00 2.95
N LEU B 75 -3.51 13.97 2.13
CA LEU B 75 -3.33 15.35 2.47
C LEU B 75 -4.68 15.94 2.68
N MET B 76 -4.99 16.38 3.92
CA MET B 76 -6.31 16.89 4.16
C MET B 76 -6.26 18.38 4.16
N LEU B 77 -6.92 18.97 3.15
CA LEU B 77 -6.98 20.40 3.00
C LEU B 77 -8.26 20.88 3.60
N PRO B 78 -8.35 22.17 3.78
CA PRO B 78 -9.53 22.76 4.36
C PRO B 78 -10.67 22.69 3.41
N GLU B 79 -11.91 22.92 3.91
CA GLU B 79 -13.08 22.85 3.07
C GLU B 79 -12.91 23.81 1.94
N GLY B 80 -13.33 23.37 0.74
CA GLY B 80 -13.35 24.20 -0.43
C GLY B 80 -12.07 24.08 -1.21
N PHE B 81 -10.99 23.60 -0.57
CA PHE B 81 -9.73 23.45 -1.26
C PHE B 81 -9.77 22.18 -2.06
N LYS B 82 -9.13 22.19 -3.25
CA LYS B 82 -9.09 21.01 -4.06
C LYS B 82 -7.80 21.01 -4.83
N LEU B 83 -7.47 19.86 -5.47
CA LEU B 83 -6.29 19.80 -6.28
C LEU B 83 -6.60 20.69 -7.44
N ALA B 84 -5.59 21.42 -7.97
CA ALA B 84 -5.86 22.37 -9.02
C ALA B 84 -6.03 21.67 -10.32
N PRO B 85 -6.93 22.18 -11.13
CA PRO B 85 -7.13 21.65 -12.45
C PRO B 85 -5.97 22.10 -13.29
N PRO B 86 -5.64 21.33 -14.28
CA PRO B 86 -4.49 21.62 -15.11
C PRO B 86 -4.56 22.99 -15.69
N GLU B 87 -5.76 23.45 -16.08
CA GLU B 87 -5.95 24.70 -16.77
C GLU B 87 -5.55 25.81 -15.87
N ARG B 88 -5.81 25.63 -14.57
CA ARG B 88 -5.56 26.59 -13.53
C ARG B 88 -4.10 26.74 -13.20
N VAL B 89 -3.25 25.74 -13.45
CA VAL B 89 -1.87 25.86 -13.04
C VAL B 89 -1.13 26.81 -13.92
N ASP B 90 -0.45 27.81 -13.31
CA ASP B 90 0.24 28.77 -14.11
C ASP B 90 1.46 28.15 -14.73
N GLU B 91 1.99 28.82 -15.78
CA GLU B 91 3.00 28.28 -16.65
C GLU B 91 4.28 27.94 -15.96
N GLU B 92 4.83 28.82 -15.11
CA GLU B 92 6.11 28.52 -14.54
C GLU B 92 6.00 27.28 -13.71
N LEU B 93 4.88 27.15 -12.99
CA LEU B 93 4.60 26.12 -12.03
C LEU B 93 4.37 24.74 -12.57
N MET B 94 3.83 24.58 -13.79
CA MET B 94 3.37 23.29 -14.24
C MET B 94 4.44 22.25 -14.16
N GLU B 95 5.68 22.57 -14.54
CA GLU B 95 6.72 21.59 -14.49
C GLU B 95 7.08 21.22 -13.07
N GLU B 96 6.96 22.19 -12.14
CA GLU B 96 7.33 22.08 -10.75
C GLU B 96 6.45 21.14 -9.98
N VAL B 97 5.20 20.93 -10.42
CA VAL B 97 4.28 20.17 -9.64
C VAL B 97 4.17 18.77 -10.16
N GLY B 98 3.71 17.84 -9.31
CA GLY B 98 3.57 16.48 -9.73
C GLY B 98 2.59 16.52 -10.83
N ASP B 99 2.58 15.46 -11.69
CA ASP B 99 1.62 15.39 -12.75
C ASP B 99 0.34 15.53 -12.03
N PHE B 100 -0.24 16.72 -12.23
CA PHE B 100 -1.34 17.17 -11.44
C PHE B 100 -2.42 16.19 -11.53
N TYR B 101 -2.80 15.79 -12.74
CA TYR B 101 -3.93 14.95 -12.65
C TYR B 101 -3.67 13.61 -12.07
N TYR B 102 -2.72 12.91 -12.70
CA TYR B 102 -2.53 11.49 -12.52
C TYR B 102 -2.22 11.08 -11.13
N LEU B 103 -1.29 11.76 -10.46
CA LEU B 103 -0.88 11.32 -9.15
C LEU B 103 -1.97 11.43 -8.12
N VAL B 104 -2.86 12.44 -8.25
CA VAL B 104 -3.80 12.75 -7.19
C VAL B 104 -5.18 12.20 -7.38
N THR B 105 -5.72 11.58 -6.30
CA THR B 105 -7.05 11.04 -6.31
C THR B 105 -7.81 11.56 -5.12
N PRO B 106 -9.06 11.91 -5.31
CA PRO B 106 -9.86 12.39 -4.21
C PRO B 106 -10.26 11.25 -3.33
N TYR B 107 -10.46 11.52 -2.03
CA TYR B 107 -10.80 10.50 -1.08
C TYR B 107 -12.15 9.95 -1.44
N SER B 108 -13.08 10.86 -1.80
CA SER B 108 -14.42 10.50 -2.19
C SER B 108 -14.94 11.63 -3.01
N GLU B 109 -16.14 11.46 -3.60
CA GLU B 109 -16.69 12.48 -4.45
C GLU B 109 -16.92 13.73 -3.66
N THR B 110 -17.47 13.58 -2.43
CA THR B 110 -17.78 14.67 -1.54
C THR B 110 -16.53 15.27 -0.95
N ASP B 111 -15.49 14.43 -0.78
CA ASP B 111 -14.20 14.54 -0.15
C ASP B 111 -13.06 15.14 -0.95
N GLU B 112 -13.32 15.92 -2.02
CA GLU B 112 -12.29 16.40 -2.90
C GLU B 112 -11.18 17.13 -2.19
N ASN B 113 -11.45 17.70 -0.99
CA ASN B 113 -10.46 18.39 -0.20
C ASN B 113 -9.44 17.42 0.35
N ILE B 114 -9.76 16.11 0.42
CA ILE B 114 -8.82 15.14 0.92
C ILE B 114 -8.21 14.43 -0.26
N LEU B 115 -6.88 14.57 -0.42
CA LEU B 115 -6.14 14.09 -1.56
C LEU B 115 -5.28 12.92 -1.18
N LEU B 116 -5.28 11.87 -2.03
CA LEU B 116 -4.50 10.68 -1.79
C LEU B 116 -3.50 10.55 -2.90
N ALA B 117 -2.28 10.06 -2.57
CA ALA B 117 -1.28 9.83 -3.58
C ALA B 117 -0.60 8.53 -3.21
N GLY B 118 -0.12 7.78 -4.21
CA GLY B 118 0.60 6.57 -3.94
C GLY B 118 -0.29 5.38 -4.07
N PRO B 119 0.30 4.20 -4.00
CA PRO B 119 1.72 4.11 -3.79
C PRO B 119 2.56 4.50 -4.96
N LEU B 120 3.73 5.11 -4.67
CA LEU B 120 4.68 5.54 -5.67
C LEU B 120 6.01 5.00 -5.23
N PRO B 121 6.93 4.83 -6.14
CA PRO B 121 8.23 4.34 -5.77
C PRO B 121 8.94 5.37 -4.94
N GLY B 122 9.49 4.98 -3.79
CA GLY B 122 10.11 5.88 -2.86
C GLY B 122 11.33 6.51 -3.46
N GLU B 123 12.10 5.75 -4.25
CA GLU B 123 13.33 6.28 -4.78
C GLU B 123 13.03 7.42 -5.71
N ASP B 124 11.93 7.31 -6.49
CA ASP B 124 11.55 8.28 -7.47
C ASP B 124 11.04 9.56 -6.86
N TYR B 125 10.23 9.49 -5.77
CA TYR B 125 9.63 10.71 -5.31
C TYR B 125 10.18 11.15 -3.99
N GLN B 126 11.23 11.98 -4.03
CA GLN B 126 11.78 12.54 -2.82
C GLN B 126 10.82 13.55 -2.30
N GLU B 127 10.17 14.27 -3.22
CA GLU B 127 9.25 15.31 -2.85
C GLU B 127 8.02 15.09 -3.69
N MET B 128 6.82 15.25 -3.09
CA MET B 128 5.61 15.12 -3.85
C MET B 128 5.00 16.47 -3.80
N ILE B 129 4.79 17.12 -4.95
CA ILE B 129 4.28 18.47 -4.89
C ILE B 129 2.88 18.52 -5.40
N PHE B 130 1.94 18.92 -4.52
CA PHE B 130 0.55 18.95 -4.91
C PHE B 130 0.18 20.35 -5.31
N PRO B 131 -0.36 20.53 -6.49
CA PRO B 131 -0.85 21.79 -6.97
C PRO B 131 -2.16 21.98 -6.27
N ILE B 132 -2.39 23.08 -5.54
CA ILE B 132 -3.65 23.15 -4.85
C ILE B 132 -4.37 24.42 -5.20
N LEU B 133 -5.69 24.32 -5.40
CA LEU B 133 -6.46 25.49 -5.74
C LEU B 133 -7.31 25.88 -4.55
N SER B 134 -7.17 27.13 -4.08
CA SER B 134 -7.94 27.62 -2.96
C SER B 134 -9.34 27.97 -3.41
N PRO B 135 -10.28 27.95 -2.48
CA PRO B 135 -11.66 28.30 -2.74
C PRO B 135 -11.86 29.78 -2.79
N ASN B 136 -13.08 30.24 -3.16
CA ASN B 136 -13.37 31.66 -3.15
C ASN B 136 -14.58 31.87 -2.30
N PRO B 137 -14.40 32.48 -1.16
CA PRO B 137 -15.50 32.67 -0.25
C PRO B 137 -16.57 33.57 -0.77
N ALA B 138 -16.26 34.50 -1.69
CA ALA B 138 -17.29 35.36 -2.14
C ALA B 138 -18.34 34.52 -2.81
N THR B 139 -17.87 33.59 -3.67
CA THR B 139 -18.74 32.69 -4.37
C THR B 139 -19.24 31.59 -3.48
N ASP B 140 -18.40 31.10 -2.55
CA ASP B 140 -18.77 29.93 -1.77
C ASP B 140 -19.04 30.31 -0.34
N ALA B 141 -20.31 30.12 0.08
CA ALA B 141 -20.83 30.42 1.39
C ALA B 141 -20.20 29.56 2.44
N GLY B 142 -19.91 28.28 2.08
CA GLY B 142 -19.41 27.30 2.99
C GLY B 142 -18.08 27.72 3.55
N VAL B 143 -17.26 28.47 2.79
CA VAL B 143 -15.96 28.81 3.29
C VAL B 143 -15.82 30.29 3.51
N TYR B 144 -14.99 30.65 4.51
CA TYR B 144 -14.75 32.03 4.81
C TYR B 144 -13.26 32.24 4.85
N PHE B 145 -12.82 33.51 4.85
CA PHE B 145 -11.41 33.80 4.92
C PHE B 145 -11.01 33.57 6.34
N GLY B 146 -9.75 33.15 6.56
CA GLY B 146 -9.30 32.91 7.91
C GLY B 146 -8.11 32.00 7.84
N LYS B 147 -7.63 31.56 9.03
CA LYS B 147 -6.50 30.69 9.09
C LYS B 147 -7.01 29.28 9.18
N TYR B 148 -6.39 28.35 8.43
CA TYR B 148 -6.89 27.00 8.45
C TYR B 148 -5.76 26.03 8.64
N SER B 149 -6.09 24.80 9.06
CA SER B 149 -5.10 23.80 9.30
C SER B 149 -5.15 22.78 8.21
N ILE B 150 -3.98 22.21 7.87
CA ILE B 150 -3.87 21.20 6.86
C ILE B 150 -3.26 20.02 7.58
N HIS B 151 -3.79 18.80 7.34
CA HIS B 151 -3.28 17.66 8.04
C HIS B 151 -2.66 16.72 7.06
N LEU B 152 -1.44 16.25 7.35
CA LEU B 152 -0.77 15.35 6.47
C LEU B 152 -0.55 14.03 7.16
N GLY B 153 -0.77 12.93 6.42
CA GLY B 153 -0.49 11.60 6.89
C GLY B 153 0.36 11.00 5.81
N GLY B 154 1.60 10.55 6.15
CA GLY B 154 2.45 10.06 5.10
C GLY B 154 3.08 8.75 5.51
N ASN B 155 3.13 7.80 4.57
CA ASN B 155 3.64 6.50 4.91
C ASN B 155 4.64 6.02 3.89
N ARG B 156 5.56 5.13 4.36
CA ARG B 156 6.50 4.48 3.49
C ARG B 156 6.56 3.06 3.99
N GLY B 157 6.63 2.07 3.09
CA GLY B 157 6.80 0.72 3.52
C GLY B 157 5.48 0.02 3.72
N ARG B 158 5.52 -1.32 3.69
CA ARG B 158 4.37 -2.17 3.78
C ARG B 158 3.82 -2.18 5.17
N GLY B 159 2.47 -2.30 5.27
CA GLY B 159 1.78 -2.27 6.53
C GLY B 159 1.87 -3.60 7.22
N GLN B 160 1.54 -3.59 8.52
CA GLN B 160 1.51 -4.70 9.43
C GLN B 160 0.26 -5.53 9.33
N VAL B 161 -0.91 -4.92 9.03
CA VAL B 161 -2.14 -5.65 9.06
C VAL B 161 -2.88 -5.45 7.78
N TYR B 162 -3.78 -6.40 7.45
CA TYR B 162 -4.53 -6.35 6.22
C TYR B 162 -5.94 -6.01 6.60
N PRO B 163 -6.72 -5.56 5.65
CA PRO B 163 -8.10 -5.27 5.92
C PRO B 163 -8.80 -6.52 6.32
N THR B 164 -8.16 -7.67 6.05
CA THR B 164 -8.65 -8.95 6.46
C THR B 164 -8.61 -8.95 7.95
N GLY B 165 -7.60 -8.28 8.53
CA GLY B 165 -7.44 -8.26 9.95
C GLY B 165 -6.30 -9.16 10.30
N GLU B 166 -5.79 -9.92 9.30
CA GLU B 166 -4.69 -10.79 9.55
C GLU B 166 -3.41 -10.03 9.38
N LEU B 167 -2.35 -10.49 10.09
CA LEU B 167 -1.07 -9.83 10.07
C LEU B 167 -0.34 -10.17 8.81
N SER B 168 0.48 -9.20 8.34
CA SER B 168 1.29 -9.36 7.17
C SER B 168 2.59 -9.97 7.59
N ASN B 169 3.47 -10.26 6.61
CA ASN B 169 4.78 -10.81 6.84
C ASN B 169 5.70 -9.75 7.39
N ASN B 170 5.32 -8.46 7.31
CA ASN B 170 6.18 -7.42 7.81
C ASN B 170 5.75 -7.07 9.21
N ASN B 171 5.78 -8.05 10.14
CA ASN B 171 5.35 -7.80 11.50
C ASN B 171 5.98 -8.81 12.41
N ALA B 172 5.93 -8.57 13.74
CA ALA B 172 6.49 -9.51 14.67
C ALA B 172 5.50 -10.62 14.92
N PHE B 173 6.02 -11.86 15.12
CA PHE B 173 5.16 -12.99 15.40
C PHE B 173 5.51 -13.47 16.78
N SER B 174 4.49 -13.85 17.60
CA SER B 174 4.76 -14.19 18.98
C SER B 174 4.34 -15.60 19.30
N ALA B 175 4.97 -16.18 20.35
CA ALA B 175 4.69 -17.52 20.77
C ALA B 175 3.28 -17.60 21.25
N SER B 176 2.52 -18.56 20.69
CA SER B 176 1.15 -18.76 21.03
C SER B 176 1.07 -19.31 22.42
N ILE B 177 2.12 -20.03 22.87
CA ILE B 177 2.09 -20.60 24.19
C ILE B 177 3.49 -20.73 24.70
N ALA B 178 3.65 -20.85 26.05
CA ALA B 178 4.93 -21.00 26.66
C ALA B 178 5.37 -22.43 26.57
N GLY B 179 6.69 -22.67 26.48
CA GLY B 179 7.18 -24.02 26.40
C GLY B 179 8.57 -24.00 25.84
N THR B 180 9.04 -25.17 25.34
CA THR B 180 10.36 -25.24 24.79
C THR B 180 10.26 -25.52 23.32
N ILE B 181 11.21 -24.99 22.53
CA ILE B 181 11.13 -25.13 21.10
C ILE B 181 11.83 -26.39 20.70
N ALA B 182 11.04 -27.41 20.34
CA ALA B 182 11.53 -28.68 19.90
C ALA B 182 12.18 -28.58 18.55
N ALA B 183 11.57 -27.82 17.61
CA ALA B 183 12.17 -27.77 16.31
C ALA B 183 11.57 -26.65 15.51
N ILE B 184 12.24 -26.27 14.40
CA ILE B 184 11.75 -25.27 13.49
C ILE B 184 12.07 -25.70 12.06
N GLU B 185 11.15 -25.52 11.09
CA GLU B 185 11.31 -25.96 9.70
C GLU B 185 11.37 -24.74 8.78
N ASP B 186 11.97 -24.80 7.53
CA ASP B 186 12.13 -23.53 6.82
C ASP B 186 12.15 -23.45 5.27
N ASN B 187 11.15 -22.77 4.62
CA ASN B 187 11.17 -22.42 3.20
C ASN B 187 11.17 -20.93 3.17
N GLY B 188 11.95 -20.37 4.10
CA GLY B 188 11.92 -18.95 4.29
C GLY B 188 10.88 -18.81 5.34
N PHE B 189 9.76 -19.55 5.13
CA PHE B 189 8.66 -19.62 6.05
C PHE B 189 9.14 -20.53 7.10
N GLY B 190 8.78 -20.23 8.34
CA GLY B 190 9.01 -21.24 9.29
C GLY B 190 7.64 -21.73 9.31
N PHE B 191 7.47 -22.87 8.64
CA PHE B 191 6.20 -23.48 8.52
C PHE B 191 5.84 -23.64 9.93
N ASP B 192 6.85 -23.97 10.76
CA ASP B 192 6.43 -24.07 12.10
C ASP B 192 7.55 -23.95 13.07
N VAL B 193 7.21 -23.31 14.19
CA VAL B 193 8.05 -23.38 15.35
C VAL B 193 7.23 -24.28 16.22
N THR B 194 7.79 -25.43 16.61
CA THR B 194 7.02 -26.33 17.42
C THR B 194 7.40 -26.09 18.84
N ILE B 195 6.38 -25.89 19.70
CA ILE B 195 6.66 -25.62 21.07
C ILE B 195 6.05 -26.68 21.91
N GLN B 196 6.79 -27.16 22.92
CA GLN B 196 6.30 -28.19 23.80
C GLN B 196 5.87 -27.51 25.07
N PRO B 197 4.59 -27.48 25.30
CA PRO B 197 4.12 -26.91 26.53
C PRO B 197 4.43 -27.70 27.76
N GLU B 198 4.12 -27.07 28.90
CA GLU B 198 4.45 -27.50 30.23
C GLU B 198 3.90 -28.87 30.50
N ASP B 199 2.78 -29.27 29.86
CA ASP B 199 2.27 -30.55 30.24
C ASP B 199 2.09 -31.50 29.08
N GLY B 200 3.12 -31.68 28.22
CA GLY B 200 3.07 -32.73 27.24
C GLY B 200 2.59 -32.27 25.89
N ASP B 201 1.74 -31.24 25.81
CA ASP B 201 1.18 -30.86 24.53
C ASP B 201 2.25 -30.25 23.67
N ALA B 202 2.02 -30.25 22.34
CA ALA B 202 2.93 -29.61 21.43
C ALA B 202 2.10 -28.78 20.49
N VAL B 203 2.49 -27.50 20.30
CA VAL B 203 1.74 -26.60 19.48
C VAL B 203 2.63 -26.10 18.39
N VAL B 204 2.03 -25.62 17.28
CA VAL B 204 2.88 -25.19 16.21
C VAL B 204 2.49 -23.80 15.81
N THR B 205 3.48 -22.89 15.70
CA THR B 205 3.18 -21.53 15.33
C THR B 205 3.80 -21.31 13.98
N SER B 206 3.00 -20.84 13.01
CA SER B 206 3.51 -20.68 11.68
C SER B 206 3.86 -19.25 11.47
N ILE B 207 5.06 -19.02 10.88
CA ILE B 207 5.46 -17.67 10.60
C ILE B 207 5.81 -17.65 9.14
N LEU B 208 5.45 -16.56 8.44
CA LEU B 208 5.69 -16.44 7.02
C LEU B 208 7.12 -16.03 6.79
N PRO B 209 7.62 -16.17 5.57
CA PRO B 209 8.96 -15.79 5.23
C PRO B 209 9.07 -14.31 5.45
N GLY B 210 10.26 -13.81 5.84
CA GLY B 210 10.46 -12.39 6.00
C GLY B 210 10.92 -12.04 7.39
N PRO B 211 10.18 -12.35 8.42
CA PRO B 211 10.64 -12.00 9.74
C PRO B 211 11.80 -12.88 10.08
N GLU B 212 12.73 -12.44 10.95
CA GLU B 212 13.85 -13.27 11.25
C GLU B 212 13.69 -13.85 12.63
N LEU B 213 13.87 -15.18 12.74
CA LEU B 213 13.69 -15.86 13.98
C LEU B 213 14.77 -15.47 14.94
N ILE B 214 14.32 -15.03 16.13
CA ILE B 214 15.07 -14.66 17.30
C ILE B 214 15.50 -15.88 18.06
N VAL B 215 14.70 -16.97 18.01
CA VAL B 215 14.89 -18.11 18.86
C VAL B 215 15.51 -19.26 18.17
N ALA B 216 16.04 -20.21 18.97
CA ALA B 216 16.70 -21.39 18.48
C ALA B 216 16.07 -22.58 19.13
N VAL B 217 16.25 -23.75 18.52
CA VAL B 217 15.66 -24.95 19.04
C VAL B 217 16.30 -25.22 20.37
N GLY B 218 15.48 -25.75 21.31
CA GLY B 218 15.93 -26.10 22.62
C GLY B 218 15.79 -24.90 23.51
N ASP B 219 15.21 -23.81 22.99
CA ASP B 219 15.09 -22.61 23.78
C ASP B 219 13.71 -22.54 24.36
N THR B 220 13.61 -22.05 25.61
CA THR B 220 12.33 -21.90 26.25
C THR B 220 11.80 -20.54 25.92
N VAL B 221 10.47 -20.42 25.79
CA VAL B 221 9.88 -19.14 25.49
C VAL B 221 8.62 -18.98 26.28
N GLU B 222 8.33 -17.74 26.70
CA GLU B 222 7.12 -17.47 27.44
C GLU B 222 6.03 -17.20 26.44
N ALA B 223 4.76 -17.31 26.87
CA ALA B 223 3.69 -17.08 25.95
C ALA B 223 3.71 -15.64 25.56
N GLY B 224 3.50 -15.37 24.26
CA GLY B 224 3.42 -14.04 23.76
C GLY B 224 4.79 -13.49 23.50
N GLN B 225 5.85 -14.26 23.83
CA GLN B 225 7.15 -13.69 23.61
C GLN B 225 7.44 -13.69 22.15
N LEU B 226 8.35 -12.78 21.71
CA LEU B 226 8.61 -12.64 20.31
C LEU B 226 9.47 -13.75 19.79
N LEU B 227 8.95 -14.42 18.74
CA LEU B 227 9.59 -15.46 17.98
C LEU B 227 10.53 -14.87 16.99
N THR B 228 10.25 -13.64 16.54
CA THR B 228 11.01 -13.04 15.48
C THR B 228 11.31 -11.60 15.82
N THR B 229 12.18 -10.97 15.02
CA THR B 229 12.48 -9.58 15.23
C THR B 229 11.35 -8.84 14.60
N ASN B 230 11.45 -7.50 14.57
CA ASN B 230 10.46 -6.74 13.87
C ASN B 230 11.13 -6.31 12.61
N PRO B 231 10.74 -6.88 11.50
CA PRO B 231 11.36 -6.60 10.24
C PRO B 231 10.99 -5.25 9.66
N ASN B 232 9.99 -4.57 10.22
CA ASN B 232 9.48 -3.33 9.68
C ASN B 232 10.53 -2.27 9.61
N VAL B 233 10.81 -1.79 8.36
CA VAL B 233 11.69 -0.71 7.98
C VAL B 233 11.01 0.63 7.84
N GLY B 234 9.69 0.65 7.59
CA GLY B 234 9.02 1.89 7.25
C GLY B 234 8.24 2.45 8.39
N GLY B 235 7.23 3.29 8.06
CA GLY B 235 6.42 3.84 9.11
C GLY B 235 5.53 4.91 8.56
N PHE B 236 4.58 5.36 9.41
CA PHE B 236 3.60 6.35 9.06
C PHE B 236 3.71 7.48 10.03
N GLY B 237 3.61 8.74 9.56
CA GLY B 237 3.74 9.86 10.44
C GLY B 237 2.75 10.92 10.03
N GLN B 238 2.49 11.89 10.94
CA GLN B 238 1.56 12.92 10.63
C GLN B 238 2.16 14.25 10.98
N MET B 239 1.75 15.31 10.26
CA MET B 239 2.19 16.62 10.60
C MET B 239 1.15 17.59 10.15
N ASP B 240 0.96 18.66 10.94
CA ASP B 240 -0.05 19.65 10.67
C ASP B 240 0.64 20.94 10.35
N SER B 241 -0.01 21.77 9.52
CA SER B 241 0.51 23.07 9.18
C SER B 241 -0.68 23.97 9.05
N GLU B 242 -0.46 25.30 8.97
CA GLU B 242 -1.57 26.19 8.85
C GLU B 242 -1.35 27.05 7.66
N ILE B 243 -2.44 27.56 7.05
CA ILE B 243 -2.35 28.45 5.93
C ILE B 243 -3.43 29.48 6.10
N VAL B 244 -3.18 30.72 5.62
CA VAL B 244 -4.15 31.77 5.79
C VAL B 244 -4.82 32.02 4.48
N LEU B 245 -6.17 31.93 4.46
CA LEU B 245 -6.91 32.21 3.25
C LEU B 245 -7.11 33.69 3.33
N GLN B 246 -6.42 34.44 2.45
CA GLN B 246 -6.34 35.88 2.55
C GLN B 246 -7.28 36.58 1.62
N SER B 247 -7.59 37.85 1.97
CA SER B 247 -8.45 38.67 1.16
C SER B 247 -7.56 39.47 0.27
N SER B 248 -7.96 39.62 -1.00
CA SER B 248 -7.16 40.32 -1.96
C SER B 248 -7.07 41.74 -1.57
N SER B 249 -6.02 42.39 -2.07
CA SER B 249 -5.82 43.77 -1.77
C SER B 249 -5.75 43.91 -0.26
CU CU C . -2.83 -5.85 -8.10
FE HEC D . -1.23 0.87 3.40
CHA HEC D . 1.05 -0.95 1.67
CHB HEC D . 0.09 3.77 2.17
CHC HEC D . -3.78 2.62 4.79
CHD HEC D . -2.21 -1.90 5.03
NA HEC D . 0.18 1.32 2.10
C1A HEC D . 1.01 0.45 1.45
C2A HEC D . 1.93 1.15 0.56
C3A HEC D . 1.69 2.47 0.74
C4A HEC D . 0.59 2.58 1.68
CMA HEC D . 2.44 3.61 0.08
CAA HEC D . 2.98 0.47 -0.32
CBA HEC D . 4.28 0.43 0.54
CGA HEC D . 5.39 -0.40 -0.08
O1A HEC D . 6.58 -0.12 0.23
O2A HEC D . 5.09 -1.33 -0.86
NB HEC D . -1.73 2.78 3.49
C1B HEC D . -0.99 3.88 3.01
C2B HEC D . -1.66 5.15 3.38
C3B HEC D . -2.78 4.84 4.12
C4B HEC D . -2.81 3.36 4.13
CMB HEC D . -1.14 6.54 3.12
CAB HEC D . -3.70 5.73 4.78
CBB HEC D . -4.33 6.82 3.90
NC HEC D . -2.75 0.45 4.55
C1C HEC D . -3.74 1.26 5.02
C2C HEC D . -4.68 0.54 5.85
C3C HEC D . -4.26 -0.72 5.93
C4C HEC D . -3.03 -0.78 5.14
CMC HEC D . -5.95 1.16 6.42
CAC HEC D . -4.83 -1.80 6.71
CBC HEC D . -6.32 -2.18 6.43
ND HEC D . -0.71 -1.03 3.33
C1D HEC D . -1.15 -2.03 4.18
C2D HEC D . -0.43 -3.28 3.98
C3D HEC D . 0.43 -3.03 2.97
C4D HEC D . 0.25 -1.64 2.58
CMD HEC D . -0.56 -4.63 4.76
CAD HEC D . 1.36 -4.02 2.31
CBD HEC D . 0.73 -4.78 1.14
CGD HEC D . 1.70 -5.77 0.54
O1D HEC D . 1.52 -6.99 0.77
O2D HEC D . 2.66 -5.30 -0.14
HHA HEC D . 1.76 -1.53 1.10
HHB HEC D . 0.58 4.68 1.86
HHC HEC D . -4.65 3.14 5.16
HHD HEC D . -2.44 -2.73 5.68
HMA1 HEC D . 2.04 3.77 -0.92
HMA2 HEC D . 3.48 3.37 0.01
HMA3 HEC D . 2.31 4.51 0.65
HAA1 HEC D . 3.14 1.05 -1.23
HAA2 HEC D . 2.65 -0.52 -0.59
HBA1 HEC D . 4.03 0.00 1.50
HBA2 HEC D . 4.63 1.44 0.67
HMB1 HEC D . -1.48 6.87 2.14
HMB2 HEC D . -0.06 6.54 3.14
HMB3 HEC D . -1.51 7.22 3.87
HAB HEC D . -4.54 5.16 5.16
HBB1 HEC D . -5.31 6.51 3.57
HBB2 HEC D . -4.42 7.74 4.48
HBB3 HEC D . -3.70 7.01 3.04
HMC1 HEC D . -5.85 1.24 7.50
HMC2 HEC D . -6.79 0.53 6.19
HMC3 HEC D . -6.09 2.14 6.00
HAC HEC D . -5.45 -1.53 7.52
HBC1 HEC D . -6.74 -2.68 7.30
HBC2 HEC D . -6.89 -1.29 6.22
HBC3 HEC D . -6.37 -2.85 5.57
HMD1 HEC D . 0.13 -4.64 5.58
HMD2 HEC D . -0.34 -5.44 4.09
HMD3 HEC D . -1.57 -4.73 5.13
HAD1 HEC D . 1.66 -4.75 3.05
HAD2 HEC D . 2.22 -3.49 1.94
HBD1 HEC D . 0.43 -4.07 0.38
HBD2 HEC D . -0.15 -5.31 1.49
N ALA A 1 -5.47 -14.57 -29.66
CA ALA A 1 -4.60 -13.46 -30.00
C ALA A 1 -3.87 -12.98 -28.74
N SER A 2 -2.79 -12.24 -28.98
CA SER A 2 -2.00 -11.71 -27.88
C SER A 2 -2.88 -10.86 -26.96
N VAL A 3 -2.84 -11.20 -25.68
CA VAL A 3 -3.62 -10.48 -24.69
C VAL A 3 -2.68 -9.92 -23.62
N GLN A 4 -3.27 -9.18 -22.68
CA GLN A 4 -2.50 -8.59 -21.60
C GLN A 4 -3.31 -8.62 -20.30
N ILE A 5 -2.59 -8.69 -19.19
CA ILE A 5 -3.23 -8.73 -17.88
C ILE A 5 -2.85 -7.47 -17.11
N LYS A 6 -3.85 -6.63 -16.89
CA LYS A 6 -3.63 -5.39 -16.15
C LYS A 6 -3.92 -5.62 -14.67
N MET A 7 -3.01 -5.13 -13.84
CA MET A 7 -3.16 -5.28 -12.40
C MET A 7 -3.56 -3.96 -11.76
N GLY A 8 -4.86 -3.82 -11.53
CA GLY A 8 -5.39 -2.61 -10.92
C GLY A 8 -6.35 -1.90 -11.86
N THR A 9 -7.39 -1.30 -11.28
CA THR A 9 -8.38 -0.59 -12.05
C THR A 9 -8.24 0.92 -11.84
N ASP A 10 -8.81 1.68 -12.78
CA ASP A 10 -8.74 3.12 -12.69
C ASP A 10 -9.42 3.59 -11.40
N LYS A 11 -10.17 2.69 -10.81
CA LYS A 11 -10.87 2.99 -9.57
C LYS A 11 -9.97 2.62 -8.39
N TYR A 12 -8.69 2.91 -8.54
CA TYR A 12 -7.73 2.61 -7.49
C TYR A 12 -8.04 1.29 -6.81
N ALA A 13 -8.65 0.40 -7.58
CA ALA A 13 -9.00 -0.91 -7.06
C ALA A 13 -8.03 -1.96 -7.60
N PRO A 14 -7.29 -2.60 -6.66
CA PRO A 14 -6.31 -3.62 -7.03
C PRO A 14 -7.01 -4.93 -7.42
N LEU A 15 -7.18 -5.10 -8.72
CA LEU A 15 -7.82 -6.30 -9.24
C LEU A 15 -7.26 -6.62 -10.63
N TYR A 16 -7.28 -7.90 -10.96
CA TYR A 16 -6.78 -8.35 -12.25
C TYR A 16 -7.80 -8.07 -13.35
N GLU A 17 -7.33 -7.37 -14.39
CA GLU A 17 -8.18 -7.03 -15.51
C GLU A 17 -7.49 -7.40 -16.82
N PRO A 18 -8.29 -8.04 -17.72
CA PRO A 18 -9.68 -8.33 -17.43
C PRO A 18 -9.79 -9.50 -16.45
N LYS A 19 -10.75 -9.36 -15.53
CA LYS A 19 -10.97 -10.40 -14.52
C LYS A 19 -10.84 -11.78 -15.19
N ALA A 20 -11.37 -11.87 -16.40
CA ALA A 20 -11.33 -13.11 -17.14
C ALA A 20 -10.57 -12.89 -18.45
N LEU A 21 -9.86 -13.93 -18.87
CA LEU A 21 -9.09 -13.86 -20.10
C LEU A 21 -9.15 -15.22 -20.81
N SER A 22 -9.25 -15.16 -22.13
CA SER A 22 -9.31 -16.36 -22.94
C SER A 22 -8.29 -16.29 -24.07
N ILE A 23 -7.71 -17.44 -24.38
CA ILE A 23 -6.72 -17.53 -25.44
C ILE A 23 -6.70 -18.95 -26.00
N SER A 24 -5.79 -19.16 -26.93
CA SER A 24 -5.64 -20.48 -27.55
C SER A 24 -4.22 -21.00 -27.33
N ALA A 25 -4.10 -22.32 -27.44
CA ALA A 25 -2.81 -22.96 -27.25
C ALA A 25 -1.81 -22.39 -28.25
N GLY A 26 -0.92 -21.55 -27.74
CA GLY A 26 0.10 -20.93 -28.58
C GLY A 26 0.05 -19.40 -28.46
N ASP A 27 -0.98 -18.93 -27.76
CA ASP A 27 -1.15 -17.50 -27.57
C ASP A 27 -0.26 -17.04 -26.40
N THR A 28 -0.23 -15.73 -26.21
CA THR A 28 0.55 -15.15 -25.14
C THR A 28 -0.32 -14.30 -24.21
N VAL A 29 0.14 -14.18 -22.98
CA VAL A 29 -0.59 -13.41 -21.98
C VAL A 29 0.36 -12.44 -21.29
N GLU A 30 0.28 -11.18 -21.68
CA GLU A 30 1.14 -10.16 -21.11
C GLU A 30 0.59 -9.72 -19.75
N PHE A 31 1.41 -8.95 -19.04
CA PHE A 31 1.02 -8.46 -17.73
C PHE A 31 1.62 -7.08 -17.46
N VAL A 32 0.74 -6.13 -17.21
CA VAL A 32 1.16 -4.77 -16.94
C VAL A 32 0.58 -4.32 -15.59
N MET A 33 1.25 -3.35 -14.99
CA MET A 33 0.81 -2.82 -13.70
C MET A 33 0.02 -1.53 -13.89
N ASN A 34 -1.22 -1.56 -13.45
CA ASN A 34 -2.09 -0.41 -13.56
C ASN A 34 -1.77 0.58 -12.44
N LYS A 35 -2.03 0.15 -11.22
CA LYS A 35 -1.78 0.97 -10.06
C LYS A 35 -1.92 0.13 -8.78
N VAL A 36 -1.96 0.82 -7.65
CA VAL A 36 -2.09 0.15 -6.37
C VAL A 36 -1.12 -1.03 -6.31
N GLY A 37 0.15 -0.73 -6.55
CA GLY A 37 1.18 -1.75 -6.53
C GLY A 37 1.82 -1.84 -5.15
N PRO A 38 2.91 -2.66 -5.08
CA PRO A 38 3.39 -3.37 -6.26
C PRO A 38 2.48 -4.56 -6.60
N HIS A 39 2.96 -5.40 -7.50
CA HIS A 39 2.20 -6.56 -7.92
C HIS A 39 3.15 -7.73 -8.19
N ASN A 40 2.61 -8.78 -8.77
CA ASN A 40 3.39 -9.95 -9.08
C ASN A 40 2.47 -11.07 -9.60
N VAL A 41 3.09 -12.09 -10.18
CA VAL A 41 2.34 -13.21 -10.72
C VAL A 41 2.45 -14.40 -9.76
N ILE A 42 1.33 -14.76 -9.18
CA ILE A 42 1.29 -15.88 -8.25
C ILE A 42 0.11 -16.79 -8.60
N PHE A 43 0.30 -17.56 -9.66
CA PHE A 43 -0.74 -18.48 -10.11
C PHE A 43 -1.29 -19.29 -8.95
N ASP A 44 -2.47 -19.85 -9.16
CA ASP A 44 -3.13 -20.65 -8.14
C ASP A 44 -2.85 -22.13 -8.40
N LYS A 45 -3.08 -22.54 -9.64
CA LYS A 45 -2.86 -23.91 -10.03
C LYS A 45 -3.50 -24.16 -11.40
N VAL A 46 -2.83 -24.98 -12.20
CA VAL A 46 -3.33 -25.31 -13.52
C VAL A 46 -3.35 -26.83 -13.69
N PRO A 47 -4.20 -27.29 -14.65
CA PRO A 47 -4.33 -28.71 -14.92
C PRO A 47 -3.11 -29.23 -15.70
N ALA A 48 -2.97 -30.54 -15.70
CA ALA A 48 -1.86 -31.18 -16.40
C ALA A 48 -1.62 -30.46 -17.72
N GLY A 49 -0.34 -30.21 -18.00
CA GLY A 49 0.04 -29.54 -19.23
C GLY A 49 1.05 -28.42 -18.94
N GLU A 50 0.66 -27.52 -18.07
CA GLU A 50 1.52 -26.40 -17.70
C GLU A 50 2.00 -26.56 -16.26
N SER A 51 2.68 -25.52 -15.78
CA SER A 51 3.19 -25.52 -14.43
C SER A 51 2.87 -24.19 -13.74
N ALA A 52 1.62 -24.07 -13.32
CA ALA A 52 1.17 -22.86 -12.65
C ALA A 52 2.10 -22.55 -11.48
N PRO A 53 2.31 -23.58 -10.63
CA PRO A 53 3.18 -23.43 -9.47
C PRO A 53 4.66 -23.43 -9.88
N ALA A 54 4.97 -22.60 -10.86
CA ALA A 54 6.32 -22.49 -11.36
C ALA A 54 6.52 -21.13 -12.03
N LEU A 55 5.54 -20.77 -12.85
CA LEU A 55 5.58 -19.50 -13.57
C LEU A 55 5.49 -18.36 -12.56
N SER A 56 4.84 -18.65 -11.44
CA SER A 56 4.67 -17.65 -10.39
C SER A 56 6.00 -16.95 -10.12
N ASN A 57 6.01 -15.66 -10.41
CA ASN A 57 7.21 -14.85 -10.21
C ASN A 57 7.00 -13.93 -9.01
N THR A 58 7.81 -14.12 -7.99
CA THR A 58 7.72 -13.31 -6.79
C THR A 58 8.62 -12.08 -6.91
N LYS A 59 8.91 -11.73 -8.16
CA LYS A 59 9.75 -10.56 -8.42
C LYS A 59 8.88 -9.31 -8.46
N LEU A 60 8.29 -9.00 -7.31
CA LEU A 60 7.44 -7.83 -7.21
C LEU A 60 8.07 -6.67 -7.99
N ALA A 61 7.52 -6.43 -9.17
CA ALA A 61 8.01 -5.37 -10.02
C ALA A 61 7.46 -4.02 -9.51
N ILE A 62 8.31 -3.33 -8.76
CA ILE A 62 7.93 -2.04 -8.21
C ILE A 62 7.81 -1.02 -9.34
N ALA A 63 8.81 -1.04 -10.21
CA ALA A 63 8.83 -0.12 -11.34
C ALA A 63 7.62 -0.39 -12.24
N PRO A 64 6.67 0.58 -12.26
CA PRO A 64 5.47 0.45 -13.06
C PRO A 64 5.78 0.68 -14.53
N GLY A 65 5.16 -0.15 -15.37
CA GLY A 65 5.35 -0.04 -16.81
C GLY A 65 4.76 -1.25 -17.53
N SER A 66 5.38 -2.40 -17.30
CA SER A 66 4.93 -3.64 -17.91
C SER A 66 5.80 -4.81 -17.45
N PHE A 67 5.30 -5.52 -16.45
CA PHE A 67 6.02 -6.65 -15.91
C PHE A 67 6.72 -7.44 -17.03
N TYR A 68 5.97 -8.36 -17.61
CA TYR A 68 6.49 -9.19 -18.69
C TYR A 68 5.39 -10.03 -19.33
N SER A 69 5.77 -10.73 -20.38
CA SER A 69 4.81 -11.57 -21.10
C SER A 69 5.28 -13.03 -21.06
N VAL A 70 4.34 -13.92 -21.32
CA VAL A 70 4.63 -15.35 -21.33
C VAL A 70 3.65 -16.07 -22.25
N THR A 71 4.19 -17.00 -23.02
CA THR A 71 3.36 -17.77 -23.94
C THR A 71 2.92 -19.08 -23.29
N LEU A 72 1.71 -19.51 -23.66
CA LEU A 72 1.16 -20.74 -23.12
C LEU A 72 0.79 -21.67 -24.27
N GLY A 73 0.40 -22.88 -23.91
CA GLY A 73 0.02 -23.88 -24.91
C GLY A 73 -0.96 -24.88 -24.31
N THR A 74 -0.65 -25.33 -23.10
CA THR A 74 -1.50 -26.30 -22.42
C THR A 74 -2.94 -25.79 -22.37
N PRO A 75 -3.86 -26.64 -22.91
CA PRO A 75 -5.27 -26.30 -22.92
C PRO A 75 -5.90 -26.45 -21.54
N GLY A 76 -6.78 -25.52 -21.21
CA GLY A 76 -7.45 -25.53 -19.93
C GLY A 76 -7.61 -24.11 -19.37
N THR A 77 -8.19 -24.05 -18.18
CA THR A 77 -8.41 -22.76 -17.53
C THR A 77 -7.39 -22.56 -16.40
N TYR A 78 -6.61 -21.50 -16.54
CA TYR A 78 -5.60 -21.19 -15.53
C TYR A 78 -6.12 -20.14 -14.54
N SER A 79 -5.77 -20.34 -13.28
CA SER A 79 -6.19 -19.43 -12.23
C SER A 79 -4.97 -18.89 -11.48
N PHE A 80 -5.07 -17.64 -11.06
CA PHE A 80 -3.98 -16.99 -10.34
C PHE A 80 -4.52 -16.02 -9.30
N TYR A 81 -3.61 -15.26 -8.72
CA TYR A 81 -3.98 -14.28 -7.71
C TYR A 81 -2.79 -13.40 -7.34
N CYS A 82 -3.09 -12.30 -6.67
CA CYS A 82 -2.06 -11.36 -6.25
C CYS A 82 -1.63 -11.73 -4.82
N THR A 83 -0.35 -12.01 -4.67
CA THR A 83 0.19 -12.36 -3.37
C THR A 83 -0.23 -11.34 -2.31
N PRO A 84 0.02 -10.04 -2.65
CA PRO A 84 -0.32 -8.96 -1.74
C PRO A 84 -1.83 -8.71 -1.74
N HIS A 85 -2.34 -8.32 -2.90
CA HIS A 85 -3.76 -8.05 -3.03
C HIS A 85 -4.53 -9.36 -3.06
N ARG A 86 -4.36 -10.14 -2.01
CA ARG A 86 -5.04 -11.42 -1.91
C ARG A 86 -6.42 -11.24 -1.26
N GLY A 87 -6.48 -10.35 -0.28
CA GLY A 87 -7.72 -10.07 0.41
C GLY A 87 -8.50 -8.95 -0.27
N ALA A 88 -7.76 -8.13 -1.01
CA ALA A 88 -8.37 -7.01 -1.72
C ALA A 88 -9.29 -7.55 -2.81
N GLY A 89 -9.12 -8.84 -3.11
CA GLY A 89 -9.93 -9.49 -4.13
C GLY A 89 -9.37 -9.22 -5.51
N MET A 90 -8.15 -9.69 -5.74
CA MET A 90 -7.50 -9.51 -7.02
C MET A 90 -7.14 -10.86 -7.65
N VAL A 91 -8.16 -11.52 -8.17
CA VAL A 91 -7.96 -12.82 -8.80
C VAL A 91 -8.51 -12.77 -10.23
N GLY A 92 -7.95 -13.62 -11.08
CA GLY A 92 -8.36 -13.69 -12.47
C GLY A 92 -8.24 -15.12 -13.01
N THR A 93 -8.50 -15.24 -14.30
CA THR A 93 -8.41 -16.54 -14.96
C THR A 93 -7.87 -16.38 -16.38
N ILE A 94 -7.41 -17.50 -16.93
CA ILE A 94 -6.86 -17.50 -18.27
C ILE A 94 -7.17 -18.84 -18.94
N THR A 95 -7.86 -18.75 -20.07
CA THR A 95 -8.22 -19.95 -20.82
C THR A 95 -7.34 -20.09 -22.06
N VAL A 96 -7.03 -21.35 -22.38
CA VAL A 96 -6.19 -21.64 -23.53
C VAL A 96 -6.89 -22.67 -24.42
N GLU A 97 -7.92 -22.21 -25.11
CA GLU A 97 -8.69 -23.08 -25.99
C GLU A 97 -8.04 -23.11 -27.38
N TYR B 1 -2.66 0.48 1.80
CA TYR B 1 -2.75 1.42 0.66
C TYR B 1 -3.79 2.46 0.93
N PRO B 2 -3.77 3.55 0.23
CA PRO B 2 -4.76 4.56 0.46
C PRO B 2 -6.11 4.02 0.15
N PHE B 3 -6.17 3.06 -0.78
CA PHE B 3 -7.39 2.45 -1.23
C PHE B 3 -8.03 1.77 -0.05
N TYR B 4 -7.21 1.10 0.77
CA TYR B 4 -7.68 0.37 1.92
C TYR B 4 -8.27 1.33 2.91
N ALA B 5 -7.69 2.54 3.06
CA ALA B 5 -8.27 3.50 3.97
C ALA B 5 -9.64 3.85 3.48
N GLN B 6 -9.81 4.06 2.16
CA GLN B 6 -11.09 4.47 1.65
C GLN B 6 -12.14 3.44 1.95
N TYR B 7 -11.84 2.14 1.76
CA TYR B 7 -12.86 1.16 2.04
C TYR B 7 -13.20 1.09 3.49
N ASN B 8 -12.20 1.14 4.37
CA ASN B 8 -12.42 0.99 5.78
C ASN B 8 -13.03 2.19 6.45
N TYR B 9 -12.59 3.43 6.10
CA TYR B 9 -13.08 4.53 6.90
C TYR B 9 -13.62 5.63 6.03
N ASP B 10 -14.84 6.09 6.36
CA ASP B 10 -15.41 7.16 5.60
C ASP B 10 -14.59 8.39 5.88
N SER B 11 -14.20 8.61 7.16
CA SER B 11 -13.41 9.75 7.51
C SER B 11 -12.03 9.27 7.89
N PRO B 12 -11.05 9.76 7.18
CA PRO B 12 -9.67 9.40 7.37
C PRO B 12 -9.04 9.96 8.61
N ARG B 13 -9.66 10.97 9.26
CA ARG B 13 -9.06 11.57 10.41
C ARG B 13 -9.97 11.33 11.57
N GLU B 14 -9.41 10.73 12.64
CA GLU B 14 -10.16 10.41 13.83
C GLU B 14 -10.30 11.68 14.63
N ALA B 15 -11.22 11.66 15.62
CA ALA B 15 -11.51 12.81 16.42
C ALA B 15 -10.26 13.23 17.12
N THR B 16 -9.45 12.24 17.53
CA THR B 16 -8.22 12.48 18.22
C THR B 16 -7.32 13.23 17.29
N GLY B 17 -7.49 13.01 15.97
CA GLY B 17 -6.64 13.66 15.02
C GLY B 17 -5.75 12.62 14.44
N LYS B 18 -5.87 11.38 14.94
CA LYS B 18 -5.07 10.33 14.40
C LYS B 18 -5.62 9.98 13.04
N ILE B 19 -4.72 9.77 12.07
CA ILE B 19 -5.06 9.42 10.72
C ILE B 19 -5.12 7.93 10.65
N VAL B 20 -6.12 7.40 9.92
CA VAL B 20 -6.51 6.01 9.86
C VAL B 20 -5.41 5.10 9.39
N CYS B 21 -4.45 5.60 8.60
CA CYS B 21 -3.42 4.74 8.07
C CYS B 21 -2.71 4.08 9.22
N ALA B 22 -2.71 4.74 10.39
CA ALA B 22 -2.03 4.30 11.57
C ALA B 22 -2.55 2.97 12.01
N ASN B 23 -3.83 2.65 11.72
CA ASN B 23 -4.36 1.41 12.19
C ASN B 23 -3.54 0.26 11.63
N CYS B 24 -3.22 0.31 10.32
CA CYS B 24 -2.41 -0.69 9.64
C CYS B 24 -0.92 -0.52 9.76
N HIS B 25 -0.43 0.74 9.62
CA HIS B 25 0.99 0.99 9.60
C HIS B 25 1.35 1.45 10.96
N LEU B 26 1.84 0.49 11.75
CA LEU B 26 2.09 0.60 13.16
C LEU B 26 3.23 1.52 13.56
N ALA B 27 4.33 1.59 12.78
CA ALA B 27 5.48 2.34 13.22
C ALA B 27 5.37 3.79 12.86
N LYS B 28 6.02 4.66 13.67
CA LYS B 28 5.96 6.07 13.43
C LYS B 28 7.23 6.51 12.76
N LYS B 29 7.09 7.36 11.72
CA LYS B 29 8.19 7.95 11.00
C LYS B 29 7.75 9.34 10.67
N THR B 30 8.71 10.21 10.30
CA THR B 30 8.40 11.60 10.10
C THR B 30 7.65 11.86 8.84
N VAL B 31 6.89 12.98 8.84
CA VAL B 31 6.21 13.43 7.65
C VAL B 31 6.43 14.92 7.62
N GLU B 32 6.69 15.48 6.41
CA GLU B 32 6.90 16.90 6.35
C GLU B 32 6.02 17.50 5.30
N ILE B 33 5.52 18.72 5.56
CA ILE B 33 4.71 19.40 4.59
C ILE B 33 5.02 20.87 4.64
N GLU B 34 5.17 21.52 3.47
CA GLU B 34 5.40 22.94 3.46
C GLU B 34 4.43 23.59 2.52
N VAL B 35 3.85 24.72 2.95
CA VAL B 35 2.91 25.46 2.15
C VAL B 35 3.16 26.92 2.44
N PRO B 36 2.62 27.78 1.62
CA PRO B 36 2.82 29.19 1.81
C PRO B 36 2.10 29.68 3.04
N GLN B 37 2.53 30.83 3.57
CA GLN B 37 1.95 31.40 4.75
C GLN B 37 0.51 31.72 4.45
N ALA B 38 0.24 32.34 3.29
CA ALA B 38 -1.09 32.72 2.98
C ALA B 38 -1.30 32.60 1.50
N VAL B 39 -2.57 32.50 1.08
CA VAL B 39 -2.88 32.41 -0.33
C VAL B 39 -4.12 33.21 -0.62
N LEU B 40 -4.21 33.76 -1.85
CA LEU B 40 -5.33 34.56 -2.27
C LEU B 40 -6.43 33.62 -2.71
N PRO B 41 -7.66 34.07 -2.72
CA PRO B 41 -8.81 33.22 -2.98
C PRO B 41 -8.73 32.19 -4.05
N ASP B 42 -9.19 32.38 -5.28
CA ASP B 42 -9.12 31.26 -6.18
C ASP B 42 -7.77 31.27 -6.81
N THR B 43 -6.76 30.77 -6.05
CA THR B 43 -5.41 30.79 -6.54
C THR B 43 -4.80 29.43 -6.35
N VAL B 44 -3.72 29.13 -7.10
CA VAL B 44 -3.10 27.85 -7.00
C VAL B 44 -1.78 28.01 -6.30
N PHE B 45 -1.45 27.08 -5.38
CA PHE B 45 -0.22 27.14 -4.66
C PHE B 45 0.29 25.74 -4.50
N LYS B 46 1.57 25.58 -4.09
CA LYS B 46 2.12 24.25 -3.99
C LYS B 46 2.23 23.82 -2.57
N ALA B 47 1.91 22.53 -2.32
CA ALA B 47 2.07 21.92 -1.04
C ALA B 47 3.13 20.88 -1.27
N VAL B 48 4.25 20.98 -0.52
CA VAL B 48 5.35 20.08 -0.72
C VAL B 48 5.35 19.05 0.37
N VAL B 49 5.39 17.76 -0.02
CA VAL B 49 5.33 16.68 0.93
C VAL B 49 6.59 15.86 0.82
N LYS B 50 7.17 15.45 1.98
CA LYS B 50 8.34 14.62 1.97
C LYS B 50 8.15 13.53 2.99
N VAL B 51 8.63 12.30 2.68
CA VAL B 51 8.50 11.18 3.57
C VAL B 51 9.85 10.50 3.68
N PRO B 52 10.64 10.91 4.62
CA PRO B 52 11.99 10.40 4.71
C PRO B 52 12.20 9.02 5.22
N TYR B 53 13.18 8.31 4.61
CA TYR B 53 13.64 7.03 5.08
C TYR B 53 14.98 6.82 4.46
N ASP B 54 15.77 5.86 5.00
CA ASP B 54 17.07 5.63 4.45
C ASP B 54 16.89 4.77 3.22
N LEU B 55 17.28 5.31 2.06
CA LEU B 55 17.14 4.65 0.79
C LEU B 55 17.97 3.41 0.76
N ASP B 56 19.06 3.38 1.54
CA ASP B 56 19.93 2.23 1.57
C ASP B 56 19.25 1.02 2.16
N ILE B 57 18.23 1.19 3.04
CA ILE B 57 17.68 0.04 3.69
C ILE B 57 16.51 -0.52 2.94
N GLN B 58 16.51 -1.86 2.75
CA GLN B 58 15.50 -2.59 2.04
C GLN B 58 14.49 -3.13 3.00
N GLN B 59 13.29 -3.45 2.48
CA GLN B 59 12.16 -3.90 3.24
C GLN B 59 11.78 -5.28 2.80
N VAL B 60 11.08 -6.03 3.69
CA VAL B 60 10.62 -7.34 3.37
C VAL B 60 9.43 -7.15 2.47
N GLN B 61 9.40 -7.88 1.34
CA GLN B 61 8.31 -7.76 0.41
C GLN B 61 7.38 -8.93 0.59
N ALA B 62 6.32 -8.99 -0.24
CA ALA B 62 5.30 -9.98 -0.10
C ALA B 62 5.88 -11.37 -0.20
N ASP B 63 6.84 -11.59 -1.11
CA ASP B 63 7.42 -12.90 -1.29
C ASP B 63 8.35 -13.25 -0.16
N GLY B 64 8.79 -12.26 0.63
CA GLY B 64 9.68 -12.50 1.74
C GLY B 64 11.04 -11.98 1.42
N SER B 65 11.30 -11.66 0.13
CA SER B 65 12.58 -11.14 -0.30
C SER B 65 12.66 -9.66 -0.04
N PRO B 66 13.88 -9.17 -0.03
CA PRO B 66 14.08 -7.74 0.15
C PRO B 66 13.84 -6.92 -1.09
N SER B 67 13.34 -5.68 -0.94
CA SER B 67 13.11 -4.83 -2.08
C SER B 67 12.96 -3.41 -1.60
N GLY B 68 12.65 -2.48 -2.53
CA GLY B 68 12.54 -1.07 -2.23
C GLY B 68 11.23 -0.78 -1.57
N LEU B 69 11.07 0.46 -1.07
CA LEU B 69 9.88 0.88 -0.39
C LEU B 69 9.09 1.77 -1.29
N ASN B 70 7.76 1.80 -1.07
CA ASN B 70 6.85 2.64 -1.82
C ASN B 70 6.30 3.61 -0.82
N VAL B 71 5.84 4.78 -1.29
CA VAL B 71 5.36 5.79 -0.38
C VAL B 71 3.99 6.23 -0.81
N GLY B 72 3.25 6.89 0.10
CA GLY B 72 1.93 7.36 -0.21
C GLY B 72 1.53 8.30 0.87
N ALA B 73 0.43 9.07 0.66
CA ALA B 73 0.05 9.99 1.69
C ALA B 73 -1.38 10.41 1.50
N VAL B 74 -1.95 11.00 2.57
CA VAL B 74 -3.26 11.58 2.53
C VAL B 74 -3.04 13.00 2.95
N LEU B 75 -3.51 13.97 2.13
CA LEU B 75 -3.33 15.35 2.47
C LEU B 75 -4.68 15.94 2.68
N MET B 76 -4.99 16.38 3.92
CA MET B 76 -6.31 16.89 4.16
C MET B 76 -6.26 18.38 4.16
N LEU B 77 -6.92 18.97 3.15
CA LEU B 77 -6.98 20.40 3.00
C LEU B 77 -8.26 20.88 3.60
N PRO B 78 -8.35 22.17 3.78
CA PRO B 78 -9.53 22.76 4.36
C PRO B 78 -10.67 22.69 3.41
N GLU B 79 -11.91 22.92 3.91
CA GLU B 79 -13.08 22.85 3.07
C GLU B 79 -12.91 23.81 1.94
N GLY B 80 -13.33 23.37 0.74
CA GLY B 80 -13.35 24.20 -0.43
C GLY B 80 -12.07 24.08 -1.21
N PHE B 81 -10.99 23.60 -0.57
CA PHE B 81 -9.73 23.45 -1.26
C PHE B 81 -9.77 22.18 -2.06
N LYS B 82 -9.13 22.19 -3.25
CA LYS B 82 -9.09 21.01 -4.06
C LYS B 82 -7.80 21.01 -4.83
N LEU B 83 -7.47 19.86 -5.47
CA LEU B 83 -6.29 19.80 -6.28
C LEU B 83 -6.60 20.69 -7.44
N ALA B 84 -5.59 21.42 -7.97
CA ALA B 84 -5.86 22.37 -9.02
C ALA B 84 -6.03 21.67 -10.32
N PRO B 85 -6.93 22.18 -11.13
CA PRO B 85 -7.13 21.65 -12.45
C PRO B 85 -5.97 22.10 -13.29
N PRO B 86 -5.64 21.33 -14.28
CA PRO B 86 -4.49 21.62 -15.11
C PRO B 86 -4.56 22.99 -15.69
N GLU B 87 -5.76 23.45 -16.08
CA GLU B 87 -5.95 24.70 -16.77
C GLU B 87 -5.55 25.81 -15.87
N ARG B 88 -5.81 25.63 -14.57
CA ARG B 88 -5.56 26.59 -13.53
C ARG B 88 -4.10 26.74 -13.20
N VAL B 89 -3.25 25.74 -13.45
CA VAL B 89 -1.87 25.86 -13.04
C VAL B 89 -1.13 26.81 -13.92
N ASP B 90 -0.45 27.81 -13.31
CA ASP B 90 0.24 28.77 -14.11
C ASP B 90 1.46 28.15 -14.73
N GLU B 91 1.99 28.82 -15.78
CA GLU B 91 3.00 28.28 -16.65
C GLU B 91 4.28 27.94 -15.96
N GLU B 92 4.83 28.82 -15.11
CA GLU B 92 6.11 28.52 -14.54
C GLU B 92 6.00 27.28 -13.71
N LEU B 93 4.88 27.15 -12.99
CA LEU B 93 4.60 26.12 -12.03
C LEU B 93 4.37 24.74 -12.57
N MET B 94 3.83 24.58 -13.79
CA MET B 94 3.37 23.29 -14.24
C MET B 94 4.44 22.25 -14.16
N GLU B 95 5.68 22.57 -14.54
CA GLU B 95 6.72 21.59 -14.49
C GLU B 95 7.08 21.22 -13.07
N GLU B 96 6.96 22.19 -12.14
CA GLU B 96 7.33 22.08 -10.75
C GLU B 96 6.45 21.14 -9.98
N VAL B 97 5.20 20.93 -10.42
CA VAL B 97 4.28 20.17 -9.64
C VAL B 97 4.17 18.77 -10.16
N GLY B 98 3.71 17.84 -9.31
CA GLY B 98 3.57 16.48 -9.73
C GLY B 98 2.59 16.52 -10.83
N ASP B 99 2.58 15.46 -11.69
CA ASP B 99 1.62 15.39 -12.75
C ASP B 99 0.34 15.53 -12.03
N PHE B 100 -0.24 16.72 -12.23
CA PHE B 100 -1.34 17.17 -11.44
C PHE B 100 -2.42 16.19 -11.53
N TYR B 101 -2.80 15.79 -12.74
CA TYR B 101 -3.93 14.95 -12.65
C TYR B 101 -3.67 13.61 -12.07
N TYR B 102 -2.72 12.91 -12.70
CA TYR B 102 -2.53 11.49 -12.52
C TYR B 102 -2.22 11.08 -11.13
N LEU B 103 -1.29 11.76 -10.46
CA LEU B 103 -0.88 11.32 -9.15
C LEU B 103 -1.97 11.43 -8.12
N VAL B 104 -2.86 12.44 -8.25
CA VAL B 104 -3.80 12.75 -7.19
C VAL B 104 -5.18 12.20 -7.38
N THR B 105 -5.72 11.58 -6.30
CA THR B 105 -7.05 11.04 -6.31
C THR B 105 -7.81 11.56 -5.12
N PRO B 106 -9.06 11.91 -5.31
CA PRO B 106 -9.86 12.39 -4.21
C PRO B 106 -10.26 11.25 -3.33
N TYR B 107 -10.46 11.52 -2.03
CA TYR B 107 -10.80 10.50 -1.08
C TYR B 107 -12.15 9.95 -1.44
N SER B 108 -13.08 10.86 -1.80
CA SER B 108 -14.42 10.50 -2.19
C SER B 108 -14.94 11.63 -3.01
N GLU B 109 -16.14 11.46 -3.60
CA GLU B 109 -16.69 12.48 -4.45
C GLU B 109 -16.92 13.73 -3.66
N THR B 110 -17.47 13.58 -2.43
CA THR B 110 -17.78 14.67 -1.54
C THR B 110 -16.53 15.27 -0.95
N ASP B 111 -15.49 14.43 -0.78
CA ASP B 111 -14.20 14.54 -0.15
C ASP B 111 -13.06 15.14 -0.95
N GLU B 112 -13.32 15.92 -2.02
CA GLU B 112 -12.29 16.40 -2.90
C GLU B 112 -11.18 17.13 -2.19
N ASN B 113 -11.45 17.70 -0.99
CA ASN B 113 -10.46 18.39 -0.20
C ASN B 113 -9.44 17.42 0.35
N ILE B 114 -9.76 16.11 0.42
CA ILE B 114 -8.82 15.14 0.92
C ILE B 114 -8.21 14.43 -0.26
N LEU B 115 -6.88 14.57 -0.42
CA LEU B 115 -6.14 14.09 -1.56
C LEU B 115 -5.28 12.92 -1.18
N LEU B 116 -5.28 11.87 -2.03
CA LEU B 116 -4.50 10.68 -1.79
C LEU B 116 -3.50 10.55 -2.90
N ALA B 117 -2.28 10.06 -2.57
CA ALA B 117 -1.28 9.83 -3.58
C ALA B 117 -0.60 8.53 -3.21
N GLY B 118 -0.12 7.78 -4.21
CA GLY B 118 0.60 6.57 -3.94
C GLY B 118 -0.29 5.38 -4.07
N PRO B 119 0.30 4.20 -4.00
CA PRO B 119 1.72 4.11 -3.79
C PRO B 119 2.56 4.50 -4.96
N LEU B 120 3.73 5.11 -4.67
CA LEU B 120 4.68 5.54 -5.67
C LEU B 120 6.01 5.00 -5.23
N PRO B 121 6.93 4.83 -6.14
CA PRO B 121 8.23 4.34 -5.77
C PRO B 121 8.94 5.37 -4.94
N GLY B 122 9.49 4.98 -3.79
CA GLY B 122 10.11 5.88 -2.86
C GLY B 122 11.33 6.51 -3.46
N GLU B 123 12.10 5.75 -4.25
CA GLU B 123 13.33 6.28 -4.78
C GLU B 123 13.03 7.42 -5.71
N ASP B 124 11.93 7.31 -6.49
CA ASP B 124 11.55 8.28 -7.47
C ASP B 124 11.04 9.56 -6.86
N TYR B 125 10.23 9.49 -5.77
CA TYR B 125 9.63 10.71 -5.31
C TYR B 125 10.18 11.15 -3.99
N GLN B 126 11.23 11.98 -4.03
CA GLN B 126 11.78 12.54 -2.82
C GLN B 126 10.82 13.55 -2.30
N GLU B 127 10.17 14.27 -3.22
CA GLU B 127 9.25 15.31 -2.85
C GLU B 127 8.02 15.09 -3.69
N MET B 128 6.82 15.25 -3.09
CA MET B 128 5.61 15.12 -3.85
C MET B 128 5.00 16.47 -3.80
N ILE B 129 4.79 17.12 -4.95
CA ILE B 129 4.28 18.47 -4.89
C ILE B 129 2.88 18.52 -5.40
N PHE B 130 1.94 18.92 -4.52
CA PHE B 130 0.55 18.95 -4.91
C PHE B 130 0.18 20.35 -5.31
N PRO B 131 -0.36 20.53 -6.49
CA PRO B 131 -0.85 21.79 -6.97
C PRO B 131 -2.16 21.98 -6.27
N ILE B 132 -2.39 23.08 -5.54
CA ILE B 132 -3.65 23.15 -4.85
C ILE B 132 -4.37 24.42 -5.20
N LEU B 133 -5.69 24.32 -5.40
CA LEU B 133 -6.46 25.49 -5.74
C LEU B 133 -7.31 25.88 -4.55
N SER B 134 -7.17 27.13 -4.08
CA SER B 134 -7.94 27.62 -2.96
C SER B 134 -9.34 27.97 -3.41
N PRO B 135 -10.28 27.95 -2.48
CA PRO B 135 -11.66 28.30 -2.74
C PRO B 135 -11.86 29.78 -2.79
N ASN B 136 -13.08 30.24 -3.16
CA ASN B 136 -13.37 31.66 -3.15
C ASN B 136 -14.58 31.87 -2.30
N PRO B 137 -14.40 32.48 -1.16
CA PRO B 137 -15.50 32.67 -0.25
C PRO B 137 -16.57 33.57 -0.77
N ALA B 138 -16.26 34.50 -1.69
CA ALA B 138 -17.29 35.36 -2.14
C ALA B 138 -18.34 34.52 -2.81
N THR B 139 -17.87 33.59 -3.67
CA THR B 139 -18.74 32.69 -4.37
C THR B 139 -19.24 31.59 -3.48
N ASP B 140 -18.40 31.10 -2.55
CA ASP B 140 -18.77 29.93 -1.77
C ASP B 140 -19.04 30.31 -0.34
N ALA B 141 -20.31 30.12 0.08
CA ALA B 141 -20.83 30.42 1.39
C ALA B 141 -20.20 29.56 2.44
N GLY B 142 -19.91 28.28 2.08
CA GLY B 142 -19.41 27.30 2.99
C GLY B 142 -18.08 27.72 3.55
N VAL B 143 -17.26 28.47 2.79
CA VAL B 143 -15.96 28.81 3.29
C VAL B 143 -15.82 30.29 3.51
N TYR B 144 -14.99 30.65 4.51
CA TYR B 144 -14.75 32.03 4.81
C TYR B 144 -13.26 32.24 4.85
N PHE B 145 -12.82 33.51 4.85
CA PHE B 145 -11.41 33.80 4.92
C PHE B 145 -11.01 33.57 6.34
N GLY B 146 -9.75 33.15 6.56
CA GLY B 146 -9.30 32.91 7.91
C GLY B 146 -8.11 32.00 7.84
N LYS B 147 -7.63 31.56 9.03
CA LYS B 147 -6.50 30.69 9.09
C LYS B 147 -7.01 29.28 9.18
N TYR B 148 -6.39 28.35 8.43
CA TYR B 148 -6.89 27.00 8.45
C TYR B 148 -5.76 26.03 8.64
N SER B 149 -6.09 24.80 9.06
CA SER B 149 -5.10 23.80 9.30
C SER B 149 -5.15 22.78 8.21
N ILE B 150 -3.98 22.21 7.87
CA ILE B 150 -3.87 21.20 6.86
C ILE B 150 -3.26 20.02 7.58
N HIS B 151 -3.79 18.80 7.34
CA HIS B 151 -3.28 17.66 8.04
C HIS B 151 -2.66 16.72 7.06
N LEU B 152 -1.44 16.25 7.35
CA LEU B 152 -0.77 15.35 6.47
C LEU B 152 -0.55 14.03 7.16
N GLY B 153 -0.77 12.93 6.42
CA GLY B 153 -0.49 11.60 6.89
C GLY B 153 0.36 11.00 5.81
N GLY B 154 1.60 10.55 6.15
CA GLY B 154 2.45 10.06 5.10
C GLY B 154 3.08 8.75 5.51
N ASN B 155 3.13 7.80 4.57
CA ASN B 155 3.64 6.50 4.91
C ASN B 155 4.64 6.02 3.89
N ARG B 156 5.56 5.13 4.36
CA ARG B 156 6.50 4.48 3.49
C ARG B 156 6.56 3.06 3.99
N GLY B 157 6.63 2.07 3.09
CA GLY B 157 6.80 0.72 3.52
C GLY B 157 5.48 0.02 3.72
N ARG B 158 5.52 -1.32 3.69
CA ARG B 158 4.37 -2.17 3.78
C ARG B 158 3.82 -2.18 5.17
N GLY B 159 2.47 -2.30 5.27
CA GLY B 159 1.78 -2.27 6.53
C GLY B 159 1.87 -3.60 7.22
N GLN B 160 1.54 -3.59 8.52
CA GLN B 160 1.51 -4.70 9.43
C GLN B 160 0.26 -5.53 9.33
N VAL B 161 -0.91 -4.92 9.03
CA VAL B 161 -2.14 -5.65 9.06
C VAL B 161 -2.88 -5.45 7.78
N TYR B 162 -3.78 -6.40 7.45
CA TYR B 162 -4.53 -6.35 6.22
C TYR B 162 -5.94 -6.01 6.60
N PRO B 163 -6.72 -5.56 5.65
CA PRO B 163 -8.10 -5.27 5.92
C PRO B 163 -8.80 -6.52 6.32
N THR B 164 -8.16 -7.67 6.05
CA THR B 164 -8.65 -8.95 6.46
C THR B 164 -8.61 -8.95 7.95
N GLY B 165 -7.60 -8.28 8.53
CA GLY B 165 -7.44 -8.26 9.95
C GLY B 165 -6.30 -9.16 10.30
N GLU B 166 -5.79 -9.92 9.30
CA GLU B 166 -4.69 -10.79 9.55
C GLU B 166 -3.41 -10.03 9.38
N LEU B 167 -2.35 -10.49 10.09
CA LEU B 167 -1.07 -9.83 10.07
C LEU B 167 -0.34 -10.17 8.81
N SER B 168 0.48 -9.20 8.34
CA SER B 168 1.29 -9.36 7.17
C SER B 168 2.59 -9.97 7.59
N ASN B 169 3.47 -10.26 6.61
CA ASN B 169 4.78 -10.81 6.84
C ASN B 169 5.70 -9.75 7.39
N ASN B 170 5.32 -8.46 7.31
CA ASN B 170 6.18 -7.42 7.81
C ASN B 170 5.75 -7.07 9.21
N ASN B 171 5.78 -8.05 10.14
CA ASN B 171 5.35 -7.80 11.50
C ASN B 171 5.98 -8.81 12.41
N ALA B 172 5.93 -8.57 13.74
CA ALA B 172 6.49 -9.51 14.67
C ALA B 172 5.50 -10.62 14.92
N PHE B 173 6.02 -11.86 15.12
CA PHE B 173 5.16 -12.99 15.40
C PHE B 173 5.51 -13.47 16.78
N SER B 174 4.49 -13.85 17.60
CA SER B 174 4.76 -14.19 18.98
C SER B 174 4.34 -15.60 19.30
N ALA B 175 4.97 -16.18 20.35
CA ALA B 175 4.69 -17.52 20.77
C ALA B 175 3.28 -17.60 21.25
N SER B 176 2.52 -18.56 20.69
CA SER B 176 1.15 -18.76 21.03
C SER B 176 1.07 -19.31 22.42
N ILE B 177 2.12 -20.03 22.87
CA ILE B 177 2.09 -20.60 24.19
C ILE B 177 3.49 -20.73 24.70
N ALA B 178 3.65 -20.85 26.05
CA ALA B 178 4.93 -21.00 26.66
C ALA B 178 5.37 -22.43 26.57
N GLY B 179 6.69 -22.67 26.48
CA GLY B 179 7.18 -24.02 26.40
C GLY B 179 8.57 -24.00 25.84
N THR B 180 9.04 -25.17 25.34
CA THR B 180 10.36 -25.24 24.79
C THR B 180 10.26 -25.52 23.32
N ILE B 181 11.21 -24.99 22.53
CA ILE B 181 11.13 -25.13 21.10
C ILE B 181 11.83 -26.39 20.70
N ALA B 182 11.04 -27.41 20.34
CA ALA B 182 11.53 -28.68 19.90
C ALA B 182 12.18 -28.58 18.55
N ALA B 183 11.57 -27.82 17.61
CA ALA B 183 12.17 -27.77 16.31
C ALA B 183 11.57 -26.65 15.51
N ILE B 184 12.24 -26.27 14.40
CA ILE B 184 11.75 -25.27 13.49
C ILE B 184 12.07 -25.70 12.06
N GLU B 185 11.15 -25.52 11.09
CA GLU B 185 11.31 -25.96 9.70
C GLU B 185 11.37 -24.74 8.78
N ASP B 186 11.97 -24.80 7.53
CA ASP B 186 12.13 -23.53 6.82
C ASP B 186 12.15 -23.45 5.27
N ASN B 187 11.15 -22.77 4.62
CA ASN B 187 11.17 -22.42 3.20
C ASN B 187 11.17 -20.93 3.17
N GLY B 188 11.95 -20.37 4.10
CA GLY B 188 11.92 -18.95 4.29
C GLY B 188 10.88 -18.81 5.34
N PHE B 189 9.76 -19.55 5.13
CA PHE B 189 8.66 -19.62 6.05
C PHE B 189 9.14 -20.53 7.10
N GLY B 190 8.78 -20.23 8.34
CA GLY B 190 9.01 -21.24 9.29
C GLY B 190 7.64 -21.73 9.31
N PHE B 191 7.47 -22.87 8.64
CA PHE B 191 6.20 -23.48 8.52
C PHE B 191 5.84 -23.64 9.93
N ASP B 192 6.85 -23.97 10.76
CA ASP B 192 6.43 -24.07 12.10
C ASP B 192 7.55 -23.95 13.07
N VAL B 193 7.21 -23.31 14.19
CA VAL B 193 8.05 -23.38 15.35
C VAL B 193 7.23 -24.28 16.22
N THR B 194 7.79 -25.43 16.61
CA THR B 194 7.02 -26.33 17.42
C THR B 194 7.40 -26.09 18.84
N ILE B 195 6.38 -25.89 19.70
CA ILE B 195 6.66 -25.62 21.07
C ILE B 195 6.05 -26.68 21.91
N GLN B 196 6.79 -27.16 22.92
CA GLN B 196 6.30 -28.19 23.80
C GLN B 196 5.87 -27.51 25.07
N PRO B 197 4.59 -27.48 25.30
CA PRO B 197 4.12 -26.91 26.53
C PRO B 197 4.43 -27.70 27.76
N GLU B 198 4.12 -27.07 28.90
CA GLU B 198 4.45 -27.50 30.23
C GLU B 198 3.90 -28.87 30.50
N ASP B 199 2.78 -29.27 29.86
CA ASP B 199 2.27 -30.55 30.24
C ASP B 199 2.09 -31.50 29.08
N GLY B 200 3.12 -31.68 28.22
CA GLY B 200 3.07 -32.73 27.24
C GLY B 200 2.59 -32.27 25.89
N ASP B 201 1.74 -31.24 25.81
CA ASP B 201 1.18 -30.86 24.53
C ASP B 201 2.25 -30.25 23.67
N ALA B 202 2.02 -30.25 22.34
CA ALA B 202 2.93 -29.61 21.43
C ALA B 202 2.10 -28.78 20.49
N VAL B 203 2.49 -27.50 20.30
CA VAL B 203 1.74 -26.60 19.48
C VAL B 203 2.63 -26.10 18.39
N VAL B 204 2.03 -25.62 17.28
CA VAL B 204 2.88 -25.19 16.21
C VAL B 204 2.49 -23.80 15.81
N THR B 205 3.48 -22.89 15.70
CA THR B 205 3.18 -21.53 15.33
C THR B 205 3.80 -21.31 13.98
N SER B 206 3.00 -20.84 13.01
CA SER B 206 3.51 -20.68 11.68
C SER B 206 3.86 -19.25 11.47
N ILE B 207 5.06 -19.02 10.88
CA ILE B 207 5.46 -17.67 10.60
C ILE B 207 5.81 -17.65 9.14
N LEU B 208 5.45 -16.56 8.44
CA LEU B 208 5.69 -16.44 7.02
C LEU B 208 7.12 -16.03 6.79
N PRO B 209 7.62 -16.17 5.57
CA PRO B 209 8.96 -15.79 5.23
C PRO B 209 9.07 -14.31 5.45
N GLY B 210 10.26 -13.81 5.84
CA GLY B 210 10.46 -12.39 6.00
C GLY B 210 10.92 -12.04 7.39
N PRO B 211 10.18 -12.35 8.42
CA PRO B 211 10.64 -12.00 9.74
C PRO B 211 11.80 -12.88 10.08
N GLU B 212 12.73 -12.44 10.95
CA GLU B 212 13.85 -13.27 11.25
C GLU B 212 13.69 -13.85 12.63
N LEU B 213 13.87 -15.18 12.74
CA LEU B 213 13.69 -15.86 13.98
C LEU B 213 14.77 -15.47 14.94
N ILE B 214 14.32 -15.03 16.13
CA ILE B 214 15.07 -14.66 17.30
C ILE B 214 15.50 -15.88 18.06
N VAL B 215 14.70 -16.97 18.01
CA VAL B 215 14.89 -18.11 18.86
C VAL B 215 15.51 -19.26 18.17
N ALA B 216 16.04 -20.21 18.97
CA ALA B 216 16.70 -21.39 18.48
C ALA B 216 16.07 -22.58 19.13
N VAL B 217 16.25 -23.75 18.52
CA VAL B 217 15.66 -24.95 19.04
C VAL B 217 16.30 -25.22 20.37
N GLY B 218 15.48 -25.75 21.31
CA GLY B 218 15.93 -26.10 22.62
C GLY B 218 15.79 -24.90 23.51
N ASP B 219 15.21 -23.81 22.99
CA ASP B 219 15.09 -22.61 23.78
C ASP B 219 13.71 -22.54 24.36
N THR B 220 13.61 -22.05 25.61
CA THR B 220 12.33 -21.90 26.25
C THR B 220 11.80 -20.54 25.92
N VAL B 221 10.47 -20.42 25.79
CA VAL B 221 9.88 -19.14 25.49
C VAL B 221 8.62 -18.98 26.28
N GLU B 222 8.33 -17.74 26.70
CA GLU B 222 7.12 -17.47 27.44
C GLU B 222 6.03 -17.20 26.44
N ALA B 223 4.76 -17.31 26.87
CA ALA B 223 3.69 -17.08 25.95
C ALA B 223 3.71 -15.64 25.56
N GLY B 224 3.50 -15.37 24.26
CA GLY B 224 3.42 -14.04 23.76
C GLY B 224 4.79 -13.49 23.50
N GLN B 225 5.85 -14.26 23.83
CA GLN B 225 7.15 -13.69 23.61
C GLN B 225 7.44 -13.69 22.15
N LEU B 226 8.35 -12.78 21.71
CA LEU B 226 8.61 -12.64 20.31
C LEU B 226 9.47 -13.75 19.79
N LEU B 227 8.95 -14.42 18.74
CA LEU B 227 9.59 -15.46 17.98
C LEU B 227 10.53 -14.87 16.99
N THR B 228 10.25 -13.64 16.54
CA THR B 228 11.01 -13.04 15.48
C THR B 228 11.31 -11.60 15.82
N THR B 229 12.18 -10.97 15.02
CA THR B 229 12.48 -9.58 15.23
C THR B 229 11.35 -8.84 14.60
N ASN B 230 11.45 -7.50 14.57
CA ASN B 230 10.46 -6.74 13.87
C ASN B 230 11.13 -6.31 12.61
N PRO B 231 10.74 -6.88 11.50
CA PRO B 231 11.36 -6.60 10.24
C PRO B 231 10.99 -5.25 9.66
N ASN B 232 9.99 -4.57 10.22
CA ASN B 232 9.48 -3.33 9.68
C ASN B 232 10.53 -2.27 9.61
N VAL B 233 10.81 -1.79 8.36
CA VAL B 233 11.69 -0.71 7.98
C VAL B 233 11.01 0.63 7.84
N GLY B 234 9.69 0.65 7.59
CA GLY B 234 9.02 1.89 7.25
C GLY B 234 8.24 2.45 8.39
N GLY B 235 7.23 3.29 8.06
CA GLY B 235 6.42 3.84 9.11
C GLY B 235 5.53 4.91 8.56
N PHE B 236 4.58 5.36 9.41
CA PHE B 236 3.60 6.35 9.06
C PHE B 236 3.71 7.48 10.03
N GLY B 237 3.61 8.74 9.56
CA GLY B 237 3.74 9.86 10.44
C GLY B 237 2.75 10.92 10.03
N GLN B 238 2.49 11.89 10.94
CA GLN B 238 1.56 12.92 10.63
C GLN B 238 2.16 14.25 10.98
N MET B 239 1.75 15.31 10.26
CA MET B 239 2.19 16.62 10.60
C MET B 239 1.15 17.59 10.15
N ASP B 240 0.96 18.66 10.94
CA ASP B 240 -0.05 19.65 10.67
C ASP B 240 0.64 20.94 10.35
N SER B 241 -0.01 21.77 9.52
CA SER B 241 0.51 23.07 9.18
C SER B 241 -0.68 23.97 9.05
N GLU B 242 -0.46 25.30 8.97
CA GLU B 242 -1.57 26.19 8.85
C GLU B 242 -1.35 27.05 7.66
N ILE B 243 -2.44 27.56 7.05
CA ILE B 243 -2.35 28.45 5.93
C ILE B 243 -3.43 29.48 6.10
N VAL B 244 -3.18 30.72 5.62
CA VAL B 244 -4.15 31.77 5.79
C VAL B 244 -4.82 32.02 4.48
N LEU B 245 -6.17 31.93 4.46
CA LEU B 245 -6.91 32.21 3.25
C LEU B 245 -7.11 33.69 3.33
N GLN B 246 -6.42 34.44 2.45
CA GLN B 246 -6.34 35.88 2.55
C GLN B 246 -7.28 36.58 1.62
N SER B 247 -7.59 37.85 1.97
CA SER B 247 -8.45 38.67 1.16
C SER B 247 -7.56 39.47 0.27
N SER B 248 -7.96 39.62 -1.00
CA SER B 248 -7.16 40.32 -1.96
C SER B 248 -7.07 41.74 -1.57
N SER B 249 -6.02 42.39 -2.07
CA SER B 249 -5.82 43.77 -1.77
C SER B 249 -5.75 43.91 -0.26
CU CU C . -2.06 -6.54 -7.19
FE HEC D . -1.23 0.87 3.40
CHA HEC D . 1.05 -0.95 1.67
CHB HEC D . 0.09 3.77 2.17
CHC HEC D . -3.78 2.62 4.79
CHD HEC D . -2.21 -1.90 5.03
NA HEC D . 0.18 1.32 2.10
C1A HEC D . 1.01 0.45 1.45
C2A HEC D . 1.93 1.15 0.56
C3A HEC D . 1.69 2.47 0.74
C4A HEC D . 0.59 2.58 1.68
CMA HEC D . 2.44 3.61 0.08
CAA HEC D . 2.98 0.47 -0.32
CBA HEC D . 4.28 0.43 0.54
CGA HEC D . 5.39 -0.40 -0.08
O1A HEC D . 6.58 -0.12 0.23
O2A HEC D . 5.09 -1.33 -0.86
NB HEC D . -1.73 2.78 3.49
C1B HEC D . -0.99 3.88 3.01
C2B HEC D . -1.66 5.15 3.38
C3B HEC D . -2.78 4.84 4.12
C4B HEC D . -2.81 3.36 4.13
CMB HEC D . -1.14 6.54 3.12
CAB HEC D . -3.70 5.73 4.78
CBB HEC D . -4.33 6.82 3.90
NC HEC D . -2.75 0.45 4.55
C1C HEC D . -3.74 1.26 5.02
C2C HEC D . -4.68 0.54 5.85
C3C HEC D . -4.26 -0.72 5.93
C4C HEC D . -3.03 -0.78 5.14
CMC HEC D . -5.95 1.16 6.42
CAC HEC D . -4.83 -1.80 6.71
CBC HEC D . -6.32 -2.18 6.43
ND HEC D . -0.71 -1.03 3.33
C1D HEC D . -1.15 -2.03 4.18
C2D HEC D . -0.43 -3.28 3.98
C3D HEC D . 0.43 -3.03 2.97
C4D HEC D . 0.25 -1.64 2.58
CMD HEC D . -0.56 -4.63 4.76
CAD HEC D . 1.36 -4.02 2.31
CBD HEC D . 0.73 -4.78 1.14
CGD HEC D . 1.70 -5.77 0.54
O1D HEC D . 1.52 -6.99 0.77
O2D HEC D . 2.66 -5.30 -0.14
HHA HEC D . 1.76 -1.53 1.10
HHB HEC D . 0.58 4.68 1.86
HHC HEC D . -4.65 3.14 5.16
HHD HEC D . -2.44 -2.73 5.68
HMA1 HEC D . 2.04 3.77 -0.92
HMA2 HEC D . 3.48 3.37 0.01
HMA3 HEC D . 2.31 4.51 0.65
HAA1 HEC D . 3.14 1.05 -1.23
HAA2 HEC D . 2.65 -0.52 -0.59
HBA1 HEC D . 4.03 0.00 1.50
HBA2 HEC D . 4.63 1.44 0.67
HMB1 HEC D . -1.48 6.87 2.14
HMB2 HEC D . -0.06 6.54 3.14
HMB3 HEC D . -1.51 7.22 3.87
HAB HEC D . -4.54 5.16 5.16
HBB1 HEC D . -5.31 6.51 3.57
HBB2 HEC D . -4.42 7.74 4.48
HBB3 HEC D . -3.70 7.01 3.04
HMC1 HEC D . -5.85 1.24 7.50
HMC2 HEC D . -6.79 0.53 6.19
HMC3 HEC D . -6.09 2.14 6.00
HAC HEC D . -5.45 -1.53 7.52
HBC1 HEC D . -6.74 -2.68 7.30
HBC2 HEC D . -6.89 -1.29 6.22
HBC3 HEC D . -6.37 -2.85 5.57
HMD1 HEC D . 0.13 -4.64 5.58
HMD2 HEC D . -0.34 -5.44 4.09
HMD3 HEC D . -1.57 -4.73 5.13
HAD1 HEC D . 1.66 -4.75 3.05
HAD2 HEC D . 2.22 -3.49 1.94
HBD1 HEC D . 0.43 -4.07 0.38
HBD2 HEC D . -0.15 -5.31 1.49
N ALA A 1 -4.54 -14.39 -30.24
CA ALA A 1 -3.81 -13.19 -30.60
C ALA A 1 -3.21 -12.58 -29.33
N SER A 2 -2.23 -11.71 -29.54
CA SER A 2 -1.56 -11.06 -28.42
C SER A 2 -2.59 -10.29 -27.58
N VAL A 3 -2.58 -10.57 -26.29
CA VAL A 3 -3.51 -9.91 -25.37
C VAL A 3 -2.71 -9.21 -24.28
N GLN A 4 -3.44 -8.52 -23.41
CA GLN A 4 -2.82 -7.79 -22.32
C GLN A 4 -3.68 -7.88 -21.06
N ILE A 5 -3.02 -7.81 -19.92
CA ILE A 5 -3.71 -7.89 -18.65
C ILE A 5 -3.55 -6.56 -17.90
N LYS A 6 -4.65 -5.85 -17.76
CA LYS A 6 -4.64 -4.57 -17.08
C LYS A 6 -4.98 -4.78 -15.60
N MET A 7 -4.19 -4.16 -14.75
CA MET A 7 -4.39 -4.26 -13.32
C MET A 7 -5.00 -2.98 -12.75
N GLY A 8 -6.32 -3.00 -12.59
CA GLY A 8 -7.02 -1.84 -12.07
C GLY A 8 -8.02 -1.30 -13.10
N THR A 9 -9.14 -0.82 -12.58
CA THR A 9 -10.18 -0.27 -13.44
C THR A 9 -10.25 1.26 -13.29
N ASP A 10 -10.85 1.89 -14.28
CA ASP A 10 -10.98 3.34 -14.26
C ASP A 10 -11.77 3.77 -13.03
N LYS A 11 -12.44 2.78 -12.43
CA LYS A 11 -13.24 3.05 -11.25
C LYS A 11 -12.37 2.84 -10.00
N TYR A 12 -11.13 3.29 -10.10
CA TYR A 12 -10.19 3.16 -8.99
C TYR A 12 -10.38 1.83 -8.28
N ALA A 13 -10.81 0.83 -9.04
CA ALA A 13 -11.04 -0.49 -8.48
C ALA A 13 -9.90 -1.42 -8.92
N PRO A 14 -9.15 -1.93 -7.91
CA PRO A 14 -8.04 -2.83 -8.19
C PRO A 14 -8.54 -4.22 -8.56
N LEU A 15 -8.60 -4.47 -9.86
CA LEU A 15 -9.06 -5.75 -10.35
C LEU A 15 -8.39 -6.04 -11.70
N TYR A 16 -8.23 -7.33 -11.97
CA TYR A 16 -7.60 -7.76 -13.21
C TYR A 16 -8.58 -7.65 -14.38
N GLU A 17 -8.15 -6.94 -15.42
CA GLU A 17 -8.97 -6.76 -16.59
C GLU A 17 -8.17 -7.09 -17.86
N PRO A 18 -8.83 -7.85 -18.77
CA PRO A 18 -10.19 -8.31 -18.52
C PRO A 18 -10.21 -9.45 -17.51
N LYS A 19 -11.22 -9.40 -16.65
CA LYS A 19 -11.37 -10.41 -15.61
C LYS A 19 -11.02 -11.79 -16.20
N ALA A 20 -11.47 -11.99 -17.44
CA ALA A 20 -11.22 -13.25 -18.12
C ALA A 20 -10.43 -12.98 -19.40
N LEU A 21 -9.57 -13.93 -19.74
CA LEU A 21 -8.75 -13.81 -20.93
C LEU A 21 -8.60 -15.19 -21.58
N SER A 22 -8.63 -15.18 -22.91
CA SER A 22 -8.50 -16.42 -23.66
C SER A 22 -7.43 -16.26 -24.74
N ILE A 23 -6.70 -17.34 -24.97
CA ILE A 23 -5.64 -17.32 -25.97
C ILE A 23 -5.40 -18.76 -26.46
N SER A 24 -4.42 -18.89 -27.36
CA SER A 24 -4.08 -20.19 -27.90
C SER A 24 -2.62 -20.52 -27.58
N ALA A 25 -2.33 -21.81 -27.62
CA ALA A 25 -0.98 -22.28 -27.35
C ALA A 25 -0.01 -21.61 -28.32
N GLY A 26 0.75 -20.65 -27.80
CA GLY A 26 1.72 -19.94 -28.61
C GLY A 26 1.47 -18.43 -28.56
N ASP A 27 0.36 -18.07 -27.94
CA ASP A 27 -0.01 -16.66 -27.82
C ASP A 27 0.74 -16.04 -26.64
N THR A 28 0.59 -14.74 -26.49
CA THR A 28 1.24 -14.02 -25.41
C THR A 28 0.22 -13.27 -24.57
N VAL A 29 0.59 -13.04 -23.32
CA VAL A 29 -0.29 -12.32 -22.40
C VAL A 29 0.50 -11.23 -21.69
N GLU A 30 0.29 -10.00 -22.15
CA GLU A 30 0.97 -8.86 -21.57
C GLU A 30 0.30 -8.44 -20.26
N PHE A 31 0.96 -7.55 -19.55
CA PHE A 31 0.44 -7.07 -18.28
C PHE A 31 0.85 -5.62 -18.04
N VAL A 32 -0.17 -4.77 -17.87
CA VAL A 32 0.07 -3.36 -17.65
C VAL A 32 -0.64 -2.93 -16.35
N MET A 33 -0.13 -1.87 -15.75
CA MET A 33 -0.70 -1.36 -14.52
C MET A 33 -1.64 -0.18 -14.80
N ASN A 34 -2.89 -0.37 -14.42
CA ASN A 34 -3.89 0.67 -14.62
C ASN A 34 -3.75 1.72 -13.53
N LYS A 35 -4.04 1.31 -12.32
CA LYS A 35 -3.95 2.21 -11.17
C LYS A 35 -4.05 1.40 -9.88
N VAL A 36 -4.25 2.12 -8.78
CA VAL A 36 -4.37 1.48 -7.48
C VAL A 36 -3.26 0.44 -7.32
N GLY A 37 -2.02 0.89 -7.51
CA GLY A 37 -0.88 0.01 -7.39
C GLY A 37 -0.30 0.05 -5.97
N PRO A 38 0.87 -0.62 -5.82
CA PRO A 38 1.51 -1.30 -6.94
C PRO A 38 0.77 -2.61 -7.27
N HIS A 39 1.41 -3.40 -8.11
CA HIS A 39 0.82 -4.67 -8.52
C HIS A 39 1.93 -5.71 -8.69
N ASN A 40 1.55 -6.85 -9.25
CA ASN A 40 2.50 -7.92 -9.48
C ASN A 40 1.76 -9.16 -9.99
N VAL A 41 2.53 -10.11 -10.48
CA VAL A 41 1.96 -11.34 -11.01
C VAL A 41 2.18 -12.47 -10.01
N ILE A 42 1.06 -12.96 -9.46
CA ILE A 42 1.12 -14.03 -8.49
C ILE A 42 0.08 -15.11 -8.86
N PHE A 43 0.43 -15.88 -9.88
CA PHE A 43 -0.45 -16.95 -10.34
C PHE A 43 -0.96 -17.78 -9.16
N ASP A 44 -2.06 -18.49 -9.41
CA ASP A 44 -2.65 -19.33 -8.39
C ASP A 44 -2.17 -20.77 -8.57
N LYS A 45 -2.29 -21.25 -9.80
CA LYS A 45 -1.87 -22.60 -10.13
C LYS A 45 -2.41 -22.98 -11.51
N VAL A 46 -1.59 -23.74 -12.24
CA VAL A 46 -1.97 -24.17 -13.57
C VAL A 46 -1.79 -25.69 -13.67
N PRO A 47 -2.51 -26.29 -14.66
CA PRO A 47 -2.44 -27.72 -14.88
C PRO A 47 -1.13 -28.11 -15.56
N ALA A 48 -0.83 -29.40 -15.50
CA ALA A 48 0.39 -29.91 -16.12
C ALA A 48 0.62 -29.21 -17.45
N GLY A 49 1.86 -28.81 -17.68
CA GLY A 49 2.22 -28.13 -18.91
C GLY A 49 3.08 -26.89 -18.62
N GLU A 50 2.52 -26.00 -17.81
CA GLU A 50 3.22 -24.79 -17.45
C GLU A 50 3.63 -24.82 -15.98
N SER A 51 4.14 -23.69 -15.51
CA SER A 51 4.58 -23.57 -14.13
C SER A 51 4.04 -22.27 -13.52
N ALA A 52 2.76 -22.30 -13.17
CA ALA A 52 2.13 -21.14 -12.58
C ALA A 52 2.95 -20.66 -11.38
N PRO A 53 3.24 -21.63 -10.47
CA PRO A 53 4.02 -21.32 -9.28
C PRO A 53 5.51 -21.15 -9.62
N ALA A 54 5.76 -20.31 -10.62
CA ALA A 54 7.12 -20.05 -11.05
C ALA A 54 7.17 -18.71 -11.77
N LEU A 55 6.21 -18.50 -12.65
CA LEU A 55 6.13 -17.28 -13.41
C LEU A 55 5.84 -16.11 -12.46
N SER A 56 5.17 -16.44 -11.37
CA SER A 56 4.81 -15.44 -10.37
C SER A 56 6.02 -14.56 -10.07
N ASN A 57 5.89 -13.28 -10.42
CA ASN A 57 6.96 -12.33 -10.18
C ASN A 57 6.57 -11.40 -9.05
N THR A 58 7.34 -11.44 -7.98
CA THR A 58 7.09 -10.61 -6.82
C THR A 58 7.82 -9.27 -6.95
N LYS A 59 8.14 -8.94 -8.19
CA LYS A 59 8.84 -7.69 -8.47
C LYS A 59 7.82 -6.56 -8.60
N LEU A 60 7.14 -6.29 -7.51
CA LEU A 60 6.14 -5.23 -7.49
C LEU A 60 6.65 -4.03 -8.29
N ALA A 61 6.14 -3.91 -9.50
CA ALA A 61 6.54 -2.82 -10.37
C ALA A 61 5.81 -1.54 -9.96
N ILE A 62 6.51 -0.72 -9.18
CA ILE A 62 5.94 0.54 -8.71
C ILE A 62 5.76 1.49 -9.89
N ALA A 63 6.79 1.57 -10.71
CA ALA A 63 6.76 2.44 -11.87
C ALA A 63 5.65 1.97 -12.81
N PRO A 64 4.59 2.82 -12.92
CA PRO A 64 3.46 2.51 -13.78
C PRO A 64 3.82 2.73 -15.25
N GLY A 65 3.36 1.80 -16.07
CA GLY A 65 3.62 1.87 -17.51
C GLY A 65 3.23 0.56 -18.20
N SER A 66 3.97 -0.49 -17.89
CA SER A 66 3.71 -1.79 -18.48
C SER A 66 4.70 -2.82 -17.93
N PHE A 67 4.23 -3.56 -16.92
CA PHE A 67 5.07 -4.57 -16.29
C PHE A 67 5.92 -5.30 -17.34
N TYR A 68 5.33 -6.33 -17.91
CA TYR A 68 6.01 -7.12 -18.92
C TYR A 68 5.05 -8.12 -19.59
N SER A 69 5.58 -8.80 -20.59
CA SER A 69 4.79 -9.79 -21.32
C SER A 69 5.43 -11.16 -21.19
N VAL A 70 4.63 -12.19 -21.47
CA VAL A 70 5.09 -13.55 -21.39
C VAL A 70 4.26 -14.43 -22.33
N THR A 71 4.96 -15.31 -23.03
CA THR A 71 4.29 -16.22 -23.96
C THR A 71 3.98 -17.55 -23.28
N LEU A 72 2.86 -18.14 -23.69
CA LEU A 72 2.44 -19.41 -23.12
C LEU A 72 2.25 -20.42 -24.25
N GLY A 73 2.01 -21.66 -23.86
CA GLY A 73 1.80 -22.73 -24.82
C GLY A 73 0.92 -23.84 -24.24
N THR A 74 1.22 -24.20 -23.00
CA THR A 74 0.47 -25.24 -22.32
C THR A 74 -1.03 -24.93 -22.37
N PRO A 75 -1.80 -25.91 -22.91
CA PRO A 75 -3.24 -25.75 -23.02
C PRO A 75 -3.91 -25.92 -21.65
N GLY A 76 -4.93 -25.11 -21.42
CA GLY A 76 -5.66 -25.16 -20.15
C GLY A 76 -6.03 -23.76 -19.68
N THR A 77 -6.67 -23.71 -18.53
CA THR A 77 -7.09 -22.44 -17.94
C THR A 77 -6.18 -22.07 -16.77
N TYR A 78 -5.52 -20.93 -16.91
CA TYR A 78 -4.62 -20.45 -15.87
C TYR A 78 -5.33 -19.45 -14.96
N SER A 79 -5.02 -19.55 -13.67
CA SER A 79 -5.61 -18.66 -12.69
C SER A 79 -4.51 -17.95 -11.90
N PHE A 80 -4.79 -16.70 -11.54
CA PHE A 80 -3.84 -15.90 -10.80
C PHE A 80 -4.57 -14.96 -9.83
N TYR A 81 -3.78 -14.07 -9.24
CA TYR A 81 -4.33 -13.10 -8.29
C TYR A 81 -3.28 -12.07 -7.89
N CYS A 82 -3.76 -10.99 -7.29
CA CYS A 82 -2.87 -9.93 -6.86
C CYS A 82 -2.50 -10.17 -5.39
N THR A 83 -1.19 -10.27 -5.17
CA THR A 83 -0.68 -10.52 -3.82
C THR A 83 -1.29 -9.51 -2.84
N PRO A 84 -1.19 -8.21 -3.22
CA PRO A 84 -1.71 -7.14 -2.38
C PRO A 84 -3.24 -7.09 -2.46
N HIS A 85 -3.73 -6.82 -3.66
CA HIS A 85 -5.16 -6.74 -3.88
C HIS A 85 -5.77 -8.14 -3.90
N ARG A 86 -5.55 -8.85 -2.80
CA ARG A 86 -6.08 -10.20 -2.67
C ARG A 86 -7.50 -10.17 -2.11
N GLY A 87 -7.72 -9.27 -1.17
CA GLY A 87 -9.03 -9.13 -0.55
C GLY A 87 -9.90 -8.14 -1.33
N ALA A 88 -9.23 -7.26 -2.06
CA ALA A 88 -9.93 -6.26 -2.84
C ALA A 88 -10.71 -6.96 -3.96
N GLY A 89 -10.37 -8.21 -4.19
CA GLY A 89 -11.03 -9.00 -5.21
C GLY A 89 -10.44 -8.70 -6.60
N MET A 90 -9.16 -9.04 -6.74
CA MET A 90 -8.46 -8.81 -7.99
C MET A 90 -7.90 -10.12 -8.54
N VAL A 91 -8.80 -10.94 -9.08
CA VAL A 91 -8.40 -12.21 -9.65
C VAL A 91 -8.87 -12.29 -11.10
N GLY A 92 -8.16 -13.09 -11.88
CA GLY A 92 -8.48 -13.26 -13.28
C GLY A 92 -8.15 -14.67 -13.76
N THR A 93 -8.32 -14.88 -15.05
CA THR A 93 -8.03 -16.19 -15.65
C THR A 93 -7.43 -16.01 -17.05
N ILE A 94 -6.81 -17.08 -17.51
CA ILE A 94 -6.19 -17.06 -18.84
C ILE A 94 -6.29 -18.45 -19.46
N THR A 95 -6.91 -18.50 -20.62
CA THR A 95 -7.08 -19.75 -21.34
C THR A 95 -6.12 -19.83 -22.52
N VAL A 96 -5.64 -21.04 -22.78
CA VAL A 96 -4.71 -21.27 -23.87
C VAL A 96 -5.23 -22.42 -24.73
N GLU A 97 -6.26 -22.11 -25.51
CA GLU A 97 -6.85 -23.11 -26.38
C GLU A 97 -6.14 -23.11 -27.74
N TYR B 1 -2.66 0.48 1.80
CA TYR B 1 -2.75 1.42 0.66
C TYR B 1 -3.79 2.46 0.93
N PRO B 2 -3.77 3.55 0.23
CA PRO B 2 -4.76 4.56 0.46
C PRO B 2 -6.11 4.02 0.15
N PHE B 3 -6.17 3.06 -0.78
CA PHE B 3 -7.39 2.45 -1.23
C PHE B 3 -8.03 1.77 -0.05
N TYR B 4 -7.21 1.10 0.77
CA TYR B 4 -7.68 0.37 1.92
C TYR B 4 -8.27 1.33 2.91
N ALA B 5 -7.69 2.54 3.06
CA ALA B 5 -8.27 3.50 3.97
C ALA B 5 -9.64 3.85 3.48
N GLN B 6 -9.81 4.06 2.16
CA GLN B 6 -11.09 4.47 1.65
C GLN B 6 -12.14 3.44 1.95
N TYR B 7 -11.84 2.14 1.76
CA TYR B 7 -12.86 1.16 2.04
C TYR B 7 -13.20 1.09 3.49
N ASN B 8 -12.20 1.14 4.37
CA ASN B 8 -12.42 0.99 5.78
C ASN B 8 -13.03 2.19 6.45
N TYR B 9 -12.59 3.43 6.10
CA TYR B 9 -13.08 4.53 6.90
C TYR B 9 -13.62 5.63 6.03
N ASP B 10 -14.84 6.09 6.36
CA ASP B 10 -15.41 7.16 5.60
C ASP B 10 -14.59 8.39 5.88
N SER B 11 -14.20 8.61 7.16
CA SER B 11 -13.41 9.75 7.51
C SER B 11 -12.03 9.27 7.89
N PRO B 12 -11.05 9.76 7.18
CA PRO B 12 -9.67 9.40 7.37
C PRO B 12 -9.04 9.96 8.61
N ARG B 13 -9.66 10.97 9.26
CA ARG B 13 -9.06 11.57 10.41
C ARG B 13 -9.97 11.33 11.57
N GLU B 14 -9.41 10.73 12.64
CA GLU B 14 -10.16 10.41 13.83
C GLU B 14 -10.30 11.68 14.63
N ALA B 15 -11.22 11.66 15.62
CA ALA B 15 -11.51 12.81 16.42
C ALA B 15 -10.26 13.23 17.12
N THR B 16 -9.45 12.24 17.53
CA THR B 16 -8.22 12.48 18.22
C THR B 16 -7.32 13.23 17.29
N GLY B 17 -7.49 13.01 15.97
CA GLY B 17 -6.64 13.66 15.02
C GLY B 17 -5.75 12.62 14.44
N LYS B 18 -5.87 11.38 14.94
CA LYS B 18 -5.07 10.33 14.40
C LYS B 18 -5.62 9.98 13.04
N ILE B 19 -4.72 9.77 12.07
CA ILE B 19 -5.06 9.42 10.72
C ILE B 19 -5.12 7.93 10.65
N VAL B 20 -6.12 7.40 9.92
CA VAL B 20 -6.51 6.01 9.86
C VAL B 20 -5.41 5.10 9.39
N CYS B 21 -4.45 5.60 8.60
CA CYS B 21 -3.42 4.74 8.07
C CYS B 21 -2.71 4.08 9.22
N ALA B 22 -2.71 4.74 10.39
CA ALA B 22 -2.03 4.30 11.57
C ALA B 22 -2.55 2.97 12.01
N ASN B 23 -3.83 2.65 11.72
CA ASN B 23 -4.36 1.41 12.19
C ASN B 23 -3.54 0.26 11.63
N CYS B 24 -3.22 0.31 10.32
CA CYS B 24 -2.41 -0.69 9.64
C CYS B 24 -0.92 -0.52 9.76
N HIS B 25 -0.43 0.74 9.62
CA HIS B 25 0.99 0.99 9.60
C HIS B 25 1.35 1.45 10.96
N LEU B 26 1.84 0.49 11.75
CA LEU B 26 2.09 0.60 13.16
C LEU B 26 3.23 1.52 13.56
N ALA B 27 4.33 1.59 12.78
CA ALA B 27 5.48 2.34 13.22
C ALA B 27 5.37 3.79 12.86
N LYS B 28 6.02 4.66 13.67
CA LYS B 28 5.96 6.07 13.43
C LYS B 28 7.23 6.51 12.76
N LYS B 29 7.09 7.36 11.72
CA LYS B 29 8.19 7.95 11.00
C LYS B 29 7.75 9.34 10.67
N THR B 30 8.71 10.21 10.30
CA THR B 30 8.40 11.60 10.10
C THR B 30 7.65 11.86 8.84
N VAL B 31 6.89 12.98 8.84
CA VAL B 31 6.21 13.43 7.65
C VAL B 31 6.43 14.92 7.62
N GLU B 32 6.69 15.48 6.41
CA GLU B 32 6.90 16.90 6.35
C GLU B 32 6.02 17.50 5.30
N ILE B 33 5.52 18.72 5.56
CA ILE B 33 4.71 19.40 4.59
C ILE B 33 5.02 20.87 4.64
N GLU B 34 5.17 21.52 3.47
CA GLU B 34 5.40 22.94 3.46
C GLU B 34 4.43 23.59 2.52
N VAL B 35 3.85 24.72 2.95
CA VAL B 35 2.91 25.46 2.15
C VAL B 35 3.16 26.92 2.44
N PRO B 36 2.62 27.78 1.62
CA PRO B 36 2.82 29.19 1.81
C PRO B 36 2.10 29.68 3.04
N GLN B 37 2.53 30.83 3.57
CA GLN B 37 1.95 31.40 4.75
C GLN B 37 0.51 31.72 4.45
N ALA B 38 0.24 32.34 3.29
CA ALA B 38 -1.09 32.72 2.98
C ALA B 38 -1.30 32.60 1.50
N VAL B 39 -2.57 32.50 1.08
CA VAL B 39 -2.88 32.41 -0.33
C VAL B 39 -4.12 33.21 -0.62
N LEU B 40 -4.21 33.76 -1.85
CA LEU B 40 -5.33 34.56 -2.27
C LEU B 40 -6.43 33.62 -2.71
N PRO B 41 -7.66 34.07 -2.72
CA PRO B 41 -8.81 33.22 -2.98
C PRO B 41 -8.73 32.19 -4.05
N ASP B 42 -9.19 32.38 -5.28
CA ASP B 42 -9.12 31.26 -6.18
C ASP B 42 -7.77 31.27 -6.81
N THR B 43 -6.76 30.77 -6.05
CA THR B 43 -5.41 30.79 -6.54
C THR B 43 -4.80 29.43 -6.35
N VAL B 44 -3.72 29.13 -7.10
CA VAL B 44 -3.10 27.85 -7.00
C VAL B 44 -1.78 28.01 -6.30
N PHE B 45 -1.45 27.08 -5.38
CA PHE B 45 -0.22 27.14 -4.66
C PHE B 45 0.29 25.74 -4.50
N LYS B 46 1.57 25.58 -4.09
CA LYS B 46 2.12 24.25 -3.99
C LYS B 46 2.23 23.82 -2.57
N ALA B 47 1.91 22.53 -2.32
CA ALA B 47 2.07 21.92 -1.04
C ALA B 47 3.13 20.88 -1.27
N VAL B 48 4.25 20.98 -0.52
CA VAL B 48 5.35 20.08 -0.72
C VAL B 48 5.35 19.05 0.37
N VAL B 49 5.39 17.76 -0.02
CA VAL B 49 5.33 16.68 0.93
C VAL B 49 6.59 15.86 0.82
N LYS B 50 7.17 15.45 1.98
CA LYS B 50 8.34 14.62 1.97
C LYS B 50 8.15 13.53 2.99
N VAL B 51 8.63 12.30 2.68
CA VAL B 51 8.50 11.18 3.57
C VAL B 51 9.85 10.50 3.68
N PRO B 52 10.64 10.91 4.62
CA PRO B 52 11.99 10.40 4.71
C PRO B 52 12.20 9.02 5.22
N TYR B 53 13.18 8.31 4.61
CA TYR B 53 13.64 7.03 5.08
C TYR B 53 14.98 6.82 4.46
N ASP B 54 15.77 5.86 5.00
CA ASP B 54 17.07 5.63 4.45
C ASP B 54 16.89 4.77 3.22
N LEU B 55 17.28 5.31 2.06
CA LEU B 55 17.14 4.65 0.79
C LEU B 55 17.97 3.41 0.76
N ASP B 56 19.06 3.38 1.54
CA ASP B 56 19.93 2.23 1.57
C ASP B 56 19.25 1.02 2.16
N ILE B 57 18.23 1.19 3.04
CA ILE B 57 17.68 0.04 3.69
C ILE B 57 16.51 -0.52 2.94
N GLN B 58 16.51 -1.86 2.75
CA GLN B 58 15.50 -2.59 2.04
C GLN B 58 14.49 -3.13 3.00
N GLN B 59 13.29 -3.45 2.48
CA GLN B 59 12.16 -3.90 3.24
C GLN B 59 11.78 -5.28 2.80
N VAL B 60 11.08 -6.03 3.69
CA VAL B 60 10.62 -7.34 3.37
C VAL B 60 9.43 -7.15 2.47
N GLN B 61 9.40 -7.88 1.34
CA GLN B 61 8.31 -7.76 0.41
C GLN B 61 7.38 -8.93 0.59
N ALA B 62 6.32 -8.99 -0.24
CA ALA B 62 5.30 -9.98 -0.10
C ALA B 62 5.88 -11.37 -0.20
N ASP B 63 6.84 -11.59 -1.11
CA ASP B 63 7.42 -12.90 -1.29
C ASP B 63 8.35 -13.25 -0.16
N GLY B 64 8.79 -12.26 0.63
CA GLY B 64 9.68 -12.50 1.74
C GLY B 64 11.04 -11.98 1.42
N SER B 65 11.30 -11.66 0.13
CA SER B 65 12.58 -11.14 -0.30
C SER B 65 12.66 -9.66 -0.04
N PRO B 66 13.88 -9.17 -0.03
CA PRO B 66 14.08 -7.74 0.15
C PRO B 66 13.84 -6.92 -1.09
N SER B 67 13.34 -5.68 -0.94
CA SER B 67 13.11 -4.83 -2.08
C SER B 67 12.96 -3.41 -1.60
N GLY B 68 12.65 -2.48 -2.53
CA GLY B 68 12.54 -1.07 -2.23
C GLY B 68 11.23 -0.78 -1.57
N LEU B 69 11.07 0.46 -1.07
CA LEU B 69 9.88 0.88 -0.39
C LEU B 69 9.09 1.77 -1.29
N ASN B 70 7.76 1.80 -1.07
CA ASN B 70 6.85 2.64 -1.82
C ASN B 70 6.30 3.61 -0.82
N VAL B 71 5.84 4.78 -1.29
CA VAL B 71 5.36 5.79 -0.38
C VAL B 71 3.99 6.23 -0.81
N GLY B 72 3.25 6.89 0.10
CA GLY B 72 1.93 7.36 -0.21
C GLY B 72 1.53 8.30 0.87
N ALA B 73 0.43 9.07 0.66
CA ALA B 73 0.05 9.99 1.69
C ALA B 73 -1.38 10.41 1.50
N VAL B 74 -1.95 11.00 2.57
CA VAL B 74 -3.26 11.58 2.53
C VAL B 74 -3.04 13.00 2.95
N LEU B 75 -3.51 13.97 2.13
CA LEU B 75 -3.33 15.35 2.47
C LEU B 75 -4.68 15.94 2.68
N MET B 76 -4.99 16.38 3.92
CA MET B 76 -6.31 16.89 4.16
C MET B 76 -6.26 18.38 4.16
N LEU B 77 -6.92 18.97 3.15
CA LEU B 77 -6.98 20.40 3.00
C LEU B 77 -8.26 20.88 3.60
N PRO B 78 -8.35 22.17 3.78
CA PRO B 78 -9.53 22.76 4.36
C PRO B 78 -10.67 22.69 3.41
N GLU B 79 -11.91 22.92 3.91
CA GLU B 79 -13.08 22.85 3.07
C GLU B 79 -12.91 23.81 1.94
N GLY B 80 -13.33 23.37 0.74
CA GLY B 80 -13.35 24.20 -0.43
C GLY B 80 -12.07 24.08 -1.21
N PHE B 81 -10.99 23.60 -0.57
CA PHE B 81 -9.73 23.45 -1.26
C PHE B 81 -9.77 22.18 -2.06
N LYS B 82 -9.13 22.19 -3.25
CA LYS B 82 -9.09 21.01 -4.06
C LYS B 82 -7.80 21.01 -4.83
N LEU B 83 -7.47 19.86 -5.47
CA LEU B 83 -6.29 19.80 -6.28
C LEU B 83 -6.60 20.69 -7.44
N ALA B 84 -5.59 21.42 -7.97
CA ALA B 84 -5.86 22.37 -9.02
C ALA B 84 -6.03 21.67 -10.32
N PRO B 85 -6.93 22.18 -11.13
CA PRO B 85 -7.13 21.65 -12.45
C PRO B 85 -5.97 22.10 -13.29
N PRO B 86 -5.64 21.33 -14.28
CA PRO B 86 -4.49 21.62 -15.11
C PRO B 86 -4.56 22.99 -15.69
N GLU B 87 -5.76 23.45 -16.08
CA GLU B 87 -5.95 24.70 -16.77
C GLU B 87 -5.55 25.81 -15.87
N ARG B 88 -5.81 25.63 -14.57
CA ARG B 88 -5.56 26.59 -13.53
C ARG B 88 -4.10 26.74 -13.20
N VAL B 89 -3.25 25.74 -13.45
CA VAL B 89 -1.87 25.86 -13.04
C VAL B 89 -1.13 26.81 -13.92
N ASP B 90 -0.45 27.81 -13.31
CA ASP B 90 0.24 28.77 -14.11
C ASP B 90 1.46 28.15 -14.73
N GLU B 91 1.99 28.82 -15.78
CA GLU B 91 3.00 28.28 -16.65
C GLU B 91 4.28 27.94 -15.96
N GLU B 92 4.83 28.82 -15.11
CA GLU B 92 6.11 28.52 -14.54
C GLU B 92 6.00 27.28 -13.71
N LEU B 93 4.88 27.15 -12.99
CA LEU B 93 4.60 26.12 -12.03
C LEU B 93 4.37 24.74 -12.57
N MET B 94 3.83 24.58 -13.79
CA MET B 94 3.37 23.29 -14.24
C MET B 94 4.44 22.25 -14.16
N GLU B 95 5.68 22.57 -14.54
CA GLU B 95 6.72 21.59 -14.49
C GLU B 95 7.08 21.22 -13.07
N GLU B 96 6.96 22.19 -12.14
CA GLU B 96 7.33 22.08 -10.75
C GLU B 96 6.45 21.14 -9.98
N VAL B 97 5.20 20.93 -10.42
CA VAL B 97 4.28 20.17 -9.64
C VAL B 97 4.17 18.77 -10.16
N GLY B 98 3.71 17.84 -9.31
CA GLY B 98 3.57 16.48 -9.73
C GLY B 98 2.59 16.52 -10.83
N ASP B 99 2.58 15.46 -11.69
CA ASP B 99 1.62 15.39 -12.75
C ASP B 99 0.34 15.53 -12.03
N PHE B 100 -0.24 16.72 -12.23
CA PHE B 100 -1.34 17.17 -11.44
C PHE B 100 -2.42 16.19 -11.53
N TYR B 101 -2.80 15.79 -12.74
CA TYR B 101 -3.93 14.95 -12.65
C TYR B 101 -3.67 13.61 -12.07
N TYR B 102 -2.72 12.91 -12.70
CA TYR B 102 -2.53 11.49 -12.52
C TYR B 102 -2.22 11.08 -11.13
N LEU B 103 -1.29 11.76 -10.46
CA LEU B 103 -0.88 11.32 -9.15
C LEU B 103 -1.97 11.43 -8.12
N VAL B 104 -2.86 12.44 -8.25
CA VAL B 104 -3.80 12.75 -7.19
C VAL B 104 -5.18 12.20 -7.38
N THR B 105 -5.72 11.58 -6.30
CA THR B 105 -7.05 11.04 -6.31
C THR B 105 -7.81 11.56 -5.12
N PRO B 106 -9.06 11.91 -5.31
CA PRO B 106 -9.86 12.39 -4.21
C PRO B 106 -10.26 11.25 -3.33
N TYR B 107 -10.46 11.52 -2.03
CA TYR B 107 -10.80 10.50 -1.08
C TYR B 107 -12.15 9.95 -1.44
N SER B 108 -13.08 10.86 -1.80
CA SER B 108 -14.42 10.50 -2.19
C SER B 108 -14.94 11.63 -3.01
N GLU B 109 -16.14 11.46 -3.60
CA GLU B 109 -16.69 12.48 -4.45
C GLU B 109 -16.92 13.73 -3.66
N THR B 110 -17.47 13.58 -2.43
CA THR B 110 -17.78 14.67 -1.54
C THR B 110 -16.53 15.27 -0.95
N ASP B 111 -15.49 14.43 -0.78
CA ASP B 111 -14.20 14.54 -0.15
C ASP B 111 -13.06 15.14 -0.95
N GLU B 112 -13.32 15.92 -2.02
CA GLU B 112 -12.29 16.40 -2.90
C GLU B 112 -11.18 17.13 -2.19
N ASN B 113 -11.45 17.70 -0.99
CA ASN B 113 -10.46 18.39 -0.20
C ASN B 113 -9.44 17.42 0.35
N ILE B 114 -9.76 16.11 0.42
CA ILE B 114 -8.82 15.14 0.92
C ILE B 114 -8.21 14.43 -0.26
N LEU B 115 -6.88 14.57 -0.42
CA LEU B 115 -6.14 14.09 -1.56
C LEU B 115 -5.28 12.92 -1.18
N LEU B 116 -5.28 11.87 -2.03
CA LEU B 116 -4.50 10.68 -1.79
C LEU B 116 -3.50 10.55 -2.90
N ALA B 117 -2.28 10.06 -2.57
CA ALA B 117 -1.28 9.83 -3.58
C ALA B 117 -0.60 8.53 -3.21
N GLY B 118 -0.12 7.78 -4.21
CA GLY B 118 0.60 6.57 -3.94
C GLY B 118 -0.29 5.38 -4.07
N PRO B 119 0.30 4.20 -4.00
CA PRO B 119 1.72 4.11 -3.79
C PRO B 119 2.56 4.50 -4.96
N LEU B 120 3.73 5.11 -4.67
CA LEU B 120 4.68 5.54 -5.67
C LEU B 120 6.01 5.00 -5.23
N PRO B 121 6.93 4.83 -6.14
CA PRO B 121 8.23 4.34 -5.77
C PRO B 121 8.94 5.37 -4.94
N GLY B 122 9.49 4.98 -3.79
CA GLY B 122 10.11 5.88 -2.86
C GLY B 122 11.33 6.51 -3.46
N GLU B 123 12.10 5.75 -4.25
CA GLU B 123 13.33 6.28 -4.78
C GLU B 123 13.03 7.42 -5.71
N ASP B 124 11.93 7.31 -6.49
CA ASP B 124 11.55 8.28 -7.47
C ASP B 124 11.04 9.56 -6.86
N TYR B 125 10.23 9.49 -5.77
CA TYR B 125 9.63 10.71 -5.31
C TYR B 125 10.18 11.15 -3.99
N GLN B 126 11.23 11.98 -4.03
CA GLN B 126 11.78 12.54 -2.82
C GLN B 126 10.82 13.55 -2.30
N GLU B 127 10.17 14.27 -3.22
CA GLU B 127 9.25 15.31 -2.85
C GLU B 127 8.02 15.09 -3.69
N MET B 128 6.82 15.25 -3.09
CA MET B 128 5.61 15.12 -3.85
C MET B 128 5.00 16.47 -3.80
N ILE B 129 4.79 17.12 -4.95
CA ILE B 129 4.28 18.47 -4.89
C ILE B 129 2.88 18.52 -5.40
N PHE B 130 1.94 18.92 -4.52
CA PHE B 130 0.55 18.95 -4.91
C PHE B 130 0.18 20.35 -5.31
N PRO B 131 -0.36 20.53 -6.49
CA PRO B 131 -0.85 21.79 -6.97
C PRO B 131 -2.16 21.98 -6.27
N ILE B 132 -2.39 23.08 -5.54
CA ILE B 132 -3.65 23.15 -4.85
C ILE B 132 -4.37 24.42 -5.20
N LEU B 133 -5.69 24.32 -5.40
CA LEU B 133 -6.46 25.49 -5.74
C LEU B 133 -7.31 25.88 -4.55
N SER B 134 -7.17 27.13 -4.08
CA SER B 134 -7.94 27.62 -2.96
C SER B 134 -9.34 27.97 -3.41
N PRO B 135 -10.28 27.95 -2.48
CA PRO B 135 -11.66 28.30 -2.74
C PRO B 135 -11.86 29.78 -2.79
N ASN B 136 -13.08 30.24 -3.16
CA ASN B 136 -13.37 31.66 -3.15
C ASN B 136 -14.58 31.87 -2.30
N PRO B 137 -14.40 32.48 -1.16
CA PRO B 137 -15.50 32.67 -0.25
C PRO B 137 -16.57 33.57 -0.77
N ALA B 138 -16.26 34.50 -1.69
CA ALA B 138 -17.29 35.36 -2.14
C ALA B 138 -18.34 34.52 -2.81
N THR B 139 -17.87 33.59 -3.67
CA THR B 139 -18.74 32.69 -4.37
C THR B 139 -19.24 31.59 -3.48
N ASP B 140 -18.40 31.10 -2.55
CA ASP B 140 -18.77 29.93 -1.77
C ASP B 140 -19.04 30.31 -0.34
N ALA B 141 -20.31 30.12 0.08
CA ALA B 141 -20.83 30.42 1.39
C ALA B 141 -20.20 29.56 2.44
N GLY B 142 -19.91 28.28 2.08
CA GLY B 142 -19.41 27.30 2.99
C GLY B 142 -18.08 27.72 3.55
N VAL B 143 -17.26 28.47 2.79
CA VAL B 143 -15.96 28.81 3.29
C VAL B 143 -15.82 30.29 3.51
N TYR B 144 -14.99 30.65 4.51
CA TYR B 144 -14.75 32.03 4.81
C TYR B 144 -13.26 32.24 4.85
N PHE B 145 -12.82 33.51 4.85
CA PHE B 145 -11.41 33.80 4.92
C PHE B 145 -11.01 33.57 6.34
N GLY B 146 -9.75 33.15 6.56
CA GLY B 146 -9.30 32.91 7.91
C GLY B 146 -8.11 32.00 7.84
N LYS B 147 -7.63 31.56 9.03
CA LYS B 147 -6.50 30.69 9.09
C LYS B 147 -7.01 29.28 9.18
N TYR B 148 -6.39 28.35 8.43
CA TYR B 148 -6.89 27.00 8.45
C TYR B 148 -5.76 26.03 8.64
N SER B 149 -6.09 24.80 9.06
CA SER B 149 -5.10 23.80 9.30
C SER B 149 -5.15 22.78 8.21
N ILE B 150 -3.98 22.21 7.87
CA ILE B 150 -3.87 21.20 6.86
C ILE B 150 -3.26 20.02 7.58
N HIS B 151 -3.79 18.80 7.34
CA HIS B 151 -3.28 17.66 8.04
C HIS B 151 -2.66 16.72 7.06
N LEU B 152 -1.44 16.25 7.35
CA LEU B 152 -0.77 15.35 6.47
C LEU B 152 -0.55 14.03 7.16
N GLY B 153 -0.77 12.93 6.42
CA GLY B 153 -0.49 11.60 6.89
C GLY B 153 0.36 11.00 5.81
N GLY B 154 1.60 10.55 6.15
CA GLY B 154 2.45 10.06 5.10
C GLY B 154 3.08 8.75 5.51
N ASN B 155 3.13 7.80 4.57
CA ASN B 155 3.64 6.50 4.91
C ASN B 155 4.64 6.02 3.89
N ARG B 156 5.56 5.13 4.36
CA ARG B 156 6.50 4.48 3.49
C ARG B 156 6.56 3.06 3.99
N GLY B 157 6.63 2.07 3.09
CA GLY B 157 6.80 0.72 3.52
C GLY B 157 5.48 0.02 3.72
N ARG B 158 5.52 -1.32 3.69
CA ARG B 158 4.37 -2.17 3.78
C ARG B 158 3.82 -2.18 5.17
N GLY B 159 2.47 -2.30 5.27
CA GLY B 159 1.78 -2.27 6.53
C GLY B 159 1.87 -3.60 7.22
N GLN B 160 1.54 -3.59 8.52
CA GLN B 160 1.51 -4.70 9.43
C GLN B 160 0.26 -5.53 9.33
N VAL B 161 -0.91 -4.92 9.03
CA VAL B 161 -2.14 -5.65 9.06
C VAL B 161 -2.88 -5.45 7.78
N TYR B 162 -3.78 -6.40 7.45
CA TYR B 162 -4.53 -6.35 6.22
C TYR B 162 -5.94 -6.01 6.60
N PRO B 163 -6.72 -5.56 5.65
CA PRO B 163 -8.10 -5.27 5.92
C PRO B 163 -8.80 -6.52 6.32
N THR B 164 -8.16 -7.67 6.05
CA THR B 164 -8.65 -8.95 6.46
C THR B 164 -8.61 -8.95 7.95
N GLY B 165 -7.60 -8.28 8.53
CA GLY B 165 -7.44 -8.26 9.95
C GLY B 165 -6.30 -9.16 10.30
N GLU B 166 -5.79 -9.92 9.30
CA GLU B 166 -4.69 -10.79 9.55
C GLU B 166 -3.41 -10.03 9.38
N LEU B 167 -2.35 -10.49 10.09
CA LEU B 167 -1.07 -9.83 10.07
C LEU B 167 -0.34 -10.17 8.81
N SER B 168 0.48 -9.20 8.34
CA SER B 168 1.29 -9.36 7.17
C SER B 168 2.59 -9.97 7.59
N ASN B 169 3.47 -10.26 6.61
CA ASN B 169 4.78 -10.81 6.84
C ASN B 169 5.70 -9.75 7.39
N ASN B 170 5.32 -8.46 7.31
CA ASN B 170 6.18 -7.42 7.81
C ASN B 170 5.75 -7.07 9.21
N ASN B 171 5.78 -8.05 10.14
CA ASN B 171 5.35 -7.80 11.50
C ASN B 171 5.98 -8.81 12.41
N ALA B 172 5.93 -8.57 13.74
CA ALA B 172 6.49 -9.51 14.67
C ALA B 172 5.50 -10.62 14.92
N PHE B 173 6.02 -11.86 15.12
CA PHE B 173 5.16 -12.99 15.40
C PHE B 173 5.51 -13.47 16.78
N SER B 174 4.49 -13.85 17.60
CA SER B 174 4.76 -14.19 18.98
C SER B 174 4.34 -15.60 19.30
N ALA B 175 4.97 -16.18 20.35
CA ALA B 175 4.69 -17.52 20.77
C ALA B 175 3.28 -17.60 21.25
N SER B 176 2.52 -18.56 20.69
CA SER B 176 1.15 -18.76 21.03
C SER B 176 1.07 -19.31 22.42
N ILE B 177 2.12 -20.03 22.87
CA ILE B 177 2.09 -20.60 24.19
C ILE B 177 3.49 -20.73 24.70
N ALA B 178 3.65 -20.85 26.05
CA ALA B 178 4.93 -21.00 26.66
C ALA B 178 5.37 -22.43 26.57
N GLY B 179 6.69 -22.67 26.48
CA GLY B 179 7.18 -24.02 26.40
C GLY B 179 8.57 -24.00 25.84
N THR B 180 9.04 -25.17 25.34
CA THR B 180 10.36 -25.24 24.79
C THR B 180 10.26 -25.52 23.32
N ILE B 181 11.21 -24.99 22.53
CA ILE B 181 11.13 -25.13 21.10
C ILE B 181 11.83 -26.39 20.70
N ALA B 182 11.04 -27.41 20.34
CA ALA B 182 11.53 -28.68 19.90
C ALA B 182 12.18 -28.58 18.55
N ALA B 183 11.57 -27.82 17.61
CA ALA B 183 12.17 -27.77 16.31
C ALA B 183 11.57 -26.65 15.51
N ILE B 184 12.24 -26.27 14.40
CA ILE B 184 11.75 -25.27 13.49
C ILE B 184 12.07 -25.70 12.06
N GLU B 185 11.15 -25.52 11.09
CA GLU B 185 11.31 -25.96 9.70
C GLU B 185 11.37 -24.74 8.78
N ASP B 186 11.97 -24.80 7.53
CA ASP B 186 12.13 -23.53 6.82
C ASP B 186 12.15 -23.45 5.27
N ASN B 187 11.15 -22.77 4.62
CA ASN B 187 11.17 -22.42 3.20
C ASN B 187 11.17 -20.93 3.17
N GLY B 188 11.95 -20.37 4.10
CA GLY B 188 11.92 -18.95 4.29
C GLY B 188 10.88 -18.81 5.34
N PHE B 189 9.76 -19.55 5.13
CA PHE B 189 8.66 -19.62 6.05
C PHE B 189 9.14 -20.53 7.10
N GLY B 190 8.78 -20.23 8.34
CA GLY B 190 9.01 -21.24 9.29
C GLY B 190 7.64 -21.73 9.31
N PHE B 191 7.47 -22.87 8.64
CA PHE B 191 6.20 -23.48 8.52
C PHE B 191 5.84 -23.64 9.93
N ASP B 192 6.85 -23.97 10.76
CA ASP B 192 6.43 -24.07 12.10
C ASP B 192 7.55 -23.95 13.07
N VAL B 193 7.21 -23.31 14.19
CA VAL B 193 8.05 -23.38 15.35
C VAL B 193 7.23 -24.28 16.22
N THR B 194 7.79 -25.43 16.61
CA THR B 194 7.02 -26.33 17.42
C THR B 194 7.40 -26.09 18.84
N ILE B 195 6.38 -25.89 19.70
CA ILE B 195 6.66 -25.62 21.07
C ILE B 195 6.05 -26.68 21.91
N GLN B 196 6.79 -27.16 22.92
CA GLN B 196 6.30 -28.19 23.80
C GLN B 196 5.87 -27.51 25.07
N PRO B 197 4.59 -27.48 25.30
CA PRO B 197 4.12 -26.91 26.53
C PRO B 197 4.43 -27.70 27.76
N GLU B 198 4.12 -27.07 28.90
CA GLU B 198 4.45 -27.50 30.23
C GLU B 198 3.90 -28.87 30.50
N ASP B 199 2.78 -29.27 29.86
CA ASP B 199 2.27 -30.55 30.24
C ASP B 199 2.09 -31.50 29.08
N GLY B 200 3.12 -31.68 28.22
CA GLY B 200 3.07 -32.73 27.24
C GLY B 200 2.59 -32.27 25.89
N ASP B 201 1.74 -31.24 25.81
CA ASP B 201 1.18 -30.86 24.53
C ASP B 201 2.25 -30.25 23.67
N ALA B 202 2.02 -30.25 22.34
CA ALA B 202 2.93 -29.61 21.43
C ALA B 202 2.10 -28.78 20.49
N VAL B 203 2.49 -27.50 20.30
CA VAL B 203 1.74 -26.60 19.48
C VAL B 203 2.63 -26.10 18.39
N VAL B 204 2.03 -25.62 17.28
CA VAL B 204 2.88 -25.19 16.21
C VAL B 204 2.49 -23.80 15.81
N THR B 205 3.48 -22.89 15.70
CA THR B 205 3.18 -21.53 15.33
C THR B 205 3.80 -21.31 13.98
N SER B 206 3.00 -20.84 13.01
CA SER B 206 3.51 -20.68 11.68
C SER B 206 3.86 -19.25 11.47
N ILE B 207 5.06 -19.02 10.88
CA ILE B 207 5.46 -17.67 10.60
C ILE B 207 5.81 -17.65 9.14
N LEU B 208 5.45 -16.56 8.44
CA LEU B 208 5.69 -16.44 7.02
C LEU B 208 7.12 -16.03 6.79
N PRO B 209 7.62 -16.17 5.57
CA PRO B 209 8.96 -15.79 5.23
C PRO B 209 9.07 -14.31 5.45
N GLY B 210 10.26 -13.81 5.84
CA GLY B 210 10.46 -12.39 6.00
C GLY B 210 10.92 -12.04 7.39
N PRO B 211 10.18 -12.35 8.42
CA PRO B 211 10.64 -12.00 9.74
C PRO B 211 11.80 -12.88 10.08
N GLU B 212 12.73 -12.44 10.95
CA GLU B 212 13.85 -13.27 11.25
C GLU B 212 13.69 -13.85 12.63
N LEU B 213 13.87 -15.18 12.74
CA LEU B 213 13.69 -15.86 13.98
C LEU B 213 14.77 -15.47 14.94
N ILE B 214 14.32 -15.03 16.13
CA ILE B 214 15.07 -14.66 17.30
C ILE B 214 15.50 -15.88 18.06
N VAL B 215 14.70 -16.97 18.01
CA VAL B 215 14.89 -18.11 18.86
C VAL B 215 15.51 -19.26 18.17
N ALA B 216 16.04 -20.21 18.97
CA ALA B 216 16.70 -21.39 18.48
C ALA B 216 16.07 -22.58 19.13
N VAL B 217 16.25 -23.75 18.52
CA VAL B 217 15.66 -24.95 19.04
C VAL B 217 16.30 -25.22 20.37
N GLY B 218 15.48 -25.75 21.31
CA GLY B 218 15.93 -26.10 22.62
C GLY B 218 15.79 -24.90 23.51
N ASP B 219 15.21 -23.81 22.99
CA ASP B 219 15.09 -22.61 23.78
C ASP B 219 13.71 -22.54 24.36
N THR B 220 13.61 -22.05 25.61
CA THR B 220 12.33 -21.90 26.25
C THR B 220 11.80 -20.54 25.92
N VAL B 221 10.47 -20.42 25.79
CA VAL B 221 9.88 -19.14 25.49
C VAL B 221 8.62 -18.98 26.28
N GLU B 222 8.33 -17.74 26.70
CA GLU B 222 7.12 -17.47 27.44
C GLU B 222 6.03 -17.20 26.44
N ALA B 223 4.76 -17.31 26.87
CA ALA B 223 3.69 -17.08 25.95
C ALA B 223 3.71 -15.64 25.56
N GLY B 224 3.50 -15.37 24.26
CA GLY B 224 3.42 -14.04 23.76
C GLY B 224 4.79 -13.49 23.50
N GLN B 225 5.85 -14.26 23.83
CA GLN B 225 7.15 -13.69 23.61
C GLN B 225 7.44 -13.69 22.15
N LEU B 226 8.35 -12.78 21.71
CA LEU B 226 8.61 -12.64 20.31
C LEU B 226 9.47 -13.75 19.79
N LEU B 227 8.95 -14.42 18.74
CA LEU B 227 9.59 -15.46 17.98
C LEU B 227 10.53 -14.87 16.99
N THR B 228 10.25 -13.64 16.54
CA THR B 228 11.01 -13.04 15.48
C THR B 228 11.31 -11.60 15.82
N THR B 229 12.18 -10.97 15.02
CA THR B 229 12.48 -9.58 15.23
C THR B 229 11.35 -8.84 14.60
N ASN B 230 11.45 -7.50 14.57
CA ASN B 230 10.46 -6.74 13.87
C ASN B 230 11.13 -6.31 12.61
N PRO B 231 10.74 -6.88 11.50
CA PRO B 231 11.36 -6.60 10.24
C PRO B 231 10.99 -5.25 9.66
N ASN B 232 9.99 -4.57 10.22
CA ASN B 232 9.48 -3.33 9.68
C ASN B 232 10.53 -2.27 9.61
N VAL B 233 10.81 -1.79 8.36
CA VAL B 233 11.69 -0.71 7.98
C VAL B 233 11.01 0.63 7.84
N GLY B 234 9.69 0.65 7.59
CA GLY B 234 9.02 1.89 7.25
C GLY B 234 8.24 2.45 8.39
N GLY B 235 7.23 3.29 8.06
CA GLY B 235 6.42 3.84 9.11
C GLY B 235 5.53 4.91 8.56
N PHE B 236 4.58 5.36 9.41
CA PHE B 236 3.60 6.35 9.06
C PHE B 236 3.71 7.48 10.03
N GLY B 237 3.61 8.74 9.56
CA GLY B 237 3.74 9.86 10.44
C GLY B 237 2.75 10.92 10.03
N GLN B 238 2.49 11.89 10.94
CA GLN B 238 1.56 12.92 10.63
C GLN B 238 2.16 14.25 10.98
N MET B 239 1.75 15.31 10.26
CA MET B 239 2.19 16.62 10.60
C MET B 239 1.15 17.59 10.15
N ASP B 240 0.96 18.66 10.94
CA ASP B 240 -0.05 19.65 10.67
C ASP B 240 0.64 20.94 10.35
N SER B 241 -0.01 21.77 9.52
CA SER B 241 0.51 23.07 9.18
C SER B 241 -0.68 23.97 9.05
N GLU B 242 -0.46 25.30 8.97
CA GLU B 242 -1.57 26.19 8.85
C GLU B 242 -1.35 27.05 7.66
N ILE B 243 -2.44 27.56 7.05
CA ILE B 243 -2.35 28.45 5.93
C ILE B 243 -3.43 29.48 6.10
N VAL B 244 -3.18 30.72 5.62
CA VAL B 244 -4.15 31.77 5.79
C VAL B 244 -4.82 32.02 4.48
N LEU B 245 -6.17 31.93 4.46
CA LEU B 245 -6.91 32.21 3.25
C LEU B 245 -7.11 33.69 3.33
N GLN B 246 -6.42 34.44 2.45
CA GLN B 246 -6.34 35.88 2.55
C GLN B 246 -7.28 36.58 1.62
N SER B 247 -7.59 37.85 1.97
CA SER B 247 -8.45 38.67 1.16
C SER B 247 -7.56 39.47 0.27
N SER B 248 -7.96 39.62 -1.00
CA SER B 248 -7.16 40.32 -1.96
C SER B 248 -7.07 41.74 -1.57
N SER B 249 -6.02 42.39 -2.07
CA SER B 249 -5.82 43.77 -1.77
C SER B 249 -5.75 43.91 -0.26
CU CU C . -3.44 -5.17 -8.01
FE HEC D . -1.23 0.87 3.40
CHA HEC D . 1.05 -0.95 1.67
CHB HEC D . 0.09 3.77 2.17
CHC HEC D . -3.78 2.62 4.79
CHD HEC D . -2.21 -1.90 5.03
NA HEC D . 0.18 1.32 2.10
C1A HEC D . 1.01 0.45 1.45
C2A HEC D . 1.93 1.15 0.56
C3A HEC D . 1.69 2.47 0.74
C4A HEC D . 0.59 2.58 1.68
CMA HEC D . 2.44 3.61 0.08
CAA HEC D . 2.98 0.47 -0.32
CBA HEC D . 4.28 0.43 0.54
CGA HEC D . 5.39 -0.40 -0.08
O1A HEC D . 6.58 -0.12 0.23
O2A HEC D . 5.09 -1.33 -0.86
NB HEC D . -1.73 2.78 3.49
C1B HEC D . -0.99 3.88 3.01
C2B HEC D . -1.66 5.15 3.38
C3B HEC D . -2.78 4.84 4.12
C4B HEC D . -2.81 3.36 4.13
CMB HEC D . -1.14 6.54 3.12
CAB HEC D . -3.70 5.73 4.78
CBB HEC D . -4.33 6.82 3.90
NC HEC D . -2.75 0.45 4.55
C1C HEC D . -3.74 1.26 5.02
C2C HEC D . -4.68 0.54 5.85
C3C HEC D . -4.26 -0.72 5.93
C4C HEC D . -3.03 -0.78 5.14
CMC HEC D . -5.95 1.16 6.42
CAC HEC D . -4.83 -1.80 6.71
CBC HEC D . -6.32 -2.18 6.43
ND HEC D . -0.71 -1.03 3.33
C1D HEC D . -1.15 -2.03 4.18
C2D HEC D . -0.43 -3.28 3.98
C3D HEC D . 0.43 -3.03 2.97
C4D HEC D . 0.25 -1.64 2.58
CMD HEC D . -0.56 -4.63 4.76
CAD HEC D . 1.36 -4.02 2.31
CBD HEC D . 0.73 -4.78 1.14
CGD HEC D . 1.70 -5.77 0.54
O1D HEC D . 1.52 -6.99 0.77
O2D HEC D . 2.66 -5.30 -0.14
HHA HEC D . 1.76 -1.53 1.10
HHB HEC D . 0.58 4.68 1.86
HHC HEC D . -4.65 3.14 5.16
HHD HEC D . -2.44 -2.73 5.68
HMA1 HEC D . 2.04 3.77 -0.92
HMA2 HEC D . 3.48 3.37 0.01
HMA3 HEC D . 2.31 4.51 0.65
HAA1 HEC D . 3.14 1.05 -1.23
HAA2 HEC D . 2.65 -0.52 -0.59
HBA1 HEC D . 4.03 0.00 1.50
HBA2 HEC D . 4.63 1.44 0.67
HMB1 HEC D . -1.48 6.87 2.14
HMB2 HEC D . -0.06 6.54 3.14
HMB3 HEC D . -1.51 7.22 3.87
HAB HEC D . -4.54 5.16 5.16
HBB1 HEC D . -5.31 6.51 3.57
HBB2 HEC D . -4.42 7.74 4.48
HBB3 HEC D . -3.70 7.01 3.04
HMC1 HEC D . -5.85 1.24 7.50
HMC2 HEC D . -6.79 0.53 6.19
HMC3 HEC D . -6.09 2.14 6.00
HAC HEC D . -5.45 -1.53 7.52
HBC1 HEC D . -6.74 -2.68 7.30
HBC2 HEC D . -6.89 -1.29 6.22
HBC3 HEC D . -6.37 -2.85 5.57
HMD1 HEC D . 0.13 -4.64 5.58
HMD2 HEC D . -0.34 -5.44 4.09
HMD3 HEC D . -1.57 -4.73 5.13
HAD1 HEC D . 1.66 -4.75 3.05
HAD2 HEC D . 2.22 -3.49 1.94
HBD1 HEC D . 0.43 -4.07 0.38
HBD2 HEC D . -0.15 -5.31 1.49
N ALA A 1 -4.16 -14.19 -30.60
CA ALA A 1 -3.43 -12.98 -30.94
C ALA A 1 -2.84 -12.37 -29.66
N SER A 2 -1.86 -11.50 -29.86
CA SER A 2 -1.21 -10.85 -28.74
C SER A 2 -2.24 -10.10 -27.90
N VAL A 3 -2.22 -10.40 -26.60
CA VAL A 3 -3.15 -9.76 -25.68
C VAL A 3 -2.35 -9.06 -24.58
N GLN A 4 -3.09 -8.39 -23.70
CA GLN A 4 -2.47 -7.67 -22.60
C GLN A 4 -3.33 -7.78 -21.34
N ILE A 5 -2.67 -7.73 -20.20
CA ILE A 5 -3.36 -7.81 -18.92
C ILE A 5 -3.20 -6.50 -18.16
N LYS A 6 -4.31 -5.79 -18.02
CA LYS A 6 -4.31 -4.52 -17.33
C LYS A 6 -4.65 -4.75 -15.85
N MET A 7 -3.85 -4.13 -14.99
CA MET A 7 -4.06 -4.25 -13.56
C MET A 7 -4.67 -2.97 -12.98
N GLY A 8 -5.98 -3.01 -12.82
CA GLY A 8 -6.70 -1.87 -12.27
C GLY A 8 -7.70 -1.31 -13.29
N THR A 9 -8.83 -0.86 -12.77
CA THR A 9 -9.87 -0.30 -13.62
C THR A 9 -9.94 1.22 -13.45
N ASP A 10 -10.55 1.87 -14.43
CA ASP A 10 -10.69 3.31 -14.41
C ASP A 10 -11.49 3.72 -13.16
N LYS A 11 -12.15 2.73 -12.57
CA LYS A 11 -12.94 2.97 -11.38
C LYS A 11 -12.08 2.76 -10.15
N TYR A 12 -10.84 3.21 -10.24
CA TYR A 12 -9.90 3.08 -9.14
C TYR A 12 -10.07 1.74 -8.43
N ALA A 13 -10.51 0.75 -9.21
CA ALA A 13 -10.71 -0.58 -8.66
C ALA A 13 -9.58 -1.51 -9.12
N PRO A 14 -8.82 -2.01 -8.12
CA PRO A 14 -7.70 -2.90 -8.41
C PRO A 14 -8.19 -4.29 -8.78
N LEU A 15 -8.26 -4.52 -10.09
CA LEU A 15 -8.71 -5.81 -10.61
C LEU A 15 -8.04 -6.09 -11.95
N TYR A 16 -7.86 -7.36 -12.24
CA TYR A 16 -7.24 -7.78 -13.48
C TYR A 16 -8.22 -7.66 -14.65
N GLU A 17 -7.79 -6.94 -15.68
CA GLU A 17 -8.62 -6.74 -16.86
C GLU A 17 -7.82 -7.05 -18.13
N PRO A 18 -8.47 -7.81 -19.04
CA PRO A 18 -9.82 -8.28 -18.80
C PRO A 18 -9.85 -9.43 -17.79
N LYS A 19 -10.85 -9.40 -16.93
CA LYS A 19 -10.99 -10.43 -15.92
C LYS A 19 -10.65 -11.79 -16.52
N ALA A 20 -11.09 -11.98 -17.75
CA ALA A 20 -10.83 -13.23 -18.45
C ALA A 20 -10.05 -12.94 -19.73
N LEU A 21 -9.18 -13.88 -20.08
CA LEU A 21 -8.37 -13.74 -21.27
C LEU A 21 -8.20 -15.11 -21.94
N SER A 22 -8.23 -15.10 -23.26
CA SER A 22 -8.09 -16.32 -24.03
C SER A 22 -7.03 -16.14 -25.12
N ILE A 23 -6.29 -17.21 -25.35
CA ILE A 23 -5.24 -17.18 -26.36
C ILE A 23 -4.98 -18.61 -26.86
N SER A 24 -4.01 -18.72 -27.75
CA SER A 24 -3.66 -20.01 -28.32
C SER A 24 -2.20 -20.34 -28.01
N ALA A 25 -1.89 -21.63 -28.06
CA ALA A 25 -0.54 -22.09 -27.79
C ALA A 25 0.43 -21.41 -28.76
N GLY A 26 1.17 -20.45 -28.23
CA GLY A 26 2.13 -19.71 -29.04
C GLY A 26 1.87 -18.21 -28.97
N ASP A 27 0.76 -17.86 -28.34
CA ASP A 27 0.39 -16.46 -28.20
C ASP A 27 1.14 -15.85 -27.01
N THR A 28 0.98 -14.55 -26.86
CA THR A 28 1.64 -13.84 -25.78
C THR A 28 0.61 -13.10 -24.92
N VAL A 29 0.97 -12.88 -23.67
CA VAL A 29 0.08 -12.19 -22.74
C VAL A 29 0.88 -11.09 -22.02
N GLU A 30 0.64 -9.87 -22.46
CA GLU A 30 1.32 -8.72 -21.87
C GLU A 30 0.65 -8.32 -20.56
N PHE A 31 1.32 -7.44 -19.83
CA PHE A 31 0.79 -6.97 -18.55
C PHE A 31 1.18 -5.51 -18.31
N VAL A 32 0.17 -4.68 -18.13
CA VAL A 32 0.40 -3.28 -17.87
C VAL A 32 -0.32 -2.86 -16.58
N MET A 33 0.19 -1.81 -15.97
CA MET A 33 -0.38 -1.31 -14.74
C MET A 33 -1.33 -0.13 -15.00
N ASN A 34 -2.59 -0.34 -14.62
CA ASN A 34 -3.59 0.69 -14.81
C ASN A 34 -3.45 1.74 -13.70
N LYS A 35 -3.74 1.31 -12.49
CA LYS A 35 -3.65 2.20 -11.34
C LYS A 35 -3.75 1.37 -10.06
N VAL A 36 -3.95 2.08 -8.95
CA VAL A 36 -4.06 1.43 -7.66
C VAL A 36 -2.94 0.39 -7.51
N GLY A 37 -1.71 0.85 -7.69
CA GLY A 37 -0.56 -0.02 -7.59
C GLY A 37 0.02 0.00 -6.18
N PRO A 38 1.20 -0.66 -6.03
CA PRO A 38 1.83 -1.33 -7.15
C PRO A 38 1.10 -2.62 -7.50
N HIS A 39 1.74 -3.41 -8.35
CA HIS A 39 1.17 -4.68 -8.77
C HIS A 39 2.29 -5.71 -8.95
N ASN A 40 1.91 -6.84 -9.53
CA ASN A 40 2.87 -7.92 -9.76
C ASN A 40 2.14 -9.15 -10.29
N VAL A 41 2.91 -10.09 -10.80
CA VAL A 41 2.34 -11.32 -11.33
C VAL A 41 2.56 -12.46 -10.35
N ILE A 42 1.47 -12.95 -9.80
CA ILE A 42 1.53 -14.04 -8.85
C ILE A 42 0.51 -15.12 -9.22
N PHE A 43 0.85 -15.88 -10.25
CA PHE A 43 -0.02 -16.95 -10.73
C PHE A 43 -0.53 -17.79 -9.55
N ASP A 44 -1.61 -18.51 -9.82
CA ASP A 44 -2.20 -19.37 -8.81
C ASP A 44 -1.72 -20.80 -9.00
N LYS A 45 -1.83 -21.26 -10.25
CA LYS A 45 -1.41 -22.61 -10.58
C LYS A 45 -1.94 -22.98 -11.97
N VAL A 46 -1.12 -23.71 -12.71
CA VAL A 46 -1.49 -24.14 -14.04
C VAL A 46 -1.30 -25.65 -14.16
N PRO A 47 -2.03 -26.24 -15.16
CA PRO A 47 -1.94 -27.68 -15.39
C PRO A 47 -0.63 -28.04 -16.08
N ALA A 48 -0.32 -29.33 -16.04
CA ALA A 48 0.90 -29.83 -16.65
C ALA A 48 1.12 -29.11 -17.99
N GLY A 49 2.36 -28.71 -18.21
CA GLY A 49 2.72 -28.01 -19.43
C GLY A 49 3.56 -26.77 -19.13
N GLU A 50 3.00 -25.89 -18.31
CA GLU A 50 3.69 -24.67 -17.94
C GLU A 50 4.09 -24.72 -16.46
N SER A 51 4.61 -23.59 -15.98
CA SER A 51 5.04 -23.49 -14.60
C SER A 51 4.50 -22.20 -13.99
N ALA A 52 3.23 -22.24 -13.63
CA ALA A 52 2.59 -21.08 -13.02
C ALA A 52 3.41 -20.62 -11.82
N PRO A 53 3.70 -21.59 -10.92
CA PRO A 53 4.48 -21.29 -9.73
C PRO A 53 5.97 -21.11 -10.07
N ALA A 54 6.21 -20.27 -11.05
CA ALA A 54 7.56 -19.99 -11.49
C ALA A 54 7.61 -18.63 -12.18
N LEU A 55 6.65 -18.43 -13.08
CA LEU A 55 6.56 -17.19 -13.82
C LEU A 55 6.25 -16.04 -12.85
N SER A 56 5.59 -16.39 -11.76
CA SER A 56 5.23 -15.40 -10.76
C SER A 56 6.43 -14.52 -10.44
N ASN A 57 6.29 -13.24 -10.77
CA ASN A 57 7.36 -12.28 -10.52
C ASN A 57 6.96 -11.35 -9.38
N THR A 58 7.74 -11.41 -8.32
CA THR A 58 7.48 -10.59 -7.14
C THR A 58 8.20 -9.26 -7.27
N LYS A 59 8.52 -8.90 -8.50
CA LYS A 59 9.20 -7.64 -8.76
C LYS A 59 8.19 -6.51 -8.89
N LEU A 60 7.50 -6.26 -7.78
CA LEU A 60 6.49 -5.22 -7.75
C LEU A 60 6.99 -4.00 -8.54
N ALA A 61 6.48 -3.87 -9.76
CA ALA A 61 6.87 -2.77 -10.61
C ALA A 61 6.14 -1.50 -10.17
N ILE A 62 6.83 -0.68 -9.40
CA ILE A 62 6.25 0.56 -8.91
C ILE A 62 6.06 1.53 -10.08
N ALA A 63 7.10 1.63 -10.90
CA ALA A 63 7.06 2.51 -12.06
C ALA A 63 5.94 2.05 -13.00
N PRO A 64 4.88 2.89 -13.10
CA PRO A 64 3.75 2.59 -13.96
C PRO A 64 4.11 2.81 -15.42
N GLY A 65 3.65 1.89 -16.26
CA GLY A 65 3.91 1.98 -17.70
C GLY A 65 3.52 0.68 -18.40
N SER A 66 4.28 -0.36 -18.10
CA SER A 66 4.03 -1.66 -18.70
C SER A 66 5.02 -2.69 -18.15
N PHE A 67 4.56 -3.44 -17.17
CA PHE A 67 5.40 -4.46 -16.54
C PHE A 67 6.25 -5.18 -17.60
N TYR A 68 5.67 -6.20 -18.20
CA TYR A 68 6.36 -6.97 -19.21
C TYR A 68 5.41 -7.97 -19.89
N SER A 69 5.94 -8.64 -20.89
CA SER A 69 5.15 -9.62 -21.64
C SER A 69 5.80 -11.00 -21.53
N VAL A 70 5.00 -12.02 -21.81
CA VAL A 70 5.49 -13.39 -21.75
C VAL A 70 4.66 -14.26 -22.69
N THR A 71 5.35 -15.13 -23.41
CA THR A 71 4.69 -16.03 -24.35
C THR A 71 4.39 -17.37 -23.68
N LEU A 72 3.27 -17.96 -24.09
CA LEU A 72 2.86 -19.24 -23.54
C LEU A 72 2.68 -20.25 -24.68
N GLY A 73 2.45 -21.49 -24.30
CA GLY A 73 2.25 -22.55 -25.28
C GLY A 73 1.38 -23.67 -24.71
N THR A 74 1.68 -24.03 -23.47
CA THR A 74 0.94 -25.09 -22.80
C THR A 74 -0.56 -24.79 -22.84
N PRO A 75 -1.33 -25.77 -23.39
CA PRO A 75 -2.77 -25.62 -23.50
C PRO A 75 -3.44 -25.81 -22.14
N GLY A 76 -4.46 -25.01 -21.89
CA GLY A 76 -5.19 -25.08 -20.63
C GLY A 76 -5.57 -23.68 -20.13
N THR A 77 -6.21 -23.65 -18.97
CA THR A 77 -6.63 -22.40 -18.39
C THR A 77 -5.73 -22.03 -17.21
N TYR A 78 -5.08 -20.88 -17.34
CA TYR A 78 -4.18 -20.41 -16.30
C TYR A 78 -4.88 -19.43 -15.37
N SER A 79 -4.58 -19.54 -14.09
CA SER A 79 -5.17 -18.67 -13.09
C SER A 79 -4.08 -17.96 -12.30
N PHE A 80 -4.38 -16.71 -11.93
CA PHE A 80 -3.42 -15.91 -11.17
C PHE A 80 -4.14 -14.99 -10.19
N TYR A 81 -3.37 -14.10 -9.58
CA TYR A 81 -3.93 -13.15 -8.63
C TYR A 81 -2.88 -12.11 -8.23
N CYS A 82 -3.36 -11.04 -7.61
CA CYS A 82 -2.49 -9.98 -7.16
C CYS A 82 -2.10 -10.24 -5.71
N THR A 83 -0.80 -10.34 -5.48
CA THR A 83 -0.29 -10.59 -4.14
C THR A 83 -0.89 -9.60 -3.15
N PRO A 84 -0.80 -8.29 -3.51
CA PRO A 84 -1.34 -7.24 -2.66
C PRO A 84 -2.87 -7.20 -2.73
N HIS A 85 -3.36 -6.92 -3.93
CA HIS A 85 -4.79 -6.84 -4.15
C HIS A 85 -5.38 -8.25 -4.18
N ARG A 86 -5.18 -8.96 -3.09
CA ARG A 86 -5.68 -10.31 -2.97
C ARG A 86 -7.10 -10.31 -2.42
N GLY A 87 -7.32 -9.41 -1.46
CA GLY A 87 -8.62 -9.29 -0.84
C GLY A 87 -9.51 -8.31 -1.60
N ALA A 88 -8.85 -7.41 -2.32
CA ALA A 88 -9.56 -6.41 -3.10
C ALA A 88 -10.35 -7.09 -4.22
N GLY A 89 -9.99 -8.35 -4.47
CA GLY A 89 -10.65 -9.13 -5.50
C GLY A 89 -10.05 -8.82 -6.87
N MET A 90 -8.78 -9.14 -7.03
CA MET A 90 -8.09 -8.89 -8.28
C MET A 90 -7.51 -10.19 -8.85
N VAL A 91 -8.41 -11.01 -9.39
CA VAL A 91 -8.01 -12.27 -9.97
C VAL A 91 -8.47 -12.34 -11.42
N GLY A 92 -7.76 -13.12 -12.21
CA GLY A 92 -8.09 -13.28 -13.61
C GLY A 92 -7.74 -14.69 -14.11
N THR A 93 -7.91 -14.89 -15.41
CA THR A 93 -7.62 -16.17 -16.02
C THR A 93 -7.02 -15.98 -17.41
N ILE A 94 -6.39 -17.03 -17.90
CA ILE A 94 -5.78 -17.00 -19.21
C ILE A 94 -5.87 -18.38 -19.85
N THR A 95 -6.49 -18.42 -21.02
CA THR A 95 -6.66 -19.67 -21.75
C THR A 95 -5.69 -19.73 -22.93
N VAL A 96 -5.19 -20.93 -23.20
CA VAL A 96 -4.27 -21.14 -24.30
C VAL A 96 -4.78 -22.27 -25.18
N GLU A 97 -5.82 -21.97 -25.94
CA GLU A 97 -6.41 -22.97 -26.83
C GLU A 97 -5.69 -22.96 -28.19
N TYR B 1 -2.66 0.48 1.80
CA TYR B 1 -2.75 1.42 0.66
C TYR B 1 -3.79 2.46 0.93
N PRO B 2 -3.77 3.55 0.23
CA PRO B 2 -4.76 4.56 0.46
C PRO B 2 -6.11 4.02 0.15
N PHE B 3 -6.17 3.06 -0.78
CA PHE B 3 -7.39 2.45 -1.23
C PHE B 3 -8.03 1.77 -0.05
N TYR B 4 -7.21 1.10 0.77
CA TYR B 4 -7.68 0.37 1.92
C TYR B 4 -8.27 1.33 2.91
N ALA B 5 -7.69 2.54 3.06
CA ALA B 5 -8.27 3.50 3.97
C ALA B 5 -9.64 3.85 3.48
N GLN B 6 -9.81 4.06 2.16
CA GLN B 6 -11.09 4.47 1.65
C GLN B 6 -12.14 3.44 1.95
N TYR B 7 -11.84 2.14 1.76
CA TYR B 7 -12.86 1.16 2.04
C TYR B 7 -13.20 1.09 3.49
N ASN B 8 -12.20 1.14 4.37
CA ASN B 8 -12.42 0.99 5.78
C ASN B 8 -13.03 2.19 6.45
N TYR B 9 -12.59 3.43 6.10
CA TYR B 9 -13.08 4.53 6.90
C TYR B 9 -13.62 5.63 6.03
N ASP B 10 -14.84 6.09 6.36
CA ASP B 10 -15.41 7.16 5.60
C ASP B 10 -14.59 8.39 5.88
N SER B 11 -14.20 8.61 7.16
CA SER B 11 -13.41 9.75 7.51
C SER B 11 -12.03 9.27 7.89
N PRO B 12 -11.05 9.76 7.18
CA PRO B 12 -9.67 9.40 7.37
C PRO B 12 -9.04 9.96 8.61
N ARG B 13 -9.66 10.97 9.26
CA ARG B 13 -9.06 11.57 10.41
C ARG B 13 -9.97 11.33 11.57
N GLU B 14 -9.41 10.73 12.64
CA GLU B 14 -10.16 10.41 13.83
C GLU B 14 -10.30 11.68 14.63
N ALA B 15 -11.22 11.66 15.62
CA ALA B 15 -11.51 12.81 16.42
C ALA B 15 -10.26 13.23 17.12
N THR B 16 -9.45 12.24 17.53
CA THR B 16 -8.22 12.48 18.22
C THR B 16 -7.32 13.23 17.29
N GLY B 17 -7.49 13.01 15.97
CA GLY B 17 -6.64 13.66 15.02
C GLY B 17 -5.75 12.62 14.44
N LYS B 18 -5.87 11.38 14.94
CA LYS B 18 -5.07 10.33 14.40
C LYS B 18 -5.62 9.98 13.04
N ILE B 19 -4.72 9.77 12.07
CA ILE B 19 -5.06 9.42 10.72
C ILE B 19 -5.12 7.93 10.65
N VAL B 20 -6.12 7.40 9.92
CA VAL B 20 -6.51 6.01 9.86
C VAL B 20 -5.41 5.10 9.39
N CYS B 21 -4.45 5.60 8.60
CA CYS B 21 -3.42 4.74 8.07
C CYS B 21 -2.71 4.08 9.22
N ALA B 22 -2.71 4.74 10.39
CA ALA B 22 -2.03 4.30 11.57
C ALA B 22 -2.55 2.97 12.01
N ASN B 23 -3.83 2.65 11.72
CA ASN B 23 -4.36 1.41 12.19
C ASN B 23 -3.54 0.26 11.63
N CYS B 24 -3.22 0.31 10.32
CA CYS B 24 -2.41 -0.69 9.64
C CYS B 24 -0.92 -0.52 9.76
N HIS B 25 -0.43 0.74 9.62
CA HIS B 25 0.99 0.99 9.60
C HIS B 25 1.35 1.45 10.96
N LEU B 26 1.84 0.49 11.75
CA LEU B 26 2.09 0.60 13.16
C LEU B 26 3.23 1.52 13.56
N ALA B 27 4.33 1.59 12.78
CA ALA B 27 5.48 2.34 13.22
C ALA B 27 5.37 3.79 12.86
N LYS B 28 6.02 4.66 13.67
CA LYS B 28 5.96 6.07 13.43
C LYS B 28 7.23 6.51 12.76
N LYS B 29 7.09 7.36 11.72
CA LYS B 29 8.19 7.95 11.00
C LYS B 29 7.75 9.34 10.67
N THR B 30 8.71 10.21 10.30
CA THR B 30 8.40 11.60 10.10
C THR B 30 7.65 11.86 8.84
N VAL B 31 6.89 12.98 8.84
CA VAL B 31 6.21 13.43 7.65
C VAL B 31 6.43 14.92 7.62
N GLU B 32 6.69 15.48 6.41
CA GLU B 32 6.90 16.90 6.35
C GLU B 32 6.02 17.50 5.30
N ILE B 33 5.52 18.72 5.56
CA ILE B 33 4.71 19.40 4.59
C ILE B 33 5.02 20.87 4.64
N GLU B 34 5.17 21.52 3.47
CA GLU B 34 5.40 22.94 3.46
C GLU B 34 4.43 23.59 2.52
N VAL B 35 3.85 24.72 2.95
CA VAL B 35 2.91 25.46 2.15
C VAL B 35 3.16 26.92 2.44
N PRO B 36 2.62 27.78 1.62
CA PRO B 36 2.82 29.19 1.81
C PRO B 36 2.10 29.68 3.04
N GLN B 37 2.53 30.83 3.57
CA GLN B 37 1.95 31.40 4.75
C GLN B 37 0.51 31.72 4.45
N ALA B 38 0.24 32.34 3.29
CA ALA B 38 -1.09 32.72 2.98
C ALA B 38 -1.30 32.60 1.50
N VAL B 39 -2.57 32.50 1.08
CA VAL B 39 -2.88 32.41 -0.33
C VAL B 39 -4.12 33.21 -0.62
N LEU B 40 -4.21 33.76 -1.85
CA LEU B 40 -5.33 34.56 -2.27
C LEU B 40 -6.43 33.62 -2.71
N PRO B 41 -7.66 34.07 -2.72
CA PRO B 41 -8.81 33.22 -2.98
C PRO B 41 -8.73 32.19 -4.05
N ASP B 42 -9.19 32.38 -5.28
CA ASP B 42 -9.12 31.26 -6.18
C ASP B 42 -7.77 31.27 -6.81
N THR B 43 -6.76 30.77 -6.05
CA THR B 43 -5.41 30.79 -6.54
C THR B 43 -4.80 29.43 -6.35
N VAL B 44 -3.72 29.13 -7.10
CA VAL B 44 -3.10 27.85 -7.00
C VAL B 44 -1.78 28.01 -6.30
N PHE B 45 -1.45 27.08 -5.38
CA PHE B 45 -0.22 27.14 -4.66
C PHE B 45 0.29 25.74 -4.50
N LYS B 46 1.57 25.58 -4.09
CA LYS B 46 2.12 24.25 -3.99
C LYS B 46 2.23 23.82 -2.57
N ALA B 47 1.91 22.53 -2.32
CA ALA B 47 2.07 21.92 -1.04
C ALA B 47 3.13 20.88 -1.27
N VAL B 48 4.25 20.98 -0.52
CA VAL B 48 5.35 20.08 -0.72
C VAL B 48 5.35 19.05 0.37
N VAL B 49 5.39 17.76 -0.02
CA VAL B 49 5.33 16.68 0.93
C VAL B 49 6.59 15.86 0.82
N LYS B 50 7.17 15.45 1.98
CA LYS B 50 8.34 14.62 1.97
C LYS B 50 8.15 13.53 2.99
N VAL B 51 8.63 12.30 2.68
CA VAL B 51 8.50 11.18 3.57
C VAL B 51 9.85 10.50 3.68
N PRO B 52 10.64 10.91 4.62
CA PRO B 52 11.99 10.40 4.71
C PRO B 52 12.20 9.02 5.22
N TYR B 53 13.18 8.31 4.61
CA TYR B 53 13.64 7.03 5.08
C TYR B 53 14.98 6.82 4.46
N ASP B 54 15.77 5.86 5.00
CA ASP B 54 17.07 5.63 4.45
C ASP B 54 16.89 4.77 3.22
N LEU B 55 17.28 5.31 2.06
CA LEU B 55 17.14 4.65 0.79
C LEU B 55 17.97 3.41 0.76
N ASP B 56 19.06 3.38 1.54
CA ASP B 56 19.93 2.23 1.57
C ASP B 56 19.25 1.02 2.16
N ILE B 57 18.23 1.19 3.04
CA ILE B 57 17.68 0.04 3.69
C ILE B 57 16.51 -0.52 2.94
N GLN B 58 16.51 -1.86 2.75
CA GLN B 58 15.50 -2.59 2.04
C GLN B 58 14.49 -3.13 3.00
N GLN B 59 13.29 -3.45 2.48
CA GLN B 59 12.16 -3.90 3.24
C GLN B 59 11.78 -5.28 2.80
N VAL B 60 11.08 -6.03 3.69
CA VAL B 60 10.62 -7.34 3.37
C VAL B 60 9.43 -7.15 2.47
N GLN B 61 9.40 -7.88 1.34
CA GLN B 61 8.31 -7.76 0.41
C GLN B 61 7.38 -8.93 0.59
N ALA B 62 6.32 -8.99 -0.24
CA ALA B 62 5.30 -9.98 -0.10
C ALA B 62 5.88 -11.37 -0.20
N ASP B 63 6.84 -11.59 -1.11
CA ASP B 63 7.42 -12.90 -1.29
C ASP B 63 8.35 -13.25 -0.16
N GLY B 64 8.79 -12.26 0.63
CA GLY B 64 9.68 -12.50 1.74
C GLY B 64 11.04 -11.98 1.42
N SER B 65 11.30 -11.66 0.13
CA SER B 65 12.58 -11.14 -0.30
C SER B 65 12.66 -9.66 -0.04
N PRO B 66 13.88 -9.17 -0.03
CA PRO B 66 14.08 -7.74 0.15
C PRO B 66 13.84 -6.92 -1.09
N SER B 67 13.34 -5.68 -0.94
CA SER B 67 13.11 -4.83 -2.08
C SER B 67 12.96 -3.41 -1.60
N GLY B 68 12.65 -2.48 -2.53
CA GLY B 68 12.54 -1.07 -2.23
C GLY B 68 11.23 -0.78 -1.57
N LEU B 69 11.07 0.46 -1.07
CA LEU B 69 9.88 0.88 -0.39
C LEU B 69 9.09 1.77 -1.29
N ASN B 70 7.76 1.80 -1.07
CA ASN B 70 6.85 2.64 -1.82
C ASN B 70 6.30 3.61 -0.82
N VAL B 71 5.84 4.78 -1.29
CA VAL B 71 5.36 5.79 -0.38
C VAL B 71 3.99 6.23 -0.81
N GLY B 72 3.25 6.89 0.10
CA GLY B 72 1.93 7.36 -0.21
C GLY B 72 1.53 8.30 0.87
N ALA B 73 0.43 9.07 0.66
CA ALA B 73 0.05 9.99 1.69
C ALA B 73 -1.38 10.41 1.50
N VAL B 74 -1.95 11.00 2.57
CA VAL B 74 -3.26 11.58 2.53
C VAL B 74 -3.04 13.00 2.95
N LEU B 75 -3.51 13.97 2.13
CA LEU B 75 -3.33 15.35 2.47
C LEU B 75 -4.68 15.94 2.68
N MET B 76 -4.99 16.38 3.92
CA MET B 76 -6.31 16.89 4.16
C MET B 76 -6.26 18.38 4.16
N LEU B 77 -6.92 18.97 3.15
CA LEU B 77 -6.98 20.40 3.00
C LEU B 77 -8.26 20.88 3.60
N PRO B 78 -8.35 22.17 3.78
CA PRO B 78 -9.53 22.76 4.36
C PRO B 78 -10.67 22.69 3.41
N GLU B 79 -11.91 22.92 3.91
CA GLU B 79 -13.08 22.85 3.07
C GLU B 79 -12.91 23.81 1.94
N GLY B 80 -13.33 23.37 0.74
CA GLY B 80 -13.35 24.20 -0.43
C GLY B 80 -12.07 24.08 -1.21
N PHE B 81 -10.99 23.60 -0.57
CA PHE B 81 -9.73 23.45 -1.26
C PHE B 81 -9.77 22.18 -2.06
N LYS B 82 -9.13 22.19 -3.25
CA LYS B 82 -9.09 21.01 -4.06
C LYS B 82 -7.80 21.01 -4.83
N LEU B 83 -7.47 19.86 -5.47
CA LEU B 83 -6.29 19.80 -6.28
C LEU B 83 -6.60 20.69 -7.44
N ALA B 84 -5.59 21.42 -7.97
CA ALA B 84 -5.86 22.37 -9.02
C ALA B 84 -6.03 21.67 -10.32
N PRO B 85 -6.93 22.18 -11.13
CA PRO B 85 -7.13 21.65 -12.45
C PRO B 85 -5.97 22.10 -13.29
N PRO B 86 -5.64 21.33 -14.28
CA PRO B 86 -4.49 21.62 -15.11
C PRO B 86 -4.56 22.99 -15.69
N GLU B 87 -5.76 23.45 -16.08
CA GLU B 87 -5.95 24.70 -16.77
C GLU B 87 -5.55 25.81 -15.87
N ARG B 88 -5.81 25.63 -14.57
CA ARG B 88 -5.56 26.59 -13.53
C ARG B 88 -4.10 26.74 -13.20
N VAL B 89 -3.25 25.74 -13.45
CA VAL B 89 -1.87 25.86 -13.04
C VAL B 89 -1.13 26.81 -13.92
N ASP B 90 -0.45 27.81 -13.31
CA ASP B 90 0.24 28.77 -14.11
C ASP B 90 1.46 28.15 -14.73
N GLU B 91 1.99 28.82 -15.78
CA GLU B 91 3.00 28.28 -16.65
C GLU B 91 4.28 27.94 -15.96
N GLU B 92 4.83 28.82 -15.11
CA GLU B 92 6.11 28.52 -14.54
C GLU B 92 6.00 27.28 -13.71
N LEU B 93 4.88 27.15 -12.99
CA LEU B 93 4.60 26.12 -12.03
C LEU B 93 4.37 24.74 -12.57
N MET B 94 3.83 24.58 -13.79
CA MET B 94 3.37 23.29 -14.24
C MET B 94 4.44 22.25 -14.16
N GLU B 95 5.68 22.57 -14.54
CA GLU B 95 6.72 21.59 -14.49
C GLU B 95 7.08 21.22 -13.07
N GLU B 96 6.96 22.19 -12.14
CA GLU B 96 7.33 22.08 -10.75
C GLU B 96 6.45 21.14 -9.98
N VAL B 97 5.20 20.93 -10.42
CA VAL B 97 4.28 20.17 -9.64
C VAL B 97 4.17 18.77 -10.16
N GLY B 98 3.71 17.84 -9.31
CA GLY B 98 3.57 16.48 -9.73
C GLY B 98 2.59 16.52 -10.83
N ASP B 99 2.58 15.46 -11.69
CA ASP B 99 1.62 15.39 -12.75
C ASP B 99 0.34 15.53 -12.03
N PHE B 100 -0.24 16.72 -12.23
CA PHE B 100 -1.34 17.17 -11.44
C PHE B 100 -2.42 16.19 -11.53
N TYR B 101 -2.80 15.79 -12.74
CA TYR B 101 -3.93 14.95 -12.65
C TYR B 101 -3.67 13.61 -12.07
N TYR B 102 -2.72 12.91 -12.70
CA TYR B 102 -2.53 11.49 -12.52
C TYR B 102 -2.22 11.08 -11.13
N LEU B 103 -1.29 11.76 -10.46
CA LEU B 103 -0.88 11.32 -9.15
C LEU B 103 -1.97 11.43 -8.12
N VAL B 104 -2.86 12.44 -8.25
CA VAL B 104 -3.80 12.75 -7.19
C VAL B 104 -5.18 12.20 -7.38
N THR B 105 -5.72 11.58 -6.30
CA THR B 105 -7.05 11.04 -6.31
C THR B 105 -7.81 11.56 -5.12
N PRO B 106 -9.06 11.91 -5.31
CA PRO B 106 -9.86 12.39 -4.21
C PRO B 106 -10.26 11.25 -3.33
N TYR B 107 -10.46 11.52 -2.03
CA TYR B 107 -10.80 10.50 -1.08
C TYR B 107 -12.15 9.95 -1.44
N SER B 108 -13.08 10.86 -1.80
CA SER B 108 -14.42 10.50 -2.19
C SER B 108 -14.94 11.63 -3.01
N GLU B 109 -16.14 11.46 -3.60
CA GLU B 109 -16.69 12.48 -4.45
C GLU B 109 -16.92 13.73 -3.66
N THR B 110 -17.47 13.58 -2.43
CA THR B 110 -17.78 14.67 -1.54
C THR B 110 -16.53 15.27 -0.95
N ASP B 111 -15.49 14.43 -0.78
CA ASP B 111 -14.20 14.54 -0.15
C ASP B 111 -13.06 15.14 -0.95
N GLU B 112 -13.32 15.92 -2.02
CA GLU B 112 -12.29 16.40 -2.90
C GLU B 112 -11.18 17.13 -2.19
N ASN B 113 -11.45 17.70 -0.99
CA ASN B 113 -10.46 18.39 -0.20
C ASN B 113 -9.44 17.42 0.35
N ILE B 114 -9.76 16.11 0.42
CA ILE B 114 -8.82 15.14 0.92
C ILE B 114 -8.21 14.43 -0.26
N LEU B 115 -6.88 14.57 -0.42
CA LEU B 115 -6.14 14.09 -1.56
C LEU B 115 -5.28 12.92 -1.18
N LEU B 116 -5.28 11.87 -2.03
CA LEU B 116 -4.50 10.68 -1.79
C LEU B 116 -3.50 10.55 -2.90
N ALA B 117 -2.28 10.06 -2.57
CA ALA B 117 -1.28 9.83 -3.58
C ALA B 117 -0.60 8.53 -3.21
N GLY B 118 -0.12 7.78 -4.21
CA GLY B 118 0.60 6.57 -3.94
C GLY B 118 -0.29 5.38 -4.07
N PRO B 119 0.30 4.20 -4.00
CA PRO B 119 1.72 4.11 -3.79
C PRO B 119 2.56 4.50 -4.96
N LEU B 120 3.73 5.11 -4.67
CA LEU B 120 4.68 5.54 -5.67
C LEU B 120 6.01 5.00 -5.23
N PRO B 121 6.93 4.83 -6.14
CA PRO B 121 8.23 4.34 -5.77
C PRO B 121 8.94 5.37 -4.94
N GLY B 122 9.49 4.98 -3.79
CA GLY B 122 10.11 5.88 -2.86
C GLY B 122 11.33 6.51 -3.46
N GLU B 123 12.10 5.75 -4.25
CA GLU B 123 13.33 6.28 -4.78
C GLU B 123 13.03 7.42 -5.71
N ASP B 124 11.93 7.31 -6.49
CA ASP B 124 11.55 8.28 -7.47
C ASP B 124 11.04 9.56 -6.86
N TYR B 125 10.23 9.49 -5.77
CA TYR B 125 9.63 10.71 -5.31
C TYR B 125 10.18 11.15 -3.99
N GLN B 126 11.23 11.98 -4.03
CA GLN B 126 11.78 12.54 -2.82
C GLN B 126 10.82 13.55 -2.30
N GLU B 127 10.17 14.27 -3.22
CA GLU B 127 9.25 15.31 -2.85
C GLU B 127 8.02 15.09 -3.69
N MET B 128 6.82 15.25 -3.09
CA MET B 128 5.61 15.12 -3.85
C MET B 128 5.00 16.47 -3.80
N ILE B 129 4.79 17.12 -4.95
CA ILE B 129 4.28 18.47 -4.89
C ILE B 129 2.88 18.52 -5.40
N PHE B 130 1.94 18.92 -4.52
CA PHE B 130 0.55 18.95 -4.91
C PHE B 130 0.18 20.35 -5.31
N PRO B 131 -0.36 20.53 -6.49
CA PRO B 131 -0.85 21.79 -6.97
C PRO B 131 -2.16 21.98 -6.27
N ILE B 132 -2.39 23.08 -5.54
CA ILE B 132 -3.65 23.15 -4.85
C ILE B 132 -4.37 24.42 -5.20
N LEU B 133 -5.69 24.32 -5.40
CA LEU B 133 -6.46 25.49 -5.74
C LEU B 133 -7.31 25.88 -4.55
N SER B 134 -7.17 27.13 -4.08
CA SER B 134 -7.94 27.62 -2.96
C SER B 134 -9.34 27.97 -3.41
N PRO B 135 -10.28 27.95 -2.48
CA PRO B 135 -11.66 28.30 -2.74
C PRO B 135 -11.86 29.78 -2.79
N ASN B 136 -13.08 30.24 -3.16
CA ASN B 136 -13.37 31.66 -3.15
C ASN B 136 -14.58 31.87 -2.30
N PRO B 137 -14.40 32.48 -1.16
CA PRO B 137 -15.50 32.67 -0.25
C PRO B 137 -16.57 33.57 -0.77
N ALA B 138 -16.26 34.50 -1.69
CA ALA B 138 -17.29 35.36 -2.14
C ALA B 138 -18.34 34.52 -2.81
N THR B 139 -17.87 33.59 -3.67
CA THR B 139 -18.74 32.69 -4.37
C THR B 139 -19.24 31.59 -3.48
N ASP B 140 -18.40 31.10 -2.55
CA ASP B 140 -18.77 29.93 -1.77
C ASP B 140 -19.04 30.31 -0.34
N ALA B 141 -20.31 30.12 0.08
CA ALA B 141 -20.83 30.42 1.39
C ALA B 141 -20.20 29.56 2.44
N GLY B 142 -19.91 28.28 2.08
CA GLY B 142 -19.41 27.30 2.99
C GLY B 142 -18.08 27.72 3.55
N VAL B 143 -17.26 28.47 2.79
CA VAL B 143 -15.96 28.81 3.29
C VAL B 143 -15.82 30.29 3.51
N TYR B 144 -14.99 30.65 4.51
CA TYR B 144 -14.75 32.03 4.81
C TYR B 144 -13.26 32.24 4.85
N PHE B 145 -12.82 33.51 4.85
CA PHE B 145 -11.41 33.80 4.92
C PHE B 145 -11.01 33.57 6.34
N GLY B 146 -9.75 33.15 6.56
CA GLY B 146 -9.30 32.91 7.91
C GLY B 146 -8.11 32.00 7.84
N LYS B 147 -7.63 31.56 9.03
CA LYS B 147 -6.50 30.69 9.09
C LYS B 147 -7.01 29.28 9.18
N TYR B 148 -6.39 28.35 8.43
CA TYR B 148 -6.89 27.00 8.45
C TYR B 148 -5.76 26.03 8.64
N SER B 149 -6.09 24.80 9.06
CA SER B 149 -5.10 23.80 9.30
C SER B 149 -5.15 22.78 8.21
N ILE B 150 -3.98 22.21 7.87
CA ILE B 150 -3.87 21.20 6.86
C ILE B 150 -3.26 20.02 7.58
N HIS B 151 -3.79 18.80 7.34
CA HIS B 151 -3.28 17.66 8.04
C HIS B 151 -2.66 16.72 7.06
N LEU B 152 -1.44 16.25 7.35
CA LEU B 152 -0.77 15.35 6.47
C LEU B 152 -0.55 14.03 7.16
N GLY B 153 -0.77 12.93 6.42
CA GLY B 153 -0.49 11.60 6.89
C GLY B 153 0.36 11.00 5.81
N GLY B 154 1.60 10.55 6.15
CA GLY B 154 2.45 10.06 5.10
C GLY B 154 3.08 8.75 5.51
N ASN B 155 3.13 7.80 4.57
CA ASN B 155 3.64 6.50 4.91
C ASN B 155 4.64 6.02 3.89
N ARG B 156 5.56 5.13 4.36
CA ARG B 156 6.50 4.48 3.49
C ARG B 156 6.56 3.06 3.99
N GLY B 157 6.63 2.07 3.09
CA GLY B 157 6.80 0.72 3.52
C GLY B 157 5.48 0.02 3.72
N ARG B 158 5.52 -1.32 3.69
CA ARG B 158 4.37 -2.17 3.78
C ARG B 158 3.82 -2.18 5.17
N GLY B 159 2.47 -2.30 5.27
CA GLY B 159 1.78 -2.27 6.53
C GLY B 159 1.87 -3.60 7.22
N GLN B 160 1.54 -3.59 8.52
CA GLN B 160 1.51 -4.70 9.43
C GLN B 160 0.26 -5.53 9.33
N VAL B 161 -0.91 -4.92 9.03
CA VAL B 161 -2.14 -5.65 9.06
C VAL B 161 -2.88 -5.45 7.78
N TYR B 162 -3.78 -6.40 7.45
CA TYR B 162 -4.53 -6.35 6.22
C TYR B 162 -5.94 -6.01 6.60
N PRO B 163 -6.72 -5.56 5.65
CA PRO B 163 -8.10 -5.27 5.92
C PRO B 163 -8.80 -6.52 6.32
N THR B 164 -8.16 -7.67 6.05
CA THR B 164 -8.65 -8.95 6.46
C THR B 164 -8.61 -8.95 7.95
N GLY B 165 -7.60 -8.28 8.53
CA GLY B 165 -7.44 -8.26 9.95
C GLY B 165 -6.30 -9.16 10.30
N GLU B 166 -5.79 -9.92 9.30
CA GLU B 166 -4.69 -10.79 9.55
C GLU B 166 -3.41 -10.03 9.38
N LEU B 167 -2.35 -10.49 10.09
CA LEU B 167 -1.07 -9.83 10.07
C LEU B 167 -0.34 -10.17 8.81
N SER B 168 0.48 -9.20 8.34
CA SER B 168 1.29 -9.36 7.17
C SER B 168 2.59 -9.97 7.59
N ASN B 169 3.47 -10.26 6.61
CA ASN B 169 4.78 -10.81 6.84
C ASN B 169 5.70 -9.75 7.39
N ASN B 170 5.32 -8.46 7.31
CA ASN B 170 6.18 -7.42 7.81
C ASN B 170 5.75 -7.07 9.21
N ASN B 171 5.78 -8.05 10.14
CA ASN B 171 5.35 -7.80 11.50
C ASN B 171 5.98 -8.81 12.41
N ALA B 172 5.93 -8.57 13.74
CA ALA B 172 6.49 -9.51 14.67
C ALA B 172 5.50 -10.62 14.92
N PHE B 173 6.02 -11.86 15.12
CA PHE B 173 5.16 -12.99 15.40
C PHE B 173 5.51 -13.47 16.78
N SER B 174 4.49 -13.85 17.60
CA SER B 174 4.76 -14.19 18.98
C SER B 174 4.34 -15.60 19.30
N ALA B 175 4.97 -16.18 20.35
CA ALA B 175 4.69 -17.52 20.77
C ALA B 175 3.28 -17.60 21.25
N SER B 176 2.52 -18.56 20.69
CA SER B 176 1.15 -18.76 21.03
C SER B 176 1.07 -19.31 22.42
N ILE B 177 2.12 -20.03 22.87
CA ILE B 177 2.09 -20.60 24.19
C ILE B 177 3.49 -20.73 24.70
N ALA B 178 3.65 -20.85 26.05
CA ALA B 178 4.93 -21.00 26.66
C ALA B 178 5.37 -22.43 26.57
N GLY B 179 6.69 -22.67 26.48
CA GLY B 179 7.18 -24.02 26.40
C GLY B 179 8.57 -24.00 25.84
N THR B 180 9.04 -25.17 25.34
CA THR B 180 10.36 -25.24 24.79
C THR B 180 10.26 -25.52 23.32
N ILE B 181 11.21 -24.99 22.53
CA ILE B 181 11.13 -25.13 21.10
C ILE B 181 11.83 -26.39 20.70
N ALA B 182 11.04 -27.41 20.34
CA ALA B 182 11.53 -28.68 19.90
C ALA B 182 12.18 -28.58 18.55
N ALA B 183 11.57 -27.82 17.61
CA ALA B 183 12.17 -27.77 16.31
C ALA B 183 11.57 -26.65 15.51
N ILE B 184 12.24 -26.27 14.40
CA ILE B 184 11.75 -25.27 13.49
C ILE B 184 12.07 -25.70 12.06
N GLU B 185 11.15 -25.52 11.09
CA GLU B 185 11.31 -25.96 9.70
C GLU B 185 11.37 -24.74 8.78
N ASP B 186 11.97 -24.80 7.53
CA ASP B 186 12.13 -23.53 6.82
C ASP B 186 12.15 -23.45 5.27
N ASN B 187 11.15 -22.77 4.62
CA ASN B 187 11.17 -22.42 3.20
C ASN B 187 11.17 -20.93 3.17
N GLY B 188 11.95 -20.37 4.10
CA GLY B 188 11.92 -18.95 4.29
C GLY B 188 10.88 -18.81 5.34
N PHE B 189 9.76 -19.55 5.13
CA PHE B 189 8.66 -19.62 6.05
C PHE B 189 9.14 -20.53 7.10
N GLY B 190 8.78 -20.23 8.34
CA GLY B 190 9.01 -21.24 9.29
C GLY B 190 7.64 -21.73 9.31
N PHE B 191 7.47 -22.87 8.64
CA PHE B 191 6.20 -23.48 8.52
C PHE B 191 5.84 -23.64 9.93
N ASP B 192 6.85 -23.97 10.76
CA ASP B 192 6.43 -24.07 12.10
C ASP B 192 7.55 -23.95 13.07
N VAL B 193 7.21 -23.31 14.19
CA VAL B 193 8.05 -23.38 15.35
C VAL B 193 7.23 -24.28 16.22
N THR B 194 7.79 -25.43 16.61
CA THR B 194 7.02 -26.33 17.42
C THR B 194 7.40 -26.09 18.84
N ILE B 195 6.38 -25.89 19.70
CA ILE B 195 6.66 -25.62 21.07
C ILE B 195 6.05 -26.68 21.91
N GLN B 196 6.79 -27.16 22.92
CA GLN B 196 6.30 -28.19 23.80
C GLN B 196 5.87 -27.51 25.07
N PRO B 197 4.59 -27.48 25.30
CA PRO B 197 4.12 -26.91 26.53
C PRO B 197 4.43 -27.70 27.76
N GLU B 198 4.12 -27.07 28.90
CA GLU B 198 4.45 -27.50 30.23
C GLU B 198 3.90 -28.87 30.50
N ASP B 199 2.78 -29.27 29.86
CA ASP B 199 2.27 -30.55 30.24
C ASP B 199 2.09 -31.50 29.08
N GLY B 200 3.12 -31.68 28.22
CA GLY B 200 3.07 -32.73 27.24
C GLY B 200 2.59 -32.27 25.89
N ASP B 201 1.74 -31.24 25.81
CA ASP B 201 1.18 -30.86 24.53
C ASP B 201 2.25 -30.25 23.67
N ALA B 202 2.02 -30.25 22.34
CA ALA B 202 2.93 -29.61 21.43
C ALA B 202 2.10 -28.78 20.49
N VAL B 203 2.49 -27.50 20.30
CA VAL B 203 1.74 -26.60 19.48
C VAL B 203 2.63 -26.10 18.39
N VAL B 204 2.03 -25.62 17.28
CA VAL B 204 2.88 -25.19 16.21
C VAL B 204 2.49 -23.80 15.81
N THR B 205 3.48 -22.89 15.70
CA THR B 205 3.18 -21.53 15.33
C THR B 205 3.80 -21.31 13.98
N SER B 206 3.00 -20.84 13.01
CA SER B 206 3.51 -20.68 11.68
C SER B 206 3.86 -19.25 11.47
N ILE B 207 5.06 -19.02 10.88
CA ILE B 207 5.46 -17.67 10.60
C ILE B 207 5.81 -17.65 9.14
N LEU B 208 5.45 -16.56 8.44
CA LEU B 208 5.69 -16.44 7.02
C LEU B 208 7.12 -16.03 6.79
N PRO B 209 7.62 -16.17 5.57
CA PRO B 209 8.96 -15.79 5.23
C PRO B 209 9.07 -14.31 5.45
N GLY B 210 10.26 -13.81 5.84
CA GLY B 210 10.46 -12.39 6.00
C GLY B 210 10.92 -12.04 7.39
N PRO B 211 10.18 -12.35 8.42
CA PRO B 211 10.64 -12.00 9.74
C PRO B 211 11.80 -12.88 10.08
N GLU B 212 12.73 -12.44 10.95
CA GLU B 212 13.85 -13.27 11.25
C GLU B 212 13.69 -13.85 12.63
N LEU B 213 13.87 -15.18 12.74
CA LEU B 213 13.69 -15.86 13.98
C LEU B 213 14.77 -15.47 14.94
N ILE B 214 14.32 -15.03 16.13
CA ILE B 214 15.07 -14.66 17.30
C ILE B 214 15.50 -15.88 18.06
N VAL B 215 14.70 -16.97 18.01
CA VAL B 215 14.89 -18.11 18.86
C VAL B 215 15.51 -19.26 18.17
N ALA B 216 16.04 -20.21 18.97
CA ALA B 216 16.70 -21.39 18.48
C ALA B 216 16.07 -22.58 19.13
N VAL B 217 16.25 -23.75 18.52
CA VAL B 217 15.66 -24.95 19.04
C VAL B 217 16.30 -25.22 20.37
N GLY B 218 15.48 -25.75 21.31
CA GLY B 218 15.93 -26.10 22.62
C GLY B 218 15.79 -24.90 23.51
N ASP B 219 15.21 -23.81 22.99
CA ASP B 219 15.09 -22.61 23.78
C ASP B 219 13.71 -22.54 24.36
N THR B 220 13.61 -22.05 25.61
CA THR B 220 12.33 -21.90 26.25
C THR B 220 11.80 -20.54 25.92
N VAL B 221 10.47 -20.42 25.79
CA VAL B 221 9.88 -19.14 25.49
C VAL B 221 8.62 -18.98 26.28
N GLU B 222 8.33 -17.74 26.70
CA GLU B 222 7.12 -17.47 27.44
C GLU B 222 6.03 -17.20 26.44
N ALA B 223 4.76 -17.31 26.87
CA ALA B 223 3.69 -17.08 25.95
C ALA B 223 3.71 -15.64 25.56
N GLY B 224 3.50 -15.37 24.26
CA GLY B 224 3.42 -14.04 23.76
C GLY B 224 4.79 -13.49 23.50
N GLN B 225 5.85 -14.26 23.83
CA GLN B 225 7.15 -13.69 23.61
C GLN B 225 7.44 -13.69 22.15
N LEU B 226 8.35 -12.78 21.71
CA LEU B 226 8.61 -12.64 20.31
C LEU B 226 9.47 -13.75 19.79
N LEU B 227 8.95 -14.42 18.74
CA LEU B 227 9.59 -15.46 17.98
C LEU B 227 10.53 -14.87 16.99
N THR B 228 10.25 -13.64 16.54
CA THR B 228 11.01 -13.04 15.48
C THR B 228 11.31 -11.60 15.82
N THR B 229 12.18 -10.97 15.02
CA THR B 229 12.48 -9.58 15.23
C THR B 229 11.35 -8.84 14.60
N ASN B 230 11.45 -7.50 14.57
CA ASN B 230 10.46 -6.74 13.87
C ASN B 230 11.13 -6.31 12.61
N PRO B 231 10.74 -6.88 11.50
CA PRO B 231 11.36 -6.60 10.24
C PRO B 231 10.99 -5.25 9.66
N ASN B 232 9.99 -4.57 10.22
CA ASN B 232 9.48 -3.33 9.68
C ASN B 232 10.53 -2.27 9.61
N VAL B 233 10.81 -1.79 8.36
CA VAL B 233 11.69 -0.71 7.98
C VAL B 233 11.01 0.63 7.84
N GLY B 234 9.69 0.65 7.59
CA GLY B 234 9.02 1.89 7.25
C GLY B 234 8.24 2.45 8.39
N GLY B 235 7.23 3.29 8.06
CA GLY B 235 6.42 3.84 9.11
C GLY B 235 5.53 4.91 8.56
N PHE B 236 4.58 5.36 9.41
CA PHE B 236 3.60 6.35 9.06
C PHE B 236 3.71 7.48 10.03
N GLY B 237 3.61 8.74 9.56
CA GLY B 237 3.74 9.86 10.44
C GLY B 237 2.75 10.92 10.03
N GLN B 238 2.49 11.89 10.94
CA GLN B 238 1.56 12.92 10.63
C GLN B 238 2.16 14.25 10.98
N MET B 239 1.75 15.31 10.26
CA MET B 239 2.19 16.62 10.60
C MET B 239 1.15 17.59 10.15
N ASP B 240 0.96 18.66 10.94
CA ASP B 240 -0.05 19.65 10.67
C ASP B 240 0.64 20.94 10.35
N SER B 241 -0.01 21.77 9.52
CA SER B 241 0.51 23.07 9.18
C SER B 241 -0.68 23.97 9.05
N GLU B 242 -0.46 25.30 8.97
CA GLU B 242 -1.57 26.19 8.85
C GLU B 242 -1.35 27.05 7.66
N ILE B 243 -2.44 27.56 7.05
CA ILE B 243 -2.35 28.45 5.93
C ILE B 243 -3.43 29.48 6.10
N VAL B 244 -3.18 30.72 5.62
CA VAL B 244 -4.15 31.77 5.79
C VAL B 244 -4.82 32.02 4.48
N LEU B 245 -6.17 31.93 4.46
CA LEU B 245 -6.91 32.21 3.25
C LEU B 245 -7.11 33.69 3.33
N GLN B 246 -6.42 34.44 2.45
CA GLN B 246 -6.34 35.88 2.55
C GLN B 246 -7.28 36.58 1.62
N SER B 247 -7.59 37.85 1.97
CA SER B 247 -8.45 38.67 1.16
C SER B 247 -7.56 39.47 0.27
N SER B 248 -7.96 39.62 -1.00
CA SER B 248 -7.16 40.32 -1.96
C SER B 248 -7.07 41.74 -1.57
N SER B 249 -6.02 42.39 -2.07
CA SER B 249 -5.82 43.77 -1.77
C SER B 249 -5.75 43.91 -0.26
CU CU C . -3.08 -5.21 -8.26
FE HEC D . -1.23 0.87 3.40
CHA HEC D . 1.05 -0.95 1.67
CHB HEC D . 0.09 3.77 2.17
CHC HEC D . -3.78 2.62 4.79
CHD HEC D . -2.21 -1.90 5.03
NA HEC D . 0.18 1.32 2.10
C1A HEC D . 1.01 0.45 1.45
C2A HEC D . 1.93 1.15 0.56
C3A HEC D . 1.69 2.47 0.74
C4A HEC D . 0.59 2.58 1.68
CMA HEC D . 2.44 3.61 0.08
CAA HEC D . 2.98 0.47 -0.32
CBA HEC D . 4.28 0.43 0.54
CGA HEC D . 5.39 -0.40 -0.08
O1A HEC D . 6.58 -0.12 0.23
O2A HEC D . 5.09 -1.33 -0.86
NB HEC D . -1.73 2.78 3.49
C1B HEC D . -0.99 3.88 3.01
C2B HEC D . -1.66 5.15 3.38
C3B HEC D . -2.78 4.84 4.12
C4B HEC D . -2.81 3.36 4.13
CMB HEC D . -1.14 6.54 3.12
CAB HEC D . -3.70 5.73 4.78
CBB HEC D . -4.33 6.82 3.90
NC HEC D . -2.75 0.45 4.55
C1C HEC D . -3.74 1.26 5.02
C2C HEC D . -4.68 0.54 5.85
C3C HEC D . -4.26 -0.72 5.93
C4C HEC D . -3.03 -0.78 5.14
CMC HEC D . -5.95 1.16 6.42
CAC HEC D . -4.83 -1.80 6.71
CBC HEC D . -6.32 -2.18 6.43
ND HEC D . -0.71 -1.03 3.33
C1D HEC D . -1.15 -2.03 4.18
C2D HEC D . -0.43 -3.28 3.98
C3D HEC D . 0.43 -3.03 2.97
C4D HEC D . 0.25 -1.64 2.58
CMD HEC D . -0.56 -4.63 4.76
CAD HEC D . 1.36 -4.02 2.31
CBD HEC D . 0.73 -4.78 1.14
CGD HEC D . 1.70 -5.77 0.54
O1D HEC D . 1.52 -6.99 0.77
O2D HEC D . 2.66 -5.30 -0.14
HHA HEC D . 1.76 -1.53 1.10
HHB HEC D . 0.58 4.68 1.86
HHC HEC D . -4.65 3.14 5.16
HHD HEC D . -2.44 -2.73 5.68
HMA1 HEC D . 2.04 3.77 -0.92
HMA2 HEC D . 3.48 3.37 0.01
HMA3 HEC D . 2.31 4.51 0.65
HAA1 HEC D . 3.14 1.05 -1.23
HAA2 HEC D . 2.65 -0.52 -0.59
HBA1 HEC D . 4.03 0.00 1.50
HBA2 HEC D . 4.63 1.44 0.67
HMB1 HEC D . -1.48 6.87 2.14
HMB2 HEC D . -0.06 6.54 3.14
HMB3 HEC D . -1.51 7.22 3.87
HAB HEC D . -4.54 5.16 5.16
HBB1 HEC D . -5.31 6.51 3.57
HBB2 HEC D . -4.42 7.74 4.48
HBB3 HEC D . -3.70 7.01 3.04
HMC1 HEC D . -5.85 1.24 7.50
HMC2 HEC D . -6.79 0.53 6.19
HMC3 HEC D . -6.09 2.14 6.00
HAC HEC D . -5.45 -1.53 7.52
HBC1 HEC D . -6.74 -2.68 7.30
HBC2 HEC D . -6.89 -1.29 6.22
HBC3 HEC D . -6.37 -2.85 5.57
HMD1 HEC D . 0.13 -4.64 5.58
HMD2 HEC D . -0.34 -5.44 4.09
HMD3 HEC D . -1.57 -4.73 5.13
HAD1 HEC D . 1.66 -4.75 3.05
HAD2 HEC D . 2.22 -3.49 1.94
HBD1 HEC D . 0.43 -4.07 0.38
HBD2 HEC D . -0.15 -5.31 1.49
N ALA A 1 -2.54 -12.13 -31.29
CA ALA A 1 -1.76 -10.91 -31.48
C ALA A 1 -1.16 -10.49 -30.14
N SER A 2 -0.13 -9.64 -30.23
CA SER A 2 0.54 -9.15 -29.05
C SER A 2 -0.47 -8.46 -28.12
N VAL A 3 -0.49 -8.89 -26.88
CA VAL A 3 -1.39 -8.32 -25.89
C VAL A 3 -0.58 -7.79 -24.71
N GLN A 4 -1.30 -7.18 -23.77
CA GLN A 4 -0.66 -6.62 -22.59
C GLN A 4 -1.54 -6.83 -21.37
N ILE A 5 -0.89 -6.93 -20.21
CA ILE A 5 -1.60 -7.13 -18.96
C ILE A 5 -1.39 -5.92 -18.06
N LYS A 6 -2.48 -5.18 -17.84
CA LYS A 6 -2.42 -4.00 -17.01
C LYS A 6 -2.79 -4.38 -15.58
N MET A 7 -1.98 -3.89 -14.64
CA MET A 7 -2.21 -4.17 -13.23
C MET A 7 -2.77 -2.94 -12.52
N GLY A 8 -4.09 -2.93 -12.37
CA GLY A 8 -4.77 -1.83 -11.71
C GLY A 8 -5.73 -1.12 -12.67
N THR A 9 -6.84 -0.67 -12.11
CA THR A 9 -7.85 0.03 -12.90
C THR A 9 -7.86 1.51 -12.56
N ASP A 10 -8.43 2.30 -13.47
CA ASP A 10 -8.50 3.73 -13.27
C ASP A 10 -9.29 4.03 -12.01
N LYS A 11 -10.00 3.02 -11.54
CA LYS A 11 -10.80 3.15 -10.33
C LYS A 11 -9.96 2.77 -9.11
N TYR A 12 -8.70 3.17 -9.16
CA TYR A 12 -7.78 2.88 -8.07
C TYR A 12 -8.02 1.47 -7.52
N ALA A 13 -8.49 0.60 -8.39
CA ALA A 13 -8.76 -0.77 -8.01
C ALA A 13 -7.67 -1.69 -8.56
N PRO A 14 -6.93 -2.34 -7.62
CA PRO A 14 -5.86 -3.23 -7.99
C PRO A 14 -6.41 -4.56 -8.53
N LEU A 15 -6.46 -4.65 -9.85
CA LEU A 15 -6.97 -5.84 -10.51
C LEU A 15 -6.29 -5.99 -11.87
N TYR A 16 -6.17 -7.24 -12.30
CA TYR A 16 -5.55 -7.53 -13.59
C TYR A 16 -6.50 -7.24 -14.74
N GLU A 17 -6.04 -6.43 -15.67
CA GLU A 17 -6.83 -6.07 -16.83
C GLU A 17 -6.04 -6.27 -18.12
N PRO A 18 -6.71 -6.90 -19.12
CA PRO A 18 -8.08 -7.32 -18.94
C PRO A 18 -8.16 -8.57 -18.07
N LYS A 19 -9.18 -8.59 -17.22
CA LYS A 19 -9.37 -9.72 -16.32
C LYS A 19 -9.08 -11.02 -17.08
N ALA A 20 -9.52 -11.06 -18.33
CA ALA A 20 -9.30 -12.23 -19.16
C ALA A 20 -8.50 -11.84 -20.38
N LEU A 21 -7.67 -12.77 -20.83
CA LEU A 21 -6.83 -12.53 -22.00
C LEU A 21 -6.72 -13.83 -22.81
N SER A 22 -6.73 -13.66 -24.13
CA SER A 22 -6.64 -14.79 -25.03
C SER A 22 -5.56 -14.54 -26.08
N ILE A 23 -4.85 -15.61 -26.43
CA ILE A 23 -3.80 -15.52 -27.42
C ILE A 23 -3.60 -16.89 -28.08
N SER A 24 -2.62 -16.95 -28.97
CA SER A 24 -2.32 -18.18 -29.67
C SER A 24 -0.87 -18.60 -29.39
N ALA A 25 -0.62 -19.89 -29.59
CA ALA A 25 0.70 -20.44 -29.35
C ALA A 25 1.71 -19.69 -30.24
N GLY A 26 2.49 -18.83 -29.60
CA GLY A 26 3.49 -18.06 -30.31
C GLY A 26 3.30 -16.56 -30.07
N ASP A 27 2.19 -16.24 -29.41
CA ASP A 27 1.89 -14.85 -29.13
C ASP A 27 2.65 -14.41 -27.87
N THR A 28 2.54 -13.13 -27.57
CA THR A 28 3.21 -12.57 -26.41
C THR A 28 2.20 -11.89 -25.48
N VAL A 29 2.56 -11.83 -24.21
CA VAL A 29 1.70 -11.20 -23.21
C VAL A 29 2.51 -10.23 -22.38
N GLU A 30 2.36 -8.95 -22.68
CA GLU A 30 3.07 -7.91 -21.96
C GLU A 30 2.40 -7.64 -20.62
N PHE A 31 3.09 -6.87 -19.79
CA PHE A 31 2.58 -6.53 -18.48
C PHE A 31 3.04 -5.13 -18.06
N VAL A 32 2.05 -4.27 -17.79
CA VAL A 32 2.33 -2.92 -17.38
C VAL A 32 1.62 -2.62 -16.06
N MET A 33 2.17 -1.66 -15.33
CA MET A 33 1.61 -1.28 -14.04
C MET A 33 0.71 -0.05 -14.18
N ASN A 34 -0.56 -0.23 -13.84
CA ASN A 34 -1.52 0.86 -13.92
C ASN A 34 -1.35 1.77 -12.71
N LYS A 35 -1.66 1.21 -11.55
CA LYS A 35 -1.55 1.97 -10.31
C LYS A 35 -1.70 1.00 -9.12
N VAL A 36 -1.88 1.59 -7.94
CA VAL A 36 -2.04 0.81 -6.74
C VAL A 36 -0.98 -0.29 -6.70
N GLY A 37 0.28 0.14 -6.82
CA GLY A 37 1.40 -0.79 -6.80
C GLY A 37 1.95 -0.95 -5.39
N PRO A 38 3.10 -1.68 -5.30
CA PRO A 38 3.72 -2.24 -6.50
C PRO A 38 2.94 -3.47 -6.99
N HIS A 39 3.55 -4.17 -7.92
CA HIS A 39 2.94 -5.36 -8.49
C HIS A 39 4.01 -6.41 -8.78
N ASN A 40 3.60 -7.46 -9.48
CA ASN A 40 4.50 -8.53 -9.83
C ASN A 40 3.72 -9.67 -10.50
N VAL A 41 4.46 -10.58 -11.10
CA VAL A 41 3.85 -11.71 -11.78
C VAL A 41 4.01 -12.96 -10.92
N ILE A 42 2.88 -13.48 -10.44
CA ILE A 42 2.88 -14.67 -9.61
C ILE A 42 1.82 -15.64 -10.12
N PHE A 43 2.15 -16.30 -11.22
CA PHE A 43 1.23 -17.26 -11.81
C PHE A 43 0.68 -18.21 -10.76
N ASP A 44 -0.44 -18.85 -11.11
CA ASP A 44 -1.08 -19.78 -10.20
C ASP A 44 -0.65 -21.21 -10.56
N LYS A 45 -0.77 -21.53 -11.83
CA LYS A 45 -0.40 -22.85 -12.31
C LYS A 45 -0.92 -23.03 -13.74
N VAL A 46 -0.13 -23.72 -14.55
CA VAL A 46 -0.51 -23.97 -15.93
C VAL A 46 -0.38 -25.47 -16.23
N PRO A 47 -1.11 -25.91 -17.28
CA PRO A 47 -1.10 -27.31 -17.67
C PRO A 47 0.20 -27.66 -18.39
N ALA A 48 0.46 -28.96 -18.49
CA ALA A 48 1.66 -29.44 -19.15
C ALA A 48 1.93 -28.58 -20.39
N GLY A 49 3.19 -28.21 -20.56
CA GLY A 49 3.59 -27.40 -21.69
C GLY A 49 4.48 -26.23 -21.25
N GLU A 50 3.96 -25.44 -20.33
CA GLU A 50 4.69 -24.29 -19.82
C GLU A 50 5.08 -24.52 -18.37
N SER A 51 5.64 -23.48 -17.76
CA SER A 51 6.06 -23.55 -16.37
C SER A 51 5.57 -22.32 -15.61
N ALA A 52 4.28 -22.34 -15.27
CA ALA A 52 3.68 -21.23 -14.55
C ALA A 52 4.51 -20.94 -13.29
N PRO A 53 4.76 -22.02 -12.50
CA PRO A 53 5.53 -21.90 -11.28
C PRO A 53 7.02 -21.75 -11.58
N ALA A 54 7.31 -20.80 -12.47
CA ALA A 54 8.69 -20.55 -12.85
C ALA A 54 8.81 -19.12 -13.40
N LEU A 55 7.86 -18.78 -14.27
CA LEU A 55 7.83 -17.45 -14.87
C LEU A 55 7.56 -16.41 -13.78
N SER A 56 6.87 -16.84 -12.74
CA SER A 56 6.55 -15.96 -11.64
C SER A 56 7.78 -15.17 -11.22
N ASN A 57 7.71 -13.86 -11.40
CA ASN A 57 8.80 -12.99 -11.05
C ASN A 57 8.43 -12.18 -9.80
N THR A 58 9.19 -12.40 -8.74
CA THR A 58 8.96 -11.70 -7.49
C THR A 58 9.73 -10.38 -7.45
N LYS A 59 10.09 -9.90 -8.64
CA LYS A 59 10.83 -8.66 -8.76
C LYS A 59 9.86 -7.49 -8.75
N LEU A 60 9.17 -7.32 -7.64
CA LEU A 60 8.21 -6.24 -7.50
C LEU A 60 8.78 -4.98 -8.14
N ALA A 61 8.29 -4.68 -9.33
CA ALA A 61 8.73 -3.51 -10.06
C ALA A 61 8.05 -2.27 -9.49
N ILE A 62 8.77 -1.58 -8.62
CA ILE A 62 8.24 -0.37 -8.00
C ILE A 62 8.10 0.73 -9.05
N ALA A 63 9.16 0.87 -9.85
CA ALA A 63 9.16 1.88 -10.89
C ALA A 63 8.05 1.57 -11.90
N PRO A 64 7.03 2.47 -11.91
CA PRO A 64 5.89 2.31 -12.80
C PRO A 64 6.27 2.68 -14.24
N GLY A 65 5.79 1.89 -15.18
CA GLY A 65 6.07 2.13 -16.57
C GLY A 65 5.64 0.93 -17.43
N SER A 66 6.34 -0.18 -17.25
CA SER A 66 6.04 -1.39 -18.00
C SER A 66 6.98 -2.51 -17.57
N PHE A 67 6.48 -3.35 -16.66
CA PHE A 67 7.26 -4.47 -16.16
C PHE A 67 8.10 -5.09 -17.27
N TYR A 68 7.48 -6.02 -17.98
CA TYR A 68 8.15 -6.71 -19.08
C TYR A 68 7.16 -7.57 -19.87
N SER A 69 7.67 -8.15 -20.94
CA SER A 69 6.86 -9.00 -21.80
C SER A 69 7.44 -10.42 -21.84
N VAL A 70 6.60 -11.36 -22.24
CA VAL A 70 7.02 -12.75 -22.33
C VAL A 70 6.17 -13.48 -23.38
N THR A 71 6.84 -14.29 -24.18
CA THR A 71 6.15 -15.05 -25.21
C THR A 71 5.78 -16.43 -24.70
N LEU A 72 4.65 -16.93 -25.18
CA LEU A 72 4.18 -18.24 -24.79
C LEU A 72 3.97 -19.10 -26.04
N GLY A 73 3.67 -20.37 -25.80
CA GLY A 73 3.44 -21.30 -26.89
C GLY A 73 2.52 -22.44 -26.46
N THR A 74 2.79 -22.96 -25.27
CA THR A 74 1.99 -24.04 -24.73
C THR A 74 0.50 -23.68 -24.74
N PRO A 75 -0.30 -24.55 -25.41
CA PRO A 75 -1.73 -24.32 -25.50
C PRO A 75 -2.43 -24.64 -24.18
N GLY A 76 -3.41 -23.82 -23.85
CA GLY A 76 -4.16 -24.00 -22.62
C GLY A 76 -4.49 -22.65 -21.97
N THR A 77 -5.14 -22.73 -20.82
CA THR A 77 -5.52 -21.52 -20.09
C THR A 77 -4.61 -21.34 -18.88
N TYR A 78 -3.91 -20.21 -18.87
CA TYR A 78 -3.01 -19.90 -17.77
C TYR A 78 -3.68 -18.99 -16.74
N SER A 79 -3.40 -19.27 -15.48
CA SER A 79 -3.96 -18.48 -14.40
C SER A 79 -2.85 -17.91 -13.52
N PHE A 80 -3.09 -16.71 -13.02
CA PHE A 80 -2.12 -16.04 -12.16
C PHE A 80 -2.81 -15.20 -11.10
N TYR A 81 -2.01 -14.42 -10.39
CA TYR A 81 -2.52 -13.56 -9.34
C TYR A 81 -1.45 -12.62 -8.82
N CYS A 82 -1.89 -11.61 -8.07
CA CYS A 82 -0.97 -10.64 -7.51
C CYS A 82 -0.61 -11.08 -6.09
N THR A 83 0.68 -11.26 -5.87
CA THR A 83 1.16 -11.68 -4.57
C THR A 83 0.58 -10.79 -3.47
N PRO A 84 0.74 -9.45 -3.68
CA PRO A 84 0.24 -8.48 -2.71
C PRO A 84 -1.29 -8.36 -2.80
N HIS A 85 -1.75 -7.92 -3.96
CA HIS A 85 -3.17 -7.76 -4.18
C HIS A 85 -3.82 -9.13 -4.38
N ARG A 86 -3.66 -9.98 -3.37
CA ARG A 86 -4.23 -11.31 -3.41
C ARG A 86 -5.66 -11.30 -2.86
N GLY A 87 -5.85 -10.50 -1.82
CA GLY A 87 -7.16 -10.40 -1.20
C GLY A 87 -7.98 -9.29 -1.86
N ALA A 88 -7.28 -8.34 -2.46
CA ALA A 88 -7.93 -7.23 -3.13
C ALA A 88 -8.73 -7.76 -4.33
N GLY A 89 -8.44 -8.99 -4.70
CA GLY A 89 -9.11 -9.62 -5.83
C GLY A 89 -8.49 -9.18 -7.15
N MET A 90 -7.22 -9.54 -7.32
CA MET A 90 -6.50 -9.18 -8.54
C MET A 90 -5.98 -10.43 -9.25
N VAL A 91 -6.90 -11.14 -9.89
CA VAL A 91 -6.55 -12.36 -10.60
C VAL A 91 -7.00 -12.24 -12.05
N GLY A 92 -6.31 -12.96 -12.92
CA GLY A 92 -6.63 -12.95 -14.34
C GLY A 92 -6.34 -14.31 -14.98
N THR A 93 -6.50 -14.35 -16.30
CA THR A 93 -6.25 -15.57 -17.04
C THR A 93 -5.63 -15.25 -18.40
N ILE A 94 -5.04 -16.27 -19.01
CA ILE A 94 -4.41 -16.11 -20.30
C ILE A 94 -4.56 -17.42 -21.10
N THR A 95 -5.16 -17.29 -22.26
CA THR A 95 -5.38 -18.44 -23.13
C THR A 95 -4.39 -18.41 -24.30
N VAL A 96 -3.96 -19.60 -24.70
CA VAL A 96 -3.03 -19.72 -25.81
C VAL A 96 -3.57 -20.73 -26.81
N GLU A 97 -4.59 -20.30 -27.55
CA GLU A 97 -5.21 -21.16 -28.55
C GLU A 97 -4.47 -21.02 -29.88
N TYR B 1 -2.66 0.48 1.80
CA TYR B 1 -2.75 1.42 0.66
C TYR B 1 -3.79 2.46 0.93
N PRO B 2 -3.77 3.55 0.23
CA PRO B 2 -4.76 4.56 0.46
C PRO B 2 -6.11 4.02 0.15
N PHE B 3 -6.17 3.06 -0.78
CA PHE B 3 -7.39 2.45 -1.23
C PHE B 3 -8.03 1.77 -0.05
N TYR B 4 -7.21 1.10 0.77
CA TYR B 4 -7.68 0.37 1.92
C TYR B 4 -8.27 1.33 2.91
N ALA B 5 -7.69 2.54 3.06
CA ALA B 5 -8.27 3.50 3.97
C ALA B 5 -9.64 3.85 3.48
N GLN B 6 -9.81 4.06 2.16
CA GLN B 6 -11.09 4.47 1.65
C GLN B 6 -12.14 3.44 1.95
N TYR B 7 -11.84 2.14 1.76
CA TYR B 7 -12.86 1.16 2.04
C TYR B 7 -13.20 1.09 3.49
N ASN B 8 -12.20 1.14 4.37
CA ASN B 8 -12.42 0.99 5.78
C ASN B 8 -13.03 2.19 6.45
N TYR B 9 -12.59 3.43 6.10
CA TYR B 9 -13.08 4.53 6.90
C TYR B 9 -13.62 5.63 6.03
N ASP B 10 -14.84 6.09 6.36
CA ASP B 10 -15.41 7.16 5.60
C ASP B 10 -14.59 8.39 5.88
N SER B 11 -14.20 8.61 7.16
CA SER B 11 -13.41 9.75 7.51
C SER B 11 -12.03 9.27 7.89
N PRO B 12 -11.05 9.76 7.18
CA PRO B 12 -9.67 9.40 7.37
C PRO B 12 -9.04 9.96 8.61
N ARG B 13 -9.66 10.97 9.26
CA ARG B 13 -9.06 11.57 10.41
C ARG B 13 -9.97 11.33 11.57
N GLU B 14 -9.41 10.73 12.64
CA GLU B 14 -10.16 10.41 13.83
C GLU B 14 -10.30 11.68 14.63
N ALA B 15 -11.22 11.66 15.62
CA ALA B 15 -11.51 12.81 16.42
C ALA B 15 -10.26 13.23 17.12
N THR B 16 -9.45 12.24 17.53
CA THR B 16 -8.22 12.48 18.22
C THR B 16 -7.32 13.23 17.29
N GLY B 17 -7.49 13.01 15.97
CA GLY B 17 -6.64 13.66 15.02
C GLY B 17 -5.75 12.62 14.44
N LYS B 18 -5.87 11.38 14.94
CA LYS B 18 -5.07 10.33 14.40
C LYS B 18 -5.62 9.98 13.04
N ILE B 19 -4.72 9.77 12.07
CA ILE B 19 -5.06 9.42 10.72
C ILE B 19 -5.12 7.93 10.65
N VAL B 20 -6.12 7.40 9.92
CA VAL B 20 -6.51 6.01 9.86
C VAL B 20 -5.41 5.10 9.39
N CYS B 21 -4.45 5.60 8.60
CA CYS B 21 -3.42 4.74 8.07
C CYS B 21 -2.71 4.08 9.22
N ALA B 22 -2.71 4.74 10.39
CA ALA B 22 -2.03 4.30 11.57
C ALA B 22 -2.55 2.97 12.01
N ASN B 23 -3.83 2.65 11.72
CA ASN B 23 -4.36 1.41 12.19
C ASN B 23 -3.54 0.26 11.63
N CYS B 24 -3.22 0.31 10.32
CA CYS B 24 -2.41 -0.69 9.64
C CYS B 24 -0.92 -0.52 9.76
N HIS B 25 -0.43 0.74 9.62
CA HIS B 25 0.99 0.99 9.60
C HIS B 25 1.35 1.45 10.96
N LEU B 26 1.84 0.49 11.75
CA LEU B 26 2.09 0.60 13.16
C LEU B 26 3.23 1.52 13.56
N ALA B 27 4.33 1.59 12.78
CA ALA B 27 5.48 2.34 13.22
C ALA B 27 5.37 3.79 12.86
N LYS B 28 6.02 4.66 13.67
CA LYS B 28 5.96 6.07 13.43
C LYS B 28 7.23 6.51 12.76
N LYS B 29 7.09 7.36 11.72
CA LYS B 29 8.19 7.95 11.00
C LYS B 29 7.75 9.34 10.67
N THR B 30 8.71 10.21 10.30
CA THR B 30 8.40 11.60 10.10
C THR B 30 7.65 11.86 8.84
N VAL B 31 6.89 12.98 8.84
CA VAL B 31 6.21 13.43 7.65
C VAL B 31 6.43 14.92 7.62
N GLU B 32 6.69 15.48 6.41
CA GLU B 32 6.90 16.90 6.35
C GLU B 32 6.02 17.50 5.30
N ILE B 33 5.52 18.72 5.56
CA ILE B 33 4.71 19.40 4.59
C ILE B 33 5.02 20.87 4.64
N GLU B 34 5.17 21.52 3.47
CA GLU B 34 5.40 22.94 3.46
C GLU B 34 4.43 23.59 2.52
N VAL B 35 3.85 24.72 2.95
CA VAL B 35 2.91 25.46 2.15
C VAL B 35 3.16 26.92 2.44
N PRO B 36 2.62 27.78 1.62
CA PRO B 36 2.82 29.19 1.81
C PRO B 36 2.10 29.68 3.04
N GLN B 37 2.53 30.83 3.57
CA GLN B 37 1.95 31.40 4.75
C GLN B 37 0.51 31.72 4.45
N ALA B 38 0.24 32.34 3.29
CA ALA B 38 -1.09 32.72 2.98
C ALA B 38 -1.30 32.60 1.50
N VAL B 39 -2.57 32.50 1.08
CA VAL B 39 -2.88 32.41 -0.33
C VAL B 39 -4.12 33.21 -0.62
N LEU B 40 -4.21 33.76 -1.85
CA LEU B 40 -5.33 34.56 -2.27
C LEU B 40 -6.43 33.62 -2.71
N PRO B 41 -7.66 34.07 -2.72
CA PRO B 41 -8.81 33.22 -2.98
C PRO B 41 -8.73 32.19 -4.05
N ASP B 42 -9.19 32.38 -5.28
CA ASP B 42 -9.12 31.26 -6.18
C ASP B 42 -7.77 31.27 -6.81
N THR B 43 -6.76 30.77 -6.05
CA THR B 43 -5.41 30.79 -6.54
C THR B 43 -4.80 29.43 -6.35
N VAL B 44 -3.72 29.13 -7.10
CA VAL B 44 -3.10 27.85 -7.00
C VAL B 44 -1.78 28.01 -6.30
N PHE B 45 -1.45 27.08 -5.38
CA PHE B 45 -0.22 27.14 -4.66
C PHE B 45 0.29 25.74 -4.50
N LYS B 46 1.57 25.58 -4.09
CA LYS B 46 2.12 24.25 -3.99
C LYS B 46 2.23 23.82 -2.57
N ALA B 47 1.91 22.53 -2.32
CA ALA B 47 2.07 21.92 -1.04
C ALA B 47 3.13 20.88 -1.27
N VAL B 48 4.25 20.98 -0.52
CA VAL B 48 5.35 20.08 -0.72
C VAL B 48 5.35 19.05 0.37
N VAL B 49 5.39 17.76 -0.02
CA VAL B 49 5.33 16.68 0.93
C VAL B 49 6.59 15.86 0.82
N LYS B 50 7.17 15.45 1.98
CA LYS B 50 8.34 14.62 1.97
C LYS B 50 8.15 13.53 2.99
N VAL B 51 8.63 12.30 2.68
CA VAL B 51 8.50 11.18 3.57
C VAL B 51 9.85 10.50 3.68
N PRO B 52 10.64 10.91 4.62
CA PRO B 52 11.99 10.40 4.71
C PRO B 52 12.20 9.02 5.22
N TYR B 53 13.18 8.31 4.61
CA TYR B 53 13.64 7.03 5.08
C TYR B 53 14.98 6.82 4.46
N ASP B 54 15.77 5.86 5.00
CA ASP B 54 17.07 5.63 4.45
C ASP B 54 16.89 4.77 3.22
N LEU B 55 17.28 5.31 2.06
CA LEU B 55 17.14 4.65 0.79
C LEU B 55 17.97 3.41 0.76
N ASP B 56 19.06 3.38 1.54
CA ASP B 56 19.93 2.23 1.57
C ASP B 56 19.25 1.02 2.16
N ILE B 57 18.23 1.19 3.04
CA ILE B 57 17.68 0.04 3.69
C ILE B 57 16.51 -0.52 2.94
N GLN B 58 16.51 -1.86 2.75
CA GLN B 58 15.50 -2.59 2.04
C GLN B 58 14.49 -3.13 3.00
N GLN B 59 13.29 -3.45 2.48
CA GLN B 59 12.16 -3.90 3.24
C GLN B 59 11.78 -5.28 2.80
N VAL B 60 11.08 -6.03 3.69
CA VAL B 60 10.62 -7.34 3.37
C VAL B 60 9.43 -7.15 2.47
N GLN B 61 9.40 -7.88 1.34
CA GLN B 61 8.31 -7.76 0.41
C GLN B 61 7.38 -8.93 0.59
N ALA B 62 6.32 -8.99 -0.24
CA ALA B 62 5.30 -9.98 -0.10
C ALA B 62 5.88 -11.37 -0.20
N ASP B 63 6.84 -11.59 -1.11
CA ASP B 63 7.42 -12.90 -1.29
C ASP B 63 8.35 -13.25 -0.16
N GLY B 64 8.79 -12.26 0.63
CA GLY B 64 9.68 -12.50 1.74
C GLY B 64 11.04 -11.98 1.42
N SER B 65 11.30 -11.66 0.13
CA SER B 65 12.58 -11.14 -0.30
C SER B 65 12.66 -9.66 -0.04
N PRO B 66 13.88 -9.17 -0.03
CA PRO B 66 14.08 -7.74 0.15
C PRO B 66 13.84 -6.92 -1.09
N SER B 67 13.34 -5.68 -0.94
CA SER B 67 13.11 -4.83 -2.08
C SER B 67 12.96 -3.41 -1.60
N GLY B 68 12.65 -2.48 -2.53
CA GLY B 68 12.54 -1.07 -2.23
C GLY B 68 11.23 -0.78 -1.57
N LEU B 69 11.07 0.46 -1.07
CA LEU B 69 9.88 0.88 -0.39
C LEU B 69 9.09 1.77 -1.29
N ASN B 70 7.76 1.80 -1.07
CA ASN B 70 6.85 2.64 -1.82
C ASN B 70 6.30 3.61 -0.82
N VAL B 71 5.84 4.78 -1.29
CA VAL B 71 5.36 5.79 -0.38
C VAL B 71 3.99 6.23 -0.81
N GLY B 72 3.25 6.89 0.10
CA GLY B 72 1.93 7.36 -0.21
C GLY B 72 1.53 8.30 0.87
N ALA B 73 0.43 9.07 0.66
CA ALA B 73 0.05 9.99 1.69
C ALA B 73 -1.38 10.41 1.50
N VAL B 74 -1.95 11.00 2.57
CA VAL B 74 -3.26 11.58 2.53
C VAL B 74 -3.04 13.00 2.95
N LEU B 75 -3.51 13.97 2.13
CA LEU B 75 -3.33 15.35 2.47
C LEU B 75 -4.68 15.94 2.68
N MET B 76 -4.99 16.38 3.92
CA MET B 76 -6.31 16.89 4.16
C MET B 76 -6.26 18.38 4.16
N LEU B 77 -6.92 18.97 3.15
CA LEU B 77 -6.98 20.40 3.00
C LEU B 77 -8.26 20.88 3.60
N PRO B 78 -8.35 22.17 3.78
CA PRO B 78 -9.53 22.76 4.36
C PRO B 78 -10.67 22.69 3.41
N GLU B 79 -11.91 22.92 3.91
CA GLU B 79 -13.08 22.85 3.07
C GLU B 79 -12.91 23.81 1.94
N GLY B 80 -13.33 23.37 0.74
CA GLY B 80 -13.35 24.20 -0.43
C GLY B 80 -12.07 24.08 -1.21
N PHE B 81 -10.99 23.60 -0.57
CA PHE B 81 -9.73 23.45 -1.26
C PHE B 81 -9.77 22.18 -2.06
N LYS B 82 -9.13 22.19 -3.25
CA LYS B 82 -9.09 21.01 -4.06
C LYS B 82 -7.80 21.01 -4.83
N LEU B 83 -7.47 19.86 -5.47
CA LEU B 83 -6.29 19.80 -6.28
C LEU B 83 -6.60 20.69 -7.44
N ALA B 84 -5.59 21.42 -7.97
CA ALA B 84 -5.86 22.37 -9.02
C ALA B 84 -6.03 21.67 -10.32
N PRO B 85 -6.93 22.18 -11.13
CA PRO B 85 -7.13 21.65 -12.45
C PRO B 85 -5.97 22.10 -13.29
N PRO B 86 -5.64 21.33 -14.28
CA PRO B 86 -4.49 21.62 -15.11
C PRO B 86 -4.56 22.99 -15.69
N GLU B 87 -5.76 23.45 -16.08
CA GLU B 87 -5.95 24.70 -16.77
C GLU B 87 -5.55 25.81 -15.87
N ARG B 88 -5.81 25.63 -14.57
CA ARG B 88 -5.56 26.59 -13.53
C ARG B 88 -4.10 26.74 -13.20
N VAL B 89 -3.25 25.74 -13.45
CA VAL B 89 -1.87 25.86 -13.04
C VAL B 89 -1.13 26.81 -13.92
N ASP B 90 -0.45 27.81 -13.31
CA ASP B 90 0.24 28.77 -14.11
C ASP B 90 1.46 28.15 -14.73
N GLU B 91 1.99 28.82 -15.78
CA GLU B 91 3.00 28.28 -16.65
C GLU B 91 4.28 27.94 -15.96
N GLU B 92 4.83 28.82 -15.11
CA GLU B 92 6.11 28.52 -14.54
C GLU B 92 6.00 27.28 -13.71
N LEU B 93 4.88 27.15 -12.99
CA LEU B 93 4.60 26.12 -12.03
C LEU B 93 4.37 24.74 -12.57
N MET B 94 3.83 24.58 -13.79
CA MET B 94 3.37 23.29 -14.24
C MET B 94 4.44 22.25 -14.16
N GLU B 95 5.68 22.57 -14.54
CA GLU B 95 6.72 21.59 -14.49
C GLU B 95 7.08 21.22 -13.07
N GLU B 96 6.96 22.19 -12.14
CA GLU B 96 7.33 22.08 -10.75
C GLU B 96 6.45 21.14 -9.98
N VAL B 97 5.20 20.93 -10.42
CA VAL B 97 4.28 20.17 -9.64
C VAL B 97 4.17 18.77 -10.16
N GLY B 98 3.71 17.84 -9.31
CA GLY B 98 3.57 16.48 -9.73
C GLY B 98 2.59 16.52 -10.83
N ASP B 99 2.58 15.46 -11.69
CA ASP B 99 1.62 15.39 -12.75
C ASP B 99 0.34 15.53 -12.03
N PHE B 100 -0.24 16.72 -12.23
CA PHE B 100 -1.34 17.17 -11.44
C PHE B 100 -2.42 16.19 -11.53
N TYR B 101 -2.80 15.79 -12.74
CA TYR B 101 -3.93 14.95 -12.65
C TYR B 101 -3.67 13.61 -12.07
N TYR B 102 -2.72 12.91 -12.70
CA TYR B 102 -2.53 11.49 -12.52
C TYR B 102 -2.22 11.08 -11.13
N LEU B 103 -1.29 11.76 -10.46
CA LEU B 103 -0.88 11.32 -9.15
C LEU B 103 -1.97 11.43 -8.12
N VAL B 104 -2.86 12.44 -8.25
CA VAL B 104 -3.80 12.75 -7.19
C VAL B 104 -5.18 12.20 -7.38
N THR B 105 -5.72 11.58 -6.30
CA THR B 105 -7.05 11.04 -6.31
C THR B 105 -7.81 11.56 -5.12
N PRO B 106 -9.06 11.91 -5.31
CA PRO B 106 -9.86 12.39 -4.21
C PRO B 106 -10.26 11.25 -3.33
N TYR B 107 -10.46 11.52 -2.03
CA TYR B 107 -10.80 10.50 -1.08
C TYR B 107 -12.15 9.95 -1.44
N SER B 108 -13.08 10.86 -1.80
CA SER B 108 -14.42 10.50 -2.19
C SER B 108 -14.94 11.63 -3.01
N GLU B 109 -16.14 11.46 -3.60
CA GLU B 109 -16.69 12.48 -4.45
C GLU B 109 -16.92 13.73 -3.66
N THR B 110 -17.47 13.58 -2.43
CA THR B 110 -17.78 14.67 -1.54
C THR B 110 -16.53 15.27 -0.95
N ASP B 111 -15.49 14.43 -0.78
CA ASP B 111 -14.20 14.54 -0.15
C ASP B 111 -13.06 15.14 -0.95
N GLU B 112 -13.32 15.92 -2.02
CA GLU B 112 -12.29 16.40 -2.90
C GLU B 112 -11.18 17.13 -2.19
N ASN B 113 -11.45 17.70 -0.99
CA ASN B 113 -10.46 18.39 -0.20
C ASN B 113 -9.44 17.42 0.35
N ILE B 114 -9.76 16.11 0.42
CA ILE B 114 -8.82 15.14 0.92
C ILE B 114 -8.21 14.43 -0.26
N LEU B 115 -6.88 14.57 -0.42
CA LEU B 115 -6.14 14.09 -1.56
C LEU B 115 -5.28 12.92 -1.18
N LEU B 116 -5.28 11.87 -2.03
CA LEU B 116 -4.50 10.68 -1.79
C LEU B 116 -3.50 10.55 -2.90
N ALA B 117 -2.28 10.06 -2.57
CA ALA B 117 -1.28 9.83 -3.58
C ALA B 117 -0.60 8.53 -3.21
N GLY B 118 -0.12 7.78 -4.21
CA GLY B 118 0.60 6.57 -3.94
C GLY B 118 -0.29 5.38 -4.07
N PRO B 119 0.30 4.20 -4.00
CA PRO B 119 1.72 4.11 -3.79
C PRO B 119 2.56 4.50 -4.96
N LEU B 120 3.73 5.11 -4.67
CA LEU B 120 4.68 5.54 -5.67
C LEU B 120 6.01 5.00 -5.23
N PRO B 121 6.93 4.83 -6.14
CA PRO B 121 8.23 4.34 -5.77
C PRO B 121 8.94 5.37 -4.94
N GLY B 122 9.49 4.98 -3.79
CA GLY B 122 10.11 5.88 -2.86
C GLY B 122 11.33 6.51 -3.46
N GLU B 123 12.10 5.75 -4.25
CA GLU B 123 13.33 6.28 -4.78
C GLU B 123 13.03 7.42 -5.71
N ASP B 124 11.93 7.31 -6.49
CA ASP B 124 11.55 8.28 -7.47
C ASP B 124 11.04 9.56 -6.86
N TYR B 125 10.23 9.49 -5.77
CA TYR B 125 9.63 10.71 -5.31
C TYR B 125 10.18 11.15 -3.99
N GLN B 126 11.23 11.98 -4.03
CA GLN B 126 11.78 12.54 -2.82
C GLN B 126 10.82 13.55 -2.30
N GLU B 127 10.17 14.27 -3.22
CA GLU B 127 9.25 15.31 -2.85
C GLU B 127 8.02 15.09 -3.69
N MET B 128 6.82 15.25 -3.09
CA MET B 128 5.61 15.12 -3.85
C MET B 128 5.00 16.47 -3.80
N ILE B 129 4.79 17.12 -4.95
CA ILE B 129 4.28 18.47 -4.89
C ILE B 129 2.88 18.52 -5.40
N PHE B 130 1.94 18.92 -4.52
CA PHE B 130 0.55 18.95 -4.91
C PHE B 130 0.18 20.35 -5.31
N PRO B 131 -0.36 20.53 -6.49
CA PRO B 131 -0.85 21.79 -6.97
C PRO B 131 -2.16 21.98 -6.27
N ILE B 132 -2.39 23.08 -5.54
CA ILE B 132 -3.65 23.15 -4.85
C ILE B 132 -4.37 24.42 -5.20
N LEU B 133 -5.69 24.32 -5.40
CA LEU B 133 -6.46 25.49 -5.74
C LEU B 133 -7.31 25.88 -4.55
N SER B 134 -7.17 27.13 -4.08
CA SER B 134 -7.94 27.62 -2.96
C SER B 134 -9.34 27.97 -3.41
N PRO B 135 -10.28 27.95 -2.48
CA PRO B 135 -11.66 28.30 -2.74
C PRO B 135 -11.86 29.78 -2.79
N ASN B 136 -13.08 30.24 -3.16
CA ASN B 136 -13.37 31.66 -3.15
C ASN B 136 -14.58 31.87 -2.30
N PRO B 137 -14.40 32.48 -1.16
CA PRO B 137 -15.50 32.67 -0.25
C PRO B 137 -16.57 33.57 -0.77
N ALA B 138 -16.26 34.50 -1.69
CA ALA B 138 -17.29 35.36 -2.14
C ALA B 138 -18.34 34.52 -2.81
N THR B 139 -17.87 33.59 -3.67
CA THR B 139 -18.74 32.69 -4.37
C THR B 139 -19.24 31.59 -3.48
N ASP B 140 -18.40 31.10 -2.55
CA ASP B 140 -18.77 29.93 -1.77
C ASP B 140 -19.04 30.31 -0.34
N ALA B 141 -20.31 30.12 0.08
CA ALA B 141 -20.83 30.42 1.39
C ALA B 141 -20.20 29.56 2.44
N GLY B 142 -19.91 28.28 2.08
CA GLY B 142 -19.41 27.30 2.99
C GLY B 142 -18.08 27.72 3.55
N VAL B 143 -17.26 28.47 2.79
CA VAL B 143 -15.96 28.81 3.29
C VAL B 143 -15.82 30.29 3.51
N TYR B 144 -14.99 30.65 4.51
CA TYR B 144 -14.75 32.03 4.81
C TYR B 144 -13.26 32.24 4.85
N PHE B 145 -12.82 33.51 4.85
CA PHE B 145 -11.41 33.80 4.92
C PHE B 145 -11.01 33.57 6.34
N GLY B 146 -9.75 33.15 6.56
CA GLY B 146 -9.30 32.91 7.91
C GLY B 146 -8.11 32.00 7.84
N LYS B 147 -7.63 31.56 9.03
CA LYS B 147 -6.50 30.69 9.09
C LYS B 147 -7.01 29.28 9.18
N TYR B 148 -6.39 28.35 8.43
CA TYR B 148 -6.89 27.00 8.45
C TYR B 148 -5.76 26.03 8.64
N SER B 149 -6.09 24.80 9.06
CA SER B 149 -5.10 23.80 9.30
C SER B 149 -5.15 22.78 8.21
N ILE B 150 -3.98 22.21 7.87
CA ILE B 150 -3.87 21.20 6.86
C ILE B 150 -3.26 20.02 7.58
N HIS B 151 -3.79 18.80 7.34
CA HIS B 151 -3.28 17.66 8.04
C HIS B 151 -2.66 16.72 7.06
N LEU B 152 -1.44 16.25 7.35
CA LEU B 152 -0.77 15.35 6.47
C LEU B 152 -0.55 14.03 7.16
N GLY B 153 -0.77 12.93 6.42
CA GLY B 153 -0.49 11.60 6.89
C GLY B 153 0.36 11.00 5.81
N GLY B 154 1.60 10.55 6.15
CA GLY B 154 2.45 10.06 5.10
C GLY B 154 3.08 8.75 5.51
N ASN B 155 3.13 7.80 4.57
CA ASN B 155 3.64 6.50 4.91
C ASN B 155 4.64 6.02 3.89
N ARG B 156 5.56 5.13 4.36
CA ARG B 156 6.50 4.48 3.49
C ARG B 156 6.56 3.06 3.99
N GLY B 157 6.63 2.07 3.09
CA GLY B 157 6.80 0.72 3.52
C GLY B 157 5.48 0.02 3.72
N ARG B 158 5.52 -1.32 3.69
CA ARG B 158 4.37 -2.17 3.78
C ARG B 158 3.82 -2.18 5.17
N GLY B 159 2.47 -2.30 5.27
CA GLY B 159 1.78 -2.27 6.53
C GLY B 159 1.87 -3.60 7.22
N GLN B 160 1.54 -3.59 8.52
CA GLN B 160 1.51 -4.70 9.43
C GLN B 160 0.26 -5.53 9.33
N VAL B 161 -0.91 -4.92 9.03
CA VAL B 161 -2.14 -5.65 9.06
C VAL B 161 -2.88 -5.45 7.78
N TYR B 162 -3.78 -6.40 7.45
CA TYR B 162 -4.53 -6.35 6.22
C TYR B 162 -5.94 -6.01 6.60
N PRO B 163 -6.72 -5.56 5.65
CA PRO B 163 -8.10 -5.27 5.92
C PRO B 163 -8.80 -6.52 6.32
N THR B 164 -8.16 -7.67 6.05
CA THR B 164 -8.65 -8.95 6.46
C THR B 164 -8.61 -8.95 7.95
N GLY B 165 -7.60 -8.28 8.53
CA GLY B 165 -7.44 -8.26 9.95
C GLY B 165 -6.30 -9.16 10.30
N GLU B 166 -5.79 -9.92 9.30
CA GLU B 166 -4.69 -10.79 9.55
C GLU B 166 -3.41 -10.03 9.38
N LEU B 167 -2.35 -10.49 10.09
CA LEU B 167 -1.07 -9.83 10.07
C LEU B 167 -0.34 -10.17 8.81
N SER B 168 0.48 -9.20 8.34
CA SER B 168 1.29 -9.36 7.17
C SER B 168 2.59 -9.97 7.59
N ASN B 169 3.47 -10.26 6.61
CA ASN B 169 4.78 -10.81 6.84
C ASN B 169 5.70 -9.75 7.39
N ASN B 170 5.32 -8.46 7.31
CA ASN B 170 6.18 -7.42 7.81
C ASN B 170 5.75 -7.07 9.21
N ASN B 171 5.78 -8.05 10.14
CA ASN B 171 5.35 -7.80 11.50
C ASN B 171 5.98 -8.81 12.41
N ALA B 172 5.93 -8.57 13.74
CA ALA B 172 6.49 -9.51 14.67
C ALA B 172 5.50 -10.62 14.92
N PHE B 173 6.02 -11.86 15.12
CA PHE B 173 5.16 -12.99 15.40
C PHE B 173 5.51 -13.47 16.78
N SER B 174 4.49 -13.85 17.60
CA SER B 174 4.76 -14.19 18.98
C SER B 174 4.34 -15.60 19.30
N ALA B 175 4.97 -16.18 20.35
CA ALA B 175 4.69 -17.52 20.77
C ALA B 175 3.28 -17.60 21.25
N SER B 176 2.52 -18.56 20.69
CA SER B 176 1.15 -18.76 21.03
C SER B 176 1.07 -19.31 22.42
N ILE B 177 2.12 -20.03 22.87
CA ILE B 177 2.09 -20.60 24.19
C ILE B 177 3.49 -20.73 24.70
N ALA B 178 3.65 -20.85 26.05
CA ALA B 178 4.93 -21.00 26.66
C ALA B 178 5.37 -22.43 26.57
N GLY B 179 6.69 -22.67 26.48
CA GLY B 179 7.18 -24.02 26.40
C GLY B 179 8.57 -24.00 25.84
N THR B 180 9.04 -25.17 25.34
CA THR B 180 10.36 -25.24 24.79
C THR B 180 10.26 -25.52 23.32
N ILE B 181 11.21 -24.99 22.53
CA ILE B 181 11.13 -25.13 21.10
C ILE B 181 11.83 -26.39 20.70
N ALA B 182 11.04 -27.41 20.34
CA ALA B 182 11.53 -28.68 19.90
C ALA B 182 12.18 -28.58 18.55
N ALA B 183 11.57 -27.82 17.61
CA ALA B 183 12.17 -27.77 16.31
C ALA B 183 11.57 -26.65 15.51
N ILE B 184 12.24 -26.27 14.40
CA ILE B 184 11.75 -25.27 13.49
C ILE B 184 12.07 -25.70 12.06
N GLU B 185 11.15 -25.52 11.09
CA GLU B 185 11.31 -25.96 9.70
C GLU B 185 11.37 -24.74 8.78
N ASP B 186 11.97 -24.80 7.53
CA ASP B 186 12.13 -23.53 6.82
C ASP B 186 12.15 -23.45 5.27
N ASN B 187 11.15 -22.77 4.62
CA ASN B 187 11.17 -22.42 3.20
C ASN B 187 11.17 -20.93 3.17
N GLY B 188 11.95 -20.37 4.10
CA GLY B 188 11.92 -18.95 4.29
C GLY B 188 10.88 -18.81 5.34
N PHE B 189 9.76 -19.55 5.13
CA PHE B 189 8.66 -19.62 6.05
C PHE B 189 9.14 -20.53 7.10
N GLY B 190 8.78 -20.23 8.34
CA GLY B 190 9.01 -21.24 9.29
C GLY B 190 7.64 -21.73 9.31
N PHE B 191 7.47 -22.87 8.64
CA PHE B 191 6.20 -23.48 8.52
C PHE B 191 5.84 -23.64 9.93
N ASP B 192 6.85 -23.97 10.76
CA ASP B 192 6.43 -24.07 12.10
C ASP B 192 7.55 -23.95 13.07
N VAL B 193 7.21 -23.31 14.19
CA VAL B 193 8.05 -23.38 15.35
C VAL B 193 7.23 -24.28 16.22
N THR B 194 7.79 -25.43 16.61
CA THR B 194 7.02 -26.33 17.42
C THR B 194 7.40 -26.09 18.84
N ILE B 195 6.38 -25.89 19.70
CA ILE B 195 6.66 -25.62 21.07
C ILE B 195 6.05 -26.68 21.91
N GLN B 196 6.79 -27.16 22.92
CA GLN B 196 6.30 -28.19 23.80
C GLN B 196 5.87 -27.51 25.07
N PRO B 197 4.59 -27.48 25.30
CA PRO B 197 4.12 -26.91 26.53
C PRO B 197 4.43 -27.70 27.76
N GLU B 198 4.12 -27.07 28.90
CA GLU B 198 4.45 -27.50 30.23
C GLU B 198 3.90 -28.87 30.50
N ASP B 199 2.78 -29.27 29.86
CA ASP B 199 2.27 -30.55 30.24
C ASP B 199 2.09 -31.50 29.08
N GLY B 200 3.12 -31.68 28.22
CA GLY B 200 3.07 -32.73 27.24
C GLY B 200 2.59 -32.27 25.89
N ASP B 201 1.74 -31.24 25.81
CA ASP B 201 1.18 -30.86 24.53
C ASP B 201 2.25 -30.25 23.67
N ALA B 202 2.02 -30.25 22.34
CA ALA B 202 2.93 -29.61 21.43
C ALA B 202 2.10 -28.78 20.49
N VAL B 203 2.49 -27.50 20.30
CA VAL B 203 1.74 -26.60 19.48
C VAL B 203 2.63 -26.10 18.39
N VAL B 204 2.03 -25.62 17.28
CA VAL B 204 2.88 -25.19 16.21
C VAL B 204 2.49 -23.80 15.81
N THR B 205 3.48 -22.89 15.70
CA THR B 205 3.18 -21.53 15.33
C THR B 205 3.80 -21.31 13.98
N SER B 206 3.00 -20.84 13.01
CA SER B 206 3.51 -20.68 11.68
C SER B 206 3.86 -19.25 11.47
N ILE B 207 5.06 -19.02 10.88
CA ILE B 207 5.46 -17.67 10.60
C ILE B 207 5.81 -17.65 9.14
N LEU B 208 5.45 -16.56 8.44
CA LEU B 208 5.69 -16.44 7.02
C LEU B 208 7.12 -16.03 6.79
N PRO B 209 7.62 -16.17 5.57
CA PRO B 209 8.96 -15.79 5.23
C PRO B 209 9.07 -14.31 5.45
N GLY B 210 10.26 -13.81 5.84
CA GLY B 210 10.46 -12.39 6.00
C GLY B 210 10.92 -12.04 7.39
N PRO B 211 10.18 -12.35 8.42
CA PRO B 211 10.64 -12.00 9.74
C PRO B 211 11.80 -12.88 10.08
N GLU B 212 12.73 -12.44 10.95
CA GLU B 212 13.85 -13.27 11.25
C GLU B 212 13.69 -13.85 12.63
N LEU B 213 13.87 -15.18 12.74
CA LEU B 213 13.69 -15.86 13.98
C LEU B 213 14.77 -15.47 14.94
N ILE B 214 14.32 -15.03 16.13
CA ILE B 214 15.07 -14.66 17.30
C ILE B 214 15.50 -15.88 18.06
N VAL B 215 14.70 -16.97 18.01
CA VAL B 215 14.89 -18.11 18.86
C VAL B 215 15.51 -19.26 18.17
N ALA B 216 16.04 -20.21 18.97
CA ALA B 216 16.70 -21.39 18.48
C ALA B 216 16.07 -22.58 19.13
N VAL B 217 16.25 -23.75 18.52
CA VAL B 217 15.66 -24.95 19.04
C VAL B 217 16.30 -25.22 20.37
N GLY B 218 15.48 -25.75 21.31
CA GLY B 218 15.93 -26.10 22.62
C GLY B 218 15.79 -24.90 23.51
N ASP B 219 15.21 -23.81 22.99
CA ASP B 219 15.09 -22.61 23.78
C ASP B 219 13.71 -22.54 24.36
N THR B 220 13.61 -22.05 25.61
CA THR B 220 12.33 -21.90 26.25
C THR B 220 11.80 -20.54 25.92
N VAL B 221 10.47 -20.42 25.79
CA VAL B 221 9.88 -19.14 25.49
C VAL B 221 8.62 -18.98 26.28
N GLU B 222 8.33 -17.74 26.70
CA GLU B 222 7.12 -17.47 27.44
C GLU B 222 6.03 -17.20 26.44
N ALA B 223 4.76 -17.31 26.87
CA ALA B 223 3.69 -17.08 25.95
C ALA B 223 3.71 -15.64 25.56
N GLY B 224 3.50 -15.37 24.26
CA GLY B 224 3.42 -14.04 23.76
C GLY B 224 4.79 -13.49 23.50
N GLN B 225 5.85 -14.26 23.83
CA GLN B 225 7.15 -13.69 23.61
C GLN B 225 7.44 -13.69 22.15
N LEU B 226 8.35 -12.78 21.71
CA LEU B 226 8.61 -12.64 20.31
C LEU B 226 9.47 -13.75 19.79
N LEU B 227 8.95 -14.42 18.74
CA LEU B 227 9.59 -15.46 17.98
C LEU B 227 10.53 -14.87 16.99
N THR B 228 10.25 -13.64 16.54
CA THR B 228 11.01 -13.04 15.48
C THR B 228 11.31 -11.60 15.82
N THR B 229 12.18 -10.97 15.02
CA THR B 229 12.48 -9.58 15.23
C THR B 229 11.35 -8.84 14.60
N ASN B 230 11.45 -7.50 14.57
CA ASN B 230 10.46 -6.74 13.87
C ASN B 230 11.13 -6.31 12.61
N PRO B 231 10.74 -6.88 11.50
CA PRO B 231 11.36 -6.60 10.24
C PRO B 231 10.99 -5.25 9.66
N ASN B 232 9.99 -4.57 10.22
CA ASN B 232 9.48 -3.33 9.68
C ASN B 232 10.53 -2.27 9.61
N VAL B 233 10.81 -1.79 8.36
CA VAL B 233 11.69 -0.71 7.98
C VAL B 233 11.01 0.63 7.84
N GLY B 234 9.69 0.65 7.59
CA GLY B 234 9.02 1.89 7.25
C GLY B 234 8.24 2.45 8.39
N GLY B 235 7.23 3.29 8.06
CA GLY B 235 6.42 3.84 9.11
C GLY B 235 5.53 4.91 8.56
N PHE B 236 4.58 5.36 9.41
CA PHE B 236 3.60 6.35 9.06
C PHE B 236 3.71 7.48 10.03
N GLY B 237 3.61 8.74 9.56
CA GLY B 237 3.74 9.86 10.44
C GLY B 237 2.75 10.92 10.03
N GLN B 238 2.49 11.89 10.94
CA GLN B 238 1.56 12.92 10.63
C GLN B 238 2.16 14.25 10.98
N MET B 239 1.75 15.31 10.26
CA MET B 239 2.19 16.62 10.60
C MET B 239 1.15 17.59 10.15
N ASP B 240 0.96 18.66 10.94
CA ASP B 240 -0.05 19.65 10.67
C ASP B 240 0.64 20.94 10.35
N SER B 241 -0.01 21.77 9.52
CA SER B 241 0.51 23.07 9.18
C SER B 241 -0.68 23.97 9.05
N GLU B 242 -0.46 25.30 8.97
CA GLU B 242 -1.57 26.19 8.85
C GLU B 242 -1.35 27.05 7.66
N ILE B 243 -2.44 27.56 7.05
CA ILE B 243 -2.35 28.45 5.93
C ILE B 243 -3.43 29.48 6.10
N VAL B 244 -3.18 30.72 5.62
CA VAL B 244 -4.15 31.77 5.79
C VAL B 244 -4.82 32.02 4.48
N LEU B 245 -6.17 31.93 4.46
CA LEU B 245 -6.91 32.21 3.25
C LEU B 245 -7.11 33.69 3.33
N GLN B 246 -6.42 34.44 2.45
CA GLN B 246 -6.34 35.88 2.55
C GLN B 246 -7.28 36.58 1.62
N SER B 247 -7.59 37.85 1.97
CA SER B 247 -8.45 38.67 1.16
C SER B 247 -7.56 39.47 0.27
N SER B 248 -7.96 39.62 -1.00
CA SER B 248 -7.16 40.32 -1.96
C SER B 248 -7.07 41.74 -1.57
N SER B 249 -6.02 42.39 -2.07
CA SER B 249 -5.82 43.77 -1.77
C SER B 249 -5.75 43.91 -0.26
CU CU C . -1.34 -5.77 -8.07
FE HEC D . -1.23 0.87 3.40
CHA HEC D . 1.05 -0.95 1.67
CHB HEC D . 0.09 3.77 2.17
CHC HEC D . -3.78 2.62 4.79
CHD HEC D . -2.21 -1.90 5.03
NA HEC D . 0.18 1.32 2.10
C1A HEC D . 1.01 0.45 1.45
C2A HEC D . 1.93 1.15 0.56
C3A HEC D . 1.69 2.47 0.74
C4A HEC D . 0.59 2.58 1.68
CMA HEC D . 2.44 3.61 0.08
CAA HEC D . 2.98 0.47 -0.32
CBA HEC D . 4.28 0.43 0.54
CGA HEC D . 5.39 -0.40 -0.08
O1A HEC D . 6.58 -0.12 0.23
O2A HEC D . 5.09 -1.33 -0.86
NB HEC D . -1.73 2.78 3.49
C1B HEC D . -0.99 3.88 3.01
C2B HEC D . -1.66 5.15 3.38
C3B HEC D . -2.78 4.84 4.12
C4B HEC D . -2.81 3.36 4.13
CMB HEC D . -1.14 6.54 3.12
CAB HEC D . -3.70 5.73 4.78
CBB HEC D . -4.33 6.82 3.90
NC HEC D . -2.75 0.45 4.55
C1C HEC D . -3.74 1.26 5.02
C2C HEC D . -4.68 0.54 5.85
C3C HEC D . -4.26 -0.72 5.93
C4C HEC D . -3.03 -0.78 5.14
CMC HEC D . -5.95 1.16 6.42
CAC HEC D . -4.83 -1.80 6.71
CBC HEC D . -6.32 -2.18 6.43
ND HEC D . -0.71 -1.03 3.33
C1D HEC D . -1.15 -2.03 4.18
C2D HEC D . -0.43 -3.28 3.98
C3D HEC D . 0.43 -3.03 2.97
C4D HEC D . 0.25 -1.64 2.58
CMD HEC D . -0.56 -4.63 4.76
CAD HEC D . 1.36 -4.02 2.31
CBD HEC D . 0.73 -4.78 1.14
CGD HEC D . 1.70 -5.77 0.54
O1D HEC D . 1.52 -6.99 0.77
O2D HEC D . 2.66 -5.30 -0.14
HHA HEC D . 1.76 -1.53 1.10
HHB HEC D . 0.58 4.68 1.86
HHC HEC D . -4.65 3.14 5.16
HHD HEC D . -2.44 -2.73 5.68
HMA1 HEC D . 2.04 3.77 -0.92
HMA2 HEC D . 3.48 3.37 0.01
HMA3 HEC D . 2.31 4.51 0.65
HAA1 HEC D . 3.14 1.05 -1.23
HAA2 HEC D . 2.65 -0.52 -0.59
HBA1 HEC D . 4.03 0.00 1.50
HBA2 HEC D . 4.63 1.44 0.67
HMB1 HEC D . -1.48 6.87 2.14
HMB2 HEC D . -0.06 6.54 3.14
HMB3 HEC D . -1.51 7.22 3.87
HAB HEC D . -4.54 5.16 5.16
HBB1 HEC D . -5.31 6.51 3.57
HBB2 HEC D . -4.42 7.74 4.48
HBB3 HEC D . -3.70 7.01 3.04
HMC1 HEC D . -5.85 1.24 7.50
HMC2 HEC D . -6.79 0.53 6.19
HMC3 HEC D . -6.09 2.14 6.00
HAC HEC D . -5.45 -1.53 7.52
HBC1 HEC D . -6.74 -2.68 7.30
HBC2 HEC D . -6.89 -1.29 6.22
HBC3 HEC D . -6.37 -2.85 5.57
HMD1 HEC D . 0.13 -4.64 5.58
HMD2 HEC D . -0.34 -5.44 4.09
HMD3 HEC D . -1.57 -4.73 5.13
HAD1 HEC D . 1.66 -4.75 3.05
HAD2 HEC D . 2.22 -3.49 1.94
HBD1 HEC D . 0.43 -4.07 0.38
HBD2 HEC D . -0.15 -5.31 1.49
N ALA A 1 -9.17 -20.23 -26.56
CA ALA A 1 -8.17 -19.38 -27.16
C ALA A 1 -7.26 -18.81 -26.08
N SER A 2 -6.10 -18.33 -26.51
CA SER A 2 -5.13 -17.75 -25.59
C SER A 2 -5.77 -16.61 -24.81
N VAL A 3 -5.66 -16.70 -23.49
CA VAL A 3 -6.23 -15.68 -22.62
C VAL A 3 -5.12 -15.10 -21.73
N GLN A 4 -5.50 -14.11 -20.94
CA GLN A 4 -4.55 -13.48 -20.04
C GLN A 4 -5.23 -13.12 -18.71
N ILE A 5 -4.43 -13.11 -17.67
CA ILE A 5 -4.93 -12.79 -16.34
C ILE A 5 -4.28 -11.50 -15.85
N LYS A 6 -5.11 -10.48 -15.74
CA LYS A 6 -4.64 -9.18 -15.28
C LYS A 6 -4.82 -9.07 -13.77
N MET A 7 -3.78 -8.61 -13.11
CA MET A 7 -3.81 -8.45 -11.66
C MET A 7 -3.94 -6.98 -11.27
N GLY A 8 -5.17 -6.57 -11.00
CA GLY A 8 -5.44 -5.20 -10.61
C GLY A 8 -6.36 -4.52 -11.63
N THR A 9 -7.22 -3.66 -11.10
CA THR A 9 -8.16 -2.93 -11.94
C THR A 9 -7.76 -1.47 -12.04
N ASP A 10 -8.28 -0.81 -13.07
CA ASP A 10 -7.99 0.60 -13.30
C ASP A 10 -8.44 1.41 -12.08
N LYS A 11 -9.28 0.77 -11.27
CA LYS A 11 -9.80 1.42 -10.08
C LYS A 11 -8.87 1.13 -8.90
N TYR A 12 -7.58 1.16 -9.18
CA TYR A 12 -6.58 0.90 -8.16
C TYR A 12 -7.05 -0.20 -7.20
N ALA A 13 -7.84 -1.11 -7.75
CA ALA A 13 -8.36 -2.22 -6.96
C ALA A 13 -7.62 -3.49 -7.34
N PRO A 14 -6.91 -4.07 -6.33
CA PRO A 14 -6.15 -5.29 -6.55
C PRO A 14 -7.09 -6.50 -6.63
N LEU A 15 -7.39 -6.89 -7.86
CA LEU A 15 -8.27 -8.03 -8.09
C LEU A 15 -7.90 -8.70 -9.42
N TYR A 16 -8.15 -9.99 -9.48
CA TYR A 16 -7.85 -10.75 -10.69
C TYR A 16 -8.91 -10.50 -11.77
N GLU A 17 -8.42 -10.11 -12.93
CA GLU A 17 -9.31 -9.85 -14.05
C GLU A 17 -8.82 -10.57 -15.31
N PRO A 18 -9.79 -11.22 -16.01
CA PRO A 18 -11.17 -11.19 -15.58
C PRO A 18 -11.38 -12.12 -14.38
N LYS A 19 -12.21 -11.66 -13.45
CA LYS A 19 -12.50 -12.43 -12.26
C LYS A 19 -12.66 -13.89 -12.64
N ALA A 20 -13.30 -14.12 -13.77
CA ALA A 20 -13.52 -15.48 -14.25
C ALA A 20 -12.87 -15.64 -15.63
N LEU A 21 -12.38 -16.84 -15.87
CA LEU A 21 -11.73 -17.14 -17.14
C LEU A 21 -12.07 -18.57 -17.55
N SER A 22 -12.27 -18.74 -18.85
CA SER A 22 -12.61 -20.05 -19.39
C SER A 22 -11.70 -20.37 -20.59
N ILE A 23 -11.34 -21.65 -20.69
CA ILE A 23 -10.48 -22.09 -21.77
C ILE A 23 -10.72 -23.58 -22.03
N SER A 24 -9.96 -24.11 -22.96
CA SER A 24 -10.09 -25.53 -23.31
C SER A 24 -8.76 -26.24 -23.07
N ALA A 25 -8.85 -27.56 -22.91
CA ALA A 25 -7.67 -28.37 -22.68
C ALA A 25 -6.68 -28.18 -23.85
N GLY A 26 -5.63 -27.42 -23.56
CA GLY A 26 -4.61 -27.16 -24.57
C GLY A 26 -4.41 -25.66 -24.75
N ASP A 27 -5.27 -24.89 -24.10
CA ASP A 27 -5.19 -23.44 -24.18
C ASP A 27 -4.14 -22.93 -23.20
N THR A 28 -3.89 -21.63 -23.26
CA THR A 28 -2.91 -21.00 -22.38
C THR A 28 -3.56 -19.86 -21.59
N VAL A 29 -2.98 -19.59 -20.43
CA VAL A 29 -3.48 -18.54 -19.57
C VAL A 29 -2.31 -17.65 -19.14
N GLU A 30 -2.23 -16.49 -19.78
CA GLU A 30 -1.17 -15.54 -19.46
C GLU A 30 -1.51 -14.77 -18.19
N PHE A 31 -0.53 -14.03 -17.69
CA PHE A 31 -0.70 -13.25 -16.49
C PHE A 31 0.13 -11.96 -16.54
N VAL A 32 -0.56 -10.85 -16.43
CA VAL A 32 0.10 -9.56 -16.45
C VAL A 32 -0.28 -8.76 -15.20
N MET A 33 0.60 -7.84 -14.84
CA MET A 33 0.37 -7.01 -13.66
C MET A 33 -0.22 -5.66 -14.05
N ASN A 34 -1.42 -5.39 -13.55
CA ASN A 34 -2.09 -4.14 -13.83
C ASN A 34 -1.50 -3.03 -12.95
N LYS A 35 -1.73 -3.18 -11.65
CA LYS A 35 -1.23 -2.21 -10.69
C LYS A 35 -1.39 -2.76 -9.27
N VAL A 36 -1.21 -1.88 -8.30
CA VAL A 36 -1.34 -2.26 -6.91
C VAL A 36 -0.57 -3.56 -6.68
N GLY A 37 0.70 -3.54 -7.05
CA GLY A 37 1.56 -4.70 -6.88
C GLY A 37 2.30 -4.66 -5.55
N PRO A 38 3.25 -5.62 -5.38
CA PRO A 38 3.50 -6.61 -6.42
C PRO A 38 2.38 -7.66 -6.46
N HIS A 39 2.63 -8.71 -7.21
CA HIS A 39 1.67 -9.79 -7.34
C HIS A 39 2.39 -11.13 -7.44
N ASN A 40 1.63 -12.17 -7.76
CA ASN A 40 2.19 -13.50 -7.88
C ASN A 40 1.05 -14.50 -8.12
N VAL A 41 1.45 -15.70 -8.50
CA VAL A 41 0.47 -16.76 -8.77
C VAL A 41 0.49 -17.75 -7.60
N ILE A 42 -0.63 -17.80 -6.89
CA ILE A 42 -0.76 -18.70 -5.76
C ILE A 42 -2.09 -19.45 -5.85
N PHE A 43 -2.13 -20.42 -6.74
CA PHE A 43 -3.33 -21.21 -6.94
C PHE A 43 -3.90 -21.69 -5.60
N ASP A 44 -5.17 -22.05 -5.63
CA ASP A 44 -5.85 -22.52 -4.44
C ASP A 44 -5.83 -24.06 -4.41
N LYS A 45 -6.24 -24.63 -5.53
CA LYS A 45 -6.28 -26.08 -5.65
C LYS A 45 -7.08 -26.46 -6.90
N VAL A 46 -6.63 -27.52 -7.55
CA VAL A 46 -7.29 -27.99 -8.76
C VAL A 46 -7.57 -29.49 -8.62
N PRO A 47 -8.56 -29.97 -9.43
CA PRO A 47 -8.94 -31.37 -9.40
C PRO A 47 -7.90 -32.23 -10.12
N ALA A 48 -7.97 -33.53 -9.88
CA ALA A 48 -7.05 -34.46 -10.49
C ALA A 48 -6.82 -34.05 -11.95
N GLY A 49 -5.55 -34.08 -12.35
CA GLY A 49 -5.19 -33.73 -13.70
C GLY A 49 -3.98 -32.78 -13.71
N GLU A 50 -4.14 -31.67 -13.01
CA GLU A 50 -3.08 -30.68 -12.93
C GLU A 50 -2.50 -30.64 -11.51
N SER A 51 -1.62 -29.67 -11.29
CA SER A 51 -0.99 -29.51 -9.99
C SER A 51 -1.03 -28.04 -9.57
N ALA A 52 -2.21 -27.62 -9.10
CA ALA A 52 -2.39 -26.25 -8.67
C ALA A 52 -1.31 -25.89 -7.65
N PRO A 53 -1.19 -26.77 -6.61
CA PRO A 53 -0.21 -26.56 -5.56
C PRO A 53 1.20 -26.90 -6.05
N ALA A 54 1.54 -26.32 -7.19
CA ALA A 54 2.85 -26.56 -7.78
C ALA A 54 3.19 -25.40 -8.72
N LEU A 55 2.22 -25.03 -9.54
CA LEU A 55 2.40 -23.94 -10.48
C LEU A 55 2.58 -22.63 -9.72
N SER A 56 2.00 -22.59 -8.54
CA SER A 56 2.08 -21.41 -7.70
C SER A 56 3.53 -20.91 -7.66
N ASN A 57 3.73 -19.71 -8.20
CA ASN A 57 5.05 -19.11 -8.23
C ASN A 57 5.10 -17.95 -7.23
N THR A 58 5.96 -18.09 -6.24
CA THR A 58 6.11 -17.07 -5.22
C THR A 58 7.18 -16.05 -5.64
N LYS A 59 7.42 -16.00 -6.95
CA LYS A 59 8.40 -15.08 -7.49
C LYS A 59 7.75 -13.72 -7.72
N LEU A 60 7.33 -13.10 -6.64
CA LEU A 60 6.68 -11.80 -6.70
C LEU A 60 7.41 -10.93 -7.74
N ALA A 61 6.79 -10.83 -8.91
CA ALA A 61 7.37 -10.04 -9.98
C ALA A 61 7.10 -8.55 -9.72
N ILE A 62 8.11 -7.89 -9.17
CA ILE A 62 8.00 -6.47 -8.86
C ILE A 62 7.94 -5.68 -10.17
N ALA A 63 8.83 -6.03 -11.08
CA ALA A 63 8.89 -5.35 -12.36
C ALA A 63 7.57 -5.58 -13.11
N PRO A 64 6.81 -4.47 -13.27
CA PRO A 64 5.53 -4.53 -13.96
C PRO A 64 5.73 -4.64 -15.47
N GLY A 65 4.91 -5.49 -16.08
CA GLY A 65 4.99 -5.69 -17.52
C GLY A 65 4.15 -6.90 -17.95
N SER A 66 4.59 -8.07 -17.53
CA SER A 66 3.89 -9.30 -17.86
C SER A 66 4.60 -10.50 -17.23
N PHE A 67 4.09 -10.91 -16.08
CA PHE A 67 4.66 -12.04 -15.36
C PHE A 67 5.12 -13.13 -16.34
N TYR A 68 4.17 -14.00 -16.69
CA TYR A 68 4.47 -15.09 -17.61
C TYR A 68 3.19 -15.82 -18.00
N SER A 69 3.35 -16.77 -18.92
CA SER A 69 2.22 -17.54 -19.39
C SER A 69 2.45 -19.03 -19.09
N VAL A 70 1.35 -19.78 -19.13
CA VAL A 70 1.41 -21.20 -18.86
C VAL A 70 0.24 -21.90 -19.55
N THR A 71 0.55 -23.05 -20.15
CA THR A 71 -0.47 -23.81 -20.85
C THR A 71 -1.06 -24.88 -19.93
N LEU A 72 -2.34 -25.15 -20.13
CA LEU A 72 -3.03 -26.14 -19.33
C LEU A 72 -3.65 -27.19 -20.25
N GLY A 73 -4.19 -28.23 -19.63
CA GLY A 73 -4.82 -29.31 -20.38
C GLY A 73 -5.89 -30.00 -19.54
N THR A 74 -5.55 -30.26 -18.29
CA THR A 74 -6.47 -30.92 -17.38
C THR A 74 -7.80 -30.17 -17.34
N PRO A 75 -8.90 -30.94 -17.65
CA PRO A 75 -10.23 -30.36 -17.65
C PRO A 75 -10.74 -30.13 -16.22
N GLY A 76 -11.43 -29.02 -16.04
CA GLY A 76 -11.97 -28.68 -14.74
C GLY A 76 -11.85 -27.18 -14.47
N THR A 77 -12.29 -26.78 -13.28
CA THR A 77 -12.24 -25.39 -12.89
C THR A 77 -11.11 -25.15 -11.88
N TYR A 78 -10.17 -24.30 -12.27
CA TYR A 78 -9.04 -23.98 -11.41
C TYR A 78 -9.30 -22.70 -10.62
N SER A 79 -8.87 -22.71 -9.37
CA SER A 79 -9.04 -21.56 -8.50
C SER A 79 -7.68 -21.12 -7.94
N PHE A 80 -7.54 -19.82 -7.78
CA PHE A 80 -6.31 -19.25 -7.27
C PHE A 80 -6.59 -18.01 -6.41
N TYR A 81 -5.51 -17.33 -6.05
CA TYR A 81 -5.62 -16.13 -5.24
C TYR A 81 -4.27 -15.42 -5.12
N CYS A 82 -4.33 -14.18 -4.66
CA CYS A 82 -3.13 -13.38 -4.49
C CYS A 82 -2.64 -13.54 -3.06
N THR A 83 -1.41 -14.00 -2.93
CA THR A 83 -0.82 -14.21 -1.62
C THR A 83 -0.96 -12.94 -0.76
N PRO A 84 -0.54 -11.79 -1.37
CA PRO A 84 -0.62 -10.51 -0.68
C PRO A 84 -2.06 -10.01 -0.63
N HIS A 85 -2.61 -9.76 -1.81
CA HIS A 85 -3.97 -9.27 -1.92
C HIS A 85 -4.95 -10.42 -1.65
N ARG A 86 -4.81 -11.00 -0.45
CA ARG A 86 -5.67 -12.10 -0.06
C ARG A 86 -6.95 -11.56 0.61
N GLY A 87 -6.76 -10.52 1.40
CA GLY A 87 -7.87 -9.90 2.11
C GLY A 87 -8.52 -8.81 1.25
N ALA A 88 -7.74 -8.28 0.33
CA ALA A 88 -8.23 -7.23 -0.56
C ALA A 88 -9.32 -7.79 -1.47
N GLY A 89 -9.38 -9.11 -1.50
CA GLY A 89 -10.37 -9.80 -2.32
C GLY A 89 -9.91 -9.89 -3.78
N MET A 90 -8.81 -10.60 -3.97
CA MET A 90 -8.26 -10.77 -5.30
C MET A 90 -8.18 -12.26 -5.67
N VAL A 91 -9.34 -12.82 -5.99
CA VAL A 91 -9.41 -14.23 -6.36
C VAL A 91 -10.07 -14.35 -7.73
N GLY A 92 -9.73 -15.43 -8.43
CA GLY A 92 -10.28 -15.68 -9.74
C GLY A 92 -10.44 -17.18 -10.00
N THR A 93 -10.83 -17.49 -11.23
CA THR A 93 -11.02 -18.89 -11.61
C THR A 93 -10.59 -19.10 -13.07
N ILE A 94 -10.37 -20.36 -13.40
CA ILE A 94 -9.95 -20.71 -14.75
C ILE A 94 -10.54 -22.07 -15.12
N THR A 95 -11.30 -22.09 -16.21
CA THR A 95 -11.92 -23.31 -16.68
C THR A 95 -11.18 -23.84 -17.91
N VAL A 96 -11.11 -25.15 -17.99
CA VAL A 96 -10.45 -25.80 -19.12
C VAL A 96 -11.37 -26.84 -19.73
N GLU A 97 -12.38 -26.34 -20.44
CA GLU A 97 -13.34 -27.22 -21.08
C GLU A 97 -12.85 -27.63 -22.47
N TYR B 1 -2.66 0.48 1.80
CA TYR B 1 -2.75 1.42 0.66
C TYR B 1 -3.79 2.46 0.93
N PRO B 2 -3.77 3.55 0.23
CA PRO B 2 -4.76 4.56 0.46
C PRO B 2 -6.11 4.02 0.15
N PHE B 3 -6.17 3.06 -0.78
CA PHE B 3 -7.39 2.45 -1.23
C PHE B 3 -8.03 1.77 -0.05
N TYR B 4 -7.21 1.10 0.77
CA TYR B 4 -7.68 0.37 1.92
C TYR B 4 -8.27 1.33 2.91
N ALA B 5 -7.69 2.54 3.06
CA ALA B 5 -8.27 3.50 3.97
C ALA B 5 -9.64 3.85 3.48
N GLN B 6 -9.81 4.06 2.16
CA GLN B 6 -11.09 4.47 1.65
C GLN B 6 -12.14 3.44 1.95
N TYR B 7 -11.84 2.14 1.76
CA TYR B 7 -12.86 1.16 2.04
C TYR B 7 -13.20 1.09 3.49
N ASN B 8 -12.20 1.14 4.37
CA ASN B 8 -12.42 0.99 5.78
C ASN B 8 -13.03 2.19 6.45
N TYR B 9 -12.59 3.43 6.10
CA TYR B 9 -13.08 4.53 6.90
C TYR B 9 -13.62 5.63 6.03
N ASP B 10 -14.84 6.09 6.36
CA ASP B 10 -15.41 7.16 5.60
C ASP B 10 -14.59 8.39 5.88
N SER B 11 -14.20 8.61 7.16
CA SER B 11 -13.41 9.75 7.51
C SER B 11 -12.03 9.27 7.89
N PRO B 12 -11.05 9.76 7.18
CA PRO B 12 -9.67 9.40 7.37
C PRO B 12 -9.04 9.96 8.61
N ARG B 13 -9.66 10.97 9.26
CA ARG B 13 -9.06 11.57 10.41
C ARG B 13 -9.97 11.33 11.57
N GLU B 14 -9.41 10.73 12.64
CA GLU B 14 -10.16 10.41 13.83
C GLU B 14 -10.30 11.68 14.63
N ALA B 15 -11.22 11.66 15.62
CA ALA B 15 -11.51 12.81 16.42
C ALA B 15 -10.26 13.23 17.12
N THR B 16 -9.45 12.24 17.53
CA THR B 16 -8.22 12.48 18.22
C THR B 16 -7.32 13.23 17.29
N GLY B 17 -7.49 13.01 15.97
CA GLY B 17 -6.64 13.66 15.02
C GLY B 17 -5.75 12.62 14.44
N LYS B 18 -5.87 11.38 14.94
CA LYS B 18 -5.07 10.33 14.40
C LYS B 18 -5.62 9.98 13.04
N ILE B 19 -4.72 9.77 12.07
CA ILE B 19 -5.06 9.42 10.72
C ILE B 19 -5.12 7.93 10.65
N VAL B 20 -6.12 7.40 9.92
CA VAL B 20 -6.51 6.01 9.86
C VAL B 20 -5.41 5.10 9.39
N CYS B 21 -4.45 5.60 8.60
CA CYS B 21 -3.42 4.74 8.07
C CYS B 21 -2.71 4.08 9.22
N ALA B 22 -2.71 4.74 10.39
CA ALA B 22 -2.03 4.30 11.57
C ALA B 22 -2.55 2.97 12.01
N ASN B 23 -3.83 2.65 11.72
CA ASN B 23 -4.36 1.41 12.19
C ASN B 23 -3.54 0.26 11.63
N CYS B 24 -3.22 0.31 10.32
CA CYS B 24 -2.41 -0.69 9.64
C CYS B 24 -0.92 -0.52 9.76
N HIS B 25 -0.43 0.74 9.62
CA HIS B 25 0.99 0.99 9.60
C HIS B 25 1.35 1.45 10.96
N LEU B 26 1.84 0.49 11.75
CA LEU B 26 2.09 0.60 13.16
C LEU B 26 3.23 1.52 13.56
N ALA B 27 4.33 1.59 12.78
CA ALA B 27 5.48 2.34 13.22
C ALA B 27 5.37 3.79 12.86
N LYS B 28 6.02 4.66 13.67
CA LYS B 28 5.96 6.07 13.43
C LYS B 28 7.23 6.51 12.76
N LYS B 29 7.09 7.36 11.72
CA LYS B 29 8.19 7.95 11.00
C LYS B 29 7.75 9.34 10.67
N THR B 30 8.71 10.21 10.30
CA THR B 30 8.40 11.60 10.10
C THR B 30 7.65 11.86 8.84
N VAL B 31 6.89 12.98 8.84
CA VAL B 31 6.21 13.43 7.65
C VAL B 31 6.43 14.92 7.62
N GLU B 32 6.69 15.48 6.41
CA GLU B 32 6.90 16.90 6.35
C GLU B 32 6.02 17.50 5.30
N ILE B 33 5.52 18.72 5.56
CA ILE B 33 4.71 19.40 4.59
C ILE B 33 5.02 20.87 4.64
N GLU B 34 5.17 21.52 3.47
CA GLU B 34 5.40 22.94 3.46
C GLU B 34 4.43 23.59 2.52
N VAL B 35 3.85 24.72 2.95
CA VAL B 35 2.91 25.46 2.15
C VAL B 35 3.16 26.92 2.44
N PRO B 36 2.62 27.78 1.62
CA PRO B 36 2.82 29.19 1.81
C PRO B 36 2.10 29.68 3.04
N GLN B 37 2.53 30.83 3.57
CA GLN B 37 1.95 31.40 4.75
C GLN B 37 0.51 31.72 4.45
N ALA B 38 0.24 32.34 3.29
CA ALA B 38 -1.09 32.72 2.98
C ALA B 38 -1.30 32.60 1.50
N VAL B 39 -2.57 32.50 1.08
CA VAL B 39 -2.88 32.41 -0.33
C VAL B 39 -4.12 33.21 -0.62
N LEU B 40 -4.21 33.76 -1.85
CA LEU B 40 -5.33 34.56 -2.27
C LEU B 40 -6.43 33.62 -2.71
N PRO B 41 -7.66 34.07 -2.72
CA PRO B 41 -8.81 33.22 -2.98
C PRO B 41 -8.73 32.19 -4.05
N ASP B 42 -9.19 32.38 -5.28
CA ASP B 42 -9.12 31.26 -6.18
C ASP B 42 -7.77 31.27 -6.81
N THR B 43 -6.76 30.77 -6.05
CA THR B 43 -5.41 30.79 -6.54
C THR B 43 -4.80 29.43 -6.35
N VAL B 44 -3.72 29.13 -7.10
CA VAL B 44 -3.10 27.85 -7.00
C VAL B 44 -1.78 28.01 -6.30
N PHE B 45 -1.45 27.08 -5.38
CA PHE B 45 -0.22 27.14 -4.66
C PHE B 45 0.29 25.74 -4.50
N LYS B 46 1.57 25.58 -4.09
CA LYS B 46 2.12 24.25 -3.99
C LYS B 46 2.23 23.82 -2.57
N ALA B 47 1.91 22.53 -2.32
CA ALA B 47 2.07 21.92 -1.04
C ALA B 47 3.13 20.88 -1.27
N VAL B 48 4.25 20.98 -0.52
CA VAL B 48 5.35 20.08 -0.72
C VAL B 48 5.35 19.05 0.37
N VAL B 49 5.39 17.76 -0.02
CA VAL B 49 5.33 16.68 0.93
C VAL B 49 6.59 15.86 0.82
N LYS B 50 7.17 15.45 1.98
CA LYS B 50 8.34 14.62 1.97
C LYS B 50 8.15 13.53 2.99
N VAL B 51 8.63 12.30 2.68
CA VAL B 51 8.50 11.18 3.57
C VAL B 51 9.85 10.50 3.68
N PRO B 52 10.64 10.91 4.62
CA PRO B 52 11.99 10.40 4.71
C PRO B 52 12.20 9.02 5.22
N TYR B 53 13.18 8.31 4.61
CA TYR B 53 13.64 7.03 5.08
C TYR B 53 14.98 6.82 4.46
N ASP B 54 15.77 5.86 5.00
CA ASP B 54 17.07 5.63 4.45
C ASP B 54 16.89 4.77 3.22
N LEU B 55 17.28 5.31 2.06
CA LEU B 55 17.14 4.65 0.79
C LEU B 55 17.97 3.41 0.76
N ASP B 56 19.06 3.38 1.54
CA ASP B 56 19.93 2.23 1.57
C ASP B 56 19.25 1.02 2.16
N ILE B 57 18.23 1.19 3.04
CA ILE B 57 17.68 0.04 3.69
C ILE B 57 16.51 -0.52 2.94
N GLN B 58 16.51 -1.86 2.75
CA GLN B 58 15.50 -2.59 2.04
C GLN B 58 14.49 -3.13 3.00
N GLN B 59 13.29 -3.45 2.48
CA GLN B 59 12.16 -3.90 3.24
C GLN B 59 11.78 -5.28 2.80
N VAL B 60 11.08 -6.03 3.69
CA VAL B 60 10.62 -7.34 3.37
C VAL B 60 9.43 -7.15 2.47
N GLN B 61 9.40 -7.88 1.34
CA GLN B 61 8.31 -7.76 0.41
C GLN B 61 7.38 -8.93 0.59
N ALA B 62 6.32 -8.99 -0.24
CA ALA B 62 5.30 -9.98 -0.10
C ALA B 62 5.88 -11.37 -0.20
N ASP B 63 6.84 -11.59 -1.11
CA ASP B 63 7.42 -12.90 -1.29
C ASP B 63 8.35 -13.25 -0.16
N GLY B 64 8.79 -12.26 0.63
CA GLY B 64 9.68 -12.50 1.74
C GLY B 64 11.04 -11.98 1.42
N SER B 65 11.30 -11.66 0.13
CA SER B 65 12.58 -11.14 -0.30
C SER B 65 12.66 -9.66 -0.04
N PRO B 66 13.88 -9.17 -0.03
CA PRO B 66 14.08 -7.74 0.15
C PRO B 66 13.84 -6.92 -1.09
N SER B 67 13.34 -5.68 -0.94
CA SER B 67 13.11 -4.83 -2.08
C SER B 67 12.96 -3.41 -1.60
N GLY B 68 12.65 -2.48 -2.53
CA GLY B 68 12.54 -1.07 -2.23
C GLY B 68 11.23 -0.78 -1.57
N LEU B 69 11.07 0.46 -1.07
CA LEU B 69 9.88 0.88 -0.39
C LEU B 69 9.09 1.77 -1.29
N ASN B 70 7.76 1.80 -1.07
CA ASN B 70 6.85 2.64 -1.82
C ASN B 70 6.30 3.61 -0.82
N VAL B 71 5.84 4.78 -1.29
CA VAL B 71 5.36 5.79 -0.38
C VAL B 71 3.99 6.23 -0.81
N GLY B 72 3.25 6.89 0.10
CA GLY B 72 1.93 7.36 -0.21
C GLY B 72 1.53 8.30 0.87
N ALA B 73 0.43 9.07 0.66
CA ALA B 73 0.05 9.99 1.69
C ALA B 73 -1.38 10.41 1.50
N VAL B 74 -1.95 11.00 2.57
CA VAL B 74 -3.26 11.58 2.53
C VAL B 74 -3.04 13.00 2.95
N LEU B 75 -3.51 13.97 2.13
CA LEU B 75 -3.33 15.35 2.47
C LEU B 75 -4.68 15.94 2.68
N MET B 76 -4.99 16.38 3.92
CA MET B 76 -6.31 16.89 4.16
C MET B 76 -6.26 18.38 4.16
N LEU B 77 -6.92 18.97 3.15
CA LEU B 77 -6.98 20.40 3.00
C LEU B 77 -8.26 20.88 3.60
N PRO B 78 -8.35 22.17 3.78
CA PRO B 78 -9.53 22.76 4.36
C PRO B 78 -10.67 22.69 3.41
N GLU B 79 -11.91 22.92 3.91
CA GLU B 79 -13.08 22.85 3.07
C GLU B 79 -12.91 23.81 1.94
N GLY B 80 -13.33 23.37 0.74
CA GLY B 80 -13.35 24.20 -0.43
C GLY B 80 -12.07 24.08 -1.21
N PHE B 81 -10.99 23.60 -0.57
CA PHE B 81 -9.73 23.45 -1.26
C PHE B 81 -9.77 22.18 -2.06
N LYS B 82 -9.13 22.19 -3.25
CA LYS B 82 -9.09 21.01 -4.06
C LYS B 82 -7.80 21.01 -4.83
N LEU B 83 -7.47 19.86 -5.47
CA LEU B 83 -6.29 19.80 -6.28
C LEU B 83 -6.60 20.69 -7.44
N ALA B 84 -5.59 21.42 -7.97
CA ALA B 84 -5.86 22.37 -9.02
C ALA B 84 -6.03 21.67 -10.32
N PRO B 85 -6.93 22.18 -11.13
CA PRO B 85 -7.13 21.65 -12.45
C PRO B 85 -5.97 22.10 -13.29
N PRO B 86 -5.64 21.33 -14.28
CA PRO B 86 -4.49 21.62 -15.11
C PRO B 86 -4.56 22.99 -15.69
N GLU B 87 -5.76 23.45 -16.08
CA GLU B 87 -5.95 24.70 -16.77
C GLU B 87 -5.55 25.81 -15.87
N ARG B 88 -5.81 25.63 -14.57
CA ARG B 88 -5.56 26.59 -13.53
C ARG B 88 -4.10 26.74 -13.20
N VAL B 89 -3.25 25.74 -13.45
CA VAL B 89 -1.87 25.86 -13.04
C VAL B 89 -1.13 26.81 -13.92
N ASP B 90 -0.45 27.81 -13.31
CA ASP B 90 0.24 28.77 -14.11
C ASP B 90 1.46 28.15 -14.73
N GLU B 91 1.99 28.82 -15.78
CA GLU B 91 3.00 28.28 -16.65
C GLU B 91 4.28 27.94 -15.96
N GLU B 92 4.83 28.82 -15.11
CA GLU B 92 6.11 28.52 -14.54
C GLU B 92 6.00 27.28 -13.71
N LEU B 93 4.88 27.15 -12.99
CA LEU B 93 4.60 26.12 -12.03
C LEU B 93 4.37 24.74 -12.57
N MET B 94 3.83 24.58 -13.79
CA MET B 94 3.37 23.29 -14.24
C MET B 94 4.44 22.25 -14.16
N GLU B 95 5.68 22.57 -14.54
CA GLU B 95 6.72 21.59 -14.49
C GLU B 95 7.08 21.22 -13.07
N GLU B 96 6.96 22.19 -12.14
CA GLU B 96 7.33 22.08 -10.75
C GLU B 96 6.45 21.14 -9.98
N VAL B 97 5.20 20.93 -10.42
CA VAL B 97 4.28 20.17 -9.64
C VAL B 97 4.17 18.77 -10.16
N GLY B 98 3.71 17.84 -9.31
CA GLY B 98 3.57 16.48 -9.73
C GLY B 98 2.59 16.52 -10.83
N ASP B 99 2.58 15.46 -11.69
CA ASP B 99 1.62 15.39 -12.75
C ASP B 99 0.34 15.53 -12.03
N PHE B 100 -0.24 16.72 -12.23
CA PHE B 100 -1.34 17.17 -11.44
C PHE B 100 -2.42 16.19 -11.53
N TYR B 101 -2.80 15.79 -12.74
CA TYR B 101 -3.93 14.95 -12.65
C TYR B 101 -3.67 13.61 -12.07
N TYR B 102 -2.72 12.91 -12.70
CA TYR B 102 -2.53 11.49 -12.52
C TYR B 102 -2.22 11.08 -11.13
N LEU B 103 -1.29 11.76 -10.46
CA LEU B 103 -0.88 11.32 -9.15
C LEU B 103 -1.97 11.43 -8.12
N VAL B 104 -2.86 12.44 -8.25
CA VAL B 104 -3.80 12.75 -7.19
C VAL B 104 -5.18 12.20 -7.38
N THR B 105 -5.72 11.58 -6.30
CA THR B 105 -7.05 11.04 -6.31
C THR B 105 -7.81 11.56 -5.12
N PRO B 106 -9.06 11.91 -5.31
CA PRO B 106 -9.86 12.39 -4.21
C PRO B 106 -10.26 11.25 -3.33
N TYR B 107 -10.46 11.52 -2.03
CA TYR B 107 -10.80 10.50 -1.08
C TYR B 107 -12.15 9.95 -1.44
N SER B 108 -13.08 10.86 -1.80
CA SER B 108 -14.42 10.50 -2.19
C SER B 108 -14.94 11.63 -3.01
N GLU B 109 -16.14 11.46 -3.60
CA GLU B 109 -16.69 12.48 -4.45
C GLU B 109 -16.92 13.73 -3.66
N THR B 110 -17.47 13.58 -2.43
CA THR B 110 -17.78 14.67 -1.54
C THR B 110 -16.53 15.27 -0.95
N ASP B 111 -15.49 14.43 -0.78
CA ASP B 111 -14.20 14.54 -0.15
C ASP B 111 -13.06 15.14 -0.95
N GLU B 112 -13.32 15.92 -2.02
CA GLU B 112 -12.29 16.40 -2.90
C GLU B 112 -11.18 17.13 -2.19
N ASN B 113 -11.45 17.70 -0.99
CA ASN B 113 -10.46 18.39 -0.20
C ASN B 113 -9.44 17.42 0.35
N ILE B 114 -9.76 16.11 0.42
CA ILE B 114 -8.82 15.14 0.92
C ILE B 114 -8.21 14.43 -0.26
N LEU B 115 -6.88 14.57 -0.42
CA LEU B 115 -6.14 14.09 -1.56
C LEU B 115 -5.28 12.92 -1.18
N LEU B 116 -5.28 11.87 -2.03
CA LEU B 116 -4.50 10.68 -1.79
C LEU B 116 -3.50 10.55 -2.90
N ALA B 117 -2.28 10.06 -2.57
CA ALA B 117 -1.28 9.83 -3.58
C ALA B 117 -0.60 8.53 -3.21
N GLY B 118 -0.12 7.78 -4.21
CA GLY B 118 0.60 6.57 -3.94
C GLY B 118 -0.29 5.38 -4.07
N PRO B 119 0.30 4.20 -4.00
CA PRO B 119 1.72 4.11 -3.79
C PRO B 119 2.56 4.50 -4.96
N LEU B 120 3.73 5.11 -4.67
CA LEU B 120 4.68 5.54 -5.67
C LEU B 120 6.01 5.00 -5.23
N PRO B 121 6.93 4.83 -6.14
CA PRO B 121 8.23 4.34 -5.77
C PRO B 121 8.94 5.37 -4.94
N GLY B 122 9.49 4.98 -3.79
CA GLY B 122 10.11 5.88 -2.86
C GLY B 122 11.33 6.51 -3.46
N GLU B 123 12.10 5.75 -4.25
CA GLU B 123 13.33 6.28 -4.78
C GLU B 123 13.03 7.42 -5.71
N ASP B 124 11.93 7.31 -6.49
CA ASP B 124 11.55 8.28 -7.47
C ASP B 124 11.04 9.56 -6.86
N TYR B 125 10.23 9.49 -5.77
CA TYR B 125 9.63 10.71 -5.31
C TYR B 125 10.18 11.15 -3.99
N GLN B 126 11.23 11.98 -4.03
CA GLN B 126 11.78 12.54 -2.82
C GLN B 126 10.82 13.55 -2.30
N GLU B 127 10.17 14.27 -3.22
CA GLU B 127 9.25 15.31 -2.85
C GLU B 127 8.02 15.09 -3.69
N MET B 128 6.82 15.25 -3.09
CA MET B 128 5.61 15.12 -3.85
C MET B 128 5.00 16.47 -3.80
N ILE B 129 4.79 17.12 -4.95
CA ILE B 129 4.28 18.47 -4.89
C ILE B 129 2.88 18.52 -5.40
N PHE B 130 1.94 18.92 -4.52
CA PHE B 130 0.55 18.95 -4.91
C PHE B 130 0.18 20.35 -5.31
N PRO B 131 -0.36 20.53 -6.49
CA PRO B 131 -0.85 21.79 -6.97
C PRO B 131 -2.16 21.98 -6.27
N ILE B 132 -2.39 23.08 -5.54
CA ILE B 132 -3.65 23.15 -4.85
C ILE B 132 -4.37 24.42 -5.20
N LEU B 133 -5.69 24.32 -5.40
CA LEU B 133 -6.46 25.49 -5.74
C LEU B 133 -7.31 25.88 -4.55
N SER B 134 -7.17 27.13 -4.08
CA SER B 134 -7.94 27.62 -2.96
C SER B 134 -9.34 27.97 -3.41
N PRO B 135 -10.28 27.95 -2.48
CA PRO B 135 -11.66 28.30 -2.74
C PRO B 135 -11.86 29.78 -2.79
N ASN B 136 -13.08 30.24 -3.16
CA ASN B 136 -13.37 31.66 -3.15
C ASN B 136 -14.58 31.87 -2.30
N PRO B 137 -14.40 32.48 -1.16
CA PRO B 137 -15.50 32.67 -0.25
C PRO B 137 -16.57 33.57 -0.77
N ALA B 138 -16.26 34.50 -1.69
CA ALA B 138 -17.29 35.36 -2.14
C ALA B 138 -18.34 34.52 -2.81
N THR B 139 -17.87 33.59 -3.67
CA THR B 139 -18.74 32.69 -4.37
C THR B 139 -19.24 31.59 -3.48
N ASP B 140 -18.40 31.10 -2.55
CA ASP B 140 -18.77 29.93 -1.77
C ASP B 140 -19.04 30.31 -0.34
N ALA B 141 -20.31 30.12 0.08
CA ALA B 141 -20.83 30.42 1.39
C ALA B 141 -20.20 29.56 2.44
N GLY B 142 -19.91 28.28 2.08
CA GLY B 142 -19.41 27.30 2.99
C GLY B 142 -18.08 27.72 3.55
N VAL B 143 -17.26 28.47 2.79
CA VAL B 143 -15.96 28.81 3.29
C VAL B 143 -15.82 30.29 3.51
N TYR B 144 -14.99 30.65 4.51
CA TYR B 144 -14.75 32.03 4.81
C TYR B 144 -13.26 32.24 4.85
N PHE B 145 -12.82 33.51 4.85
CA PHE B 145 -11.41 33.80 4.92
C PHE B 145 -11.01 33.57 6.34
N GLY B 146 -9.75 33.15 6.56
CA GLY B 146 -9.30 32.91 7.91
C GLY B 146 -8.11 32.00 7.84
N LYS B 147 -7.63 31.56 9.03
CA LYS B 147 -6.50 30.69 9.09
C LYS B 147 -7.01 29.28 9.18
N TYR B 148 -6.39 28.35 8.43
CA TYR B 148 -6.89 27.00 8.45
C TYR B 148 -5.76 26.03 8.64
N SER B 149 -6.09 24.80 9.06
CA SER B 149 -5.10 23.80 9.30
C SER B 149 -5.15 22.78 8.21
N ILE B 150 -3.98 22.21 7.87
CA ILE B 150 -3.87 21.20 6.86
C ILE B 150 -3.26 20.02 7.58
N HIS B 151 -3.79 18.80 7.34
CA HIS B 151 -3.28 17.66 8.04
C HIS B 151 -2.66 16.72 7.06
N LEU B 152 -1.44 16.25 7.35
CA LEU B 152 -0.77 15.35 6.47
C LEU B 152 -0.55 14.03 7.16
N GLY B 153 -0.77 12.93 6.42
CA GLY B 153 -0.49 11.60 6.89
C GLY B 153 0.36 11.00 5.81
N GLY B 154 1.60 10.55 6.15
CA GLY B 154 2.45 10.06 5.10
C GLY B 154 3.08 8.75 5.51
N ASN B 155 3.13 7.80 4.57
CA ASN B 155 3.64 6.50 4.91
C ASN B 155 4.64 6.02 3.89
N ARG B 156 5.56 5.13 4.36
CA ARG B 156 6.50 4.48 3.49
C ARG B 156 6.56 3.06 3.99
N GLY B 157 6.63 2.07 3.09
CA GLY B 157 6.80 0.72 3.52
C GLY B 157 5.48 0.02 3.72
N ARG B 158 5.52 -1.32 3.69
CA ARG B 158 4.37 -2.17 3.78
C ARG B 158 3.82 -2.18 5.17
N GLY B 159 2.47 -2.30 5.27
CA GLY B 159 1.78 -2.27 6.53
C GLY B 159 1.87 -3.60 7.22
N GLN B 160 1.54 -3.59 8.52
CA GLN B 160 1.51 -4.70 9.43
C GLN B 160 0.26 -5.53 9.33
N VAL B 161 -0.91 -4.92 9.03
CA VAL B 161 -2.14 -5.65 9.06
C VAL B 161 -2.88 -5.45 7.78
N TYR B 162 -3.78 -6.40 7.45
CA TYR B 162 -4.53 -6.35 6.22
C TYR B 162 -5.94 -6.01 6.60
N PRO B 163 -6.72 -5.56 5.65
CA PRO B 163 -8.10 -5.27 5.92
C PRO B 163 -8.80 -6.52 6.32
N THR B 164 -8.16 -7.67 6.05
CA THR B 164 -8.65 -8.95 6.46
C THR B 164 -8.61 -8.95 7.95
N GLY B 165 -7.60 -8.28 8.53
CA GLY B 165 -7.44 -8.26 9.95
C GLY B 165 -6.30 -9.16 10.30
N GLU B 166 -5.79 -9.92 9.30
CA GLU B 166 -4.69 -10.79 9.55
C GLU B 166 -3.41 -10.03 9.38
N LEU B 167 -2.35 -10.49 10.09
CA LEU B 167 -1.07 -9.83 10.07
C LEU B 167 -0.34 -10.17 8.81
N SER B 168 0.48 -9.20 8.34
CA SER B 168 1.29 -9.36 7.17
C SER B 168 2.59 -9.97 7.59
N ASN B 169 3.47 -10.26 6.61
CA ASN B 169 4.78 -10.81 6.84
C ASN B 169 5.70 -9.75 7.39
N ASN B 170 5.32 -8.46 7.31
CA ASN B 170 6.18 -7.42 7.81
C ASN B 170 5.75 -7.07 9.21
N ASN B 171 5.78 -8.05 10.14
CA ASN B 171 5.35 -7.80 11.50
C ASN B 171 5.98 -8.81 12.41
N ALA B 172 5.93 -8.57 13.74
CA ALA B 172 6.49 -9.51 14.67
C ALA B 172 5.50 -10.62 14.92
N PHE B 173 6.02 -11.86 15.12
CA PHE B 173 5.16 -12.99 15.40
C PHE B 173 5.51 -13.47 16.78
N SER B 174 4.49 -13.85 17.60
CA SER B 174 4.76 -14.19 18.98
C SER B 174 4.34 -15.60 19.30
N ALA B 175 4.97 -16.18 20.35
CA ALA B 175 4.69 -17.52 20.77
C ALA B 175 3.28 -17.60 21.25
N SER B 176 2.52 -18.56 20.69
CA SER B 176 1.15 -18.76 21.03
C SER B 176 1.07 -19.31 22.42
N ILE B 177 2.12 -20.03 22.87
CA ILE B 177 2.09 -20.60 24.19
C ILE B 177 3.49 -20.73 24.70
N ALA B 178 3.65 -20.85 26.05
CA ALA B 178 4.93 -21.00 26.66
C ALA B 178 5.37 -22.43 26.57
N GLY B 179 6.69 -22.67 26.48
CA GLY B 179 7.18 -24.02 26.40
C GLY B 179 8.57 -24.00 25.84
N THR B 180 9.04 -25.17 25.34
CA THR B 180 10.36 -25.24 24.79
C THR B 180 10.26 -25.52 23.32
N ILE B 181 11.21 -24.99 22.53
CA ILE B 181 11.13 -25.13 21.10
C ILE B 181 11.83 -26.39 20.70
N ALA B 182 11.04 -27.41 20.34
CA ALA B 182 11.53 -28.68 19.90
C ALA B 182 12.18 -28.58 18.55
N ALA B 183 11.57 -27.82 17.61
CA ALA B 183 12.17 -27.77 16.31
C ALA B 183 11.57 -26.65 15.51
N ILE B 184 12.24 -26.27 14.40
CA ILE B 184 11.75 -25.27 13.49
C ILE B 184 12.07 -25.70 12.06
N GLU B 185 11.15 -25.52 11.09
CA GLU B 185 11.31 -25.96 9.70
C GLU B 185 11.37 -24.74 8.78
N ASP B 186 11.97 -24.80 7.53
CA ASP B 186 12.13 -23.53 6.82
C ASP B 186 12.15 -23.45 5.27
N ASN B 187 11.15 -22.77 4.62
CA ASN B 187 11.17 -22.42 3.20
C ASN B 187 11.17 -20.93 3.17
N GLY B 188 11.95 -20.37 4.10
CA GLY B 188 11.92 -18.95 4.29
C GLY B 188 10.88 -18.81 5.34
N PHE B 189 9.76 -19.55 5.13
CA PHE B 189 8.66 -19.62 6.05
C PHE B 189 9.14 -20.53 7.10
N GLY B 190 8.78 -20.23 8.34
CA GLY B 190 9.01 -21.24 9.29
C GLY B 190 7.64 -21.73 9.31
N PHE B 191 7.47 -22.87 8.64
CA PHE B 191 6.20 -23.48 8.52
C PHE B 191 5.84 -23.64 9.93
N ASP B 192 6.85 -23.97 10.76
CA ASP B 192 6.43 -24.07 12.10
C ASP B 192 7.55 -23.95 13.07
N VAL B 193 7.21 -23.31 14.19
CA VAL B 193 8.05 -23.38 15.35
C VAL B 193 7.23 -24.28 16.22
N THR B 194 7.79 -25.43 16.61
CA THR B 194 7.02 -26.33 17.42
C THR B 194 7.40 -26.09 18.84
N ILE B 195 6.38 -25.89 19.70
CA ILE B 195 6.66 -25.62 21.07
C ILE B 195 6.05 -26.68 21.91
N GLN B 196 6.79 -27.16 22.92
CA GLN B 196 6.30 -28.19 23.80
C GLN B 196 5.87 -27.51 25.07
N PRO B 197 4.59 -27.48 25.30
CA PRO B 197 4.12 -26.91 26.53
C PRO B 197 4.43 -27.70 27.76
N GLU B 198 4.12 -27.07 28.90
CA GLU B 198 4.45 -27.50 30.23
C GLU B 198 3.90 -28.87 30.50
N ASP B 199 2.78 -29.27 29.86
CA ASP B 199 2.27 -30.55 30.24
C ASP B 199 2.09 -31.50 29.08
N GLY B 200 3.12 -31.68 28.22
CA GLY B 200 3.07 -32.73 27.24
C GLY B 200 2.59 -32.27 25.89
N ASP B 201 1.74 -31.24 25.81
CA ASP B 201 1.18 -30.86 24.53
C ASP B 201 2.25 -30.25 23.67
N ALA B 202 2.02 -30.25 22.34
CA ALA B 202 2.93 -29.61 21.43
C ALA B 202 2.10 -28.78 20.49
N VAL B 203 2.49 -27.50 20.30
CA VAL B 203 1.74 -26.60 19.48
C VAL B 203 2.63 -26.10 18.39
N VAL B 204 2.03 -25.62 17.28
CA VAL B 204 2.88 -25.19 16.21
C VAL B 204 2.49 -23.80 15.81
N THR B 205 3.48 -22.89 15.70
CA THR B 205 3.18 -21.53 15.33
C THR B 205 3.80 -21.31 13.98
N SER B 206 3.00 -20.84 13.01
CA SER B 206 3.51 -20.68 11.68
C SER B 206 3.86 -19.25 11.47
N ILE B 207 5.06 -19.02 10.88
CA ILE B 207 5.46 -17.67 10.60
C ILE B 207 5.81 -17.65 9.14
N LEU B 208 5.45 -16.56 8.44
CA LEU B 208 5.69 -16.44 7.02
C LEU B 208 7.12 -16.03 6.79
N PRO B 209 7.62 -16.17 5.57
CA PRO B 209 8.96 -15.79 5.23
C PRO B 209 9.07 -14.31 5.45
N GLY B 210 10.26 -13.81 5.84
CA GLY B 210 10.46 -12.39 6.00
C GLY B 210 10.92 -12.04 7.39
N PRO B 211 10.18 -12.35 8.42
CA PRO B 211 10.64 -12.00 9.74
C PRO B 211 11.80 -12.88 10.08
N GLU B 212 12.73 -12.44 10.95
CA GLU B 212 13.85 -13.27 11.25
C GLU B 212 13.69 -13.85 12.63
N LEU B 213 13.87 -15.18 12.74
CA LEU B 213 13.69 -15.86 13.98
C LEU B 213 14.77 -15.47 14.94
N ILE B 214 14.32 -15.03 16.13
CA ILE B 214 15.07 -14.66 17.30
C ILE B 214 15.50 -15.88 18.06
N VAL B 215 14.70 -16.97 18.01
CA VAL B 215 14.89 -18.11 18.86
C VAL B 215 15.51 -19.26 18.17
N ALA B 216 16.04 -20.21 18.97
CA ALA B 216 16.70 -21.39 18.48
C ALA B 216 16.07 -22.58 19.13
N VAL B 217 16.25 -23.75 18.52
CA VAL B 217 15.66 -24.95 19.04
C VAL B 217 16.30 -25.22 20.37
N GLY B 218 15.48 -25.75 21.31
CA GLY B 218 15.93 -26.10 22.62
C GLY B 218 15.79 -24.90 23.51
N ASP B 219 15.21 -23.81 22.99
CA ASP B 219 15.09 -22.61 23.78
C ASP B 219 13.71 -22.54 24.36
N THR B 220 13.61 -22.05 25.61
CA THR B 220 12.33 -21.90 26.25
C THR B 220 11.80 -20.54 25.92
N VAL B 221 10.47 -20.42 25.79
CA VAL B 221 9.88 -19.14 25.49
C VAL B 221 8.62 -18.98 26.28
N GLU B 222 8.33 -17.74 26.70
CA GLU B 222 7.12 -17.47 27.44
C GLU B 222 6.03 -17.20 26.44
N ALA B 223 4.76 -17.31 26.87
CA ALA B 223 3.69 -17.08 25.95
C ALA B 223 3.71 -15.64 25.56
N GLY B 224 3.50 -15.37 24.26
CA GLY B 224 3.42 -14.04 23.76
C GLY B 224 4.79 -13.49 23.50
N GLN B 225 5.85 -14.26 23.83
CA GLN B 225 7.15 -13.69 23.61
C GLN B 225 7.44 -13.69 22.15
N LEU B 226 8.35 -12.78 21.71
CA LEU B 226 8.61 -12.64 20.31
C LEU B 226 9.47 -13.75 19.79
N LEU B 227 8.95 -14.42 18.74
CA LEU B 227 9.59 -15.46 17.98
C LEU B 227 10.53 -14.87 16.99
N THR B 228 10.25 -13.64 16.54
CA THR B 228 11.01 -13.04 15.48
C THR B 228 11.31 -11.60 15.82
N THR B 229 12.18 -10.97 15.02
CA THR B 229 12.48 -9.58 15.23
C THR B 229 11.35 -8.84 14.60
N ASN B 230 11.45 -7.50 14.57
CA ASN B 230 10.46 -6.74 13.87
C ASN B 230 11.13 -6.31 12.61
N PRO B 231 10.74 -6.88 11.50
CA PRO B 231 11.36 -6.60 10.24
C PRO B 231 10.99 -5.25 9.66
N ASN B 232 9.99 -4.57 10.22
CA ASN B 232 9.48 -3.33 9.68
C ASN B 232 10.53 -2.27 9.61
N VAL B 233 10.81 -1.79 8.36
CA VAL B 233 11.69 -0.71 7.98
C VAL B 233 11.01 0.63 7.84
N GLY B 234 9.69 0.65 7.59
CA GLY B 234 9.02 1.89 7.25
C GLY B 234 8.24 2.45 8.39
N GLY B 235 7.23 3.29 8.06
CA GLY B 235 6.42 3.84 9.11
C GLY B 235 5.53 4.91 8.56
N PHE B 236 4.58 5.36 9.41
CA PHE B 236 3.60 6.35 9.06
C PHE B 236 3.71 7.48 10.03
N GLY B 237 3.61 8.74 9.56
CA GLY B 237 3.74 9.86 10.44
C GLY B 237 2.75 10.92 10.03
N GLN B 238 2.49 11.89 10.94
CA GLN B 238 1.56 12.92 10.63
C GLN B 238 2.16 14.25 10.98
N MET B 239 1.75 15.31 10.26
CA MET B 239 2.19 16.62 10.60
C MET B 239 1.15 17.59 10.15
N ASP B 240 0.96 18.66 10.94
CA ASP B 240 -0.05 19.65 10.67
C ASP B 240 0.64 20.94 10.35
N SER B 241 -0.01 21.77 9.52
CA SER B 241 0.51 23.07 9.18
C SER B 241 -0.68 23.97 9.05
N GLU B 242 -0.46 25.30 8.97
CA GLU B 242 -1.57 26.19 8.85
C GLU B 242 -1.35 27.05 7.66
N ILE B 243 -2.44 27.56 7.05
CA ILE B 243 -2.35 28.45 5.93
C ILE B 243 -3.43 29.48 6.10
N VAL B 244 -3.18 30.72 5.62
CA VAL B 244 -4.15 31.77 5.79
C VAL B 244 -4.82 32.02 4.48
N LEU B 245 -6.17 31.93 4.46
CA LEU B 245 -6.91 32.21 3.25
C LEU B 245 -7.11 33.69 3.33
N GLN B 246 -6.42 34.44 2.45
CA GLN B 246 -6.34 35.88 2.55
C GLN B 246 -7.28 36.58 1.62
N SER B 247 -7.59 37.85 1.97
CA SER B 247 -8.45 38.67 1.16
C SER B 247 -7.56 39.47 0.27
N SER B 248 -7.96 39.62 -1.00
CA SER B 248 -7.16 40.32 -1.96
C SER B 248 -7.07 41.74 -1.57
N SER B 249 -6.02 42.39 -2.07
CA SER B 249 -5.82 43.77 -1.77
C SER B 249 -5.75 43.91 -0.26
CU CU C . -2.45 -8.89 -6.38
FE HEC D . -1.23 0.87 3.40
CHA HEC D . 1.05 -0.95 1.67
CHB HEC D . 0.09 3.77 2.17
CHC HEC D . -3.78 2.62 4.79
CHD HEC D . -2.21 -1.90 5.03
NA HEC D . 0.18 1.32 2.10
C1A HEC D . 1.01 0.45 1.45
C2A HEC D . 1.93 1.15 0.56
C3A HEC D . 1.69 2.47 0.74
C4A HEC D . 0.59 2.58 1.68
CMA HEC D . 2.44 3.61 0.08
CAA HEC D . 2.98 0.47 -0.32
CBA HEC D . 4.28 0.43 0.54
CGA HEC D . 5.39 -0.40 -0.08
O1A HEC D . 6.58 -0.12 0.23
O2A HEC D . 5.09 -1.33 -0.86
NB HEC D . -1.73 2.78 3.49
C1B HEC D . -0.99 3.88 3.01
C2B HEC D . -1.66 5.15 3.38
C3B HEC D . -2.78 4.84 4.12
C4B HEC D . -2.81 3.36 4.13
CMB HEC D . -1.14 6.54 3.12
CAB HEC D . -3.70 5.73 4.78
CBB HEC D . -4.33 6.82 3.90
NC HEC D . -2.75 0.45 4.55
C1C HEC D . -3.74 1.26 5.02
C2C HEC D . -4.68 0.54 5.85
C3C HEC D . -4.26 -0.72 5.93
C4C HEC D . -3.03 -0.78 5.14
CMC HEC D . -5.95 1.16 6.42
CAC HEC D . -4.83 -1.80 6.71
CBC HEC D . -6.32 -2.18 6.43
ND HEC D . -0.71 -1.03 3.33
C1D HEC D . -1.15 -2.03 4.18
C2D HEC D . -0.43 -3.28 3.98
C3D HEC D . 0.43 -3.03 2.97
C4D HEC D . 0.25 -1.64 2.58
CMD HEC D . -0.56 -4.63 4.76
CAD HEC D . 1.36 -4.02 2.31
CBD HEC D . 0.73 -4.78 1.14
CGD HEC D . 1.70 -5.77 0.54
O1D HEC D . 1.52 -6.99 0.77
O2D HEC D . 2.66 -5.30 -0.14
HHA HEC D . 1.76 -1.53 1.10
HHB HEC D . 0.58 4.68 1.86
HHC HEC D . -4.65 3.14 5.16
HHD HEC D . -2.44 -2.73 5.68
HMA1 HEC D . 2.04 3.77 -0.92
HMA2 HEC D . 3.48 3.37 0.01
HMA3 HEC D . 2.31 4.51 0.65
HAA1 HEC D . 3.14 1.05 -1.23
HAA2 HEC D . 2.65 -0.52 -0.59
HBA1 HEC D . 4.03 0.00 1.50
HBA2 HEC D . 4.63 1.44 0.67
HMB1 HEC D . -1.48 6.87 2.14
HMB2 HEC D . -0.06 6.54 3.14
HMB3 HEC D . -1.51 7.22 3.87
HAB HEC D . -4.54 5.16 5.16
HBB1 HEC D . -5.31 6.51 3.57
HBB2 HEC D . -4.42 7.74 4.48
HBB3 HEC D . -3.70 7.01 3.04
HMC1 HEC D . -5.85 1.24 7.50
HMC2 HEC D . -6.79 0.53 6.19
HMC3 HEC D . -6.09 2.14 6.00
HAC HEC D . -5.45 -1.53 7.52
HBC1 HEC D . -6.74 -2.68 7.30
HBC2 HEC D . -6.89 -1.29 6.22
HBC3 HEC D . -6.37 -2.85 5.57
HMD1 HEC D . 0.13 -4.64 5.58
HMD2 HEC D . -0.34 -5.44 4.09
HMD3 HEC D . -1.57 -4.73 5.13
HAD1 HEC D . 1.66 -4.75 3.05
HAD2 HEC D . 2.22 -3.49 1.94
HBD1 HEC D . 0.43 -4.07 0.38
HBD2 HEC D . -0.15 -5.31 1.49
N ALA A 1 -3.04 -11.50 -31.04
CA ALA A 1 -2.51 -10.20 -31.38
C ALA A 1 -1.74 -9.64 -30.18
N SER A 2 -0.89 -8.65 -30.48
CA SER A 2 -0.09 -8.03 -29.43
C SER A 2 -1.01 -7.46 -28.35
N VAL A 3 -0.71 -7.85 -27.11
CA VAL A 3 -1.50 -7.39 -25.98
C VAL A 3 -0.57 -6.70 -24.98
N GLN A 4 -1.18 -6.17 -23.92
CA GLN A 4 -0.43 -5.49 -22.89
C GLN A 4 -1.02 -5.79 -21.51
N ILE A 5 -0.15 -5.75 -20.51
CA ILE A 5 -0.57 -6.01 -19.15
C ILE A 5 -0.39 -4.74 -18.30
N LYS A 6 -1.52 -4.18 -17.89
CA LYS A 6 -1.49 -2.97 -17.09
C LYS A 6 -1.51 -3.35 -15.60
N MET A 7 -0.63 -2.72 -14.84
CA MET A 7 -0.54 -2.98 -13.42
C MET A 7 -1.15 -1.82 -12.61
N GLY A 8 -2.39 -2.01 -12.22
CA GLY A 8 -3.10 -1.00 -11.45
C GLY A 8 -4.32 -0.48 -12.20
N THR A 9 -5.36 -0.18 -11.44
CA THR A 9 -6.59 0.33 -12.03
C THR A 9 -6.77 1.81 -11.70
N ASP A 10 -7.60 2.47 -12.49
CA ASP A 10 -7.87 3.88 -12.30
C ASP A 10 -8.44 4.10 -10.89
N LYS A 11 -8.88 3.00 -10.29
CA LYS A 11 -9.46 3.07 -8.95
C LYS A 11 -8.35 2.85 -7.93
N TYR A 12 -7.19 3.44 -8.20
CA TYR A 12 -6.06 3.32 -7.31
C TYR A 12 -5.97 1.92 -6.72
N ALA A 13 -6.45 0.96 -7.49
CA ALA A 13 -6.44 -0.43 -7.05
C ALA A 13 -5.33 -1.18 -7.79
N PRO A 14 -4.34 -1.69 -7.01
CA PRO A 14 -3.23 -2.43 -7.58
C PRO A 14 -3.67 -3.83 -8.00
N LEU A 15 -3.96 -3.97 -9.28
CA LEU A 15 -4.38 -5.25 -9.83
C LEU A 15 -3.96 -5.34 -11.30
N TYR A 16 -3.73 -6.57 -11.73
CA TYR A 16 -3.33 -6.82 -13.11
C TYR A 16 -4.52 -6.71 -14.06
N GLU A 17 -4.37 -5.87 -15.07
CA GLU A 17 -5.42 -5.67 -16.05
C GLU A 17 -4.85 -5.79 -17.46
N PRO A 18 -5.60 -6.54 -18.32
CA PRO A 18 -6.83 -7.17 -17.88
C PRO A 18 -6.55 -8.40 -17.00
N LYS A 19 -7.37 -8.54 -15.97
CA LYS A 19 -7.22 -9.65 -15.05
C LYS A 19 -6.87 -10.91 -15.84
N ALA A 20 -7.52 -11.06 -16.98
CA ALA A 20 -7.30 -12.22 -17.83
C ALA A 20 -6.81 -11.74 -19.20
N LEU A 21 -5.94 -12.56 -19.79
CA LEU A 21 -5.38 -12.24 -21.10
C LEU A 21 -5.24 -13.52 -21.91
N SER A 22 -5.52 -13.40 -23.20
CA SER A 22 -5.42 -14.55 -24.09
C SER A 22 -4.61 -14.17 -25.34
N ILE A 23 -3.84 -15.13 -25.81
CA ILE A 23 -3.00 -14.92 -26.98
C ILE A 23 -2.73 -16.26 -27.66
N SER A 24 -1.94 -16.20 -28.72
CA SER A 24 -1.59 -17.40 -29.47
C SER A 24 -0.07 -17.59 -29.46
N ALA A 25 0.33 -18.83 -29.70
CA ALA A 25 1.75 -19.16 -29.73
C ALA A 25 2.45 -18.31 -30.78
N GLY A 26 3.19 -17.32 -30.31
CA GLY A 26 3.91 -16.43 -31.20
C GLY A 26 3.54 -14.97 -30.94
N ASP A 27 2.54 -14.79 -30.09
CA ASP A 27 2.08 -13.46 -29.74
C ASP A 27 2.98 -12.87 -28.66
N THR A 28 2.74 -11.60 -28.36
CA THR A 28 3.52 -10.92 -27.35
C THR A 28 2.61 -10.35 -26.25
N VAL A 29 3.19 -10.20 -25.07
CA VAL A 29 2.45 -9.69 -23.93
C VAL A 29 3.25 -8.57 -23.26
N GLU A 30 2.84 -7.34 -23.54
CA GLU A 30 3.51 -6.18 -22.98
C GLU A 30 3.07 -5.97 -21.53
N PHE A 31 3.78 -5.07 -20.86
CA PHE A 31 3.47 -4.77 -19.47
C PHE A 31 3.78 -3.30 -19.16
N VAL A 32 2.74 -2.60 -18.72
CA VAL A 32 2.89 -1.19 -18.38
C VAL A 32 2.40 -0.97 -16.93
N MET A 33 2.92 0.09 -16.33
CA MET A 33 2.56 0.42 -14.96
C MET A 33 1.48 1.50 -14.93
N ASN A 34 0.34 1.15 -14.36
CA ASN A 34 -0.77 2.07 -14.26
C ASN A 34 -0.52 3.04 -13.10
N LYS A 35 -0.53 2.48 -11.89
CA LYS A 35 -0.30 3.28 -10.70
C LYS A 35 -0.07 2.35 -9.51
N VAL A 36 -0.11 2.94 -8.32
CA VAL A 36 0.09 2.18 -7.09
C VAL A 36 1.29 1.27 -7.26
N GLY A 37 2.42 1.88 -7.62
CA GLY A 37 3.64 1.12 -7.82
C GLY A 37 4.48 1.09 -6.53
N PRO A 38 5.72 0.55 -6.68
CA PRO A 38 6.18 0.05 -7.95
C PRO A 38 5.53 -1.29 -8.29
N HIS A 39 6.05 -1.94 -9.31
CA HIS A 39 5.52 -3.22 -9.74
C HIS A 39 6.67 -4.10 -10.24
N ASN A 40 6.31 -5.23 -10.83
CA ASN A 40 7.28 -6.17 -11.34
C ASN A 40 6.57 -7.42 -11.84
N VAL A 41 7.32 -8.24 -12.58
CA VAL A 41 6.77 -9.47 -13.12
C VAL A 41 7.29 -10.66 -12.30
N ILE A 42 6.36 -11.31 -11.62
CA ILE A 42 6.71 -12.46 -10.79
C ILE A 42 5.73 -13.60 -11.08
N PHE A 43 5.93 -14.24 -12.22
CA PHE A 43 5.09 -15.35 -12.63
C PHE A 43 4.89 -16.34 -11.48
N ASP A 44 3.85 -17.14 -11.60
CA ASP A 44 3.54 -18.14 -10.59
C ASP A 44 4.11 -19.49 -11.01
N LYS A 45 3.80 -19.86 -12.24
CA LYS A 45 4.27 -21.12 -12.79
C LYS A 45 3.52 -21.43 -14.08
N VAL A 46 4.24 -22.03 -15.02
CA VAL A 46 3.65 -22.38 -16.30
C VAL A 46 3.95 -23.85 -16.60
N PRO A 47 3.11 -24.44 -17.49
CA PRO A 47 3.27 -25.83 -17.88
C PRO A 47 4.45 -26.00 -18.83
N ALA A 48 4.89 -27.24 -18.97
CA ALA A 48 6.00 -27.56 -19.84
C ALA A 48 5.89 -26.72 -21.12
N GLY A 49 7.03 -26.16 -21.52
CA GLY A 49 7.07 -25.35 -22.72
C GLY A 49 7.85 -24.04 -22.46
N GLU A 50 7.38 -23.31 -21.47
CA GLU A 50 8.01 -22.05 -21.12
C GLU A 50 8.70 -22.17 -19.76
N SER A 51 9.19 -21.04 -19.28
CA SER A 51 9.87 -21.00 -17.99
C SER A 51 9.35 -19.82 -17.16
N ALA A 52 8.18 -20.03 -16.58
CA ALA A 52 7.56 -18.99 -15.76
C ALA A 52 8.56 -18.54 -14.69
N PRO A 53 9.11 -19.54 -13.96
CA PRO A 53 10.07 -19.27 -12.90
C PRO A 53 11.43 -18.89 -13.48
N ALA A 54 11.41 -17.95 -14.42
CA ALA A 54 12.63 -17.50 -15.07
C ALA A 54 12.41 -16.09 -15.63
N LEU A 55 11.28 -15.93 -16.30
CA LEU A 55 10.94 -14.64 -16.89
C LEU A 55 10.72 -13.62 -15.78
N SER A 56 10.32 -14.12 -14.62
CA SER A 56 10.07 -13.26 -13.47
C SER A 56 11.24 -12.27 -13.30
N ASN A 57 10.92 -10.99 -13.48
CA ASN A 57 11.91 -9.95 -13.34
C ASN A 57 11.66 -9.18 -12.06
N THR A 58 12.64 -9.23 -11.16
CA THR A 58 12.53 -8.54 -9.89
C THR A 58 13.10 -7.12 -10.01
N LYS A 59 13.14 -6.63 -11.24
CA LYS A 59 13.65 -5.30 -11.50
C LYS A 59 12.52 -4.28 -11.32
N LEU A 60 12.04 -4.19 -10.10
CA LEU A 60 10.97 -3.26 -9.78
C LEU A 60 11.20 -1.94 -10.53
N ALA A 61 10.46 -1.77 -11.61
CA ALA A 61 10.56 -0.56 -12.41
C ALA A 61 9.82 0.58 -11.72
N ILE A 62 10.57 1.40 -11.01
CA ILE A 62 10.00 2.53 -10.31
C ILE A 62 9.49 3.56 -11.31
N ALA A 63 10.34 3.84 -12.30
CA ALA A 63 10.00 4.79 -13.34
C ALA A 63 8.77 4.29 -14.10
N PRO A 64 7.64 5.02 -13.92
CA PRO A 64 6.39 4.66 -14.59
C PRO A 64 6.44 5.04 -16.07
N GLY A 65 5.92 4.15 -16.89
CA GLY A 65 5.89 4.37 -18.32
C GLY A 65 5.49 3.10 -19.07
N SER A 66 6.38 2.12 -19.01
CA SER A 66 6.13 0.85 -19.68
C SER A 66 7.29 -0.10 -19.44
N PHE A 67 7.11 -0.97 -18.46
CA PHE A 67 8.13 -1.94 -18.11
C PHE A 67 8.83 -2.48 -19.36
N TYR A 68 8.23 -3.51 -19.94
CA TYR A 68 8.79 -4.12 -21.14
C TYR A 68 7.82 -5.15 -21.72
N SER A 69 8.20 -5.69 -22.87
CA SER A 69 7.38 -6.69 -23.54
C SER A 69 8.16 -8.00 -23.69
N VAL A 70 7.41 -9.06 -23.91
CA VAL A 70 8.02 -10.38 -24.08
C VAL A 70 7.11 -11.25 -24.93
N THR A 71 7.72 -11.99 -25.85
CA THR A 71 6.98 -12.87 -26.73
C THR A 71 6.94 -14.29 -26.15
N LEU A 72 5.82 -14.96 -26.40
CA LEU A 72 5.64 -16.32 -25.91
C LEU A 72 5.33 -17.24 -27.10
N GLY A 73 5.28 -18.53 -26.80
CA GLY A 73 5.01 -19.52 -27.83
C GLY A 73 4.36 -20.77 -27.21
N THR A 74 4.93 -21.20 -26.10
CA THR A 74 4.42 -22.38 -25.42
C THR A 74 2.92 -22.24 -25.14
N PRO A 75 2.16 -23.24 -25.64
CA PRO A 75 0.71 -23.24 -25.45
C PRO A 75 0.33 -23.61 -24.01
N GLY A 76 -0.69 -22.94 -23.51
CA GLY A 76 -1.15 -23.18 -22.16
C GLY A 76 -1.55 -21.88 -21.46
N THR A 77 -1.96 -22.01 -20.21
CA THR A 77 -2.36 -20.86 -19.44
C THR A 77 -1.28 -20.49 -18.42
N TYR A 78 -0.77 -19.28 -18.54
CA TYR A 78 0.27 -18.79 -17.65
C TYR A 78 -0.34 -17.96 -16.52
N SER A 79 0.22 -18.15 -15.33
CA SER A 79 -0.25 -17.42 -14.16
C SER A 79 0.91 -16.66 -13.52
N PHE A 80 0.58 -15.49 -12.98
CA PHE A 80 1.58 -14.67 -12.33
C PHE A 80 0.98 -13.89 -11.16
N TYR A 81 1.78 -12.97 -10.62
CA TYR A 81 1.34 -12.17 -9.50
C TYR A 81 2.34 -11.06 -9.19
N CYS A 82 1.89 -10.11 -8.39
CA CYS A 82 2.74 -8.98 -8.01
C CYS A 82 3.43 -9.32 -6.68
N THR A 83 4.75 -9.30 -6.71
CA THR A 83 5.53 -9.59 -5.53
C THR A 83 5.04 -8.75 -4.34
N PRO A 84 4.93 -7.43 -4.58
CA PRO A 84 4.49 -6.50 -3.55
C PRO A 84 2.97 -6.62 -3.34
N HIS A 85 2.24 -6.30 -4.40
CA HIS A 85 0.79 -6.36 -4.33
C HIS A 85 0.34 -7.81 -4.39
N ARG A 86 0.82 -8.59 -3.43
CA ARG A 86 0.46 -10.00 -3.36
C ARG A 86 -0.82 -10.19 -2.55
N GLY A 87 -0.94 -9.40 -1.49
CA GLY A 87 -2.10 -9.46 -0.63
C GLY A 87 -3.20 -8.51 -1.12
N ALA A 88 -2.78 -7.49 -1.85
CA ALA A 88 -3.71 -6.51 -2.39
C ALA A 88 -4.63 -7.20 -3.41
N GLY A 89 -4.22 -8.39 -3.84
CA GLY A 89 -4.99 -9.14 -4.80
C GLY A 89 -4.71 -8.67 -6.22
N MET A 90 -3.46 -8.83 -6.64
CA MET A 90 -3.05 -8.42 -7.96
C MET A 90 -2.48 -9.60 -8.75
N VAL A 91 -3.38 -10.47 -9.20
CA VAL A 91 -2.98 -11.63 -9.96
C VAL A 91 -3.72 -11.63 -11.30
N GLY A 92 -3.10 -12.27 -12.29
CA GLY A 92 -3.68 -12.35 -13.61
C GLY A 92 -3.31 -13.67 -14.30
N THR A 93 -3.71 -13.78 -15.55
CA THR A 93 -3.43 -14.98 -16.32
C THR A 93 -3.14 -14.62 -17.78
N ILE A 94 -2.51 -15.56 -18.48
CA ILE A 94 -2.16 -15.35 -19.88
C ILE A 94 -2.26 -16.68 -20.63
N THR A 95 -3.08 -16.69 -21.65
CA THR A 95 -3.28 -17.90 -22.45
C THR A 95 -2.56 -17.76 -23.80
N VAL A 96 -2.02 -18.88 -24.26
CA VAL A 96 -1.31 -18.90 -25.53
C VAL A 96 -1.88 -20.01 -26.40
N GLU A 97 -3.07 -19.76 -26.94
CA GLU A 97 -3.71 -20.74 -27.79
C GLU A 97 -3.28 -20.54 -29.24
N TYR B 1 -2.66 0.48 1.80
CA TYR B 1 -2.75 1.42 0.66
C TYR B 1 -3.79 2.46 0.93
N PRO B 2 -3.77 3.55 0.23
CA PRO B 2 -4.76 4.56 0.46
C PRO B 2 -6.11 4.02 0.15
N PHE B 3 -6.17 3.06 -0.78
CA PHE B 3 -7.39 2.45 -1.23
C PHE B 3 -8.03 1.77 -0.05
N TYR B 4 -7.21 1.10 0.77
CA TYR B 4 -7.68 0.37 1.92
C TYR B 4 -8.27 1.33 2.91
N ALA B 5 -7.69 2.54 3.06
CA ALA B 5 -8.27 3.50 3.97
C ALA B 5 -9.64 3.85 3.48
N GLN B 6 -9.81 4.06 2.16
CA GLN B 6 -11.09 4.47 1.65
C GLN B 6 -12.14 3.44 1.95
N TYR B 7 -11.84 2.14 1.76
CA TYR B 7 -12.86 1.16 2.04
C TYR B 7 -13.20 1.09 3.49
N ASN B 8 -12.20 1.14 4.37
CA ASN B 8 -12.42 0.99 5.78
C ASN B 8 -13.03 2.19 6.45
N TYR B 9 -12.59 3.43 6.10
CA TYR B 9 -13.08 4.53 6.90
C TYR B 9 -13.62 5.63 6.03
N ASP B 10 -14.84 6.09 6.36
CA ASP B 10 -15.41 7.16 5.60
C ASP B 10 -14.59 8.39 5.88
N SER B 11 -14.20 8.61 7.16
CA SER B 11 -13.41 9.75 7.51
C SER B 11 -12.03 9.27 7.89
N PRO B 12 -11.05 9.76 7.18
CA PRO B 12 -9.67 9.40 7.37
C PRO B 12 -9.04 9.96 8.61
N ARG B 13 -9.66 10.97 9.26
CA ARG B 13 -9.06 11.57 10.41
C ARG B 13 -9.97 11.33 11.57
N GLU B 14 -9.41 10.73 12.64
CA GLU B 14 -10.16 10.41 13.83
C GLU B 14 -10.30 11.68 14.63
N ALA B 15 -11.22 11.66 15.62
CA ALA B 15 -11.51 12.81 16.42
C ALA B 15 -10.26 13.23 17.12
N THR B 16 -9.45 12.24 17.53
CA THR B 16 -8.22 12.48 18.22
C THR B 16 -7.32 13.23 17.29
N GLY B 17 -7.49 13.01 15.97
CA GLY B 17 -6.64 13.66 15.02
C GLY B 17 -5.75 12.62 14.44
N LYS B 18 -5.87 11.38 14.94
CA LYS B 18 -5.07 10.33 14.40
C LYS B 18 -5.62 9.98 13.04
N ILE B 19 -4.72 9.77 12.07
CA ILE B 19 -5.06 9.42 10.72
C ILE B 19 -5.12 7.93 10.65
N VAL B 20 -6.12 7.40 9.92
CA VAL B 20 -6.51 6.01 9.86
C VAL B 20 -5.41 5.10 9.39
N CYS B 21 -4.45 5.60 8.60
CA CYS B 21 -3.42 4.74 8.07
C CYS B 21 -2.71 4.08 9.22
N ALA B 22 -2.71 4.74 10.39
CA ALA B 22 -2.03 4.30 11.57
C ALA B 22 -2.55 2.97 12.01
N ASN B 23 -3.83 2.65 11.72
CA ASN B 23 -4.36 1.41 12.19
C ASN B 23 -3.54 0.26 11.63
N CYS B 24 -3.22 0.31 10.32
CA CYS B 24 -2.41 -0.69 9.64
C CYS B 24 -0.92 -0.52 9.76
N HIS B 25 -0.43 0.74 9.62
CA HIS B 25 0.99 0.99 9.60
C HIS B 25 1.35 1.45 10.96
N LEU B 26 1.84 0.49 11.75
CA LEU B 26 2.09 0.60 13.16
C LEU B 26 3.23 1.52 13.56
N ALA B 27 4.33 1.59 12.78
CA ALA B 27 5.48 2.34 13.22
C ALA B 27 5.37 3.79 12.86
N LYS B 28 6.02 4.66 13.67
CA LYS B 28 5.96 6.07 13.43
C LYS B 28 7.23 6.51 12.76
N LYS B 29 7.09 7.36 11.72
CA LYS B 29 8.19 7.95 11.00
C LYS B 29 7.75 9.34 10.67
N THR B 30 8.71 10.21 10.30
CA THR B 30 8.40 11.60 10.10
C THR B 30 7.65 11.86 8.84
N VAL B 31 6.89 12.98 8.84
CA VAL B 31 6.21 13.43 7.65
C VAL B 31 6.43 14.92 7.62
N GLU B 32 6.69 15.48 6.41
CA GLU B 32 6.90 16.90 6.35
C GLU B 32 6.02 17.50 5.30
N ILE B 33 5.52 18.72 5.56
CA ILE B 33 4.71 19.40 4.59
C ILE B 33 5.02 20.87 4.64
N GLU B 34 5.17 21.52 3.47
CA GLU B 34 5.40 22.94 3.46
C GLU B 34 4.43 23.59 2.52
N VAL B 35 3.85 24.72 2.95
CA VAL B 35 2.91 25.46 2.15
C VAL B 35 3.16 26.92 2.44
N PRO B 36 2.62 27.78 1.62
CA PRO B 36 2.82 29.19 1.81
C PRO B 36 2.10 29.68 3.04
N GLN B 37 2.53 30.83 3.57
CA GLN B 37 1.95 31.40 4.75
C GLN B 37 0.51 31.72 4.45
N ALA B 38 0.24 32.34 3.29
CA ALA B 38 -1.09 32.72 2.98
C ALA B 38 -1.30 32.60 1.50
N VAL B 39 -2.57 32.50 1.08
CA VAL B 39 -2.88 32.41 -0.33
C VAL B 39 -4.12 33.21 -0.62
N LEU B 40 -4.21 33.76 -1.85
CA LEU B 40 -5.33 34.56 -2.27
C LEU B 40 -6.43 33.62 -2.71
N PRO B 41 -7.66 34.07 -2.72
CA PRO B 41 -8.81 33.22 -2.98
C PRO B 41 -8.73 32.19 -4.05
N ASP B 42 -9.19 32.38 -5.28
CA ASP B 42 -9.12 31.26 -6.18
C ASP B 42 -7.77 31.27 -6.81
N THR B 43 -6.76 30.77 -6.05
CA THR B 43 -5.41 30.79 -6.54
C THR B 43 -4.80 29.43 -6.35
N VAL B 44 -3.72 29.13 -7.10
CA VAL B 44 -3.10 27.85 -7.00
C VAL B 44 -1.78 28.01 -6.30
N PHE B 45 -1.45 27.08 -5.38
CA PHE B 45 -0.22 27.14 -4.66
C PHE B 45 0.29 25.74 -4.50
N LYS B 46 1.57 25.58 -4.09
CA LYS B 46 2.12 24.25 -3.99
C LYS B 46 2.23 23.82 -2.57
N ALA B 47 1.91 22.53 -2.32
CA ALA B 47 2.07 21.92 -1.04
C ALA B 47 3.13 20.88 -1.27
N VAL B 48 4.25 20.98 -0.52
CA VAL B 48 5.35 20.08 -0.72
C VAL B 48 5.35 19.05 0.37
N VAL B 49 5.39 17.76 -0.02
CA VAL B 49 5.33 16.68 0.93
C VAL B 49 6.59 15.86 0.82
N LYS B 50 7.17 15.45 1.98
CA LYS B 50 8.34 14.62 1.97
C LYS B 50 8.15 13.53 2.99
N VAL B 51 8.63 12.30 2.68
CA VAL B 51 8.50 11.18 3.57
C VAL B 51 9.85 10.50 3.68
N PRO B 52 10.64 10.91 4.62
CA PRO B 52 11.99 10.40 4.71
C PRO B 52 12.20 9.02 5.22
N TYR B 53 13.18 8.31 4.61
CA TYR B 53 13.64 7.03 5.08
C TYR B 53 14.98 6.82 4.46
N ASP B 54 15.77 5.86 5.00
CA ASP B 54 17.07 5.63 4.45
C ASP B 54 16.89 4.77 3.22
N LEU B 55 17.28 5.31 2.06
CA LEU B 55 17.14 4.65 0.79
C LEU B 55 17.97 3.41 0.76
N ASP B 56 19.06 3.38 1.54
CA ASP B 56 19.93 2.23 1.57
C ASP B 56 19.25 1.02 2.16
N ILE B 57 18.23 1.19 3.04
CA ILE B 57 17.68 0.04 3.69
C ILE B 57 16.51 -0.52 2.94
N GLN B 58 16.51 -1.86 2.75
CA GLN B 58 15.50 -2.59 2.04
C GLN B 58 14.49 -3.13 3.00
N GLN B 59 13.29 -3.45 2.48
CA GLN B 59 12.16 -3.90 3.24
C GLN B 59 11.78 -5.28 2.80
N VAL B 60 11.08 -6.03 3.69
CA VAL B 60 10.62 -7.34 3.37
C VAL B 60 9.43 -7.15 2.47
N GLN B 61 9.40 -7.88 1.34
CA GLN B 61 8.31 -7.76 0.41
C GLN B 61 7.38 -8.93 0.59
N ALA B 62 6.32 -8.99 -0.24
CA ALA B 62 5.30 -9.98 -0.10
C ALA B 62 5.88 -11.37 -0.20
N ASP B 63 6.84 -11.59 -1.11
CA ASP B 63 7.42 -12.90 -1.29
C ASP B 63 8.35 -13.25 -0.16
N GLY B 64 8.79 -12.26 0.63
CA GLY B 64 9.68 -12.50 1.74
C GLY B 64 11.04 -11.98 1.42
N SER B 65 11.30 -11.66 0.13
CA SER B 65 12.58 -11.14 -0.30
C SER B 65 12.66 -9.66 -0.04
N PRO B 66 13.88 -9.17 -0.03
CA PRO B 66 14.08 -7.74 0.15
C PRO B 66 13.84 -6.92 -1.09
N SER B 67 13.34 -5.68 -0.94
CA SER B 67 13.11 -4.83 -2.08
C SER B 67 12.96 -3.41 -1.60
N GLY B 68 12.65 -2.48 -2.53
CA GLY B 68 12.54 -1.07 -2.23
C GLY B 68 11.23 -0.78 -1.57
N LEU B 69 11.07 0.46 -1.07
CA LEU B 69 9.88 0.88 -0.39
C LEU B 69 9.09 1.77 -1.29
N ASN B 70 7.76 1.80 -1.07
CA ASN B 70 6.85 2.64 -1.82
C ASN B 70 6.30 3.61 -0.82
N VAL B 71 5.84 4.78 -1.29
CA VAL B 71 5.36 5.79 -0.38
C VAL B 71 3.99 6.23 -0.81
N GLY B 72 3.25 6.89 0.10
CA GLY B 72 1.93 7.36 -0.21
C GLY B 72 1.53 8.30 0.87
N ALA B 73 0.43 9.07 0.66
CA ALA B 73 0.05 9.99 1.69
C ALA B 73 -1.38 10.41 1.50
N VAL B 74 -1.95 11.00 2.57
CA VAL B 74 -3.26 11.58 2.53
C VAL B 74 -3.04 13.00 2.95
N LEU B 75 -3.51 13.97 2.13
CA LEU B 75 -3.33 15.35 2.47
C LEU B 75 -4.68 15.94 2.68
N MET B 76 -4.99 16.38 3.92
CA MET B 76 -6.31 16.89 4.16
C MET B 76 -6.26 18.38 4.16
N LEU B 77 -6.92 18.97 3.15
CA LEU B 77 -6.98 20.40 3.00
C LEU B 77 -8.26 20.88 3.60
N PRO B 78 -8.35 22.17 3.78
CA PRO B 78 -9.53 22.76 4.36
C PRO B 78 -10.67 22.69 3.41
N GLU B 79 -11.91 22.92 3.91
CA GLU B 79 -13.08 22.85 3.07
C GLU B 79 -12.91 23.81 1.94
N GLY B 80 -13.33 23.37 0.74
CA GLY B 80 -13.35 24.20 -0.43
C GLY B 80 -12.07 24.08 -1.21
N PHE B 81 -10.99 23.60 -0.57
CA PHE B 81 -9.73 23.45 -1.26
C PHE B 81 -9.77 22.18 -2.06
N LYS B 82 -9.13 22.19 -3.25
CA LYS B 82 -9.09 21.01 -4.06
C LYS B 82 -7.80 21.01 -4.83
N LEU B 83 -7.47 19.86 -5.47
CA LEU B 83 -6.29 19.80 -6.28
C LEU B 83 -6.60 20.69 -7.44
N ALA B 84 -5.59 21.42 -7.97
CA ALA B 84 -5.86 22.37 -9.02
C ALA B 84 -6.03 21.67 -10.32
N PRO B 85 -6.93 22.18 -11.13
CA PRO B 85 -7.13 21.65 -12.45
C PRO B 85 -5.97 22.10 -13.29
N PRO B 86 -5.64 21.33 -14.28
CA PRO B 86 -4.49 21.62 -15.11
C PRO B 86 -4.56 22.99 -15.69
N GLU B 87 -5.76 23.45 -16.08
CA GLU B 87 -5.95 24.70 -16.77
C GLU B 87 -5.55 25.81 -15.87
N ARG B 88 -5.81 25.63 -14.57
CA ARG B 88 -5.56 26.59 -13.53
C ARG B 88 -4.10 26.74 -13.20
N VAL B 89 -3.25 25.74 -13.45
CA VAL B 89 -1.87 25.86 -13.04
C VAL B 89 -1.13 26.81 -13.92
N ASP B 90 -0.45 27.81 -13.31
CA ASP B 90 0.24 28.77 -14.11
C ASP B 90 1.46 28.15 -14.73
N GLU B 91 1.99 28.82 -15.78
CA GLU B 91 3.00 28.28 -16.65
C GLU B 91 4.28 27.94 -15.96
N GLU B 92 4.83 28.82 -15.11
CA GLU B 92 6.11 28.52 -14.54
C GLU B 92 6.00 27.28 -13.71
N LEU B 93 4.88 27.15 -12.99
CA LEU B 93 4.60 26.12 -12.03
C LEU B 93 4.37 24.74 -12.57
N MET B 94 3.83 24.58 -13.79
CA MET B 94 3.37 23.29 -14.24
C MET B 94 4.44 22.25 -14.16
N GLU B 95 5.68 22.57 -14.54
CA GLU B 95 6.72 21.59 -14.49
C GLU B 95 7.08 21.22 -13.07
N GLU B 96 6.96 22.19 -12.14
CA GLU B 96 7.33 22.08 -10.75
C GLU B 96 6.45 21.14 -9.98
N VAL B 97 5.20 20.93 -10.42
CA VAL B 97 4.28 20.17 -9.64
C VAL B 97 4.17 18.77 -10.16
N GLY B 98 3.71 17.84 -9.31
CA GLY B 98 3.57 16.48 -9.73
C GLY B 98 2.59 16.52 -10.83
N ASP B 99 2.58 15.46 -11.69
CA ASP B 99 1.62 15.39 -12.75
C ASP B 99 0.34 15.53 -12.03
N PHE B 100 -0.24 16.72 -12.23
CA PHE B 100 -1.34 17.17 -11.44
C PHE B 100 -2.42 16.19 -11.53
N TYR B 101 -2.80 15.79 -12.74
CA TYR B 101 -3.93 14.95 -12.65
C TYR B 101 -3.67 13.61 -12.07
N TYR B 102 -2.72 12.91 -12.70
CA TYR B 102 -2.53 11.49 -12.52
C TYR B 102 -2.22 11.08 -11.13
N LEU B 103 -1.29 11.76 -10.46
CA LEU B 103 -0.88 11.32 -9.15
C LEU B 103 -1.97 11.43 -8.12
N VAL B 104 -2.86 12.44 -8.25
CA VAL B 104 -3.80 12.75 -7.19
C VAL B 104 -5.18 12.20 -7.38
N THR B 105 -5.72 11.58 -6.30
CA THR B 105 -7.05 11.04 -6.31
C THR B 105 -7.81 11.56 -5.12
N PRO B 106 -9.06 11.91 -5.31
CA PRO B 106 -9.86 12.39 -4.21
C PRO B 106 -10.26 11.25 -3.33
N TYR B 107 -10.46 11.52 -2.03
CA TYR B 107 -10.80 10.50 -1.08
C TYR B 107 -12.15 9.95 -1.44
N SER B 108 -13.08 10.86 -1.80
CA SER B 108 -14.42 10.50 -2.19
C SER B 108 -14.94 11.63 -3.01
N GLU B 109 -16.14 11.46 -3.60
CA GLU B 109 -16.69 12.48 -4.45
C GLU B 109 -16.92 13.73 -3.66
N THR B 110 -17.47 13.58 -2.43
CA THR B 110 -17.78 14.67 -1.54
C THR B 110 -16.53 15.27 -0.95
N ASP B 111 -15.49 14.43 -0.78
CA ASP B 111 -14.20 14.54 -0.15
C ASP B 111 -13.06 15.14 -0.95
N GLU B 112 -13.32 15.92 -2.02
CA GLU B 112 -12.29 16.40 -2.90
C GLU B 112 -11.18 17.13 -2.19
N ASN B 113 -11.45 17.70 -0.99
CA ASN B 113 -10.46 18.39 -0.20
C ASN B 113 -9.44 17.42 0.35
N ILE B 114 -9.76 16.11 0.42
CA ILE B 114 -8.82 15.14 0.92
C ILE B 114 -8.21 14.43 -0.26
N LEU B 115 -6.88 14.57 -0.42
CA LEU B 115 -6.14 14.09 -1.56
C LEU B 115 -5.28 12.92 -1.18
N LEU B 116 -5.28 11.87 -2.03
CA LEU B 116 -4.50 10.68 -1.79
C LEU B 116 -3.50 10.55 -2.90
N ALA B 117 -2.28 10.06 -2.57
CA ALA B 117 -1.28 9.83 -3.58
C ALA B 117 -0.60 8.53 -3.21
N GLY B 118 -0.12 7.78 -4.21
CA GLY B 118 0.60 6.57 -3.94
C GLY B 118 -0.29 5.38 -4.07
N PRO B 119 0.30 4.20 -4.00
CA PRO B 119 1.72 4.11 -3.79
C PRO B 119 2.56 4.50 -4.96
N LEU B 120 3.73 5.11 -4.67
CA LEU B 120 4.68 5.54 -5.67
C LEU B 120 6.01 5.00 -5.23
N PRO B 121 6.93 4.83 -6.14
CA PRO B 121 8.23 4.34 -5.77
C PRO B 121 8.94 5.37 -4.94
N GLY B 122 9.49 4.98 -3.79
CA GLY B 122 10.11 5.88 -2.86
C GLY B 122 11.33 6.51 -3.46
N GLU B 123 12.10 5.75 -4.25
CA GLU B 123 13.33 6.28 -4.78
C GLU B 123 13.03 7.42 -5.71
N ASP B 124 11.93 7.31 -6.49
CA ASP B 124 11.55 8.28 -7.47
C ASP B 124 11.04 9.56 -6.86
N TYR B 125 10.23 9.49 -5.77
CA TYR B 125 9.63 10.71 -5.31
C TYR B 125 10.18 11.15 -3.99
N GLN B 126 11.23 11.98 -4.03
CA GLN B 126 11.78 12.54 -2.82
C GLN B 126 10.82 13.55 -2.30
N GLU B 127 10.17 14.27 -3.22
CA GLU B 127 9.25 15.31 -2.85
C GLU B 127 8.02 15.09 -3.69
N MET B 128 6.82 15.25 -3.09
CA MET B 128 5.61 15.12 -3.85
C MET B 128 5.00 16.47 -3.80
N ILE B 129 4.79 17.12 -4.95
CA ILE B 129 4.28 18.47 -4.89
C ILE B 129 2.88 18.52 -5.40
N PHE B 130 1.94 18.92 -4.52
CA PHE B 130 0.55 18.95 -4.91
C PHE B 130 0.18 20.35 -5.31
N PRO B 131 -0.36 20.53 -6.49
CA PRO B 131 -0.85 21.79 -6.97
C PRO B 131 -2.16 21.98 -6.27
N ILE B 132 -2.39 23.08 -5.54
CA ILE B 132 -3.65 23.15 -4.85
C ILE B 132 -4.37 24.42 -5.20
N LEU B 133 -5.69 24.32 -5.40
CA LEU B 133 -6.46 25.49 -5.74
C LEU B 133 -7.31 25.88 -4.55
N SER B 134 -7.17 27.13 -4.08
CA SER B 134 -7.94 27.62 -2.96
C SER B 134 -9.34 27.97 -3.41
N PRO B 135 -10.28 27.95 -2.48
CA PRO B 135 -11.66 28.30 -2.74
C PRO B 135 -11.86 29.78 -2.79
N ASN B 136 -13.08 30.24 -3.16
CA ASN B 136 -13.37 31.66 -3.15
C ASN B 136 -14.58 31.87 -2.30
N PRO B 137 -14.40 32.48 -1.16
CA PRO B 137 -15.50 32.67 -0.25
C PRO B 137 -16.57 33.57 -0.77
N ALA B 138 -16.26 34.50 -1.69
CA ALA B 138 -17.29 35.36 -2.14
C ALA B 138 -18.34 34.52 -2.81
N THR B 139 -17.87 33.59 -3.67
CA THR B 139 -18.74 32.69 -4.37
C THR B 139 -19.24 31.59 -3.48
N ASP B 140 -18.40 31.10 -2.55
CA ASP B 140 -18.77 29.93 -1.77
C ASP B 140 -19.04 30.31 -0.34
N ALA B 141 -20.31 30.12 0.08
CA ALA B 141 -20.83 30.42 1.39
C ALA B 141 -20.20 29.56 2.44
N GLY B 142 -19.91 28.28 2.08
CA GLY B 142 -19.41 27.30 2.99
C GLY B 142 -18.08 27.72 3.55
N VAL B 143 -17.26 28.47 2.79
CA VAL B 143 -15.96 28.81 3.29
C VAL B 143 -15.82 30.29 3.51
N TYR B 144 -14.99 30.65 4.51
CA TYR B 144 -14.75 32.03 4.81
C TYR B 144 -13.26 32.24 4.85
N PHE B 145 -12.82 33.51 4.85
CA PHE B 145 -11.41 33.80 4.92
C PHE B 145 -11.01 33.57 6.34
N GLY B 146 -9.75 33.15 6.56
CA GLY B 146 -9.30 32.91 7.91
C GLY B 146 -8.11 32.00 7.84
N LYS B 147 -7.63 31.56 9.03
CA LYS B 147 -6.50 30.69 9.09
C LYS B 147 -7.01 29.28 9.18
N TYR B 148 -6.39 28.35 8.43
CA TYR B 148 -6.89 27.00 8.45
C TYR B 148 -5.76 26.03 8.64
N SER B 149 -6.09 24.80 9.06
CA SER B 149 -5.10 23.80 9.30
C SER B 149 -5.15 22.78 8.21
N ILE B 150 -3.98 22.21 7.87
CA ILE B 150 -3.87 21.20 6.86
C ILE B 150 -3.26 20.02 7.58
N HIS B 151 -3.79 18.80 7.34
CA HIS B 151 -3.28 17.66 8.04
C HIS B 151 -2.66 16.72 7.06
N LEU B 152 -1.44 16.25 7.35
CA LEU B 152 -0.77 15.35 6.47
C LEU B 152 -0.55 14.03 7.16
N GLY B 153 -0.77 12.93 6.42
CA GLY B 153 -0.49 11.60 6.89
C GLY B 153 0.36 11.00 5.81
N GLY B 154 1.60 10.55 6.15
CA GLY B 154 2.45 10.06 5.10
C GLY B 154 3.08 8.75 5.51
N ASN B 155 3.13 7.80 4.57
CA ASN B 155 3.64 6.50 4.91
C ASN B 155 4.64 6.02 3.89
N ARG B 156 5.56 5.13 4.36
CA ARG B 156 6.50 4.48 3.49
C ARG B 156 6.56 3.06 3.99
N GLY B 157 6.63 2.07 3.09
CA GLY B 157 6.80 0.72 3.52
C GLY B 157 5.48 0.02 3.72
N ARG B 158 5.52 -1.32 3.69
CA ARG B 158 4.37 -2.17 3.78
C ARG B 158 3.82 -2.18 5.17
N GLY B 159 2.47 -2.30 5.27
CA GLY B 159 1.78 -2.27 6.53
C GLY B 159 1.87 -3.60 7.22
N GLN B 160 1.54 -3.59 8.52
CA GLN B 160 1.51 -4.70 9.43
C GLN B 160 0.26 -5.53 9.33
N VAL B 161 -0.91 -4.92 9.03
CA VAL B 161 -2.14 -5.65 9.06
C VAL B 161 -2.88 -5.45 7.78
N TYR B 162 -3.78 -6.40 7.45
CA TYR B 162 -4.53 -6.35 6.22
C TYR B 162 -5.94 -6.01 6.60
N PRO B 163 -6.72 -5.56 5.65
CA PRO B 163 -8.10 -5.27 5.92
C PRO B 163 -8.80 -6.52 6.32
N THR B 164 -8.16 -7.67 6.05
CA THR B 164 -8.65 -8.95 6.46
C THR B 164 -8.61 -8.95 7.95
N GLY B 165 -7.60 -8.28 8.53
CA GLY B 165 -7.44 -8.26 9.95
C GLY B 165 -6.30 -9.16 10.30
N GLU B 166 -5.79 -9.92 9.30
CA GLU B 166 -4.69 -10.79 9.55
C GLU B 166 -3.41 -10.03 9.38
N LEU B 167 -2.35 -10.49 10.09
CA LEU B 167 -1.07 -9.83 10.07
C LEU B 167 -0.34 -10.17 8.81
N SER B 168 0.48 -9.20 8.34
CA SER B 168 1.29 -9.36 7.17
C SER B 168 2.59 -9.97 7.59
N ASN B 169 3.47 -10.26 6.61
CA ASN B 169 4.78 -10.81 6.84
C ASN B 169 5.70 -9.75 7.39
N ASN B 170 5.32 -8.46 7.31
CA ASN B 170 6.18 -7.42 7.81
C ASN B 170 5.75 -7.07 9.21
N ASN B 171 5.78 -8.05 10.14
CA ASN B 171 5.35 -7.80 11.50
C ASN B 171 5.98 -8.81 12.41
N ALA B 172 5.93 -8.57 13.74
CA ALA B 172 6.49 -9.51 14.67
C ALA B 172 5.50 -10.62 14.92
N PHE B 173 6.02 -11.86 15.12
CA PHE B 173 5.16 -12.99 15.40
C PHE B 173 5.51 -13.47 16.78
N SER B 174 4.49 -13.85 17.60
CA SER B 174 4.76 -14.19 18.98
C SER B 174 4.34 -15.60 19.30
N ALA B 175 4.97 -16.18 20.35
CA ALA B 175 4.69 -17.52 20.77
C ALA B 175 3.28 -17.60 21.25
N SER B 176 2.52 -18.56 20.69
CA SER B 176 1.15 -18.76 21.03
C SER B 176 1.07 -19.31 22.42
N ILE B 177 2.12 -20.03 22.87
CA ILE B 177 2.09 -20.60 24.19
C ILE B 177 3.49 -20.73 24.70
N ALA B 178 3.65 -20.85 26.05
CA ALA B 178 4.93 -21.00 26.66
C ALA B 178 5.37 -22.43 26.57
N GLY B 179 6.69 -22.67 26.48
CA GLY B 179 7.18 -24.02 26.40
C GLY B 179 8.57 -24.00 25.84
N THR B 180 9.04 -25.17 25.34
CA THR B 180 10.36 -25.24 24.79
C THR B 180 10.26 -25.52 23.32
N ILE B 181 11.21 -24.99 22.53
CA ILE B 181 11.13 -25.13 21.10
C ILE B 181 11.83 -26.39 20.70
N ALA B 182 11.04 -27.41 20.34
CA ALA B 182 11.53 -28.68 19.90
C ALA B 182 12.18 -28.58 18.55
N ALA B 183 11.57 -27.82 17.61
CA ALA B 183 12.17 -27.77 16.31
C ALA B 183 11.57 -26.65 15.51
N ILE B 184 12.24 -26.27 14.40
CA ILE B 184 11.75 -25.27 13.49
C ILE B 184 12.07 -25.70 12.06
N GLU B 185 11.15 -25.52 11.09
CA GLU B 185 11.31 -25.96 9.70
C GLU B 185 11.37 -24.74 8.78
N ASP B 186 11.97 -24.80 7.53
CA ASP B 186 12.13 -23.53 6.82
C ASP B 186 12.15 -23.45 5.27
N ASN B 187 11.15 -22.77 4.62
CA ASN B 187 11.17 -22.42 3.20
C ASN B 187 11.17 -20.93 3.17
N GLY B 188 11.95 -20.37 4.10
CA GLY B 188 11.92 -18.95 4.29
C GLY B 188 10.88 -18.81 5.34
N PHE B 189 9.76 -19.55 5.13
CA PHE B 189 8.66 -19.62 6.05
C PHE B 189 9.14 -20.53 7.10
N GLY B 190 8.78 -20.23 8.34
CA GLY B 190 9.01 -21.24 9.29
C GLY B 190 7.64 -21.73 9.31
N PHE B 191 7.47 -22.87 8.64
CA PHE B 191 6.20 -23.48 8.52
C PHE B 191 5.84 -23.64 9.93
N ASP B 192 6.85 -23.97 10.76
CA ASP B 192 6.43 -24.07 12.10
C ASP B 192 7.55 -23.95 13.07
N VAL B 193 7.21 -23.31 14.19
CA VAL B 193 8.05 -23.38 15.35
C VAL B 193 7.23 -24.28 16.22
N THR B 194 7.79 -25.43 16.61
CA THR B 194 7.02 -26.33 17.42
C THR B 194 7.40 -26.09 18.84
N ILE B 195 6.38 -25.89 19.70
CA ILE B 195 6.66 -25.62 21.07
C ILE B 195 6.05 -26.68 21.91
N GLN B 196 6.79 -27.16 22.92
CA GLN B 196 6.30 -28.19 23.80
C GLN B 196 5.87 -27.51 25.07
N PRO B 197 4.59 -27.48 25.30
CA PRO B 197 4.12 -26.91 26.53
C PRO B 197 4.43 -27.70 27.76
N GLU B 198 4.12 -27.07 28.90
CA GLU B 198 4.45 -27.50 30.23
C GLU B 198 3.90 -28.87 30.50
N ASP B 199 2.78 -29.27 29.86
CA ASP B 199 2.27 -30.55 30.24
C ASP B 199 2.09 -31.50 29.08
N GLY B 200 3.12 -31.68 28.22
CA GLY B 200 3.07 -32.73 27.24
C GLY B 200 2.59 -32.27 25.89
N ASP B 201 1.74 -31.24 25.81
CA ASP B 201 1.18 -30.86 24.53
C ASP B 201 2.25 -30.25 23.67
N ALA B 202 2.02 -30.25 22.34
CA ALA B 202 2.93 -29.61 21.43
C ALA B 202 2.10 -28.78 20.49
N VAL B 203 2.49 -27.50 20.30
CA VAL B 203 1.74 -26.60 19.48
C VAL B 203 2.63 -26.10 18.39
N VAL B 204 2.03 -25.62 17.28
CA VAL B 204 2.88 -25.19 16.21
C VAL B 204 2.49 -23.80 15.81
N THR B 205 3.48 -22.89 15.70
CA THR B 205 3.18 -21.53 15.33
C THR B 205 3.80 -21.31 13.98
N SER B 206 3.00 -20.84 13.01
CA SER B 206 3.51 -20.68 11.68
C SER B 206 3.86 -19.25 11.47
N ILE B 207 5.06 -19.02 10.88
CA ILE B 207 5.46 -17.67 10.60
C ILE B 207 5.81 -17.65 9.14
N LEU B 208 5.45 -16.56 8.44
CA LEU B 208 5.69 -16.44 7.02
C LEU B 208 7.12 -16.03 6.79
N PRO B 209 7.62 -16.17 5.57
CA PRO B 209 8.96 -15.79 5.23
C PRO B 209 9.07 -14.31 5.45
N GLY B 210 10.26 -13.81 5.84
CA GLY B 210 10.46 -12.39 6.00
C GLY B 210 10.92 -12.04 7.39
N PRO B 211 10.18 -12.35 8.42
CA PRO B 211 10.64 -12.00 9.74
C PRO B 211 11.80 -12.88 10.08
N GLU B 212 12.73 -12.44 10.95
CA GLU B 212 13.85 -13.27 11.25
C GLU B 212 13.69 -13.85 12.63
N LEU B 213 13.87 -15.18 12.74
CA LEU B 213 13.69 -15.86 13.98
C LEU B 213 14.77 -15.47 14.94
N ILE B 214 14.32 -15.03 16.13
CA ILE B 214 15.07 -14.66 17.30
C ILE B 214 15.50 -15.88 18.06
N VAL B 215 14.70 -16.97 18.01
CA VAL B 215 14.89 -18.11 18.86
C VAL B 215 15.51 -19.26 18.17
N ALA B 216 16.04 -20.21 18.97
CA ALA B 216 16.70 -21.39 18.48
C ALA B 216 16.07 -22.58 19.13
N VAL B 217 16.25 -23.75 18.52
CA VAL B 217 15.66 -24.95 19.04
C VAL B 217 16.30 -25.22 20.37
N GLY B 218 15.48 -25.75 21.31
CA GLY B 218 15.93 -26.10 22.62
C GLY B 218 15.79 -24.90 23.51
N ASP B 219 15.21 -23.81 22.99
CA ASP B 219 15.09 -22.61 23.78
C ASP B 219 13.71 -22.54 24.36
N THR B 220 13.61 -22.05 25.61
CA THR B 220 12.33 -21.90 26.25
C THR B 220 11.80 -20.54 25.92
N VAL B 221 10.47 -20.42 25.79
CA VAL B 221 9.88 -19.14 25.49
C VAL B 221 8.62 -18.98 26.28
N GLU B 222 8.33 -17.74 26.70
CA GLU B 222 7.12 -17.47 27.44
C GLU B 222 6.03 -17.20 26.44
N ALA B 223 4.76 -17.31 26.87
CA ALA B 223 3.69 -17.08 25.95
C ALA B 223 3.71 -15.64 25.56
N GLY B 224 3.50 -15.37 24.26
CA GLY B 224 3.42 -14.04 23.76
C GLY B 224 4.79 -13.49 23.50
N GLN B 225 5.85 -14.26 23.83
CA GLN B 225 7.15 -13.69 23.61
C GLN B 225 7.44 -13.69 22.15
N LEU B 226 8.35 -12.78 21.71
CA LEU B 226 8.61 -12.64 20.31
C LEU B 226 9.47 -13.75 19.79
N LEU B 227 8.95 -14.42 18.74
CA LEU B 227 9.59 -15.46 17.98
C LEU B 227 10.53 -14.87 16.99
N THR B 228 10.25 -13.64 16.54
CA THR B 228 11.01 -13.04 15.48
C THR B 228 11.31 -11.60 15.82
N THR B 229 12.18 -10.97 15.02
CA THR B 229 12.48 -9.58 15.23
C THR B 229 11.35 -8.84 14.60
N ASN B 230 11.45 -7.50 14.57
CA ASN B 230 10.46 -6.74 13.87
C ASN B 230 11.13 -6.31 12.61
N PRO B 231 10.74 -6.88 11.50
CA PRO B 231 11.36 -6.60 10.24
C PRO B 231 10.99 -5.25 9.66
N ASN B 232 9.99 -4.57 10.22
CA ASN B 232 9.48 -3.33 9.68
C ASN B 232 10.53 -2.27 9.61
N VAL B 233 10.81 -1.79 8.36
CA VAL B 233 11.69 -0.71 7.98
C VAL B 233 11.01 0.63 7.84
N GLY B 234 9.69 0.65 7.59
CA GLY B 234 9.02 1.89 7.25
C GLY B 234 8.24 2.45 8.39
N GLY B 235 7.23 3.29 8.06
CA GLY B 235 6.42 3.84 9.11
C GLY B 235 5.53 4.91 8.56
N PHE B 236 4.58 5.36 9.41
CA PHE B 236 3.60 6.35 9.06
C PHE B 236 3.71 7.48 10.03
N GLY B 237 3.61 8.74 9.56
CA GLY B 237 3.74 9.86 10.44
C GLY B 237 2.75 10.92 10.03
N GLN B 238 2.49 11.89 10.94
CA GLN B 238 1.56 12.92 10.63
C GLN B 238 2.16 14.25 10.98
N MET B 239 1.75 15.31 10.26
CA MET B 239 2.19 16.62 10.60
C MET B 239 1.15 17.59 10.15
N ASP B 240 0.96 18.66 10.94
CA ASP B 240 -0.05 19.65 10.67
C ASP B 240 0.64 20.94 10.35
N SER B 241 -0.01 21.77 9.52
CA SER B 241 0.51 23.07 9.18
C SER B 241 -0.68 23.97 9.05
N GLU B 242 -0.46 25.30 8.97
CA GLU B 242 -1.57 26.19 8.85
C GLU B 242 -1.35 27.05 7.66
N ILE B 243 -2.44 27.56 7.05
CA ILE B 243 -2.35 28.45 5.93
C ILE B 243 -3.43 29.48 6.10
N VAL B 244 -3.18 30.72 5.62
CA VAL B 244 -4.15 31.77 5.79
C VAL B 244 -4.82 32.02 4.48
N LEU B 245 -6.17 31.93 4.46
CA LEU B 245 -6.91 32.21 3.25
C LEU B 245 -7.11 33.69 3.33
N GLN B 246 -6.42 34.44 2.45
CA GLN B 246 -6.34 35.88 2.55
C GLN B 246 -7.28 36.58 1.62
N SER B 247 -7.59 37.85 1.97
CA SER B 247 -8.45 38.67 1.16
C SER B 247 -7.56 39.47 0.27
N SER B 248 -7.96 39.62 -1.00
CA SER B 248 -7.16 40.32 -1.96
C SER B 248 -7.07 41.74 -1.57
N SER B 249 -6.02 42.39 -2.07
CA SER B 249 -5.82 43.77 -1.77
C SER B 249 -5.75 43.91 -0.26
CU CU C . 1.52 -4.25 -8.51
FE HEC D . -1.23 0.87 3.40
CHA HEC D . 1.05 -0.95 1.67
CHB HEC D . 0.09 3.77 2.17
CHC HEC D . -3.78 2.62 4.79
CHD HEC D . -2.21 -1.90 5.03
NA HEC D . 0.18 1.32 2.10
C1A HEC D . 1.01 0.45 1.45
C2A HEC D . 1.93 1.15 0.56
C3A HEC D . 1.69 2.47 0.74
C4A HEC D . 0.59 2.58 1.68
CMA HEC D . 2.44 3.61 0.08
CAA HEC D . 2.98 0.47 -0.32
CBA HEC D . 4.28 0.43 0.54
CGA HEC D . 5.39 -0.40 -0.08
O1A HEC D . 6.58 -0.12 0.23
O2A HEC D . 5.09 -1.33 -0.86
NB HEC D . -1.73 2.78 3.49
C1B HEC D . -0.99 3.88 3.01
C2B HEC D . -1.66 5.15 3.38
C3B HEC D . -2.78 4.84 4.12
C4B HEC D . -2.81 3.36 4.13
CMB HEC D . -1.14 6.54 3.12
CAB HEC D . -3.70 5.73 4.78
CBB HEC D . -4.33 6.82 3.90
NC HEC D . -2.75 0.45 4.55
C1C HEC D . -3.74 1.26 5.02
C2C HEC D . -4.68 0.54 5.85
C3C HEC D . -4.26 -0.72 5.93
C4C HEC D . -3.03 -0.78 5.14
CMC HEC D . -5.95 1.16 6.42
CAC HEC D . -4.83 -1.80 6.71
CBC HEC D . -6.32 -2.18 6.43
ND HEC D . -0.71 -1.03 3.33
C1D HEC D . -1.15 -2.03 4.18
C2D HEC D . -0.43 -3.28 3.98
C3D HEC D . 0.43 -3.03 2.97
C4D HEC D . 0.25 -1.64 2.58
CMD HEC D . -0.56 -4.63 4.76
CAD HEC D . 1.36 -4.02 2.31
CBD HEC D . 0.73 -4.78 1.14
CGD HEC D . 1.70 -5.77 0.54
O1D HEC D . 1.52 -6.99 0.77
O2D HEC D . 2.66 -5.30 -0.14
HHA HEC D . 1.76 -1.53 1.10
HHB HEC D . 0.58 4.68 1.86
HHC HEC D . -4.65 3.14 5.16
HHD HEC D . -2.44 -2.73 5.68
HMA1 HEC D . 2.04 3.77 -0.92
HMA2 HEC D . 3.48 3.37 0.01
HMA3 HEC D . 2.31 4.51 0.65
HAA1 HEC D . 3.14 1.05 -1.23
HAA2 HEC D . 2.65 -0.52 -0.59
HBA1 HEC D . 4.03 0.00 1.50
HBA2 HEC D . 4.63 1.44 0.67
HMB1 HEC D . -1.48 6.87 2.14
HMB2 HEC D . -0.06 6.54 3.14
HMB3 HEC D . -1.51 7.22 3.87
HAB HEC D . -4.54 5.16 5.16
HBB1 HEC D . -5.31 6.51 3.57
HBB2 HEC D . -4.42 7.74 4.48
HBB3 HEC D . -3.70 7.01 3.04
HMC1 HEC D . -5.85 1.24 7.50
HMC2 HEC D . -6.79 0.53 6.19
HMC3 HEC D . -6.09 2.14 6.00
HAC HEC D . -5.45 -1.53 7.52
HBC1 HEC D . -6.74 -2.68 7.30
HBC2 HEC D . -6.89 -1.29 6.22
HBC3 HEC D . -6.37 -2.85 5.57
HMD1 HEC D . 0.13 -4.64 5.58
HMD2 HEC D . -0.34 -5.44 4.09
HMD3 HEC D . -1.57 -4.73 5.13
HAD1 HEC D . 1.66 -4.75 3.05
HAD2 HEC D . 2.22 -3.49 1.94
HBD1 HEC D . 0.43 -4.07 0.38
HBD2 HEC D . -0.15 -5.31 1.49
N ALA A 1 -5.93 -13.93 -29.97
CA ALA A 1 -5.19 -12.73 -30.29
C ALA A 1 -4.61 -12.14 -29.00
N SER A 2 -3.62 -11.27 -29.18
CA SER A 2 -2.98 -10.63 -28.05
C SER A 2 -4.01 -9.88 -27.22
N VAL A 3 -4.02 -10.18 -25.93
CA VAL A 3 -4.94 -9.54 -25.01
C VAL A 3 -4.16 -8.84 -23.90
N GLN A 4 -4.90 -8.17 -23.03
CA GLN A 4 -4.29 -7.46 -21.92
C GLN A 4 -5.17 -7.57 -20.68
N ILE A 5 -4.52 -7.51 -19.52
CA ILE A 5 -5.24 -7.60 -18.26
C ILE A 5 -5.07 -6.29 -17.49
N LYS A 6 -6.18 -5.58 -17.36
CA LYS A 6 -6.17 -4.31 -16.66
C LYS A 6 -6.53 -4.54 -15.19
N MET A 7 -5.75 -3.93 -14.31
CA MET A 7 -5.97 -4.06 -12.89
C MET A 7 -6.59 -2.78 -12.31
N GLY A 8 -7.90 -2.81 -12.17
CA GLY A 8 -8.62 -1.66 -11.63
C GLY A 8 -9.60 -1.10 -12.65
N THR A 9 -10.73 -0.62 -12.15
CA THR A 9 -11.75 -0.06 -13.01
C THR A 9 -11.82 1.46 -12.84
N ASP A 10 -12.40 2.12 -13.83
CA ASP A 10 -12.53 3.56 -13.79
C ASP A 10 -13.34 3.97 -12.56
N LYS A 11 -14.02 2.98 -11.99
CA LYS A 11 -14.83 3.23 -10.80
C LYS A 11 -13.98 3.00 -9.56
N TYR A 12 -12.73 3.45 -9.64
CA TYR A 12 -11.81 3.30 -8.52
C TYR A 12 -12.00 1.96 -7.82
N ALA A 13 -12.44 0.97 -8.60
CA ALA A 13 -12.66 -0.36 -8.07
C ALA A 13 -11.53 -1.28 -8.51
N PRO A 14 -10.79 -1.80 -7.50
CA PRO A 14 -9.68 -2.69 -7.78
C PRO A 14 -10.18 -4.08 -8.17
N LEU A 15 -10.22 -4.31 -9.48
CA LEU A 15 -10.68 -5.59 -10.00
C LEU A 15 -9.99 -5.87 -11.34
N TYR A 16 -9.83 -7.15 -11.63
CA TYR A 16 -9.18 -7.56 -12.87
C TYR A 16 -10.15 -7.43 -14.05
N GLU A 17 -9.70 -6.70 -15.07
CA GLU A 17 -10.52 -6.50 -16.25
C GLU A 17 -9.70 -6.81 -17.52
N PRO A 18 -10.34 -7.56 -18.45
CA PRO A 18 -11.70 -8.02 -18.23
C PRO A 18 -11.75 -9.17 -17.21
N LYS A 19 -12.76 -9.14 -16.36
CA LYS A 19 -12.92 -10.17 -15.35
C LYS A 19 -12.57 -11.53 -15.96
N ALA A 20 -13.01 -11.72 -17.20
CA ALA A 20 -12.76 -12.96 -17.90
C ALA A 20 -11.95 -12.68 -19.17
N LEU A 21 -11.09 -13.63 -19.51
CA LEU A 21 -10.26 -13.49 -20.69
C LEU A 21 -10.09 -14.85 -21.36
N SER A 22 -10.11 -14.83 -22.68
CA SER A 22 -9.97 -16.06 -23.46
C SER A 22 -8.89 -15.88 -24.53
N ILE A 23 -8.15 -16.95 -24.76
CA ILE A 23 -7.09 -16.93 -25.75
C ILE A 23 -6.85 -18.35 -26.26
N SER A 24 -5.85 -18.48 -27.14
CA SER A 24 -5.51 -19.77 -27.71
C SER A 24 -4.06 -20.11 -27.37
N ALA A 25 -3.76 -21.40 -27.43
CA ALA A 25 -2.42 -21.87 -27.14
C ALA A 25 -1.42 -21.20 -28.09
N GLY A 26 -0.68 -20.24 -27.56
CA GLY A 26 0.30 -19.52 -28.34
C GLY A 26 0.05 -18.00 -28.27
N ASP A 27 -1.07 -17.65 -27.65
CA ASP A 27 -1.43 -16.25 -27.51
C ASP A 27 -0.69 -15.65 -26.32
N THR A 28 -0.84 -14.35 -26.16
CA THR A 28 -0.19 -13.65 -25.06
C THR A 28 -1.24 -12.91 -24.22
N VAL A 29 -0.88 -12.69 -22.95
CA VAL A 29 -1.77 -12.00 -22.04
C VAL A 29 -0.99 -10.91 -21.30
N GLU A 30 -1.19 -9.68 -21.75
CA GLU A 30 -0.52 -8.53 -21.14
C GLU A 30 -1.21 -8.15 -19.84
N PHE A 31 -0.55 -7.27 -19.10
CA PHE A 31 -1.08 -6.80 -17.84
C PHE A 31 -0.67 -5.35 -17.56
N VAL A 32 -1.69 -4.51 -17.40
CA VAL A 32 -1.46 -3.10 -17.15
C VAL A 32 -2.18 -2.69 -15.85
N MET A 33 -1.68 -1.64 -15.24
CA MET A 33 -2.26 -1.15 -14.00
C MET A 33 -3.20 0.04 -14.27
N ASN A 34 -4.45 -0.15 -13.92
CA ASN A 34 -5.45 0.88 -14.12
C ASN A 34 -5.32 1.93 -13.01
N LYS A 35 -5.62 1.49 -11.79
CA LYS A 35 -5.54 2.37 -10.64
C LYS A 35 -5.67 1.54 -9.36
N VAL A 36 -5.87 2.25 -8.25
CA VAL A 36 -6.00 1.59 -6.96
C VAL A 36 -4.90 0.55 -6.81
N GLY A 37 -3.67 1.00 -6.98
CA GLY A 37 -2.52 0.12 -6.86
C GLY A 37 -1.96 0.13 -5.44
N PRO A 38 -0.79 -0.54 -5.27
CA PRO A 38 -0.15 -1.21 -6.39
C PRO A 38 -0.88 -2.51 -6.75
N HIS A 39 -0.24 -3.29 -7.60
CA HIS A 39 -0.82 -4.55 -8.03
C HIS A 39 0.30 -5.59 -8.21
N ASN A 40 -0.08 -6.72 -8.78
CA ASN A 40 0.87 -7.79 -9.02
C ASN A 40 0.13 -9.02 -9.56
N VAL A 41 0.91 -9.96 -10.06
CA VAL A 41 0.34 -11.18 -10.61
C VAL A 41 0.54 -12.33 -9.62
N ILE A 42 -0.57 -12.83 -9.09
CA ILE A 42 -0.53 -13.92 -8.13
C ILE A 42 -1.56 -14.97 -8.54
N PHE A 43 -1.20 -15.74 -9.56
CA PHE A 43 -2.08 -16.79 -10.05
C PHE A 43 -2.61 -17.65 -8.89
N ASP A 44 -3.70 -18.35 -9.17
CA ASP A 44 -4.31 -19.21 -8.17
C ASP A 44 -3.83 -20.64 -8.36
N LYS A 45 -3.94 -21.10 -9.60
CA LYS A 45 -3.52 -22.45 -9.94
C LYS A 45 -4.03 -22.80 -11.34
N VAL A 46 -3.21 -23.56 -12.07
CA VAL A 46 -3.57 -23.97 -13.42
C VAL A 46 -3.39 -25.48 -13.53
N PRO A 47 -4.10 -26.06 -14.54
CA PRO A 47 -4.03 -27.49 -14.77
C PRO A 47 -2.71 -27.87 -15.45
N ALA A 48 -2.41 -29.16 -15.41
CA ALA A 48 -1.18 -29.67 -16.01
C ALA A 48 -0.94 -28.95 -17.34
N GLY A 49 0.31 -28.55 -17.54
CA GLY A 49 0.68 -27.85 -18.75
C GLY A 49 1.53 -26.61 -18.44
N GLU A 50 0.97 -25.75 -17.62
CA GLU A 50 1.66 -24.53 -17.24
C GLU A 50 2.05 -24.58 -15.76
N SER A 51 2.57 -23.46 -15.28
CA SER A 51 2.98 -23.36 -13.89
C SER A 51 2.44 -22.08 -13.27
N ALA A 52 1.16 -22.10 -12.92
CA ALA A 52 0.52 -20.94 -12.33
C ALA A 52 1.33 -20.49 -11.11
N PRO A 53 1.62 -21.47 -10.21
CA PRO A 53 2.37 -21.19 -9.01
C PRO A 53 3.85 -21.02 -9.32
N ALA A 54 4.13 -20.17 -10.30
CA ALA A 54 5.49 -19.90 -10.72
C ALA A 54 5.56 -18.55 -11.42
N LEU A 55 4.60 -18.33 -12.31
CA LEU A 55 4.54 -17.08 -13.05
C LEU A 55 4.23 -15.93 -12.08
N SER A 56 3.55 -16.28 -11.01
CA SER A 56 3.18 -15.29 -10.01
C SER A 56 4.39 -14.42 -9.67
N ASN A 57 4.26 -13.14 -10.00
CA ASN A 57 5.34 -12.19 -9.74
C ASN A 57 4.92 -11.27 -8.59
N THR A 58 5.69 -11.34 -7.51
CA THR A 58 5.42 -10.53 -6.34
C THR A 58 6.15 -9.19 -6.45
N LYS A 59 6.50 -8.82 -7.68
CA LYS A 59 7.20 -7.57 -7.93
C LYS A 59 6.19 -6.44 -8.06
N LEU A 60 5.48 -6.18 -6.97
CA LEU A 60 4.49 -5.14 -6.95
C LEU A 60 5.01 -3.92 -7.72
N ALA A 61 4.52 -3.78 -8.94
CA ALA A 61 4.93 -2.67 -9.79
C ALA A 61 4.19 -1.40 -9.36
N ILE A 62 4.88 -0.59 -8.57
CA ILE A 62 4.31 0.65 -8.08
C ILE A 62 4.14 1.62 -9.25
N ALA A 63 5.19 1.71 -10.05
CA ALA A 63 5.17 2.61 -11.21
C ALA A 63 4.07 2.15 -12.16
N PRO A 64 3.01 3.01 -12.28
CA PRO A 64 1.89 2.71 -13.15
C PRO A 64 2.28 2.94 -14.62
N GLY A 65 1.82 2.03 -15.47
CA GLY A 65 2.10 2.12 -16.89
C GLY A 65 1.71 0.82 -17.60
N SER A 66 2.45 -0.23 -17.31
CA SER A 66 2.20 -1.52 -17.91
C SER A 66 3.18 -2.56 -17.36
N PHE A 67 2.71 -3.31 -16.37
CA PHE A 67 3.52 -4.34 -15.75
C PHE A 67 4.38 -5.05 -16.79
N TYR A 68 3.79 -6.08 -17.40
CA TYR A 68 4.50 -6.85 -18.41
C TYR A 68 3.55 -7.83 -19.10
N SER A 69 4.08 -8.51 -20.11
CA SER A 69 3.30 -9.48 -20.85
C SER A 69 3.94 -10.86 -20.74
N VAL A 70 3.13 -11.87 -21.04
CA VAL A 70 3.61 -13.25 -20.98
C VAL A 70 2.78 -14.11 -21.95
N THR A 71 3.47 -14.98 -22.65
CA THR A 71 2.82 -15.87 -23.60
C THR A 71 2.50 -17.21 -22.95
N LEU A 72 1.39 -17.79 -23.38
CA LEU A 72 0.96 -19.07 -22.83
C LEU A 72 0.78 -20.07 -23.98
N GLY A 73 0.53 -21.31 -23.60
CA GLY A 73 0.34 -22.37 -24.59
C GLY A 73 -0.55 -23.48 -24.04
N THR A 74 -0.27 -23.86 -22.80
CA THR A 74 -1.03 -24.91 -22.15
C THR A 74 -2.53 -24.59 -22.20
N PRO A 75 -3.30 -25.56 -22.76
CA PRO A 75 -4.73 -25.40 -22.89
C PRO A 75 -5.43 -25.59 -21.54
N GLY A 76 -6.44 -24.78 -21.30
CA GLY A 76 -7.18 -24.85 -20.06
C GLY A 76 -7.55 -23.45 -19.56
N THR A 77 -8.22 -23.43 -18.41
CA THR A 77 -8.64 -22.17 -17.81
C THR A 77 -7.73 -21.82 -16.63
N TYR A 78 -7.08 -20.67 -16.74
CA TYR A 78 -6.19 -20.21 -15.69
C TYR A 78 -6.90 -19.21 -14.76
N SER A 79 -6.62 -19.35 -13.48
CA SER A 79 -7.22 -18.47 -12.49
C SER A 79 -6.12 -17.76 -11.67
N PHE A 80 -6.41 -16.53 -11.31
CA PHE A 80 -5.47 -15.74 -10.53
C PHE A 80 -6.19 -14.81 -9.57
N TYR A 81 -5.43 -13.93 -8.94
CA TYR A 81 -5.98 -12.98 -8.00
C TYR A 81 -4.94 -11.95 -7.56
N CYS A 82 -5.42 -10.88 -6.95
CA CYS A 82 -4.54 -9.82 -6.49
C CYS A 82 -4.17 -10.10 -5.04
N THR A 83 -2.87 -10.20 -4.79
CA THR A 83 -2.38 -10.46 -3.45
C THR A 83 -3.00 -9.47 -2.45
N PRO A 84 -2.89 -8.16 -2.81
CA PRO A 84 -3.42 -7.11 -1.95
C PRO A 84 -4.95 -7.05 -2.05
N HIS A 85 -5.42 -6.77 -3.26
CA HIS A 85 -6.85 -6.67 -3.49
C HIS A 85 -7.45 -8.07 -3.54
N ARG A 86 -7.26 -8.80 -2.45
CA ARG A 86 -7.78 -10.16 -2.34
C ARG A 86 -9.21 -10.14 -1.81
N GLY A 87 -9.45 -9.24 -0.86
CA GLY A 87 -10.76 -9.11 -0.25
C GLY A 87 -11.62 -8.12 -1.02
N ALA A 88 -10.94 -7.22 -1.73
CA ALA A 88 -11.64 -6.21 -2.50
C ALA A 88 -12.40 -6.89 -3.64
N GLY A 89 -12.06 -8.15 -3.89
CA GLY A 89 -12.71 -8.90 -4.93
C GLY A 89 -12.10 -8.60 -6.31
N MET A 90 -10.82 -8.93 -6.43
CA MET A 90 -10.11 -8.69 -7.67
C MET A 90 -9.54 -9.99 -8.24
N VAL A 91 -10.43 -10.79 -8.80
CA VAL A 91 -10.03 -12.07 -9.38
C VAL A 91 -10.49 -12.12 -10.84
N GLY A 92 -9.76 -12.90 -11.62
CA GLY A 92 -10.08 -13.05 -13.04
C GLY A 92 -9.73 -14.46 -13.52
N THR A 93 -9.88 -14.65 -14.83
CA THR A 93 -9.60 -15.94 -15.43
C THR A 93 -8.98 -15.75 -16.83
N ILE A 94 -8.35 -16.81 -17.30
CA ILE A 94 -7.72 -16.77 -18.61
C ILE A 94 -7.82 -18.15 -19.26
N THR A 95 -8.43 -18.18 -20.43
CA THR A 95 -8.59 -19.42 -21.17
C THR A 95 -7.60 -19.49 -22.34
N VAL A 96 -7.12 -20.69 -22.60
CA VAL A 96 -6.18 -20.90 -23.69
C VAL A 96 -6.68 -22.04 -24.58
N GLU A 97 -7.72 -21.73 -25.36
CA GLU A 97 -8.30 -22.70 -26.26
C GLU A 97 -7.57 -22.69 -27.61
N TYR B 1 -2.66 0.48 1.80
CA TYR B 1 -2.75 1.42 0.66
C TYR B 1 -3.79 2.46 0.93
N PRO B 2 -3.77 3.55 0.23
CA PRO B 2 -4.76 4.56 0.46
C PRO B 2 -6.11 4.02 0.15
N PHE B 3 -6.17 3.06 -0.78
CA PHE B 3 -7.39 2.45 -1.23
C PHE B 3 -8.03 1.77 -0.05
N TYR B 4 -7.21 1.10 0.77
CA TYR B 4 -7.68 0.37 1.92
C TYR B 4 -8.27 1.33 2.91
N ALA B 5 -7.69 2.54 3.06
CA ALA B 5 -8.27 3.50 3.97
C ALA B 5 -9.64 3.85 3.48
N GLN B 6 -9.81 4.06 2.16
CA GLN B 6 -11.09 4.47 1.65
C GLN B 6 -12.14 3.44 1.95
N TYR B 7 -11.84 2.14 1.76
CA TYR B 7 -12.86 1.16 2.04
C TYR B 7 -13.20 1.09 3.49
N ASN B 8 -12.20 1.14 4.37
CA ASN B 8 -12.42 0.99 5.78
C ASN B 8 -13.03 2.19 6.45
N TYR B 9 -12.59 3.43 6.10
CA TYR B 9 -13.08 4.53 6.90
C TYR B 9 -13.62 5.63 6.03
N ASP B 10 -14.84 6.09 6.36
CA ASP B 10 -15.41 7.16 5.60
C ASP B 10 -14.59 8.39 5.88
N SER B 11 -14.20 8.61 7.16
CA SER B 11 -13.41 9.75 7.51
C SER B 11 -12.03 9.27 7.89
N PRO B 12 -11.05 9.76 7.18
CA PRO B 12 -9.67 9.40 7.37
C PRO B 12 -9.04 9.96 8.61
N ARG B 13 -9.66 10.97 9.26
CA ARG B 13 -9.06 11.57 10.41
C ARG B 13 -9.97 11.33 11.57
N GLU B 14 -9.41 10.73 12.64
CA GLU B 14 -10.16 10.41 13.83
C GLU B 14 -10.30 11.68 14.63
N ALA B 15 -11.22 11.66 15.62
CA ALA B 15 -11.51 12.81 16.42
C ALA B 15 -10.26 13.23 17.12
N THR B 16 -9.45 12.24 17.53
CA THR B 16 -8.22 12.48 18.22
C THR B 16 -7.32 13.23 17.29
N GLY B 17 -7.49 13.01 15.97
CA GLY B 17 -6.64 13.66 15.02
C GLY B 17 -5.75 12.62 14.44
N LYS B 18 -5.87 11.38 14.94
CA LYS B 18 -5.07 10.33 14.40
C LYS B 18 -5.62 9.98 13.04
N ILE B 19 -4.72 9.77 12.07
CA ILE B 19 -5.06 9.42 10.72
C ILE B 19 -5.12 7.93 10.65
N VAL B 20 -6.12 7.40 9.92
CA VAL B 20 -6.51 6.01 9.86
C VAL B 20 -5.41 5.10 9.39
N CYS B 21 -4.45 5.60 8.60
CA CYS B 21 -3.42 4.74 8.07
C CYS B 21 -2.71 4.08 9.22
N ALA B 22 -2.71 4.74 10.39
CA ALA B 22 -2.03 4.30 11.57
C ALA B 22 -2.55 2.97 12.01
N ASN B 23 -3.83 2.65 11.72
CA ASN B 23 -4.36 1.41 12.19
C ASN B 23 -3.54 0.26 11.63
N CYS B 24 -3.22 0.31 10.32
CA CYS B 24 -2.41 -0.69 9.64
C CYS B 24 -0.92 -0.52 9.76
N HIS B 25 -0.43 0.74 9.62
CA HIS B 25 0.99 0.99 9.60
C HIS B 25 1.35 1.45 10.96
N LEU B 26 1.84 0.49 11.75
CA LEU B 26 2.09 0.60 13.16
C LEU B 26 3.23 1.52 13.56
N ALA B 27 4.33 1.59 12.78
CA ALA B 27 5.48 2.34 13.22
C ALA B 27 5.37 3.79 12.86
N LYS B 28 6.02 4.66 13.67
CA LYS B 28 5.96 6.07 13.43
C LYS B 28 7.23 6.51 12.76
N LYS B 29 7.09 7.36 11.72
CA LYS B 29 8.19 7.95 11.00
C LYS B 29 7.75 9.34 10.67
N THR B 30 8.71 10.21 10.30
CA THR B 30 8.40 11.60 10.10
C THR B 30 7.65 11.86 8.84
N VAL B 31 6.89 12.98 8.84
CA VAL B 31 6.21 13.43 7.65
C VAL B 31 6.43 14.92 7.62
N GLU B 32 6.69 15.48 6.41
CA GLU B 32 6.90 16.90 6.35
C GLU B 32 6.02 17.50 5.30
N ILE B 33 5.52 18.72 5.56
CA ILE B 33 4.71 19.40 4.59
C ILE B 33 5.02 20.87 4.64
N GLU B 34 5.17 21.52 3.47
CA GLU B 34 5.40 22.94 3.46
C GLU B 34 4.43 23.59 2.52
N VAL B 35 3.85 24.72 2.95
CA VAL B 35 2.91 25.46 2.15
C VAL B 35 3.16 26.92 2.44
N PRO B 36 2.62 27.78 1.62
CA PRO B 36 2.82 29.19 1.81
C PRO B 36 2.10 29.68 3.04
N GLN B 37 2.53 30.83 3.57
CA GLN B 37 1.95 31.40 4.75
C GLN B 37 0.51 31.72 4.45
N ALA B 38 0.24 32.34 3.29
CA ALA B 38 -1.09 32.72 2.98
C ALA B 38 -1.30 32.60 1.50
N VAL B 39 -2.57 32.50 1.08
CA VAL B 39 -2.88 32.41 -0.33
C VAL B 39 -4.12 33.21 -0.62
N LEU B 40 -4.21 33.76 -1.85
CA LEU B 40 -5.33 34.56 -2.27
C LEU B 40 -6.43 33.62 -2.71
N PRO B 41 -7.66 34.07 -2.72
CA PRO B 41 -8.81 33.22 -2.98
C PRO B 41 -8.73 32.19 -4.05
N ASP B 42 -9.19 32.38 -5.28
CA ASP B 42 -9.12 31.26 -6.18
C ASP B 42 -7.77 31.27 -6.81
N THR B 43 -6.76 30.77 -6.05
CA THR B 43 -5.41 30.79 -6.54
C THR B 43 -4.80 29.43 -6.35
N VAL B 44 -3.72 29.13 -7.10
CA VAL B 44 -3.10 27.85 -7.00
C VAL B 44 -1.78 28.01 -6.30
N PHE B 45 -1.45 27.08 -5.38
CA PHE B 45 -0.22 27.14 -4.66
C PHE B 45 0.29 25.74 -4.50
N LYS B 46 1.57 25.58 -4.09
CA LYS B 46 2.12 24.25 -3.99
C LYS B 46 2.23 23.82 -2.57
N ALA B 47 1.91 22.53 -2.32
CA ALA B 47 2.07 21.92 -1.04
C ALA B 47 3.13 20.88 -1.27
N VAL B 48 4.25 20.98 -0.52
CA VAL B 48 5.35 20.08 -0.72
C VAL B 48 5.35 19.05 0.37
N VAL B 49 5.39 17.76 -0.02
CA VAL B 49 5.33 16.68 0.93
C VAL B 49 6.59 15.86 0.82
N LYS B 50 7.17 15.45 1.98
CA LYS B 50 8.34 14.62 1.97
C LYS B 50 8.15 13.53 2.99
N VAL B 51 8.63 12.30 2.68
CA VAL B 51 8.50 11.18 3.57
C VAL B 51 9.85 10.50 3.68
N PRO B 52 10.64 10.91 4.62
CA PRO B 52 11.99 10.40 4.71
C PRO B 52 12.20 9.02 5.22
N TYR B 53 13.18 8.31 4.61
CA TYR B 53 13.64 7.03 5.08
C TYR B 53 14.98 6.82 4.46
N ASP B 54 15.77 5.86 5.00
CA ASP B 54 17.07 5.63 4.45
C ASP B 54 16.89 4.77 3.22
N LEU B 55 17.28 5.31 2.06
CA LEU B 55 17.14 4.65 0.79
C LEU B 55 17.97 3.41 0.76
N ASP B 56 19.06 3.38 1.54
CA ASP B 56 19.93 2.23 1.57
C ASP B 56 19.25 1.02 2.16
N ILE B 57 18.23 1.19 3.04
CA ILE B 57 17.68 0.04 3.69
C ILE B 57 16.51 -0.52 2.94
N GLN B 58 16.51 -1.86 2.75
CA GLN B 58 15.50 -2.59 2.04
C GLN B 58 14.49 -3.13 3.00
N GLN B 59 13.29 -3.45 2.48
CA GLN B 59 12.16 -3.90 3.24
C GLN B 59 11.78 -5.28 2.80
N VAL B 60 11.08 -6.03 3.69
CA VAL B 60 10.62 -7.34 3.37
C VAL B 60 9.43 -7.15 2.47
N GLN B 61 9.40 -7.88 1.34
CA GLN B 61 8.31 -7.76 0.41
C GLN B 61 7.38 -8.93 0.59
N ALA B 62 6.32 -8.99 -0.24
CA ALA B 62 5.30 -9.98 -0.10
C ALA B 62 5.88 -11.37 -0.20
N ASP B 63 6.84 -11.59 -1.11
CA ASP B 63 7.42 -12.90 -1.29
C ASP B 63 8.35 -13.25 -0.16
N GLY B 64 8.79 -12.26 0.63
CA GLY B 64 9.68 -12.50 1.74
C GLY B 64 11.04 -11.98 1.42
N SER B 65 11.30 -11.66 0.13
CA SER B 65 12.58 -11.14 -0.30
C SER B 65 12.66 -9.66 -0.04
N PRO B 66 13.88 -9.17 -0.03
CA PRO B 66 14.08 -7.74 0.15
C PRO B 66 13.84 -6.92 -1.09
N SER B 67 13.34 -5.68 -0.94
CA SER B 67 13.11 -4.83 -2.08
C SER B 67 12.96 -3.41 -1.60
N GLY B 68 12.65 -2.48 -2.53
CA GLY B 68 12.54 -1.07 -2.23
C GLY B 68 11.23 -0.78 -1.57
N LEU B 69 11.07 0.46 -1.07
CA LEU B 69 9.88 0.88 -0.39
C LEU B 69 9.09 1.77 -1.29
N ASN B 70 7.76 1.80 -1.07
CA ASN B 70 6.85 2.64 -1.82
C ASN B 70 6.30 3.61 -0.82
N VAL B 71 5.84 4.78 -1.29
CA VAL B 71 5.36 5.79 -0.38
C VAL B 71 3.99 6.23 -0.81
N GLY B 72 3.25 6.89 0.10
CA GLY B 72 1.93 7.36 -0.21
C GLY B 72 1.53 8.30 0.87
N ALA B 73 0.43 9.07 0.66
CA ALA B 73 0.05 9.99 1.69
C ALA B 73 -1.38 10.41 1.50
N VAL B 74 -1.95 11.00 2.57
CA VAL B 74 -3.26 11.58 2.53
C VAL B 74 -3.04 13.00 2.95
N LEU B 75 -3.51 13.97 2.13
CA LEU B 75 -3.33 15.35 2.47
C LEU B 75 -4.68 15.94 2.68
N MET B 76 -4.99 16.38 3.92
CA MET B 76 -6.31 16.89 4.16
C MET B 76 -6.26 18.38 4.16
N LEU B 77 -6.92 18.97 3.15
CA LEU B 77 -6.98 20.40 3.00
C LEU B 77 -8.26 20.88 3.60
N PRO B 78 -8.35 22.17 3.78
CA PRO B 78 -9.53 22.76 4.36
C PRO B 78 -10.67 22.69 3.41
N GLU B 79 -11.91 22.92 3.91
CA GLU B 79 -13.08 22.85 3.07
C GLU B 79 -12.91 23.81 1.94
N GLY B 80 -13.33 23.37 0.74
CA GLY B 80 -13.35 24.20 -0.43
C GLY B 80 -12.07 24.08 -1.21
N PHE B 81 -10.99 23.60 -0.57
CA PHE B 81 -9.73 23.45 -1.26
C PHE B 81 -9.77 22.18 -2.06
N LYS B 82 -9.13 22.19 -3.25
CA LYS B 82 -9.09 21.01 -4.06
C LYS B 82 -7.80 21.01 -4.83
N LEU B 83 -7.47 19.86 -5.47
CA LEU B 83 -6.29 19.80 -6.28
C LEU B 83 -6.60 20.69 -7.44
N ALA B 84 -5.59 21.42 -7.97
CA ALA B 84 -5.86 22.37 -9.02
C ALA B 84 -6.03 21.67 -10.32
N PRO B 85 -6.93 22.18 -11.13
CA PRO B 85 -7.13 21.65 -12.45
C PRO B 85 -5.97 22.10 -13.29
N PRO B 86 -5.64 21.33 -14.28
CA PRO B 86 -4.49 21.62 -15.11
C PRO B 86 -4.56 22.99 -15.69
N GLU B 87 -5.76 23.45 -16.08
CA GLU B 87 -5.95 24.70 -16.77
C GLU B 87 -5.55 25.81 -15.87
N ARG B 88 -5.81 25.63 -14.57
CA ARG B 88 -5.56 26.59 -13.53
C ARG B 88 -4.10 26.74 -13.20
N VAL B 89 -3.25 25.74 -13.45
CA VAL B 89 -1.87 25.86 -13.04
C VAL B 89 -1.13 26.81 -13.92
N ASP B 90 -0.45 27.81 -13.31
CA ASP B 90 0.24 28.77 -14.11
C ASP B 90 1.46 28.15 -14.73
N GLU B 91 1.99 28.82 -15.78
CA GLU B 91 3.00 28.28 -16.65
C GLU B 91 4.28 27.94 -15.96
N GLU B 92 4.83 28.82 -15.11
CA GLU B 92 6.11 28.52 -14.54
C GLU B 92 6.00 27.28 -13.71
N LEU B 93 4.88 27.15 -12.99
CA LEU B 93 4.60 26.12 -12.03
C LEU B 93 4.37 24.74 -12.57
N MET B 94 3.83 24.58 -13.79
CA MET B 94 3.37 23.29 -14.24
C MET B 94 4.44 22.25 -14.16
N GLU B 95 5.68 22.57 -14.54
CA GLU B 95 6.72 21.59 -14.49
C GLU B 95 7.08 21.22 -13.07
N GLU B 96 6.96 22.19 -12.14
CA GLU B 96 7.33 22.08 -10.75
C GLU B 96 6.45 21.14 -9.98
N VAL B 97 5.20 20.93 -10.42
CA VAL B 97 4.28 20.17 -9.64
C VAL B 97 4.17 18.77 -10.16
N GLY B 98 3.71 17.84 -9.31
CA GLY B 98 3.57 16.48 -9.73
C GLY B 98 2.59 16.52 -10.83
N ASP B 99 2.58 15.46 -11.69
CA ASP B 99 1.62 15.39 -12.75
C ASP B 99 0.34 15.53 -12.03
N PHE B 100 -0.24 16.72 -12.23
CA PHE B 100 -1.34 17.17 -11.44
C PHE B 100 -2.42 16.19 -11.53
N TYR B 101 -2.80 15.79 -12.74
CA TYR B 101 -3.93 14.95 -12.65
C TYR B 101 -3.67 13.61 -12.07
N TYR B 102 -2.72 12.91 -12.70
CA TYR B 102 -2.53 11.49 -12.52
C TYR B 102 -2.22 11.08 -11.13
N LEU B 103 -1.29 11.76 -10.46
CA LEU B 103 -0.88 11.32 -9.15
C LEU B 103 -1.97 11.43 -8.12
N VAL B 104 -2.86 12.44 -8.25
CA VAL B 104 -3.80 12.75 -7.19
C VAL B 104 -5.18 12.20 -7.38
N THR B 105 -5.72 11.58 -6.30
CA THR B 105 -7.05 11.04 -6.31
C THR B 105 -7.81 11.56 -5.12
N PRO B 106 -9.06 11.91 -5.31
CA PRO B 106 -9.86 12.39 -4.21
C PRO B 106 -10.26 11.25 -3.33
N TYR B 107 -10.46 11.52 -2.03
CA TYR B 107 -10.80 10.50 -1.08
C TYR B 107 -12.15 9.95 -1.44
N SER B 108 -13.08 10.86 -1.80
CA SER B 108 -14.42 10.50 -2.19
C SER B 108 -14.94 11.63 -3.01
N GLU B 109 -16.14 11.46 -3.60
CA GLU B 109 -16.69 12.48 -4.45
C GLU B 109 -16.92 13.73 -3.66
N THR B 110 -17.47 13.58 -2.43
CA THR B 110 -17.78 14.67 -1.54
C THR B 110 -16.53 15.27 -0.95
N ASP B 111 -15.49 14.43 -0.78
CA ASP B 111 -14.20 14.54 -0.15
C ASP B 111 -13.06 15.14 -0.95
N GLU B 112 -13.32 15.92 -2.02
CA GLU B 112 -12.29 16.40 -2.90
C GLU B 112 -11.18 17.13 -2.19
N ASN B 113 -11.45 17.70 -0.99
CA ASN B 113 -10.46 18.39 -0.20
C ASN B 113 -9.44 17.42 0.35
N ILE B 114 -9.76 16.11 0.42
CA ILE B 114 -8.82 15.14 0.92
C ILE B 114 -8.21 14.43 -0.26
N LEU B 115 -6.88 14.57 -0.42
CA LEU B 115 -6.14 14.09 -1.56
C LEU B 115 -5.28 12.92 -1.18
N LEU B 116 -5.28 11.87 -2.03
CA LEU B 116 -4.50 10.68 -1.79
C LEU B 116 -3.50 10.55 -2.90
N ALA B 117 -2.28 10.06 -2.57
CA ALA B 117 -1.28 9.83 -3.58
C ALA B 117 -0.60 8.53 -3.21
N GLY B 118 -0.12 7.78 -4.21
CA GLY B 118 0.60 6.57 -3.94
C GLY B 118 -0.29 5.38 -4.07
N PRO B 119 0.30 4.20 -4.00
CA PRO B 119 1.72 4.11 -3.79
C PRO B 119 2.56 4.50 -4.96
N LEU B 120 3.73 5.11 -4.67
CA LEU B 120 4.68 5.54 -5.67
C LEU B 120 6.01 5.00 -5.23
N PRO B 121 6.93 4.83 -6.14
CA PRO B 121 8.23 4.34 -5.77
C PRO B 121 8.94 5.37 -4.94
N GLY B 122 9.49 4.98 -3.79
CA GLY B 122 10.11 5.88 -2.86
C GLY B 122 11.33 6.51 -3.46
N GLU B 123 12.10 5.75 -4.25
CA GLU B 123 13.33 6.28 -4.78
C GLU B 123 13.03 7.42 -5.71
N ASP B 124 11.93 7.31 -6.49
CA ASP B 124 11.55 8.28 -7.47
C ASP B 124 11.04 9.56 -6.86
N TYR B 125 10.23 9.49 -5.77
CA TYR B 125 9.63 10.71 -5.31
C TYR B 125 10.18 11.15 -3.99
N GLN B 126 11.23 11.98 -4.03
CA GLN B 126 11.78 12.54 -2.82
C GLN B 126 10.82 13.55 -2.30
N GLU B 127 10.17 14.27 -3.22
CA GLU B 127 9.25 15.31 -2.85
C GLU B 127 8.02 15.09 -3.69
N MET B 128 6.82 15.25 -3.09
CA MET B 128 5.61 15.12 -3.85
C MET B 128 5.00 16.47 -3.80
N ILE B 129 4.79 17.12 -4.95
CA ILE B 129 4.28 18.47 -4.89
C ILE B 129 2.88 18.52 -5.40
N PHE B 130 1.94 18.92 -4.52
CA PHE B 130 0.55 18.95 -4.91
C PHE B 130 0.18 20.35 -5.31
N PRO B 131 -0.36 20.53 -6.49
CA PRO B 131 -0.85 21.79 -6.97
C PRO B 131 -2.16 21.98 -6.27
N ILE B 132 -2.39 23.08 -5.54
CA ILE B 132 -3.65 23.15 -4.85
C ILE B 132 -4.37 24.42 -5.20
N LEU B 133 -5.69 24.32 -5.40
CA LEU B 133 -6.46 25.49 -5.74
C LEU B 133 -7.31 25.88 -4.55
N SER B 134 -7.17 27.13 -4.08
CA SER B 134 -7.94 27.62 -2.96
C SER B 134 -9.34 27.97 -3.41
N PRO B 135 -10.28 27.95 -2.48
CA PRO B 135 -11.66 28.30 -2.74
C PRO B 135 -11.86 29.78 -2.79
N ASN B 136 -13.08 30.24 -3.16
CA ASN B 136 -13.37 31.66 -3.15
C ASN B 136 -14.58 31.87 -2.30
N PRO B 137 -14.40 32.48 -1.16
CA PRO B 137 -15.50 32.67 -0.25
C PRO B 137 -16.57 33.57 -0.77
N ALA B 138 -16.26 34.50 -1.69
CA ALA B 138 -17.29 35.36 -2.14
C ALA B 138 -18.34 34.52 -2.81
N THR B 139 -17.87 33.59 -3.67
CA THR B 139 -18.74 32.69 -4.37
C THR B 139 -19.24 31.59 -3.48
N ASP B 140 -18.40 31.10 -2.55
CA ASP B 140 -18.77 29.93 -1.77
C ASP B 140 -19.04 30.31 -0.34
N ALA B 141 -20.31 30.12 0.08
CA ALA B 141 -20.83 30.42 1.39
C ALA B 141 -20.20 29.56 2.44
N GLY B 142 -19.91 28.28 2.08
CA GLY B 142 -19.41 27.30 2.99
C GLY B 142 -18.08 27.72 3.55
N VAL B 143 -17.26 28.47 2.79
CA VAL B 143 -15.96 28.81 3.29
C VAL B 143 -15.82 30.29 3.51
N TYR B 144 -14.99 30.65 4.51
CA TYR B 144 -14.75 32.03 4.81
C TYR B 144 -13.26 32.24 4.85
N PHE B 145 -12.82 33.51 4.85
CA PHE B 145 -11.41 33.80 4.92
C PHE B 145 -11.01 33.57 6.34
N GLY B 146 -9.75 33.15 6.56
CA GLY B 146 -9.30 32.91 7.91
C GLY B 146 -8.11 32.00 7.84
N LYS B 147 -7.63 31.56 9.03
CA LYS B 147 -6.50 30.69 9.09
C LYS B 147 -7.01 29.28 9.18
N TYR B 148 -6.39 28.35 8.43
CA TYR B 148 -6.89 27.00 8.45
C TYR B 148 -5.76 26.03 8.64
N SER B 149 -6.09 24.80 9.06
CA SER B 149 -5.10 23.80 9.30
C SER B 149 -5.15 22.78 8.21
N ILE B 150 -3.98 22.21 7.87
CA ILE B 150 -3.87 21.20 6.86
C ILE B 150 -3.26 20.02 7.58
N HIS B 151 -3.79 18.80 7.34
CA HIS B 151 -3.28 17.66 8.04
C HIS B 151 -2.66 16.72 7.06
N LEU B 152 -1.44 16.25 7.35
CA LEU B 152 -0.77 15.35 6.47
C LEU B 152 -0.55 14.03 7.16
N GLY B 153 -0.77 12.93 6.42
CA GLY B 153 -0.49 11.60 6.89
C GLY B 153 0.36 11.00 5.81
N GLY B 154 1.60 10.55 6.15
CA GLY B 154 2.45 10.06 5.10
C GLY B 154 3.08 8.75 5.51
N ASN B 155 3.13 7.80 4.57
CA ASN B 155 3.64 6.50 4.91
C ASN B 155 4.64 6.02 3.89
N ARG B 156 5.56 5.13 4.36
CA ARG B 156 6.50 4.48 3.49
C ARG B 156 6.56 3.06 3.99
N GLY B 157 6.63 2.07 3.09
CA GLY B 157 6.80 0.72 3.52
C GLY B 157 5.48 0.02 3.72
N ARG B 158 5.52 -1.32 3.69
CA ARG B 158 4.37 -2.17 3.78
C ARG B 158 3.82 -2.18 5.17
N GLY B 159 2.47 -2.30 5.27
CA GLY B 159 1.78 -2.27 6.53
C GLY B 159 1.87 -3.60 7.22
N GLN B 160 1.54 -3.59 8.52
CA GLN B 160 1.51 -4.70 9.43
C GLN B 160 0.26 -5.53 9.33
N VAL B 161 -0.91 -4.92 9.03
CA VAL B 161 -2.14 -5.65 9.06
C VAL B 161 -2.88 -5.45 7.78
N TYR B 162 -3.78 -6.40 7.45
CA TYR B 162 -4.53 -6.35 6.22
C TYR B 162 -5.94 -6.01 6.60
N PRO B 163 -6.72 -5.56 5.65
CA PRO B 163 -8.10 -5.27 5.92
C PRO B 163 -8.80 -6.52 6.32
N THR B 164 -8.16 -7.67 6.05
CA THR B 164 -8.65 -8.95 6.46
C THR B 164 -8.61 -8.95 7.95
N GLY B 165 -7.60 -8.28 8.53
CA GLY B 165 -7.44 -8.26 9.95
C GLY B 165 -6.30 -9.16 10.30
N GLU B 166 -5.79 -9.92 9.30
CA GLU B 166 -4.69 -10.79 9.55
C GLU B 166 -3.41 -10.03 9.38
N LEU B 167 -2.35 -10.49 10.09
CA LEU B 167 -1.07 -9.83 10.07
C LEU B 167 -0.34 -10.17 8.81
N SER B 168 0.48 -9.20 8.34
CA SER B 168 1.29 -9.36 7.17
C SER B 168 2.59 -9.97 7.59
N ASN B 169 3.47 -10.26 6.61
CA ASN B 169 4.78 -10.81 6.84
C ASN B 169 5.70 -9.75 7.39
N ASN B 170 5.32 -8.46 7.31
CA ASN B 170 6.18 -7.42 7.81
C ASN B 170 5.75 -7.07 9.21
N ASN B 171 5.78 -8.05 10.14
CA ASN B 171 5.35 -7.80 11.50
C ASN B 171 5.98 -8.81 12.41
N ALA B 172 5.93 -8.57 13.74
CA ALA B 172 6.49 -9.51 14.67
C ALA B 172 5.50 -10.62 14.92
N PHE B 173 6.02 -11.86 15.12
CA PHE B 173 5.16 -12.99 15.40
C PHE B 173 5.51 -13.47 16.78
N SER B 174 4.49 -13.85 17.60
CA SER B 174 4.76 -14.19 18.98
C SER B 174 4.34 -15.60 19.30
N ALA B 175 4.97 -16.18 20.35
CA ALA B 175 4.69 -17.52 20.77
C ALA B 175 3.28 -17.60 21.25
N SER B 176 2.52 -18.56 20.69
CA SER B 176 1.15 -18.76 21.03
C SER B 176 1.07 -19.31 22.42
N ILE B 177 2.12 -20.03 22.87
CA ILE B 177 2.09 -20.60 24.19
C ILE B 177 3.49 -20.73 24.70
N ALA B 178 3.65 -20.85 26.05
CA ALA B 178 4.93 -21.00 26.66
C ALA B 178 5.37 -22.43 26.57
N GLY B 179 6.69 -22.67 26.48
CA GLY B 179 7.18 -24.02 26.40
C GLY B 179 8.57 -24.00 25.84
N THR B 180 9.04 -25.17 25.34
CA THR B 180 10.36 -25.24 24.79
C THR B 180 10.26 -25.52 23.32
N ILE B 181 11.21 -24.99 22.53
CA ILE B 181 11.13 -25.13 21.10
C ILE B 181 11.83 -26.39 20.70
N ALA B 182 11.04 -27.41 20.34
CA ALA B 182 11.53 -28.68 19.90
C ALA B 182 12.18 -28.58 18.55
N ALA B 183 11.57 -27.82 17.61
CA ALA B 183 12.17 -27.77 16.31
C ALA B 183 11.57 -26.65 15.51
N ILE B 184 12.24 -26.27 14.40
CA ILE B 184 11.75 -25.27 13.49
C ILE B 184 12.07 -25.70 12.06
N GLU B 185 11.15 -25.52 11.09
CA GLU B 185 11.31 -25.96 9.70
C GLU B 185 11.37 -24.74 8.78
N ASP B 186 11.97 -24.80 7.53
CA ASP B 186 12.13 -23.53 6.82
C ASP B 186 12.15 -23.45 5.27
N ASN B 187 11.15 -22.77 4.62
CA ASN B 187 11.17 -22.42 3.20
C ASN B 187 11.17 -20.93 3.17
N GLY B 188 11.95 -20.37 4.10
CA GLY B 188 11.92 -18.95 4.29
C GLY B 188 10.88 -18.81 5.34
N PHE B 189 9.76 -19.55 5.13
CA PHE B 189 8.66 -19.62 6.05
C PHE B 189 9.14 -20.53 7.10
N GLY B 190 8.78 -20.23 8.34
CA GLY B 190 9.01 -21.24 9.29
C GLY B 190 7.64 -21.73 9.31
N PHE B 191 7.47 -22.87 8.64
CA PHE B 191 6.20 -23.48 8.52
C PHE B 191 5.84 -23.64 9.93
N ASP B 192 6.85 -23.97 10.76
CA ASP B 192 6.43 -24.07 12.10
C ASP B 192 7.55 -23.95 13.07
N VAL B 193 7.21 -23.31 14.19
CA VAL B 193 8.05 -23.38 15.35
C VAL B 193 7.23 -24.28 16.22
N THR B 194 7.79 -25.43 16.61
CA THR B 194 7.02 -26.33 17.42
C THR B 194 7.40 -26.09 18.84
N ILE B 195 6.38 -25.89 19.70
CA ILE B 195 6.66 -25.62 21.07
C ILE B 195 6.05 -26.68 21.91
N GLN B 196 6.79 -27.16 22.92
CA GLN B 196 6.30 -28.19 23.80
C GLN B 196 5.87 -27.51 25.07
N PRO B 197 4.59 -27.48 25.30
CA PRO B 197 4.12 -26.91 26.53
C PRO B 197 4.43 -27.70 27.76
N GLU B 198 4.12 -27.07 28.90
CA GLU B 198 4.45 -27.50 30.23
C GLU B 198 3.90 -28.87 30.50
N ASP B 199 2.78 -29.27 29.86
CA ASP B 199 2.27 -30.55 30.24
C ASP B 199 2.09 -31.50 29.08
N GLY B 200 3.12 -31.68 28.22
CA GLY B 200 3.07 -32.73 27.24
C GLY B 200 2.59 -32.27 25.89
N ASP B 201 1.74 -31.24 25.81
CA ASP B 201 1.18 -30.86 24.53
C ASP B 201 2.25 -30.25 23.67
N ALA B 202 2.02 -30.25 22.34
CA ALA B 202 2.93 -29.61 21.43
C ALA B 202 2.10 -28.78 20.49
N VAL B 203 2.49 -27.50 20.30
CA VAL B 203 1.74 -26.60 19.48
C VAL B 203 2.63 -26.10 18.39
N VAL B 204 2.03 -25.62 17.28
CA VAL B 204 2.88 -25.19 16.21
C VAL B 204 2.49 -23.80 15.81
N THR B 205 3.48 -22.89 15.70
CA THR B 205 3.18 -21.53 15.33
C THR B 205 3.80 -21.31 13.98
N SER B 206 3.00 -20.84 13.01
CA SER B 206 3.51 -20.68 11.68
C SER B 206 3.86 -19.25 11.47
N ILE B 207 5.06 -19.02 10.88
CA ILE B 207 5.46 -17.67 10.60
C ILE B 207 5.81 -17.65 9.14
N LEU B 208 5.45 -16.56 8.44
CA LEU B 208 5.69 -16.44 7.02
C LEU B 208 7.12 -16.03 6.79
N PRO B 209 7.62 -16.17 5.57
CA PRO B 209 8.96 -15.79 5.23
C PRO B 209 9.07 -14.31 5.45
N GLY B 210 10.26 -13.81 5.84
CA GLY B 210 10.46 -12.39 6.00
C GLY B 210 10.92 -12.04 7.39
N PRO B 211 10.18 -12.35 8.42
CA PRO B 211 10.64 -12.00 9.74
C PRO B 211 11.80 -12.88 10.08
N GLU B 212 12.73 -12.44 10.95
CA GLU B 212 13.85 -13.27 11.25
C GLU B 212 13.69 -13.85 12.63
N LEU B 213 13.87 -15.18 12.74
CA LEU B 213 13.69 -15.86 13.98
C LEU B 213 14.77 -15.47 14.94
N ILE B 214 14.32 -15.03 16.13
CA ILE B 214 15.07 -14.66 17.30
C ILE B 214 15.50 -15.88 18.06
N VAL B 215 14.70 -16.97 18.01
CA VAL B 215 14.89 -18.11 18.86
C VAL B 215 15.51 -19.26 18.17
N ALA B 216 16.04 -20.21 18.97
CA ALA B 216 16.70 -21.39 18.48
C ALA B 216 16.07 -22.58 19.13
N VAL B 217 16.25 -23.75 18.52
CA VAL B 217 15.66 -24.95 19.04
C VAL B 217 16.30 -25.22 20.37
N GLY B 218 15.48 -25.75 21.31
CA GLY B 218 15.93 -26.10 22.62
C GLY B 218 15.79 -24.90 23.51
N ASP B 219 15.21 -23.81 22.99
CA ASP B 219 15.09 -22.61 23.78
C ASP B 219 13.71 -22.54 24.36
N THR B 220 13.61 -22.05 25.61
CA THR B 220 12.33 -21.90 26.25
C THR B 220 11.80 -20.54 25.92
N VAL B 221 10.47 -20.42 25.79
CA VAL B 221 9.88 -19.14 25.49
C VAL B 221 8.62 -18.98 26.28
N GLU B 222 8.33 -17.74 26.70
CA GLU B 222 7.12 -17.47 27.44
C GLU B 222 6.03 -17.20 26.44
N ALA B 223 4.76 -17.31 26.87
CA ALA B 223 3.69 -17.08 25.95
C ALA B 223 3.71 -15.64 25.56
N GLY B 224 3.50 -15.37 24.26
CA GLY B 224 3.42 -14.04 23.76
C GLY B 224 4.79 -13.49 23.50
N GLN B 225 5.85 -14.26 23.83
CA GLN B 225 7.15 -13.69 23.61
C GLN B 225 7.44 -13.69 22.15
N LEU B 226 8.35 -12.78 21.71
CA LEU B 226 8.61 -12.64 20.31
C LEU B 226 9.47 -13.75 19.79
N LEU B 227 8.95 -14.42 18.74
CA LEU B 227 9.59 -15.46 17.98
C LEU B 227 10.53 -14.87 16.99
N THR B 228 10.25 -13.64 16.54
CA THR B 228 11.01 -13.04 15.48
C THR B 228 11.31 -11.60 15.82
N THR B 229 12.18 -10.97 15.02
CA THR B 229 12.48 -9.58 15.23
C THR B 229 11.35 -8.84 14.60
N ASN B 230 11.45 -7.50 14.57
CA ASN B 230 10.46 -6.74 13.87
C ASN B 230 11.13 -6.31 12.61
N PRO B 231 10.74 -6.88 11.50
CA PRO B 231 11.36 -6.60 10.24
C PRO B 231 10.99 -5.25 9.66
N ASN B 232 9.99 -4.57 10.22
CA ASN B 232 9.48 -3.33 9.68
C ASN B 232 10.53 -2.27 9.61
N VAL B 233 10.81 -1.79 8.36
CA VAL B 233 11.69 -0.71 7.98
C VAL B 233 11.01 0.63 7.84
N GLY B 234 9.69 0.65 7.59
CA GLY B 234 9.02 1.89 7.25
C GLY B 234 8.24 2.45 8.39
N GLY B 235 7.23 3.29 8.06
CA GLY B 235 6.42 3.84 9.11
C GLY B 235 5.53 4.91 8.56
N PHE B 236 4.58 5.36 9.41
CA PHE B 236 3.60 6.35 9.06
C PHE B 236 3.71 7.48 10.03
N GLY B 237 3.61 8.74 9.56
CA GLY B 237 3.74 9.86 10.44
C GLY B 237 2.75 10.92 10.03
N GLN B 238 2.49 11.89 10.94
CA GLN B 238 1.56 12.92 10.63
C GLN B 238 2.16 14.25 10.98
N MET B 239 1.75 15.31 10.26
CA MET B 239 2.19 16.62 10.60
C MET B 239 1.15 17.59 10.15
N ASP B 240 0.96 18.66 10.94
CA ASP B 240 -0.05 19.65 10.67
C ASP B 240 0.64 20.94 10.35
N SER B 241 -0.01 21.77 9.52
CA SER B 241 0.51 23.07 9.18
C SER B 241 -0.68 23.97 9.05
N GLU B 242 -0.46 25.30 8.97
CA GLU B 242 -1.57 26.19 8.85
C GLU B 242 -1.35 27.05 7.66
N ILE B 243 -2.44 27.56 7.05
CA ILE B 243 -2.35 28.45 5.93
C ILE B 243 -3.43 29.48 6.10
N VAL B 244 -3.18 30.72 5.62
CA VAL B 244 -4.15 31.77 5.79
C VAL B 244 -4.82 32.02 4.48
N LEU B 245 -6.17 31.93 4.46
CA LEU B 245 -6.91 32.21 3.25
C LEU B 245 -7.11 33.69 3.33
N GLN B 246 -6.42 34.44 2.45
CA GLN B 246 -6.34 35.88 2.55
C GLN B 246 -7.28 36.58 1.62
N SER B 247 -7.59 37.85 1.97
CA SER B 247 -8.45 38.67 1.16
C SER B 247 -7.56 39.47 0.27
N SER B 248 -7.96 39.62 -1.00
CA SER B 248 -7.16 40.32 -1.96
C SER B 248 -7.07 41.74 -1.57
N SER B 249 -6.02 42.39 -2.07
CA SER B 249 -5.82 43.77 -1.77
C SER B 249 -5.75 43.91 -0.26
CU CU C . -5.07 -5.05 -7.58
FE HEC D . -1.23 0.87 3.40
CHA HEC D . 1.05 -0.95 1.67
CHB HEC D . 0.09 3.77 2.17
CHC HEC D . -3.78 2.62 4.79
CHD HEC D . -2.21 -1.90 5.03
NA HEC D . 0.18 1.32 2.10
C1A HEC D . 1.01 0.45 1.45
C2A HEC D . 1.93 1.15 0.56
C3A HEC D . 1.69 2.47 0.74
C4A HEC D . 0.59 2.58 1.68
CMA HEC D . 2.44 3.61 0.08
CAA HEC D . 2.98 0.47 -0.32
CBA HEC D . 4.28 0.43 0.54
CGA HEC D . 5.39 -0.40 -0.08
O1A HEC D . 6.58 -0.12 0.23
O2A HEC D . 5.09 -1.33 -0.86
NB HEC D . -1.73 2.78 3.49
C1B HEC D . -0.99 3.88 3.01
C2B HEC D . -1.66 5.15 3.38
C3B HEC D . -2.78 4.84 4.12
C4B HEC D . -2.81 3.36 4.13
CMB HEC D . -1.14 6.54 3.12
CAB HEC D . -3.70 5.73 4.78
CBB HEC D . -4.33 6.82 3.90
NC HEC D . -2.75 0.45 4.55
C1C HEC D . -3.74 1.26 5.02
C2C HEC D . -4.68 0.54 5.85
C3C HEC D . -4.26 -0.72 5.93
C4C HEC D . -3.03 -0.78 5.14
CMC HEC D . -5.95 1.16 6.42
CAC HEC D . -4.83 -1.80 6.71
CBC HEC D . -6.32 -2.18 6.43
ND HEC D . -0.71 -1.03 3.33
C1D HEC D . -1.15 -2.03 4.18
C2D HEC D . -0.43 -3.28 3.98
C3D HEC D . 0.43 -3.03 2.97
C4D HEC D . 0.25 -1.64 2.58
CMD HEC D . -0.56 -4.63 4.76
CAD HEC D . 1.36 -4.02 2.31
CBD HEC D . 0.73 -4.78 1.14
CGD HEC D . 1.70 -5.77 0.54
O1D HEC D . 1.52 -6.99 0.77
O2D HEC D . 2.66 -5.30 -0.14
HHA HEC D . 1.76 -1.53 1.10
HHB HEC D . 0.58 4.68 1.86
HHC HEC D . -4.65 3.14 5.16
HHD HEC D . -2.44 -2.73 5.68
HMA1 HEC D . 2.04 3.77 -0.92
HMA2 HEC D . 3.48 3.37 0.01
HMA3 HEC D . 2.31 4.51 0.65
HAA1 HEC D . 3.14 1.05 -1.23
HAA2 HEC D . 2.65 -0.52 -0.59
HBA1 HEC D . 4.03 0.00 1.50
HBA2 HEC D . 4.63 1.44 0.67
HMB1 HEC D . -1.48 6.87 2.14
HMB2 HEC D . -0.06 6.54 3.14
HMB3 HEC D . -1.51 7.22 3.87
HAB HEC D . -4.54 5.16 5.16
HBB1 HEC D . -5.31 6.51 3.57
HBB2 HEC D . -4.42 7.74 4.48
HBB3 HEC D . -3.70 7.01 3.04
HMC1 HEC D . -5.85 1.24 7.50
HMC2 HEC D . -6.79 0.53 6.19
HMC3 HEC D . -6.09 2.14 6.00
HAC HEC D . -5.45 -1.53 7.52
HBC1 HEC D . -6.74 -2.68 7.30
HBC2 HEC D . -6.89 -1.29 6.22
HBC3 HEC D . -6.37 -2.85 5.57
HMD1 HEC D . 0.13 -4.64 5.58
HMD2 HEC D . -0.34 -5.44 4.09
HMD3 HEC D . -1.57 -4.73 5.13
HAD1 HEC D . 1.66 -4.75 3.05
HAD2 HEC D . 2.22 -3.49 1.94
HBD1 HEC D . 0.43 -4.07 0.38
HBD2 HEC D . -0.15 -5.31 1.49
N ALA A 1 -11.10 -25.20 -22.39
CA ALA A 1 -10.01 -24.50 -23.04
C ALA A 1 -9.17 -23.79 -21.97
N SER A 2 -7.96 -23.43 -22.36
CA SER A 2 -7.06 -22.74 -21.46
C SER A 2 -7.70 -21.44 -20.95
N VAL A 3 -7.72 -21.32 -19.63
CA VAL A 3 -8.31 -20.14 -19.00
C VAL A 3 -7.26 -19.46 -18.13
N GLN A 4 -7.66 -18.34 -17.55
CA GLN A 4 -6.77 -17.59 -16.68
C GLN A 4 -7.54 -16.99 -15.51
N ILE A 5 -6.84 -16.82 -14.40
CA ILE A 5 -7.45 -16.27 -13.21
C ILE A 5 -6.79 -14.93 -12.88
N LYS A 6 -7.57 -13.86 -13.02
CA LYS A 6 -7.07 -12.53 -12.75
C LYS A 6 -7.39 -12.16 -11.31
N MET A 7 -6.39 -11.62 -10.62
CA MET A 7 -6.54 -11.22 -9.24
C MET A 7 -6.63 -9.70 -9.11
N GLY A 8 -7.86 -9.21 -9.04
CA GLY A 8 -8.09 -7.78 -8.91
C GLY A 8 -8.88 -7.25 -10.11
N THR A 9 -9.75 -6.28 -9.83
CA THR A 9 -10.56 -5.69 -10.87
C THR A 9 -10.08 -4.26 -11.18
N ASP A 10 -10.47 -3.78 -12.36
CA ASP A 10 -10.08 -2.45 -12.78
C ASP A 10 -10.61 -1.43 -11.77
N LYS A 11 -11.55 -1.88 -10.95
CA LYS A 11 -12.14 -1.02 -9.94
C LYS A 11 -11.35 -1.13 -8.64
N TYR A 12 -10.02 -1.20 -8.80
CA TYR A 12 -9.14 -1.31 -7.66
C TYR A 12 -9.75 -2.22 -6.58
N ALA A 13 -10.54 -3.18 -7.05
CA ALA A 13 -11.18 -4.11 -6.13
C ALA A 13 -10.48 -5.46 -6.21
N PRO A 14 -9.89 -5.88 -5.06
CA PRO A 14 -9.19 -7.14 -4.99
C PRO A 14 -10.16 -8.32 -4.96
N LEU A 15 -10.37 -8.90 -6.12
CA LEU A 15 -11.28 -10.04 -6.24
C LEU A 15 -10.83 -10.93 -7.40
N TYR A 16 -11.14 -12.21 -7.27
CA TYR A 16 -10.77 -13.18 -8.29
C TYR A 16 -11.70 -13.09 -9.50
N GLU A 17 -11.10 -12.92 -10.67
CA GLU A 17 -11.86 -12.81 -11.90
C GLU A 17 -11.29 -13.76 -12.95
N PRO A 18 -12.22 -14.49 -13.63
CA PRO A 18 -13.64 -14.34 -13.35
C PRO A 18 -14.01 -15.04 -12.04
N LYS A 19 -14.89 -14.39 -11.30
CA LYS A 19 -15.33 -14.94 -10.02
C LYS A 19 -15.53 -16.45 -10.16
N ALA A 20 -16.09 -16.84 -11.29
CA ALA A 20 -16.33 -18.24 -11.56
C ALA A 20 -15.56 -18.66 -12.82
N LEU A 21 -15.11 -19.91 -12.80
CA LEU A 21 -14.36 -20.45 -13.93
C LEU A 21 -14.73 -21.91 -14.13
N SER A 22 -14.82 -22.30 -15.40
CA SER A 22 -15.17 -23.66 -15.73
C SER A 22 -14.17 -24.22 -16.76
N ILE A 23 -13.87 -25.50 -16.61
CA ILE A 23 -12.94 -26.16 -17.51
C ILE A 23 -13.24 -27.66 -17.54
N SER A 24 -12.42 -28.38 -18.29
CA SER A 24 -12.58 -29.82 -18.41
C SER A 24 -11.32 -30.53 -17.92
N ALA A 25 -11.50 -31.80 -17.56
CA ALA A 25 -10.38 -32.59 -17.07
C ALA A 25 -9.29 -32.64 -18.14
N GLY A 26 -8.23 -31.89 -17.89
CA GLY A 26 -7.11 -31.84 -18.82
C GLY A 26 -6.81 -30.39 -19.23
N ASP A 27 -7.69 -29.49 -18.81
CA ASP A 27 -7.53 -28.09 -19.13
C ASP A 27 -6.55 -27.45 -18.14
N THR A 28 -6.23 -26.19 -18.40
CA THR A 28 -5.31 -25.46 -17.55
C THR A 28 -5.96 -24.18 -17.02
N VAL A 29 -5.47 -23.74 -15.88
CA VAL A 29 -6.01 -22.53 -15.26
C VAL A 29 -4.84 -21.61 -14.87
N GLU A 30 -4.64 -20.59 -15.68
CA GLU A 30 -3.57 -19.64 -15.43
C GLU A 30 -3.98 -18.65 -14.34
N PHE A 31 -3.01 -17.87 -13.89
CA PHE A 31 -3.26 -16.89 -12.86
C PHE A 31 -2.36 -15.66 -13.04
N VAL A 32 -3.00 -14.51 -13.19
CA VAL A 32 -2.27 -13.27 -13.37
C VAL A 32 -2.72 -12.26 -12.30
N MET A 33 -1.84 -11.32 -12.02
CA MET A 33 -2.13 -10.29 -11.03
C MET A 33 -2.61 -9.01 -11.70
N ASN A 34 -3.83 -8.62 -11.35
CA ASN A 34 -4.41 -7.41 -11.92
C ASN A 34 -3.86 -6.19 -11.19
N LYS A 35 -4.20 -6.10 -9.90
CA LYS A 35 -3.75 -4.98 -9.08
C LYS A 35 -4.07 -5.29 -7.62
N VAL A 36 -3.94 -4.26 -6.80
CA VAL A 36 -4.21 -4.39 -5.37
C VAL A 36 -3.53 -5.66 -4.85
N GLY A 37 -2.23 -5.74 -5.09
CA GLY A 37 -1.45 -6.89 -4.65
C GLY A 37 -0.84 -6.64 -3.28
N PRO A 38 0.04 -7.59 -2.86
CA PRO A 38 0.34 -8.75 -3.68
C PRO A 38 -0.83 -9.75 -3.65
N HIS A 39 -0.55 -10.93 -4.19
CA HIS A 39 -1.56 -11.98 -4.24
C HIS A 39 -0.90 -13.34 -4.02
N ASN A 40 -1.68 -14.39 -4.24
CA ASN A 40 -1.18 -15.75 -4.08
C ASN A 40 -2.34 -16.74 -4.25
N VAL A 41 -1.99 -18.00 -4.40
CA VAL A 41 -2.97 -19.04 -4.57
C VAL A 41 -3.12 -19.83 -3.26
N ILE A 42 -4.30 -19.71 -2.67
CA ILE A 42 -4.57 -20.40 -1.41
C ILE A 42 -5.93 -21.09 -1.52
N PHE A 43 -5.94 -22.21 -2.23
CA PHE A 43 -7.15 -22.98 -2.41
C PHE A 43 -7.87 -23.20 -1.07
N ASP A 44 -9.14 -23.52 -1.17
CA ASP A 44 -9.95 -23.76 0.02
C ASP A 44 -10.02 -25.25 0.30
N LYS A 45 -10.36 -26.00 -0.74
CA LYS A 45 -10.45 -27.45 -0.62
C LYS A 45 -11.16 -28.01 -1.86
N VAL A 46 -10.70 -29.18 -2.27
CA VAL A 46 -11.27 -29.84 -3.44
C VAL A 46 -11.64 -31.27 -3.09
N PRO A 47 -12.58 -31.84 -3.89
CA PRO A 47 -13.02 -33.21 -3.67
C PRO A 47 -11.97 -34.22 -4.13
N ALA A 48 -12.13 -35.44 -3.67
CA ALA A 48 -11.20 -36.51 -4.03
C ALA A 48 -10.82 -36.37 -5.51
N GLY A 49 -9.52 -36.52 -5.76
CA GLY A 49 -9.01 -36.40 -7.11
C GLY A 49 -7.76 -35.52 -7.16
N GLU A 50 -7.93 -34.29 -6.68
CA GLU A 50 -6.83 -33.34 -6.66
C GLU A 50 -6.39 -33.07 -5.22
N SER A 51 -5.48 -32.12 -5.07
CA SER A 51 -4.98 -31.76 -3.77
C SER A 51 -4.98 -30.24 -3.61
N ALA A 52 -6.17 -29.71 -3.34
CA ALA A 52 -6.31 -28.27 -3.16
C ALA A 52 -5.32 -27.78 -2.11
N PRO A 53 -5.35 -28.47 -0.94
CA PRO A 53 -4.45 -28.12 0.16
C PRO A 53 -3.03 -28.58 -0.13
N ALA A 54 -2.54 -28.23 -1.31
CA ALA A 54 -1.20 -28.60 -1.72
C ALA A 54 -0.71 -27.64 -2.80
N LEU A 55 -1.59 -27.39 -3.76
CA LEU A 55 -1.27 -26.49 -4.86
C LEU A 55 -1.08 -25.06 -4.31
N SER A 56 -1.78 -24.80 -3.21
CA SER A 56 -1.70 -23.49 -2.59
C SER A 56 -0.25 -23.04 -2.48
N ASN A 57 0.06 -21.97 -3.20
CA ASN A 57 1.40 -21.43 -3.20
C ASN A 57 1.42 -20.11 -2.41
N THR A 58 2.19 -20.12 -1.33
CA THR A 58 2.30 -18.94 -0.48
C THR A 58 3.44 -18.05 -0.97
N LYS A 59 3.81 -18.23 -2.23
CA LYS A 59 4.88 -17.44 -2.82
C LYS A 59 4.32 -16.13 -3.34
N LEU A 60 3.83 -15.31 -2.41
CA LEU A 60 3.26 -14.03 -2.77
C LEU A 60 4.13 -13.38 -3.86
N ALA A 61 3.63 -13.45 -5.09
CA ALA A 61 4.33 -12.88 -6.21
C ALA A 61 4.12 -11.37 -6.24
N ILE A 62 5.11 -10.65 -5.70
CA ILE A 62 5.04 -9.20 -5.65
C ILE A 62 5.14 -8.64 -7.08
N ALA A 63 6.10 -9.17 -7.81
CA ALA A 63 6.31 -8.73 -9.19
C ALA A 63 5.06 -9.03 -10.02
N PRO A 64 4.37 -7.94 -10.43
CA PRO A 64 3.16 -8.08 -11.23
C PRO A 64 3.49 -8.46 -12.67
N GLY A 65 2.69 -9.37 -13.21
CA GLY A 65 2.89 -9.82 -14.58
C GLY A 65 2.02 -11.05 -14.87
N SER A 66 2.37 -12.15 -14.22
CA SER A 66 1.64 -13.40 -14.42
C SER A 66 2.22 -14.49 -13.52
N PHE A 67 1.59 -14.68 -12.38
CA PHE A 67 2.04 -15.69 -11.42
C PHE A 67 2.53 -16.94 -12.15
N TYR A 68 1.58 -17.83 -12.44
CA TYR A 68 1.90 -19.07 -13.12
C TYR A 68 0.63 -19.81 -13.52
N SER A 69 0.82 -20.91 -14.24
CA SER A 69 -0.31 -21.72 -14.69
C SER A 69 -0.18 -23.13 -14.12
N VAL A 70 -1.30 -23.83 -14.13
CA VAL A 70 -1.34 -25.19 -13.63
C VAL A 70 -2.48 -25.96 -14.31
N THR A 71 -2.17 -27.20 -14.67
CA THR A 71 -3.16 -28.04 -15.33
C THR A 71 -3.88 -28.91 -14.31
N LEU A 72 -5.15 -29.17 -14.58
CA LEU A 72 -5.97 -29.98 -13.70
C LEU A 72 -6.56 -31.16 -14.49
N GLY A 73 -7.20 -32.06 -13.75
CA GLY A 73 -7.81 -33.22 -14.37
C GLY A 73 -9.00 -33.73 -13.54
N THR A 74 -8.78 -33.78 -12.24
CA THR A 74 -9.81 -34.23 -11.33
C THR A 74 -11.10 -33.45 -11.55
N PRO A 75 -12.20 -34.21 -11.82
CA PRO A 75 -13.49 -33.60 -12.05
C PRO A 75 -14.12 -33.11 -10.74
N GLY A 76 -14.77 -31.96 -10.82
CA GLY A 76 -15.41 -31.38 -9.66
C GLY A 76 -15.23 -29.86 -9.63
N THR A 77 -15.77 -29.25 -8.58
CA THR A 77 -15.67 -27.80 -8.43
C THR A 77 -14.63 -27.45 -7.36
N TYR A 78 -13.63 -26.70 -7.79
CA TYR A 78 -12.57 -26.28 -6.90
C TYR A 78 -12.83 -24.87 -6.36
N SER A 79 -12.51 -24.69 -5.09
CA SER A 79 -12.70 -23.40 -4.44
C SER A 79 -11.38 -22.92 -3.84
N PHE A 80 -11.19 -21.61 -3.89
CA PHE A 80 -9.99 -21.00 -3.36
C PHE A 80 -10.28 -19.63 -2.76
N TYR A 81 -9.20 -18.93 -2.41
CA TYR A 81 -9.33 -17.61 -1.83
C TYR A 81 -7.96 -16.93 -1.69
N CYS A 82 -8.00 -15.63 -1.46
CA CYS A 82 -6.78 -14.86 -1.31
C CYS A 82 -6.43 -14.78 0.18
N THR A 83 -5.24 -15.26 0.50
CA THR A 83 -4.79 -15.25 1.88
C THR A 83 -4.94 -13.85 2.49
N PRO A 84 -4.41 -12.84 1.74
CA PRO A 84 -4.49 -11.47 2.20
C PRO A 84 -5.90 -10.91 2.01
N HIS A 85 -6.32 -10.85 0.76
CA HIS A 85 -7.65 -10.34 0.44
C HIS A 85 -8.70 -11.38 0.81
N ARG A 86 -8.70 -11.76 2.08
CA ARG A 86 -9.65 -12.74 2.57
C ARG A 86 -10.94 -12.05 3.01
N GLY A 87 -10.78 -10.89 3.62
CA GLY A 87 -11.92 -10.13 4.10
C GLY A 87 -12.44 -9.18 3.02
N ALA A 88 -11.54 -8.84 2.10
CA ALA A 88 -11.89 -7.94 1.01
C ALA A 88 -12.92 -8.62 0.11
N GLY A 89 -13.05 -9.93 0.28
CA GLY A 89 -14.00 -10.70 -0.51
C GLY A 89 -13.41 -11.06 -1.87
N MET A 90 -12.34 -11.84 -1.83
CA MET A 90 -11.67 -12.25 -3.05
C MET A 90 -11.63 -13.78 -3.16
N VAL A 91 -12.79 -14.35 -3.48
CA VAL A 91 -12.89 -15.79 -3.61
C VAL A 91 -13.43 -16.13 -5.01
N GLY A 92 -13.08 -17.33 -5.47
CA GLY A 92 -13.52 -17.77 -6.78
C GLY A 92 -13.72 -19.29 -6.79
N THR A 93 -14.02 -19.81 -7.98
CA THR A 93 -14.25 -21.23 -8.15
C THR A 93 -13.70 -21.71 -9.50
N ILE A 94 -13.51 -23.02 -9.59
CA ILE A 94 -12.99 -23.60 -10.81
C ILE A 94 -13.61 -24.99 -11.01
N THR A 95 -14.27 -25.17 -12.14
CA THR A 95 -14.90 -26.43 -12.46
C THR A 95 -14.09 -27.19 -13.51
N VAL A 96 -14.07 -28.51 -13.35
CA VAL A 96 -13.35 -29.36 -14.28
C VAL A 96 -14.27 -30.46 -14.80
N GLU A 97 -15.17 -30.06 -15.68
CA GLU A 97 -16.11 -30.99 -16.26
C GLU A 97 -15.52 -31.66 -17.51
N TYR B 1 -2.66 0.48 1.80
CA TYR B 1 -2.75 1.42 0.66
C TYR B 1 -3.79 2.46 0.93
N PRO B 2 -3.77 3.55 0.23
CA PRO B 2 -4.76 4.56 0.46
C PRO B 2 -6.11 4.02 0.15
N PHE B 3 -6.17 3.06 -0.78
CA PHE B 3 -7.39 2.45 -1.23
C PHE B 3 -8.03 1.77 -0.05
N TYR B 4 -7.21 1.10 0.77
CA TYR B 4 -7.68 0.37 1.92
C TYR B 4 -8.27 1.33 2.91
N ALA B 5 -7.69 2.54 3.06
CA ALA B 5 -8.27 3.50 3.97
C ALA B 5 -9.64 3.85 3.48
N GLN B 6 -9.81 4.06 2.16
CA GLN B 6 -11.09 4.47 1.65
C GLN B 6 -12.14 3.44 1.95
N TYR B 7 -11.84 2.14 1.76
CA TYR B 7 -12.86 1.16 2.04
C TYR B 7 -13.20 1.09 3.49
N ASN B 8 -12.20 1.14 4.37
CA ASN B 8 -12.42 0.99 5.78
C ASN B 8 -13.03 2.19 6.45
N TYR B 9 -12.59 3.43 6.10
CA TYR B 9 -13.08 4.53 6.90
C TYR B 9 -13.62 5.63 6.03
N ASP B 10 -14.84 6.09 6.36
CA ASP B 10 -15.41 7.16 5.60
C ASP B 10 -14.59 8.39 5.88
N SER B 11 -14.20 8.61 7.16
CA SER B 11 -13.41 9.75 7.51
C SER B 11 -12.03 9.27 7.89
N PRO B 12 -11.05 9.76 7.18
CA PRO B 12 -9.67 9.40 7.37
C PRO B 12 -9.04 9.96 8.61
N ARG B 13 -9.66 10.97 9.26
CA ARG B 13 -9.06 11.57 10.41
C ARG B 13 -9.97 11.33 11.57
N GLU B 14 -9.41 10.73 12.64
CA GLU B 14 -10.16 10.41 13.83
C GLU B 14 -10.30 11.68 14.63
N ALA B 15 -11.22 11.66 15.62
CA ALA B 15 -11.51 12.81 16.42
C ALA B 15 -10.26 13.23 17.12
N THR B 16 -9.45 12.24 17.53
CA THR B 16 -8.22 12.48 18.22
C THR B 16 -7.32 13.23 17.29
N GLY B 17 -7.49 13.01 15.97
CA GLY B 17 -6.64 13.66 15.02
C GLY B 17 -5.75 12.62 14.44
N LYS B 18 -5.87 11.38 14.94
CA LYS B 18 -5.07 10.33 14.40
C LYS B 18 -5.62 9.98 13.04
N ILE B 19 -4.72 9.77 12.07
CA ILE B 19 -5.06 9.42 10.72
C ILE B 19 -5.12 7.93 10.65
N VAL B 20 -6.12 7.40 9.92
CA VAL B 20 -6.51 6.01 9.86
C VAL B 20 -5.41 5.10 9.39
N CYS B 21 -4.45 5.60 8.60
CA CYS B 21 -3.42 4.74 8.07
C CYS B 21 -2.71 4.08 9.22
N ALA B 22 -2.71 4.74 10.39
CA ALA B 22 -2.03 4.30 11.57
C ALA B 22 -2.55 2.97 12.01
N ASN B 23 -3.83 2.65 11.72
CA ASN B 23 -4.36 1.41 12.19
C ASN B 23 -3.54 0.26 11.63
N CYS B 24 -3.22 0.31 10.32
CA CYS B 24 -2.41 -0.69 9.64
C CYS B 24 -0.92 -0.52 9.76
N HIS B 25 -0.43 0.74 9.62
CA HIS B 25 0.99 0.99 9.60
C HIS B 25 1.35 1.45 10.96
N LEU B 26 1.84 0.49 11.75
CA LEU B 26 2.09 0.60 13.16
C LEU B 26 3.23 1.52 13.56
N ALA B 27 4.33 1.59 12.78
CA ALA B 27 5.48 2.34 13.22
C ALA B 27 5.37 3.79 12.86
N LYS B 28 6.02 4.66 13.67
CA LYS B 28 5.96 6.07 13.43
C LYS B 28 7.23 6.51 12.76
N LYS B 29 7.09 7.36 11.72
CA LYS B 29 8.19 7.95 11.00
C LYS B 29 7.75 9.34 10.67
N THR B 30 8.71 10.21 10.30
CA THR B 30 8.40 11.60 10.10
C THR B 30 7.65 11.86 8.84
N VAL B 31 6.89 12.98 8.84
CA VAL B 31 6.21 13.43 7.65
C VAL B 31 6.43 14.92 7.62
N GLU B 32 6.69 15.48 6.41
CA GLU B 32 6.90 16.90 6.35
C GLU B 32 6.02 17.50 5.30
N ILE B 33 5.52 18.72 5.56
CA ILE B 33 4.71 19.40 4.59
C ILE B 33 5.02 20.87 4.64
N GLU B 34 5.17 21.52 3.47
CA GLU B 34 5.40 22.94 3.46
C GLU B 34 4.43 23.59 2.52
N VAL B 35 3.85 24.72 2.95
CA VAL B 35 2.91 25.46 2.15
C VAL B 35 3.16 26.92 2.44
N PRO B 36 2.62 27.78 1.62
CA PRO B 36 2.82 29.19 1.81
C PRO B 36 2.10 29.68 3.04
N GLN B 37 2.53 30.83 3.57
CA GLN B 37 1.95 31.40 4.75
C GLN B 37 0.51 31.72 4.45
N ALA B 38 0.24 32.34 3.29
CA ALA B 38 -1.09 32.72 2.98
C ALA B 38 -1.30 32.60 1.50
N VAL B 39 -2.57 32.50 1.08
CA VAL B 39 -2.88 32.41 -0.33
C VAL B 39 -4.12 33.21 -0.62
N LEU B 40 -4.21 33.76 -1.85
CA LEU B 40 -5.33 34.56 -2.27
C LEU B 40 -6.43 33.62 -2.71
N PRO B 41 -7.66 34.07 -2.72
CA PRO B 41 -8.81 33.22 -2.98
C PRO B 41 -8.73 32.19 -4.05
N ASP B 42 -9.19 32.38 -5.28
CA ASP B 42 -9.12 31.26 -6.18
C ASP B 42 -7.77 31.27 -6.81
N THR B 43 -6.76 30.77 -6.05
CA THR B 43 -5.41 30.79 -6.54
C THR B 43 -4.80 29.43 -6.35
N VAL B 44 -3.72 29.13 -7.10
CA VAL B 44 -3.10 27.85 -7.00
C VAL B 44 -1.78 28.01 -6.30
N PHE B 45 -1.45 27.08 -5.38
CA PHE B 45 -0.22 27.14 -4.66
C PHE B 45 0.29 25.74 -4.50
N LYS B 46 1.57 25.58 -4.09
CA LYS B 46 2.12 24.25 -3.99
C LYS B 46 2.23 23.82 -2.57
N ALA B 47 1.91 22.53 -2.32
CA ALA B 47 2.07 21.92 -1.04
C ALA B 47 3.13 20.88 -1.27
N VAL B 48 4.25 20.98 -0.52
CA VAL B 48 5.35 20.08 -0.72
C VAL B 48 5.35 19.05 0.37
N VAL B 49 5.39 17.76 -0.02
CA VAL B 49 5.33 16.68 0.93
C VAL B 49 6.59 15.86 0.82
N LYS B 50 7.17 15.45 1.98
CA LYS B 50 8.34 14.62 1.97
C LYS B 50 8.15 13.53 2.99
N VAL B 51 8.63 12.30 2.68
CA VAL B 51 8.50 11.18 3.57
C VAL B 51 9.85 10.50 3.68
N PRO B 52 10.64 10.91 4.62
CA PRO B 52 11.99 10.40 4.71
C PRO B 52 12.20 9.02 5.22
N TYR B 53 13.18 8.31 4.61
CA TYR B 53 13.64 7.03 5.08
C TYR B 53 14.98 6.82 4.46
N ASP B 54 15.77 5.86 5.00
CA ASP B 54 17.07 5.63 4.45
C ASP B 54 16.89 4.77 3.22
N LEU B 55 17.28 5.31 2.06
CA LEU B 55 17.14 4.65 0.79
C LEU B 55 17.97 3.41 0.76
N ASP B 56 19.06 3.38 1.54
CA ASP B 56 19.93 2.23 1.57
C ASP B 56 19.25 1.02 2.16
N ILE B 57 18.23 1.19 3.04
CA ILE B 57 17.68 0.04 3.69
C ILE B 57 16.51 -0.52 2.94
N GLN B 58 16.51 -1.86 2.75
CA GLN B 58 15.50 -2.59 2.04
C GLN B 58 14.49 -3.13 3.00
N GLN B 59 13.29 -3.45 2.48
CA GLN B 59 12.16 -3.90 3.24
C GLN B 59 11.78 -5.28 2.80
N VAL B 60 11.08 -6.03 3.69
CA VAL B 60 10.62 -7.34 3.37
C VAL B 60 9.43 -7.15 2.47
N GLN B 61 9.40 -7.88 1.34
CA GLN B 61 8.31 -7.76 0.41
C GLN B 61 7.38 -8.93 0.59
N ALA B 62 6.32 -8.99 -0.24
CA ALA B 62 5.30 -9.98 -0.10
C ALA B 62 5.88 -11.37 -0.20
N ASP B 63 6.84 -11.59 -1.11
CA ASP B 63 7.42 -12.90 -1.29
C ASP B 63 8.35 -13.25 -0.16
N GLY B 64 8.79 -12.26 0.63
CA GLY B 64 9.68 -12.50 1.74
C GLY B 64 11.04 -11.98 1.42
N SER B 65 11.30 -11.66 0.13
CA SER B 65 12.58 -11.14 -0.30
C SER B 65 12.66 -9.66 -0.04
N PRO B 66 13.88 -9.17 -0.03
CA PRO B 66 14.08 -7.74 0.15
C PRO B 66 13.84 -6.92 -1.09
N SER B 67 13.34 -5.68 -0.94
CA SER B 67 13.11 -4.83 -2.08
C SER B 67 12.96 -3.41 -1.60
N GLY B 68 12.65 -2.48 -2.53
CA GLY B 68 12.54 -1.07 -2.23
C GLY B 68 11.23 -0.78 -1.57
N LEU B 69 11.07 0.46 -1.07
CA LEU B 69 9.88 0.88 -0.39
C LEU B 69 9.09 1.77 -1.29
N ASN B 70 7.76 1.80 -1.07
CA ASN B 70 6.85 2.64 -1.82
C ASN B 70 6.30 3.61 -0.82
N VAL B 71 5.84 4.78 -1.29
CA VAL B 71 5.36 5.79 -0.38
C VAL B 71 3.99 6.23 -0.81
N GLY B 72 3.25 6.89 0.10
CA GLY B 72 1.93 7.36 -0.21
C GLY B 72 1.53 8.30 0.87
N ALA B 73 0.43 9.07 0.66
CA ALA B 73 0.05 9.99 1.69
C ALA B 73 -1.38 10.41 1.50
N VAL B 74 -1.95 11.00 2.57
CA VAL B 74 -3.26 11.58 2.53
C VAL B 74 -3.04 13.00 2.95
N LEU B 75 -3.51 13.97 2.13
CA LEU B 75 -3.33 15.35 2.47
C LEU B 75 -4.68 15.94 2.68
N MET B 76 -4.99 16.38 3.92
CA MET B 76 -6.31 16.89 4.16
C MET B 76 -6.26 18.38 4.16
N LEU B 77 -6.92 18.97 3.15
CA LEU B 77 -6.98 20.40 3.00
C LEU B 77 -8.26 20.88 3.60
N PRO B 78 -8.35 22.17 3.78
CA PRO B 78 -9.53 22.76 4.36
C PRO B 78 -10.67 22.69 3.41
N GLU B 79 -11.91 22.92 3.91
CA GLU B 79 -13.08 22.85 3.07
C GLU B 79 -12.91 23.81 1.94
N GLY B 80 -13.33 23.37 0.74
CA GLY B 80 -13.35 24.20 -0.43
C GLY B 80 -12.07 24.08 -1.21
N PHE B 81 -10.99 23.60 -0.57
CA PHE B 81 -9.73 23.45 -1.26
C PHE B 81 -9.77 22.18 -2.06
N LYS B 82 -9.13 22.19 -3.25
CA LYS B 82 -9.09 21.01 -4.06
C LYS B 82 -7.80 21.01 -4.83
N LEU B 83 -7.47 19.86 -5.47
CA LEU B 83 -6.29 19.80 -6.28
C LEU B 83 -6.60 20.69 -7.44
N ALA B 84 -5.59 21.42 -7.97
CA ALA B 84 -5.86 22.37 -9.02
C ALA B 84 -6.03 21.67 -10.32
N PRO B 85 -6.93 22.18 -11.13
CA PRO B 85 -7.13 21.65 -12.45
C PRO B 85 -5.97 22.10 -13.29
N PRO B 86 -5.64 21.33 -14.28
CA PRO B 86 -4.49 21.62 -15.11
C PRO B 86 -4.56 22.99 -15.69
N GLU B 87 -5.76 23.45 -16.08
CA GLU B 87 -5.95 24.70 -16.77
C GLU B 87 -5.55 25.81 -15.87
N ARG B 88 -5.81 25.63 -14.57
CA ARG B 88 -5.56 26.59 -13.53
C ARG B 88 -4.10 26.74 -13.20
N VAL B 89 -3.25 25.74 -13.45
CA VAL B 89 -1.87 25.86 -13.04
C VAL B 89 -1.13 26.81 -13.92
N ASP B 90 -0.45 27.81 -13.31
CA ASP B 90 0.24 28.77 -14.11
C ASP B 90 1.46 28.15 -14.73
N GLU B 91 1.99 28.82 -15.78
CA GLU B 91 3.00 28.28 -16.65
C GLU B 91 4.28 27.94 -15.96
N GLU B 92 4.83 28.82 -15.11
CA GLU B 92 6.11 28.52 -14.54
C GLU B 92 6.00 27.28 -13.71
N LEU B 93 4.88 27.15 -12.99
CA LEU B 93 4.60 26.12 -12.03
C LEU B 93 4.37 24.74 -12.57
N MET B 94 3.83 24.58 -13.79
CA MET B 94 3.37 23.29 -14.24
C MET B 94 4.44 22.25 -14.16
N GLU B 95 5.68 22.57 -14.54
CA GLU B 95 6.72 21.59 -14.49
C GLU B 95 7.08 21.22 -13.07
N GLU B 96 6.96 22.19 -12.14
CA GLU B 96 7.33 22.08 -10.75
C GLU B 96 6.45 21.14 -9.98
N VAL B 97 5.20 20.93 -10.42
CA VAL B 97 4.28 20.17 -9.64
C VAL B 97 4.17 18.77 -10.16
N GLY B 98 3.71 17.84 -9.31
CA GLY B 98 3.57 16.48 -9.73
C GLY B 98 2.59 16.52 -10.83
N ASP B 99 2.58 15.46 -11.69
CA ASP B 99 1.62 15.39 -12.75
C ASP B 99 0.34 15.53 -12.03
N PHE B 100 -0.24 16.72 -12.23
CA PHE B 100 -1.34 17.17 -11.44
C PHE B 100 -2.42 16.19 -11.53
N TYR B 101 -2.80 15.79 -12.74
CA TYR B 101 -3.93 14.95 -12.65
C TYR B 101 -3.67 13.61 -12.07
N TYR B 102 -2.72 12.91 -12.70
CA TYR B 102 -2.53 11.49 -12.52
C TYR B 102 -2.22 11.08 -11.13
N LEU B 103 -1.29 11.76 -10.46
CA LEU B 103 -0.88 11.32 -9.15
C LEU B 103 -1.97 11.43 -8.12
N VAL B 104 -2.86 12.44 -8.25
CA VAL B 104 -3.80 12.75 -7.19
C VAL B 104 -5.18 12.20 -7.38
N THR B 105 -5.72 11.58 -6.30
CA THR B 105 -7.05 11.04 -6.31
C THR B 105 -7.81 11.56 -5.12
N PRO B 106 -9.06 11.91 -5.31
CA PRO B 106 -9.86 12.39 -4.21
C PRO B 106 -10.26 11.25 -3.33
N TYR B 107 -10.46 11.52 -2.03
CA TYR B 107 -10.80 10.50 -1.08
C TYR B 107 -12.15 9.95 -1.44
N SER B 108 -13.08 10.86 -1.80
CA SER B 108 -14.42 10.50 -2.19
C SER B 108 -14.94 11.63 -3.01
N GLU B 109 -16.14 11.46 -3.60
CA GLU B 109 -16.69 12.48 -4.45
C GLU B 109 -16.92 13.73 -3.66
N THR B 110 -17.47 13.58 -2.43
CA THR B 110 -17.78 14.67 -1.54
C THR B 110 -16.53 15.27 -0.95
N ASP B 111 -15.49 14.43 -0.78
CA ASP B 111 -14.20 14.54 -0.15
C ASP B 111 -13.06 15.14 -0.95
N GLU B 112 -13.32 15.92 -2.02
CA GLU B 112 -12.29 16.40 -2.90
C GLU B 112 -11.18 17.13 -2.19
N ASN B 113 -11.45 17.70 -0.99
CA ASN B 113 -10.46 18.39 -0.20
C ASN B 113 -9.44 17.42 0.35
N ILE B 114 -9.76 16.11 0.42
CA ILE B 114 -8.82 15.14 0.92
C ILE B 114 -8.21 14.43 -0.26
N LEU B 115 -6.88 14.57 -0.42
CA LEU B 115 -6.14 14.09 -1.56
C LEU B 115 -5.28 12.92 -1.18
N LEU B 116 -5.28 11.87 -2.03
CA LEU B 116 -4.50 10.68 -1.79
C LEU B 116 -3.50 10.55 -2.90
N ALA B 117 -2.28 10.06 -2.57
CA ALA B 117 -1.28 9.83 -3.58
C ALA B 117 -0.60 8.53 -3.21
N GLY B 118 -0.12 7.78 -4.21
CA GLY B 118 0.60 6.57 -3.94
C GLY B 118 -0.29 5.38 -4.07
N PRO B 119 0.30 4.20 -4.00
CA PRO B 119 1.72 4.11 -3.79
C PRO B 119 2.56 4.50 -4.96
N LEU B 120 3.73 5.11 -4.67
CA LEU B 120 4.68 5.54 -5.67
C LEU B 120 6.01 5.00 -5.23
N PRO B 121 6.93 4.83 -6.14
CA PRO B 121 8.23 4.34 -5.77
C PRO B 121 8.94 5.37 -4.94
N GLY B 122 9.49 4.98 -3.79
CA GLY B 122 10.11 5.88 -2.86
C GLY B 122 11.33 6.51 -3.46
N GLU B 123 12.10 5.75 -4.25
CA GLU B 123 13.33 6.28 -4.78
C GLU B 123 13.03 7.42 -5.71
N ASP B 124 11.93 7.31 -6.49
CA ASP B 124 11.55 8.28 -7.47
C ASP B 124 11.04 9.56 -6.86
N TYR B 125 10.23 9.49 -5.77
CA TYR B 125 9.63 10.71 -5.31
C TYR B 125 10.18 11.15 -3.99
N GLN B 126 11.23 11.98 -4.03
CA GLN B 126 11.78 12.54 -2.82
C GLN B 126 10.82 13.55 -2.30
N GLU B 127 10.17 14.27 -3.22
CA GLU B 127 9.25 15.31 -2.85
C GLU B 127 8.02 15.09 -3.69
N MET B 128 6.82 15.25 -3.09
CA MET B 128 5.61 15.12 -3.85
C MET B 128 5.00 16.47 -3.80
N ILE B 129 4.79 17.12 -4.95
CA ILE B 129 4.28 18.47 -4.89
C ILE B 129 2.88 18.52 -5.40
N PHE B 130 1.94 18.92 -4.52
CA PHE B 130 0.55 18.95 -4.91
C PHE B 130 0.18 20.35 -5.31
N PRO B 131 -0.36 20.53 -6.49
CA PRO B 131 -0.85 21.79 -6.97
C PRO B 131 -2.16 21.98 -6.27
N ILE B 132 -2.39 23.08 -5.54
CA ILE B 132 -3.65 23.15 -4.85
C ILE B 132 -4.37 24.42 -5.20
N LEU B 133 -5.69 24.32 -5.40
CA LEU B 133 -6.46 25.49 -5.74
C LEU B 133 -7.31 25.88 -4.55
N SER B 134 -7.17 27.13 -4.08
CA SER B 134 -7.94 27.62 -2.96
C SER B 134 -9.34 27.97 -3.41
N PRO B 135 -10.28 27.95 -2.48
CA PRO B 135 -11.66 28.30 -2.74
C PRO B 135 -11.86 29.78 -2.79
N ASN B 136 -13.08 30.24 -3.16
CA ASN B 136 -13.37 31.66 -3.15
C ASN B 136 -14.58 31.87 -2.30
N PRO B 137 -14.40 32.48 -1.16
CA PRO B 137 -15.50 32.67 -0.25
C PRO B 137 -16.57 33.57 -0.77
N ALA B 138 -16.26 34.50 -1.69
CA ALA B 138 -17.29 35.36 -2.14
C ALA B 138 -18.34 34.52 -2.81
N THR B 139 -17.87 33.59 -3.67
CA THR B 139 -18.74 32.69 -4.37
C THR B 139 -19.24 31.59 -3.48
N ASP B 140 -18.40 31.10 -2.55
CA ASP B 140 -18.77 29.93 -1.77
C ASP B 140 -19.04 30.31 -0.34
N ALA B 141 -20.31 30.12 0.08
CA ALA B 141 -20.83 30.42 1.39
C ALA B 141 -20.20 29.56 2.44
N GLY B 142 -19.91 28.28 2.08
CA GLY B 142 -19.41 27.30 2.99
C GLY B 142 -18.08 27.72 3.55
N VAL B 143 -17.26 28.47 2.79
CA VAL B 143 -15.96 28.81 3.29
C VAL B 143 -15.82 30.29 3.51
N TYR B 144 -14.99 30.65 4.51
CA TYR B 144 -14.75 32.03 4.81
C TYR B 144 -13.26 32.24 4.85
N PHE B 145 -12.82 33.51 4.85
CA PHE B 145 -11.41 33.80 4.92
C PHE B 145 -11.01 33.57 6.34
N GLY B 146 -9.75 33.15 6.56
CA GLY B 146 -9.30 32.91 7.91
C GLY B 146 -8.11 32.00 7.84
N LYS B 147 -7.63 31.56 9.03
CA LYS B 147 -6.50 30.69 9.09
C LYS B 147 -7.01 29.28 9.18
N TYR B 148 -6.39 28.35 8.43
CA TYR B 148 -6.89 27.00 8.45
C TYR B 148 -5.76 26.03 8.64
N SER B 149 -6.09 24.80 9.06
CA SER B 149 -5.10 23.80 9.30
C SER B 149 -5.15 22.78 8.21
N ILE B 150 -3.98 22.21 7.87
CA ILE B 150 -3.87 21.20 6.86
C ILE B 150 -3.26 20.02 7.58
N HIS B 151 -3.79 18.80 7.34
CA HIS B 151 -3.28 17.66 8.04
C HIS B 151 -2.66 16.72 7.06
N LEU B 152 -1.44 16.25 7.35
CA LEU B 152 -0.77 15.35 6.47
C LEU B 152 -0.55 14.03 7.16
N GLY B 153 -0.77 12.93 6.42
CA GLY B 153 -0.49 11.60 6.89
C GLY B 153 0.36 11.00 5.81
N GLY B 154 1.60 10.55 6.15
CA GLY B 154 2.45 10.06 5.10
C GLY B 154 3.08 8.75 5.51
N ASN B 155 3.13 7.80 4.57
CA ASN B 155 3.64 6.50 4.91
C ASN B 155 4.64 6.02 3.89
N ARG B 156 5.56 5.13 4.36
CA ARG B 156 6.50 4.48 3.49
C ARG B 156 6.56 3.06 3.99
N GLY B 157 6.63 2.07 3.09
CA GLY B 157 6.80 0.72 3.52
C GLY B 157 5.48 0.02 3.72
N ARG B 158 5.52 -1.32 3.69
CA ARG B 158 4.37 -2.17 3.78
C ARG B 158 3.82 -2.18 5.17
N GLY B 159 2.47 -2.30 5.27
CA GLY B 159 1.78 -2.27 6.53
C GLY B 159 1.87 -3.60 7.22
N GLN B 160 1.54 -3.59 8.52
CA GLN B 160 1.51 -4.70 9.43
C GLN B 160 0.26 -5.53 9.33
N VAL B 161 -0.91 -4.92 9.03
CA VAL B 161 -2.14 -5.65 9.06
C VAL B 161 -2.88 -5.45 7.78
N TYR B 162 -3.78 -6.40 7.45
CA TYR B 162 -4.53 -6.35 6.22
C TYR B 162 -5.94 -6.01 6.60
N PRO B 163 -6.72 -5.56 5.65
CA PRO B 163 -8.10 -5.27 5.92
C PRO B 163 -8.80 -6.52 6.32
N THR B 164 -8.16 -7.67 6.05
CA THR B 164 -8.65 -8.95 6.46
C THR B 164 -8.61 -8.95 7.95
N GLY B 165 -7.60 -8.28 8.53
CA GLY B 165 -7.44 -8.26 9.95
C GLY B 165 -6.30 -9.16 10.30
N GLU B 166 -5.79 -9.92 9.30
CA GLU B 166 -4.69 -10.79 9.55
C GLU B 166 -3.41 -10.03 9.38
N LEU B 167 -2.35 -10.49 10.09
CA LEU B 167 -1.07 -9.83 10.07
C LEU B 167 -0.34 -10.17 8.81
N SER B 168 0.48 -9.20 8.34
CA SER B 168 1.29 -9.36 7.17
C SER B 168 2.59 -9.97 7.59
N ASN B 169 3.47 -10.26 6.61
CA ASN B 169 4.78 -10.81 6.84
C ASN B 169 5.70 -9.75 7.39
N ASN B 170 5.32 -8.46 7.31
CA ASN B 170 6.18 -7.42 7.81
C ASN B 170 5.75 -7.07 9.21
N ASN B 171 5.78 -8.05 10.14
CA ASN B 171 5.35 -7.80 11.50
C ASN B 171 5.98 -8.81 12.41
N ALA B 172 5.93 -8.57 13.74
CA ALA B 172 6.49 -9.51 14.67
C ALA B 172 5.50 -10.62 14.92
N PHE B 173 6.02 -11.86 15.12
CA PHE B 173 5.16 -12.99 15.40
C PHE B 173 5.51 -13.47 16.78
N SER B 174 4.49 -13.85 17.60
CA SER B 174 4.76 -14.19 18.98
C SER B 174 4.34 -15.60 19.30
N ALA B 175 4.97 -16.18 20.35
CA ALA B 175 4.69 -17.52 20.77
C ALA B 175 3.28 -17.60 21.25
N SER B 176 2.52 -18.56 20.69
CA SER B 176 1.15 -18.76 21.03
C SER B 176 1.07 -19.31 22.42
N ILE B 177 2.12 -20.03 22.87
CA ILE B 177 2.09 -20.60 24.19
C ILE B 177 3.49 -20.73 24.70
N ALA B 178 3.65 -20.85 26.05
CA ALA B 178 4.93 -21.00 26.66
C ALA B 178 5.37 -22.43 26.57
N GLY B 179 6.69 -22.67 26.48
CA GLY B 179 7.18 -24.02 26.40
C GLY B 179 8.57 -24.00 25.84
N THR B 180 9.04 -25.17 25.34
CA THR B 180 10.36 -25.24 24.79
C THR B 180 10.26 -25.52 23.32
N ILE B 181 11.21 -24.99 22.53
CA ILE B 181 11.13 -25.13 21.10
C ILE B 181 11.83 -26.39 20.70
N ALA B 182 11.04 -27.41 20.34
CA ALA B 182 11.53 -28.68 19.90
C ALA B 182 12.18 -28.58 18.55
N ALA B 183 11.57 -27.82 17.61
CA ALA B 183 12.17 -27.77 16.31
C ALA B 183 11.57 -26.65 15.51
N ILE B 184 12.24 -26.27 14.40
CA ILE B 184 11.75 -25.27 13.49
C ILE B 184 12.07 -25.70 12.06
N GLU B 185 11.15 -25.52 11.09
CA GLU B 185 11.31 -25.96 9.70
C GLU B 185 11.37 -24.74 8.78
N ASP B 186 11.97 -24.80 7.53
CA ASP B 186 12.13 -23.53 6.82
C ASP B 186 12.15 -23.45 5.27
N ASN B 187 11.15 -22.77 4.62
CA ASN B 187 11.17 -22.42 3.20
C ASN B 187 11.17 -20.93 3.17
N GLY B 188 11.95 -20.37 4.10
CA GLY B 188 11.92 -18.95 4.29
C GLY B 188 10.88 -18.81 5.34
N PHE B 189 9.76 -19.55 5.13
CA PHE B 189 8.66 -19.62 6.05
C PHE B 189 9.14 -20.53 7.10
N GLY B 190 8.78 -20.23 8.34
CA GLY B 190 9.01 -21.24 9.29
C GLY B 190 7.64 -21.73 9.31
N PHE B 191 7.47 -22.87 8.64
CA PHE B 191 6.20 -23.48 8.52
C PHE B 191 5.84 -23.64 9.93
N ASP B 192 6.85 -23.97 10.76
CA ASP B 192 6.43 -24.07 12.10
C ASP B 192 7.55 -23.95 13.07
N VAL B 193 7.21 -23.31 14.19
CA VAL B 193 8.05 -23.38 15.35
C VAL B 193 7.23 -24.28 16.22
N THR B 194 7.79 -25.43 16.61
CA THR B 194 7.02 -26.33 17.42
C THR B 194 7.40 -26.09 18.84
N ILE B 195 6.38 -25.89 19.70
CA ILE B 195 6.66 -25.62 21.07
C ILE B 195 6.05 -26.68 21.91
N GLN B 196 6.79 -27.16 22.92
CA GLN B 196 6.30 -28.19 23.80
C GLN B 196 5.87 -27.51 25.07
N PRO B 197 4.59 -27.48 25.30
CA PRO B 197 4.12 -26.91 26.53
C PRO B 197 4.43 -27.70 27.76
N GLU B 198 4.12 -27.07 28.90
CA GLU B 198 4.45 -27.50 30.23
C GLU B 198 3.90 -28.87 30.50
N ASP B 199 2.78 -29.27 29.86
CA ASP B 199 2.27 -30.55 30.24
C ASP B 199 2.09 -31.50 29.08
N GLY B 200 3.12 -31.68 28.22
CA GLY B 200 3.07 -32.73 27.24
C GLY B 200 2.59 -32.27 25.89
N ASP B 201 1.74 -31.24 25.81
CA ASP B 201 1.18 -30.86 24.53
C ASP B 201 2.25 -30.25 23.67
N ALA B 202 2.02 -30.25 22.34
CA ALA B 202 2.93 -29.61 21.43
C ALA B 202 2.10 -28.78 20.49
N VAL B 203 2.49 -27.50 20.30
CA VAL B 203 1.74 -26.60 19.48
C VAL B 203 2.63 -26.10 18.39
N VAL B 204 2.03 -25.62 17.28
CA VAL B 204 2.88 -25.19 16.21
C VAL B 204 2.49 -23.80 15.81
N THR B 205 3.48 -22.89 15.70
CA THR B 205 3.18 -21.53 15.33
C THR B 205 3.80 -21.31 13.98
N SER B 206 3.00 -20.84 13.01
CA SER B 206 3.51 -20.68 11.68
C SER B 206 3.86 -19.25 11.47
N ILE B 207 5.06 -19.02 10.88
CA ILE B 207 5.46 -17.67 10.60
C ILE B 207 5.81 -17.65 9.14
N LEU B 208 5.45 -16.56 8.44
CA LEU B 208 5.69 -16.44 7.02
C LEU B 208 7.12 -16.03 6.79
N PRO B 209 7.62 -16.17 5.57
CA PRO B 209 8.96 -15.79 5.23
C PRO B 209 9.07 -14.31 5.45
N GLY B 210 10.26 -13.81 5.84
CA GLY B 210 10.46 -12.39 6.00
C GLY B 210 10.92 -12.04 7.39
N PRO B 211 10.18 -12.35 8.42
CA PRO B 211 10.64 -12.00 9.74
C PRO B 211 11.80 -12.88 10.08
N GLU B 212 12.73 -12.44 10.95
CA GLU B 212 13.85 -13.27 11.25
C GLU B 212 13.69 -13.85 12.63
N LEU B 213 13.87 -15.18 12.74
CA LEU B 213 13.69 -15.86 13.98
C LEU B 213 14.77 -15.47 14.94
N ILE B 214 14.32 -15.03 16.13
CA ILE B 214 15.07 -14.66 17.30
C ILE B 214 15.50 -15.88 18.06
N VAL B 215 14.70 -16.97 18.01
CA VAL B 215 14.89 -18.11 18.86
C VAL B 215 15.51 -19.26 18.17
N ALA B 216 16.04 -20.21 18.97
CA ALA B 216 16.70 -21.39 18.48
C ALA B 216 16.07 -22.58 19.13
N VAL B 217 16.25 -23.75 18.52
CA VAL B 217 15.66 -24.95 19.04
C VAL B 217 16.30 -25.22 20.37
N GLY B 218 15.48 -25.75 21.31
CA GLY B 218 15.93 -26.10 22.62
C GLY B 218 15.79 -24.90 23.51
N ASP B 219 15.21 -23.81 22.99
CA ASP B 219 15.09 -22.61 23.78
C ASP B 219 13.71 -22.54 24.36
N THR B 220 13.61 -22.05 25.61
CA THR B 220 12.33 -21.90 26.25
C THR B 220 11.80 -20.54 25.92
N VAL B 221 10.47 -20.42 25.79
CA VAL B 221 9.88 -19.14 25.49
C VAL B 221 8.62 -18.98 26.28
N GLU B 222 8.33 -17.74 26.70
CA GLU B 222 7.12 -17.47 27.44
C GLU B 222 6.03 -17.20 26.44
N ALA B 223 4.76 -17.31 26.87
CA ALA B 223 3.69 -17.08 25.95
C ALA B 223 3.71 -15.64 25.56
N GLY B 224 3.50 -15.37 24.26
CA GLY B 224 3.42 -14.04 23.76
C GLY B 224 4.79 -13.49 23.50
N GLN B 225 5.85 -14.26 23.83
CA GLN B 225 7.15 -13.69 23.61
C GLN B 225 7.44 -13.69 22.15
N LEU B 226 8.35 -12.78 21.71
CA LEU B 226 8.61 -12.64 20.31
C LEU B 226 9.47 -13.75 19.79
N LEU B 227 8.95 -14.42 18.74
CA LEU B 227 9.59 -15.46 17.98
C LEU B 227 10.53 -14.87 16.99
N THR B 228 10.25 -13.64 16.54
CA THR B 228 11.01 -13.04 15.48
C THR B 228 11.31 -11.60 15.82
N THR B 229 12.18 -10.97 15.02
CA THR B 229 12.48 -9.58 15.23
C THR B 229 11.35 -8.84 14.60
N ASN B 230 11.45 -7.50 14.57
CA ASN B 230 10.46 -6.74 13.87
C ASN B 230 11.13 -6.31 12.61
N PRO B 231 10.74 -6.88 11.50
CA PRO B 231 11.36 -6.60 10.24
C PRO B 231 10.99 -5.25 9.66
N ASN B 232 9.99 -4.57 10.22
CA ASN B 232 9.48 -3.33 9.68
C ASN B 232 10.53 -2.27 9.61
N VAL B 233 10.81 -1.79 8.36
CA VAL B 233 11.69 -0.71 7.98
C VAL B 233 11.01 0.63 7.84
N GLY B 234 9.69 0.65 7.59
CA GLY B 234 9.02 1.89 7.25
C GLY B 234 8.24 2.45 8.39
N GLY B 235 7.23 3.29 8.06
CA GLY B 235 6.42 3.84 9.11
C GLY B 235 5.53 4.91 8.56
N PHE B 236 4.58 5.36 9.41
CA PHE B 236 3.60 6.35 9.06
C PHE B 236 3.71 7.48 10.03
N GLY B 237 3.61 8.74 9.56
CA GLY B 237 3.74 9.86 10.44
C GLY B 237 2.75 10.92 10.03
N GLN B 238 2.49 11.89 10.94
CA GLN B 238 1.56 12.92 10.63
C GLN B 238 2.16 14.25 10.98
N MET B 239 1.75 15.31 10.26
CA MET B 239 2.19 16.62 10.60
C MET B 239 1.15 17.59 10.15
N ASP B 240 0.96 18.66 10.94
CA ASP B 240 -0.05 19.65 10.67
C ASP B 240 0.64 20.94 10.35
N SER B 241 -0.01 21.77 9.52
CA SER B 241 0.51 23.07 9.18
C SER B 241 -0.68 23.97 9.05
N GLU B 242 -0.46 25.30 8.97
CA GLU B 242 -1.57 26.19 8.85
C GLU B 242 -1.35 27.05 7.66
N ILE B 243 -2.44 27.56 7.05
CA ILE B 243 -2.35 28.45 5.93
C ILE B 243 -3.43 29.48 6.10
N VAL B 244 -3.18 30.72 5.62
CA VAL B 244 -4.15 31.77 5.79
C VAL B 244 -4.82 32.02 4.48
N LEU B 245 -6.17 31.93 4.46
CA LEU B 245 -6.91 32.21 3.25
C LEU B 245 -7.11 33.69 3.33
N GLN B 246 -6.42 34.44 2.45
CA GLN B 246 -6.34 35.88 2.55
C GLN B 246 -7.28 36.58 1.62
N SER B 247 -7.59 37.85 1.97
CA SER B 247 -8.45 38.67 1.16
C SER B 247 -7.56 39.47 0.27
N SER B 248 -7.96 39.62 -1.00
CA SER B 248 -7.16 40.32 -1.96
C SER B 248 -7.07 41.74 -1.57
N SER B 249 -6.02 42.39 -2.07
CA SER B 249 -5.82 43.77 -1.77
C SER B 249 -5.75 43.91 -0.26
CU CU C . -5.69 -10.79 -3.86
FE HEC D . -1.23 0.87 3.40
CHA HEC D . 1.05 -0.95 1.67
CHB HEC D . 0.09 3.77 2.17
CHC HEC D . -3.78 2.62 4.79
CHD HEC D . -2.21 -1.90 5.03
NA HEC D . 0.18 1.32 2.10
C1A HEC D . 1.01 0.45 1.45
C2A HEC D . 1.93 1.15 0.56
C3A HEC D . 1.69 2.47 0.74
C4A HEC D . 0.59 2.58 1.68
CMA HEC D . 2.44 3.61 0.08
CAA HEC D . 2.98 0.47 -0.32
CBA HEC D . 4.28 0.43 0.54
CGA HEC D . 5.39 -0.40 -0.08
O1A HEC D . 6.58 -0.12 0.23
O2A HEC D . 5.09 -1.33 -0.86
NB HEC D . -1.73 2.78 3.49
C1B HEC D . -0.99 3.88 3.01
C2B HEC D . -1.66 5.15 3.38
C3B HEC D . -2.78 4.84 4.12
C4B HEC D . -2.81 3.36 4.13
CMB HEC D . -1.14 6.54 3.12
CAB HEC D . -3.70 5.73 4.78
CBB HEC D . -4.33 6.82 3.90
NC HEC D . -2.75 0.45 4.55
C1C HEC D . -3.74 1.26 5.02
C2C HEC D . -4.68 0.54 5.85
C3C HEC D . -4.26 -0.72 5.93
C4C HEC D . -3.03 -0.78 5.14
CMC HEC D . -5.95 1.16 6.42
CAC HEC D . -4.83 -1.80 6.71
CBC HEC D . -6.32 -2.18 6.43
ND HEC D . -0.71 -1.03 3.33
C1D HEC D . -1.15 -2.03 4.18
C2D HEC D . -0.43 -3.28 3.98
C3D HEC D . 0.43 -3.03 2.97
C4D HEC D . 0.25 -1.64 2.58
CMD HEC D . -0.56 -4.63 4.76
CAD HEC D . 1.36 -4.02 2.31
CBD HEC D . 0.73 -4.78 1.14
CGD HEC D . 1.70 -5.77 0.54
O1D HEC D . 1.52 -6.99 0.77
O2D HEC D . 2.66 -5.30 -0.14
HHA HEC D . 1.76 -1.53 1.10
HHB HEC D . 0.58 4.68 1.86
HHC HEC D . -4.65 3.14 5.16
HHD HEC D . -2.44 -2.73 5.68
HMA1 HEC D . 2.04 3.77 -0.92
HMA2 HEC D . 3.48 3.37 0.01
HMA3 HEC D . 2.31 4.51 0.65
HAA1 HEC D . 3.14 1.05 -1.23
HAA2 HEC D . 2.65 -0.52 -0.59
HBA1 HEC D . 4.03 0.00 1.50
HBA2 HEC D . 4.63 1.44 0.67
HMB1 HEC D . -1.48 6.87 2.14
HMB2 HEC D . -0.06 6.54 3.14
HMB3 HEC D . -1.51 7.22 3.87
HAB HEC D . -4.54 5.16 5.16
HBB1 HEC D . -5.31 6.51 3.57
HBB2 HEC D . -4.42 7.74 4.48
HBB3 HEC D . -3.70 7.01 3.04
HMC1 HEC D . -5.85 1.24 7.50
HMC2 HEC D . -6.79 0.53 6.19
HMC3 HEC D . -6.09 2.14 6.00
HAC HEC D . -5.45 -1.53 7.52
HBC1 HEC D . -6.74 -2.68 7.30
HBC2 HEC D . -6.89 -1.29 6.22
HBC3 HEC D . -6.37 -2.85 5.57
HMD1 HEC D . 0.13 -4.64 5.58
HMD2 HEC D . -0.34 -5.44 4.09
HMD3 HEC D . -1.57 -4.73 5.13
HAD1 HEC D . 1.66 -4.75 3.05
HAD2 HEC D . 2.22 -3.49 1.94
HBD1 HEC D . 0.43 -4.07 0.38
HBD2 HEC D . -0.15 -5.31 1.49
N ALA A 1 -14.21 -23.56 -21.27
CA ALA A 1 -13.11 -22.95 -22.00
C ALA A 1 -12.23 -22.16 -21.02
N SER A 2 -11.02 -21.88 -21.47
CA SER A 2 -10.07 -21.13 -20.66
C SER A 2 -10.67 -19.78 -20.25
N VAL A 3 -10.66 -19.53 -18.96
CA VAL A 3 -11.20 -18.28 -18.43
C VAL A 3 -10.11 -17.56 -17.64
N GLN A 4 -10.46 -16.38 -17.15
CA GLN A 4 -9.53 -15.58 -16.39
C GLN A 4 -10.27 -14.85 -15.26
N ILE A 5 -9.53 -14.60 -14.18
CA ILE A 5 -10.10 -13.92 -13.03
C ILE A 5 -9.39 -12.56 -12.85
N LYS A 6 -10.15 -11.50 -13.08
CA LYS A 6 -9.61 -10.17 -12.94
C LYS A 6 -9.88 -9.65 -11.53
N MET A 7 -8.84 -9.08 -10.92
CA MET A 7 -8.96 -8.55 -9.58
C MET A 7 -9.01 -7.02 -9.59
N GLY A 8 -10.21 -6.50 -9.53
CA GLY A 8 -10.41 -5.06 -9.55
C GLY A 8 -11.21 -4.62 -10.77
N THR A 9 -12.05 -3.60 -10.57
CA THR A 9 -12.87 -3.08 -11.64
C THR A 9 -12.35 -1.71 -12.09
N ASP A 10 -12.75 -1.33 -13.29
CA ASP A 10 -12.35 -0.05 -13.85
C ASP A 10 -12.82 1.08 -12.93
N LYS A 11 -13.76 0.73 -12.05
CA LYS A 11 -14.30 1.69 -11.12
C LYS A 11 -13.47 1.68 -9.83
N TYR A 12 -12.16 1.56 -10.01
CA TYR A 12 -11.25 1.53 -8.88
C TYR A 12 -11.86 0.74 -7.71
N ALA A 13 -12.69 -0.22 -8.05
CA ALA A 13 -13.34 -1.05 -7.05
C ALA A 13 -12.66 -2.43 -7.02
N PRO A 14 -12.06 -2.75 -5.85
CA PRO A 14 -11.39 -4.02 -5.68
C PRO A 14 -12.40 -5.16 -5.51
N LEU A 15 -12.65 -5.85 -6.62
CA LEU A 15 -13.59 -6.96 -6.61
C LEU A 15 -13.19 -7.97 -7.68
N TYR A 16 -13.53 -9.21 -7.43
CA TYR A 16 -13.22 -10.28 -8.37
C TYR A 16 -14.17 -10.28 -9.55
N GLU A 17 -13.59 -10.24 -10.75
CA GLU A 17 -14.39 -10.23 -11.96
C GLU A 17 -13.87 -11.29 -12.94
N PRO A 18 -14.83 -12.05 -13.53
CA PRO A 18 -16.24 -11.84 -13.23
C PRO A 18 -16.60 -12.40 -11.85
N LYS A 19 -17.45 -11.66 -11.15
CA LYS A 19 -17.87 -12.07 -9.82
C LYS A 19 -18.10 -13.58 -9.81
N ALA A 20 -18.69 -14.06 -10.89
CA ALA A 20 -18.99 -15.48 -11.02
C ALA A 20 -18.26 -16.03 -12.25
N LEU A 21 -17.84 -17.29 -12.13
CA LEU A 21 -17.13 -17.94 -13.22
C LEU A 21 -17.55 -19.41 -13.28
N SER A 22 -17.68 -19.91 -14.49
CA SER A 22 -18.07 -21.29 -14.70
C SER A 22 -17.11 -21.97 -15.68
N ILE A 23 -16.85 -23.24 -15.43
CA ILE A 23 -15.95 -24.00 -16.28
C ILE A 23 -16.30 -25.49 -16.16
N SER A 24 -15.51 -26.30 -16.85
CA SER A 24 -15.72 -27.74 -16.84
C SER A 24 -14.46 -28.44 -16.31
N ALA A 25 -14.66 -29.65 -15.83
CA ALA A 25 -13.56 -30.45 -15.29
C ALA A 25 -12.50 -30.62 -16.37
N GLY A 26 -11.40 -29.88 -16.22
CA GLY A 26 -10.31 -29.94 -17.17
C GLY A 26 -9.98 -28.56 -17.72
N ASP A 27 -10.82 -27.60 -17.37
CA ASP A 27 -10.64 -26.23 -17.82
C ASP A 27 -9.61 -25.54 -16.92
N THR A 28 -9.27 -24.32 -17.30
CA THR A 28 -8.31 -23.54 -16.54
C THR A 28 -8.92 -22.20 -16.13
N VAL A 29 -8.39 -21.66 -15.04
CA VAL A 29 -8.86 -20.38 -14.53
C VAL A 29 -7.67 -19.47 -14.25
N GLU A 30 -7.46 -18.53 -15.16
CA GLU A 30 -6.36 -17.59 -15.03
C GLU A 30 -6.72 -16.49 -14.02
N PHE A 31 -5.72 -15.71 -13.65
CA PHE A 31 -5.91 -14.61 -12.72
C PHE A 31 -4.99 -13.44 -13.02
N VAL A 32 -5.60 -12.29 -13.28
CA VAL A 32 -4.85 -11.09 -13.59
C VAL A 32 -5.24 -9.98 -12.62
N MET A 33 -4.33 -9.04 -12.44
CA MET A 33 -4.57 -7.92 -11.54
C MET A 33 -5.03 -6.69 -12.32
N ASN A 34 -6.23 -6.23 -11.99
CA ASN A 34 -6.80 -5.06 -12.65
C ASN A 34 -6.19 -3.80 -12.04
N LYS A 35 -6.51 -3.58 -10.77
CA LYS A 35 -6.00 -2.42 -10.07
C LYS A 35 -6.29 -2.57 -8.57
N VAL A 36 -6.11 -1.46 -7.85
CA VAL A 36 -6.35 -1.47 -6.42
C VAL A 36 -5.70 -2.69 -5.79
N GLY A 37 -4.40 -2.84 -6.05
CA GLY A 37 -3.65 -3.96 -5.52
C GLY A 37 -2.99 -3.60 -4.20
N PRO A 38 -2.13 -4.54 -3.71
CA PRO A 38 -1.89 -5.77 -4.43
C PRO A 38 -3.07 -6.74 -4.28
N HIS A 39 -2.85 -7.97 -4.71
CA HIS A 39 -3.89 -8.99 -4.63
C HIS A 39 -3.25 -10.34 -4.31
N ASN A 40 -4.07 -11.38 -4.41
CA ASN A 40 -3.60 -12.73 -4.14
C ASN A 40 -4.79 -13.70 -4.19
N VAL A 41 -4.47 -14.97 -4.22
CA VAL A 41 -5.49 -16.01 -4.27
C VAL A 41 -5.63 -16.66 -2.89
N ILE A 42 -6.78 -16.45 -2.29
CA ILE A 42 -7.06 -17.01 -0.98
C ILE A 42 -8.42 -17.68 -0.98
N PHE A 43 -8.48 -18.85 -1.59
CA PHE A 43 -9.72 -19.60 -1.66
C PHE A 43 -10.41 -19.67 -0.29
N ASP A 44 -11.70 -19.96 -0.34
CA ASP A 44 -12.48 -20.06 0.88
C ASP A 44 -12.58 -21.53 1.31
N LYS A 45 -12.96 -22.36 0.34
CA LYS A 45 -13.10 -23.79 0.61
C LYS A 45 -13.85 -24.45 -0.56
N VAL A 46 -13.43 -25.66 -0.88
CA VAL A 46 -14.04 -26.40 -1.97
C VAL A 46 -14.44 -27.79 -1.46
N PRO A 47 -15.42 -28.40 -2.20
CA PRO A 47 -15.89 -29.73 -1.84
C PRO A 47 -14.87 -30.81 -2.23
N ALA A 48 -15.07 -31.99 -1.65
CA ALA A 48 -14.17 -33.10 -1.93
C ALA A 48 -13.81 -33.11 -3.42
N GLY A 49 -12.54 -33.31 -3.68
CA GLY A 49 -12.05 -33.35 -5.06
C GLY A 49 -10.79 -32.50 -5.21
N GLU A 50 -10.91 -31.23 -4.84
CA GLU A 50 -9.78 -30.32 -4.93
C GLU A 50 -9.30 -29.94 -3.54
N SER A 51 -8.36 -28.99 -3.51
CA SER A 51 -7.81 -28.53 -2.24
C SER A 51 -7.77 -26.99 -2.23
N ALA A 52 -8.94 -26.42 -1.99
CA ALA A 52 -9.05 -24.96 -1.94
C ALA A 52 -8.01 -24.41 -0.96
N PRO A 53 -8.02 -24.98 0.28
CA PRO A 53 -7.10 -24.55 1.31
C PRO A 53 -5.69 -25.08 1.04
N ALA A 54 -5.23 -24.86 -0.19
CA ALA A 54 -3.91 -25.31 -0.58
C ALA A 54 -3.42 -24.46 -1.76
N LEU A 55 -4.31 -24.27 -2.72
CA LEU A 55 -3.99 -23.49 -3.90
C LEU A 55 -3.77 -22.03 -3.49
N SER A 56 -4.42 -21.64 -2.41
CA SER A 56 -4.30 -20.29 -1.91
C SER A 56 -2.83 -19.87 -1.88
N ASN A 57 -2.51 -18.88 -2.70
CA ASN A 57 -1.15 -18.38 -2.78
C ASN A 57 -1.07 -17.00 -2.12
N THR A 58 -0.29 -16.92 -1.06
CA THR A 58 -0.13 -15.67 -0.33
C THR A 58 1.03 -14.86 -0.91
N LYS A 59 1.36 -15.17 -2.16
CA LYS A 59 2.44 -14.48 -2.84
C LYS A 59 1.90 -13.20 -3.48
N LEU A 60 1.46 -12.29 -2.62
CA LEU A 60 0.92 -11.03 -3.09
C LEU A 60 1.77 -10.51 -4.25
N ALA A 61 1.24 -10.68 -5.45
CA ALA A 61 1.94 -10.24 -6.65
C ALA A 61 1.76 -8.72 -6.81
N ILE A 62 2.78 -7.99 -6.37
CA ILE A 62 2.76 -6.54 -6.45
C ILE A 62 2.84 -6.12 -7.91
N ALA A 63 3.76 -6.74 -8.63
CA ALA A 63 3.96 -6.44 -10.03
C ALA A 63 2.68 -6.79 -10.80
N PRO A 64 2.00 -5.72 -11.30
CA PRO A 64 0.77 -5.89 -12.05
C PRO A 64 1.06 -6.41 -13.47
N GLY A 65 0.22 -7.34 -13.90
CA GLY A 65 0.37 -7.93 -15.22
C GLY A 65 -0.53 -9.15 -15.38
N SER A 66 -0.19 -10.20 -14.64
CA SER A 66 -0.97 -11.43 -14.69
C SER A 66 -0.39 -12.46 -13.72
N PHE A 67 -0.99 -12.52 -12.55
CA PHE A 67 -0.56 -13.45 -11.52
C PHE A 67 -0.12 -14.78 -12.13
N TYR A 68 -1.09 -15.66 -12.31
CA TYR A 68 -0.83 -16.97 -12.89
C TYR A 68 -2.13 -17.71 -13.18
N SER A 69 -1.99 -18.87 -13.81
CA SER A 69 -3.14 -19.68 -14.15
C SER A 69 -3.04 -21.05 -13.46
N VAL A 70 -4.18 -21.71 -13.38
CA VAL A 70 -4.23 -23.03 -12.75
C VAL A 70 -5.41 -23.81 -13.32
N THR A 71 -5.15 -25.09 -13.58
CA THR A 71 -6.18 -25.96 -14.14
C THR A 71 -6.90 -26.72 -13.02
N LEU A 72 -8.18 -26.95 -13.25
CA LEU A 72 -8.99 -27.66 -12.27
C LEU A 72 -9.63 -28.88 -12.93
N GLY A 73 -10.28 -29.69 -12.11
CA GLY A 73 -10.94 -30.89 -12.60
C GLY A 73 -12.11 -31.28 -11.70
N THR A 74 -11.87 -31.22 -10.40
CA THR A 74 -12.89 -31.56 -9.43
C THR A 74 -14.17 -30.76 -9.69
N PRO A 75 -15.29 -31.51 -9.87
CA PRO A 75 -16.58 -30.89 -10.13
C PRO A 75 -17.15 -30.26 -8.86
N GLY A 76 -17.77 -29.11 -9.03
CA GLY A 76 -18.36 -28.40 -7.91
C GLY A 76 -18.15 -26.89 -8.04
N THR A 77 -18.65 -26.17 -7.04
CA THR A 77 -18.51 -24.72 -7.02
C THR A 77 -17.44 -24.29 -6.02
N TYR A 78 -16.42 -23.61 -6.54
CA TYR A 78 -15.32 -23.16 -5.70
C TYR A 78 -15.53 -21.69 -5.30
N SER A 79 -15.19 -21.40 -4.06
CA SER A 79 -15.33 -20.06 -3.53
C SER A 79 -13.98 -19.55 -3.01
N PHE A 80 -13.76 -18.26 -3.18
CA PHE A 80 -12.52 -17.64 -2.73
C PHE A 80 -12.76 -16.21 -2.26
N TYR A 81 -11.66 -15.52 -1.99
CA TYR A 81 -11.74 -14.14 -1.54
C TYR A 81 -10.35 -13.49 -1.50
N CYS A 82 -10.35 -12.18 -1.39
CA CYS A 82 -9.10 -11.43 -1.34
C CYS A 82 -8.72 -11.23 0.13
N THR A 83 -7.53 -11.71 0.47
CA THR A 83 -7.04 -11.58 1.83
C THR A 83 -7.15 -10.13 2.31
N PRO A 84 -6.62 -9.20 1.46
CA PRO A 84 -6.65 -7.79 1.79
C PRO A 84 -8.04 -7.21 1.58
N HIS A 85 -8.49 -7.26 0.34
CA HIS A 85 -9.81 -6.75 0.00
C HIS A 85 -10.88 -7.72 0.49
N ARG A 86 -10.86 -7.97 1.78
CA ARG A 86 -11.82 -8.88 2.38
C ARG A 86 -13.10 -8.12 2.79
N GLY A 87 -12.88 -6.90 3.29
CA GLY A 87 -13.99 -6.07 3.71
C GLY A 87 -14.50 -5.21 2.55
N ALA A 88 -13.62 -4.98 1.59
CA ALA A 88 -13.97 -4.18 0.42
C ALA A 88 -15.05 -4.91 -0.38
N GLY A 89 -15.20 -6.19 -0.08
CA GLY A 89 -16.19 -7.00 -0.77
C GLY A 89 -15.64 -7.50 -2.11
N MET A 90 -14.59 -8.31 -2.02
CA MET A 90 -13.97 -8.86 -3.21
C MET A 90 -13.97 -10.39 -3.17
N VAL A 91 -15.14 -10.95 -3.43
CA VAL A 91 -15.29 -12.40 -3.42
C VAL A 91 -15.88 -12.85 -4.76
N GLY A 92 -15.57 -14.08 -5.12
CA GLY A 92 -16.06 -14.64 -6.37
C GLY A 92 -16.30 -16.15 -6.23
N THR A 93 -16.64 -16.76 -7.37
CA THR A 93 -16.90 -18.20 -7.38
C THR A 93 -16.40 -18.81 -8.70
N ILE A 94 -16.25 -20.13 -8.68
CA ILE A 94 -15.78 -20.84 -9.85
C ILE A 94 -16.43 -22.21 -9.90
N THR A 95 -17.12 -22.47 -11.00
CA THR A 95 -17.80 -23.75 -11.18
C THR A 95 -17.03 -24.63 -12.17
N VAL A 96 -17.05 -25.92 -11.90
CA VAL A 96 -16.36 -26.87 -12.76
C VAL A 96 -17.33 -27.99 -13.15
N GLU A 97 -18.24 -27.65 -14.04
CA GLU A 97 -19.22 -28.61 -14.52
C GLU A 97 -18.68 -29.39 -15.71
N TYR B 1 -2.66 0.48 1.80
CA TYR B 1 -2.75 1.42 0.66
C TYR B 1 -3.79 2.46 0.93
N PRO B 2 -3.77 3.55 0.23
CA PRO B 2 -4.76 4.56 0.46
C PRO B 2 -6.11 4.02 0.15
N PHE B 3 -6.17 3.06 -0.78
CA PHE B 3 -7.39 2.45 -1.23
C PHE B 3 -8.03 1.77 -0.05
N TYR B 4 -7.21 1.10 0.77
CA TYR B 4 -7.68 0.37 1.92
C TYR B 4 -8.27 1.33 2.91
N ALA B 5 -7.69 2.54 3.06
CA ALA B 5 -8.27 3.50 3.97
C ALA B 5 -9.64 3.85 3.48
N GLN B 6 -9.81 4.06 2.16
CA GLN B 6 -11.09 4.47 1.65
C GLN B 6 -12.14 3.44 1.95
N TYR B 7 -11.84 2.14 1.76
CA TYR B 7 -12.86 1.16 2.04
C TYR B 7 -13.20 1.09 3.49
N ASN B 8 -12.20 1.14 4.37
CA ASN B 8 -12.42 0.99 5.78
C ASN B 8 -13.03 2.19 6.45
N TYR B 9 -12.59 3.43 6.10
CA TYR B 9 -13.08 4.53 6.90
C TYR B 9 -13.62 5.63 6.03
N ASP B 10 -14.84 6.09 6.36
CA ASP B 10 -15.41 7.16 5.60
C ASP B 10 -14.59 8.39 5.88
N SER B 11 -14.20 8.61 7.16
CA SER B 11 -13.41 9.75 7.51
C SER B 11 -12.03 9.27 7.89
N PRO B 12 -11.05 9.76 7.18
CA PRO B 12 -9.67 9.40 7.37
C PRO B 12 -9.04 9.96 8.61
N ARG B 13 -9.66 10.97 9.26
CA ARG B 13 -9.06 11.57 10.41
C ARG B 13 -9.97 11.33 11.57
N GLU B 14 -9.41 10.73 12.64
CA GLU B 14 -10.16 10.41 13.83
C GLU B 14 -10.30 11.68 14.63
N ALA B 15 -11.22 11.66 15.62
CA ALA B 15 -11.51 12.81 16.42
C ALA B 15 -10.26 13.23 17.12
N THR B 16 -9.45 12.24 17.53
CA THR B 16 -8.22 12.48 18.22
C THR B 16 -7.32 13.23 17.29
N GLY B 17 -7.49 13.01 15.97
CA GLY B 17 -6.64 13.66 15.02
C GLY B 17 -5.75 12.62 14.44
N LYS B 18 -5.87 11.38 14.94
CA LYS B 18 -5.07 10.33 14.40
C LYS B 18 -5.62 9.98 13.04
N ILE B 19 -4.72 9.77 12.07
CA ILE B 19 -5.06 9.42 10.72
C ILE B 19 -5.12 7.93 10.65
N VAL B 20 -6.12 7.40 9.92
CA VAL B 20 -6.51 6.01 9.86
C VAL B 20 -5.41 5.10 9.39
N CYS B 21 -4.45 5.60 8.60
CA CYS B 21 -3.42 4.74 8.07
C CYS B 21 -2.71 4.08 9.22
N ALA B 22 -2.71 4.74 10.39
CA ALA B 22 -2.03 4.30 11.57
C ALA B 22 -2.55 2.97 12.01
N ASN B 23 -3.83 2.65 11.72
CA ASN B 23 -4.36 1.41 12.19
C ASN B 23 -3.54 0.26 11.63
N CYS B 24 -3.22 0.31 10.32
CA CYS B 24 -2.41 -0.69 9.64
C CYS B 24 -0.92 -0.52 9.76
N HIS B 25 -0.43 0.74 9.62
CA HIS B 25 0.99 0.99 9.60
C HIS B 25 1.35 1.45 10.96
N LEU B 26 1.84 0.49 11.75
CA LEU B 26 2.09 0.60 13.16
C LEU B 26 3.23 1.52 13.56
N ALA B 27 4.33 1.59 12.78
CA ALA B 27 5.48 2.34 13.22
C ALA B 27 5.37 3.79 12.86
N LYS B 28 6.02 4.66 13.67
CA LYS B 28 5.96 6.07 13.43
C LYS B 28 7.23 6.51 12.76
N LYS B 29 7.09 7.36 11.72
CA LYS B 29 8.19 7.95 11.00
C LYS B 29 7.75 9.34 10.67
N THR B 30 8.71 10.21 10.30
CA THR B 30 8.40 11.60 10.10
C THR B 30 7.65 11.86 8.84
N VAL B 31 6.89 12.98 8.84
CA VAL B 31 6.21 13.43 7.65
C VAL B 31 6.43 14.92 7.62
N GLU B 32 6.69 15.48 6.41
CA GLU B 32 6.90 16.90 6.35
C GLU B 32 6.02 17.50 5.30
N ILE B 33 5.52 18.72 5.56
CA ILE B 33 4.71 19.40 4.59
C ILE B 33 5.02 20.87 4.64
N GLU B 34 5.17 21.52 3.47
CA GLU B 34 5.40 22.94 3.46
C GLU B 34 4.43 23.59 2.52
N VAL B 35 3.85 24.72 2.95
CA VAL B 35 2.91 25.46 2.15
C VAL B 35 3.16 26.92 2.44
N PRO B 36 2.62 27.78 1.62
CA PRO B 36 2.82 29.19 1.81
C PRO B 36 2.10 29.68 3.04
N GLN B 37 2.53 30.83 3.57
CA GLN B 37 1.95 31.40 4.75
C GLN B 37 0.51 31.72 4.45
N ALA B 38 0.24 32.34 3.29
CA ALA B 38 -1.09 32.72 2.98
C ALA B 38 -1.30 32.60 1.50
N VAL B 39 -2.57 32.50 1.08
CA VAL B 39 -2.88 32.41 -0.33
C VAL B 39 -4.12 33.21 -0.62
N LEU B 40 -4.21 33.76 -1.85
CA LEU B 40 -5.33 34.56 -2.27
C LEU B 40 -6.43 33.62 -2.71
N PRO B 41 -7.66 34.07 -2.72
CA PRO B 41 -8.81 33.22 -2.98
C PRO B 41 -8.73 32.19 -4.05
N ASP B 42 -9.19 32.38 -5.28
CA ASP B 42 -9.12 31.26 -6.18
C ASP B 42 -7.77 31.27 -6.81
N THR B 43 -6.76 30.77 -6.05
CA THR B 43 -5.41 30.79 -6.54
C THR B 43 -4.80 29.43 -6.35
N VAL B 44 -3.72 29.13 -7.10
CA VAL B 44 -3.10 27.85 -7.00
C VAL B 44 -1.78 28.01 -6.30
N PHE B 45 -1.45 27.08 -5.38
CA PHE B 45 -0.22 27.14 -4.66
C PHE B 45 0.29 25.74 -4.50
N LYS B 46 1.57 25.58 -4.09
CA LYS B 46 2.12 24.25 -3.99
C LYS B 46 2.23 23.82 -2.57
N ALA B 47 1.91 22.53 -2.32
CA ALA B 47 2.07 21.92 -1.04
C ALA B 47 3.13 20.88 -1.27
N VAL B 48 4.25 20.98 -0.52
CA VAL B 48 5.35 20.08 -0.72
C VAL B 48 5.35 19.05 0.37
N VAL B 49 5.39 17.76 -0.02
CA VAL B 49 5.33 16.68 0.93
C VAL B 49 6.59 15.86 0.82
N LYS B 50 7.17 15.45 1.98
CA LYS B 50 8.34 14.62 1.97
C LYS B 50 8.15 13.53 2.99
N VAL B 51 8.63 12.30 2.68
CA VAL B 51 8.50 11.18 3.57
C VAL B 51 9.85 10.50 3.68
N PRO B 52 10.64 10.91 4.62
CA PRO B 52 11.99 10.40 4.71
C PRO B 52 12.20 9.02 5.22
N TYR B 53 13.18 8.31 4.61
CA TYR B 53 13.64 7.03 5.08
C TYR B 53 14.98 6.82 4.46
N ASP B 54 15.77 5.86 5.00
CA ASP B 54 17.07 5.63 4.45
C ASP B 54 16.89 4.77 3.22
N LEU B 55 17.28 5.31 2.06
CA LEU B 55 17.14 4.65 0.79
C LEU B 55 17.97 3.41 0.76
N ASP B 56 19.06 3.38 1.54
CA ASP B 56 19.93 2.23 1.57
C ASP B 56 19.25 1.02 2.16
N ILE B 57 18.23 1.19 3.04
CA ILE B 57 17.68 0.04 3.69
C ILE B 57 16.51 -0.52 2.94
N GLN B 58 16.51 -1.86 2.75
CA GLN B 58 15.50 -2.59 2.04
C GLN B 58 14.49 -3.13 3.00
N GLN B 59 13.29 -3.45 2.48
CA GLN B 59 12.16 -3.90 3.24
C GLN B 59 11.78 -5.28 2.80
N VAL B 60 11.08 -6.03 3.69
CA VAL B 60 10.62 -7.34 3.37
C VAL B 60 9.43 -7.15 2.47
N GLN B 61 9.40 -7.88 1.34
CA GLN B 61 8.31 -7.76 0.41
C GLN B 61 7.38 -8.93 0.59
N ALA B 62 6.32 -8.99 -0.24
CA ALA B 62 5.30 -9.98 -0.10
C ALA B 62 5.88 -11.37 -0.20
N ASP B 63 6.84 -11.59 -1.11
CA ASP B 63 7.42 -12.90 -1.29
C ASP B 63 8.35 -13.25 -0.16
N GLY B 64 8.79 -12.26 0.63
CA GLY B 64 9.68 -12.50 1.74
C GLY B 64 11.04 -11.98 1.42
N SER B 65 11.30 -11.66 0.13
CA SER B 65 12.58 -11.14 -0.30
C SER B 65 12.66 -9.66 -0.04
N PRO B 66 13.88 -9.17 -0.03
CA PRO B 66 14.08 -7.74 0.15
C PRO B 66 13.84 -6.92 -1.09
N SER B 67 13.34 -5.68 -0.94
CA SER B 67 13.11 -4.83 -2.08
C SER B 67 12.96 -3.41 -1.60
N GLY B 68 12.65 -2.48 -2.53
CA GLY B 68 12.54 -1.07 -2.23
C GLY B 68 11.23 -0.78 -1.57
N LEU B 69 11.07 0.46 -1.07
CA LEU B 69 9.88 0.88 -0.39
C LEU B 69 9.09 1.77 -1.29
N ASN B 70 7.76 1.80 -1.07
CA ASN B 70 6.85 2.64 -1.82
C ASN B 70 6.30 3.61 -0.82
N VAL B 71 5.84 4.78 -1.29
CA VAL B 71 5.36 5.79 -0.38
C VAL B 71 3.99 6.23 -0.81
N GLY B 72 3.25 6.89 0.10
CA GLY B 72 1.93 7.36 -0.21
C GLY B 72 1.53 8.30 0.87
N ALA B 73 0.43 9.07 0.66
CA ALA B 73 0.05 9.99 1.69
C ALA B 73 -1.38 10.41 1.50
N VAL B 74 -1.95 11.00 2.57
CA VAL B 74 -3.26 11.58 2.53
C VAL B 74 -3.04 13.00 2.95
N LEU B 75 -3.51 13.97 2.13
CA LEU B 75 -3.33 15.35 2.47
C LEU B 75 -4.68 15.94 2.68
N MET B 76 -4.99 16.38 3.92
CA MET B 76 -6.31 16.89 4.16
C MET B 76 -6.26 18.38 4.16
N LEU B 77 -6.92 18.97 3.15
CA LEU B 77 -6.98 20.40 3.00
C LEU B 77 -8.26 20.88 3.60
N PRO B 78 -8.35 22.17 3.78
CA PRO B 78 -9.53 22.76 4.36
C PRO B 78 -10.67 22.69 3.41
N GLU B 79 -11.91 22.92 3.91
CA GLU B 79 -13.08 22.85 3.07
C GLU B 79 -12.91 23.81 1.94
N GLY B 80 -13.33 23.37 0.74
CA GLY B 80 -13.35 24.20 -0.43
C GLY B 80 -12.07 24.08 -1.21
N PHE B 81 -10.99 23.60 -0.57
CA PHE B 81 -9.73 23.45 -1.26
C PHE B 81 -9.77 22.18 -2.06
N LYS B 82 -9.13 22.19 -3.25
CA LYS B 82 -9.09 21.01 -4.06
C LYS B 82 -7.80 21.01 -4.83
N LEU B 83 -7.47 19.86 -5.47
CA LEU B 83 -6.29 19.80 -6.28
C LEU B 83 -6.60 20.69 -7.44
N ALA B 84 -5.59 21.42 -7.97
CA ALA B 84 -5.86 22.37 -9.02
C ALA B 84 -6.03 21.67 -10.32
N PRO B 85 -6.93 22.18 -11.13
CA PRO B 85 -7.13 21.65 -12.45
C PRO B 85 -5.97 22.10 -13.29
N PRO B 86 -5.64 21.33 -14.28
CA PRO B 86 -4.49 21.62 -15.11
C PRO B 86 -4.56 22.99 -15.69
N GLU B 87 -5.76 23.45 -16.08
CA GLU B 87 -5.95 24.70 -16.77
C GLU B 87 -5.55 25.81 -15.87
N ARG B 88 -5.81 25.63 -14.57
CA ARG B 88 -5.56 26.59 -13.53
C ARG B 88 -4.10 26.74 -13.20
N VAL B 89 -3.25 25.74 -13.45
CA VAL B 89 -1.87 25.86 -13.04
C VAL B 89 -1.13 26.81 -13.92
N ASP B 90 -0.45 27.81 -13.31
CA ASP B 90 0.24 28.77 -14.11
C ASP B 90 1.46 28.15 -14.73
N GLU B 91 1.99 28.82 -15.78
CA GLU B 91 3.00 28.28 -16.65
C GLU B 91 4.28 27.94 -15.96
N GLU B 92 4.83 28.82 -15.11
CA GLU B 92 6.11 28.52 -14.54
C GLU B 92 6.00 27.28 -13.71
N LEU B 93 4.88 27.15 -12.99
CA LEU B 93 4.60 26.12 -12.03
C LEU B 93 4.37 24.74 -12.57
N MET B 94 3.83 24.58 -13.79
CA MET B 94 3.37 23.29 -14.24
C MET B 94 4.44 22.25 -14.16
N GLU B 95 5.68 22.57 -14.54
CA GLU B 95 6.72 21.59 -14.49
C GLU B 95 7.08 21.22 -13.07
N GLU B 96 6.96 22.19 -12.14
CA GLU B 96 7.33 22.08 -10.75
C GLU B 96 6.45 21.14 -9.98
N VAL B 97 5.20 20.93 -10.42
CA VAL B 97 4.28 20.17 -9.64
C VAL B 97 4.17 18.77 -10.16
N GLY B 98 3.71 17.84 -9.31
CA GLY B 98 3.57 16.48 -9.73
C GLY B 98 2.59 16.52 -10.83
N ASP B 99 2.58 15.46 -11.69
CA ASP B 99 1.62 15.39 -12.75
C ASP B 99 0.34 15.53 -12.03
N PHE B 100 -0.24 16.72 -12.23
CA PHE B 100 -1.34 17.17 -11.44
C PHE B 100 -2.42 16.19 -11.53
N TYR B 101 -2.80 15.79 -12.74
CA TYR B 101 -3.93 14.95 -12.65
C TYR B 101 -3.67 13.61 -12.07
N TYR B 102 -2.72 12.91 -12.70
CA TYR B 102 -2.53 11.49 -12.52
C TYR B 102 -2.22 11.08 -11.13
N LEU B 103 -1.29 11.76 -10.46
CA LEU B 103 -0.88 11.32 -9.15
C LEU B 103 -1.97 11.43 -8.12
N VAL B 104 -2.86 12.44 -8.25
CA VAL B 104 -3.80 12.75 -7.19
C VAL B 104 -5.18 12.20 -7.38
N THR B 105 -5.72 11.58 -6.30
CA THR B 105 -7.05 11.04 -6.31
C THR B 105 -7.81 11.56 -5.12
N PRO B 106 -9.06 11.91 -5.31
CA PRO B 106 -9.86 12.39 -4.21
C PRO B 106 -10.26 11.25 -3.33
N TYR B 107 -10.46 11.52 -2.03
CA TYR B 107 -10.80 10.50 -1.08
C TYR B 107 -12.15 9.95 -1.44
N SER B 108 -13.08 10.86 -1.80
CA SER B 108 -14.42 10.50 -2.19
C SER B 108 -14.94 11.63 -3.01
N GLU B 109 -16.14 11.46 -3.60
CA GLU B 109 -16.69 12.48 -4.45
C GLU B 109 -16.92 13.73 -3.66
N THR B 110 -17.47 13.58 -2.43
CA THR B 110 -17.78 14.67 -1.54
C THR B 110 -16.53 15.27 -0.95
N ASP B 111 -15.49 14.43 -0.78
CA ASP B 111 -14.20 14.54 -0.15
C ASP B 111 -13.06 15.14 -0.95
N GLU B 112 -13.32 15.92 -2.02
CA GLU B 112 -12.29 16.40 -2.90
C GLU B 112 -11.18 17.13 -2.19
N ASN B 113 -11.45 17.70 -0.99
CA ASN B 113 -10.46 18.39 -0.20
C ASN B 113 -9.44 17.42 0.35
N ILE B 114 -9.76 16.11 0.42
CA ILE B 114 -8.82 15.14 0.92
C ILE B 114 -8.21 14.43 -0.26
N LEU B 115 -6.88 14.57 -0.42
CA LEU B 115 -6.14 14.09 -1.56
C LEU B 115 -5.28 12.92 -1.18
N LEU B 116 -5.28 11.87 -2.03
CA LEU B 116 -4.50 10.68 -1.79
C LEU B 116 -3.50 10.55 -2.90
N ALA B 117 -2.28 10.06 -2.57
CA ALA B 117 -1.28 9.83 -3.58
C ALA B 117 -0.60 8.53 -3.21
N GLY B 118 -0.12 7.78 -4.21
CA GLY B 118 0.60 6.57 -3.94
C GLY B 118 -0.29 5.38 -4.07
N PRO B 119 0.30 4.20 -4.00
CA PRO B 119 1.72 4.11 -3.79
C PRO B 119 2.56 4.50 -4.96
N LEU B 120 3.73 5.11 -4.67
CA LEU B 120 4.68 5.54 -5.67
C LEU B 120 6.01 5.00 -5.23
N PRO B 121 6.93 4.83 -6.14
CA PRO B 121 8.23 4.34 -5.77
C PRO B 121 8.94 5.37 -4.94
N GLY B 122 9.49 4.98 -3.79
CA GLY B 122 10.11 5.88 -2.86
C GLY B 122 11.33 6.51 -3.46
N GLU B 123 12.10 5.75 -4.25
CA GLU B 123 13.33 6.28 -4.78
C GLU B 123 13.03 7.42 -5.71
N ASP B 124 11.93 7.31 -6.49
CA ASP B 124 11.55 8.28 -7.47
C ASP B 124 11.04 9.56 -6.86
N TYR B 125 10.23 9.49 -5.77
CA TYR B 125 9.63 10.71 -5.31
C TYR B 125 10.18 11.15 -3.99
N GLN B 126 11.23 11.98 -4.03
CA GLN B 126 11.78 12.54 -2.82
C GLN B 126 10.82 13.55 -2.30
N GLU B 127 10.17 14.27 -3.22
CA GLU B 127 9.25 15.31 -2.85
C GLU B 127 8.02 15.09 -3.69
N MET B 128 6.82 15.25 -3.09
CA MET B 128 5.61 15.12 -3.85
C MET B 128 5.00 16.47 -3.80
N ILE B 129 4.79 17.12 -4.95
CA ILE B 129 4.28 18.47 -4.89
C ILE B 129 2.88 18.52 -5.40
N PHE B 130 1.94 18.92 -4.52
CA PHE B 130 0.55 18.95 -4.91
C PHE B 130 0.18 20.35 -5.31
N PRO B 131 -0.36 20.53 -6.49
CA PRO B 131 -0.85 21.79 -6.97
C PRO B 131 -2.16 21.98 -6.27
N ILE B 132 -2.39 23.08 -5.54
CA ILE B 132 -3.65 23.15 -4.85
C ILE B 132 -4.37 24.42 -5.20
N LEU B 133 -5.69 24.32 -5.40
CA LEU B 133 -6.46 25.49 -5.74
C LEU B 133 -7.31 25.88 -4.55
N SER B 134 -7.17 27.13 -4.08
CA SER B 134 -7.94 27.62 -2.96
C SER B 134 -9.34 27.97 -3.41
N PRO B 135 -10.28 27.95 -2.48
CA PRO B 135 -11.66 28.30 -2.74
C PRO B 135 -11.86 29.78 -2.79
N ASN B 136 -13.08 30.24 -3.16
CA ASN B 136 -13.37 31.66 -3.15
C ASN B 136 -14.58 31.87 -2.30
N PRO B 137 -14.40 32.48 -1.16
CA PRO B 137 -15.50 32.67 -0.25
C PRO B 137 -16.57 33.57 -0.77
N ALA B 138 -16.26 34.50 -1.69
CA ALA B 138 -17.29 35.36 -2.14
C ALA B 138 -18.34 34.52 -2.81
N THR B 139 -17.87 33.59 -3.67
CA THR B 139 -18.74 32.69 -4.37
C THR B 139 -19.24 31.59 -3.48
N ASP B 140 -18.40 31.10 -2.55
CA ASP B 140 -18.77 29.93 -1.77
C ASP B 140 -19.04 30.31 -0.34
N ALA B 141 -20.31 30.12 0.08
CA ALA B 141 -20.83 30.42 1.39
C ALA B 141 -20.20 29.56 2.44
N GLY B 142 -19.91 28.28 2.08
CA GLY B 142 -19.41 27.30 2.99
C GLY B 142 -18.08 27.72 3.55
N VAL B 143 -17.26 28.47 2.79
CA VAL B 143 -15.96 28.81 3.29
C VAL B 143 -15.82 30.29 3.51
N TYR B 144 -14.99 30.65 4.51
CA TYR B 144 -14.75 32.03 4.81
C TYR B 144 -13.26 32.24 4.85
N PHE B 145 -12.82 33.51 4.85
CA PHE B 145 -11.41 33.80 4.92
C PHE B 145 -11.01 33.57 6.34
N GLY B 146 -9.75 33.15 6.56
CA GLY B 146 -9.30 32.91 7.91
C GLY B 146 -8.11 32.00 7.84
N LYS B 147 -7.63 31.56 9.03
CA LYS B 147 -6.50 30.69 9.09
C LYS B 147 -7.01 29.28 9.18
N TYR B 148 -6.39 28.35 8.43
CA TYR B 148 -6.89 27.00 8.45
C TYR B 148 -5.76 26.03 8.64
N SER B 149 -6.09 24.80 9.06
CA SER B 149 -5.10 23.80 9.30
C SER B 149 -5.15 22.78 8.21
N ILE B 150 -3.98 22.21 7.87
CA ILE B 150 -3.87 21.20 6.86
C ILE B 150 -3.26 20.02 7.58
N HIS B 151 -3.79 18.80 7.34
CA HIS B 151 -3.28 17.66 8.04
C HIS B 151 -2.66 16.72 7.06
N LEU B 152 -1.44 16.25 7.35
CA LEU B 152 -0.77 15.35 6.47
C LEU B 152 -0.55 14.03 7.16
N GLY B 153 -0.77 12.93 6.42
CA GLY B 153 -0.49 11.60 6.89
C GLY B 153 0.36 11.00 5.81
N GLY B 154 1.60 10.55 6.15
CA GLY B 154 2.45 10.06 5.10
C GLY B 154 3.08 8.75 5.51
N ASN B 155 3.13 7.80 4.57
CA ASN B 155 3.64 6.50 4.91
C ASN B 155 4.64 6.02 3.89
N ARG B 156 5.56 5.13 4.36
CA ARG B 156 6.50 4.48 3.49
C ARG B 156 6.56 3.06 3.99
N GLY B 157 6.63 2.07 3.09
CA GLY B 157 6.80 0.72 3.52
C GLY B 157 5.48 0.02 3.72
N ARG B 158 5.52 -1.32 3.69
CA ARG B 158 4.37 -2.17 3.78
C ARG B 158 3.82 -2.18 5.17
N GLY B 159 2.47 -2.30 5.27
CA GLY B 159 1.78 -2.27 6.53
C GLY B 159 1.87 -3.60 7.22
N GLN B 160 1.54 -3.59 8.52
CA GLN B 160 1.51 -4.70 9.43
C GLN B 160 0.26 -5.53 9.33
N VAL B 161 -0.91 -4.92 9.03
CA VAL B 161 -2.14 -5.65 9.06
C VAL B 161 -2.88 -5.45 7.78
N TYR B 162 -3.78 -6.40 7.45
CA TYR B 162 -4.53 -6.35 6.22
C TYR B 162 -5.94 -6.01 6.60
N PRO B 163 -6.72 -5.56 5.65
CA PRO B 163 -8.10 -5.27 5.92
C PRO B 163 -8.80 -6.52 6.32
N THR B 164 -8.16 -7.67 6.05
CA THR B 164 -8.65 -8.95 6.46
C THR B 164 -8.61 -8.95 7.95
N GLY B 165 -7.60 -8.28 8.53
CA GLY B 165 -7.44 -8.26 9.95
C GLY B 165 -6.30 -9.16 10.30
N GLU B 166 -5.79 -9.92 9.30
CA GLU B 166 -4.69 -10.79 9.55
C GLU B 166 -3.41 -10.03 9.38
N LEU B 167 -2.35 -10.49 10.09
CA LEU B 167 -1.07 -9.83 10.07
C LEU B 167 -0.34 -10.17 8.81
N SER B 168 0.48 -9.20 8.34
CA SER B 168 1.29 -9.36 7.17
C SER B 168 2.59 -9.97 7.59
N ASN B 169 3.47 -10.26 6.61
CA ASN B 169 4.78 -10.81 6.84
C ASN B 169 5.70 -9.75 7.39
N ASN B 170 5.32 -8.46 7.31
CA ASN B 170 6.18 -7.42 7.81
C ASN B 170 5.75 -7.07 9.21
N ASN B 171 5.78 -8.05 10.14
CA ASN B 171 5.35 -7.80 11.50
C ASN B 171 5.98 -8.81 12.41
N ALA B 172 5.93 -8.57 13.74
CA ALA B 172 6.49 -9.51 14.67
C ALA B 172 5.50 -10.62 14.92
N PHE B 173 6.02 -11.86 15.12
CA PHE B 173 5.16 -12.99 15.40
C PHE B 173 5.51 -13.47 16.78
N SER B 174 4.49 -13.85 17.60
CA SER B 174 4.76 -14.19 18.98
C SER B 174 4.34 -15.60 19.30
N ALA B 175 4.97 -16.18 20.35
CA ALA B 175 4.69 -17.52 20.77
C ALA B 175 3.28 -17.60 21.25
N SER B 176 2.52 -18.56 20.69
CA SER B 176 1.15 -18.76 21.03
C SER B 176 1.07 -19.31 22.42
N ILE B 177 2.12 -20.03 22.87
CA ILE B 177 2.09 -20.60 24.19
C ILE B 177 3.49 -20.73 24.70
N ALA B 178 3.65 -20.85 26.05
CA ALA B 178 4.93 -21.00 26.66
C ALA B 178 5.37 -22.43 26.57
N GLY B 179 6.69 -22.67 26.48
CA GLY B 179 7.18 -24.02 26.40
C GLY B 179 8.57 -24.00 25.84
N THR B 180 9.04 -25.17 25.34
CA THR B 180 10.36 -25.24 24.79
C THR B 180 10.26 -25.52 23.32
N ILE B 181 11.21 -24.99 22.53
CA ILE B 181 11.13 -25.13 21.10
C ILE B 181 11.83 -26.39 20.70
N ALA B 182 11.04 -27.41 20.34
CA ALA B 182 11.53 -28.68 19.90
C ALA B 182 12.18 -28.58 18.55
N ALA B 183 11.57 -27.82 17.61
CA ALA B 183 12.17 -27.77 16.31
C ALA B 183 11.57 -26.65 15.51
N ILE B 184 12.24 -26.27 14.40
CA ILE B 184 11.75 -25.27 13.49
C ILE B 184 12.07 -25.70 12.06
N GLU B 185 11.15 -25.52 11.09
CA GLU B 185 11.31 -25.96 9.70
C GLU B 185 11.37 -24.74 8.78
N ASP B 186 11.97 -24.80 7.53
CA ASP B 186 12.13 -23.53 6.82
C ASP B 186 12.15 -23.45 5.27
N ASN B 187 11.15 -22.77 4.62
CA ASN B 187 11.17 -22.42 3.20
C ASN B 187 11.17 -20.93 3.17
N GLY B 188 11.95 -20.37 4.10
CA GLY B 188 11.92 -18.95 4.29
C GLY B 188 10.88 -18.81 5.34
N PHE B 189 9.76 -19.55 5.13
CA PHE B 189 8.66 -19.62 6.05
C PHE B 189 9.14 -20.53 7.10
N GLY B 190 8.78 -20.23 8.34
CA GLY B 190 9.01 -21.24 9.29
C GLY B 190 7.64 -21.73 9.31
N PHE B 191 7.47 -22.87 8.64
CA PHE B 191 6.20 -23.48 8.52
C PHE B 191 5.84 -23.64 9.93
N ASP B 192 6.85 -23.97 10.76
CA ASP B 192 6.43 -24.07 12.10
C ASP B 192 7.55 -23.95 13.07
N VAL B 193 7.21 -23.31 14.19
CA VAL B 193 8.05 -23.38 15.35
C VAL B 193 7.23 -24.28 16.22
N THR B 194 7.79 -25.43 16.61
CA THR B 194 7.02 -26.33 17.42
C THR B 194 7.40 -26.09 18.84
N ILE B 195 6.38 -25.89 19.70
CA ILE B 195 6.66 -25.62 21.07
C ILE B 195 6.05 -26.68 21.91
N GLN B 196 6.79 -27.16 22.92
CA GLN B 196 6.30 -28.19 23.80
C GLN B 196 5.87 -27.51 25.07
N PRO B 197 4.59 -27.48 25.30
CA PRO B 197 4.12 -26.91 26.53
C PRO B 197 4.43 -27.70 27.76
N GLU B 198 4.12 -27.07 28.90
CA GLU B 198 4.45 -27.50 30.23
C GLU B 198 3.90 -28.87 30.50
N ASP B 199 2.78 -29.27 29.86
CA ASP B 199 2.27 -30.55 30.24
C ASP B 199 2.09 -31.50 29.08
N GLY B 200 3.12 -31.68 28.22
CA GLY B 200 3.07 -32.73 27.24
C GLY B 200 2.59 -32.27 25.89
N ASP B 201 1.74 -31.24 25.81
CA ASP B 201 1.18 -30.86 24.53
C ASP B 201 2.25 -30.25 23.67
N ALA B 202 2.02 -30.25 22.34
CA ALA B 202 2.93 -29.61 21.43
C ALA B 202 2.10 -28.78 20.49
N VAL B 203 2.49 -27.50 20.30
CA VAL B 203 1.74 -26.60 19.48
C VAL B 203 2.63 -26.10 18.39
N VAL B 204 2.03 -25.62 17.28
CA VAL B 204 2.88 -25.19 16.21
C VAL B 204 2.49 -23.80 15.81
N THR B 205 3.48 -22.89 15.70
CA THR B 205 3.18 -21.53 15.33
C THR B 205 3.80 -21.31 13.98
N SER B 206 3.00 -20.84 13.01
CA SER B 206 3.51 -20.68 11.68
C SER B 206 3.86 -19.25 11.47
N ILE B 207 5.06 -19.02 10.88
CA ILE B 207 5.46 -17.67 10.60
C ILE B 207 5.81 -17.65 9.14
N LEU B 208 5.45 -16.56 8.44
CA LEU B 208 5.69 -16.44 7.02
C LEU B 208 7.12 -16.03 6.79
N PRO B 209 7.62 -16.17 5.57
CA PRO B 209 8.96 -15.79 5.23
C PRO B 209 9.07 -14.31 5.45
N GLY B 210 10.26 -13.81 5.84
CA GLY B 210 10.46 -12.39 6.00
C GLY B 210 10.92 -12.04 7.39
N PRO B 211 10.18 -12.35 8.42
CA PRO B 211 10.64 -12.00 9.74
C PRO B 211 11.80 -12.88 10.08
N GLU B 212 12.73 -12.44 10.95
CA GLU B 212 13.85 -13.27 11.25
C GLU B 212 13.69 -13.85 12.63
N LEU B 213 13.87 -15.18 12.74
CA LEU B 213 13.69 -15.86 13.98
C LEU B 213 14.77 -15.47 14.94
N ILE B 214 14.32 -15.03 16.13
CA ILE B 214 15.07 -14.66 17.30
C ILE B 214 15.50 -15.88 18.06
N VAL B 215 14.70 -16.97 18.01
CA VAL B 215 14.89 -18.11 18.86
C VAL B 215 15.51 -19.26 18.17
N ALA B 216 16.04 -20.21 18.97
CA ALA B 216 16.70 -21.39 18.48
C ALA B 216 16.07 -22.58 19.13
N VAL B 217 16.25 -23.75 18.52
CA VAL B 217 15.66 -24.95 19.04
C VAL B 217 16.30 -25.22 20.37
N GLY B 218 15.48 -25.75 21.31
CA GLY B 218 15.93 -26.10 22.62
C GLY B 218 15.79 -24.90 23.51
N ASP B 219 15.21 -23.81 22.99
CA ASP B 219 15.09 -22.61 23.78
C ASP B 219 13.71 -22.54 24.36
N THR B 220 13.61 -22.05 25.61
CA THR B 220 12.33 -21.90 26.25
C THR B 220 11.80 -20.54 25.92
N VAL B 221 10.47 -20.42 25.79
CA VAL B 221 9.88 -19.14 25.49
C VAL B 221 8.62 -18.98 26.28
N GLU B 222 8.33 -17.74 26.70
CA GLU B 222 7.12 -17.47 27.44
C GLU B 222 6.03 -17.20 26.44
N ALA B 223 4.76 -17.31 26.87
CA ALA B 223 3.69 -17.08 25.95
C ALA B 223 3.71 -15.64 25.56
N GLY B 224 3.50 -15.37 24.26
CA GLY B 224 3.42 -14.04 23.76
C GLY B 224 4.79 -13.49 23.50
N GLN B 225 5.85 -14.26 23.83
CA GLN B 225 7.15 -13.69 23.61
C GLN B 225 7.44 -13.69 22.15
N LEU B 226 8.35 -12.78 21.71
CA LEU B 226 8.61 -12.64 20.31
C LEU B 226 9.47 -13.75 19.79
N LEU B 227 8.95 -14.42 18.74
CA LEU B 227 9.59 -15.46 17.98
C LEU B 227 10.53 -14.87 16.99
N THR B 228 10.25 -13.64 16.54
CA THR B 228 11.01 -13.04 15.48
C THR B 228 11.31 -11.60 15.82
N THR B 229 12.18 -10.97 15.02
CA THR B 229 12.48 -9.58 15.23
C THR B 229 11.35 -8.84 14.60
N ASN B 230 11.45 -7.50 14.57
CA ASN B 230 10.46 -6.74 13.87
C ASN B 230 11.13 -6.31 12.61
N PRO B 231 10.74 -6.88 11.50
CA PRO B 231 11.36 -6.60 10.24
C PRO B 231 10.99 -5.25 9.66
N ASN B 232 9.99 -4.57 10.22
CA ASN B 232 9.48 -3.33 9.68
C ASN B 232 10.53 -2.27 9.61
N VAL B 233 10.81 -1.79 8.36
CA VAL B 233 11.69 -0.71 7.98
C VAL B 233 11.01 0.63 7.84
N GLY B 234 9.69 0.65 7.59
CA GLY B 234 9.02 1.89 7.25
C GLY B 234 8.24 2.45 8.39
N GLY B 235 7.23 3.29 8.06
CA GLY B 235 6.42 3.84 9.11
C GLY B 235 5.53 4.91 8.56
N PHE B 236 4.58 5.36 9.41
CA PHE B 236 3.60 6.35 9.06
C PHE B 236 3.71 7.48 10.03
N GLY B 237 3.61 8.74 9.56
CA GLY B 237 3.74 9.86 10.44
C GLY B 237 2.75 10.92 10.03
N GLN B 238 2.49 11.89 10.94
CA GLN B 238 1.56 12.92 10.63
C GLN B 238 2.16 14.25 10.98
N MET B 239 1.75 15.31 10.26
CA MET B 239 2.19 16.62 10.60
C MET B 239 1.15 17.59 10.15
N ASP B 240 0.96 18.66 10.94
CA ASP B 240 -0.05 19.65 10.67
C ASP B 240 0.64 20.94 10.35
N SER B 241 -0.01 21.77 9.52
CA SER B 241 0.51 23.07 9.18
C SER B 241 -0.68 23.97 9.05
N GLU B 242 -0.46 25.30 8.97
CA GLU B 242 -1.57 26.19 8.85
C GLU B 242 -1.35 27.05 7.66
N ILE B 243 -2.44 27.56 7.05
CA ILE B 243 -2.35 28.45 5.93
C ILE B 243 -3.43 29.48 6.10
N VAL B 244 -3.18 30.72 5.62
CA VAL B 244 -4.15 31.77 5.79
C VAL B 244 -4.82 32.02 4.48
N LEU B 245 -6.17 31.93 4.46
CA LEU B 245 -6.91 32.21 3.25
C LEU B 245 -7.11 33.69 3.33
N GLN B 246 -6.42 34.44 2.45
CA GLN B 246 -6.34 35.88 2.55
C GLN B 246 -7.28 36.58 1.62
N SER B 247 -7.59 37.85 1.97
CA SER B 247 -8.45 38.67 1.16
C SER B 247 -7.56 39.47 0.27
N SER B 248 -7.96 39.62 -1.00
CA SER B 248 -7.16 40.32 -1.96
C SER B 248 -7.07 41.74 -1.57
N SER B 249 -6.02 42.39 -2.07
CA SER B 249 -5.82 43.77 -1.77
C SER B 249 -5.75 43.91 -0.26
CU CU C . -7.97 -7.65 -4.28
FE HEC D . -1.23 0.87 3.40
CHA HEC D . 1.05 -0.95 1.67
CHB HEC D . 0.09 3.77 2.17
CHC HEC D . -3.78 2.62 4.79
CHD HEC D . -2.21 -1.90 5.03
NA HEC D . 0.18 1.32 2.10
C1A HEC D . 1.01 0.45 1.45
C2A HEC D . 1.93 1.15 0.56
C3A HEC D . 1.69 2.47 0.74
C4A HEC D . 0.59 2.58 1.68
CMA HEC D . 2.44 3.61 0.08
CAA HEC D . 2.98 0.47 -0.32
CBA HEC D . 4.28 0.43 0.54
CGA HEC D . 5.39 -0.40 -0.08
O1A HEC D . 6.58 -0.12 0.23
O2A HEC D . 5.09 -1.33 -0.86
NB HEC D . -1.73 2.78 3.49
C1B HEC D . -0.99 3.88 3.01
C2B HEC D . -1.66 5.15 3.38
C3B HEC D . -2.78 4.84 4.12
C4B HEC D . -2.81 3.36 4.13
CMB HEC D . -1.14 6.54 3.12
CAB HEC D . -3.70 5.73 4.78
CBB HEC D . -4.33 6.82 3.90
NC HEC D . -2.75 0.45 4.55
C1C HEC D . -3.74 1.26 5.02
C2C HEC D . -4.68 0.54 5.85
C3C HEC D . -4.26 -0.72 5.93
C4C HEC D . -3.03 -0.78 5.14
CMC HEC D . -5.95 1.16 6.42
CAC HEC D . -4.83 -1.80 6.71
CBC HEC D . -6.32 -2.18 6.43
ND HEC D . -0.71 -1.03 3.33
C1D HEC D . -1.15 -2.03 4.18
C2D HEC D . -0.43 -3.28 3.98
C3D HEC D . 0.43 -3.03 2.97
C4D HEC D . 0.25 -1.64 2.58
CMD HEC D . -0.56 -4.63 4.76
CAD HEC D . 1.36 -4.02 2.31
CBD HEC D . 0.73 -4.78 1.14
CGD HEC D . 1.70 -5.77 0.54
O1D HEC D . 1.52 -6.99 0.77
O2D HEC D . 2.66 -5.30 -0.14
HHA HEC D . 1.76 -1.53 1.10
HHB HEC D . 0.58 4.68 1.86
HHC HEC D . -4.65 3.14 5.16
HHD HEC D . -2.44 -2.73 5.68
HMA1 HEC D . 2.04 3.77 -0.92
HMA2 HEC D . 3.48 3.37 0.01
HMA3 HEC D . 2.31 4.51 0.65
HAA1 HEC D . 3.14 1.05 -1.23
HAA2 HEC D . 2.65 -0.52 -0.59
HBA1 HEC D . 4.03 0.00 1.50
HBA2 HEC D . 4.63 1.44 0.67
HMB1 HEC D . -1.48 6.87 2.14
HMB2 HEC D . -0.06 6.54 3.14
HMB3 HEC D . -1.51 7.22 3.87
HAB HEC D . -4.54 5.16 5.16
HBB1 HEC D . -5.31 6.51 3.57
HBB2 HEC D . -4.42 7.74 4.48
HBB3 HEC D . -3.70 7.01 3.04
HMC1 HEC D . -5.85 1.24 7.50
HMC2 HEC D . -6.79 0.53 6.19
HMC3 HEC D . -6.09 2.14 6.00
HAC HEC D . -5.45 -1.53 7.52
HBC1 HEC D . -6.74 -2.68 7.30
HBC2 HEC D . -6.89 -1.29 6.22
HBC3 HEC D . -6.37 -2.85 5.57
HMD1 HEC D . 0.13 -4.64 5.58
HMD2 HEC D . -0.34 -5.44 4.09
HMD3 HEC D . -1.57 -4.73 5.13
HAD1 HEC D . 1.66 -4.75 3.05
HAD2 HEC D . 2.22 -3.49 1.94
HBD1 HEC D . 0.43 -4.07 0.38
HBD2 HEC D . -0.15 -5.31 1.49
N ALA A 1 -1.36 -14.14 -30.79
CA ALA A 1 -0.83 -12.86 -31.24
C ALA A 1 -0.16 -12.16 -30.07
N SER A 2 0.67 -11.18 -30.41
CA SER A 2 1.38 -10.42 -29.39
C SER A 2 0.39 -9.77 -28.42
N VAL A 3 0.61 -10.02 -27.14
CA VAL A 3 -0.26 -9.47 -26.11
C VAL A 3 0.58 -8.65 -25.14
N GLN A 4 -0.11 -8.04 -24.18
CA GLN A 4 0.55 -7.22 -23.19
C GLN A 4 -0.13 -7.39 -21.82
N ILE A 5 0.67 -7.22 -20.78
CA ILE A 5 0.18 -7.34 -19.42
C ILE A 5 0.27 -6.00 -18.72
N LYS A 6 -0.90 -5.43 -18.43
CA LYS A 6 -0.96 -4.14 -17.76
C LYS A 6 -1.06 -4.37 -16.25
N MET A 7 -0.25 -3.62 -15.52
CA MET A 7 -0.24 -3.73 -14.06
C MET A 7 -0.92 -2.52 -13.43
N GLY A 8 -2.20 -2.71 -13.09
CA GLY A 8 -2.98 -1.64 -12.48
C GLY A 8 -4.16 -1.25 -13.35
N THR A 9 -5.26 -0.91 -12.70
CA THR A 9 -6.46 -0.50 -13.41
C THR A 9 -6.69 1.00 -13.26
N ASP A 10 -7.50 1.54 -14.16
CA ASP A 10 -7.81 2.96 -14.14
C ASP A 10 -8.49 3.30 -12.80
N LYS A 11 -8.94 2.26 -12.12
CA LYS A 11 -9.59 2.44 -10.84
C LYS A 11 -8.55 2.37 -9.72
N TYR A 12 -7.40 2.97 -9.99
CA TYR A 12 -6.32 2.99 -9.02
C TYR A 12 -6.23 1.66 -8.27
N ALA A 13 -6.63 0.59 -8.96
CA ALA A 13 -6.61 -0.73 -8.38
C ALA A 13 -5.44 -1.52 -8.97
N PRO A 14 -4.49 -1.91 -8.08
CA PRO A 14 -3.33 -2.66 -8.50
C PRO A 14 -3.69 -4.12 -8.78
N LEU A 15 -3.90 -4.40 -10.07
CA LEU A 15 -4.25 -5.74 -10.49
C LEU A 15 -3.73 -5.98 -11.91
N TYR A 16 -3.44 -7.23 -12.20
CA TYR A 16 -2.95 -7.60 -13.52
C TYR A 16 -4.07 -7.64 -14.54
N GLU A 17 -3.88 -6.91 -15.62
CA GLU A 17 -4.87 -6.85 -16.69
C GLU A 17 -4.21 -7.11 -18.04
N PRO A 18 -4.88 -7.97 -18.86
CA PRO A 18 -6.12 -8.58 -18.44
C PRO A 18 -5.86 -9.70 -17.41
N LYS A 19 -6.74 -9.75 -16.42
CA LYS A 19 -6.62 -10.76 -15.39
C LYS A 19 -6.19 -12.09 -16.00
N ALA A 20 -6.77 -12.37 -17.16
CA ALA A 20 -6.46 -13.61 -17.87
C ALA A 20 -5.88 -13.26 -19.25
N LEU A 21 -4.96 -14.11 -19.69
CA LEU A 21 -4.33 -13.90 -20.99
C LEU A 21 -4.09 -15.27 -21.65
N SER A 22 -4.30 -15.29 -22.96
CA SER A 22 -4.11 -16.52 -23.72
C SER A 22 -3.23 -16.24 -24.94
N ILE A 23 -2.40 -17.22 -25.26
CA ILE A 23 -1.50 -17.11 -26.40
C ILE A 23 -1.14 -18.50 -26.91
N SER A 24 -0.28 -18.53 -27.92
CA SER A 24 0.14 -19.78 -28.51
C SER A 24 1.67 -19.92 -28.39
N ALA A 25 2.12 -21.17 -28.47
CA ALA A 25 3.54 -21.45 -28.37
C ALA A 25 4.28 -20.70 -29.48
N GLY A 26 4.97 -19.63 -29.06
CA GLY A 26 5.72 -18.81 -29.99
C GLY A 26 5.28 -17.35 -29.91
N ASP A 27 4.23 -17.12 -29.15
CA ASP A 27 3.72 -15.77 -28.98
C ASP A 27 4.53 -15.04 -27.92
N THR A 28 4.24 -13.77 -27.76
CA THR A 28 4.93 -12.95 -26.78
C THR A 28 3.94 -12.31 -25.81
N VAL A 29 4.43 -12.01 -24.61
CA VAL A 29 3.61 -11.40 -23.59
C VAL A 29 4.33 -10.20 -23.00
N GLU A 30 3.90 -9.02 -23.43
CA GLU A 30 4.50 -7.79 -22.96
C GLU A 30 3.97 -7.43 -21.57
N PHE A 31 4.60 -6.45 -20.95
CA PHE A 31 4.20 -6.01 -19.63
C PHE A 31 4.45 -4.50 -19.45
N VAL A 32 3.36 -3.80 -19.15
CA VAL A 32 3.45 -2.37 -18.96
C VAL A 32 2.87 -2.01 -17.58
N MET A 33 3.31 -0.87 -17.06
CA MET A 33 2.85 -0.41 -15.77
C MET A 33 1.74 0.62 -15.92
N ASN A 34 0.58 0.30 -15.37
CA ASN A 34 -0.56 1.20 -15.45
C ASN A 34 -0.41 2.28 -14.39
N LYS A 35 -0.47 1.86 -13.13
CA LYS A 35 -0.35 2.78 -12.02
C LYS A 35 -0.17 1.99 -10.72
N VAL A 36 -0.31 2.71 -9.61
CA VAL A 36 -0.17 2.08 -8.31
C VAL A 36 1.07 1.19 -8.29
N GLY A 37 2.20 1.80 -8.65
CA GLY A 37 3.46 1.07 -8.68
C GLY A 37 4.20 1.21 -7.36
N PRO A 38 5.46 0.69 -7.36
CA PRO A 38 6.02 0.08 -8.54
C PRO A 38 5.42 -1.31 -8.77
N HIS A 39 6.03 -2.04 -9.70
CA HIS A 39 5.58 -3.38 -10.01
C HIS A 39 6.77 -4.28 -10.33
N ASN A 40 6.48 -5.47 -10.83
CA ASN A 40 7.51 -6.42 -11.18
C ASN A 40 6.86 -7.75 -11.58
N VAL A 41 7.68 -8.60 -12.17
CA VAL A 41 7.20 -9.91 -12.61
C VAL A 41 7.70 -10.98 -11.65
N ILE A 42 6.74 -11.60 -10.95
CA ILE A 42 7.06 -12.64 -9.99
C ILE A 42 6.14 -13.84 -10.22
N PHE A 43 6.44 -14.58 -11.27
CA PHE A 43 5.65 -15.75 -11.61
C PHE A 43 5.41 -16.63 -10.37
N ASP A 44 4.39 -17.47 -10.47
CA ASP A 44 4.05 -18.36 -9.37
C ASP A 44 4.67 -19.73 -9.62
N LYS A 45 4.46 -20.25 -10.82
CA LYS A 45 5.00 -21.54 -11.19
C LYS A 45 4.34 -22.01 -12.49
N VAL A 46 5.14 -22.68 -13.31
CA VAL A 46 4.65 -23.18 -14.58
C VAL A 46 5.01 -24.66 -14.71
N PRO A 47 4.24 -25.37 -15.59
CA PRO A 47 4.46 -26.78 -15.80
C PRO A 47 5.71 -27.02 -16.66
N ALA A 48 6.18 -28.26 -16.64
CA ALA A 48 7.36 -28.62 -17.40
C ALA A 48 7.32 -27.92 -18.76
N GLY A 49 8.45 -27.38 -19.15
CA GLY A 49 8.56 -26.68 -20.43
C GLY A 49 9.27 -25.34 -20.27
N GLU A 50 8.73 -24.52 -19.38
CA GLU A 50 9.30 -23.21 -19.13
C GLU A 50 9.90 -23.16 -17.72
N SER A 51 10.33 -21.97 -17.33
CA SER A 51 10.93 -21.78 -16.02
C SER A 51 10.32 -20.54 -15.36
N ALA A 52 9.12 -20.71 -14.84
CA ALA A 52 8.42 -19.62 -14.17
C ALA A 52 9.33 -19.03 -13.09
N PRO A 53 9.86 -19.93 -12.22
CA PRO A 53 10.74 -19.51 -11.15
C PRO A 53 12.13 -19.15 -11.68
N ALA A 54 12.14 -18.31 -12.71
CA ALA A 54 13.39 -17.90 -13.32
C ALA A 54 13.17 -16.56 -14.05
N LEU A 55 12.08 -16.52 -14.79
CA LEU A 55 11.75 -15.30 -15.54
C LEU A 55 11.43 -14.17 -14.56
N SER A 56 10.96 -14.57 -13.39
CA SER A 56 10.62 -13.60 -12.36
C SER A 56 11.74 -12.57 -12.22
N ASN A 57 11.40 -11.32 -12.55
CA ASN A 57 12.36 -10.23 -12.47
C ASN A 57 12.00 -9.33 -11.29
N THR A 58 12.92 -9.27 -10.33
CA THR A 58 12.71 -8.44 -9.15
C THR A 58 13.25 -7.03 -9.39
N LYS A 59 13.35 -6.68 -10.66
CA LYS A 59 13.85 -5.36 -11.03
C LYS A 59 12.68 -4.37 -11.04
N LEU A 60 12.12 -4.16 -9.85
CA LEU A 60 11.00 -3.25 -9.71
C LEU A 60 11.25 -2.00 -10.57
N ALA A 61 10.57 -1.98 -11.71
CA ALA A 61 10.70 -0.86 -12.63
C ALA A 61 9.88 0.33 -12.11
N ILE A 62 10.57 1.24 -11.45
CA ILE A 62 9.91 2.42 -10.91
C ILE A 62 9.45 3.32 -12.06
N ALA A 63 10.35 3.52 -13.01
CA ALA A 63 10.05 4.35 -14.16
C ALA A 63 8.89 3.73 -14.94
N PRO A 64 7.73 4.44 -14.90
CA PRO A 64 6.54 3.97 -15.60
C PRO A 64 6.68 4.19 -17.11
N GLY A 65 6.23 3.20 -17.87
CA GLY A 65 6.29 3.27 -19.32
C GLY A 65 5.97 1.92 -19.94
N SER A 66 6.89 0.98 -19.74
CA SER A 66 6.72 -0.37 -20.27
C SER A 66 7.89 -1.25 -19.86
N PHE A 67 7.66 -2.01 -18.79
CA PHE A 67 8.69 -2.91 -18.29
C PHE A 67 9.48 -3.54 -19.44
N TYR A 68 8.95 -4.65 -19.93
CA TYR A 68 9.59 -5.36 -21.02
C TYR A 68 8.70 -6.49 -21.54
N SER A 69 9.16 -7.13 -22.60
CA SER A 69 8.41 -8.21 -23.22
C SER A 69 9.24 -9.50 -23.17
N VAL A 70 8.54 -10.62 -23.33
CA VAL A 70 9.19 -11.92 -23.32
C VAL A 70 8.36 -12.91 -24.13
N THR A 71 9.05 -13.71 -24.92
CA THR A 71 8.39 -14.71 -25.74
C THR A 71 8.35 -16.05 -25.02
N LEU A 72 7.28 -16.79 -25.28
CA LEU A 72 7.09 -18.10 -24.65
C LEU A 72 6.89 -19.14 -25.75
N GLY A 73 6.86 -20.40 -25.32
CA GLY A 73 6.67 -21.50 -26.24
C GLY A 73 6.02 -22.70 -25.55
N THR A 74 6.53 -23.00 -24.35
CA THR A 74 6.01 -24.11 -23.57
C THR A 74 4.50 -23.99 -23.42
N PRO A 75 3.79 -25.07 -23.84
CA PRO A 75 2.34 -25.09 -23.76
C PRO A 75 1.88 -25.32 -22.31
N GLY A 76 0.81 -24.64 -21.95
CA GLY A 76 0.26 -24.76 -20.61
C GLY A 76 -0.21 -23.40 -20.08
N THR A 77 -0.70 -23.42 -18.85
CA THR A 77 -1.19 -22.20 -18.23
C THR A 77 -0.19 -21.69 -17.19
N TYR A 78 0.29 -20.48 -17.42
CA TYR A 78 1.26 -19.87 -16.52
C TYR A 78 0.56 -18.94 -15.52
N SER A 79 1.04 -18.99 -14.29
CA SER A 79 0.48 -18.16 -13.23
C SER A 79 1.57 -17.29 -12.61
N PHE A 80 1.18 -16.09 -12.22
CA PHE A 80 2.11 -15.16 -11.60
C PHE A 80 1.41 -14.29 -10.55
N TYR A 81 2.16 -13.30 -10.07
CA TYR A 81 1.62 -12.40 -9.06
C TYR A 81 2.57 -11.23 -8.82
N CYS A 82 2.05 -10.20 -8.16
CA CYS A 82 2.84 -9.03 -7.84
C CYS A 82 3.43 -9.20 -6.45
N THR A 83 4.76 -9.13 -6.41
CA THR A 83 5.47 -9.27 -5.15
C THR A 83 4.88 -8.34 -4.08
N PRO A 84 4.76 -7.04 -4.48
CA PRO A 84 4.22 -6.03 -3.58
C PRO A 84 2.70 -6.18 -3.46
N HIS A 85 2.02 -5.99 -4.58
CA HIS A 85 0.57 -6.09 -4.61
C HIS A 85 0.16 -7.56 -4.54
N ARG A 86 0.60 -8.21 -3.47
CA ARG A 86 0.29 -9.62 -3.26
C ARG A 86 -1.04 -9.76 -2.52
N GLY A 87 -1.25 -8.87 -1.57
CA GLY A 87 -2.47 -8.89 -0.77
C GLY A 87 -3.56 -8.03 -1.43
N ALA A 88 -3.12 -7.09 -2.24
CA ALA A 88 -4.04 -6.20 -2.94
C ALA A 88 -4.86 -7.02 -3.94
N GLY A 89 -4.39 -8.22 -4.20
CA GLY A 89 -5.08 -9.11 -5.12
C GLY A 89 -4.71 -8.77 -6.57
N MET A 90 -3.44 -8.93 -6.88
CA MET A 90 -2.95 -8.66 -8.22
C MET A 90 -2.30 -9.89 -8.83
N VAL A 91 -3.15 -10.83 -9.25
CA VAL A 91 -2.68 -12.05 -9.86
C VAL A 91 -3.33 -12.22 -11.23
N GLY A 92 -2.62 -12.94 -12.11
CA GLY A 92 -3.11 -13.18 -13.45
C GLY A 92 -2.67 -14.54 -13.96
N THR A 93 -2.97 -14.80 -15.23
CA THR A 93 -2.61 -16.06 -15.85
C THR A 93 -2.23 -15.85 -17.31
N ILE A 94 -1.54 -16.83 -17.86
CA ILE A 94 -1.11 -16.76 -19.25
C ILE A 94 -1.11 -18.17 -19.85
N THR A 95 -1.88 -18.32 -20.92
CA THR A 95 -1.98 -19.60 -21.60
C THR A 95 -1.18 -19.58 -22.91
N VAL A 96 -0.58 -20.72 -23.21
CA VAL A 96 0.21 -20.86 -24.42
C VAL A 96 -0.26 -22.07 -25.21
N GLU A 97 -1.43 -21.92 -25.83
CA GLU A 97 -2.00 -22.99 -26.62
C GLU A 97 -1.48 -22.94 -28.06
N TYR B 1 -2.66 0.48 1.80
CA TYR B 1 -2.75 1.42 0.66
C TYR B 1 -3.79 2.46 0.93
N PRO B 2 -3.77 3.55 0.23
CA PRO B 2 -4.76 4.56 0.46
C PRO B 2 -6.11 4.02 0.15
N PHE B 3 -6.17 3.06 -0.78
CA PHE B 3 -7.39 2.45 -1.23
C PHE B 3 -8.03 1.77 -0.05
N TYR B 4 -7.21 1.10 0.77
CA TYR B 4 -7.68 0.37 1.92
C TYR B 4 -8.27 1.33 2.91
N ALA B 5 -7.69 2.54 3.06
CA ALA B 5 -8.27 3.50 3.97
C ALA B 5 -9.64 3.85 3.48
N GLN B 6 -9.81 4.06 2.16
CA GLN B 6 -11.09 4.47 1.65
C GLN B 6 -12.14 3.44 1.95
N TYR B 7 -11.84 2.14 1.76
CA TYR B 7 -12.86 1.16 2.04
C TYR B 7 -13.20 1.09 3.49
N ASN B 8 -12.20 1.14 4.37
CA ASN B 8 -12.42 0.99 5.78
C ASN B 8 -13.03 2.19 6.45
N TYR B 9 -12.59 3.43 6.10
CA TYR B 9 -13.08 4.53 6.90
C TYR B 9 -13.62 5.63 6.03
N ASP B 10 -14.84 6.09 6.36
CA ASP B 10 -15.41 7.16 5.60
C ASP B 10 -14.59 8.39 5.88
N SER B 11 -14.20 8.61 7.16
CA SER B 11 -13.41 9.75 7.51
C SER B 11 -12.03 9.27 7.89
N PRO B 12 -11.05 9.76 7.18
CA PRO B 12 -9.67 9.40 7.37
C PRO B 12 -9.04 9.96 8.61
N ARG B 13 -9.66 10.97 9.26
CA ARG B 13 -9.06 11.57 10.41
C ARG B 13 -9.97 11.33 11.57
N GLU B 14 -9.41 10.73 12.64
CA GLU B 14 -10.16 10.41 13.83
C GLU B 14 -10.30 11.68 14.63
N ALA B 15 -11.22 11.66 15.62
CA ALA B 15 -11.51 12.81 16.42
C ALA B 15 -10.26 13.23 17.12
N THR B 16 -9.45 12.24 17.53
CA THR B 16 -8.22 12.48 18.22
C THR B 16 -7.32 13.23 17.29
N GLY B 17 -7.49 13.01 15.97
CA GLY B 17 -6.64 13.66 15.02
C GLY B 17 -5.75 12.62 14.44
N LYS B 18 -5.87 11.38 14.94
CA LYS B 18 -5.07 10.33 14.40
C LYS B 18 -5.62 9.98 13.04
N ILE B 19 -4.72 9.77 12.07
CA ILE B 19 -5.06 9.42 10.72
C ILE B 19 -5.12 7.93 10.65
N VAL B 20 -6.12 7.40 9.92
CA VAL B 20 -6.51 6.01 9.86
C VAL B 20 -5.41 5.10 9.39
N CYS B 21 -4.45 5.60 8.60
CA CYS B 21 -3.42 4.74 8.07
C CYS B 21 -2.71 4.08 9.22
N ALA B 22 -2.71 4.74 10.39
CA ALA B 22 -2.03 4.30 11.57
C ALA B 22 -2.55 2.97 12.01
N ASN B 23 -3.83 2.65 11.72
CA ASN B 23 -4.36 1.41 12.19
C ASN B 23 -3.54 0.26 11.63
N CYS B 24 -3.22 0.31 10.32
CA CYS B 24 -2.41 -0.69 9.64
C CYS B 24 -0.92 -0.52 9.76
N HIS B 25 -0.43 0.74 9.62
CA HIS B 25 0.99 0.99 9.60
C HIS B 25 1.35 1.45 10.96
N LEU B 26 1.84 0.49 11.75
CA LEU B 26 2.09 0.60 13.16
C LEU B 26 3.23 1.52 13.56
N ALA B 27 4.33 1.59 12.78
CA ALA B 27 5.48 2.34 13.22
C ALA B 27 5.37 3.79 12.86
N LYS B 28 6.02 4.66 13.67
CA LYS B 28 5.96 6.07 13.43
C LYS B 28 7.23 6.51 12.76
N LYS B 29 7.09 7.36 11.72
CA LYS B 29 8.19 7.95 11.00
C LYS B 29 7.75 9.34 10.67
N THR B 30 8.71 10.21 10.30
CA THR B 30 8.40 11.60 10.10
C THR B 30 7.65 11.86 8.84
N VAL B 31 6.89 12.98 8.84
CA VAL B 31 6.21 13.43 7.65
C VAL B 31 6.43 14.92 7.62
N GLU B 32 6.69 15.48 6.41
CA GLU B 32 6.90 16.90 6.35
C GLU B 32 6.02 17.50 5.30
N ILE B 33 5.52 18.72 5.56
CA ILE B 33 4.71 19.40 4.59
C ILE B 33 5.02 20.87 4.64
N GLU B 34 5.17 21.52 3.47
CA GLU B 34 5.40 22.94 3.46
C GLU B 34 4.43 23.59 2.52
N VAL B 35 3.85 24.72 2.95
CA VAL B 35 2.91 25.46 2.15
C VAL B 35 3.16 26.92 2.44
N PRO B 36 2.62 27.78 1.62
CA PRO B 36 2.82 29.19 1.81
C PRO B 36 2.10 29.68 3.04
N GLN B 37 2.53 30.83 3.57
CA GLN B 37 1.95 31.40 4.75
C GLN B 37 0.51 31.72 4.45
N ALA B 38 0.24 32.34 3.29
CA ALA B 38 -1.09 32.72 2.98
C ALA B 38 -1.30 32.60 1.50
N VAL B 39 -2.57 32.50 1.08
CA VAL B 39 -2.88 32.41 -0.33
C VAL B 39 -4.12 33.21 -0.62
N LEU B 40 -4.21 33.76 -1.85
CA LEU B 40 -5.33 34.56 -2.27
C LEU B 40 -6.43 33.62 -2.71
N PRO B 41 -7.66 34.07 -2.72
CA PRO B 41 -8.81 33.22 -2.98
C PRO B 41 -8.73 32.19 -4.05
N ASP B 42 -9.19 32.38 -5.28
CA ASP B 42 -9.12 31.26 -6.18
C ASP B 42 -7.77 31.27 -6.81
N THR B 43 -6.76 30.77 -6.05
CA THR B 43 -5.41 30.79 -6.54
C THR B 43 -4.80 29.43 -6.35
N VAL B 44 -3.72 29.13 -7.10
CA VAL B 44 -3.10 27.85 -7.00
C VAL B 44 -1.78 28.01 -6.30
N PHE B 45 -1.45 27.08 -5.38
CA PHE B 45 -0.22 27.14 -4.66
C PHE B 45 0.29 25.74 -4.50
N LYS B 46 1.57 25.58 -4.09
CA LYS B 46 2.12 24.25 -3.99
C LYS B 46 2.23 23.82 -2.57
N ALA B 47 1.91 22.53 -2.32
CA ALA B 47 2.07 21.92 -1.04
C ALA B 47 3.13 20.88 -1.27
N VAL B 48 4.25 20.98 -0.52
CA VAL B 48 5.35 20.08 -0.72
C VAL B 48 5.35 19.05 0.37
N VAL B 49 5.39 17.76 -0.02
CA VAL B 49 5.33 16.68 0.93
C VAL B 49 6.59 15.86 0.82
N LYS B 50 7.17 15.45 1.98
CA LYS B 50 8.34 14.62 1.97
C LYS B 50 8.15 13.53 2.99
N VAL B 51 8.63 12.30 2.68
CA VAL B 51 8.50 11.18 3.57
C VAL B 51 9.85 10.50 3.68
N PRO B 52 10.64 10.91 4.62
CA PRO B 52 11.99 10.40 4.71
C PRO B 52 12.20 9.02 5.22
N TYR B 53 13.18 8.31 4.61
CA TYR B 53 13.64 7.03 5.08
C TYR B 53 14.98 6.82 4.46
N ASP B 54 15.77 5.86 5.00
CA ASP B 54 17.07 5.63 4.45
C ASP B 54 16.89 4.77 3.22
N LEU B 55 17.28 5.31 2.06
CA LEU B 55 17.14 4.65 0.79
C LEU B 55 17.97 3.41 0.76
N ASP B 56 19.06 3.38 1.54
CA ASP B 56 19.93 2.23 1.57
C ASP B 56 19.25 1.02 2.16
N ILE B 57 18.23 1.19 3.04
CA ILE B 57 17.68 0.04 3.69
C ILE B 57 16.51 -0.52 2.94
N GLN B 58 16.51 -1.86 2.75
CA GLN B 58 15.50 -2.59 2.04
C GLN B 58 14.49 -3.13 3.00
N GLN B 59 13.29 -3.45 2.48
CA GLN B 59 12.16 -3.90 3.24
C GLN B 59 11.78 -5.28 2.80
N VAL B 60 11.08 -6.03 3.69
CA VAL B 60 10.62 -7.34 3.37
C VAL B 60 9.43 -7.15 2.47
N GLN B 61 9.40 -7.88 1.34
CA GLN B 61 8.31 -7.76 0.41
C GLN B 61 7.38 -8.93 0.59
N ALA B 62 6.32 -8.99 -0.24
CA ALA B 62 5.30 -9.98 -0.10
C ALA B 62 5.88 -11.37 -0.20
N ASP B 63 6.84 -11.59 -1.11
CA ASP B 63 7.42 -12.90 -1.29
C ASP B 63 8.35 -13.25 -0.16
N GLY B 64 8.79 -12.26 0.63
CA GLY B 64 9.68 -12.50 1.74
C GLY B 64 11.04 -11.98 1.42
N SER B 65 11.30 -11.66 0.13
CA SER B 65 12.58 -11.14 -0.30
C SER B 65 12.66 -9.66 -0.04
N PRO B 66 13.88 -9.17 -0.03
CA PRO B 66 14.08 -7.74 0.15
C PRO B 66 13.84 -6.92 -1.09
N SER B 67 13.34 -5.68 -0.94
CA SER B 67 13.11 -4.83 -2.08
C SER B 67 12.96 -3.41 -1.60
N GLY B 68 12.65 -2.48 -2.53
CA GLY B 68 12.54 -1.07 -2.23
C GLY B 68 11.23 -0.78 -1.57
N LEU B 69 11.07 0.46 -1.07
CA LEU B 69 9.88 0.88 -0.39
C LEU B 69 9.09 1.77 -1.29
N ASN B 70 7.76 1.80 -1.07
CA ASN B 70 6.85 2.64 -1.82
C ASN B 70 6.30 3.61 -0.82
N VAL B 71 5.84 4.78 -1.29
CA VAL B 71 5.36 5.79 -0.38
C VAL B 71 3.99 6.23 -0.81
N GLY B 72 3.25 6.89 0.10
CA GLY B 72 1.93 7.36 -0.21
C GLY B 72 1.53 8.30 0.87
N ALA B 73 0.43 9.07 0.66
CA ALA B 73 0.05 9.99 1.69
C ALA B 73 -1.38 10.41 1.50
N VAL B 74 -1.95 11.00 2.57
CA VAL B 74 -3.26 11.58 2.53
C VAL B 74 -3.04 13.00 2.95
N LEU B 75 -3.51 13.97 2.13
CA LEU B 75 -3.33 15.35 2.47
C LEU B 75 -4.68 15.94 2.68
N MET B 76 -4.99 16.38 3.92
CA MET B 76 -6.31 16.89 4.16
C MET B 76 -6.26 18.38 4.16
N LEU B 77 -6.92 18.97 3.15
CA LEU B 77 -6.98 20.40 3.00
C LEU B 77 -8.26 20.88 3.60
N PRO B 78 -8.35 22.17 3.78
CA PRO B 78 -9.53 22.76 4.36
C PRO B 78 -10.67 22.69 3.41
N GLU B 79 -11.91 22.92 3.91
CA GLU B 79 -13.08 22.85 3.07
C GLU B 79 -12.91 23.81 1.94
N GLY B 80 -13.33 23.37 0.74
CA GLY B 80 -13.35 24.20 -0.43
C GLY B 80 -12.07 24.08 -1.21
N PHE B 81 -10.99 23.60 -0.57
CA PHE B 81 -9.73 23.45 -1.26
C PHE B 81 -9.77 22.18 -2.06
N LYS B 82 -9.13 22.19 -3.25
CA LYS B 82 -9.09 21.01 -4.06
C LYS B 82 -7.80 21.01 -4.83
N LEU B 83 -7.47 19.86 -5.47
CA LEU B 83 -6.29 19.80 -6.28
C LEU B 83 -6.60 20.69 -7.44
N ALA B 84 -5.59 21.42 -7.97
CA ALA B 84 -5.86 22.37 -9.02
C ALA B 84 -6.03 21.67 -10.32
N PRO B 85 -6.93 22.18 -11.13
CA PRO B 85 -7.13 21.65 -12.45
C PRO B 85 -5.97 22.10 -13.29
N PRO B 86 -5.64 21.33 -14.28
CA PRO B 86 -4.49 21.62 -15.11
C PRO B 86 -4.56 22.99 -15.69
N GLU B 87 -5.76 23.45 -16.08
CA GLU B 87 -5.95 24.70 -16.77
C GLU B 87 -5.55 25.81 -15.87
N ARG B 88 -5.81 25.63 -14.57
CA ARG B 88 -5.56 26.59 -13.53
C ARG B 88 -4.10 26.74 -13.20
N VAL B 89 -3.25 25.74 -13.45
CA VAL B 89 -1.87 25.86 -13.04
C VAL B 89 -1.13 26.81 -13.92
N ASP B 90 -0.45 27.81 -13.31
CA ASP B 90 0.24 28.77 -14.11
C ASP B 90 1.46 28.15 -14.73
N GLU B 91 1.99 28.82 -15.78
CA GLU B 91 3.00 28.28 -16.65
C GLU B 91 4.28 27.94 -15.96
N GLU B 92 4.83 28.82 -15.11
CA GLU B 92 6.11 28.52 -14.54
C GLU B 92 6.00 27.28 -13.71
N LEU B 93 4.88 27.15 -12.99
CA LEU B 93 4.60 26.12 -12.03
C LEU B 93 4.37 24.74 -12.57
N MET B 94 3.83 24.58 -13.79
CA MET B 94 3.37 23.29 -14.24
C MET B 94 4.44 22.25 -14.16
N GLU B 95 5.68 22.57 -14.54
CA GLU B 95 6.72 21.59 -14.49
C GLU B 95 7.08 21.22 -13.07
N GLU B 96 6.96 22.19 -12.14
CA GLU B 96 7.33 22.08 -10.75
C GLU B 96 6.45 21.14 -9.98
N VAL B 97 5.20 20.93 -10.42
CA VAL B 97 4.28 20.17 -9.64
C VAL B 97 4.17 18.77 -10.16
N GLY B 98 3.71 17.84 -9.31
CA GLY B 98 3.57 16.48 -9.73
C GLY B 98 2.59 16.52 -10.83
N ASP B 99 2.58 15.46 -11.69
CA ASP B 99 1.62 15.39 -12.75
C ASP B 99 0.34 15.53 -12.03
N PHE B 100 -0.24 16.72 -12.23
CA PHE B 100 -1.34 17.17 -11.44
C PHE B 100 -2.42 16.19 -11.53
N TYR B 101 -2.80 15.79 -12.74
CA TYR B 101 -3.93 14.95 -12.65
C TYR B 101 -3.67 13.61 -12.07
N TYR B 102 -2.72 12.91 -12.70
CA TYR B 102 -2.53 11.49 -12.52
C TYR B 102 -2.22 11.08 -11.13
N LEU B 103 -1.29 11.76 -10.46
CA LEU B 103 -0.88 11.32 -9.15
C LEU B 103 -1.97 11.43 -8.12
N VAL B 104 -2.86 12.44 -8.25
CA VAL B 104 -3.80 12.75 -7.19
C VAL B 104 -5.18 12.20 -7.38
N THR B 105 -5.72 11.58 -6.30
CA THR B 105 -7.05 11.04 -6.31
C THR B 105 -7.81 11.56 -5.12
N PRO B 106 -9.06 11.91 -5.31
CA PRO B 106 -9.86 12.39 -4.21
C PRO B 106 -10.26 11.25 -3.33
N TYR B 107 -10.46 11.52 -2.03
CA TYR B 107 -10.80 10.50 -1.08
C TYR B 107 -12.15 9.95 -1.44
N SER B 108 -13.08 10.86 -1.80
CA SER B 108 -14.42 10.50 -2.19
C SER B 108 -14.94 11.63 -3.01
N GLU B 109 -16.14 11.46 -3.60
CA GLU B 109 -16.69 12.48 -4.45
C GLU B 109 -16.92 13.73 -3.66
N THR B 110 -17.47 13.58 -2.43
CA THR B 110 -17.78 14.67 -1.54
C THR B 110 -16.53 15.27 -0.95
N ASP B 111 -15.49 14.43 -0.78
CA ASP B 111 -14.20 14.54 -0.15
C ASP B 111 -13.06 15.14 -0.95
N GLU B 112 -13.32 15.92 -2.02
CA GLU B 112 -12.29 16.40 -2.90
C GLU B 112 -11.18 17.13 -2.19
N ASN B 113 -11.45 17.70 -0.99
CA ASN B 113 -10.46 18.39 -0.20
C ASN B 113 -9.44 17.42 0.35
N ILE B 114 -9.76 16.11 0.42
CA ILE B 114 -8.82 15.14 0.92
C ILE B 114 -8.21 14.43 -0.26
N LEU B 115 -6.88 14.57 -0.42
CA LEU B 115 -6.14 14.09 -1.56
C LEU B 115 -5.28 12.92 -1.18
N LEU B 116 -5.28 11.87 -2.03
CA LEU B 116 -4.50 10.68 -1.79
C LEU B 116 -3.50 10.55 -2.90
N ALA B 117 -2.28 10.06 -2.57
CA ALA B 117 -1.28 9.83 -3.58
C ALA B 117 -0.60 8.53 -3.21
N GLY B 118 -0.12 7.78 -4.21
CA GLY B 118 0.60 6.57 -3.94
C GLY B 118 -0.29 5.38 -4.07
N PRO B 119 0.30 4.20 -4.00
CA PRO B 119 1.72 4.11 -3.79
C PRO B 119 2.56 4.50 -4.96
N LEU B 120 3.73 5.11 -4.67
CA LEU B 120 4.68 5.54 -5.67
C LEU B 120 6.01 5.00 -5.23
N PRO B 121 6.93 4.83 -6.14
CA PRO B 121 8.23 4.34 -5.77
C PRO B 121 8.94 5.37 -4.94
N GLY B 122 9.49 4.98 -3.79
CA GLY B 122 10.11 5.88 -2.86
C GLY B 122 11.33 6.51 -3.46
N GLU B 123 12.10 5.75 -4.25
CA GLU B 123 13.33 6.28 -4.78
C GLU B 123 13.03 7.42 -5.71
N ASP B 124 11.93 7.31 -6.49
CA ASP B 124 11.55 8.28 -7.47
C ASP B 124 11.04 9.56 -6.86
N TYR B 125 10.23 9.49 -5.77
CA TYR B 125 9.63 10.71 -5.31
C TYR B 125 10.18 11.15 -3.99
N GLN B 126 11.23 11.98 -4.03
CA GLN B 126 11.78 12.54 -2.82
C GLN B 126 10.82 13.55 -2.30
N GLU B 127 10.17 14.27 -3.22
CA GLU B 127 9.25 15.31 -2.85
C GLU B 127 8.02 15.09 -3.69
N MET B 128 6.82 15.25 -3.09
CA MET B 128 5.61 15.12 -3.85
C MET B 128 5.00 16.47 -3.80
N ILE B 129 4.79 17.12 -4.95
CA ILE B 129 4.28 18.47 -4.89
C ILE B 129 2.88 18.52 -5.40
N PHE B 130 1.94 18.92 -4.52
CA PHE B 130 0.55 18.95 -4.91
C PHE B 130 0.18 20.35 -5.31
N PRO B 131 -0.36 20.53 -6.49
CA PRO B 131 -0.85 21.79 -6.97
C PRO B 131 -2.16 21.98 -6.27
N ILE B 132 -2.39 23.08 -5.54
CA ILE B 132 -3.65 23.15 -4.85
C ILE B 132 -4.37 24.42 -5.20
N LEU B 133 -5.69 24.32 -5.40
CA LEU B 133 -6.46 25.49 -5.74
C LEU B 133 -7.31 25.88 -4.55
N SER B 134 -7.17 27.13 -4.08
CA SER B 134 -7.94 27.62 -2.96
C SER B 134 -9.34 27.97 -3.41
N PRO B 135 -10.28 27.95 -2.48
CA PRO B 135 -11.66 28.30 -2.74
C PRO B 135 -11.86 29.78 -2.79
N ASN B 136 -13.08 30.24 -3.16
CA ASN B 136 -13.37 31.66 -3.15
C ASN B 136 -14.58 31.87 -2.30
N PRO B 137 -14.40 32.48 -1.16
CA PRO B 137 -15.50 32.67 -0.25
C PRO B 137 -16.57 33.57 -0.77
N ALA B 138 -16.26 34.50 -1.69
CA ALA B 138 -17.29 35.36 -2.14
C ALA B 138 -18.34 34.52 -2.81
N THR B 139 -17.87 33.59 -3.67
CA THR B 139 -18.74 32.69 -4.37
C THR B 139 -19.24 31.59 -3.48
N ASP B 140 -18.40 31.10 -2.55
CA ASP B 140 -18.77 29.93 -1.77
C ASP B 140 -19.04 30.31 -0.34
N ALA B 141 -20.31 30.12 0.08
CA ALA B 141 -20.83 30.42 1.39
C ALA B 141 -20.20 29.56 2.44
N GLY B 142 -19.91 28.28 2.08
CA GLY B 142 -19.41 27.30 2.99
C GLY B 142 -18.08 27.72 3.55
N VAL B 143 -17.26 28.47 2.79
CA VAL B 143 -15.96 28.81 3.29
C VAL B 143 -15.82 30.29 3.51
N TYR B 144 -14.99 30.65 4.51
CA TYR B 144 -14.75 32.03 4.81
C TYR B 144 -13.26 32.24 4.85
N PHE B 145 -12.82 33.51 4.85
CA PHE B 145 -11.41 33.80 4.92
C PHE B 145 -11.01 33.57 6.34
N GLY B 146 -9.75 33.15 6.56
CA GLY B 146 -9.30 32.91 7.91
C GLY B 146 -8.11 32.00 7.84
N LYS B 147 -7.63 31.56 9.03
CA LYS B 147 -6.50 30.69 9.09
C LYS B 147 -7.01 29.28 9.18
N TYR B 148 -6.39 28.35 8.43
CA TYR B 148 -6.89 27.00 8.45
C TYR B 148 -5.76 26.03 8.64
N SER B 149 -6.09 24.80 9.06
CA SER B 149 -5.10 23.80 9.30
C SER B 149 -5.15 22.78 8.21
N ILE B 150 -3.98 22.21 7.87
CA ILE B 150 -3.87 21.20 6.86
C ILE B 150 -3.26 20.02 7.58
N HIS B 151 -3.79 18.80 7.34
CA HIS B 151 -3.28 17.66 8.04
C HIS B 151 -2.66 16.72 7.06
N LEU B 152 -1.44 16.25 7.35
CA LEU B 152 -0.77 15.35 6.47
C LEU B 152 -0.55 14.03 7.16
N GLY B 153 -0.77 12.93 6.42
CA GLY B 153 -0.49 11.60 6.89
C GLY B 153 0.36 11.00 5.81
N GLY B 154 1.60 10.55 6.15
CA GLY B 154 2.45 10.06 5.10
C GLY B 154 3.08 8.75 5.51
N ASN B 155 3.13 7.80 4.57
CA ASN B 155 3.64 6.50 4.91
C ASN B 155 4.64 6.02 3.89
N ARG B 156 5.56 5.13 4.36
CA ARG B 156 6.50 4.48 3.49
C ARG B 156 6.56 3.06 3.99
N GLY B 157 6.63 2.07 3.09
CA GLY B 157 6.80 0.72 3.52
C GLY B 157 5.48 0.02 3.72
N ARG B 158 5.52 -1.32 3.69
CA ARG B 158 4.37 -2.17 3.78
C ARG B 158 3.82 -2.18 5.17
N GLY B 159 2.47 -2.30 5.27
CA GLY B 159 1.78 -2.27 6.53
C GLY B 159 1.87 -3.60 7.22
N GLN B 160 1.54 -3.59 8.52
CA GLN B 160 1.51 -4.70 9.43
C GLN B 160 0.26 -5.53 9.33
N VAL B 161 -0.91 -4.92 9.03
CA VAL B 161 -2.14 -5.65 9.06
C VAL B 161 -2.88 -5.45 7.78
N TYR B 162 -3.78 -6.40 7.45
CA TYR B 162 -4.53 -6.35 6.22
C TYR B 162 -5.94 -6.01 6.60
N PRO B 163 -6.72 -5.56 5.65
CA PRO B 163 -8.10 -5.27 5.92
C PRO B 163 -8.80 -6.52 6.32
N THR B 164 -8.16 -7.67 6.05
CA THR B 164 -8.65 -8.95 6.46
C THR B 164 -8.61 -8.95 7.95
N GLY B 165 -7.60 -8.28 8.53
CA GLY B 165 -7.44 -8.26 9.95
C GLY B 165 -6.30 -9.16 10.30
N GLU B 166 -5.79 -9.92 9.30
CA GLU B 166 -4.69 -10.79 9.55
C GLU B 166 -3.41 -10.03 9.38
N LEU B 167 -2.35 -10.49 10.09
CA LEU B 167 -1.07 -9.83 10.07
C LEU B 167 -0.34 -10.17 8.81
N SER B 168 0.48 -9.20 8.34
CA SER B 168 1.29 -9.36 7.17
C SER B 168 2.59 -9.97 7.59
N ASN B 169 3.47 -10.26 6.61
CA ASN B 169 4.78 -10.81 6.84
C ASN B 169 5.70 -9.75 7.39
N ASN B 170 5.32 -8.46 7.31
CA ASN B 170 6.18 -7.42 7.81
C ASN B 170 5.75 -7.07 9.21
N ASN B 171 5.78 -8.05 10.14
CA ASN B 171 5.35 -7.80 11.50
C ASN B 171 5.98 -8.81 12.41
N ALA B 172 5.93 -8.57 13.74
CA ALA B 172 6.49 -9.51 14.67
C ALA B 172 5.50 -10.62 14.92
N PHE B 173 6.02 -11.86 15.12
CA PHE B 173 5.16 -12.99 15.40
C PHE B 173 5.51 -13.47 16.78
N SER B 174 4.49 -13.85 17.60
CA SER B 174 4.76 -14.19 18.98
C SER B 174 4.34 -15.60 19.30
N ALA B 175 4.97 -16.18 20.35
CA ALA B 175 4.69 -17.52 20.77
C ALA B 175 3.28 -17.60 21.25
N SER B 176 2.52 -18.56 20.69
CA SER B 176 1.15 -18.76 21.03
C SER B 176 1.07 -19.31 22.42
N ILE B 177 2.12 -20.03 22.87
CA ILE B 177 2.09 -20.60 24.19
C ILE B 177 3.49 -20.73 24.70
N ALA B 178 3.65 -20.85 26.05
CA ALA B 178 4.93 -21.00 26.66
C ALA B 178 5.37 -22.43 26.57
N GLY B 179 6.69 -22.67 26.48
CA GLY B 179 7.18 -24.02 26.40
C GLY B 179 8.57 -24.00 25.84
N THR B 180 9.04 -25.17 25.34
CA THR B 180 10.36 -25.24 24.79
C THR B 180 10.26 -25.52 23.32
N ILE B 181 11.21 -24.99 22.53
CA ILE B 181 11.13 -25.13 21.10
C ILE B 181 11.83 -26.39 20.70
N ALA B 182 11.04 -27.41 20.34
CA ALA B 182 11.53 -28.68 19.90
C ALA B 182 12.18 -28.58 18.55
N ALA B 183 11.57 -27.82 17.61
CA ALA B 183 12.17 -27.77 16.31
C ALA B 183 11.57 -26.65 15.51
N ILE B 184 12.24 -26.27 14.40
CA ILE B 184 11.75 -25.27 13.49
C ILE B 184 12.07 -25.70 12.06
N GLU B 185 11.15 -25.52 11.09
CA GLU B 185 11.31 -25.96 9.70
C GLU B 185 11.37 -24.74 8.78
N ASP B 186 11.97 -24.80 7.53
CA ASP B 186 12.13 -23.53 6.82
C ASP B 186 12.15 -23.45 5.27
N ASN B 187 11.15 -22.77 4.62
CA ASN B 187 11.17 -22.42 3.20
C ASN B 187 11.17 -20.93 3.17
N GLY B 188 11.95 -20.37 4.10
CA GLY B 188 11.92 -18.95 4.29
C GLY B 188 10.88 -18.81 5.34
N PHE B 189 9.76 -19.55 5.13
CA PHE B 189 8.66 -19.62 6.05
C PHE B 189 9.14 -20.53 7.10
N GLY B 190 8.78 -20.23 8.34
CA GLY B 190 9.01 -21.24 9.29
C GLY B 190 7.64 -21.73 9.31
N PHE B 191 7.47 -22.87 8.64
CA PHE B 191 6.20 -23.48 8.52
C PHE B 191 5.84 -23.64 9.93
N ASP B 192 6.85 -23.97 10.76
CA ASP B 192 6.43 -24.07 12.10
C ASP B 192 7.55 -23.95 13.07
N VAL B 193 7.21 -23.31 14.19
CA VAL B 193 8.05 -23.38 15.35
C VAL B 193 7.23 -24.28 16.22
N THR B 194 7.79 -25.43 16.61
CA THR B 194 7.02 -26.33 17.42
C THR B 194 7.40 -26.09 18.84
N ILE B 195 6.38 -25.89 19.70
CA ILE B 195 6.66 -25.62 21.07
C ILE B 195 6.05 -26.68 21.91
N GLN B 196 6.79 -27.16 22.92
CA GLN B 196 6.30 -28.19 23.80
C GLN B 196 5.87 -27.51 25.07
N PRO B 197 4.59 -27.48 25.30
CA PRO B 197 4.12 -26.91 26.53
C PRO B 197 4.43 -27.70 27.76
N GLU B 198 4.12 -27.07 28.90
CA GLU B 198 4.45 -27.50 30.23
C GLU B 198 3.90 -28.87 30.50
N ASP B 199 2.78 -29.27 29.86
CA ASP B 199 2.27 -30.55 30.24
C ASP B 199 2.09 -31.50 29.08
N GLY B 200 3.12 -31.68 28.22
CA GLY B 200 3.07 -32.73 27.24
C GLY B 200 2.59 -32.27 25.89
N ASP B 201 1.74 -31.24 25.81
CA ASP B 201 1.18 -30.86 24.53
C ASP B 201 2.25 -30.25 23.67
N ALA B 202 2.02 -30.25 22.34
CA ALA B 202 2.93 -29.61 21.43
C ALA B 202 2.10 -28.78 20.49
N VAL B 203 2.49 -27.50 20.30
CA VAL B 203 1.74 -26.60 19.48
C VAL B 203 2.63 -26.10 18.39
N VAL B 204 2.03 -25.62 17.28
CA VAL B 204 2.88 -25.19 16.21
C VAL B 204 2.49 -23.80 15.81
N THR B 205 3.48 -22.89 15.70
CA THR B 205 3.18 -21.53 15.33
C THR B 205 3.80 -21.31 13.98
N SER B 206 3.00 -20.84 13.01
CA SER B 206 3.51 -20.68 11.68
C SER B 206 3.86 -19.25 11.47
N ILE B 207 5.06 -19.02 10.88
CA ILE B 207 5.46 -17.67 10.60
C ILE B 207 5.81 -17.65 9.14
N LEU B 208 5.45 -16.56 8.44
CA LEU B 208 5.69 -16.44 7.02
C LEU B 208 7.12 -16.03 6.79
N PRO B 209 7.62 -16.17 5.57
CA PRO B 209 8.96 -15.79 5.23
C PRO B 209 9.07 -14.31 5.45
N GLY B 210 10.26 -13.81 5.84
CA GLY B 210 10.46 -12.39 6.00
C GLY B 210 10.92 -12.04 7.39
N PRO B 211 10.18 -12.35 8.42
CA PRO B 211 10.64 -12.00 9.74
C PRO B 211 11.80 -12.88 10.08
N GLU B 212 12.73 -12.44 10.95
CA GLU B 212 13.85 -13.27 11.25
C GLU B 212 13.69 -13.85 12.63
N LEU B 213 13.87 -15.18 12.74
CA LEU B 213 13.69 -15.86 13.98
C LEU B 213 14.77 -15.47 14.94
N ILE B 214 14.32 -15.03 16.13
CA ILE B 214 15.07 -14.66 17.30
C ILE B 214 15.50 -15.88 18.06
N VAL B 215 14.70 -16.97 18.01
CA VAL B 215 14.89 -18.11 18.86
C VAL B 215 15.51 -19.26 18.17
N ALA B 216 16.04 -20.21 18.97
CA ALA B 216 16.70 -21.39 18.48
C ALA B 216 16.07 -22.58 19.13
N VAL B 217 16.25 -23.75 18.52
CA VAL B 217 15.66 -24.95 19.04
C VAL B 217 16.30 -25.22 20.37
N GLY B 218 15.48 -25.75 21.31
CA GLY B 218 15.93 -26.10 22.62
C GLY B 218 15.79 -24.90 23.51
N ASP B 219 15.21 -23.81 22.99
CA ASP B 219 15.09 -22.61 23.78
C ASP B 219 13.71 -22.54 24.36
N THR B 220 13.61 -22.05 25.61
CA THR B 220 12.33 -21.90 26.25
C THR B 220 11.80 -20.54 25.92
N VAL B 221 10.47 -20.42 25.79
CA VAL B 221 9.88 -19.14 25.49
C VAL B 221 8.62 -18.98 26.28
N GLU B 222 8.33 -17.74 26.70
CA GLU B 222 7.12 -17.47 27.44
C GLU B 222 6.03 -17.20 26.44
N ALA B 223 4.76 -17.31 26.87
CA ALA B 223 3.69 -17.08 25.95
C ALA B 223 3.71 -15.64 25.56
N GLY B 224 3.50 -15.37 24.26
CA GLY B 224 3.42 -14.04 23.76
C GLY B 224 4.79 -13.49 23.50
N GLN B 225 5.85 -14.26 23.83
CA GLN B 225 7.15 -13.69 23.61
C GLN B 225 7.44 -13.69 22.15
N LEU B 226 8.35 -12.78 21.71
CA LEU B 226 8.61 -12.64 20.31
C LEU B 226 9.47 -13.75 19.79
N LEU B 227 8.95 -14.42 18.74
CA LEU B 227 9.59 -15.46 17.98
C LEU B 227 10.53 -14.87 16.99
N THR B 228 10.25 -13.64 16.54
CA THR B 228 11.01 -13.04 15.48
C THR B 228 11.31 -11.60 15.82
N THR B 229 12.18 -10.97 15.02
CA THR B 229 12.48 -9.58 15.23
C THR B 229 11.35 -8.84 14.60
N ASN B 230 11.45 -7.50 14.57
CA ASN B 230 10.46 -6.74 13.87
C ASN B 230 11.13 -6.31 12.61
N PRO B 231 10.74 -6.88 11.50
CA PRO B 231 11.36 -6.60 10.24
C PRO B 231 10.99 -5.25 9.66
N ASN B 232 9.99 -4.57 10.22
CA ASN B 232 9.48 -3.33 9.68
C ASN B 232 10.53 -2.27 9.61
N VAL B 233 10.81 -1.79 8.36
CA VAL B 233 11.69 -0.71 7.98
C VAL B 233 11.01 0.63 7.84
N GLY B 234 9.69 0.65 7.59
CA GLY B 234 9.02 1.89 7.25
C GLY B 234 8.24 2.45 8.39
N GLY B 235 7.23 3.29 8.06
CA GLY B 235 6.42 3.84 9.11
C GLY B 235 5.53 4.91 8.56
N PHE B 236 4.58 5.36 9.41
CA PHE B 236 3.60 6.35 9.06
C PHE B 236 3.71 7.48 10.03
N GLY B 237 3.61 8.74 9.56
CA GLY B 237 3.74 9.86 10.44
C GLY B 237 2.75 10.92 10.03
N GLN B 238 2.49 11.89 10.94
CA GLN B 238 1.56 12.92 10.63
C GLN B 238 2.16 14.25 10.98
N MET B 239 1.75 15.31 10.26
CA MET B 239 2.19 16.62 10.60
C MET B 239 1.15 17.59 10.15
N ASP B 240 0.96 18.66 10.94
CA ASP B 240 -0.05 19.65 10.67
C ASP B 240 0.64 20.94 10.35
N SER B 241 -0.01 21.77 9.52
CA SER B 241 0.51 23.07 9.18
C SER B 241 -0.68 23.97 9.05
N GLU B 242 -0.46 25.30 8.97
CA GLU B 242 -1.57 26.19 8.85
C GLU B 242 -1.35 27.05 7.66
N ILE B 243 -2.44 27.56 7.05
CA ILE B 243 -2.35 28.45 5.93
C ILE B 243 -3.43 29.48 6.10
N VAL B 244 -3.18 30.72 5.62
CA VAL B 244 -4.15 31.77 5.79
C VAL B 244 -4.82 32.02 4.48
N LEU B 245 -6.17 31.93 4.46
CA LEU B 245 -6.91 32.21 3.25
C LEU B 245 -7.11 33.69 3.33
N GLN B 246 -6.42 34.44 2.45
CA GLN B 246 -6.34 35.88 2.55
C GLN B 246 -7.28 36.58 1.62
N SER B 247 -7.59 37.85 1.97
CA SER B 247 -8.45 38.67 1.16
C SER B 247 -7.56 39.47 0.27
N SER B 248 -7.96 39.62 -1.00
CA SER B 248 -7.16 40.32 -1.96
C SER B 248 -7.07 41.74 -1.57
N SER B 249 -6.02 42.39 -2.07
CA SER B 249 -5.82 43.77 -1.77
C SER B 249 -5.75 43.91 -0.26
CU CU C . 1.52 -4.41 -8.94
FE HEC D . -1.23 0.87 3.40
CHA HEC D . 1.05 -0.95 1.67
CHB HEC D . 0.09 3.77 2.17
CHC HEC D . -3.78 2.62 4.79
CHD HEC D . -2.21 -1.90 5.03
NA HEC D . 0.18 1.32 2.10
C1A HEC D . 1.01 0.45 1.45
C2A HEC D . 1.93 1.15 0.56
C3A HEC D . 1.69 2.47 0.74
C4A HEC D . 0.59 2.58 1.68
CMA HEC D . 2.44 3.61 0.08
CAA HEC D . 2.98 0.47 -0.32
CBA HEC D . 4.28 0.43 0.54
CGA HEC D . 5.39 -0.40 -0.08
O1A HEC D . 6.58 -0.12 0.23
O2A HEC D . 5.09 -1.33 -0.86
NB HEC D . -1.73 2.78 3.49
C1B HEC D . -0.99 3.88 3.01
C2B HEC D . -1.66 5.15 3.38
C3B HEC D . -2.78 4.84 4.12
C4B HEC D . -2.81 3.36 4.13
CMB HEC D . -1.14 6.54 3.12
CAB HEC D . -3.70 5.73 4.78
CBB HEC D . -4.33 6.82 3.90
NC HEC D . -2.75 0.45 4.55
C1C HEC D . -3.74 1.26 5.02
C2C HEC D . -4.68 0.54 5.85
C3C HEC D . -4.26 -0.72 5.93
C4C HEC D . -3.03 -0.78 5.14
CMC HEC D . -5.95 1.16 6.42
CAC HEC D . -4.83 -1.80 6.71
CBC HEC D . -6.32 -2.18 6.43
ND HEC D . -0.71 -1.03 3.33
C1D HEC D . -1.15 -2.03 4.18
C2D HEC D . -0.43 -3.28 3.98
C3D HEC D . 0.43 -3.03 2.97
C4D HEC D . 0.25 -1.64 2.58
CMD HEC D . -0.56 -4.63 4.76
CAD HEC D . 1.36 -4.02 2.31
CBD HEC D . 0.73 -4.78 1.14
CGD HEC D . 1.70 -5.77 0.54
O1D HEC D . 1.52 -6.99 0.77
O2D HEC D . 2.66 -5.30 -0.14
HHA HEC D . 1.76 -1.53 1.10
HHB HEC D . 0.58 4.68 1.86
HHC HEC D . -4.65 3.14 5.16
HHD HEC D . -2.44 -2.73 5.68
HMA1 HEC D . 2.04 3.77 -0.92
HMA2 HEC D . 3.48 3.37 0.01
HMA3 HEC D . 2.31 4.51 0.65
HAA1 HEC D . 3.14 1.05 -1.23
HAA2 HEC D . 2.65 -0.52 -0.59
HBA1 HEC D . 4.03 0.00 1.50
HBA2 HEC D . 4.63 1.44 0.67
HMB1 HEC D . -1.48 6.87 2.14
HMB2 HEC D . -0.06 6.54 3.14
HMB3 HEC D . -1.51 7.22 3.87
HAB HEC D . -4.54 5.16 5.16
HBB1 HEC D . -5.31 6.51 3.57
HBB2 HEC D . -4.42 7.74 4.48
HBB3 HEC D . -3.70 7.01 3.04
HMC1 HEC D . -5.85 1.24 7.50
HMC2 HEC D . -6.79 0.53 6.19
HMC3 HEC D . -6.09 2.14 6.00
HAC HEC D . -5.45 -1.53 7.52
HBC1 HEC D . -6.74 -2.68 7.30
HBC2 HEC D . -6.89 -1.29 6.22
HBC3 HEC D . -6.37 -2.85 5.57
HMD1 HEC D . 0.13 -4.64 5.58
HMD2 HEC D . -0.34 -5.44 4.09
HMD3 HEC D . -1.57 -4.73 5.13
HAD1 HEC D . 1.66 -4.75 3.05
HAD2 HEC D . 2.22 -3.49 1.94
HBD1 HEC D . 0.43 -4.07 0.38
HBD2 HEC D . -0.15 -5.31 1.49
N ALA A 1 -10.46 -21.24 -24.63
CA ALA A 1 -9.61 -20.26 -25.29
C ALA A 1 -8.88 -19.44 -24.23
N SER A 2 -7.81 -18.79 -24.66
CA SER A 2 -7.01 -17.97 -23.76
C SER A 2 -7.90 -16.89 -23.13
N VAL A 3 -7.86 -16.84 -21.80
CA VAL A 3 -8.65 -15.86 -21.07
C VAL A 3 -7.71 -15.02 -20.21
N GLN A 4 -8.31 -14.05 -19.53
CA GLN A 4 -7.55 -13.16 -18.66
C GLN A 4 -8.35 -12.82 -17.41
N ILE A 5 -7.63 -12.56 -16.33
CA ILE A 5 -8.26 -12.22 -15.06
C ILE A 5 -7.89 -10.79 -14.68
N LYS A 6 -8.90 -9.93 -14.71
CA LYS A 6 -8.70 -8.53 -14.37
C LYS A 6 -8.99 -8.32 -12.88
N MET A 7 -8.08 -7.61 -12.23
CA MET A 7 -8.22 -7.33 -10.82
C MET A 7 -8.64 -5.87 -10.58
N GLY A 8 -9.95 -5.69 -10.40
CA GLY A 8 -10.48 -4.37 -10.16
C GLY A 8 -11.45 -3.96 -11.27
N THR A 9 -12.49 -3.24 -10.88
CA THR A 9 -13.49 -2.79 -11.82
C THR A 9 -13.36 -1.27 -12.06
N ASP A 10 -13.93 -0.83 -13.16
CA ASP A 10 -13.89 0.58 -13.51
C ASP A 10 -14.56 1.40 -12.41
N LYS A 11 -15.31 0.70 -11.57
CA LYS A 11 -16.01 1.34 -10.48
C LYS A 11 -15.11 1.34 -9.23
N TYR A 12 -13.83 1.58 -9.47
CA TYR A 12 -12.85 1.61 -8.39
C TYR A 12 -13.17 0.54 -7.36
N ALA A 13 -13.75 -0.55 -7.83
CA ALA A 13 -14.11 -1.65 -6.95
C ALA A 13 -13.12 -2.80 -7.16
N PRO A 14 -12.38 -3.14 -6.08
CA PRO A 14 -11.40 -4.21 -6.14
C PRO A 14 -12.08 -5.58 -6.14
N LEU A 15 -12.24 -6.13 -7.34
CA LEU A 15 -12.88 -7.42 -7.48
C LEU A 15 -12.32 -8.12 -8.72
N TYR A 16 -12.33 -9.45 -8.65
CA TYR A 16 -11.82 -10.24 -9.76
C TYR A 16 -12.84 -10.31 -10.90
N GLU A 17 -12.37 -9.94 -12.09
CA GLU A 17 -13.23 -9.95 -13.26
C GLU A 17 -12.55 -10.69 -14.42
N PRO A 18 -13.33 -11.56 -15.09
CA PRO A 18 -14.72 -11.76 -14.72
C PRO A 18 -14.83 -12.60 -13.43
N LYS A 19 -15.78 -12.21 -12.60
CA LYS A 19 -16.00 -12.91 -11.34
C LYS A 19 -15.85 -14.42 -11.58
N ALA A 20 -16.38 -14.86 -12.70
CA ALA A 20 -16.32 -16.27 -13.05
C ALA A 20 -15.58 -16.43 -14.37
N LEU A 21 -14.85 -17.54 -14.47
CA LEU A 21 -14.09 -17.82 -15.68
C LEU A 21 -14.13 -19.33 -15.96
N SER A 22 -14.23 -19.65 -17.25
CA SER A 22 -14.28 -21.04 -17.66
C SER A 22 -13.26 -21.30 -18.77
N ILE A 23 -12.68 -22.48 -18.74
CA ILE A 23 -11.69 -22.86 -19.74
C ILE A 23 -11.64 -24.38 -19.84
N SER A 24 -10.74 -24.85 -20.70
CA SER A 24 -10.58 -26.28 -20.90
C SER A 24 -9.16 -26.72 -20.55
N ALA A 25 -9.02 -27.99 -20.25
CA ALA A 25 -7.72 -28.55 -19.90
C ALA A 25 -6.72 -28.28 -21.03
N GLY A 26 -5.85 -27.32 -20.78
CA GLY A 26 -4.84 -26.97 -21.77
C GLY A 26 -4.91 -25.47 -22.10
N ASP A 27 -5.93 -24.82 -21.56
CA ASP A 27 -6.11 -23.41 -21.79
C ASP A 27 -5.23 -22.62 -20.82
N THR A 28 -5.22 -21.30 -21.01
CA THR A 28 -4.43 -20.44 -20.17
C THR A 28 -5.31 -19.36 -19.51
N VAL A 29 -4.86 -18.88 -18.37
CA VAL A 29 -5.60 -17.87 -17.64
C VAL A 29 -4.64 -16.73 -17.25
N GLU A 30 -4.74 -15.64 -18.00
CA GLU A 30 -3.89 -14.48 -17.74
C GLU A 30 -4.43 -13.68 -16.57
N PHE A 31 -3.63 -12.73 -16.12
CA PHE A 31 -4.02 -11.89 -15.00
C PHE A 31 -3.44 -10.48 -15.15
N VAL A 32 -4.33 -9.50 -15.19
CA VAL A 32 -3.91 -8.12 -15.32
C VAL A 32 -4.50 -7.30 -14.16
N MET A 33 -3.83 -6.19 -13.86
CA MET A 33 -4.28 -5.32 -12.79
C MET A 33 -5.08 -4.14 -13.34
N ASN A 34 -6.33 -4.06 -12.90
CA ASN A 34 -7.21 -2.99 -13.33
C ASN A 34 -6.88 -1.72 -12.55
N LYS A 35 -7.15 -1.78 -11.26
CA LYS A 35 -6.90 -0.65 -10.39
C LYS A 35 -7.03 -1.09 -8.93
N VAL A 36 -7.08 -0.11 -8.05
CA VAL A 36 -7.20 -0.38 -6.62
C VAL A 36 -6.23 -1.48 -6.23
N GLY A 37 -4.96 -1.25 -6.55
CA GLY A 37 -3.92 -2.21 -6.24
C GLY A 37 -3.27 -1.90 -4.89
N PRO A 38 -2.19 -2.65 -4.59
CA PRO A 38 -1.69 -3.67 -5.51
C PRO A 38 -2.59 -4.91 -5.48
N HIS A 39 -2.11 -5.96 -6.12
CA HIS A 39 -2.85 -7.20 -6.17
C HIS A 39 -1.88 -8.40 -6.10
N ASN A 40 -2.43 -9.58 -6.34
CA ASN A 40 -1.63 -10.78 -6.31
C ASN A 40 -2.55 -12.00 -6.48
N VAL A 41 -1.92 -13.14 -6.74
CA VAL A 41 -2.66 -14.38 -6.92
C VAL A 41 -2.53 -15.25 -5.66
N ILE A 42 -3.66 -15.43 -5.00
CA ILE A 42 -3.68 -16.23 -3.78
C ILE A 42 -4.85 -17.22 -3.85
N PHE A 43 -4.66 -18.26 -4.64
CA PHE A 43 -5.67 -19.28 -4.80
C PHE A 43 -6.23 -19.72 -3.45
N ASP A 44 -7.40 -20.33 -3.49
CA ASP A 44 -8.05 -20.80 -2.27
C ASP A 44 -7.75 -22.29 -2.10
N LYS A 45 -7.99 -23.04 -3.17
CA LYS A 45 -7.76 -24.47 -3.14
C LYS A 45 -8.40 -25.12 -4.38
N VAL A 46 -7.73 -26.12 -4.90
CA VAL A 46 -8.21 -26.82 -6.08
C VAL A 46 -8.22 -28.33 -5.80
N PRO A 47 -9.06 -29.06 -6.59
CA PRO A 47 -9.17 -30.50 -6.43
C PRO A 47 -7.96 -31.20 -7.02
N ALA A 48 -7.81 -32.46 -6.65
CA ALA A 48 -6.69 -33.27 -7.13
C ALA A 48 -6.45 -32.95 -8.61
N GLY A 49 -5.19 -32.79 -8.96
CA GLY A 49 -4.81 -32.49 -10.33
C GLY A 49 -3.81 -31.34 -10.39
N GLU A 50 -4.21 -30.22 -9.81
CA GLU A 50 -3.36 -29.04 -9.78
C GLU A 50 -2.88 -28.76 -8.35
N SER A 51 -2.21 -27.62 -8.20
CA SER A 51 -1.69 -27.23 -6.90
C SER A 51 -2.03 -25.77 -6.64
N ALA A 52 -3.28 -25.53 -6.26
CA ALA A 52 -3.74 -24.18 -5.97
C ALA A 52 -2.81 -23.54 -4.95
N PRO A 53 -2.58 -24.28 -3.83
CA PRO A 53 -1.72 -23.79 -2.77
C PRO A 53 -0.25 -23.90 -3.16
N ALA A 54 0.05 -23.38 -4.35
CA ALA A 54 1.41 -23.42 -4.86
C ALA A 54 1.59 -22.31 -5.90
N LEU A 55 0.61 -22.21 -6.79
CA LEU A 55 0.65 -21.20 -7.83
C LEU A 55 0.55 -19.81 -7.20
N SER A 56 -0.10 -19.77 -6.05
CA SER A 56 -0.28 -18.52 -5.33
C SER A 56 1.04 -17.75 -5.28
N ASN A 57 1.05 -16.61 -5.93
CA ASN A 57 2.23 -15.76 -5.97
C ASN A 57 2.01 -14.53 -5.10
N THR A 58 2.83 -14.41 -4.06
CA THR A 58 2.73 -13.29 -3.15
C THR A 58 3.61 -12.14 -3.63
N LYS A 59 3.91 -12.16 -4.92
CA LYS A 59 4.74 -11.12 -5.52
C LYS A 59 3.86 -9.94 -5.92
N LEU A 60 3.27 -9.32 -4.91
CA LEU A 60 2.40 -8.17 -5.14
C LEU A 60 3.01 -7.28 -6.23
N ALA A 61 2.46 -7.40 -7.43
CA ALA A 61 2.94 -6.62 -8.56
C ALA A 61 2.39 -5.19 -8.45
N ILE A 62 3.23 -4.31 -7.94
CA ILE A 62 2.84 -2.92 -7.78
C ILE A 62 2.71 -2.27 -9.16
N ALA A 63 3.70 -2.53 -9.99
CA ALA A 63 3.72 -1.97 -11.34
C ALA A 63 2.50 -2.51 -12.11
N PRO A 64 1.55 -1.59 -12.41
CA PRO A 64 0.36 -1.95 -13.14
C PRO A 64 0.66 -2.17 -14.62
N GLY A 65 0.04 -3.20 -15.17
CA GLY A 65 0.24 -3.52 -16.58
C GLY A 65 -0.35 -4.90 -16.91
N SER A 66 0.29 -5.92 -16.37
CA SER A 66 -0.16 -7.28 -16.60
C SER A 66 0.72 -8.27 -15.81
N PHE A 67 0.23 -8.66 -14.65
CA PHE A 67 0.96 -9.58 -13.81
C PHE A 67 1.66 -10.65 -14.65
N TYR A 68 0.92 -11.71 -14.93
CA TYR A 68 1.46 -12.81 -15.72
C TYR A 68 0.36 -13.80 -16.10
N SER A 69 0.74 -14.79 -16.91
CA SER A 69 -0.20 -15.81 -17.34
C SER A 69 0.28 -17.19 -16.89
N VAL A 70 -0.66 -18.12 -16.88
CA VAL A 70 -0.35 -19.48 -16.47
C VAL A 70 -1.33 -20.45 -17.14
N THR A 71 -0.79 -21.56 -17.60
CA THR A 71 -1.60 -22.57 -18.26
C THR A 71 -2.04 -23.64 -17.25
N LEU A 72 -3.23 -24.17 -17.49
CA LEU A 72 -3.77 -25.19 -16.60
C LEU A 72 -4.14 -26.42 -17.44
N GLY A 73 -4.52 -27.48 -16.74
CA GLY A 73 -4.88 -28.72 -17.40
C GLY A 73 -5.86 -29.53 -16.54
N THR A 74 -5.54 -29.61 -15.25
CA THR A 74 -6.38 -30.33 -14.32
C THR A 74 -7.84 -29.85 -14.41
N PRO A 75 -8.74 -30.83 -14.68
CA PRO A 75 -10.15 -30.52 -14.78
C PRO A 75 -10.78 -30.25 -13.41
N GLY A 76 -11.67 -29.28 -13.37
CA GLY A 76 -12.34 -28.94 -12.13
C GLY A 76 -12.51 -27.42 -12.01
N THR A 77 -13.08 -27.00 -10.88
CA THR A 77 -13.31 -25.58 -10.64
C THR A 77 -12.30 -25.06 -9.61
N TYR A 78 -11.52 -24.08 -10.06
CA TYR A 78 -10.52 -23.48 -9.19
C TYR A 78 -11.05 -22.19 -8.55
N SER A 79 -10.69 -22.02 -7.28
CA SER A 79 -11.12 -20.85 -6.54
C SER A 79 -9.91 -20.11 -5.98
N PHE A 80 -10.02 -18.79 -5.95
CA PHE A 80 -8.94 -17.95 -5.45
C PHE A 80 -9.49 -16.71 -4.74
N TYR A 81 -8.58 -15.82 -4.40
CA TYR A 81 -8.96 -14.58 -3.72
C TYR A 81 -7.77 -13.62 -3.62
N CYS A 82 -8.09 -12.38 -3.30
CA CYS A 82 -7.06 -11.36 -3.17
C CYS A 82 -6.64 -11.29 -1.70
N THR A 83 -5.34 -11.50 -1.48
CA THR A 83 -4.81 -11.46 -0.13
C THR A 83 -5.22 -10.17 0.58
N PRO A 84 -4.99 -9.02 -0.12
CA PRO A 84 -5.34 -7.73 0.44
C PRO A 84 -6.86 -7.51 0.38
N HIS A 85 -7.37 -7.48 -0.84
CA HIS A 85 -8.80 -7.26 -1.05
C HIS A 85 -9.55 -8.54 -0.69
N ARG A 86 -9.38 -8.98 0.55
CA ARG A 86 -10.05 -10.17 1.02
C ARG A 86 -11.43 -9.83 1.59
N GLY A 87 -11.49 -8.70 2.27
CA GLY A 87 -12.73 -8.24 2.86
C GLY A 87 -13.52 -7.37 1.88
N ALA A 88 -12.80 -6.79 0.93
CA ALA A 88 -13.41 -5.93 -0.07
C ALA A 88 -14.32 -6.78 -0.96
N GLY A 89 -14.16 -8.09 -0.86
CA GLY A 89 -14.96 -9.01 -1.64
C GLY A 89 -14.40 -9.15 -3.06
N MET A 90 -13.18 -9.67 -3.15
CA MET A 90 -12.53 -9.85 -4.43
C MET A 90 -12.15 -11.32 -4.64
N VAL A 91 -13.17 -12.12 -4.94
CA VAL A 91 -12.96 -13.54 -5.17
C VAL A 91 -13.51 -13.91 -6.55
N GLY A 92 -12.94 -14.97 -7.11
CA GLY A 92 -13.35 -15.43 -8.43
C GLY A 92 -13.22 -16.95 -8.54
N THR A 93 -13.48 -17.45 -9.73
CA THR A 93 -13.38 -18.88 -9.98
C THR A 93 -12.84 -19.15 -11.39
N ILE A 94 -12.37 -20.37 -11.58
CA ILE A 94 -11.83 -20.76 -12.88
C ILE A 94 -12.12 -22.23 -13.13
N THR A 95 -12.81 -22.49 -14.24
CA THR A 95 -13.16 -23.85 -14.60
C THR A 95 -12.27 -24.35 -15.75
N VAL A 96 -11.96 -25.63 -15.70
CA VAL A 96 -11.12 -26.24 -16.72
C VAL A 96 -11.81 -27.49 -17.25
N GLU A 97 -12.84 -27.25 -18.06
CA GLU A 97 -13.59 -28.35 -18.65
C GLU A 97 -12.96 -28.79 -19.96
N TYR B 1 -2.66 0.48 1.80
CA TYR B 1 -2.75 1.42 0.66
C TYR B 1 -3.79 2.46 0.93
N PRO B 2 -3.77 3.55 0.23
CA PRO B 2 -4.76 4.56 0.46
C PRO B 2 -6.11 4.02 0.15
N PHE B 3 -6.17 3.06 -0.78
CA PHE B 3 -7.39 2.45 -1.23
C PHE B 3 -8.03 1.77 -0.05
N TYR B 4 -7.21 1.10 0.77
CA TYR B 4 -7.68 0.37 1.92
C TYR B 4 -8.27 1.33 2.91
N ALA B 5 -7.69 2.54 3.06
CA ALA B 5 -8.27 3.50 3.97
C ALA B 5 -9.64 3.85 3.48
N GLN B 6 -9.81 4.06 2.16
CA GLN B 6 -11.09 4.47 1.65
C GLN B 6 -12.14 3.44 1.95
N TYR B 7 -11.84 2.14 1.76
CA TYR B 7 -12.86 1.16 2.04
C TYR B 7 -13.20 1.09 3.49
N ASN B 8 -12.20 1.14 4.37
CA ASN B 8 -12.42 0.99 5.78
C ASN B 8 -13.03 2.19 6.45
N TYR B 9 -12.59 3.43 6.10
CA TYR B 9 -13.08 4.53 6.90
C TYR B 9 -13.62 5.63 6.03
N ASP B 10 -14.84 6.09 6.36
CA ASP B 10 -15.41 7.16 5.60
C ASP B 10 -14.59 8.39 5.88
N SER B 11 -14.20 8.61 7.16
CA SER B 11 -13.41 9.75 7.51
C SER B 11 -12.03 9.27 7.89
N PRO B 12 -11.05 9.76 7.18
CA PRO B 12 -9.67 9.40 7.37
C PRO B 12 -9.04 9.96 8.61
N ARG B 13 -9.66 10.97 9.26
CA ARG B 13 -9.06 11.57 10.41
C ARG B 13 -9.97 11.33 11.57
N GLU B 14 -9.41 10.73 12.64
CA GLU B 14 -10.16 10.41 13.83
C GLU B 14 -10.30 11.68 14.63
N ALA B 15 -11.22 11.66 15.62
CA ALA B 15 -11.51 12.81 16.42
C ALA B 15 -10.26 13.23 17.12
N THR B 16 -9.45 12.24 17.53
CA THR B 16 -8.22 12.48 18.22
C THR B 16 -7.32 13.23 17.29
N GLY B 17 -7.49 13.01 15.97
CA GLY B 17 -6.64 13.66 15.02
C GLY B 17 -5.75 12.62 14.44
N LYS B 18 -5.87 11.38 14.94
CA LYS B 18 -5.07 10.33 14.40
C LYS B 18 -5.62 9.98 13.04
N ILE B 19 -4.72 9.77 12.07
CA ILE B 19 -5.06 9.42 10.72
C ILE B 19 -5.12 7.93 10.65
N VAL B 20 -6.12 7.40 9.92
CA VAL B 20 -6.51 6.01 9.86
C VAL B 20 -5.41 5.10 9.39
N CYS B 21 -4.45 5.60 8.60
CA CYS B 21 -3.42 4.74 8.07
C CYS B 21 -2.71 4.08 9.22
N ALA B 22 -2.71 4.74 10.39
CA ALA B 22 -2.03 4.30 11.57
C ALA B 22 -2.55 2.97 12.01
N ASN B 23 -3.83 2.65 11.72
CA ASN B 23 -4.36 1.41 12.19
C ASN B 23 -3.54 0.26 11.63
N CYS B 24 -3.22 0.31 10.32
CA CYS B 24 -2.41 -0.69 9.64
C CYS B 24 -0.92 -0.52 9.76
N HIS B 25 -0.43 0.74 9.62
CA HIS B 25 0.99 0.99 9.60
C HIS B 25 1.35 1.45 10.96
N LEU B 26 1.84 0.49 11.75
CA LEU B 26 2.09 0.60 13.16
C LEU B 26 3.23 1.52 13.56
N ALA B 27 4.33 1.59 12.78
CA ALA B 27 5.48 2.34 13.22
C ALA B 27 5.37 3.79 12.86
N LYS B 28 6.02 4.66 13.67
CA LYS B 28 5.96 6.07 13.43
C LYS B 28 7.23 6.51 12.76
N LYS B 29 7.09 7.36 11.72
CA LYS B 29 8.19 7.95 11.00
C LYS B 29 7.75 9.34 10.67
N THR B 30 8.71 10.21 10.30
CA THR B 30 8.40 11.60 10.10
C THR B 30 7.65 11.86 8.84
N VAL B 31 6.89 12.98 8.84
CA VAL B 31 6.21 13.43 7.65
C VAL B 31 6.43 14.92 7.62
N GLU B 32 6.69 15.48 6.41
CA GLU B 32 6.90 16.90 6.35
C GLU B 32 6.02 17.50 5.30
N ILE B 33 5.52 18.72 5.56
CA ILE B 33 4.71 19.40 4.59
C ILE B 33 5.02 20.87 4.64
N GLU B 34 5.17 21.52 3.47
CA GLU B 34 5.40 22.94 3.46
C GLU B 34 4.43 23.59 2.52
N VAL B 35 3.85 24.72 2.95
CA VAL B 35 2.91 25.46 2.15
C VAL B 35 3.16 26.92 2.44
N PRO B 36 2.62 27.78 1.62
CA PRO B 36 2.82 29.19 1.81
C PRO B 36 2.10 29.68 3.04
N GLN B 37 2.53 30.83 3.57
CA GLN B 37 1.95 31.40 4.75
C GLN B 37 0.51 31.72 4.45
N ALA B 38 0.24 32.34 3.29
CA ALA B 38 -1.09 32.72 2.98
C ALA B 38 -1.30 32.60 1.50
N VAL B 39 -2.57 32.50 1.08
CA VAL B 39 -2.88 32.41 -0.33
C VAL B 39 -4.12 33.21 -0.62
N LEU B 40 -4.21 33.76 -1.85
CA LEU B 40 -5.33 34.56 -2.27
C LEU B 40 -6.43 33.62 -2.71
N PRO B 41 -7.66 34.07 -2.72
CA PRO B 41 -8.81 33.22 -2.98
C PRO B 41 -8.73 32.19 -4.05
N ASP B 42 -9.19 32.38 -5.28
CA ASP B 42 -9.12 31.26 -6.18
C ASP B 42 -7.77 31.27 -6.81
N THR B 43 -6.76 30.77 -6.05
CA THR B 43 -5.41 30.79 -6.54
C THR B 43 -4.80 29.43 -6.35
N VAL B 44 -3.72 29.13 -7.10
CA VAL B 44 -3.10 27.85 -7.00
C VAL B 44 -1.78 28.01 -6.30
N PHE B 45 -1.45 27.08 -5.38
CA PHE B 45 -0.22 27.14 -4.66
C PHE B 45 0.29 25.74 -4.50
N LYS B 46 1.57 25.58 -4.09
CA LYS B 46 2.12 24.25 -3.99
C LYS B 46 2.23 23.82 -2.57
N ALA B 47 1.91 22.53 -2.32
CA ALA B 47 2.07 21.92 -1.04
C ALA B 47 3.13 20.88 -1.27
N VAL B 48 4.25 20.98 -0.52
CA VAL B 48 5.35 20.08 -0.72
C VAL B 48 5.35 19.05 0.37
N VAL B 49 5.39 17.76 -0.02
CA VAL B 49 5.33 16.68 0.93
C VAL B 49 6.59 15.86 0.82
N LYS B 50 7.17 15.45 1.98
CA LYS B 50 8.34 14.62 1.97
C LYS B 50 8.15 13.53 2.99
N VAL B 51 8.63 12.30 2.68
CA VAL B 51 8.50 11.18 3.57
C VAL B 51 9.85 10.50 3.68
N PRO B 52 10.64 10.91 4.62
CA PRO B 52 11.99 10.40 4.71
C PRO B 52 12.20 9.02 5.22
N TYR B 53 13.18 8.31 4.61
CA TYR B 53 13.64 7.03 5.08
C TYR B 53 14.98 6.82 4.46
N ASP B 54 15.77 5.86 5.00
CA ASP B 54 17.07 5.63 4.45
C ASP B 54 16.89 4.77 3.22
N LEU B 55 17.28 5.31 2.06
CA LEU B 55 17.14 4.65 0.79
C LEU B 55 17.97 3.41 0.76
N ASP B 56 19.06 3.38 1.54
CA ASP B 56 19.93 2.23 1.57
C ASP B 56 19.25 1.02 2.16
N ILE B 57 18.23 1.19 3.04
CA ILE B 57 17.68 0.04 3.69
C ILE B 57 16.51 -0.52 2.94
N GLN B 58 16.51 -1.86 2.75
CA GLN B 58 15.50 -2.59 2.04
C GLN B 58 14.49 -3.13 3.00
N GLN B 59 13.29 -3.45 2.48
CA GLN B 59 12.16 -3.90 3.24
C GLN B 59 11.78 -5.28 2.80
N VAL B 60 11.08 -6.03 3.69
CA VAL B 60 10.62 -7.34 3.37
C VAL B 60 9.43 -7.15 2.47
N GLN B 61 9.40 -7.88 1.34
CA GLN B 61 8.31 -7.76 0.41
C GLN B 61 7.38 -8.93 0.59
N ALA B 62 6.32 -8.99 -0.24
CA ALA B 62 5.30 -9.98 -0.10
C ALA B 62 5.88 -11.37 -0.20
N ASP B 63 6.84 -11.59 -1.11
CA ASP B 63 7.42 -12.90 -1.29
C ASP B 63 8.35 -13.25 -0.16
N GLY B 64 8.79 -12.26 0.63
CA GLY B 64 9.68 -12.50 1.74
C GLY B 64 11.04 -11.98 1.42
N SER B 65 11.30 -11.66 0.13
CA SER B 65 12.58 -11.14 -0.30
C SER B 65 12.66 -9.66 -0.04
N PRO B 66 13.88 -9.17 -0.03
CA PRO B 66 14.08 -7.74 0.15
C PRO B 66 13.84 -6.92 -1.09
N SER B 67 13.34 -5.68 -0.94
CA SER B 67 13.11 -4.83 -2.08
C SER B 67 12.96 -3.41 -1.60
N GLY B 68 12.65 -2.48 -2.53
CA GLY B 68 12.54 -1.07 -2.23
C GLY B 68 11.23 -0.78 -1.57
N LEU B 69 11.07 0.46 -1.07
CA LEU B 69 9.88 0.88 -0.39
C LEU B 69 9.09 1.77 -1.29
N ASN B 70 7.76 1.80 -1.07
CA ASN B 70 6.85 2.64 -1.82
C ASN B 70 6.30 3.61 -0.82
N VAL B 71 5.84 4.78 -1.29
CA VAL B 71 5.36 5.79 -0.38
C VAL B 71 3.99 6.23 -0.81
N GLY B 72 3.25 6.89 0.10
CA GLY B 72 1.93 7.36 -0.21
C GLY B 72 1.53 8.30 0.87
N ALA B 73 0.43 9.07 0.66
CA ALA B 73 0.05 9.99 1.69
C ALA B 73 -1.38 10.41 1.50
N VAL B 74 -1.95 11.00 2.57
CA VAL B 74 -3.26 11.58 2.53
C VAL B 74 -3.04 13.00 2.95
N LEU B 75 -3.51 13.97 2.13
CA LEU B 75 -3.33 15.35 2.47
C LEU B 75 -4.68 15.94 2.68
N MET B 76 -4.99 16.38 3.92
CA MET B 76 -6.31 16.89 4.16
C MET B 76 -6.26 18.38 4.16
N LEU B 77 -6.92 18.97 3.15
CA LEU B 77 -6.98 20.40 3.00
C LEU B 77 -8.26 20.88 3.60
N PRO B 78 -8.35 22.17 3.78
CA PRO B 78 -9.53 22.76 4.36
C PRO B 78 -10.67 22.69 3.41
N GLU B 79 -11.91 22.92 3.91
CA GLU B 79 -13.08 22.85 3.07
C GLU B 79 -12.91 23.81 1.94
N GLY B 80 -13.33 23.37 0.74
CA GLY B 80 -13.35 24.20 -0.43
C GLY B 80 -12.07 24.08 -1.21
N PHE B 81 -10.99 23.60 -0.57
CA PHE B 81 -9.73 23.45 -1.26
C PHE B 81 -9.77 22.18 -2.06
N LYS B 82 -9.13 22.19 -3.25
CA LYS B 82 -9.09 21.01 -4.06
C LYS B 82 -7.80 21.01 -4.83
N LEU B 83 -7.47 19.86 -5.47
CA LEU B 83 -6.29 19.80 -6.28
C LEU B 83 -6.60 20.69 -7.44
N ALA B 84 -5.59 21.42 -7.97
CA ALA B 84 -5.86 22.37 -9.02
C ALA B 84 -6.03 21.67 -10.32
N PRO B 85 -6.93 22.18 -11.13
CA PRO B 85 -7.13 21.65 -12.45
C PRO B 85 -5.97 22.10 -13.29
N PRO B 86 -5.64 21.33 -14.28
CA PRO B 86 -4.49 21.62 -15.11
C PRO B 86 -4.56 22.99 -15.69
N GLU B 87 -5.76 23.45 -16.08
CA GLU B 87 -5.95 24.70 -16.77
C GLU B 87 -5.55 25.81 -15.87
N ARG B 88 -5.81 25.63 -14.57
CA ARG B 88 -5.56 26.59 -13.53
C ARG B 88 -4.10 26.74 -13.20
N VAL B 89 -3.25 25.74 -13.45
CA VAL B 89 -1.87 25.86 -13.04
C VAL B 89 -1.13 26.81 -13.92
N ASP B 90 -0.45 27.81 -13.31
CA ASP B 90 0.24 28.77 -14.11
C ASP B 90 1.46 28.15 -14.73
N GLU B 91 1.99 28.82 -15.78
CA GLU B 91 3.00 28.28 -16.65
C GLU B 91 4.28 27.94 -15.96
N GLU B 92 4.83 28.82 -15.11
CA GLU B 92 6.11 28.52 -14.54
C GLU B 92 6.00 27.28 -13.71
N LEU B 93 4.88 27.15 -12.99
CA LEU B 93 4.60 26.12 -12.03
C LEU B 93 4.37 24.74 -12.57
N MET B 94 3.83 24.58 -13.79
CA MET B 94 3.37 23.29 -14.24
C MET B 94 4.44 22.25 -14.16
N GLU B 95 5.68 22.57 -14.54
CA GLU B 95 6.72 21.59 -14.49
C GLU B 95 7.08 21.22 -13.07
N GLU B 96 6.96 22.19 -12.14
CA GLU B 96 7.33 22.08 -10.75
C GLU B 96 6.45 21.14 -9.98
N VAL B 97 5.20 20.93 -10.42
CA VAL B 97 4.28 20.17 -9.64
C VAL B 97 4.17 18.77 -10.16
N GLY B 98 3.71 17.84 -9.31
CA GLY B 98 3.57 16.48 -9.73
C GLY B 98 2.59 16.52 -10.83
N ASP B 99 2.58 15.46 -11.69
CA ASP B 99 1.62 15.39 -12.75
C ASP B 99 0.34 15.53 -12.03
N PHE B 100 -0.24 16.72 -12.23
CA PHE B 100 -1.34 17.17 -11.44
C PHE B 100 -2.42 16.19 -11.53
N TYR B 101 -2.80 15.79 -12.74
CA TYR B 101 -3.93 14.95 -12.65
C TYR B 101 -3.67 13.61 -12.07
N TYR B 102 -2.72 12.91 -12.70
CA TYR B 102 -2.53 11.49 -12.52
C TYR B 102 -2.22 11.08 -11.13
N LEU B 103 -1.29 11.76 -10.46
CA LEU B 103 -0.88 11.32 -9.15
C LEU B 103 -1.97 11.43 -8.12
N VAL B 104 -2.86 12.44 -8.25
CA VAL B 104 -3.80 12.75 -7.19
C VAL B 104 -5.18 12.20 -7.38
N THR B 105 -5.72 11.58 -6.30
CA THR B 105 -7.05 11.04 -6.31
C THR B 105 -7.81 11.56 -5.12
N PRO B 106 -9.06 11.91 -5.31
CA PRO B 106 -9.86 12.39 -4.21
C PRO B 106 -10.26 11.25 -3.33
N TYR B 107 -10.46 11.52 -2.03
CA TYR B 107 -10.80 10.50 -1.08
C TYR B 107 -12.15 9.95 -1.44
N SER B 108 -13.08 10.86 -1.80
CA SER B 108 -14.42 10.50 -2.19
C SER B 108 -14.94 11.63 -3.01
N GLU B 109 -16.14 11.46 -3.60
CA GLU B 109 -16.69 12.48 -4.45
C GLU B 109 -16.92 13.73 -3.66
N THR B 110 -17.47 13.58 -2.43
CA THR B 110 -17.78 14.67 -1.54
C THR B 110 -16.53 15.27 -0.95
N ASP B 111 -15.49 14.43 -0.78
CA ASP B 111 -14.20 14.54 -0.15
C ASP B 111 -13.06 15.14 -0.95
N GLU B 112 -13.32 15.92 -2.02
CA GLU B 112 -12.29 16.40 -2.90
C GLU B 112 -11.18 17.13 -2.19
N ASN B 113 -11.45 17.70 -0.99
CA ASN B 113 -10.46 18.39 -0.20
C ASN B 113 -9.44 17.42 0.35
N ILE B 114 -9.76 16.11 0.42
CA ILE B 114 -8.82 15.14 0.92
C ILE B 114 -8.21 14.43 -0.26
N LEU B 115 -6.88 14.57 -0.42
CA LEU B 115 -6.14 14.09 -1.56
C LEU B 115 -5.28 12.92 -1.18
N LEU B 116 -5.28 11.87 -2.03
CA LEU B 116 -4.50 10.68 -1.79
C LEU B 116 -3.50 10.55 -2.90
N ALA B 117 -2.28 10.06 -2.57
CA ALA B 117 -1.28 9.83 -3.58
C ALA B 117 -0.60 8.53 -3.21
N GLY B 118 -0.12 7.78 -4.21
CA GLY B 118 0.60 6.57 -3.94
C GLY B 118 -0.29 5.38 -4.07
N PRO B 119 0.30 4.20 -4.00
CA PRO B 119 1.72 4.11 -3.79
C PRO B 119 2.56 4.50 -4.96
N LEU B 120 3.73 5.11 -4.67
CA LEU B 120 4.68 5.54 -5.67
C LEU B 120 6.01 5.00 -5.23
N PRO B 121 6.93 4.83 -6.14
CA PRO B 121 8.23 4.34 -5.77
C PRO B 121 8.94 5.37 -4.94
N GLY B 122 9.49 4.98 -3.79
CA GLY B 122 10.11 5.88 -2.86
C GLY B 122 11.33 6.51 -3.46
N GLU B 123 12.10 5.75 -4.25
CA GLU B 123 13.33 6.28 -4.78
C GLU B 123 13.03 7.42 -5.71
N ASP B 124 11.93 7.31 -6.49
CA ASP B 124 11.55 8.28 -7.47
C ASP B 124 11.04 9.56 -6.86
N TYR B 125 10.23 9.49 -5.77
CA TYR B 125 9.63 10.71 -5.31
C TYR B 125 10.18 11.15 -3.99
N GLN B 126 11.23 11.98 -4.03
CA GLN B 126 11.78 12.54 -2.82
C GLN B 126 10.82 13.55 -2.30
N GLU B 127 10.17 14.27 -3.22
CA GLU B 127 9.25 15.31 -2.85
C GLU B 127 8.02 15.09 -3.69
N MET B 128 6.82 15.25 -3.09
CA MET B 128 5.61 15.12 -3.85
C MET B 128 5.00 16.47 -3.80
N ILE B 129 4.79 17.12 -4.95
CA ILE B 129 4.28 18.47 -4.89
C ILE B 129 2.88 18.52 -5.40
N PHE B 130 1.94 18.92 -4.52
CA PHE B 130 0.55 18.95 -4.91
C PHE B 130 0.18 20.35 -5.31
N PRO B 131 -0.36 20.53 -6.49
CA PRO B 131 -0.85 21.79 -6.97
C PRO B 131 -2.16 21.98 -6.27
N ILE B 132 -2.39 23.08 -5.54
CA ILE B 132 -3.65 23.15 -4.85
C ILE B 132 -4.37 24.42 -5.20
N LEU B 133 -5.69 24.32 -5.40
CA LEU B 133 -6.46 25.49 -5.74
C LEU B 133 -7.31 25.88 -4.55
N SER B 134 -7.17 27.13 -4.08
CA SER B 134 -7.94 27.62 -2.96
C SER B 134 -9.34 27.97 -3.41
N PRO B 135 -10.28 27.95 -2.48
CA PRO B 135 -11.66 28.30 -2.74
C PRO B 135 -11.86 29.78 -2.79
N ASN B 136 -13.08 30.24 -3.16
CA ASN B 136 -13.37 31.66 -3.15
C ASN B 136 -14.58 31.87 -2.30
N PRO B 137 -14.40 32.48 -1.16
CA PRO B 137 -15.50 32.67 -0.25
C PRO B 137 -16.57 33.57 -0.77
N ALA B 138 -16.26 34.50 -1.69
CA ALA B 138 -17.29 35.36 -2.14
C ALA B 138 -18.34 34.52 -2.81
N THR B 139 -17.87 33.59 -3.67
CA THR B 139 -18.74 32.69 -4.37
C THR B 139 -19.24 31.59 -3.48
N ASP B 140 -18.40 31.10 -2.55
CA ASP B 140 -18.77 29.93 -1.77
C ASP B 140 -19.04 30.31 -0.34
N ALA B 141 -20.31 30.12 0.08
CA ALA B 141 -20.83 30.42 1.39
C ALA B 141 -20.20 29.56 2.44
N GLY B 142 -19.91 28.28 2.08
CA GLY B 142 -19.41 27.30 2.99
C GLY B 142 -18.08 27.72 3.55
N VAL B 143 -17.26 28.47 2.79
CA VAL B 143 -15.96 28.81 3.29
C VAL B 143 -15.82 30.29 3.51
N TYR B 144 -14.99 30.65 4.51
CA TYR B 144 -14.75 32.03 4.81
C TYR B 144 -13.26 32.24 4.85
N PHE B 145 -12.82 33.51 4.85
CA PHE B 145 -11.41 33.80 4.92
C PHE B 145 -11.01 33.57 6.34
N GLY B 146 -9.75 33.15 6.56
CA GLY B 146 -9.30 32.91 7.91
C GLY B 146 -8.11 32.00 7.84
N LYS B 147 -7.63 31.56 9.03
CA LYS B 147 -6.50 30.69 9.09
C LYS B 147 -7.01 29.28 9.18
N TYR B 148 -6.39 28.35 8.43
CA TYR B 148 -6.89 27.00 8.45
C TYR B 148 -5.76 26.03 8.64
N SER B 149 -6.09 24.80 9.06
CA SER B 149 -5.10 23.80 9.30
C SER B 149 -5.15 22.78 8.21
N ILE B 150 -3.98 22.21 7.87
CA ILE B 150 -3.87 21.20 6.86
C ILE B 150 -3.26 20.02 7.58
N HIS B 151 -3.79 18.80 7.34
CA HIS B 151 -3.28 17.66 8.04
C HIS B 151 -2.66 16.72 7.06
N LEU B 152 -1.44 16.25 7.35
CA LEU B 152 -0.77 15.35 6.47
C LEU B 152 -0.55 14.03 7.16
N GLY B 153 -0.77 12.93 6.42
CA GLY B 153 -0.49 11.60 6.89
C GLY B 153 0.36 11.00 5.81
N GLY B 154 1.60 10.55 6.15
CA GLY B 154 2.45 10.06 5.10
C GLY B 154 3.08 8.75 5.51
N ASN B 155 3.13 7.80 4.57
CA ASN B 155 3.64 6.50 4.91
C ASN B 155 4.64 6.02 3.89
N ARG B 156 5.56 5.13 4.36
CA ARG B 156 6.50 4.48 3.49
C ARG B 156 6.56 3.06 3.99
N GLY B 157 6.63 2.07 3.09
CA GLY B 157 6.80 0.72 3.52
C GLY B 157 5.48 0.02 3.72
N ARG B 158 5.52 -1.32 3.69
CA ARG B 158 4.37 -2.17 3.78
C ARG B 158 3.82 -2.18 5.17
N GLY B 159 2.47 -2.30 5.27
CA GLY B 159 1.78 -2.27 6.53
C GLY B 159 1.87 -3.60 7.22
N GLN B 160 1.54 -3.59 8.52
CA GLN B 160 1.51 -4.70 9.43
C GLN B 160 0.26 -5.53 9.33
N VAL B 161 -0.91 -4.92 9.03
CA VAL B 161 -2.14 -5.65 9.06
C VAL B 161 -2.88 -5.45 7.78
N TYR B 162 -3.78 -6.40 7.45
CA TYR B 162 -4.53 -6.35 6.22
C TYR B 162 -5.94 -6.01 6.60
N PRO B 163 -6.72 -5.56 5.65
CA PRO B 163 -8.10 -5.27 5.92
C PRO B 163 -8.80 -6.52 6.32
N THR B 164 -8.16 -7.67 6.05
CA THR B 164 -8.65 -8.95 6.46
C THR B 164 -8.61 -8.95 7.95
N GLY B 165 -7.60 -8.28 8.53
CA GLY B 165 -7.44 -8.26 9.95
C GLY B 165 -6.30 -9.16 10.30
N GLU B 166 -5.79 -9.92 9.30
CA GLU B 166 -4.69 -10.79 9.55
C GLU B 166 -3.41 -10.03 9.38
N LEU B 167 -2.35 -10.49 10.09
CA LEU B 167 -1.07 -9.83 10.07
C LEU B 167 -0.34 -10.17 8.81
N SER B 168 0.48 -9.20 8.34
CA SER B 168 1.29 -9.36 7.17
C SER B 168 2.59 -9.97 7.59
N ASN B 169 3.47 -10.26 6.61
CA ASN B 169 4.78 -10.81 6.84
C ASN B 169 5.70 -9.75 7.39
N ASN B 170 5.32 -8.46 7.31
CA ASN B 170 6.18 -7.42 7.81
C ASN B 170 5.75 -7.07 9.21
N ASN B 171 5.78 -8.05 10.14
CA ASN B 171 5.35 -7.80 11.50
C ASN B 171 5.98 -8.81 12.41
N ALA B 172 5.93 -8.57 13.74
CA ALA B 172 6.49 -9.51 14.67
C ALA B 172 5.50 -10.62 14.92
N PHE B 173 6.02 -11.86 15.12
CA PHE B 173 5.16 -12.99 15.40
C PHE B 173 5.51 -13.47 16.78
N SER B 174 4.49 -13.85 17.60
CA SER B 174 4.76 -14.19 18.98
C SER B 174 4.34 -15.60 19.30
N ALA B 175 4.97 -16.18 20.35
CA ALA B 175 4.69 -17.52 20.77
C ALA B 175 3.28 -17.60 21.25
N SER B 176 2.52 -18.56 20.69
CA SER B 176 1.15 -18.76 21.03
C SER B 176 1.07 -19.31 22.42
N ILE B 177 2.12 -20.03 22.87
CA ILE B 177 2.09 -20.60 24.19
C ILE B 177 3.49 -20.73 24.70
N ALA B 178 3.65 -20.85 26.05
CA ALA B 178 4.93 -21.00 26.66
C ALA B 178 5.37 -22.43 26.57
N GLY B 179 6.69 -22.67 26.48
CA GLY B 179 7.18 -24.02 26.40
C GLY B 179 8.57 -24.00 25.84
N THR B 180 9.04 -25.17 25.34
CA THR B 180 10.36 -25.24 24.79
C THR B 180 10.26 -25.52 23.32
N ILE B 181 11.21 -24.99 22.53
CA ILE B 181 11.13 -25.13 21.10
C ILE B 181 11.83 -26.39 20.70
N ALA B 182 11.04 -27.41 20.34
CA ALA B 182 11.53 -28.68 19.90
C ALA B 182 12.18 -28.58 18.55
N ALA B 183 11.57 -27.82 17.61
CA ALA B 183 12.17 -27.77 16.31
C ALA B 183 11.57 -26.65 15.51
N ILE B 184 12.24 -26.27 14.40
CA ILE B 184 11.75 -25.27 13.49
C ILE B 184 12.07 -25.70 12.06
N GLU B 185 11.15 -25.52 11.09
CA GLU B 185 11.31 -25.96 9.70
C GLU B 185 11.37 -24.74 8.78
N ASP B 186 11.97 -24.80 7.53
CA ASP B 186 12.13 -23.53 6.82
C ASP B 186 12.15 -23.45 5.27
N ASN B 187 11.15 -22.77 4.62
CA ASN B 187 11.17 -22.42 3.20
C ASN B 187 11.17 -20.93 3.17
N GLY B 188 11.95 -20.37 4.10
CA GLY B 188 11.92 -18.95 4.29
C GLY B 188 10.88 -18.81 5.34
N PHE B 189 9.76 -19.55 5.13
CA PHE B 189 8.66 -19.62 6.05
C PHE B 189 9.14 -20.53 7.10
N GLY B 190 8.78 -20.23 8.34
CA GLY B 190 9.01 -21.24 9.29
C GLY B 190 7.64 -21.73 9.31
N PHE B 191 7.47 -22.87 8.64
CA PHE B 191 6.20 -23.48 8.52
C PHE B 191 5.84 -23.64 9.93
N ASP B 192 6.85 -23.97 10.76
CA ASP B 192 6.43 -24.07 12.10
C ASP B 192 7.55 -23.95 13.07
N VAL B 193 7.21 -23.31 14.19
CA VAL B 193 8.05 -23.38 15.35
C VAL B 193 7.23 -24.28 16.22
N THR B 194 7.79 -25.43 16.61
CA THR B 194 7.02 -26.33 17.42
C THR B 194 7.40 -26.09 18.84
N ILE B 195 6.38 -25.89 19.70
CA ILE B 195 6.66 -25.62 21.07
C ILE B 195 6.05 -26.68 21.91
N GLN B 196 6.79 -27.16 22.92
CA GLN B 196 6.30 -28.19 23.80
C GLN B 196 5.87 -27.51 25.07
N PRO B 197 4.59 -27.48 25.30
CA PRO B 197 4.12 -26.91 26.53
C PRO B 197 4.43 -27.70 27.76
N GLU B 198 4.12 -27.07 28.90
CA GLU B 198 4.45 -27.50 30.23
C GLU B 198 3.90 -28.87 30.50
N ASP B 199 2.78 -29.27 29.86
CA ASP B 199 2.27 -30.55 30.24
C ASP B 199 2.09 -31.50 29.08
N GLY B 200 3.12 -31.68 28.22
CA GLY B 200 3.07 -32.73 27.24
C GLY B 200 2.59 -32.27 25.89
N ASP B 201 1.74 -31.24 25.81
CA ASP B 201 1.18 -30.86 24.53
C ASP B 201 2.25 -30.25 23.67
N ALA B 202 2.02 -30.25 22.34
CA ALA B 202 2.93 -29.61 21.43
C ALA B 202 2.10 -28.78 20.49
N VAL B 203 2.49 -27.50 20.30
CA VAL B 203 1.74 -26.60 19.48
C VAL B 203 2.63 -26.10 18.39
N VAL B 204 2.03 -25.62 17.28
CA VAL B 204 2.88 -25.19 16.21
C VAL B 204 2.49 -23.80 15.81
N THR B 205 3.48 -22.89 15.70
CA THR B 205 3.18 -21.53 15.33
C THR B 205 3.80 -21.31 13.98
N SER B 206 3.00 -20.84 13.01
CA SER B 206 3.51 -20.68 11.68
C SER B 206 3.86 -19.25 11.47
N ILE B 207 5.06 -19.02 10.88
CA ILE B 207 5.46 -17.67 10.60
C ILE B 207 5.81 -17.65 9.14
N LEU B 208 5.45 -16.56 8.44
CA LEU B 208 5.69 -16.44 7.02
C LEU B 208 7.12 -16.03 6.79
N PRO B 209 7.62 -16.17 5.57
CA PRO B 209 8.96 -15.79 5.23
C PRO B 209 9.07 -14.31 5.45
N GLY B 210 10.26 -13.81 5.84
CA GLY B 210 10.46 -12.39 6.00
C GLY B 210 10.92 -12.04 7.39
N PRO B 211 10.18 -12.35 8.42
CA PRO B 211 10.64 -12.00 9.74
C PRO B 211 11.80 -12.88 10.08
N GLU B 212 12.73 -12.44 10.95
CA GLU B 212 13.85 -13.27 11.25
C GLU B 212 13.69 -13.85 12.63
N LEU B 213 13.87 -15.18 12.74
CA LEU B 213 13.69 -15.86 13.98
C LEU B 213 14.77 -15.47 14.94
N ILE B 214 14.32 -15.03 16.13
CA ILE B 214 15.07 -14.66 17.30
C ILE B 214 15.50 -15.88 18.06
N VAL B 215 14.70 -16.97 18.01
CA VAL B 215 14.89 -18.11 18.86
C VAL B 215 15.51 -19.26 18.17
N ALA B 216 16.04 -20.21 18.97
CA ALA B 216 16.70 -21.39 18.48
C ALA B 216 16.07 -22.58 19.13
N VAL B 217 16.25 -23.75 18.52
CA VAL B 217 15.66 -24.95 19.04
C VAL B 217 16.30 -25.22 20.37
N GLY B 218 15.48 -25.75 21.31
CA GLY B 218 15.93 -26.10 22.62
C GLY B 218 15.79 -24.90 23.51
N ASP B 219 15.21 -23.81 22.99
CA ASP B 219 15.09 -22.61 23.78
C ASP B 219 13.71 -22.54 24.36
N THR B 220 13.61 -22.05 25.61
CA THR B 220 12.33 -21.90 26.25
C THR B 220 11.80 -20.54 25.92
N VAL B 221 10.47 -20.42 25.79
CA VAL B 221 9.88 -19.14 25.49
C VAL B 221 8.62 -18.98 26.28
N GLU B 222 8.33 -17.74 26.70
CA GLU B 222 7.12 -17.47 27.44
C GLU B 222 6.03 -17.20 26.44
N ALA B 223 4.76 -17.31 26.87
CA ALA B 223 3.69 -17.08 25.95
C ALA B 223 3.71 -15.64 25.56
N GLY B 224 3.50 -15.37 24.26
CA GLY B 224 3.42 -14.04 23.76
C GLY B 224 4.79 -13.49 23.50
N GLN B 225 5.85 -14.26 23.83
CA GLN B 225 7.15 -13.69 23.61
C GLN B 225 7.44 -13.69 22.15
N LEU B 226 8.35 -12.78 21.71
CA LEU B 226 8.61 -12.64 20.31
C LEU B 226 9.47 -13.75 19.79
N LEU B 227 8.95 -14.42 18.74
CA LEU B 227 9.59 -15.46 17.98
C LEU B 227 10.53 -14.87 16.99
N THR B 228 10.25 -13.64 16.54
CA THR B 228 11.01 -13.04 15.48
C THR B 228 11.31 -11.60 15.82
N THR B 229 12.18 -10.97 15.02
CA THR B 229 12.48 -9.58 15.23
C THR B 229 11.35 -8.84 14.60
N ASN B 230 11.45 -7.50 14.57
CA ASN B 230 10.46 -6.74 13.87
C ASN B 230 11.13 -6.31 12.61
N PRO B 231 10.74 -6.88 11.50
CA PRO B 231 11.36 -6.60 10.24
C PRO B 231 10.99 -5.25 9.66
N ASN B 232 9.99 -4.57 10.22
CA ASN B 232 9.48 -3.33 9.68
C ASN B 232 10.53 -2.27 9.61
N VAL B 233 10.81 -1.79 8.36
CA VAL B 233 11.69 -0.71 7.98
C VAL B 233 11.01 0.63 7.84
N GLY B 234 9.69 0.65 7.59
CA GLY B 234 9.02 1.89 7.25
C GLY B 234 8.24 2.45 8.39
N GLY B 235 7.23 3.29 8.06
CA GLY B 235 6.42 3.84 9.11
C GLY B 235 5.53 4.91 8.56
N PHE B 236 4.58 5.36 9.41
CA PHE B 236 3.60 6.35 9.06
C PHE B 236 3.71 7.48 10.03
N GLY B 237 3.61 8.74 9.56
CA GLY B 237 3.74 9.86 10.44
C GLY B 237 2.75 10.92 10.03
N GLN B 238 2.49 11.89 10.94
CA GLN B 238 1.56 12.92 10.63
C GLN B 238 2.16 14.25 10.98
N MET B 239 1.75 15.31 10.26
CA MET B 239 2.19 16.62 10.60
C MET B 239 1.15 17.59 10.15
N ASP B 240 0.96 18.66 10.94
CA ASP B 240 -0.05 19.65 10.67
C ASP B 240 0.64 20.94 10.35
N SER B 241 -0.01 21.77 9.52
CA SER B 241 0.51 23.07 9.18
C SER B 241 -0.68 23.97 9.05
N GLU B 242 -0.46 25.30 8.97
CA GLU B 242 -1.57 26.19 8.85
C GLU B 242 -1.35 27.05 7.66
N ILE B 243 -2.44 27.56 7.05
CA ILE B 243 -2.35 28.45 5.93
C ILE B 243 -3.43 29.48 6.10
N VAL B 244 -3.18 30.72 5.62
CA VAL B 244 -4.15 31.77 5.79
C VAL B 244 -4.82 32.02 4.48
N LEU B 245 -6.17 31.93 4.46
CA LEU B 245 -6.91 32.21 3.25
C LEU B 245 -7.11 33.69 3.33
N GLN B 246 -6.42 34.44 2.45
CA GLN B 246 -6.34 35.88 2.55
C GLN B 246 -7.28 36.58 1.62
N SER B 247 -7.59 37.85 1.97
CA SER B 247 -8.45 38.67 1.16
C SER B 247 -7.56 39.47 0.27
N SER B 248 -7.96 39.62 -1.00
CA SER B 248 -7.16 40.32 -1.96
C SER B 248 -7.07 41.74 -1.57
N SER B 249 -6.02 42.39 -2.07
CA SER B 249 -5.82 43.77 -1.77
C SER B 249 -5.75 43.91 -0.26
CU CU C . -7.10 -7.01 -5.47
FE HEC D . -1.23 0.87 3.40
CHA HEC D . 1.05 -0.95 1.67
CHB HEC D . 0.09 3.77 2.17
CHC HEC D . -3.78 2.62 4.79
CHD HEC D . -2.21 -1.90 5.03
NA HEC D . 0.18 1.32 2.10
C1A HEC D . 1.01 0.45 1.45
C2A HEC D . 1.93 1.15 0.56
C3A HEC D . 1.69 2.47 0.74
C4A HEC D . 0.59 2.58 1.68
CMA HEC D . 2.44 3.61 0.08
CAA HEC D . 2.98 0.47 -0.32
CBA HEC D . 4.28 0.43 0.54
CGA HEC D . 5.39 -0.40 -0.08
O1A HEC D . 6.58 -0.12 0.23
O2A HEC D . 5.09 -1.33 -0.86
NB HEC D . -1.73 2.78 3.49
C1B HEC D . -0.99 3.88 3.01
C2B HEC D . -1.66 5.15 3.38
C3B HEC D . -2.78 4.84 4.12
C4B HEC D . -2.81 3.36 4.13
CMB HEC D . -1.14 6.54 3.12
CAB HEC D . -3.70 5.73 4.78
CBB HEC D . -4.33 6.82 3.90
NC HEC D . -2.75 0.45 4.55
C1C HEC D . -3.74 1.26 5.02
C2C HEC D . -4.68 0.54 5.85
C3C HEC D . -4.26 -0.72 5.93
C4C HEC D . -3.03 -0.78 5.14
CMC HEC D . -5.95 1.16 6.42
CAC HEC D . -4.83 -1.80 6.71
CBC HEC D . -6.32 -2.18 6.43
ND HEC D . -0.71 -1.03 3.33
C1D HEC D . -1.15 -2.03 4.18
C2D HEC D . -0.43 -3.28 3.98
C3D HEC D . 0.43 -3.03 2.97
C4D HEC D . 0.25 -1.64 2.58
CMD HEC D . -0.56 -4.63 4.76
CAD HEC D . 1.36 -4.02 2.31
CBD HEC D . 0.73 -4.78 1.14
CGD HEC D . 1.70 -5.77 0.54
O1D HEC D . 1.52 -6.99 0.77
O2D HEC D . 2.66 -5.30 -0.14
HHA HEC D . 1.76 -1.53 1.10
HHB HEC D . 0.58 4.68 1.86
HHC HEC D . -4.65 3.14 5.16
HHD HEC D . -2.44 -2.73 5.68
HMA1 HEC D . 2.04 3.77 -0.92
HMA2 HEC D . 3.48 3.37 0.01
HMA3 HEC D . 2.31 4.51 0.65
HAA1 HEC D . 3.14 1.05 -1.23
HAA2 HEC D . 2.65 -0.52 -0.59
HBA1 HEC D . 4.03 0.00 1.50
HBA2 HEC D . 4.63 1.44 0.67
HMB1 HEC D . -1.48 6.87 2.14
HMB2 HEC D . -0.06 6.54 3.14
HMB3 HEC D . -1.51 7.22 3.87
HAB HEC D . -4.54 5.16 5.16
HBB1 HEC D . -5.31 6.51 3.57
HBB2 HEC D . -4.42 7.74 4.48
HBB3 HEC D . -3.70 7.01 3.04
HMC1 HEC D . -5.85 1.24 7.50
HMC2 HEC D . -6.79 0.53 6.19
HMC3 HEC D . -6.09 2.14 6.00
HAC HEC D . -5.45 -1.53 7.52
HBC1 HEC D . -6.74 -2.68 7.30
HBC2 HEC D . -6.89 -1.29 6.22
HBC3 HEC D . -6.37 -2.85 5.57
HMD1 HEC D . 0.13 -4.64 5.58
HMD2 HEC D . -0.34 -5.44 4.09
HMD3 HEC D . -1.57 -4.73 5.13
HAD1 HEC D . 1.66 -4.75 3.05
HAD2 HEC D . 2.22 -3.49 1.94
HBD1 HEC D . 0.43 -4.07 0.38
HBD2 HEC D . -0.15 -5.31 1.49
N ALA A 1 -9.40 -22.15 -23.70
CA ALA A 1 -9.06 -20.85 -24.25
C ALA A 1 -8.14 -20.11 -23.28
N SER A 2 -7.46 -19.09 -23.81
CA SER A 2 -6.56 -18.31 -23.00
C SER A 2 -7.29 -17.71 -21.81
N VAL A 3 -6.75 -17.94 -20.62
CA VAL A 3 -7.35 -17.43 -19.40
C VAL A 3 -6.32 -16.57 -18.66
N GLN A 4 -6.77 -16.00 -17.55
CA GLN A 4 -5.91 -15.14 -16.75
C GLN A 4 -6.20 -15.35 -15.26
N ILE A 5 -5.17 -15.15 -14.46
CA ILE A 5 -5.31 -15.30 -13.02
C ILE A 5 -5.10 -13.94 -12.34
N LYS A 6 -6.17 -13.43 -11.76
CA LYS A 6 -6.11 -12.15 -11.09
C LYS A 6 -5.82 -12.38 -9.60
N MET A 7 -4.88 -11.60 -9.08
CA MET A 7 -4.50 -11.70 -7.69
C MET A 7 -5.05 -10.53 -6.88
N GLY A 8 -6.19 -10.77 -6.24
CA GLY A 8 -6.82 -9.75 -5.43
C GLY A 8 -8.21 -9.40 -5.97
N THR A 9 -9.12 -9.11 -5.05
CA THR A 9 -10.48 -8.76 -5.43
C THR A 9 -10.74 -7.27 -5.21
N ASP A 10 -11.76 -6.77 -5.87
CA ASP A 10 -12.12 -5.36 -5.74
C ASP A 10 -12.44 -5.05 -4.27
N LYS A 11 -12.66 -6.11 -3.52
CA LYS A 11 -12.98 -5.97 -2.10
C LYS A 11 -11.68 -5.98 -1.29
N TYR A 12 -10.66 -5.33 -1.84
CA TYR A 12 -9.37 -5.28 -1.18
C TYR A 12 -9.03 -6.60 -0.50
N ALA A 13 -9.56 -7.67 -1.08
CA ALA A 13 -9.33 -9.00 -0.53
C ALA A 13 -8.31 -9.73 -1.41
N PRO A 14 -7.16 -10.08 -0.79
CA PRO A 14 -6.10 -10.78 -1.50
C PRO A 14 -6.46 -12.25 -1.71
N LEU A 15 -6.97 -12.54 -2.90
CA LEU A 15 -7.37 -13.90 -3.23
C LEU A 15 -7.22 -14.11 -4.74
N TYR A 16 -6.96 -15.35 -5.12
CA TYR A 16 -6.79 -15.70 -6.51
C TYR A 16 -8.15 -15.79 -7.22
N GLU A 17 -8.27 -15.04 -8.31
CA GLU A 17 -9.49 -15.03 -9.08
C GLU A 17 -9.20 -15.25 -10.56
N PRO A 18 -10.01 -16.14 -11.19
CA PRO A 18 -11.08 -16.81 -10.47
C PRO A 18 -10.52 -17.92 -9.56
N LYS A 19 -11.12 -18.02 -8.39
CA LYS A 19 -10.69 -19.02 -7.41
C LYS A 19 -10.37 -20.32 -8.15
N ALA A 20 -11.21 -20.63 -9.13
CA ALA A 20 -11.04 -21.85 -9.90
C ALA A 20 -10.85 -21.49 -11.37
N LEU A 21 -10.05 -22.28 -12.05
CA LEU A 21 -9.77 -22.05 -13.46
C LEU A 21 -9.65 -23.40 -14.18
N SER A 22 -10.19 -23.44 -15.39
CA SER A 22 -10.14 -24.65 -16.19
C SER A 22 -9.61 -24.34 -17.59
N ILE A 23 -8.85 -25.28 -18.13
CA ILE A 23 -8.28 -25.12 -19.45
C ILE A 23 -8.01 -26.50 -20.05
N SER A 24 -7.43 -26.48 -21.25
CA SER A 24 -7.11 -27.71 -21.94
C SER A 24 -5.61 -27.79 -22.22
N ALA A 25 -5.13 -29.02 -22.42
CA ALA A 25 -3.72 -29.23 -22.70
C ALA A 25 -3.32 -28.44 -23.94
N GLY A 26 -2.61 -27.35 -23.70
CA GLY A 26 -2.15 -26.50 -24.79
C GLY A 26 -2.61 -25.05 -24.59
N ASP A 27 -3.44 -24.88 -23.57
CA ASP A 27 -3.96 -23.55 -23.27
C ASP A 27 -2.93 -22.78 -22.44
N THR A 28 -3.24 -21.52 -22.19
CA THR A 28 -2.35 -20.67 -21.41
C THR A 28 -3.08 -20.08 -20.21
N VAL A 29 -2.32 -19.76 -19.18
CA VAL A 29 -2.88 -19.19 -17.97
C VAL A 29 -2.08 -17.95 -17.57
N GLU A 30 -2.65 -16.79 -17.87
CA GLU A 30 -2.00 -15.53 -17.54
C GLU A 30 -2.18 -15.21 -16.06
N PHE A 31 -1.46 -14.19 -15.61
CA PHE A 31 -1.53 -13.78 -14.23
C PHE A 31 -1.31 -12.26 -14.09
N VAL A 32 -2.31 -11.61 -13.52
CA VAL A 32 -2.24 -10.17 -13.33
C VAL A 32 -2.47 -9.84 -11.86
N MET A 33 -1.95 -8.68 -11.46
CA MET A 33 -2.08 -8.25 -10.08
C MET A 33 -3.24 -7.26 -9.93
N ASN A 34 -4.21 -7.64 -9.11
CA ASN A 34 -5.37 -6.80 -8.88
C ASN A 34 -5.01 -5.71 -7.88
N LYS A 35 -4.73 -6.14 -6.66
CA LYS A 35 -4.36 -5.20 -5.61
C LYS A 35 -3.83 -5.98 -4.40
N VAL A 36 -3.71 -5.28 -3.29
CA VAL A 36 -3.21 -5.89 -2.07
C VAL A 36 -1.98 -6.74 -2.38
N GLY A 37 -1.00 -6.08 -3.00
CA GLY A 37 0.24 -6.74 -3.37
C GLY A 37 1.29 -6.58 -2.28
N PRO A 38 2.53 -7.02 -2.60
CA PRO A 38 2.80 -7.62 -3.90
C PRO A 38 2.22 -9.04 -3.99
N HIS A 39 2.60 -9.73 -5.04
CA HIS A 39 2.13 -11.10 -5.24
C HIS A 39 3.26 -11.94 -5.87
N ASN A 40 2.89 -13.14 -6.29
CA ASN A 40 3.84 -14.05 -6.90
C ASN A 40 3.18 -15.40 -7.15
N VAL A 41 3.85 -16.21 -7.94
CA VAL A 41 3.34 -17.54 -8.25
C VAL A 41 4.10 -18.59 -7.45
N ILE A 42 3.38 -19.24 -6.55
CA ILE A 42 3.98 -20.27 -5.72
C ILE A 42 3.09 -21.51 -5.72
N PHE A 43 3.14 -22.24 -6.82
CA PHE A 43 2.34 -23.45 -6.95
C PHE A 43 2.46 -24.33 -5.71
N ASP A 44 1.50 -25.22 -5.56
CA ASP A 44 1.48 -26.13 -4.42
C ASP A 44 2.09 -27.47 -4.83
N LYS A 45 1.59 -27.99 -5.95
CA LYS A 45 2.08 -29.26 -6.46
C LYS A 45 1.13 -29.76 -7.55
N VAL A 46 1.72 -30.38 -8.55
CA VAL A 46 0.94 -30.91 -9.67
C VAL A 46 1.32 -32.37 -9.90
N PRO A 47 0.39 -33.11 -10.56
CA PRO A 47 0.60 -34.52 -10.84
C PRO A 47 1.61 -34.69 -11.99
N ALA A 48 2.11 -35.91 -12.10
CA ALA A 48 3.08 -36.22 -13.15
C ALA A 48 2.65 -35.53 -14.45
N GLY A 49 3.63 -34.93 -15.11
CA GLY A 49 3.38 -34.24 -16.36
C GLY A 49 4.06 -32.86 -16.37
N GLU A 50 3.71 -32.06 -15.36
CA GLU A 50 4.28 -30.73 -15.25
C GLU A 50 5.22 -30.65 -14.05
N SER A 51 5.67 -29.44 -13.77
CA SER A 51 6.58 -29.22 -12.65
C SER A 51 6.10 -28.01 -11.83
N ALA A 52 5.08 -28.25 -11.02
CA ALA A 52 4.53 -27.19 -10.19
C ALA A 52 5.66 -26.56 -9.37
N PRO A 53 6.43 -27.43 -8.67
CA PRO A 53 7.54 -26.97 -7.85
C PRO A 53 8.73 -26.56 -8.73
N ALA A 54 8.44 -25.72 -9.71
CA ALA A 54 9.47 -25.24 -10.62
C ALA A 54 9.02 -23.92 -11.24
N LEU A 55 7.77 -23.91 -11.69
CA LEU A 55 7.21 -22.72 -12.31
C LEU A 55 7.11 -21.61 -11.27
N SER A 56 6.97 -22.02 -10.02
CA SER A 56 6.86 -21.07 -8.93
C SER A 56 7.93 -19.99 -9.07
N ASN A 57 7.46 -18.76 -9.28
CA ASN A 57 8.37 -17.64 -9.44
C ASN A 57 8.28 -16.75 -8.19
N THR A 58 9.41 -16.65 -7.51
CA THR A 58 9.48 -15.83 -6.30
C THR A 58 9.87 -14.40 -6.65
N LYS A 59 9.63 -14.04 -7.90
CA LYS A 59 9.96 -12.70 -8.37
C LYS A 59 8.79 -11.76 -8.06
N LEU A 60 8.53 -11.58 -6.77
CA LEU A 60 7.46 -10.71 -6.34
C LEU A 60 7.41 -9.46 -7.22
N ALA A 61 6.46 -9.46 -8.15
CA ALA A 61 6.31 -8.34 -9.05
C ALA A 61 5.60 -7.20 -8.33
N ILE A 62 6.40 -6.24 -7.86
CA ILE A 62 5.85 -5.10 -7.15
C ILE A 62 5.07 -4.22 -8.13
N ALA A 63 5.69 -3.98 -9.27
CA ALA A 63 5.07 -3.16 -10.30
C ALA A 63 3.77 -3.83 -10.78
N PRO A 64 2.63 -3.18 -10.44
CA PRO A 64 1.33 -3.70 -10.82
C PRO A 64 1.07 -3.47 -12.31
N GLY A 65 0.48 -4.49 -12.93
CA GLY A 65 0.17 -4.41 -14.35
C GLY A 65 -0.24 -5.78 -14.89
N SER A 66 0.72 -6.68 -14.93
CA SER A 66 0.49 -8.02 -15.43
C SER A 66 1.77 -8.85 -15.33
N PHE A 67 1.85 -9.63 -14.26
CA PHE A 67 3.01 -10.47 -14.04
C PHE A 67 3.51 -11.07 -15.36
N TYR A 68 2.93 -12.21 -15.71
CA TYR A 68 3.30 -12.89 -16.93
C TYR A 68 2.35 -14.05 -17.23
N SER A 69 2.55 -14.67 -18.38
CA SER A 69 1.73 -15.79 -18.80
C SER A 69 2.58 -17.04 -18.98
N VAL A 70 1.92 -18.18 -18.98
CA VAL A 70 2.61 -19.45 -19.13
C VAL A 70 1.64 -20.48 -19.72
N THR A 71 2.15 -21.25 -20.67
CA THR A 71 1.34 -22.27 -21.31
C THR A 71 1.54 -23.63 -20.62
N LEU A 72 0.47 -24.41 -20.60
CA LEU A 72 0.51 -25.72 -19.97
C LEU A 72 0.08 -26.78 -20.99
N GLY A 73 0.21 -28.03 -20.58
CA GLY A 73 -0.16 -29.14 -21.44
C GLY A 73 -0.55 -30.37 -20.62
N THR A 74 0.26 -30.64 -19.59
CA THR A 74 0.00 -31.78 -18.72
C THR A 74 -1.43 -31.72 -18.19
N PRO A 75 -2.17 -32.83 -18.43
CA PRO A 75 -3.55 -32.92 -17.97
C PRO A 75 -3.62 -33.18 -16.47
N GLY A 76 -4.58 -32.54 -15.83
CA GLY A 76 -4.77 -32.69 -14.40
C GLY A 76 -5.15 -31.35 -13.75
N THR A 77 -5.30 -31.39 -12.43
CA THR A 77 -5.67 -30.19 -11.69
C THR A 77 -4.45 -29.64 -10.94
N TYR A 78 -4.10 -28.40 -11.27
CA TYR A 78 -2.98 -27.75 -10.63
C TYR A 78 -3.44 -26.86 -9.48
N SER A 79 -2.65 -26.88 -8.41
CA SER A 79 -2.95 -26.08 -7.24
C SER A 79 -1.78 -25.17 -6.90
N PHE A 80 -2.11 -23.99 -6.42
CA PHE A 80 -1.09 -23.02 -6.05
C PHE A 80 -1.54 -22.18 -4.84
N TYR A 81 -0.75 -21.16 -4.55
CA TYR A 81 -1.05 -20.28 -3.43
C TYR A 81 -0.12 -19.07 -3.42
N CYS A 82 -0.50 -18.07 -2.63
CA CYS A 82 0.29 -16.86 -2.53
C CYS A 82 1.23 -17.00 -1.33
N THR A 83 2.52 -16.87 -1.61
CA THR A 83 3.53 -16.99 -0.58
C THR A 83 3.20 -16.08 0.60
N PRO A 84 2.92 -14.79 0.27
CA PRO A 84 2.59 -13.81 1.29
C PRO A 84 1.16 -14.01 1.79
N HIS A 85 0.21 -13.86 0.88
CA HIS A 85 -1.19 -14.03 1.22
C HIS A 85 -1.51 -15.52 1.38
N ARG A 86 -0.78 -16.15 2.29
CA ARG A 86 -0.98 -17.57 2.55
C ARG A 86 -2.06 -17.77 3.61
N GLY A 87 -2.05 -16.89 4.59
CA GLY A 87 -3.03 -16.97 5.67
C GLY A 87 -4.29 -16.16 5.32
N ALA A 88 -4.11 -15.19 4.43
CA ALA A 88 -5.21 -14.35 4.01
C ALA A 88 -6.23 -15.20 3.25
N GLY A 89 -5.80 -16.39 2.86
CA GLY A 89 -6.65 -17.29 2.13
C GLY A 89 -6.69 -16.94 0.64
N MET A 90 -5.53 -17.05 0.01
CA MET A 90 -5.41 -16.75 -1.41
C MET A 90 -4.89 -17.96 -2.18
N VAL A 91 -5.77 -18.92 -2.37
CA VAL A 91 -5.41 -20.13 -3.09
C VAL A 91 -6.39 -20.32 -4.27
N GLY A 92 -5.89 -21.02 -5.29
CA GLY A 92 -6.70 -21.27 -6.47
C GLY A 92 -6.34 -22.62 -7.09
N THR A 93 -6.95 -22.89 -8.24
CA THR A 93 -6.70 -24.14 -8.95
C THR A 93 -6.72 -23.90 -10.46
N ILE A 94 -6.15 -24.86 -11.18
CA ILE A 94 -6.10 -24.76 -12.64
C ILE A 94 -6.19 -26.17 -13.23
N THR A 95 -7.19 -26.35 -14.08
CA THR A 95 -7.41 -27.63 -14.72
C THR A 95 -6.97 -27.58 -16.18
N VAL A 96 -6.42 -28.69 -16.65
CA VAL A 96 -5.96 -28.78 -18.02
C VAL A 96 -6.57 -30.02 -18.68
N GLU A 97 -7.86 -29.93 -18.98
CA GLU A 97 -8.57 -31.03 -19.61
C GLU A 97 -8.42 -30.94 -21.13
N TYR B 1 -2.66 0.48 1.80
CA TYR B 1 -2.75 1.42 0.66
C TYR B 1 -3.79 2.46 0.93
N PRO B 2 -3.77 3.55 0.23
CA PRO B 2 -4.76 4.56 0.46
C PRO B 2 -6.11 4.02 0.15
N PHE B 3 -6.17 3.06 -0.78
CA PHE B 3 -7.39 2.45 -1.23
C PHE B 3 -8.03 1.77 -0.05
N TYR B 4 -7.21 1.10 0.77
CA TYR B 4 -7.68 0.37 1.92
C TYR B 4 -8.27 1.33 2.91
N ALA B 5 -7.69 2.54 3.06
CA ALA B 5 -8.27 3.50 3.97
C ALA B 5 -9.64 3.85 3.48
N GLN B 6 -9.81 4.06 2.16
CA GLN B 6 -11.09 4.47 1.65
C GLN B 6 -12.14 3.44 1.95
N TYR B 7 -11.84 2.14 1.76
CA TYR B 7 -12.86 1.16 2.04
C TYR B 7 -13.20 1.09 3.49
N ASN B 8 -12.20 1.14 4.37
CA ASN B 8 -12.42 0.99 5.78
C ASN B 8 -13.03 2.19 6.45
N TYR B 9 -12.59 3.43 6.10
CA TYR B 9 -13.08 4.53 6.90
C TYR B 9 -13.62 5.63 6.03
N ASP B 10 -14.84 6.09 6.36
CA ASP B 10 -15.41 7.16 5.60
C ASP B 10 -14.59 8.39 5.88
N SER B 11 -14.20 8.61 7.16
CA SER B 11 -13.41 9.75 7.51
C SER B 11 -12.03 9.27 7.89
N PRO B 12 -11.05 9.76 7.18
CA PRO B 12 -9.67 9.40 7.37
C PRO B 12 -9.04 9.96 8.61
N ARG B 13 -9.66 10.97 9.26
CA ARG B 13 -9.06 11.57 10.41
C ARG B 13 -9.97 11.33 11.57
N GLU B 14 -9.41 10.73 12.64
CA GLU B 14 -10.16 10.41 13.83
C GLU B 14 -10.30 11.68 14.63
N ALA B 15 -11.22 11.66 15.62
CA ALA B 15 -11.51 12.81 16.42
C ALA B 15 -10.26 13.23 17.12
N THR B 16 -9.45 12.24 17.53
CA THR B 16 -8.22 12.48 18.22
C THR B 16 -7.32 13.23 17.29
N GLY B 17 -7.49 13.01 15.97
CA GLY B 17 -6.64 13.66 15.02
C GLY B 17 -5.75 12.62 14.44
N LYS B 18 -5.87 11.38 14.94
CA LYS B 18 -5.07 10.33 14.40
C LYS B 18 -5.62 9.98 13.04
N ILE B 19 -4.72 9.77 12.07
CA ILE B 19 -5.06 9.42 10.72
C ILE B 19 -5.12 7.93 10.65
N VAL B 20 -6.12 7.40 9.92
CA VAL B 20 -6.51 6.01 9.86
C VAL B 20 -5.41 5.10 9.39
N CYS B 21 -4.45 5.60 8.60
CA CYS B 21 -3.42 4.74 8.07
C CYS B 21 -2.71 4.08 9.22
N ALA B 22 -2.71 4.74 10.39
CA ALA B 22 -2.03 4.30 11.57
C ALA B 22 -2.55 2.97 12.01
N ASN B 23 -3.83 2.65 11.72
CA ASN B 23 -4.36 1.41 12.19
C ASN B 23 -3.54 0.26 11.63
N CYS B 24 -3.22 0.31 10.32
CA CYS B 24 -2.41 -0.69 9.64
C CYS B 24 -0.92 -0.52 9.76
N HIS B 25 -0.43 0.74 9.62
CA HIS B 25 0.99 0.99 9.60
C HIS B 25 1.35 1.45 10.96
N LEU B 26 1.84 0.49 11.75
CA LEU B 26 2.09 0.60 13.16
C LEU B 26 3.23 1.52 13.56
N ALA B 27 4.33 1.59 12.78
CA ALA B 27 5.48 2.34 13.22
C ALA B 27 5.37 3.79 12.86
N LYS B 28 6.02 4.66 13.67
CA LYS B 28 5.96 6.07 13.43
C LYS B 28 7.23 6.51 12.76
N LYS B 29 7.09 7.36 11.72
CA LYS B 29 8.19 7.95 11.00
C LYS B 29 7.75 9.34 10.67
N THR B 30 8.71 10.21 10.30
CA THR B 30 8.40 11.60 10.10
C THR B 30 7.65 11.86 8.84
N VAL B 31 6.89 12.98 8.84
CA VAL B 31 6.21 13.43 7.65
C VAL B 31 6.43 14.92 7.62
N GLU B 32 6.69 15.48 6.41
CA GLU B 32 6.90 16.90 6.35
C GLU B 32 6.02 17.50 5.30
N ILE B 33 5.52 18.72 5.56
CA ILE B 33 4.71 19.40 4.59
C ILE B 33 5.02 20.87 4.64
N GLU B 34 5.17 21.52 3.47
CA GLU B 34 5.40 22.94 3.46
C GLU B 34 4.43 23.59 2.52
N VAL B 35 3.85 24.72 2.95
CA VAL B 35 2.91 25.46 2.15
C VAL B 35 3.16 26.92 2.44
N PRO B 36 2.62 27.78 1.62
CA PRO B 36 2.82 29.19 1.81
C PRO B 36 2.10 29.68 3.04
N GLN B 37 2.53 30.83 3.57
CA GLN B 37 1.95 31.40 4.75
C GLN B 37 0.51 31.72 4.45
N ALA B 38 0.24 32.34 3.29
CA ALA B 38 -1.09 32.72 2.98
C ALA B 38 -1.30 32.60 1.50
N VAL B 39 -2.57 32.50 1.08
CA VAL B 39 -2.88 32.41 -0.33
C VAL B 39 -4.12 33.21 -0.62
N LEU B 40 -4.21 33.76 -1.85
CA LEU B 40 -5.33 34.56 -2.27
C LEU B 40 -6.43 33.62 -2.71
N PRO B 41 -7.66 34.07 -2.72
CA PRO B 41 -8.81 33.22 -2.98
C PRO B 41 -8.73 32.19 -4.05
N ASP B 42 -9.19 32.38 -5.28
CA ASP B 42 -9.12 31.26 -6.18
C ASP B 42 -7.77 31.27 -6.81
N THR B 43 -6.76 30.77 -6.05
CA THR B 43 -5.41 30.79 -6.54
C THR B 43 -4.80 29.43 -6.35
N VAL B 44 -3.72 29.13 -7.10
CA VAL B 44 -3.10 27.85 -7.00
C VAL B 44 -1.78 28.01 -6.30
N PHE B 45 -1.45 27.08 -5.38
CA PHE B 45 -0.22 27.14 -4.66
C PHE B 45 0.29 25.74 -4.50
N LYS B 46 1.57 25.58 -4.09
CA LYS B 46 2.12 24.25 -3.99
C LYS B 46 2.23 23.82 -2.57
N ALA B 47 1.91 22.53 -2.32
CA ALA B 47 2.07 21.92 -1.04
C ALA B 47 3.13 20.88 -1.27
N VAL B 48 4.25 20.98 -0.52
CA VAL B 48 5.35 20.08 -0.72
C VAL B 48 5.35 19.05 0.37
N VAL B 49 5.39 17.76 -0.02
CA VAL B 49 5.33 16.68 0.93
C VAL B 49 6.59 15.86 0.82
N LYS B 50 7.17 15.45 1.98
CA LYS B 50 8.34 14.62 1.97
C LYS B 50 8.15 13.53 2.99
N VAL B 51 8.63 12.30 2.68
CA VAL B 51 8.50 11.18 3.57
C VAL B 51 9.85 10.50 3.68
N PRO B 52 10.64 10.91 4.62
CA PRO B 52 11.99 10.40 4.71
C PRO B 52 12.20 9.02 5.22
N TYR B 53 13.18 8.31 4.61
CA TYR B 53 13.64 7.03 5.08
C TYR B 53 14.98 6.82 4.46
N ASP B 54 15.77 5.86 5.00
CA ASP B 54 17.07 5.63 4.45
C ASP B 54 16.89 4.77 3.22
N LEU B 55 17.28 5.31 2.06
CA LEU B 55 17.14 4.65 0.79
C LEU B 55 17.97 3.41 0.76
N ASP B 56 19.06 3.38 1.54
CA ASP B 56 19.93 2.23 1.57
C ASP B 56 19.25 1.02 2.16
N ILE B 57 18.23 1.19 3.04
CA ILE B 57 17.68 0.04 3.69
C ILE B 57 16.51 -0.52 2.94
N GLN B 58 16.51 -1.86 2.75
CA GLN B 58 15.50 -2.59 2.04
C GLN B 58 14.49 -3.13 3.00
N GLN B 59 13.29 -3.45 2.48
CA GLN B 59 12.16 -3.90 3.24
C GLN B 59 11.78 -5.28 2.80
N VAL B 60 11.08 -6.03 3.69
CA VAL B 60 10.62 -7.34 3.37
C VAL B 60 9.43 -7.15 2.47
N GLN B 61 9.40 -7.88 1.34
CA GLN B 61 8.31 -7.76 0.41
C GLN B 61 7.38 -8.93 0.59
N ALA B 62 6.32 -8.99 -0.24
CA ALA B 62 5.30 -9.98 -0.10
C ALA B 62 5.88 -11.37 -0.20
N ASP B 63 6.84 -11.59 -1.11
CA ASP B 63 7.42 -12.90 -1.29
C ASP B 63 8.35 -13.25 -0.16
N GLY B 64 8.79 -12.26 0.63
CA GLY B 64 9.68 -12.50 1.74
C GLY B 64 11.04 -11.98 1.42
N SER B 65 11.30 -11.66 0.13
CA SER B 65 12.58 -11.14 -0.30
C SER B 65 12.66 -9.66 -0.04
N PRO B 66 13.88 -9.17 -0.03
CA PRO B 66 14.08 -7.74 0.15
C PRO B 66 13.84 -6.92 -1.09
N SER B 67 13.34 -5.68 -0.94
CA SER B 67 13.11 -4.83 -2.08
C SER B 67 12.96 -3.41 -1.60
N GLY B 68 12.65 -2.48 -2.53
CA GLY B 68 12.54 -1.07 -2.23
C GLY B 68 11.23 -0.78 -1.57
N LEU B 69 11.07 0.46 -1.07
CA LEU B 69 9.88 0.88 -0.39
C LEU B 69 9.09 1.77 -1.29
N ASN B 70 7.76 1.80 -1.07
CA ASN B 70 6.85 2.64 -1.82
C ASN B 70 6.30 3.61 -0.82
N VAL B 71 5.84 4.78 -1.29
CA VAL B 71 5.36 5.79 -0.38
C VAL B 71 3.99 6.23 -0.81
N GLY B 72 3.25 6.89 0.10
CA GLY B 72 1.93 7.36 -0.21
C GLY B 72 1.53 8.30 0.87
N ALA B 73 0.43 9.07 0.66
CA ALA B 73 0.05 9.99 1.69
C ALA B 73 -1.38 10.41 1.50
N VAL B 74 -1.95 11.00 2.57
CA VAL B 74 -3.26 11.58 2.53
C VAL B 74 -3.04 13.00 2.95
N LEU B 75 -3.51 13.97 2.13
CA LEU B 75 -3.33 15.35 2.47
C LEU B 75 -4.68 15.94 2.68
N MET B 76 -4.99 16.38 3.92
CA MET B 76 -6.31 16.89 4.16
C MET B 76 -6.26 18.38 4.16
N LEU B 77 -6.92 18.97 3.15
CA LEU B 77 -6.98 20.40 3.00
C LEU B 77 -8.26 20.88 3.60
N PRO B 78 -8.35 22.17 3.78
CA PRO B 78 -9.53 22.76 4.36
C PRO B 78 -10.67 22.69 3.41
N GLU B 79 -11.91 22.92 3.91
CA GLU B 79 -13.08 22.85 3.07
C GLU B 79 -12.91 23.81 1.94
N GLY B 80 -13.33 23.37 0.74
CA GLY B 80 -13.35 24.20 -0.43
C GLY B 80 -12.07 24.08 -1.21
N PHE B 81 -10.99 23.60 -0.57
CA PHE B 81 -9.73 23.45 -1.26
C PHE B 81 -9.77 22.18 -2.06
N LYS B 82 -9.13 22.19 -3.25
CA LYS B 82 -9.09 21.01 -4.06
C LYS B 82 -7.80 21.01 -4.83
N LEU B 83 -7.47 19.86 -5.47
CA LEU B 83 -6.29 19.80 -6.28
C LEU B 83 -6.60 20.69 -7.44
N ALA B 84 -5.59 21.42 -7.97
CA ALA B 84 -5.86 22.37 -9.02
C ALA B 84 -6.03 21.67 -10.32
N PRO B 85 -6.93 22.18 -11.13
CA PRO B 85 -7.13 21.65 -12.45
C PRO B 85 -5.97 22.10 -13.29
N PRO B 86 -5.64 21.33 -14.28
CA PRO B 86 -4.49 21.62 -15.11
C PRO B 86 -4.56 22.99 -15.69
N GLU B 87 -5.76 23.45 -16.08
CA GLU B 87 -5.95 24.70 -16.77
C GLU B 87 -5.55 25.81 -15.87
N ARG B 88 -5.81 25.63 -14.57
CA ARG B 88 -5.56 26.59 -13.53
C ARG B 88 -4.10 26.74 -13.20
N VAL B 89 -3.25 25.74 -13.45
CA VAL B 89 -1.87 25.86 -13.04
C VAL B 89 -1.13 26.81 -13.92
N ASP B 90 -0.45 27.81 -13.31
CA ASP B 90 0.24 28.77 -14.11
C ASP B 90 1.46 28.15 -14.73
N GLU B 91 1.99 28.82 -15.78
CA GLU B 91 3.00 28.28 -16.65
C GLU B 91 4.28 27.94 -15.96
N GLU B 92 4.83 28.82 -15.11
CA GLU B 92 6.11 28.52 -14.54
C GLU B 92 6.00 27.28 -13.71
N LEU B 93 4.88 27.15 -12.99
CA LEU B 93 4.60 26.12 -12.03
C LEU B 93 4.37 24.74 -12.57
N MET B 94 3.83 24.58 -13.79
CA MET B 94 3.37 23.29 -14.24
C MET B 94 4.44 22.25 -14.16
N GLU B 95 5.68 22.57 -14.54
CA GLU B 95 6.72 21.59 -14.49
C GLU B 95 7.08 21.22 -13.07
N GLU B 96 6.96 22.19 -12.14
CA GLU B 96 7.33 22.08 -10.75
C GLU B 96 6.45 21.14 -9.98
N VAL B 97 5.20 20.93 -10.42
CA VAL B 97 4.28 20.17 -9.64
C VAL B 97 4.17 18.77 -10.16
N GLY B 98 3.71 17.84 -9.31
CA GLY B 98 3.57 16.48 -9.73
C GLY B 98 2.59 16.52 -10.83
N ASP B 99 2.58 15.46 -11.69
CA ASP B 99 1.62 15.39 -12.75
C ASP B 99 0.34 15.53 -12.03
N PHE B 100 -0.24 16.72 -12.23
CA PHE B 100 -1.34 17.17 -11.44
C PHE B 100 -2.42 16.19 -11.53
N TYR B 101 -2.80 15.79 -12.74
CA TYR B 101 -3.93 14.95 -12.65
C TYR B 101 -3.67 13.61 -12.07
N TYR B 102 -2.72 12.91 -12.70
CA TYR B 102 -2.53 11.49 -12.52
C TYR B 102 -2.22 11.08 -11.13
N LEU B 103 -1.29 11.76 -10.46
CA LEU B 103 -0.88 11.32 -9.15
C LEU B 103 -1.97 11.43 -8.12
N VAL B 104 -2.86 12.44 -8.25
CA VAL B 104 -3.80 12.75 -7.19
C VAL B 104 -5.18 12.20 -7.38
N THR B 105 -5.72 11.58 -6.30
CA THR B 105 -7.05 11.04 -6.31
C THR B 105 -7.81 11.56 -5.12
N PRO B 106 -9.06 11.91 -5.31
CA PRO B 106 -9.86 12.39 -4.21
C PRO B 106 -10.26 11.25 -3.33
N TYR B 107 -10.46 11.52 -2.03
CA TYR B 107 -10.80 10.50 -1.08
C TYR B 107 -12.15 9.95 -1.44
N SER B 108 -13.08 10.86 -1.80
CA SER B 108 -14.42 10.50 -2.19
C SER B 108 -14.94 11.63 -3.01
N GLU B 109 -16.14 11.46 -3.60
CA GLU B 109 -16.69 12.48 -4.45
C GLU B 109 -16.92 13.73 -3.66
N THR B 110 -17.47 13.58 -2.43
CA THR B 110 -17.78 14.67 -1.54
C THR B 110 -16.53 15.27 -0.95
N ASP B 111 -15.49 14.43 -0.78
CA ASP B 111 -14.20 14.54 -0.15
C ASP B 111 -13.06 15.14 -0.95
N GLU B 112 -13.32 15.92 -2.02
CA GLU B 112 -12.29 16.40 -2.90
C GLU B 112 -11.18 17.13 -2.19
N ASN B 113 -11.45 17.70 -0.99
CA ASN B 113 -10.46 18.39 -0.20
C ASN B 113 -9.44 17.42 0.35
N ILE B 114 -9.76 16.11 0.42
CA ILE B 114 -8.82 15.14 0.92
C ILE B 114 -8.21 14.43 -0.26
N LEU B 115 -6.88 14.57 -0.42
CA LEU B 115 -6.14 14.09 -1.56
C LEU B 115 -5.28 12.92 -1.18
N LEU B 116 -5.28 11.87 -2.03
CA LEU B 116 -4.50 10.68 -1.79
C LEU B 116 -3.50 10.55 -2.90
N ALA B 117 -2.28 10.06 -2.57
CA ALA B 117 -1.28 9.83 -3.58
C ALA B 117 -0.60 8.53 -3.21
N GLY B 118 -0.12 7.78 -4.21
CA GLY B 118 0.60 6.57 -3.94
C GLY B 118 -0.29 5.38 -4.07
N PRO B 119 0.30 4.20 -4.00
CA PRO B 119 1.72 4.11 -3.79
C PRO B 119 2.56 4.50 -4.96
N LEU B 120 3.73 5.11 -4.67
CA LEU B 120 4.68 5.54 -5.67
C LEU B 120 6.01 5.00 -5.23
N PRO B 121 6.93 4.83 -6.14
CA PRO B 121 8.23 4.34 -5.77
C PRO B 121 8.94 5.37 -4.94
N GLY B 122 9.49 4.98 -3.79
CA GLY B 122 10.11 5.88 -2.86
C GLY B 122 11.33 6.51 -3.46
N GLU B 123 12.10 5.75 -4.25
CA GLU B 123 13.33 6.28 -4.78
C GLU B 123 13.03 7.42 -5.71
N ASP B 124 11.93 7.31 -6.49
CA ASP B 124 11.55 8.28 -7.47
C ASP B 124 11.04 9.56 -6.86
N TYR B 125 10.23 9.49 -5.77
CA TYR B 125 9.63 10.71 -5.31
C TYR B 125 10.18 11.15 -3.99
N GLN B 126 11.23 11.98 -4.03
CA GLN B 126 11.78 12.54 -2.82
C GLN B 126 10.82 13.55 -2.30
N GLU B 127 10.17 14.27 -3.22
CA GLU B 127 9.25 15.31 -2.85
C GLU B 127 8.02 15.09 -3.69
N MET B 128 6.82 15.25 -3.09
CA MET B 128 5.61 15.12 -3.85
C MET B 128 5.00 16.47 -3.80
N ILE B 129 4.79 17.12 -4.95
CA ILE B 129 4.28 18.47 -4.89
C ILE B 129 2.88 18.52 -5.40
N PHE B 130 1.94 18.92 -4.52
CA PHE B 130 0.55 18.95 -4.91
C PHE B 130 0.18 20.35 -5.31
N PRO B 131 -0.36 20.53 -6.49
CA PRO B 131 -0.85 21.79 -6.97
C PRO B 131 -2.16 21.98 -6.27
N ILE B 132 -2.39 23.08 -5.54
CA ILE B 132 -3.65 23.15 -4.85
C ILE B 132 -4.37 24.42 -5.20
N LEU B 133 -5.69 24.32 -5.40
CA LEU B 133 -6.46 25.49 -5.74
C LEU B 133 -7.31 25.88 -4.55
N SER B 134 -7.17 27.13 -4.08
CA SER B 134 -7.94 27.62 -2.96
C SER B 134 -9.34 27.97 -3.41
N PRO B 135 -10.28 27.95 -2.48
CA PRO B 135 -11.66 28.30 -2.74
C PRO B 135 -11.86 29.78 -2.79
N ASN B 136 -13.08 30.24 -3.16
CA ASN B 136 -13.37 31.66 -3.15
C ASN B 136 -14.58 31.87 -2.30
N PRO B 137 -14.40 32.48 -1.16
CA PRO B 137 -15.50 32.67 -0.25
C PRO B 137 -16.57 33.57 -0.77
N ALA B 138 -16.26 34.50 -1.69
CA ALA B 138 -17.29 35.36 -2.14
C ALA B 138 -18.34 34.52 -2.81
N THR B 139 -17.87 33.59 -3.67
CA THR B 139 -18.74 32.69 -4.37
C THR B 139 -19.24 31.59 -3.48
N ASP B 140 -18.40 31.10 -2.55
CA ASP B 140 -18.77 29.93 -1.77
C ASP B 140 -19.04 30.31 -0.34
N ALA B 141 -20.31 30.12 0.08
CA ALA B 141 -20.83 30.42 1.39
C ALA B 141 -20.20 29.56 2.44
N GLY B 142 -19.91 28.28 2.08
CA GLY B 142 -19.41 27.30 2.99
C GLY B 142 -18.08 27.72 3.55
N VAL B 143 -17.26 28.47 2.79
CA VAL B 143 -15.96 28.81 3.29
C VAL B 143 -15.82 30.29 3.51
N TYR B 144 -14.99 30.65 4.51
CA TYR B 144 -14.75 32.03 4.81
C TYR B 144 -13.26 32.24 4.85
N PHE B 145 -12.82 33.51 4.85
CA PHE B 145 -11.41 33.80 4.92
C PHE B 145 -11.01 33.57 6.34
N GLY B 146 -9.75 33.15 6.56
CA GLY B 146 -9.30 32.91 7.91
C GLY B 146 -8.11 32.00 7.84
N LYS B 147 -7.63 31.56 9.03
CA LYS B 147 -6.50 30.69 9.09
C LYS B 147 -7.01 29.28 9.18
N TYR B 148 -6.39 28.35 8.43
CA TYR B 148 -6.89 27.00 8.45
C TYR B 148 -5.76 26.03 8.64
N SER B 149 -6.09 24.80 9.06
CA SER B 149 -5.10 23.80 9.30
C SER B 149 -5.15 22.78 8.21
N ILE B 150 -3.98 22.21 7.87
CA ILE B 150 -3.87 21.20 6.86
C ILE B 150 -3.26 20.02 7.58
N HIS B 151 -3.79 18.80 7.34
CA HIS B 151 -3.28 17.66 8.04
C HIS B 151 -2.66 16.72 7.06
N LEU B 152 -1.44 16.25 7.35
CA LEU B 152 -0.77 15.35 6.47
C LEU B 152 -0.55 14.03 7.16
N GLY B 153 -0.77 12.93 6.42
CA GLY B 153 -0.49 11.60 6.89
C GLY B 153 0.36 11.00 5.81
N GLY B 154 1.60 10.55 6.15
CA GLY B 154 2.45 10.06 5.10
C GLY B 154 3.08 8.75 5.51
N ASN B 155 3.13 7.80 4.57
CA ASN B 155 3.64 6.50 4.91
C ASN B 155 4.64 6.02 3.89
N ARG B 156 5.56 5.13 4.36
CA ARG B 156 6.50 4.48 3.49
C ARG B 156 6.56 3.06 3.99
N GLY B 157 6.63 2.07 3.09
CA GLY B 157 6.80 0.72 3.52
C GLY B 157 5.48 0.02 3.72
N ARG B 158 5.52 -1.32 3.69
CA ARG B 158 4.37 -2.17 3.78
C ARG B 158 3.82 -2.18 5.17
N GLY B 159 2.47 -2.30 5.27
CA GLY B 159 1.78 -2.27 6.53
C GLY B 159 1.87 -3.60 7.22
N GLN B 160 1.54 -3.59 8.52
CA GLN B 160 1.51 -4.70 9.43
C GLN B 160 0.26 -5.53 9.33
N VAL B 161 -0.91 -4.92 9.03
CA VAL B 161 -2.14 -5.65 9.06
C VAL B 161 -2.88 -5.45 7.78
N TYR B 162 -3.78 -6.40 7.45
CA TYR B 162 -4.53 -6.35 6.22
C TYR B 162 -5.94 -6.01 6.60
N PRO B 163 -6.72 -5.56 5.65
CA PRO B 163 -8.10 -5.27 5.92
C PRO B 163 -8.80 -6.52 6.32
N THR B 164 -8.16 -7.67 6.05
CA THR B 164 -8.65 -8.95 6.46
C THR B 164 -8.61 -8.95 7.95
N GLY B 165 -7.60 -8.28 8.53
CA GLY B 165 -7.44 -8.26 9.95
C GLY B 165 -6.30 -9.16 10.30
N GLU B 166 -5.79 -9.92 9.30
CA GLU B 166 -4.69 -10.79 9.55
C GLU B 166 -3.41 -10.03 9.38
N LEU B 167 -2.35 -10.49 10.09
CA LEU B 167 -1.07 -9.83 10.07
C LEU B 167 -0.34 -10.17 8.81
N SER B 168 0.48 -9.20 8.34
CA SER B 168 1.29 -9.36 7.17
C SER B 168 2.59 -9.97 7.59
N ASN B 169 3.47 -10.26 6.61
CA ASN B 169 4.78 -10.81 6.84
C ASN B 169 5.70 -9.75 7.39
N ASN B 170 5.32 -8.46 7.31
CA ASN B 170 6.18 -7.42 7.81
C ASN B 170 5.75 -7.07 9.21
N ASN B 171 5.78 -8.05 10.14
CA ASN B 171 5.35 -7.80 11.50
C ASN B 171 5.98 -8.81 12.41
N ALA B 172 5.93 -8.57 13.74
CA ALA B 172 6.49 -9.51 14.67
C ALA B 172 5.50 -10.62 14.92
N PHE B 173 6.02 -11.86 15.12
CA PHE B 173 5.16 -12.99 15.40
C PHE B 173 5.51 -13.47 16.78
N SER B 174 4.49 -13.85 17.60
CA SER B 174 4.76 -14.19 18.98
C SER B 174 4.34 -15.60 19.30
N ALA B 175 4.97 -16.18 20.35
CA ALA B 175 4.69 -17.52 20.77
C ALA B 175 3.28 -17.60 21.25
N SER B 176 2.52 -18.56 20.69
CA SER B 176 1.15 -18.76 21.03
C SER B 176 1.07 -19.31 22.42
N ILE B 177 2.12 -20.03 22.87
CA ILE B 177 2.09 -20.60 24.19
C ILE B 177 3.49 -20.73 24.70
N ALA B 178 3.65 -20.85 26.05
CA ALA B 178 4.93 -21.00 26.66
C ALA B 178 5.37 -22.43 26.57
N GLY B 179 6.69 -22.67 26.48
CA GLY B 179 7.18 -24.02 26.40
C GLY B 179 8.57 -24.00 25.84
N THR B 180 9.04 -25.17 25.34
CA THR B 180 10.36 -25.24 24.79
C THR B 180 10.26 -25.52 23.32
N ILE B 181 11.21 -24.99 22.53
CA ILE B 181 11.13 -25.13 21.10
C ILE B 181 11.83 -26.39 20.70
N ALA B 182 11.04 -27.41 20.34
CA ALA B 182 11.53 -28.68 19.90
C ALA B 182 12.18 -28.58 18.55
N ALA B 183 11.57 -27.82 17.61
CA ALA B 183 12.17 -27.77 16.31
C ALA B 183 11.57 -26.65 15.51
N ILE B 184 12.24 -26.27 14.40
CA ILE B 184 11.75 -25.27 13.49
C ILE B 184 12.07 -25.70 12.06
N GLU B 185 11.15 -25.52 11.09
CA GLU B 185 11.31 -25.96 9.70
C GLU B 185 11.37 -24.74 8.78
N ASP B 186 11.97 -24.80 7.53
CA ASP B 186 12.13 -23.53 6.82
C ASP B 186 12.15 -23.45 5.27
N ASN B 187 11.15 -22.77 4.62
CA ASN B 187 11.17 -22.42 3.20
C ASN B 187 11.17 -20.93 3.17
N GLY B 188 11.95 -20.37 4.10
CA GLY B 188 11.92 -18.95 4.29
C GLY B 188 10.88 -18.81 5.34
N PHE B 189 9.76 -19.55 5.13
CA PHE B 189 8.66 -19.62 6.05
C PHE B 189 9.14 -20.53 7.10
N GLY B 190 8.78 -20.23 8.34
CA GLY B 190 9.01 -21.24 9.29
C GLY B 190 7.64 -21.73 9.31
N PHE B 191 7.47 -22.87 8.64
CA PHE B 191 6.20 -23.48 8.52
C PHE B 191 5.84 -23.64 9.93
N ASP B 192 6.85 -23.97 10.76
CA ASP B 192 6.43 -24.07 12.10
C ASP B 192 7.55 -23.95 13.07
N VAL B 193 7.21 -23.31 14.19
CA VAL B 193 8.05 -23.38 15.35
C VAL B 193 7.23 -24.28 16.22
N THR B 194 7.79 -25.43 16.61
CA THR B 194 7.02 -26.33 17.42
C THR B 194 7.40 -26.09 18.84
N ILE B 195 6.38 -25.89 19.70
CA ILE B 195 6.66 -25.62 21.07
C ILE B 195 6.05 -26.68 21.91
N GLN B 196 6.79 -27.16 22.92
CA GLN B 196 6.30 -28.19 23.80
C GLN B 196 5.87 -27.51 25.07
N PRO B 197 4.59 -27.48 25.30
CA PRO B 197 4.12 -26.91 26.53
C PRO B 197 4.43 -27.70 27.76
N GLU B 198 4.12 -27.07 28.90
CA GLU B 198 4.45 -27.50 30.23
C GLU B 198 3.90 -28.87 30.50
N ASP B 199 2.78 -29.27 29.86
CA ASP B 199 2.27 -30.55 30.24
C ASP B 199 2.09 -31.50 29.08
N GLY B 200 3.12 -31.68 28.22
CA GLY B 200 3.07 -32.73 27.24
C GLY B 200 2.59 -32.27 25.89
N ASP B 201 1.74 -31.24 25.81
CA ASP B 201 1.18 -30.86 24.53
C ASP B 201 2.25 -30.25 23.67
N ALA B 202 2.02 -30.25 22.34
CA ALA B 202 2.93 -29.61 21.43
C ALA B 202 2.10 -28.78 20.49
N VAL B 203 2.49 -27.50 20.30
CA VAL B 203 1.74 -26.60 19.48
C VAL B 203 2.63 -26.10 18.39
N VAL B 204 2.03 -25.62 17.28
CA VAL B 204 2.88 -25.19 16.21
C VAL B 204 2.49 -23.80 15.81
N THR B 205 3.48 -22.89 15.70
CA THR B 205 3.18 -21.53 15.33
C THR B 205 3.80 -21.31 13.98
N SER B 206 3.00 -20.84 13.01
CA SER B 206 3.51 -20.68 11.68
C SER B 206 3.86 -19.25 11.47
N ILE B 207 5.06 -19.02 10.88
CA ILE B 207 5.46 -17.67 10.60
C ILE B 207 5.81 -17.65 9.14
N LEU B 208 5.45 -16.56 8.44
CA LEU B 208 5.69 -16.44 7.02
C LEU B 208 7.12 -16.03 6.79
N PRO B 209 7.62 -16.17 5.57
CA PRO B 209 8.96 -15.79 5.23
C PRO B 209 9.07 -14.31 5.45
N GLY B 210 10.26 -13.81 5.84
CA GLY B 210 10.46 -12.39 6.00
C GLY B 210 10.92 -12.04 7.39
N PRO B 211 10.18 -12.35 8.42
CA PRO B 211 10.64 -12.00 9.74
C PRO B 211 11.80 -12.88 10.08
N GLU B 212 12.73 -12.44 10.95
CA GLU B 212 13.85 -13.27 11.25
C GLU B 212 13.69 -13.85 12.63
N LEU B 213 13.87 -15.18 12.74
CA LEU B 213 13.69 -15.86 13.98
C LEU B 213 14.77 -15.47 14.94
N ILE B 214 14.32 -15.03 16.13
CA ILE B 214 15.07 -14.66 17.30
C ILE B 214 15.50 -15.88 18.06
N VAL B 215 14.70 -16.97 18.01
CA VAL B 215 14.89 -18.11 18.86
C VAL B 215 15.51 -19.26 18.17
N ALA B 216 16.04 -20.21 18.97
CA ALA B 216 16.70 -21.39 18.48
C ALA B 216 16.07 -22.58 19.13
N VAL B 217 16.25 -23.75 18.52
CA VAL B 217 15.66 -24.95 19.04
C VAL B 217 16.30 -25.22 20.37
N GLY B 218 15.48 -25.75 21.31
CA GLY B 218 15.93 -26.10 22.62
C GLY B 218 15.79 -24.90 23.51
N ASP B 219 15.21 -23.81 22.99
CA ASP B 219 15.09 -22.61 23.78
C ASP B 219 13.71 -22.54 24.36
N THR B 220 13.61 -22.05 25.61
CA THR B 220 12.33 -21.90 26.25
C THR B 220 11.80 -20.54 25.92
N VAL B 221 10.47 -20.42 25.79
CA VAL B 221 9.88 -19.14 25.49
C VAL B 221 8.62 -18.98 26.28
N GLU B 222 8.33 -17.74 26.70
CA GLU B 222 7.12 -17.47 27.44
C GLU B 222 6.03 -17.20 26.44
N ALA B 223 4.76 -17.31 26.87
CA ALA B 223 3.69 -17.08 25.95
C ALA B 223 3.71 -15.64 25.56
N GLY B 224 3.50 -15.37 24.26
CA GLY B 224 3.42 -14.04 23.76
C GLY B 224 4.79 -13.49 23.50
N GLN B 225 5.85 -14.26 23.83
CA GLN B 225 7.15 -13.69 23.61
C GLN B 225 7.44 -13.69 22.15
N LEU B 226 8.35 -12.78 21.71
CA LEU B 226 8.61 -12.64 20.31
C LEU B 226 9.47 -13.75 19.79
N LEU B 227 8.95 -14.42 18.74
CA LEU B 227 9.59 -15.46 17.98
C LEU B 227 10.53 -14.87 16.99
N THR B 228 10.25 -13.64 16.54
CA THR B 228 11.01 -13.04 15.48
C THR B 228 11.31 -11.60 15.82
N THR B 229 12.18 -10.97 15.02
CA THR B 229 12.48 -9.58 15.23
C THR B 229 11.35 -8.84 14.60
N ASN B 230 11.45 -7.50 14.57
CA ASN B 230 10.46 -6.74 13.87
C ASN B 230 11.13 -6.31 12.61
N PRO B 231 10.74 -6.88 11.50
CA PRO B 231 11.36 -6.60 10.24
C PRO B 231 10.99 -5.25 9.66
N ASN B 232 9.99 -4.57 10.22
CA ASN B 232 9.48 -3.33 9.68
C ASN B 232 10.53 -2.27 9.61
N VAL B 233 10.81 -1.79 8.36
CA VAL B 233 11.69 -0.71 7.98
C VAL B 233 11.01 0.63 7.84
N GLY B 234 9.69 0.65 7.59
CA GLY B 234 9.02 1.89 7.25
C GLY B 234 8.24 2.45 8.39
N GLY B 235 7.23 3.29 8.06
CA GLY B 235 6.42 3.84 9.11
C GLY B 235 5.53 4.91 8.56
N PHE B 236 4.58 5.36 9.41
CA PHE B 236 3.60 6.35 9.06
C PHE B 236 3.71 7.48 10.03
N GLY B 237 3.61 8.74 9.56
CA GLY B 237 3.74 9.86 10.44
C GLY B 237 2.75 10.92 10.03
N GLN B 238 2.49 11.89 10.94
CA GLN B 238 1.56 12.92 10.63
C GLN B 238 2.16 14.25 10.98
N MET B 239 1.75 15.31 10.26
CA MET B 239 2.19 16.62 10.60
C MET B 239 1.15 17.59 10.15
N ASP B 240 0.96 18.66 10.94
CA ASP B 240 -0.05 19.65 10.67
C ASP B 240 0.64 20.94 10.35
N SER B 241 -0.01 21.77 9.52
CA SER B 241 0.51 23.07 9.18
C SER B 241 -0.68 23.97 9.05
N GLU B 242 -0.46 25.30 8.97
CA GLU B 242 -1.57 26.19 8.85
C GLU B 242 -1.35 27.05 7.66
N ILE B 243 -2.44 27.56 7.05
CA ILE B 243 -2.35 28.45 5.93
C ILE B 243 -3.43 29.48 6.10
N VAL B 244 -3.18 30.72 5.62
CA VAL B 244 -4.15 31.77 5.79
C VAL B 244 -4.82 32.02 4.48
N LEU B 245 -6.17 31.93 4.46
CA LEU B 245 -6.91 32.21 3.25
C LEU B 245 -7.11 33.69 3.33
N GLN B 246 -6.42 34.44 2.45
CA GLN B 246 -6.34 35.88 2.55
C GLN B 246 -7.28 36.58 1.62
N SER B 247 -7.59 37.85 1.97
CA SER B 247 -8.45 38.67 1.16
C SER B 247 -7.56 39.47 0.27
N SER B 248 -7.96 39.62 -1.00
CA SER B 248 -7.16 40.32 -1.96
C SER B 248 -7.07 41.74 -1.57
N SER B 249 -6.02 42.39 -2.07
CA SER B 249 -5.82 43.77 -1.77
C SER B 249 -5.75 43.91 -0.26
CU CU C . -1.46 -12.30 -3.19
FE HEC D . -1.23 0.87 3.40
CHA HEC D . 1.05 -0.95 1.67
CHB HEC D . 0.09 3.77 2.17
CHC HEC D . -3.78 2.62 4.79
CHD HEC D . -2.21 -1.90 5.03
NA HEC D . 0.18 1.32 2.10
C1A HEC D . 1.01 0.45 1.45
C2A HEC D . 1.93 1.15 0.56
C3A HEC D . 1.69 2.47 0.74
C4A HEC D . 0.59 2.58 1.68
CMA HEC D . 2.44 3.61 0.08
CAA HEC D . 2.98 0.47 -0.32
CBA HEC D . 4.28 0.43 0.54
CGA HEC D . 5.39 -0.40 -0.08
O1A HEC D . 6.58 -0.12 0.23
O2A HEC D . 5.09 -1.33 -0.86
NB HEC D . -1.73 2.78 3.49
C1B HEC D . -0.99 3.88 3.01
C2B HEC D . -1.66 5.15 3.38
C3B HEC D . -2.78 4.84 4.12
C4B HEC D . -2.81 3.36 4.13
CMB HEC D . -1.14 6.54 3.12
CAB HEC D . -3.70 5.73 4.78
CBB HEC D . -4.33 6.82 3.90
NC HEC D . -2.75 0.45 4.55
C1C HEC D . -3.74 1.26 5.02
C2C HEC D . -4.68 0.54 5.85
C3C HEC D . -4.26 -0.72 5.93
C4C HEC D . -3.03 -0.78 5.14
CMC HEC D . -5.95 1.16 6.42
CAC HEC D . -4.83 -1.80 6.71
CBC HEC D . -6.32 -2.18 6.43
ND HEC D . -0.71 -1.03 3.33
C1D HEC D . -1.15 -2.03 4.18
C2D HEC D . -0.43 -3.28 3.98
C3D HEC D . 0.43 -3.03 2.97
C4D HEC D . 0.25 -1.64 2.58
CMD HEC D . -0.56 -4.63 4.76
CAD HEC D . 1.36 -4.02 2.31
CBD HEC D . 0.73 -4.78 1.14
CGD HEC D . 1.70 -5.77 0.54
O1D HEC D . 1.52 -6.99 0.77
O2D HEC D . 2.66 -5.30 -0.14
HHA HEC D . 1.76 -1.53 1.10
HHB HEC D . 0.58 4.68 1.86
HHC HEC D . -4.65 3.14 5.16
HHD HEC D . -2.44 -2.73 5.68
HMA1 HEC D . 2.04 3.77 -0.92
HMA2 HEC D . 3.48 3.37 0.01
HMA3 HEC D . 2.31 4.51 0.65
HAA1 HEC D . 3.14 1.05 -1.23
HAA2 HEC D . 2.65 -0.52 -0.59
HBA1 HEC D . 4.03 0.00 1.50
HBA2 HEC D . 4.63 1.44 0.67
HMB1 HEC D . -1.48 6.87 2.14
HMB2 HEC D . -0.06 6.54 3.14
HMB3 HEC D . -1.51 7.22 3.87
HAB HEC D . -4.54 5.16 5.16
HBB1 HEC D . -5.31 6.51 3.57
HBB2 HEC D . -4.42 7.74 4.48
HBB3 HEC D . -3.70 7.01 3.04
HMC1 HEC D . -5.85 1.24 7.50
HMC2 HEC D . -6.79 0.53 6.19
HMC3 HEC D . -6.09 2.14 6.00
HAC HEC D . -5.45 -1.53 7.52
HBC1 HEC D . -6.74 -2.68 7.30
HBC2 HEC D . -6.89 -1.29 6.22
HBC3 HEC D . -6.37 -2.85 5.57
HMD1 HEC D . 0.13 -4.64 5.58
HMD2 HEC D . -0.34 -5.44 4.09
HMD3 HEC D . -1.57 -4.73 5.13
HAD1 HEC D . 1.66 -4.75 3.05
HAD2 HEC D . 2.22 -3.49 1.94
HBD1 HEC D . 0.43 -4.07 0.38
HBD2 HEC D . -0.15 -5.31 1.49
N ALA A 1 -8.23 -21.20 -24.80
CA ALA A 1 -7.84 -19.89 -25.28
C ALA A 1 -6.96 -19.19 -24.23
N SER A 2 -6.25 -18.18 -24.69
CA SER A 2 -5.37 -17.43 -23.79
C SER A 2 -6.18 -16.86 -22.62
N VAL A 3 -5.70 -17.14 -21.42
CA VAL A 3 -6.36 -16.68 -20.22
C VAL A 3 -5.37 -15.85 -19.39
N GLN A 4 -5.88 -15.32 -18.30
CA GLN A 4 -5.05 -14.50 -17.41
C GLN A 4 -5.44 -14.75 -15.95
N ILE A 5 -4.46 -14.60 -15.07
CA ILE A 5 -4.68 -14.81 -13.65
C ILE A 5 -4.48 -13.48 -12.91
N LYS A 6 -5.59 -12.96 -12.39
CA LYS A 6 -5.55 -11.71 -11.65
C LYS A 6 -5.35 -11.99 -10.16
N MET A 7 -4.43 -11.25 -9.57
CA MET A 7 -4.13 -11.41 -8.16
C MET A 7 -4.72 -10.26 -7.34
N GLY A 8 -5.89 -10.51 -6.77
CA GLY A 8 -6.56 -9.50 -5.97
C GLY A 8 -7.90 -9.11 -6.58
N THR A 9 -8.86 -8.84 -5.71
CA THR A 9 -10.19 -8.46 -6.15
C THR A 9 -10.44 -6.98 -5.88
N ASP A 10 -11.42 -6.43 -6.58
CA ASP A 10 -11.76 -5.03 -6.43
C ASP A 10 -12.16 -4.76 -4.98
N LYS A 11 -12.44 -5.84 -4.26
CA LYS A 11 -12.84 -5.74 -2.87
C LYS A 11 -11.60 -5.81 -1.99
N TYR A 12 -10.54 -5.16 -2.45
CA TYR A 12 -9.29 -5.14 -1.72
C TYR A 12 -9.02 -6.50 -1.06
N ALA A 13 -9.52 -7.54 -1.71
CA ALA A 13 -9.33 -8.89 -1.20
C ALA A 13 -8.28 -9.61 -2.05
N PRO A 14 -7.17 -9.99 -1.37
CA PRO A 14 -6.09 -10.69 -2.04
C PRO A 14 -6.45 -12.14 -2.33
N LEU A 15 -6.90 -12.38 -3.56
CA LEU A 15 -7.29 -13.71 -3.96
C LEU A 15 -7.06 -13.88 -5.47
N TYR A 16 -6.80 -15.11 -5.87
CA TYR A 16 -6.55 -15.40 -7.27
C TYR A 16 -7.86 -15.45 -8.05
N GLU A 17 -7.90 -14.67 -9.12
CA GLU A 17 -9.09 -14.60 -9.96
C GLU A 17 -8.70 -14.78 -11.44
N PRO A 18 -9.49 -15.63 -12.14
CA PRO A 18 -10.60 -16.31 -11.51
C PRO A 18 -10.12 -17.45 -10.61
N LYS A 19 -10.79 -17.59 -9.47
CA LYS A 19 -10.43 -18.63 -8.52
C LYS A 19 -10.09 -19.92 -9.28
N ALA A 20 -10.88 -20.18 -10.31
CA ALA A 20 -10.68 -21.37 -11.13
C ALA A 20 -10.39 -20.95 -12.56
N LEU A 21 -9.56 -21.73 -13.22
CA LEU A 21 -9.20 -21.46 -14.61
C LEU A 21 -9.06 -22.78 -15.36
N SER A 22 -9.52 -22.77 -16.61
CA SER A 22 -9.45 -23.96 -17.44
C SER A 22 -8.84 -23.60 -18.80
N ILE A 23 -8.05 -24.53 -19.32
CA ILE A 23 -7.40 -24.34 -20.60
C ILE A 23 -7.12 -25.70 -21.24
N SER A 24 -6.47 -25.64 -22.40
CA SER A 24 -6.13 -26.86 -23.11
C SER A 24 -4.61 -26.95 -23.31
N ALA A 25 -4.15 -28.16 -23.53
CA ALA A 25 -2.72 -28.40 -23.73
C ALA A 25 -2.24 -27.57 -24.91
N GLY A 26 -1.52 -26.51 -24.59
CA GLY A 26 -0.99 -25.62 -25.63
C GLY A 26 -1.45 -24.18 -25.39
N ASP A 27 -2.33 -24.02 -24.43
CA ASP A 27 -2.85 -22.70 -24.10
C ASP A 27 -1.86 -21.98 -23.18
N THR A 28 -2.16 -20.72 -22.91
CA THR A 28 -1.30 -19.91 -22.05
C THR A 28 -2.10 -19.36 -20.87
N VAL A 29 -1.39 -19.09 -19.79
CA VAL A 29 -2.02 -18.55 -18.59
C VAL A 29 -1.23 -17.34 -18.10
N GLU A 30 -1.76 -16.17 -18.39
CA GLU A 30 -1.12 -14.93 -17.99
C GLU A 30 -1.38 -14.65 -16.50
N PHE A 31 -0.66 -13.67 -15.98
CA PHE A 31 -0.81 -13.30 -14.58
C PHE A 31 -0.58 -11.80 -14.39
N VAL A 32 -1.60 -11.15 -13.85
CA VAL A 32 -1.52 -9.72 -13.60
C VAL A 32 -1.83 -9.44 -12.13
N MET A 33 -1.32 -8.30 -11.66
CA MET A 33 -1.54 -7.92 -10.28
C MET A 33 -2.68 -6.91 -10.16
N ASN A 34 -3.71 -7.31 -9.42
CA ASN A 34 -4.87 -6.46 -9.22
C ASN A 34 -4.54 -5.40 -8.15
N LYS A 35 -4.34 -5.88 -6.93
CA LYS A 35 -4.03 -5.00 -5.83
C LYS A 35 -3.57 -5.83 -4.63
N VAL A 36 -3.51 -5.17 -3.48
CA VAL A 36 -3.10 -5.83 -2.26
C VAL A 36 -1.85 -6.68 -2.54
N GLY A 37 -0.84 -6.02 -3.08
CA GLY A 37 0.41 -6.69 -3.39
C GLY A 37 1.40 -6.58 -2.23
N PRO A 38 2.66 -7.03 -2.50
CA PRO A 38 2.98 -7.59 -3.81
C PRO A 38 2.39 -8.99 -3.97
N HIS A 39 2.83 -9.66 -5.03
CA HIS A 39 2.35 -11.01 -5.31
C HIS A 39 3.50 -11.84 -5.90
N ASN A 40 3.14 -13.02 -6.39
CA ASN A 40 4.11 -13.92 -6.98
C ASN A 40 3.44 -15.26 -7.30
N VAL A 41 4.15 -16.05 -8.09
CA VAL A 41 3.63 -17.35 -8.48
C VAL A 41 4.34 -18.44 -7.67
N ILE A 42 3.56 -19.12 -6.84
CA ILE A 42 4.10 -20.19 -6.02
C ILE A 42 3.19 -21.41 -6.11
N PHE A 43 3.29 -22.10 -7.23
CA PHE A 43 2.48 -23.29 -7.46
C PHE A 43 2.52 -24.22 -6.24
N ASP A 44 1.53 -25.10 -6.17
CA ASP A 44 1.43 -26.04 -5.08
C ASP A 44 2.05 -27.38 -5.50
N LYS A 45 1.61 -27.85 -6.66
CA LYS A 45 2.11 -29.10 -7.19
C LYS A 45 1.22 -29.55 -8.35
N VAL A 46 1.85 -30.15 -9.35
CA VAL A 46 1.14 -30.62 -10.52
C VAL A 46 1.51 -32.09 -10.78
N PRO A 47 0.60 -32.78 -11.52
CA PRO A 47 0.82 -34.18 -11.85
C PRO A 47 1.88 -34.33 -12.94
N ALA A 48 2.39 -35.56 -13.07
CA ALA A 48 3.40 -35.84 -14.07
C ALA A 48 3.06 -35.10 -15.36
N GLY A 49 4.09 -34.49 -15.94
CA GLY A 49 3.92 -33.74 -17.18
C GLY A 49 4.61 -32.38 -17.10
N GLU A 50 4.22 -31.62 -16.09
CA GLU A 50 4.80 -30.29 -15.89
C GLU A 50 5.66 -30.28 -14.62
N SER A 51 6.12 -29.09 -14.28
CA SER A 51 6.96 -28.92 -13.10
C SER A 51 6.47 -27.74 -12.27
N ALA A 52 5.39 -27.98 -11.54
CA ALA A 52 4.81 -26.95 -10.69
C ALA A 52 5.90 -26.35 -9.78
N PRO A 53 6.61 -27.28 -9.08
CA PRO A 53 7.68 -26.86 -8.18
C PRO A 53 8.92 -26.44 -8.97
N ALA A 54 8.70 -25.56 -9.93
CA ALA A 54 9.79 -25.07 -10.76
C ALA A 54 9.40 -23.72 -11.37
N LEU A 55 8.18 -23.68 -11.88
CA LEU A 55 7.67 -22.45 -12.49
C LEU A 55 7.52 -21.37 -11.42
N SER A 56 7.31 -21.83 -10.19
CA SER A 56 7.15 -20.91 -9.07
C SER A 56 8.23 -19.85 -9.11
N ASN A 57 7.80 -18.61 -9.32
CA ASN A 57 8.73 -17.50 -9.37
C ASN A 57 8.58 -16.65 -8.10
N THR A 58 9.66 -16.58 -7.34
CA THR A 58 9.67 -15.82 -6.11
C THR A 58 10.11 -14.37 -6.38
N LYS A 59 9.95 -13.97 -7.63
CA LYS A 59 10.32 -12.62 -8.03
C LYS A 59 9.15 -11.68 -7.76
N LEU A 60 8.83 -11.53 -6.48
CA LEU A 60 7.73 -10.67 -6.07
C LEU A 60 7.77 -9.39 -6.91
N ALA A 61 6.87 -9.34 -7.89
CA ALA A 61 6.79 -8.18 -8.76
C ALA A 61 6.05 -7.05 -8.04
N ILE A 62 6.83 -6.13 -7.49
CA ILE A 62 6.25 -5.01 -6.77
C ILE A 62 5.55 -4.08 -7.77
N ALA A 63 6.24 -3.81 -8.86
CA ALA A 63 5.69 -2.95 -9.89
C ALA A 63 4.43 -3.58 -10.47
N PRO A 64 3.27 -2.92 -10.17
CA PRO A 64 1.99 -3.40 -10.64
C PRO A 64 1.81 -3.11 -12.13
N GLY A 65 1.24 -4.10 -12.83
CA GLY A 65 1.02 -3.96 -14.26
C GLY A 65 0.62 -5.31 -14.88
N SER A 66 1.59 -6.22 -14.90
CA SER A 66 1.35 -7.53 -15.45
C SER A 66 2.61 -8.39 -15.31
N PHE A 67 2.62 -9.21 -14.27
CA PHE A 67 3.76 -10.08 -14.01
C PHE A 67 4.33 -10.65 -15.32
N TYR A 68 3.75 -11.75 -15.75
CA TYR A 68 4.18 -12.39 -16.97
C TYR A 68 3.23 -13.52 -17.36
N SER A 69 3.49 -14.11 -18.52
CA SER A 69 2.67 -15.20 -19.03
C SER A 69 3.53 -16.46 -19.21
N VAL A 70 2.84 -17.59 -19.27
CA VAL A 70 3.52 -18.86 -19.45
C VAL A 70 2.58 -19.85 -20.13
N THR A 71 3.13 -20.61 -21.07
CA THR A 71 2.35 -21.59 -21.79
C THR A 71 2.49 -22.96 -21.14
N LEU A 72 1.40 -23.73 -21.21
CA LEU A 72 1.39 -25.06 -20.63
C LEU A 72 1.00 -26.07 -21.70
N GLY A 73 1.09 -27.35 -21.34
CA GLY A 73 0.77 -28.42 -22.27
C GLY A 73 0.30 -29.66 -21.50
N THR A 74 1.05 -29.98 -20.46
CA THR A 74 0.72 -31.14 -19.64
C THR A 74 -0.73 -31.09 -19.18
N PRO A 75 -1.49 -32.18 -19.51
CA PRO A 75 -2.89 -32.26 -19.14
C PRO A 75 -3.04 -32.57 -17.65
N GLY A 76 -4.04 -31.94 -17.05
CA GLY A 76 -4.30 -32.14 -15.64
C GLY A 76 -4.71 -30.82 -14.96
N THR A 77 -4.94 -30.90 -13.66
CA THR A 77 -5.33 -29.73 -12.90
C THR A 77 -4.16 -29.23 -12.06
N TYR A 78 -3.77 -27.98 -12.32
CA TYR A 78 -2.67 -27.37 -11.59
C TYR A 78 -3.17 -26.51 -10.44
N SER A 79 -2.45 -26.59 -9.33
CA SER A 79 -2.83 -25.82 -8.14
C SER A 79 -1.66 -24.94 -7.70
N PHE A 80 -2.00 -23.77 -7.19
CA PHE A 80 -1.00 -22.83 -6.74
C PHE A 80 -1.50 -22.03 -5.53
N TYR A 81 -0.71 -21.03 -5.16
CA TYR A 81 -1.06 -20.19 -4.03
C TYR A 81 -0.11 -19.00 -3.91
N CYS A 82 -0.53 -18.03 -3.12
CA CYS A 82 0.27 -16.82 -2.92
C CYS A 82 1.14 -17.03 -1.68
N THR A 83 2.44 -16.91 -1.88
CA THR A 83 3.39 -17.08 -0.79
C THR A 83 2.99 -16.21 0.40
N PRO A 84 2.76 -14.89 0.10
CA PRO A 84 2.38 -13.96 1.13
C PRO A 84 0.92 -14.15 1.55
N HIS A 85 0.03 -13.95 0.59
CA HIS A 85 -1.39 -14.11 0.84
C HIS A 85 -1.74 -15.60 0.92
N ARG A 86 -1.08 -16.27 1.85
CA ARG A 86 -1.30 -17.70 2.05
C ARG A 86 -2.46 -17.92 3.03
N GLY A 87 -2.50 -17.07 4.05
CA GLY A 87 -3.53 -17.16 5.06
C GLY A 87 -4.75 -16.34 4.67
N ALA A 88 -4.51 -15.34 3.83
CA ALA A 88 -5.57 -14.46 3.38
C ALA A 88 -6.56 -15.26 2.53
N GLY A 89 -6.12 -16.45 2.12
CA GLY A 89 -6.94 -17.31 1.30
C GLY A 89 -6.88 -16.91 -0.17
N MET A 90 -5.69 -17.02 -0.74
CA MET A 90 -5.48 -16.66 -2.13
C MET A 90 -4.93 -17.85 -2.92
N VAL A 91 -5.82 -18.80 -3.20
CA VAL A 91 -5.44 -19.98 -3.94
C VAL A 91 -6.34 -20.11 -5.17
N GLY A 92 -5.80 -20.77 -6.19
CA GLY A 92 -6.54 -20.98 -7.43
C GLY A 92 -6.16 -22.30 -8.08
N THR A 93 -6.71 -22.53 -9.26
CA THR A 93 -6.44 -23.74 -10.00
C THR A 93 -6.36 -23.46 -11.50
N ILE A 94 -5.76 -24.40 -12.23
CA ILE A 94 -5.62 -24.26 -13.66
C ILE A 94 -5.71 -25.63 -14.32
N THR A 95 -6.66 -25.77 -15.22
CA THR A 95 -6.85 -27.03 -15.93
C THR A 95 -6.32 -26.93 -17.36
N VAL A 96 -5.77 -28.04 -17.83
CA VAL A 96 -5.23 -28.08 -19.18
C VAL A 96 -5.81 -29.29 -19.91
N GLU A 97 -7.08 -29.16 -20.29
CA GLU A 97 -7.76 -30.23 -21.00
C GLU A 97 -7.54 -30.09 -22.51
N TYR B 1 -2.66 0.48 1.80
CA TYR B 1 -2.75 1.42 0.66
C TYR B 1 -3.79 2.46 0.93
N PRO B 2 -3.77 3.55 0.23
CA PRO B 2 -4.76 4.56 0.46
C PRO B 2 -6.11 4.02 0.15
N PHE B 3 -6.17 3.06 -0.78
CA PHE B 3 -7.39 2.45 -1.23
C PHE B 3 -8.03 1.77 -0.05
N TYR B 4 -7.21 1.10 0.77
CA TYR B 4 -7.68 0.37 1.92
C TYR B 4 -8.27 1.33 2.91
N ALA B 5 -7.69 2.54 3.06
CA ALA B 5 -8.27 3.50 3.97
C ALA B 5 -9.64 3.85 3.48
N GLN B 6 -9.81 4.06 2.16
CA GLN B 6 -11.09 4.47 1.65
C GLN B 6 -12.14 3.44 1.95
N TYR B 7 -11.84 2.14 1.76
CA TYR B 7 -12.86 1.16 2.04
C TYR B 7 -13.20 1.09 3.49
N ASN B 8 -12.20 1.14 4.37
CA ASN B 8 -12.42 0.99 5.78
C ASN B 8 -13.03 2.19 6.45
N TYR B 9 -12.59 3.43 6.10
CA TYR B 9 -13.08 4.53 6.90
C TYR B 9 -13.62 5.63 6.03
N ASP B 10 -14.84 6.09 6.36
CA ASP B 10 -15.41 7.16 5.60
C ASP B 10 -14.59 8.39 5.88
N SER B 11 -14.20 8.61 7.16
CA SER B 11 -13.41 9.75 7.51
C SER B 11 -12.03 9.27 7.89
N PRO B 12 -11.05 9.76 7.18
CA PRO B 12 -9.67 9.40 7.37
C PRO B 12 -9.04 9.96 8.61
N ARG B 13 -9.66 10.97 9.26
CA ARG B 13 -9.06 11.57 10.41
C ARG B 13 -9.97 11.33 11.57
N GLU B 14 -9.41 10.73 12.64
CA GLU B 14 -10.16 10.41 13.83
C GLU B 14 -10.30 11.68 14.63
N ALA B 15 -11.22 11.66 15.62
CA ALA B 15 -11.51 12.81 16.42
C ALA B 15 -10.26 13.23 17.12
N THR B 16 -9.45 12.24 17.53
CA THR B 16 -8.22 12.48 18.22
C THR B 16 -7.32 13.23 17.29
N GLY B 17 -7.49 13.01 15.97
CA GLY B 17 -6.64 13.66 15.02
C GLY B 17 -5.75 12.62 14.44
N LYS B 18 -5.87 11.38 14.94
CA LYS B 18 -5.07 10.33 14.40
C LYS B 18 -5.62 9.98 13.04
N ILE B 19 -4.72 9.77 12.07
CA ILE B 19 -5.06 9.42 10.72
C ILE B 19 -5.12 7.93 10.65
N VAL B 20 -6.12 7.40 9.92
CA VAL B 20 -6.51 6.01 9.86
C VAL B 20 -5.41 5.10 9.39
N CYS B 21 -4.45 5.60 8.60
CA CYS B 21 -3.42 4.74 8.07
C CYS B 21 -2.71 4.08 9.22
N ALA B 22 -2.71 4.74 10.39
CA ALA B 22 -2.03 4.30 11.57
C ALA B 22 -2.55 2.97 12.01
N ASN B 23 -3.83 2.65 11.72
CA ASN B 23 -4.36 1.41 12.19
C ASN B 23 -3.54 0.26 11.63
N CYS B 24 -3.22 0.31 10.32
CA CYS B 24 -2.41 -0.69 9.64
C CYS B 24 -0.92 -0.52 9.76
N HIS B 25 -0.43 0.74 9.62
CA HIS B 25 0.99 0.99 9.60
C HIS B 25 1.35 1.45 10.96
N LEU B 26 1.84 0.49 11.75
CA LEU B 26 2.09 0.60 13.16
C LEU B 26 3.23 1.52 13.56
N ALA B 27 4.33 1.59 12.78
CA ALA B 27 5.48 2.34 13.22
C ALA B 27 5.37 3.79 12.86
N LYS B 28 6.02 4.66 13.67
CA LYS B 28 5.96 6.07 13.43
C LYS B 28 7.23 6.51 12.76
N LYS B 29 7.09 7.36 11.72
CA LYS B 29 8.19 7.95 11.00
C LYS B 29 7.75 9.34 10.67
N THR B 30 8.71 10.21 10.30
CA THR B 30 8.40 11.60 10.10
C THR B 30 7.65 11.86 8.84
N VAL B 31 6.89 12.98 8.84
CA VAL B 31 6.21 13.43 7.65
C VAL B 31 6.43 14.92 7.62
N GLU B 32 6.69 15.48 6.41
CA GLU B 32 6.90 16.90 6.35
C GLU B 32 6.02 17.50 5.30
N ILE B 33 5.52 18.72 5.56
CA ILE B 33 4.71 19.40 4.59
C ILE B 33 5.02 20.87 4.64
N GLU B 34 5.17 21.52 3.47
CA GLU B 34 5.40 22.94 3.46
C GLU B 34 4.43 23.59 2.52
N VAL B 35 3.85 24.72 2.95
CA VAL B 35 2.91 25.46 2.15
C VAL B 35 3.16 26.92 2.44
N PRO B 36 2.62 27.78 1.62
CA PRO B 36 2.82 29.19 1.81
C PRO B 36 2.10 29.68 3.04
N GLN B 37 2.53 30.83 3.57
CA GLN B 37 1.95 31.40 4.75
C GLN B 37 0.51 31.72 4.45
N ALA B 38 0.24 32.34 3.29
CA ALA B 38 -1.09 32.72 2.98
C ALA B 38 -1.30 32.60 1.50
N VAL B 39 -2.57 32.50 1.08
CA VAL B 39 -2.88 32.41 -0.33
C VAL B 39 -4.12 33.21 -0.62
N LEU B 40 -4.21 33.76 -1.85
CA LEU B 40 -5.33 34.56 -2.27
C LEU B 40 -6.43 33.62 -2.71
N PRO B 41 -7.66 34.07 -2.72
CA PRO B 41 -8.81 33.22 -2.98
C PRO B 41 -8.73 32.19 -4.05
N ASP B 42 -9.19 32.38 -5.28
CA ASP B 42 -9.12 31.26 -6.18
C ASP B 42 -7.77 31.27 -6.81
N THR B 43 -6.76 30.77 -6.05
CA THR B 43 -5.41 30.79 -6.54
C THR B 43 -4.80 29.43 -6.35
N VAL B 44 -3.72 29.13 -7.10
CA VAL B 44 -3.10 27.85 -7.00
C VAL B 44 -1.78 28.01 -6.30
N PHE B 45 -1.45 27.08 -5.38
CA PHE B 45 -0.22 27.14 -4.66
C PHE B 45 0.29 25.74 -4.50
N LYS B 46 1.57 25.58 -4.09
CA LYS B 46 2.12 24.25 -3.99
C LYS B 46 2.23 23.82 -2.57
N ALA B 47 1.91 22.53 -2.32
CA ALA B 47 2.07 21.92 -1.04
C ALA B 47 3.13 20.88 -1.27
N VAL B 48 4.25 20.98 -0.52
CA VAL B 48 5.35 20.08 -0.72
C VAL B 48 5.35 19.05 0.37
N VAL B 49 5.39 17.76 -0.02
CA VAL B 49 5.33 16.68 0.93
C VAL B 49 6.59 15.86 0.82
N LYS B 50 7.17 15.45 1.98
CA LYS B 50 8.34 14.62 1.97
C LYS B 50 8.15 13.53 2.99
N VAL B 51 8.63 12.30 2.68
CA VAL B 51 8.50 11.18 3.57
C VAL B 51 9.85 10.50 3.68
N PRO B 52 10.64 10.91 4.62
CA PRO B 52 11.99 10.40 4.71
C PRO B 52 12.20 9.02 5.22
N TYR B 53 13.18 8.31 4.61
CA TYR B 53 13.64 7.03 5.08
C TYR B 53 14.98 6.82 4.46
N ASP B 54 15.77 5.86 5.00
CA ASP B 54 17.07 5.63 4.45
C ASP B 54 16.89 4.77 3.22
N LEU B 55 17.28 5.31 2.06
CA LEU B 55 17.14 4.65 0.79
C LEU B 55 17.97 3.41 0.76
N ASP B 56 19.06 3.38 1.54
CA ASP B 56 19.93 2.23 1.57
C ASP B 56 19.25 1.02 2.16
N ILE B 57 18.23 1.19 3.04
CA ILE B 57 17.68 0.04 3.69
C ILE B 57 16.51 -0.52 2.94
N GLN B 58 16.51 -1.86 2.75
CA GLN B 58 15.50 -2.59 2.04
C GLN B 58 14.49 -3.13 3.00
N GLN B 59 13.29 -3.45 2.48
CA GLN B 59 12.16 -3.90 3.24
C GLN B 59 11.78 -5.28 2.80
N VAL B 60 11.08 -6.03 3.69
CA VAL B 60 10.62 -7.34 3.37
C VAL B 60 9.43 -7.15 2.47
N GLN B 61 9.40 -7.88 1.34
CA GLN B 61 8.31 -7.76 0.41
C GLN B 61 7.38 -8.93 0.59
N ALA B 62 6.32 -8.99 -0.24
CA ALA B 62 5.30 -9.98 -0.10
C ALA B 62 5.88 -11.37 -0.20
N ASP B 63 6.84 -11.59 -1.11
CA ASP B 63 7.42 -12.90 -1.29
C ASP B 63 8.35 -13.25 -0.16
N GLY B 64 8.79 -12.26 0.63
CA GLY B 64 9.68 -12.50 1.74
C GLY B 64 11.04 -11.98 1.42
N SER B 65 11.30 -11.66 0.13
CA SER B 65 12.58 -11.14 -0.30
C SER B 65 12.66 -9.66 -0.04
N PRO B 66 13.88 -9.17 -0.03
CA PRO B 66 14.08 -7.74 0.15
C PRO B 66 13.84 -6.92 -1.09
N SER B 67 13.34 -5.68 -0.94
CA SER B 67 13.11 -4.83 -2.08
C SER B 67 12.96 -3.41 -1.60
N GLY B 68 12.65 -2.48 -2.53
CA GLY B 68 12.54 -1.07 -2.23
C GLY B 68 11.23 -0.78 -1.57
N LEU B 69 11.07 0.46 -1.07
CA LEU B 69 9.88 0.88 -0.39
C LEU B 69 9.09 1.77 -1.29
N ASN B 70 7.76 1.80 -1.07
CA ASN B 70 6.85 2.64 -1.82
C ASN B 70 6.30 3.61 -0.82
N VAL B 71 5.84 4.78 -1.29
CA VAL B 71 5.36 5.79 -0.38
C VAL B 71 3.99 6.23 -0.81
N GLY B 72 3.25 6.89 0.10
CA GLY B 72 1.93 7.36 -0.21
C GLY B 72 1.53 8.30 0.87
N ALA B 73 0.43 9.07 0.66
CA ALA B 73 0.05 9.99 1.69
C ALA B 73 -1.38 10.41 1.50
N VAL B 74 -1.95 11.00 2.57
CA VAL B 74 -3.26 11.58 2.53
C VAL B 74 -3.04 13.00 2.95
N LEU B 75 -3.51 13.97 2.13
CA LEU B 75 -3.33 15.35 2.47
C LEU B 75 -4.68 15.94 2.68
N MET B 76 -4.99 16.38 3.92
CA MET B 76 -6.31 16.89 4.16
C MET B 76 -6.26 18.38 4.16
N LEU B 77 -6.92 18.97 3.15
CA LEU B 77 -6.98 20.40 3.00
C LEU B 77 -8.26 20.88 3.60
N PRO B 78 -8.35 22.17 3.78
CA PRO B 78 -9.53 22.76 4.36
C PRO B 78 -10.67 22.69 3.41
N GLU B 79 -11.91 22.92 3.91
CA GLU B 79 -13.08 22.85 3.07
C GLU B 79 -12.91 23.81 1.94
N GLY B 80 -13.33 23.37 0.74
CA GLY B 80 -13.35 24.20 -0.43
C GLY B 80 -12.07 24.08 -1.21
N PHE B 81 -10.99 23.60 -0.57
CA PHE B 81 -9.73 23.45 -1.26
C PHE B 81 -9.77 22.18 -2.06
N LYS B 82 -9.13 22.19 -3.25
CA LYS B 82 -9.09 21.01 -4.06
C LYS B 82 -7.80 21.01 -4.83
N LEU B 83 -7.47 19.86 -5.47
CA LEU B 83 -6.29 19.80 -6.28
C LEU B 83 -6.60 20.69 -7.44
N ALA B 84 -5.59 21.42 -7.97
CA ALA B 84 -5.86 22.37 -9.02
C ALA B 84 -6.03 21.67 -10.32
N PRO B 85 -6.93 22.18 -11.13
CA PRO B 85 -7.13 21.65 -12.45
C PRO B 85 -5.97 22.10 -13.29
N PRO B 86 -5.64 21.33 -14.28
CA PRO B 86 -4.49 21.62 -15.11
C PRO B 86 -4.56 22.99 -15.69
N GLU B 87 -5.76 23.45 -16.08
CA GLU B 87 -5.95 24.70 -16.77
C GLU B 87 -5.55 25.81 -15.87
N ARG B 88 -5.81 25.63 -14.57
CA ARG B 88 -5.56 26.59 -13.53
C ARG B 88 -4.10 26.74 -13.20
N VAL B 89 -3.25 25.74 -13.45
CA VAL B 89 -1.87 25.86 -13.04
C VAL B 89 -1.13 26.81 -13.92
N ASP B 90 -0.45 27.81 -13.31
CA ASP B 90 0.24 28.77 -14.11
C ASP B 90 1.46 28.15 -14.73
N GLU B 91 1.99 28.82 -15.78
CA GLU B 91 3.00 28.28 -16.65
C GLU B 91 4.28 27.94 -15.96
N GLU B 92 4.83 28.82 -15.11
CA GLU B 92 6.11 28.52 -14.54
C GLU B 92 6.00 27.28 -13.71
N LEU B 93 4.88 27.15 -12.99
CA LEU B 93 4.60 26.12 -12.03
C LEU B 93 4.37 24.74 -12.57
N MET B 94 3.83 24.58 -13.79
CA MET B 94 3.37 23.29 -14.24
C MET B 94 4.44 22.25 -14.16
N GLU B 95 5.68 22.57 -14.54
CA GLU B 95 6.72 21.59 -14.49
C GLU B 95 7.08 21.22 -13.07
N GLU B 96 6.96 22.19 -12.14
CA GLU B 96 7.33 22.08 -10.75
C GLU B 96 6.45 21.14 -9.98
N VAL B 97 5.20 20.93 -10.42
CA VAL B 97 4.28 20.17 -9.64
C VAL B 97 4.17 18.77 -10.16
N GLY B 98 3.71 17.84 -9.31
CA GLY B 98 3.57 16.48 -9.73
C GLY B 98 2.59 16.52 -10.83
N ASP B 99 2.58 15.46 -11.69
CA ASP B 99 1.62 15.39 -12.75
C ASP B 99 0.34 15.53 -12.03
N PHE B 100 -0.24 16.72 -12.23
CA PHE B 100 -1.34 17.17 -11.44
C PHE B 100 -2.42 16.19 -11.53
N TYR B 101 -2.80 15.79 -12.74
CA TYR B 101 -3.93 14.95 -12.65
C TYR B 101 -3.67 13.61 -12.07
N TYR B 102 -2.72 12.91 -12.70
CA TYR B 102 -2.53 11.49 -12.52
C TYR B 102 -2.22 11.08 -11.13
N LEU B 103 -1.29 11.76 -10.46
CA LEU B 103 -0.88 11.32 -9.15
C LEU B 103 -1.97 11.43 -8.12
N VAL B 104 -2.86 12.44 -8.25
CA VAL B 104 -3.80 12.75 -7.19
C VAL B 104 -5.18 12.20 -7.38
N THR B 105 -5.72 11.58 -6.30
CA THR B 105 -7.05 11.04 -6.31
C THR B 105 -7.81 11.56 -5.12
N PRO B 106 -9.06 11.91 -5.31
CA PRO B 106 -9.86 12.39 -4.21
C PRO B 106 -10.26 11.25 -3.33
N TYR B 107 -10.46 11.52 -2.03
CA TYR B 107 -10.80 10.50 -1.08
C TYR B 107 -12.15 9.95 -1.44
N SER B 108 -13.08 10.86 -1.80
CA SER B 108 -14.42 10.50 -2.19
C SER B 108 -14.94 11.63 -3.01
N GLU B 109 -16.14 11.46 -3.60
CA GLU B 109 -16.69 12.48 -4.45
C GLU B 109 -16.92 13.73 -3.66
N THR B 110 -17.47 13.58 -2.43
CA THR B 110 -17.78 14.67 -1.54
C THR B 110 -16.53 15.27 -0.95
N ASP B 111 -15.49 14.43 -0.78
CA ASP B 111 -14.20 14.54 -0.15
C ASP B 111 -13.06 15.14 -0.95
N GLU B 112 -13.32 15.92 -2.02
CA GLU B 112 -12.29 16.40 -2.90
C GLU B 112 -11.18 17.13 -2.19
N ASN B 113 -11.45 17.70 -0.99
CA ASN B 113 -10.46 18.39 -0.20
C ASN B 113 -9.44 17.42 0.35
N ILE B 114 -9.76 16.11 0.42
CA ILE B 114 -8.82 15.14 0.92
C ILE B 114 -8.21 14.43 -0.26
N LEU B 115 -6.88 14.57 -0.42
CA LEU B 115 -6.14 14.09 -1.56
C LEU B 115 -5.28 12.92 -1.18
N LEU B 116 -5.28 11.87 -2.03
CA LEU B 116 -4.50 10.68 -1.79
C LEU B 116 -3.50 10.55 -2.90
N ALA B 117 -2.28 10.06 -2.57
CA ALA B 117 -1.28 9.83 -3.58
C ALA B 117 -0.60 8.53 -3.21
N GLY B 118 -0.12 7.78 -4.21
CA GLY B 118 0.60 6.57 -3.94
C GLY B 118 -0.29 5.38 -4.07
N PRO B 119 0.30 4.20 -4.00
CA PRO B 119 1.72 4.11 -3.79
C PRO B 119 2.56 4.50 -4.96
N LEU B 120 3.73 5.11 -4.67
CA LEU B 120 4.68 5.54 -5.67
C LEU B 120 6.01 5.00 -5.23
N PRO B 121 6.93 4.83 -6.14
CA PRO B 121 8.23 4.34 -5.77
C PRO B 121 8.94 5.37 -4.94
N GLY B 122 9.49 4.98 -3.79
CA GLY B 122 10.11 5.88 -2.86
C GLY B 122 11.33 6.51 -3.46
N GLU B 123 12.10 5.75 -4.25
CA GLU B 123 13.33 6.28 -4.78
C GLU B 123 13.03 7.42 -5.71
N ASP B 124 11.93 7.31 -6.49
CA ASP B 124 11.55 8.28 -7.47
C ASP B 124 11.04 9.56 -6.86
N TYR B 125 10.23 9.49 -5.77
CA TYR B 125 9.63 10.71 -5.31
C TYR B 125 10.18 11.15 -3.99
N GLN B 126 11.23 11.98 -4.03
CA GLN B 126 11.78 12.54 -2.82
C GLN B 126 10.82 13.55 -2.30
N GLU B 127 10.17 14.27 -3.22
CA GLU B 127 9.25 15.31 -2.85
C GLU B 127 8.02 15.09 -3.69
N MET B 128 6.82 15.25 -3.09
CA MET B 128 5.61 15.12 -3.85
C MET B 128 5.00 16.47 -3.80
N ILE B 129 4.79 17.12 -4.95
CA ILE B 129 4.28 18.47 -4.89
C ILE B 129 2.88 18.52 -5.40
N PHE B 130 1.94 18.92 -4.52
CA PHE B 130 0.55 18.95 -4.91
C PHE B 130 0.18 20.35 -5.31
N PRO B 131 -0.36 20.53 -6.49
CA PRO B 131 -0.85 21.79 -6.97
C PRO B 131 -2.16 21.98 -6.27
N ILE B 132 -2.39 23.08 -5.54
CA ILE B 132 -3.65 23.15 -4.85
C ILE B 132 -4.37 24.42 -5.20
N LEU B 133 -5.69 24.32 -5.40
CA LEU B 133 -6.46 25.49 -5.74
C LEU B 133 -7.31 25.88 -4.55
N SER B 134 -7.17 27.13 -4.08
CA SER B 134 -7.94 27.62 -2.96
C SER B 134 -9.34 27.97 -3.41
N PRO B 135 -10.28 27.95 -2.48
CA PRO B 135 -11.66 28.30 -2.74
C PRO B 135 -11.86 29.78 -2.79
N ASN B 136 -13.08 30.24 -3.16
CA ASN B 136 -13.37 31.66 -3.15
C ASN B 136 -14.58 31.87 -2.30
N PRO B 137 -14.40 32.48 -1.16
CA PRO B 137 -15.50 32.67 -0.25
C PRO B 137 -16.57 33.57 -0.77
N ALA B 138 -16.26 34.50 -1.69
CA ALA B 138 -17.29 35.36 -2.14
C ALA B 138 -18.34 34.52 -2.81
N THR B 139 -17.87 33.59 -3.67
CA THR B 139 -18.74 32.69 -4.37
C THR B 139 -19.24 31.59 -3.48
N ASP B 140 -18.40 31.10 -2.55
CA ASP B 140 -18.77 29.93 -1.77
C ASP B 140 -19.04 30.31 -0.34
N ALA B 141 -20.31 30.12 0.08
CA ALA B 141 -20.83 30.42 1.39
C ALA B 141 -20.20 29.56 2.44
N GLY B 142 -19.91 28.28 2.08
CA GLY B 142 -19.41 27.30 2.99
C GLY B 142 -18.08 27.72 3.55
N VAL B 143 -17.26 28.47 2.79
CA VAL B 143 -15.96 28.81 3.29
C VAL B 143 -15.82 30.29 3.51
N TYR B 144 -14.99 30.65 4.51
CA TYR B 144 -14.75 32.03 4.81
C TYR B 144 -13.26 32.24 4.85
N PHE B 145 -12.82 33.51 4.85
CA PHE B 145 -11.41 33.80 4.92
C PHE B 145 -11.01 33.57 6.34
N GLY B 146 -9.75 33.15 6.56
CA GLY B 146 -9.30 32.91 7.91
C GLY B 146 -8.11 32.00 7.84
N LYS B 147 -7.63 31.56 9.03
CA LYS B 147 -6.50 30.69 9.09
C LYS B 147 -7.01 29.28 9.18
N TYR B 148 -6.39 28.35 8.43
CA TYR B 148 -6.89 27.00 8.45
C TYR B 148 -5.76 26.03 8.64
N SER B 149 -6.09 24.80 9.06
CA SER B 149 -5.10 23.80 9.30
C SER B 149 -5.15 22.78 8.21
N ILE B 150 -3.98 22.21 7.87
CA ILE B 150 -3.87 21.20 6.86
C ILE B 150 -3.26 20.02 7.58
N HIS B 151 -3.79 18.80 7.34
CA HIS B 151 -3.28 17.66 8.04
C HIS B 151 -2.66 16.72 7.06
N LEU B 152 -1.44 16.25 7.35
CA LEU B 152 -0.77 15.35 6.47
C LEU B 152 -0.55 14.03 7.16
N GLY B 153 -0.77 12.93 6.42
CA GLY B 153 -0.49 11.60 6.89
C GLY B 153 0.36 11.00 5.81
N GLY B 154 1.60 10.55 6.15
CA GLY B 154 2.45 10.06 5.10
C GLY B 154 3.08 8.75 5.51
N ASN B 155 3.13 7.80 4.57
CA ASN B 155 3.64 6.50 4.91
C ASN B 155 4.64 6.02 3.89
N ARG B 156 5.56 5.13 4.36
CA ARG B 156 6.50 4.48 3.49
C ARG B 156 6.56 3.06 3.99
N GLY B 157 6.63 2.07 3.09
CA GLY B 157 6.80 0.72 3.52
C GLY B 157 5.48 0.02 3.72
N ARG B 158 5.52 -1.32 3.69
CA ARG B 158 4.37 -2.17 3.78
C ARG B 158 3.82 -2.18 5.17
N GLY B 159 2.47 -2.30 5.27
CA GLY B 159 1.78 -2.27 6.53
C GLY B 159 1.87 -3.60 7.22
N GLN B 160 1.54 -3.59 8.52
CA GLN B 160 1.51 -4.70 9.43
C GLN B 160 0.26 -5.53 9.33
N VAL B 161 -0.91 -4.92 9.03
CA VAL B 161 -2.14 -5.65 9.06
C VAL B 161 -2.88 -5.45 7.78
N TYR B 162 -3.78 -6.40 7.45
CA TYR B 162 -4.53 -6.35 6.22
C TYR B 162 -5.94 -6.01 6.60
N PRO B 163 -6.72 -5.56 5.65
CA PRO B 163 -8.10 -5.27 5.92
C PRO B 163 -8.80 -6.52 6.32
N THR B 164 -8.16 -7.67 6.05
CA THR B 164 -8.65 -8.95 6.46
C THR B 164 -8.61 -8.95 7.95
N GLY B 165 -7.60 -8.28 8.53
CA GLY B 165 -7.44 -8.26 9.95
C GLY B 165 -6.30 -9.16 10.30
N GLU B 166 -5.79 -9.92 9.30
CA GLU B 166 -4.69 -10.79 9.55
C GLU B 166 -3.41 -10.03 9.38
N LEU B 167 -2.35 -10.49 10.09
CA LEU B 167 -1.07 -9.83 10.07
C LEU B 167 -0.34 -10.17 8.81
N SER B 168 0.48 -9.20 8.34
CA SER B 168 1.29 -9.36 7.17
C SER B 168 2.59 -9.97 7.59
N ASN B 169 3.47 -10.26 6.61
CA ASN B 169 4.78 -10.81 6.84
C ASN B 169 5.70 -9.75 7.39
N ASN B 170 5.32 -8.46 7.31
CA ASN B 170 6.18 -7.42 7.81
C ASN B 170 5.75 -7.07 9.21
N ASN B 171 5.78 -8.05 10.14
CA ASN B 171 5.35 -7.80 11.50
C ASN B 171 5.98 -8.81 12.41
N ALA B 172 5.93 -8.57 13.74
CA ALA B 172 6.49 -9.51 14.67
C ALA B 172 5.50 -10.62 14.92
N PHE B 173 6.02 -11.86 15.12
CA PHE B 173 5.16 -12.99 15.40
C PHE B 173 5.51 -13.47 16.78
N SER B 174 4.49 -13.85 17.60
CA SER B 174 4.76 -14.19 18.98
C SER B 174 4.34 -15.60 19.30
N ALA B 175 4.97 -16.18 20.35
CA ALA B 175 4.69 -17.52 20.77
C ALA B 175 3.28 -17.60 21.25
N SER B 176 2.52 -18.56 20.69
CA SER B 176 1.15 -18.76 21.03
C SER B 176 1.07 -19.31 22.42
N ILE B 177 2.12 -20.03 22.87
CA ILE B 177 2.09 -20.60 24.19
C ILE B 177 3.49 -20.73 24.70
N ALA B 178 3.65 -20.85 26.05
CA ALA B 178 4.93 -21.00 26.66
C ALA B 178 5.37 -22.43 26.57
N GLY B 179 6.69 -22.67 26.48
CA GLY B 179 7.18 -24.02 26.40
C GLY B 179 8.57 -24.00 25.84
N THR B 180 9.04 -25.17 25.34
CA THR B 180 10.36 -25.24 24.79
C THR B 180 10.26 -25.52 23.32
N ILE B 181 11.21 -24.99 22.53
CA ILE B 181 11.13 -25.13 21.10
C ILE B 181 11.83 -26.39 20.70
N ALA B 182 11.04 -27.41 20.34
CA ALA B 182 11.53 -28.68 19.90
C ALA B 182 12.18 -28.58 18.55
N ALA B 183 11.57 -27.82 17.61
CA ALA B 183 12.17 -27.77 16.31
C ALA B 183 11.57 -26.65 15.51
N ILE B 184 12.24 -26.27 14.40
CA ILE B 184 11.75 -25.27 13.49
C ILE B 184 12.07 -25.70 12.06
N GLU B 185 11.15 -25.52 11.09
CA GLU B 185 11.31 -25.96 9.70
C GLU B 185 11.37 -24.74 8.78
N ASP B 186 11.97 -24.80 7.53
CA ASP B 186 12.13 -23.53 6.82
C ASP B 186 12.15 -23.45 5.27
N ASN B 187 11.15 -22.77 4.62
CA ASN B 187 11.17 -22.42 3.20
C ASN B 187 11.17 -20.93 3.17
N GLY B 188 11.95 -20.37 4.10
CA GLY B 188 11.92 -18.95 4.29
C GLY B 188 10.88 -18.81 5.34
N PHE B 189 9.76 -19.55 5.13
CA PHE B 189 8.66 -19.62 6.05
C PHE B 189 9.14 -20.53 7.10
N GLY B 190 8.78 -20.23 8.34
CA GLY B 190 9.01 -21.24 9.29
C GLY B 190 7.64 -21.73 9.31
N PHE B 191 7.47 -22.87 8.64
CA PHE B 191 6.20 -23.48 8.52
C PHE B 191 5.84 -23.64 9.93
N ASP B 192 6.85 -23.97 10.76
CA ASP B 192 6.43 -24.07 12.10
C ASP B 192 7.55 -23.95 13.07
N VAL B 193 7.21 -23.31 14.19
CA VAL B 193 8.05 -23.38 15.35
C VAL B 193 7.23 -24.28 16.22
N THR B 194 7.79 -25.43 16.61
CA THR B 194 7.02 -26.33 17.42
C THR B 194 7.40 -26.09 18.84
N ILE B 195 6.38 -25.89 19.70
CA ILE B 195 6.66 -25.62 21.07
C ILE B 195 6.05 -26.68 21.91
N GLN B 196 6.79 -27.16 22.92
CA GLN B 196 6.30 -28.19 23.80
C GLN B 196 5.87 -27.51 25.07
N PRO B 197 4.59 -27.48 25.30
CA PRO B 197 4.12 -26.91 26.53
C PRO B 197 4.43 -27.70 27.76
N GLU B 198 4.12 -27.07 28.90
CA GLU B 198 4.45 -27.50 30.23
C GLU B 198 3.90 -28.87 30.50
N ASP B 199 2.78 -29.27 29.86
CA ASP B 199 2.27 -30.55 30.24
C ASP B 199 2.09 -31.50 29.08
N GLY B 200 3.12 -31.68 28.22
CA GLY B 200 3.07 -32.73 27.24
C GLY B 200 2.59 -32.27 25.89
N ASP B 201 1.74 -31.24 25.81
CA ASP B 201 1.18 -30.86 24.53
C ASP B 201 2.25 -30.25 23.67
N ALA B 202 2.02 -30.25 22.34
CA ALA B 202 2.93 -29.61 21.43
C ALA B 202 2.10 -28.78 20.49
N VAL B 203 2.49 -27.50 20.30
CA VAL B 203 1.74 -26.60 19.48
C VAL B 203 2.63 -26.10 18.39
N VAL B 204 2.03 -25.62 17.28
CA VAL B 204 2.88 -25.19 16.21
C VAL B 204 2.49 -23.80 15.81
N THR B 205 3.48 -22.89 15.70
CA THR B 205 3.18 -21.53 15.33
C THR B 205 3.80 -21.31 13.98
N SER B 206 3.00 -20.84 13.01
CA SER B 206 3.51 -20.68 11.68
C SER B 206 3.86 -19.25 11.47
N ILE B 207 5.06 -19.02 10.88
CA ILE B 207 5.46 -17.67 10.60
C ILE B 207 5.81 -17.65 9.14
N LEU B 208 5.45 -16.56 8.44
CA LEU B 208 5.69 -16.44 7.02
C LEU B 208 7.12 -16.03 6.79
N PRO B 209 7.62 -16.17 5.57
CA PRO B 209 8.96 -15.79 5.23
C PRO B 209 9.07 -14.31 5.45
N GLY B 210 10.26 -13.81 5.84
CA GLY B 210 10.46 -12.39 6.00
C GLY B 210 10.92 -12.04 7.39
N PRO B 211 10.18 -12.35 8.42
CA PRO B 211 10.64 -12.00 9.74
C PRO B 211 11.80 -12.88 10.08
N GLU B 212 12.73 -12.44 10.95
CA GLU B 212 13.85 -13.27 11.25
C GLU B 212 13.69 -13.85 12.63
N LEU B 213 13.87 -15.18 12.74
CA LEU B 213 13.69 -15.86 13.98
C LEU B 213 14.77 -15.47 14.94
N ILE B 214 14.32 -15.03 16.13
CA ILE B 214 15.07 -14.66 17.30
C ILE B 214 15.50 -15.88 18.06
N VAL B 215 14.70 -16.97 18.01
CA VAL B 215 14.89 -18.11 18.86
C VAL B 215 15.51 -19.26 18.17
N ALA B 216 16.04 -20.21 18.97
CA ALA B 216 16.70 -21.39 18.48
C ALA B 216 16.07 -22.58 19.13
N VAL B 217 16.25 -23.75 18.52
CA VAL B 217 15.66 -24.95 19.04
C VAL B 217 16.30 -25.22 20.37
N GLY B 218 15.48 -25.75 21.31
CA GLY B 218 15.93 -26.10 22.62
C GLY B 218 15.79 -24.90 23.51
N ASP B 219 15.21 -23.81 22.99
CA ASP B 219 15.09 -22.61 23.78
C ASP B 219 13.71 -22.54 24.36
N THR B 220 13.61 -22.05 25.61
CA THR B 220 12.33 -21.90 26.25
C THR B 220 11.80 -20.54 25.92
N VAL B 221 10.47 -20.42 25.79
CA VAL B 221 9.88 -19.14 25.49
C VAL B 221 8.62 -18.98 26.28
N GLU B 222 8.33 -17.74 26.70
CA GLU B 222 7.12 -17.47 27.44
C GLU B 222 6.03 -17.20 26.44
N ALA B 223 4.76 -17.31 26.87
CA ALA B 223 3.69 -17.08 25.95
C ALA B 223 3.71 -15.64 25.56
N GLY B 224 3.50 -15.37 24.26
CA GLY B 224 3.42 -14.04 23.76
C GLY B 224 4.79 -13.49 23.50
N GLN B 225 5.85 -14.26 23.83
CA GLN B 225 7.15 -13.69 23.61
C GLN B 225 7.44 -13.69 22.15
N LEU B 226 8.35 -12.78 21.71
CA LEU B 226 8.61 -12.64 20.31
C LEU B 226 9.47 -13.75 19.79
N LEU B 227 8.95 -14.42 18.74
CA LEU B 227 9.59 -15.46 17.98
C LEU B 227 10.53 -14.87 16.99
N THR B 228 10.25 -13.64 16.54
CA THR B 228 11.01 -13.04 15.48
C THR B 228 11.31 -11.60 15.82
N THR B 229 12.18 -10.97 15.02
CA THR B 229 12.48 -9.58 15.23
C THR B 229 11.35 -8.84 14.60
N ASN B 230 11.45 -7.50 14.57
CA ASN B 230 10.46 -6.74 13.87
C ASN B 230 11.13 -6.31 12.61
N PRO B 231 10.74 -6.88 11.50
CA PRO B 231 11.36 -6.60 10.24
C PRO B 231 10.99 -5.25 9.66
N ASN B 232 9.99 -4.57 10.22
CA ASN B 232 9.48 -3.33 9.68
C ASN B 232 10.53 -2.27 9.61
N VAL B 233 10.81 -1.79 8.36
CA VAL B 233 11.69 -0.71 7.98
C VAL B 233 11.01 0.63 7.84
N GLY B 234 9.69 0.65 7.59
CA GLY B 234 9.02 1.89 7.25
C GLY B 234 8.24 2.45 8.39
N GLY B 235 7.23 3.29 8.06
CA GLY B 235 6.42 3.84 9.11
C GLY B 235 5.53 4.91 8.56
N PHE B 236 4.58 5.36 9.41
CA PHE B 236 3.60 6.35 9.06
C PHE B 236 3.71 7.48 10.03
N GLY B 237 3.61 8.74 9.56
CA GLY B 237 3.74 9.86 10.44
C GLY B 237 2.75 10.92 10.03
N GLN B 238 2.49 11.89 10.94
CA GLN B 238 1.56 12.92 10.63
C GLN B 238 2.16 14.25 10.98
N MET B 239 1.75 15.31 10.26
CA MET B 239 2.19 16.62 10.60
C MET B 239 1.15 17.59 10.15
N ASP B 240 0.96 18.66 10.94
CA ASP B 240 -0.05 19.65 10.67
C ASP B 240 0.64 20.94 10.35
N SER B 241 -0.01 21.77 9.52
CA SER B 241 0.51 23.07 9.18
C SER B 241 -0.68 23.97 9.05
N GLU B 242 -0.46 25.30 8.97
CA GLU B 242 -1.57 26.19 8.85
C GLU B 242 -1.35 27.05 7.66
N ILE B 243 -2.44 27.56 7.05
CA ILE B 243 -2.35 28.45 5.93
C ILE B 243 -3.43 29.48 6.10
N VAL B 244 -3.18 30.72 5.62
CA VAL B 244 -4.15 31.77 5.79
C VAL B 244 -4.82 32.02 4.48
N LEU B 245 -6.17 31.93 4.46
CA LEU B 245 -6.91 32.21 3.25
C LEU B 245 -7.11 33.69 3.33
N GLN B 246 -6.42 34.44 2.45
CA GLN B 246 -6.34 35.88 2.55
C GLN B 246 -7.28 36.58 1.62
N SER B 247 -7.59 37.85 1.97
CA SER B 247 -8.45 38.67 1.16
C SER B 247 -7.56 39.47 0.27
N SER B 248 -7.96 39.62 -1.00
CA SER B 248 -7.16 40.32 -1.96
C SER B 248 -7.07 41.74 -1.57
N SER B 249 -6.02 42.39 -2.07
CA SER B 249 -5.82 43.77 -1.77
C SER B 249 -5.75 43.91 -0.26
CU CU C . -1.37 -12.22 -3.51
FE HEC D . -1.23 0.87 3.40
CHA HEC D . 1.05 -0.95 1.67
CHB HEC D . 0.09 3.77 2.17
CHC HEC D . -3.78 2.62 4.79
CHD HEC D . -2.21 -1.90 5.03
NA HEC D . 0.18 1.32 2.10
C1A HEC D . 1.01 0.45 1.45
C2A HEC D . 1.93 1.15 0.56
C3A HEC D . 1.69 2.47 0.74
C4A HEC D . 0.59 2.58 1.68
CMA HEC D . 2.44 3.61 0.08
CAA HEC D . 2.98 0.47 -0.32
CBA HEC D . 4.28 0.43 0.54
CGA HEC D . 5.39 -0.40 -0.08
O1A HEC D . 6.58 -0.12 0.23
O2A HEC D . 5.09 -1.33 -0.86
NB HEC D . -1.73 2.78 3.49
C1B HEC D . -0.99 3.88 3.01
C2B HEC D . -1.66 5.15 3.38
C3B HEC D . -2.78 4.84 4.12
C4B HEC D . -2.81 3.36 4.13
CMB HEC D . -1.14 6.54 3.12
CAB HEC D . -3.70 5.73 4.78
CBB HEC D . -4.33 6.82 3.90
NC HEC D . -2.75 0.45 4.55
C1C HEC D . -3.74 1.26 5.02
C2C HEC D . -4.68 0.54 5.85
C3C HEC D . -4.26 -0.72 5.93
C4C HEC D . -3.03 -0.78 5.14
CMC HEC D . -5.95 1.16 6.42
CAC HEC D . -4.83 -1.80 6.71
CBC HEC D . -6.32 -2.18 6.43
ND HEC D . -0.71 -1.03 3.33
C1D HEC D . -1.15 -2.03 4.18
C2D HEC D . -0.43 -3.28 3.98
C3D HEC D . 0.43 -3.03 2.97
C4D HEC D . 0.25 -1.64 2.58
CMD HEC D . -0.56 -4.63 4.76
CAD HEC D . 1.36 -4.02 2.31
CBD HEC D . 0.73 -4.78 1.14
CGD HEC D . 1.70 -5.77 0.54
O1D HEC D . 1.52 -6.99 0.77
O2D HEC D . 2.66 -5.30 -0.14
HHA HEC D . 1.76 -1.53 1.10
HHB HEC D . 0.58 4.68 1.86
HHC HEC D . -4.65 3.14 5.16
HHD HEC D . -2.44 -2.73 5.68
HMA1 HEC D . 2.04 3.77 -0.92
HMA2 HEC D . 3.48 3.37 0.01
HMA3 HEC D . 2.31 4.51 0.65
HAA1 HEC D . 3.14 1.05 -1.23
HAA2 HEC D . 2.65 -0.52 -0.59
HBA1 HEC D . 4.03 0.00 1.50
HBA2 HEC D . 4.63 1.44 0.67
HMB1 HEC D . -1.48 6.87 2.14
HMB2 HEC D . -0.06 6.54 3.14
HMB3 HEC D . -1.51 7.22 3.87
HAB HEC D . -4.54 5.16 5.16
HBB1 HEC D . -5.31 6.51 3.57
HBB2 HEC D . -4.42 7.74 4.48
HBB3 HEC D . -3.70 7.01 3.04
HMC1 HEC D . -5.85 1.24 7.50
HMC2 HEC D . -6.79 0.53 6.19
HMC3 HEC D . -6.09 2.14 6.00
HAC HEC D . -5.45 -1.53 7.52
HBC1 HEC D . -6.74 -2.68 7.30
HBC2 HEC D . -6.89 -1.29 6.22
HBC3 HEC D . -6.37 -2.85 5.57
HMD1 HEC D . 0.13 -4.64 5.58
HMD2 HEC D . -0.34 -5.44 4.09
HMD3 HEC D . -1.57 -4.73 5.13
HAD1 HEC D . 1.66 -4.75 3.05
HAD2 HEC D . 2.22 -3.49 1.94
HBD1 HEC D . 0.43 -4.07 0.38
HBD2 HEC D . -0.15 -5.31 1.49
#